data_6IIA
#
_entry.id   6IIA
#
_cell.length_a   122.949
_cell.length_b   134.343
_cell.length_c   149.692
_cell.angle_alpha   87.530
_cell.angle_beta   70.200
_cell.angle_gamma   89.020
#
_symmetry.space_group_name_H-M   'P 1'
#
loop_
_entity.id
_entity.type
_entity.pdbx_description
1 polymer 'Multidrug resistance protein MexB'
2 non-polymer 'Lauryl Maltose Neopentyl Glycol'
#
_entity_poly.entity_id   1
_entity_poly.type   'polypeptide(L)'
_entity_poly.pdbx_seq_one_letter_code
;MSKFFIDRPIFAWVIALVIMLAGGLSILSLPVNQYPAIAPPAIAVQVSYPGASAETVQDTVVQVIEQQMNGIDNLRYISS
ESNSDGSMTITVTFEQGTDPDIAQVQVQNKLQLATPLLPQEVQRQGIRVTKAVKNFLMVVGVVSTDGSMTKEDLSNYIVS
NIQDPLSRTKGVGDFQVFGSQYSMRIWLDPAKLNSYQLTPGDVSSAIQAQNVQISSGQLGGLPAVKGQQLNATIIGKTRL
QTAEQFENILLKVNPDGSQVRLKDVADVGLGGQDYSINAQFNGSPASGIAIKLATGANALDTAKAIRQTIANLEPFMPQG
MKVVYPYDTTPVVSASIHEVVKTLGEAILLVFLVMYLFLQNFRATLIPTIAVPVVLLGTFGVLAAFGFSINTLTMFGMVL
AIGLLVDDAIVVVENVERVMAEEGLSPREAARKSMGQIQGALVGIAMVLSAVFLPMAFFGGSTGVIYRQFSITIVSAMAL
SVIVALILTPALCATMLKPIEKGDHGEHKGGFFGWFNRMFLSTTHGYERGVASILKHRAPYLLIYVVIVAGMIWMFTRIP
TAFLPDEDQGVLFAQVQTPPGSSAERTQVVVDSMREYLLEKESSSVSSVFTVTGFNFAGRGQSSGMAFIMLKPWEERPGG
ENSVFELAKRAQMHFFSFKDAMVFAFAPPSVLELGNATGFDLFLQDQAGVGHEVLLQARNKFLMLAAQNPALQRVRPNGM
SDEPQYKLEIDDEKASALGVSLADINSTVSIAWGSSYVNDFIDRGRVKRVYLQGRPDARMNPDDLSKWYVRNDKGEMVPF
NAFATGKWEYGSPKLERYNGVPAMEILGEPAPGLSSGDAMAAVEEIVKQLPKGVGYSWTGLSYEERLSGSQAPALYALSL
LVVFLCLAALYESWSIPFSVMLVVPLGVIGALLATSMRGLSNDVFFQVGLLTTIGLSAKNAILIVEFAKELHEQGKGIVE
AAIEACRMRLRPIVMTSLAFILGVVPLAISTGAGSGSQHAIGTGVIGGMVTATVLAIFWVPLFYVAVSTLFKDEASKQQA
SVEKGQHHHHHH
;
_entity_poly.pdbx_strand_id   A,B,C,D,E,F
#
loop_
_chem_comp.id
_chem_comp.type
_chem_comp.name
_chem_comp.formula
AV0 non-polymer 'Lauryl Maltose Neopentyl Glycol' 'C47 H88 O22'
#
# COMPACT_ATOMS: atom_id res chain seq x y z
N MET A 1 -43.54 -48.38 48.05
CA MET A 1 -42.46 -47.44 48.49
C MET A 1 -43.04 -46.27 49.30
N SER A 2 -44.06 -45.62 48.75
CA SER A 2 -44.75 -44.53 49.44
C SER A 2 -45.53 -45.05 50.65
N LYS A 3 -46.30 -46.12 50.47
CA LYS A 3 -46.97 -46.77 51.58
C LYS A 3 -45.93 -47.23 52.61
N PHE A 4 -44.76 -47.60 52.12
CA PHE A 4 -43.68 -47.97 53.02
C PHE A 4 -43.35 -46.84 54.01
N PHE A 5 -42.94 -45.68 53.47
CA PHE A 5 -42.47 -44.55 54.28
C PHE A 5 -43.54 -43.84 55.12
N ILE A 6 -44.77 -43.83 54.60
CA ILE A 6 -45.92 -43.40 55.40
C ILE A 6 -45.95 -44.02 56.81
N ASP A 7 -45.75 -45.33 56.90
CA ASP A 7 -45.54 -46.00 58.21
C ASP A 7 -44.15 -45.82 58.76
N ARG A 8 -43.17 -45.45 57.94
CA ARG A 8 -41.79 -45.22 58.43
C ARG A 8 -41.23 -43.79 58.20
N PRO A 9 -41.79 -42.82 58.97
CA PRO A 9 -41.46 -41.41 58.76
C PRO A 9 -40.09 -41.03 59.25
N ILE A 10 -39.50 -41.81 60.13
CA ILE A 10 -38.12 -41.58 60.47
C ILE A 10 -37.19 -42.10 59.39
N PHE A 11 -37.55 -43.19 58.75
CA PHE A 11 -36.72 -43.69 57.64
C PHE A 11 -36.75 -42.64 56.54
N ALA A 12 -37.93 -42.09 56.25
CA ALA A 12 -38.08 -41.04 55.22
C ALA A 12 -37.27 -39.79 55.50
N TRP A 13 -37.28 -39.31 56.75
CA TRP A 13 -36.41 -38.16 57.14
C TRP A 13 -34.92 -38.48 56.97
N VAL A 14 -34.50 -39.65 57.45
CA VAL A 14 -33.13 -40.13 57.28
C VAL A 14 -32.72 -40.11 55.80
N ILE A 15 -33.57 -40.60 54.91
CA ILE A 15 -33.24 -40.52 53.48
C ILE A 15 -33.01 -39.06 53.06
N ALA A 16 -33.91 -38.18 53.45
CA ALA A 16 -33.80 -36.76 53.15
C ALA A 16 -32.51 -36.18 53.73
N LEU A 17 -32.31 -36.38 55.03
CA LEU A 17 -31.09 -35.89 55.72
C LEU A 17 -29.79 -36.38 55.08
N VAL A 18 -29.79 -37.63 54.65
CA VAL A 18 -28.63 -38.19 53.97
C VAL A 18 -28.36 -37.52 52.64
N ILE A 19 -29.43 -37.26 51.88
CA ILE A 19 -29.32 -36.57 50.59
C ILE A 19 -28.80 -35.15 50.83
N MET A 20 -29.39 -34.45 51.82
CA MET A 20 -28.89 -33.10 52.19
C MET A 20 -27.42 -33.05 52.61
N LEU A 21 -27.06 -33.99 53.48
CA LEU A 21 -25.68 -34.23 53.90
C LEU A 21 -24.73 -34.42 52.69
N ALA A 22 -25.08 -35.32 51.77
CA ALA A 22 -24.37 -35.50 50.48
C ALA A 22 -24.24 -34.22 49.70
N GLY A 23 -25.36 -33.51 49.56
CA GLY A 23 -25.33 -32.15 49.01
C GLY A 23 -24.38 -31.18 49.74
N GLY A 24 -24.51 -31.10 51.05
CA GLY A 24 -23.74 -30.20 51.86
C GLY A 24 -22.28 -30.43 51.63
N LEU A 25 -21.85 -31.68 51.78
CA LEU A 25 -20.46 -32.05 51.50
C LEU A 25 -19.97 -31.66 50.08
N SER A 26 -20.88 -31.57 49.12
CA SER A 26 -20.52 -31.19 47.76
C SER A 26 -20.30 -29.69 47.61
N ILE A 27 -21.17 -28.87 48.19
CA ILE A 27 -20.98 -27.42 48.14
C ILE A 27 -19.61 -27.04 48.74
N LEU A 28 -19.17 -27.75 49.79
CA LEU A 28 -17.87 -27.52 50.44
C LEU A 28 -16.66 -27.91 49.58
N SER A 29 -16.90 -28.71 48.56
CA SER A 29 -15.84 -29.23 47.72
C SER A 29 -16.03 -29.00 46.20
N LEU A 30 -17.19 -28.50 45.76
CA LEU A 30 -17.36 -28.17 44.34
C LEU A 30 -16.50 -26.95 43.96
N PRO A 31 -15.94 -26.93 42.75
CA PRO A 31 -15.38 -25.66 42.30
C PRO A 31 -16.47 -24.62 42.02
N VAL A 32 -16.12 -23.36 42.23
CA VAL A 32 -17.06 -22.28 41.89
C VAL A 32 -16.47 -21.35 40.84
N ASN A 33 -17.27 -21.00 39.86
CA ASN A 33 -16.86 -20.03 38.87
C ASN A 33 -18.04 -19.49 38.08
N GLN A 34 -17.74 -18.59 37.16
CA GLN A 34 -18.75 -17.91 36.41
C GLN A 34 -19.33 -18.82 35.34
N TYR A 35 -18.51 -19.30 34.42
CA TYR A 35 -18.99 -20.20 33.36
C TYR A 35 -18.17 -21.50 33.32
N PRO A 36 -18.75 -22.59 32.80
CA PRO A 36 -17.87 -23.71 32.60
C PRO A 36 -16.80 -23.35 31.60
N ALA A 37 -15.66 -24.02 31.69
CA ALA A 37 -14.52 -23.64 30.88
C ALA A 37 -14.84 -24.04 29.46
N ILE A 38 -14.73 -23.06 28.54
CA ILE A 38 -14.96 -23.30 27.10
C ILE A 38 -13.88 -22.86 26.17
N ALA A 39 -12.89 -22.12 26.66
CA ALA A 39 -11.76 -21.71 25.80
C ALA A 39 -10.83 -22.90 25.51
N PRO A 40 -10.12 -22.89 24.39
CA PRO A 40 -9.22 -24.02 24.09
C PRO A 40 -7.83 -23.85 24.76
N PRO A 41 -7.12 -24.96 25.08
CA PRO A 41 -5.81 -24.84 25.74
C PRO A 41 -4.78 -24.31 24.79
N ALA A 42 -3.83 -23.53 25.33
CA ALA A 42 -2.72 -23.01 24.52
C ALA A 42 -1.38 -22.97 25.26
N ILE A 43 -0.32 -23.22 24.50
CA ILE A 43 1.04 -23.12 24.95
C ILE A 43 1.75 -21.89 24.40
N ALA A 44 2.29 -21.05 25.26
CA ALA A 44 3.09 -19.94 24.80
C ALA A 44 4.57 -20.28 25.08
N VAL A 45 5.43 -19.97 24.11
CA VAL A 45 6.87 -19.97 24.23
C VAL A 45 7.33 -18.51 24.21
N GLN A 46 8.27 -18.11 25.06
CA GLN A 46 8.65 -16.70 25.17
C GLN A 46 10.09 -16.48 25.55
N VAL A 47 10.73 -15.51 24.89
CA VAL A 47 12.09 -15.16 25.23
C VAL A 47 12.39 -13.71 24.89
N SER A 48 13.58 -13.24 25.24
CA SER A 48 14.04 -11.92 24.82
C SER A 48 15.42 -11.97 24.23
N TYR A 49 15.63 -11.12 23.24
CA TYR A 49 16.92 -11.03 22.58
C TYR A 49 17.40 -9.57 22.76
N PRO A 50 18.16 -9.28 23.88
CA PRO A 50 18.55 -7.90 24.21
C PRO A 50 19.25 -7.17 23.07
N GLY A 51 18.65 -6.03 22.71
CA GLY A 51 19.10 -5.20 21.60
C GLY A 51 18.70 -5.54 20.16
N ALA A 52 17.68 -6.37 19.95
CA ALA A 52 17.42 -6.92 18.61
C ALA A 52 16.15 -6.35 18.02
N SER A 53 16.15 -6.22 16.69
CA SER A 53 15.02 -5.69 15.98
C SER A 53 14.07 -6.84 15.78
N ALA A 54 12.78 -6.52 15.90
CA ALA A 54 11.69 -7.37 15.44
C ALA A 54 12.07 -8.26 14.25
N GLU A 55 12.69 -7.68 13.23
CA GLU A 55 13.21 -8.44 12.09
C GLU A 55 14.27 -9.48 12.46
N THR A 56 15.18 -9.11 13.37
CA THR A 56 16.21 -10.03 13.87
C THR A 56 15.61 -11.18 14.72
N VAL A 57 14.67 -10.84 15.59
CA VAL A 57 14.01 -11.83 16.46
C VAL A 57 13.12 -12.75 15.66
N GLN A 58 12.49 -12.22 14.60
CA GLN A 58 11.69 -13.04 13.73
C GLN A 58 12.51 -14.06 12.93
N ASP A 59 13.66 -13.67 12.41
CA ASP A 59 14.42 -14.56 11.52
C ASP A 59 15.53 -15.31 12.19
N THR A 60 15.94 -14.90 13.40
CA THR A 60 16.99 -15.64 14.13
C THR A 60 16.40 -16.54 15.22
N VAL A 61 15.21 -16.19 15.71
CA VAL A 61 14.54 -16.94 16.77
C VAL A 61 13.15 -17.48 16.40
N VAL A 62 12.21 -16.58 16.08
CA VAL A 62 10.77 -16.96 15.87
C VAL A 62 10.51 -17.95 14.74
N GLN A 63 11.27 -17.86 13.66
CA GLN A 63 11.11 -18.74 12.52
C GLN A 63 11.83 -20.04 12.68
N VAL A 64 12.93 -20.05 13.41
CA VAL A 64 13.69 -21.30 13.66
C VAL A 64 12.88 -22.31 14.50
N ILE A 65 12.10 -21.79 15.43
CA ILE A 65 11.21 -22.60 16.25
C ILE A 65 10.01 -23.08 15.45
N GLU A 66 9.31 -22.13 14.81
CA GLU A 66 8.13 -22.40 13.95
C GLU A 66 8.30 -23.53 12.94
N GLN A 67 9.47 -23.64 12.36
CA GLN A 67 9.73 -24.70 11.39
C GLN A 67 9.81 -26.13 11.98
N GLN A 68 9.85 -26.23 13.29
CA GLN A 68 9.80 -27.49 14.00
C GLN A 68 8.45 -27.80 14.59
N MET A 69 7.61 -26.79 14.77
CA MET A 69 6.29 -26.96 15.35
C MET A 69 5.37 -27.72 14.41
N ASN A 70 5.61 -29.02 14.37
CA ASN A 70 4.76 -29.95 13.72
C ASN A 70 4.90 -31.34 14.34
N GLY A 71 3.97 -32.22 14.01
CA GLY A 71 3.89 -33.52 14.66
C GLY A 71 3.50 -33.31 16.10
N ILE A 72 2.52 -32.43 16.29
CA ILE A 72 1.95 -32.11 17.58
C ILE A 72 0.51 -32.50 17.45
N ASP A 73 0.03 -33.33 18.38
CA ASP A 73 -1.35 -33.79 18.35
C ASP A 73 -2.34 -32.68 18.66
N ASN A 74 -3.50 -32.81 18.05
CA ASN A 74 -4.61 -31.86 18.23
C ASN A 74 -4.25 -30.40 18.09
N LEU A 75 -3.28 -30.12 17.22
CA LEU A 75 -2.82 -28.78 17.04
C LEU A 75 -3.81 -28.00 16.21
N ARG A 76 -4.46 -26.99 16.78
CA ARG A 76 -5.43 -26.20 16.01
C ARG A 76 -4.72 -25.18 15.11
N TYR A 77 -4.06 -24.22 15.74
CA TYR A 77 -3.29 -23.24 15.02
C TYR A 77 -2.07 -22.74 15.86
N ILE A 78 -1.10 -22.18 15.14
CA ILE A 78 0.08 -21.51 15.69
C ILE A 78 0.10 -20.03 15.29
N SER A 79 0.36 -19.13 16.23
CA SER A 79 0.60 -17.73 15.89
C SER A 79 1.89 -17.21 16.57
N SER A 80 2.36 -16.03 16.20
CA SER A 80 3.51 -15.44 16.86
C SER A 80 3.64 -13.91 16.70
N GLU A 81 4.49 -13.32 17.55
CA GLU A 81 4.85 -11.88 17.50
C GLU A 81 6.37 -11.69 17.75
N SER A 82 6.94 -10.67 17.12
CA SER A 82 8.36 -10.32 17.20
C SER A 82 8.35 -8.85 17.38
N ASN A 83 9.11 -8.28 18.31
CA ASN A 83 8.98 -6.85 18.65
C ASN A 83 10.30 -6.09 18.77
N SER A 84 10.22 -4.77 18.70
CA SER A 84 11.37 -3.86 18.82
C SER A 84 12.14 -4.00 20.14
N ASP A 85 11.38 -4.21 21.22
CA ASP A 85 11.99 -4.40 22.52
C ASP A 85 12.71 -5.73 22.66
N GLY A 86 12.76 -6.52 21.61
CA GLY A 86 13.52 -7.77 21.56
C GLY A 86 12.71 -9.02 21.85
N SER A 87 11.55 -8.85 22.48
CA SER A 87 10.74 -9.94 22.91
C SER A 87 10.05 -10.66 21.76
N MET A 88 9.55 -11.86 22.05
CA MET A 88 8.77 -12.64 21.10
C MET A 88 7.87 -13.64 21.83
N THR A 89 6.85 -14.11 21.13
CA THR A 89 5.95 -15.11 21.62
C THR A 89 5.45 -15.93 20.43
N ILE A 90 5.44 -17.25 20.57
CA ILE A 90 4.78 -18.17 19.69
C ILE A 90 3.66 -18.80 20.52
N THR A 91 2.42 -18.74 20.06
CA THR A 91 1.33 -19.32 20.80
C THR A 91 0.75 -20.45 19.97
N VAL A 92 0.85 -21.67 20.49
CA VAL A 92 0.38 -22.86 19.81
C VAL A 92 -0.93 -23.20 20.47
N THR A 93 -2.05 -22.93 19.82
CA THR A 93 -3.37 -23.16 20.42
C THR A 93 -3.88 -24.58 20.07
N PHE A 94 -4.54 -25.27 20.99
CA PHE A 94 -4.97 -26.69 20.78
C PHE A 94 -6.48 -26.91 20.69
N GLU A 95 -6.87 -28.09 20.22
CA GLU A 95 -8.30 -28.46 20.19
C GLU A 95 -8.88 -28.61 21.61
N GLN A 96 -10.09 -28.11 21.84
CA GLN A 96 -10.89 -28.42 23.05
C GLN A 96 -10.76 -29.90 23.41
N GLY A 97 -10.65 -30.18 24.72
CA GLY A 97 -10.38 -31.53 25.17
C GLY A 97 -8.92 -31.94 25.27
N THR A 98 -7.96 -31.17 24.77
CA THR A 98 -6.56 -31.59 24.82
C THR A 98 -6.05 -31.51 26.26
N ASP A 99 -5.16 -32.44 26.64
CA ASP A 99 -4.58 -32.46 27.98
C ASP A 99 -3.44 -31.45 27.90
N PRO A 100 -3.56 -30.33 28.64
CA PRO A 100 -2.55 -29.29 28.68
C PRO A 100 -1.14 -29.72 29.08
N ASP A 101 -1.02 -30.79 29.87
CA ASP A 101 0.24 -31.38 30.21
C ASP A 101 0.97 -31.97 29.01
N ILE A 102 0.22 -32.63 28.14
CA ILE A 102 0.80 -33.30 26.95
C ILE A 102 1.12 -32.28 25.88
N ALA A 103 0.22 -31.31 25.72
CA ALA A 103 0.46 -30.22 24.75
C ALA A 103 1.79 -29.60 25.07
N GLN A 104 1.95 -29.25 26.35
CA GLN A 104 3.21 -28.67 26.78
C GLN A 104 4.42 -29.57 26.55
N VAL A 105 4.29 -30.85 26.83
CA VAL A 105 5.35 -31.79 26.57
C VAL A 105 5.69 -31.87 25.07
N GLN A 106 4.68 -31.81 24.20
CA GLN A 106 4.92 -31.90 22.76
C GLN A 106 5.59 -30.66 22.18
N VAL A 107 5.14 -29.48 22.62
CA VAL A 107 5.72 -28.25 22.16
C VAL A 107 7.16 -28.25 22.55
N GLN A 108 7.43 -28.49 23.82
CA GLN A 108 8.81 -28.41 24.27
C GLN A 108 9.68 -29.44 23.59
N ASN A 109 9.10 -30.58 23.29
CA ASN A 109 9.78 -31.64 22.57
C ASN A 109 10.24 -31.20 21.20
N LYS A 110 9.45 -30.39 20.55
CA LYS A 110 9.83 -29.84 19.28
C LYS A 110 10.70 -28.62 19.47
N LEU A 111 10.37 -27.77 20.44
CA LEU A 111 11.20 -26.57 20.76
C LEU A 111 12.64 -26.91 21.08
N GLN A 112 12.90 -28.03 21.75
CA GLN A 112 14.26 -28.37 22.01
C GLN A 112 15.04 -28.90 20.83
N LEU A 113 14.42 -29.04 19.67
CA LEU A 113 15.16 -29.32 18.46
C LEU A 113 15.64 -28.01 17.82
N ALA A 114 14.89 -26.93 17.98
CA ALA A 114 15.26 -25.62 17.45
C ALA A 114 16.32 -25.00 18.31
N THR A 115 16.11 -25.08 19.62
CA THR A 115 16.96 -24.41 20.62
C THR A 115 18.47 -24.31 20.29
N PRO A 116 19.10 -25.42 19.88
CA PRO A 116 20.50 -25.38 19.50
C PRO A 116 20.85 -24.43 18.36
N LEU A 117 19.93 -24.24 17.42
CA LEU A 117 20.18 -23.31 16.31
C LEU A 117 19.92 -21.87 16.68
N LEU A 118 19.43 -21.57 17.88
CA LEU A 118 19.20 -20.16 18.29
C LEU A 118 20.51 -19.48 18.72
N PRO A 119 20.59 -18.16 18.62
CA PRO A 119 21.83 -17.51 19.07
C PRO A 119 22.13 -17.68 20.58
N GLN A 120 23.39 -17.85 20.96
CA GLN A 120 23.77 -18.03 22.36
C GLN A 120 23.12 -16.98 23.22
N GLU A 121 23.25 -15.72 22.85
CA GLU A 121 22.61 -14.66 23.67
C GLU A 121 21.10 -14.84 23.90
N VAL A 122 20.40 -15.58 23.02
CA VAL A 122 18.99 -15.96 23.29
C VAL A 122 18.83 -17.18 24.20
N GLN A 123 19.63 -18.21 23.99
CA GLN A 123 19.64 -19.34 24.91
C GLN A 123 19.95 -18.87 26.33
N ARG A 124 20.99 -18.05 26.47
CA ARG A 124 21.41 -17.55 27.80
C ARG A 124 20.31 -16.75 28.59
N GLN A 125 19.45 -16.08 27.84
CA GLN A 125 18.34 -15.34 28.41
C GLN A 125 17.27 -16.23 29.07
N GLY A 126 17.02 -17.39 28.50
CA GLY A 126 16.21 -18.38 29.22
C GLY A 126 14.76 -18.39 28.82
N ILE A 127 14.39 -19.41 28.08
CA ILE A 127 13.13 -19.48 27.40
C ILE A 127 12.02 -19.94 28.35
N ARG A 128 10.81 -19.38 28.21
CA ARG A 128 9.69 -19.83 29.04
C ARG A 128 8.60 -20.54 28.21
N VAL A 129 8.31 -21.81 28.54
CA VAL A 129 7.16 -22.52 27.97
C VAL A 129 6.02 -22.61 28.99
N THR A 130 4.87 -21.99 28.71
CA THR A 130 3.77 -21.99 29.65
C THR A 130 2.43 -22.49 29.11
N LYS A 131 1.56 -22.97 30.00
CA LYS A 131 0.27 -23.55 29.63
C LYS A 131 -0.77 -22.78 30.39
N ALA A 132 -0.94 -21.52 30.03
CA ALA A 132 -1.86 -20.61 30.70
C ALA A 132 -2.97 -20.08 29.79
N VAL A 133 -3.91 -19.44 30.46
CA VAL A 133 -5.09 -18.83 29.89
C VAL A 133 -4.68 -17.52 29.25
N LYS A 134 -5.48 -16.98 28.33
CA LYS A 134 -5.09 -15.74 27.63
C LYS A 134 -5.23 -14.47 28.49
N ASN A 135 -6.30 -14.35 29.26
CA ASN A 135 -6.46 -13.15 30.10
C ASN A 135 -5.59 -13.13 31.36
N PHE A 136 -5.28 -11.95 31.85
CA PHE A 136 -4.68 -11.85 33.16
C PHE A 136 -5.77 -12.08 34.17
N LEU A 137 -5.45 -12.88 35.17
CA LEU A 137 -6.32 -13.03 36.34
C LEU A 137 -6.38 -11.77 37.20
N MET A 138 -5.23 -11.15 37.39
CA MET A 138 -5.11 -10.04 38.32
C MET A 138 -3.73 -9.48 38.18
N VAL A 139 -3.48 -8.37 38.86
CA VAL A 139 -2.11 -7.92 39.01
C VAL A 139 -1.93 -7.54 40.46
N VAL A 140 -0.83 -8.02 41.05
CA VAL A 140 -0.44 -7.63 42.39
C VAL A 140 0.64 -6.58 42.27
N GLY A 141 0.39 -5.40 42.82
CA GLY A 141 1.34 -4.28 42.74
C GLY A 141 2.00 -3.99 44.07
N VAL A 142 3.05 -3.19 44.05
CA VAL A 142 3.64 -2.68 45.32
C VAL A 142 3.90 -1.21 45.11
N VAL A 143 3.72 -0.42 46.17
CA VAL A 143 3.87 1.04 46.13
C VAL A 143 4.54 1.53 47.41
N SER A 144 5.30 2.63 47.33
CA SER A 144 6.01 3.19 48.52
C SER A 144 5.11 3.97 49.49
N THR A 145 5.38 3.82 50.77
CA THR A 145 4.61 4.47 51.85
C THR A 145 5.23 5.86 52.10
N ASP A 146 6.51 5.84 52.45
CA ASP A 146 7.29 7.04 52.73
C ASP A 146 7.71 7.74 51.45
N GLY A 147 7.13 7.43 50.29
CA GLY A 147 7.78 7.74 49.01
C GLY A 147 9.32 7.56 48.91
N SER A 148 9.91 6.63 49.63
CA SER A 148 11.39 6.44 49.64
C SER A 148 11.97 5.57 48.50
N MET A 149 11.10 4.82 47.79
CA MET A 149 11.50 3.82 46.80
C MET A 149 11.07 4.19 45.39
N THR A 150 12.01 4.13 44.46
CA THR A 150 11.73 4.41 43.04
C THR A 150 10.91 3.30 42.37
N LYS A 151 10.45 3.53 41.14
CA LYS A 151 9.90 2.46 40.26
C LYS A 151 10.79 1.24 40.32
N GLU A 152 12.09 1.48 40.17
CA GLU A 152 13.09 0.43 40.03
C GLU A 152 13.30 -0.35 41.34
N ASP A 153 13.10 0.30 42.49
CA ASP A 153 13.33 -0.35 43.78
C ASP A 153 12.18 -1.30 44.10
N LEU A 154 10.97 -0.88 43.75
CA LEU A 154 9.78 -1.68 43.93
C LEU A 154 9.76 -2.88 42.99
N SER A 155 10.30 -2.71 41.78
CA SER A 155 10.38 -3.84 40.84
C SER A 155 11.38 -4.86 41.29
N ASN A 156 12.57 -4.41 41.71
CA ASN A 156 13.56 -5.29 42.29
C ASN A 156 13.04 -6.01 43.52
N TYR A 157 12.12 -5.44 44.26
CA TYR A 157 11.53 -6.18 45.36
C TYR A 157 10.68 -7.34 44.81
N ILE A 158 9.78 -7.03 43.88
CA ILE A 158 8.83 -8.01 43.36
C ILE A 158 9.55 -9.24 42.84
N VAL A 159 10.44 -9.03 41.89
CA VAL A 159 11.17 -10.12 41.26
C VAL A 159 12.06 -10.84 42.26
N SER A 160 12.67 -10.08 43.16
CA SER A 160 13.66 -10.67 44.09
C SER A 160 13.06 -11.50 45.18
N ASN A 161 11.77 -11.34 45.46
CA ASN A 161 11.15 -11.86 46.70
C ASN A 161 9.77 -12.46 46.57
N ILE A 162 8.91 -11.83 45.78
CA ILE A 162 7.55 -12.29 45.54
C ILE A 162 7.40 -13.16 44.29
N GLN A 163 8.08 -12.80 43.21
CA GLN A 163 7.92 -13.49 41.93
C GLN A 163 8.03 -15.00 42.01
N ASP A 164 9.20 -15.49 42.46
CA ASP A 164 9.39 -16.93 42.56
C ASP A 164 8.24 -17.56 43.39
N PRO A 165 8.03 -17.14 44.65
CA PRO A 165 6.85 -17.64 45.36
C PRO A 165 5.56 -17.68 44.54
N LEU A 166 5.17 -16.59 43.87
CA LEU A 166 3.96 -16.66 43.06
C LEU A 166 4.12 -17.66 41.94
N SER A 167 5.28 -17.64 41.25
CA SER A 167 5.60 -18.66 40.23
C SER A 167 5.19 -20.04 40.64
N ARG A 168 5.18 -20.37 41.93
CA ARG A 168 4.86 -21.71 42.41
C ARG A 168 3.58 -21.83 43.17
N THR A 169 2.80 -20.81 43.14
CA THR A 169 1.57 -20.85 43.84
C THR A 169 0.62 -21.72 43.01
N LYS A 170 -0.02 -22.66 43.67
CA LYS A 170 -0.91 -23.62 43.01
C LYS A 170 -1.82 -22.80 42.15
N GLY A 171 -1.77 -23.05 40.84
CA GLY A 171 -2.69 -22.40 39.92
C GLY A 171 -2.13 -21.32 39.02
N VAL A 172 -0.92 -20.78 39.27
CA VAL A 172 -0.47 -19.66 38.46
C VAL A 172 0.23 -20.23 37.26
N GLY A 173 -0.27 -19.91 36.09
CA GLY A 173 0.23 -20.56 34.89
C GLY A 173 1.38 -19.84 34.28
N ASP A 174 1.30 -18.52 34.30
CA ASP A 174 2.31 -17.67 33.72
C ASP A 174 2.16 -16.29 34.39
N PHE A 175 3.23 -15.49 34.37
CA PHE A 175 3.22 -14.19 35.02
C PHE A 175 4.02 -13.20 34.22
N GLN A 176 3.79 -11.92 34.44
CA GLN A 176 4.52 -10.83 33.72
C GLN A 176 4.73 -9.65 34.67
N VAL A 177 6.00 -9.25 34.79
CA VAL A 177 6.35 -8.25 35.79
C VAL A 177 6.56 -6.91 35.07
N PHE A 178 5.83 -5.90 35.51
CA PHE A 178 5.87 -4.57 34.90
C PHE A 178 7.02 -3.76 35.48
N GLY A 179 8.22 -4.13 35.03
CA GLY A 179 9.44 -3.80 35.74
C GLY A 179 10.48 -4.90 35.67
N SER A 180 11.62 -4.65 36.29
CA SER A 180 12.67 -5.63 36.28
C SER A 180 13.36 -5.70 37.62
N GLN A 181 14.28 -6.63 37.72
CA GLN A 181 15.11 -6.69 38.91
C GLN A 181 16.35 -5.86 38.66
N TYR A 182 17.13 -5.62 39.72
CA TYR A 182 18.37 -4.91 39.60
C TYR A 182 19.32 -5.66 38.73
N SER A 183 20.26 -4.89 38.25
CA SER A 183 21.26 -5.40 37.37
C SER A 183 22.46 -4.58 37.62
N MET A 184 23.64 -5.17 37.60
CA MET A 184 24.84 -4.35 37.71
C MET A 184 25.06 -3.75 36.33
N ARG A 185 24.63 -2.50 36.16
CA ARG A 185 24.71 -1.81 34.89
C ARG A 185 26.02 -1.07 34.74
N ILE A 186 26.74 -1.33 33.65
CA ILE A 186 28.00 -0.71 33.41
C ILE A 186 27.89 0.16 32.18
N TRP A 187 27.80 1.48 32.38
CA TRP A 187 27.58 2.50 31.29
C TRP A 187 28.84 3.07 30.58
N LEU A 188 29.21 2.43 29.48
CA LEU A 188 30.39 2.80 28.76
C LEU A 188 30.35 4.25 28.22
N ASP A 189 31.45 4.97 28.42
CA ASP A 189 31.70 6.28 27.79
C ASP A 189 32.72 6.20 26.64
N PRO A 190 32.34 6.51 25.39
CA PRO A 190 33.24 6.23 24.24
C PRO A 190 34.44 7.20 24.11
N ALA A 191 34.33 8.35 24.77
CA ALA A 191 35.42 9.34 24.78
C ALA A 191 36.51 8.86 25.73
N LYS A 192 36.14 8.59 26.99
CA LYS A 192 37.11 8.05 27.97
C LYS A 192 37.69 6.80 27.33
N LEU A 193 36.84 6.05 26.66
CA LEU A 193 37.22 4.78 26.09
C LEU A 193 38.25 4.94 24.98
N ASN A 194 38.09 5.99 24.18
CA ASN A 194 39.11 6.43 23.19
C ASN A 194 40.46 6.72 23.85
N SER A 195 40.42 7.49 24.95
CA SER A 195 41.63 7.96 25.67
C SER A 195 42.64 6.86 25.88
N TYR A 196 42.18 5.69 26.31
CA TYR A 196 43.10 4.58 26.62
C TYR A 196 43.26 3.49 25.53
N GLN A 197 42.80 3.75 24.31
CA GLN A 197 42.78 2.79 23.18
C GLN A 197 42.13 1.46 23.51
N LEU A 198 41.01 1.54 24.25
CA LEU A 198 40.20 0.40 24.68
C LEU A 198 38.89 0.30 23.90
N THR A 199 38.29 -0.88 23.94
CA THR A 199 37.02 -1.16 23.25
C THR A 199 36.01 -1.72 24.24
N PRO A 200 34.72 -1.73 23.87
CA PRO A 200 33.70 -2.48 24.63
C PRO A 200 34.04 -3.97 24.79
N GLY A 201 34.47 -4.60 23.70
CA GLY A 201 35.00 -5.96 23.73
C GLY A 201 36.18 -6.22 24.68
N ASP A 202 36.95 -5.19 25.03
CA ASP A 202 37.94 -5.28 26.12
C ASP A 202 37.32 -5.27 27.49
N VAL A 203 36.35 -4.38 27.68
CA VAL A 203 35.62 -4.29 28.95
C VAL A 203 34.79 -5.55 29.22
N SER A 204 34.06 -6.05 28.20
CA SER A 204 33.32 -7.31 28.32
C SER A 204 34.28 -8.43 28.72
N SER A 205 35.48 -8.40 28.15
CA SER A 205 36.48 -9.43 28.47
C SER A 205 37.06 -9.36 29.89
N ALA A 206 37.31 -8.15 30.37
CA ALA A 206 37.81 -7.97 31.73
C ALA A 206 36.78 -8.50 32.70
N ILE A 207 35.52 -8.08 32.50
CA ILE A 207 34.38 -8.48 33.36
C ILE A 207 34.19 -10.00 33.44
N GLN A 208 34.58 -10.69 32.36
CA GLN A 208 34.54 -12.14 32.27
C GLN A 208 35.71 -12.90 32.86
N ALA A 209 36.81 -12.23 33.13
CA ALA A 209 37.96 -12.86 33.77
C ALA A 209 38.03 -12.52 35.27
N GLN A 210 37.37 -11.43 35.63
CA GLN A 210 37.49 -10.81 36.92
C GLN A 210 36.21 -10.80 37.74
N ASN A 211 35.06 -11.13 37.14
CA ASN A 211 33.83 -11.33 37.93
C ASN A 211 33.34 -12.75 37.67
N VAL A 212 34.09 -13.70 38.20
CA VAL A 212 33.93 -15.12 37.90
C VAL A 212 33.78 -15.90 39.17
N GLN A 213 33.38 -17.15 39.03
CA GLN A 213 33.16 -18.01 40.20
C GLN A 213 33.79 -19.37 39.90
N ILE A 214 35.12 -19.36 39.86
CA ILE A 214 35.94 -20.50 39.47
C ILE A 214 35.90 -21.64 40.49
N SER A 215 35.83 -22.86 40.00
CA SER A 215 35.98 -24.01 40.87
C SER A 215 37.50 -24.16 41.17
N SER A 216 37.85 -24.22 42.45
CA SER A 216 39.25 -24.21 42.86
C SER A 216 39.74 -25.45 43.64
N GLY A 217 38.89 -26.45 43.79
CA GLY A 217 39.27 -27.61 44.57
C GLY A 217 39.55 -27.36 46.04
N GLN A 218 40.32 -28.25 46.66
CA GLN A 218 40.60 -28.16 48.08
C GLN A 218 41.98 -28.70 48.44
N LEU A 219 42.55 -28.22 49.54
CA LEU A 219 43.75 -28.80 50.20
C LEU A 219 43.74 -30.36 50.32
N GLY A 220 42.85 -30.92 51.12
CA GLY A 220 42.86 -32.39 51.26
C GLY A 220 42.41 -33.25 50.06
N GLY A 221 42.46 -32.69 48.86
CA GLY A 221 41.66 -33.15 47.75
C GLY A 221 41.84 -34.60 47.44
N LEU A 222 40.78 -35.25 47.01
CA LEU A 222 40.84 -36.65 46.66
C LEU A 222 41.12 -36.89 45.18
N PRO A 223 41.74 -38.01 44.83
CA PRO A 223 42.36 -38.93 45.77
C PRO A 223 43.59 -38.27 46.36
N ALA A 224 43.80 -38.50 47.65
CA ALA A 224 44.86 -37.83 48.40
C ALA A 224 46.06 -38.74 48.53
N VAL A 225 47.13 -38.16 49.07
CA VAL A 225 48.35 -38.89 49.37
C VAL A 225 48.13 -39.63 50.68
N LYS A 226 48.68 -40.85 50.76
CA LYS A 226 48.54 -41.67 51.94
C LYS A 226 49.22 -40.91 53.09
N GLY A 227 48.50 -40.72 54.17
CA GLY A 227 49.01 -39.95 55.31
C GLY A 227 48.33 -38.62 55.60
N GLN A 228 47.66 -38.08 54.58
CA GLN A 228 47.06 -36.75 54.63
C GLN A 228 46.03 -36.69 55.72
N GLN A 229 46.12 -35.67 56.55
CA GLN A 229 45.29 -35.51 57.74
C GLN A 229 44.35 -34.28 57.69
N LEU A 230 44.81 -33.22 57.02
CA LEU A 230 44.09 -31.94 56.82
C LEU A 230 43.34 -31.87 55.46
N ASN A 231 42.12 -31.31 55.50
CA ASN A 231 41.26 -31.10 54.31
C ASN A 231 40.38 -29.87 54.53
N ALA A 232 40.44 -28.94 53.58
CA ALA A 232 39.69 -27.68 53.65
C ALA A 232 39.38 -27.17 52.22
N THR A 233 38.22 -26.53 52.08
CA THR A 233 37.83 -25.89 50.81
C THR A 233 38.81 -24.77 50.47
N ILE A 234 39.24 -24.69 49.21
CA ILE A 234 39.92 -23.51 48.67
C ILE A 234 38.92 -22.59 47.99
N ILE A 235 38.66 -21.42 48.57
CA ILE A 235 37.83 -20.45 47.87
C ILE A 235 38.70 -19.58 46.98
N GLY A 236 38.65 -19.82 45.67
CA GLY A 236 39.29 -18.98 44.65
C GLY A 236 38.52 -17.69 44.36
N LYS A 237 38.66 -17.18 43.14
CA LYS A 237 37.86 -16.04 42.68
C LYS A 237 36.34 -16.20 42.89
N THR A 238 35.75 -15.19 43.50
CA THR A 238 34.33 -15.14 43.80
C THR A 238 33.68 -14.00 42.98
N ARG A 239 32.36 -14.03 42.89
CA ARG A 239 31.60 -13.06 42.13
C ARG A 239 31.49 -11.81 42.94
N LEU A 240 31.59 -10.70 42.22
CA LEU A 240 31.48 -9.40 42.79
C LEU A 240 30.03 -9.19 43.12
N GLN A 241 29.80 -8.16 43.93
CA GLN A 241 28.46 -7.80 44.40
C GLN A 241 28.12 -6.33 44.41
N THR A 242 29.14 -5.48 44.60
CA THR A 242 28.95 -4.06 44.82
C THR A 242 29.58 -3.28 43.70
N ALA A 243 29.03 -2.10 43.42
CA ALA A 243 29.52 -1.29 42.30
C ALA A 243 31.04 -1.00 42.42
N GLU A 244 31.47 -0.58 43.61
CA GLU A 244 32.91 -0.47 43.99
C GLU A 244 33.80 -1.65 43.50
N GLN A 245 33.39 -2.89 43.75
CA GLN A 245 34.17 -4.02 43.24
C GLN A 245 34.30 -4.01 41.71
N PHE A 246 33.22 -3.65 41.03
CA PHE A 246 33.20 -3.57 39.56
C PHE A 246 34.02 -2.38 39.07
N GLU A 247 33.82 -1.22 39.73
CA GLU A 247 34.59 0.00 39.47
C GLU A 247 36.07 -0.29 39.38
N ASN A 248 36.55 -1.12 40.31
CA ASN A 248 37.95 -1.44 40.46
C ASN A 248 38.51 -2.54 39.51
N ILE A 249 37.73 -2.92 38.51
CA ILE A 249 38.18 -3.97 37.58
C ILE A 249 39.35 -3.44 36.79
N LEU A 250 40.39 -4.26 36.73
CA LEU A 250 41.57 -3.89 36.02
C LEU A 250 41.42 -4.02 34.50
N LEU A 251 41.47 -2.90 33.80
CA LEU A 251 41.38 -2.89 32.32
C LEU A 251 42.72 -2.86 31.62
N LYS A 252 43.65 -2.10 32.16
CA LYS A 252 44.99 -2.02 31.56
C LYS A 252 46.02 -1.32 32.43
N VAL A 253 47.28 -1.62 32.15
CA VAL A 253 48.41 -1.03 32.89
C VAL A 253 49.27 -0.21 31.93
N ASN A 254 49.27 1.11 32.10
CA ASN A 254 50.13 1.99 31.29
C ASN A 254 51.54 1.40 31.37
N PRO A 255 52.22 1.20 30.20
CA PRO A 255 53.59 0.64 30.28
C PRO A 255 54.62 1.42 31.16
N ASP A 256 54.20 2.55 31.72
CA ASP A 256 54.97 3.38 32.65
C ASP A 256 54.49 3.29 34.14
N GLY A 257 54.19 2.08 34.62
CA GLY A 257 53.52 1.91 35.92
C GLY A 257 52.09 2.44 35.87
N SER A 258 51.36 2.38 36.99
CA SER A 258 49.94 2.84 37.07
C SER A 258 48.99 2.01 36.16
N GLN A 259 47.70 2.11 36.43
CA GLN A 259 46.74 1.26 35.75
C GLN A 259 45.37 1.94 35.56
N VAL A 260 44.65 1.48 34.52
CA VAL A 260 43.31 2.01 34.19
C VAL A 260 42.23 1.02 34.65
N ARG A 261 41.24 1.57 35.34
CA ARG A 261 40.18 0.79 35.94
C ARG A 261 38.86 1.05 35.21
N LEU A 262 37.93 0.12 35.40
CA LEU A 262 36.58 0.27 34.86
C LEU A 262 35.92 1.61 35.18
N LYS A 263 36.11 2.09 36.40
CA LYS A 263 35.60 3.42 36.82
C LYS A 263 36.14 4.58 35.99
N ASP A 264 37.28 4.37 35.32
CA ASP A 264 37.91 5.37 34.46
C ASP A 264 37.26 5.47 33.06
N VAL A 265 36.75 4.33 32.58
CA VAL A 265 36.11 4.21 31.28
C VAL A 265 34.55 4.21 31.31
N ALA A 266 33.93 3.83 32.43
CA ALA A 266 32.47 3.75 32.52
C ALA A 266 31.88 4.17 33.86
N ASP A 267 30.56 4.29 33.91
CA ASP A 267 29.82 4.51 35.16
C ASP A 267 29.17 3.19 35.56
N VAL A 268 29.04 2.94 36.86
CA VAL A 268 28.70 1.63 37.39
C VAL A 268 27.69 1.77 38.53
N GLY A 269 26.69 0.91 38.53
CA GLY A 269 25.67 0.98 39.55
C GLY A 269 24.58 -0.05 39.30
N LEU A 270 23.79 -0.28 40.34
CA LEU A 270 22.62 -1.12 40.23
C LEU A 270 21.56 -0.33 39.53
N GLY A 271 21.10 -0.83 38.39
CA GLY A 271 19.91 -0.32 37.71
C GLY A 271 19.07 -1.47 37.20
N GLY A 272 18.04 -1.12 36.42
CA GLY A 272 17.14 -2.12 35.85
C GLY A 272 17.81 -3.05 34.86
N GLN A 273 17.33 -4.29 34.84
CA GLN A 273 17.76 -5.32 33.87
C GLN A 273 17.09 -5.08 32.52
N ASP A 274 15.93 -4.47 32.60
CA ASP A 274 15.24 -4.00 31.44
C ASP A 274 14.51 -2.70 31.81
N TYR A 275 14.56 -1.70 30.93
CA TYR A 275 13.91 -0.40 31.17
C TYR A 275 12.66 -0.15 30.33
N SER A 276 12.33 -1.10 29.44
CA SER A 276 11.21 -1.04 28.52
C SER A 276 9.87 -0.81 29.19
N ILE A 277 9.47 -1.69 30.09
CA ILE A 277 8.17 -1.59 30.73
C ILE A 277 8.34 -0.86 32.05
N ASN A 278 7.35 -0.04 32.40
CA ASN A 278 7.30 0.68 33.68
C ASN A 278 5.85 0.95 34.00
N ALA A 279 5.57 1.38 35.22
CA ALA A 279 4.19 1.59 35.59
C ALA A 279 4.02 2.44 36.80
N GLN A 280 2.79 2.85 37.05
CA GLN A 280 2.47 3.66 38.22
C GLN A 280 1.04 3.41 38.63
N PHE A 281 0.75 3.71 39.90
CA PHE A 281 -0.53 3.35 40.48
C PHE A 281 -1.15 4.56 41.10
N ASN A 282 -2.19 5.05 40.42
CA ASN A 282 -2.82 6.34 40.69
C ASN A 282 -1.95 7.57 40.44
N GLY A 283 -0.73 7.37 39.92
CA GLY A 283 0.21 8.47 39.69
C GLY A 283 1.54 8.30 40.35
N SER A 284 1.60 7.42 41.32
CA SER A 284 2.80 7.27 42.10
C SER A 284 3.64 6.19 41.44
N PRO A 285 4.99 6.30 41.52
CA PRO A 285 5.77 5.23 40.98
C PRO A 285 5.35 3.90 41.65
N ALA A 286 5.26 2.86 40.83
CA ALA A 286 4.83 1.51 41.24
C ALA A 286 5.51 0.42 40.42
N SER A 287 5.15 -0.82 40.79
CA SER A 287 5.42 -2.01 40.02
C SER A 287 4.30 -3.02 40.21
N GLY A 288 4.31 -4.07 39.40
CA GLY A 288 3.45 -5.22 39.62
C GLY A 288 3.82 -6.46 38.82
N ILE A 289 3.31 -7.61 39.27
CA ILE A 289 3.25 -8.88 38.50
C ILE A 289 1.80 -9.07 38.07
N ALA A 290 1.59 -9.21 36.78
CA ALA A 290 0.29 -9.68 36.29
C ALA A 290 0.36 -11.20 36.29
N ILE A 291 -0.71 -11.82 36.76
CA ILE A 291 -0.79 -13.28 36.84
C ILE A 291 -1.80 -13.82 35.85
N LYS A 292 -1.38 -14.70 34.96
CA LYS A 292 -2.30 -15.54 34.19
C LYS A 292 -2.57 -16.90 34.87
N LEU A 293 -3.83 -17.28 34.83
CA LEU A 293 -4.29 -18.57 35.29
C LEU A 293 -3.73 -19.70 34.44
N ALA A 294 -3.26 -20.74 35.12
CA ALA A 294 -2.98 -22.01 34.44
C ALA A 294 -4.26 -22.68 33.87
N THR A 295 -4.21 -23.13 32.62
CA THR A 295 -5.29 -23.87 31.98
C THR A 295 -5.88 -24.91 32.90
N GLY A 296 -7.18 -24.82 33.15
CA GLY A 296 -7.86 -25.79 33.98
C GLY A 296 -7.92 -25.44 35.45
N ALA A 297 -7.10 -24.50 35.88
CA ALA A 297 -7.18 -24.02 37.24
C ALA A 297 -8.43 -23.19 37.41
N ASN A 298 -8.76 -22.94 38.67
CA ASN A 298 -9.98 -22.24 39.13
C ASN A 298 -9.62 -20.88 39.69
N ALA A 299 -10.01 -19.83 39.00
CA ALA A 299 -9.74 -18.40 39.38
C ALA A 299 -9.98 -18.08 40.83
N LEU A 300 -11.14 -18.44 41.41
CA LEU A 300 -11.32 -18.11 42.83
C LEU A 300 -10.23 -18.67 43.74
N ASP A 301 -9.97 -19.97 43.62
CA ASP A 301 -8.99 -20.69 44.43
C ASP A 301 -7.62 -20.09 44.27
N THR A 302 -7.22 -19.89 43.02
CA THR A 302 -5.83 -19.53 42.83
C THR A 302 -5.62 -18.10 43.28
N ALA A 303 -6.67 -17.29 43.23
CA ALA A 303 -6.63 -15.95 43.84
C ALA A 303 -6.47 -16.03 45.36
N LYS A 304 -7.19 -16.94 45.98
CA LYS A 304 -7.07 -17.17 47.40
C LYS A 304 -5.67 -17.68 47.74
N ALA A 305 -5.14 -18.56 46.91
CA ALA A 305 -3.79 -19.04 47.05
C ALA A 305 -2.76 -17.91 46.99
N ILE A 306 -2.96 -16.98 46.07
CA ILE A 306 -2.07 -15.85 45.88
C ILE A 306 -2.08 -14.90 47.08
N ARG A 307 -3.29 -14.54 47.58
CA ARG A 307 -3.49 -13.67 48.75
C ARG A 307 -2.63 -14.20 49.92
N GLN A 308 -2.47 -15.52 49.94
CA GLN A 308 -1.86 -16.24 51.01
C GLN A 308 -0.37 -16.32 50.84
N THR A 309 0.12 -16.39 49.61
CA THR A 309 1.56 -16.36 49.37
C THR A 309 2.17 -15.02 49.75
N ILE A 310 1.48 -13.94 49.35
CA ILE A 310 1.91 -12.57 49.68
C ILE A 310 1.72 -12.28 51.19
N ALA A 311 0.63 -12.75 51.78
CA ALA A 311 0.39 -12.61 53.20
C ALA A 311 1.48 -13.28 54.02
N ASN A 312 1.97 -14.42 53.53
CA ASN A 312 3.08 -15.11 54.15
C ASN A 312 4.40 -14.37 53.94
N LEU A 313 4.41 -13.34 53.10
CA LEU A 313 5.64 -12.56 52.81
C LEU A 313 5.69 -11.09 53.29
N GLU A 314 4.53 -10.50 53.59
CA GLU A 314 4.43 -9.14 54.17
C GLU A 314 5.29 -8.89 55.40
N PRO A 315 5.30 -9.81 56.38
CA PRO A 315 6.19 -9.63 57.53
C PRO A 315 7.68 -9.34 57.23
N PHE A 316 8.18 -9.69 56.04
CA PHE A 316 9.58 -9.48 55.70
C PHE A 316 9.80 -8.38 54.68
N MET A 317 8.72 -7.64 54.39
CA MET A 317 8.73 -6.58 53.39
C MET A 317 9.41 -5.35 53.98
N PRO A 318 10.00 -4.48 53.15
CA PRO A 318 10.57 -3.23 53.71
C PRO A 318 9.52 -2.23 54.22
N GLN A 319 9.98 -1.04 54.55
CA GLN A 319 9.24 -0.17 55.48
C GLN A 319 8.30 0.71 54.72
N GLY A 320 8.87 1.50 53.80
CA GLY A 320 8.05 2.30 52.90
C GLY A 320 7.48 1.45 51.78
N MET A 321 6.52 0.56 52.12
CA MET A 321 5.99 -0.40 51.16
C MET A 321 4.69 -1.09 51.59
N LYS A 322 3.63 -0.91 50.81
CA LYS A 322 2.45 -1.72 50.97
C LYS A 322 2.13 -2.43 49.66
N VAL A 323 1.58 -3.64 49.81
CA VAL A 323 1.09 -4.39 48.69
C VAL A 323 -0.27 -3.85 48.33
N VAL A 324 -0.53 -3.73 47.03
CA VAL A 324 -1.83 -3.33 46.53
C VAL A 324 -2.35 -4.27 45.38
N TYR A 325 -3.65 -4.24 45.11
CA TYR A 325 -4.26 -5.08 44.05
C TYR A 325 -4.92 -4.29 42.92
N PRO A 326 -4.12 -3.76 41.96
CA PRO A 326 -4.67 -2.90 40.91
C PRO A 326 -5.74 -3.60 40.09
N TYR A 327 -5.43 -4.27 38.98
CA TYR A 327 -6.40 -5.13 38.31
C TYR A 327 -6.71 -6.35 39.18
N ASP A 328 -7.88 -6.96 38.95
CA ASP A 328 -8.33 -8.15 39.67
C ASP A 328 -9.70 -8.63 39.15
N THR A 329 -9.73 -9.80 38.53
CA THR A 329 -10.91 -10.40 37.95
C THR A 329 -11.80 -11.23 38.92
N THR A 330 -11.32 -11.63 40.07
CA THR A 330 -12.11 -12.54 40.88
C THR A 330 -13.37 -11.92 41.44
N PRO A 331 -13.30 -10.65 41.91
CA PRO A 331 -14.50 -10.12 42.59
C PRO A 331 -15.78 -10.20 41.79
N VAL A 332 -15.71 -10.13 40.46
CA VAL A 332 -16.94 -10.33 39.65
C VAL A 332 -17.60 -11.69 39.95
N VAL A 333 -16.75 -12.70 40.07
CA VAL A 333 -17.17 -14.08 40.32
C VAL A 333 -17.89 -14.20 41.68
N SER A 334 -17.22 -13.82 42.77
CA SER A 334 -17.86 -13.80 44.09
C SER A 334 -19.20 -13.03 44.04
N ALA A 335 -19.15 -11.90 43.36
CA ALA A 335 -20.28 -10.99 43.26
C ALA A 335 -21.39 -11.63 42.53
N SER A 336 -21.11 -12.20 41.36
CA SER A 336 -22.06 -13.00 40.57
C SER A 336 -22.81 -14.03 41.42
N ILE A 337 -22.10 -14.99 42.01
CA ILE A 337 -22.79 -16.09 42.71
C ILE A 337 -23.47 -15.61 44.00
N HIS A 338 -22.82 -14.76 44.78
CA HIS A 338 -23.45 -14.18 45.99
C HIS A 338 -24.80 -13.55 45.62
N GLU A 339 -24.81 -12.87 44.48
CA GLU A 339 -25.99 -12.21 43.99
C GLU A 339 -27.06 -13.15 43.49
N VAL A 340 -26.72 -14.34 43.01
CA VAL A 340 -27.72 -15.34 42.62
C VAL A 340 -28.28 -16.08 43.83
N VAL A 341 -27.38 -16.44 44.75
CA VAL A 341 -27.78 -16.96 46.06
C VAL A 341 -28.84 -16.02 46.68
N LYS A 342 -28.61 -14.71 46.56
CA LYS A 342 -29.57 -13.70 46.99
C LYS A 342 -30.93 -13.85 46.30
N THR A 343 -30.92 -14.08 44.99
CA THR A 343 -32.17 -14.23 44.25
C THR A 343 -32.75 -15.63 44.39
N LEU A 344 -31.89 -16.60 44.75
CA LEU A 344 -32.28 -17.97 45.09
C LEU A 344 -33.21 -17.93 46.28
N GLY A 345 -32.78 -17.25 47.34
CA GLY A 345 -33.57 -17.08 48.55
C GLY A 345 -34.86 -16.29 48.35
N GLU A 346 -34.81 -15.26 47.52
CA GLU A 346 -35.99 -14.46 47.26
C GLU A 346 -37.05 -15.31 46.61
N ALA A 347 -36.66 -16.10 45.60
CA ALA A 347 -37.58 -17.03 44.94
C ALA A 347 -38.21 -18.06 45.91
N ILE A 348 -37.35 -18.72 46.68
CA ILE A 348 -37.84 -19.70 47.64
C ILE A 348 -38.82 -19.06 48.62
N LEU A 349 -38.61 -17.77 48.91
CA LEU A 349 -39.57 -17.01 49.74
C LEU A 349 -40.84 -16.62 48.95
N LEU A 350 -40.65 -16.14 47.72
CA LEU A 350 -41.75 -15.77 46.85
C LEU A 350 -42.73 -16.92 46.66
N VAL A 351 -42.20 -18.11 46.41
CA VAL A 351 -43.01 -19.30 46.12
C VAL A 351 -43.75 -19.74 47.39
N PHE A 352 -43.07 -19.68 48.54
CA PHE A 352 -43.71 -19.95 49.82
C PHE A 352 -44.95 -19.08 50.07
N LEU A 353 -45.04 -17.93 49.39
CA LEU A 353 -46.22 -17.05 49.47
C LEU A 353 -47.31 -17.44 48.51
N VAL A 354 -47.04 -17.48 47.22
CA VAL A 354 -48.04 -17.94 46.26
C VAL A 354 -48.73 -19.24 46.75
N MET A 355 -47.93 -20.23 47.15
CA MET A 355 -48.46 -21.47 47.73
C MET A 355 -49.40 -21.17 48.90
N TYR A 356 -48.92 -20.42 49.89
CA TYR A 356 -49.78 -19.97 51.03
C TYR A 356 -51.08 -19.29 50.56
N LEU A 357 -50.97 -18.47 49.52
CA LEU A 357 -52.15 -17.81 48.91
C LEU A 357 -53.26 -18.78 48.48
N PHE A 358 -52.90 -19.97 48.01
CA PHE A 358 -53.88 -20.97 47.57
C PHE A 358 -54.11 -22.10 48.61
N LEU A 359 -53.05 -22.65 49.17
CA LEU A 359 -53.18 -23.71 50.18
C LEU A 359 -53.77 -23.19 51.49
N GLN A 360 -53.54 -21.92 51.80
CA GLN A 360 -54.15 -21.29 52.96
C GLN A 360 -53.96 -22.11 54.23
N ASN A 361 -52.76 -22.63 54.43
CA ASN A 361 -52.42 -23.43 55.64
C ASN A 361 -50.91 -23.34 55.95
N PHE A 362 -50.50 -23.12 57.20
CA PHE A 362 -49.04 -23.08 57.50
C PHE A 362 -48.50 -24.46 57.07
N ARG A 363 -49.16 -25.50 57.60
CA ARG A 363 -48.67 -26.87 57.57
C ARG A 363 -48.68 -27.41 56.15
N ALA A 364 -49.76 -27.20 55.43
CA ALA A 364 -49.80 -27.50 53.99
C ALA A 364 -48.68 -26.86 53.20
N THR A 365 -48.39 -25.60 53.47
CA THR A 365 -47.38 -24.84 52.71
C THR A 365 -45.97 -25.21 53.15
N LEU A 366 -45.76 -25.27 54.47
CA LEU A 366 -44.48 -25.72 55.00
C LEU A 366 -44.02 -27.03 54.28
N ILE A 367 -44.91 -27.97 54.00
CA ILE A 367 -44.57 -29.28 53.36
C ILE A 367 -43.81 -29.25 52.02
N PRO A 368 -44.41 -28.74 50.93
CA PRO A 368 -43.55 -28.65 49.74
C PRO A 368 -42.31 -27.75 49.92
N THR A 369 -42.39 -26.73 50.77
CA THR A 369 -41.22 -25.88 51.02
C THR A 369 -40.01 -26.75 51.46
N ILE A 370 -40.30 -27.79 52.25
CA ILE A 370 -39.26 -28.69 52.75
C ILE A 370 -38.61 -29.48 51.60
N ALA A 371 -39.34 -29.72 50.52
CA ALA A 371 -38.77 -30.33 49.30
C ALA A 371 -37.59 -29.53 48.76
N VAL A 372 -37.68 -28.21 48.81
CA VAL A 372 -36.65 -27.34 48.21
C VAL A 372 -35.20 -27.69 48.69
N PRO A 373 -34.92 -27.57 49.99
CA PRO A 373 -33.56 -27.86 50.42
C PRO A 373 -33.11 -29.29 50.11
N VAL A 374 -34.04 -30.24 50.06
CA VAL A 374 -33.71 -31.64 49.74
C VAL A 374 -33.32 -31.80 48.26
N VAL A 375 -34.22 -31.43 47.38
CA VAL A 375 -34.00 -31.50 45.93
C VAL A 375 -32.77 -30.68 45.55
N LEU A 376 -32.74 -29.41 45.92
CA LEU A 376 -31.58 -28.55 45.58
C LEU A 376 -30.25 -29.11 46.07
N LEU A 377 -30.12 -29.35 47.37
CA LEU A 377 -28.88 -29.97 47.88
C LEU A 377 -28.58 -31.32 47.19
N GLY A 378 -29.62 -32.11 46.97
CA GLY A 378 -29.43 -33.32 46.20
C GLY A 378 -28.84 -33.00 44.86
N THR A 379 -29.32 -31.96 44.22
CA THR A 379 -28.84 -31.56 42.90
C THR A 379 -27.34 -31.20 42.93
N PHE A 380 -26.94 -30.49 43.98
CA PHE A 380 -25.52 -30.16 44.19
C PHE A 380 -24.70 -31.45 44.31
N GLY A 381 -25.31 -32.48 44.92
CA GLY A 381 -24.79 -33.84 44.93
C GLY A 381 -24.56 -34.44 43.56
N VAL A 382 -25.56 -34.42 42.70
CA VAL A 382 -25.40 -35.05 41.39
C VAL A 382 -24.41 -34.23 40.53
N LEU A 383 -24.35 -32.91 40.70
CA LEU A 383 -23.36 -32.08 39.96
C LEU A 383 -21.94 -32.52 40.27
N ALA A 384 -21.62 -32.61 41.55
CA ALA A 384 -20.33 -33.14 41.97
C ALA A 384 -20.05 -34.54 41.44
N ALA A 385 -21.06 -35.40 41.55
CA ALA A 385 -21.00 -36.75 40.99
C ALA A 385 -20.55 -36.73 39.54
N PHE A 386 -21.28 -36.08 38.66
CA PHE A 386 -20.88 -35.99 37.24
C PHE A 386 -19.70 -35.04 36.96
N GLY A 387 -19.23 -34.30 37.95
CA GLY A 387 -18.04 -33.48 37.79
C GLY A 387 -18.27 -32.12 37.18
N PHE A 388 -19.41 -31.52 37.47
CA PHE A 388 -19.76 -30.15 37.03
C PHE A 388 -19.18 -29.19 38.08
N SER A 389 -19.51 -27.91 37.98
CA SER A 389 -19.14 -26.96 39.01
C SER A 389 -20.30 -26.05 39.30
N ILE A 390 -20.23 -25.32 40.41
CA ILE A 390 -21.20 -24.27 40.74
C ILE A 390 -20.90 -23.04 39.91
N ASN A 391 -21.86 -22.65 39.06
CA ASN A 391 -21.64 -21.60 38.09
C ASN A 391 -22.91 -20.88 37.70
N THR A 392 -22.82 -19.90 36.83
CA THR A 392 -23.98 -19.12 36.45
C THR A 392 -25.09 -20.04 35.92
N LEU A 393 -24.75 -20.93 34.99
CA LEU A 393 -25.76 -21.79 34.39
C LEU A 393 -26.39 -22.81 35.35
N THR A 394 -25.56 -23.49 36.14
CA THR A 394 -26.07 -24.46 37.08
C THR A 394 -26.86 -23.81 38.20
N MET A 395 -26.47 -22.62 38.60
CA MET A 395 -27.21 -21.84 39.61
C MET A 395 -28.54 -21.33 39.06
N PHE A 396 -28.61 -21.07 37.76
CA PHE A 396 -29.88 -20.68 37.14
C PHE A 396 -30.84 -21.83 37.16
N GLY A 397 -30.35 -23.02 36.77
CA GLY A 397 -31.13 -24.24 36.89
C GLY A 397 -31.82 -24.39 38.24
N MET A 398 -31.02 -24.31 39.28
CA MET A 398 -31.51 -24.43 40.65
C MET A 398 -32.63 -23.42 40.96
N VAL A 399 -32.48 -22.19 40.45
CA VAL A 399 -33.46 -21.11 40.67
C VAL A 399 -34.76 -21.36 39.93
N LEU A 400 -34.61 -21.69 38.64
CA LEU A 400 -35.75 -22.13 37.81
C LEU A 400 -36.40 -23.43 38.29
N ALA A 401 -35.68 -24.23 39.06
CA ALA A 401 -36.21 -25.47 39.56
C ALA A 401 -37.10 -25.24 40.74
N ILE A 402 -36.88 -24.15 41.46
CA ILE A 402 -37.70 -23.86 42.67
C ILE A 402 -39.19 -23.82 42.34
N GLY A 403 -39.54 -23.30 41.18
CA GLY A 403 -40.93 -23.23 40.77
C GLY A 403 -41.43 -24.53 40.20
N LEU A 404 -40.51 -25.41 39.84
CA LEU A 404 -40.85 -26.73 39.27
C LEU A 404 -40.84 -27.89 40.27
N LEU A 405 -40.10 -27.77 41.36
CA LEU A 405 -39.85 -28.89 42.27
C LEU A 405 -41.00 -29.05 43.26
N VAL A 406 -41.63 -27.93 43.60
CA VAL A 406 -42.76 -27.93 44.51
C VAL A 406 -44.04 -28.53 43.92
N ASP A 407 -44.17 -28.56 42.59
CA ASP A 407 -45.45 -28.98 42.01
C ASP A 407 -45.86 -30.40 42.40
N ASP A 408 -44.96 -31.36 42.24
CA ASP A 408 -45.23 -32.76 42.59
C ASP A 408 -45.64 -32.97 44.03
N ALA A 409 -45.20 -32.10 44.93
CA ALA A 409 -45.53 -32.21 46.35
C ALA A 409 -46.85 -31.55 46.71
N ILE A 410 -47.13 -30.47 45.97
CA ILE A 410 -48.44 -29.83 45.95
C ILE A 410 -49.52 -30.87 45.51
N VAL A 411 -49.25 -31.65 44.45
CA VAL A 411 -50.21 -32.66 43.93
C VAL A 411 -50.58 -33.70 44.98
N VAL A 412 -49.56 -34.12 45.73
CA VAL A 412 -49.72 -35.09 46.79
C VAL A 412 -50.51 -34.44 47.89
N VAL A 413 -50.02 -33.29 48.33
CA VAL A 413 -50.57 -32.63 49.53
C VAL A 413 -52.02 -32.22 49.27
N GLU A 414 -52.36 -31.87 48.03
CA GLU A 414 -53.73 -31.54 47.69
C GLU A 414 -54.61 -32.77 47.63
N ASN A 415 -54.08 -33.85 47.06
CA ASN A 415 -54.78 -35.13 47.06
C ASN A 415 -55.09 -35.63 48.46
N VAL A 416 -54.16 -35.39 49.39
CA VAL A 416 -54.33 -35.80 50.76
C VAL A 416 -55.53 -35.09 51.39
N GLU A 417 -55.70 -33.81 51.06
CA GLU A 417 -56.77 -33.00 51.63
C GLU A 417 -58.11 -33.35 51.00
N ARG A 418 -58.06 -33.75 49.73
CA ARG A 418 -59.26 -34.13 48.99
C ARG A 418 -59.86 -35.37 49.60
N VAL A 419 -59.08 -36.43 49.64
CA VAL A 419 -59.60 -37.69 50.12
C VAL A 419 -59.90 -37.55 51.62
N MET A 420 -59.33 -36.52 52.25
CA MET A 420 -59.47 -36.29 53.68
C MET A 420 -60.77 -35.58 54.02
N ALA A 421 -61.22 -34.74 53.10
CA ALA A 421 -62.45 -33.97 53.25
C ALA A 421 -63.64 -34.74 52.81
N GLU A 422 -63.48 -35.42 51.66
CA GLU A 422 -64.55 -36.22 51.08
C GLU A 422 -64.84 -37.57 51.75
N GLU A 423 -64.08 -37.96 52.78
CA GLU A 423 -64.35 -39.22 53.55
C GLU A 423 -64.14 -39.14 55.06
N GLY A 424 -63.61 -38.03 55.57
CA GLY A 424 -63.39 -37.88 57.01
C GLY A 424 -62.26 -38.73 57.53
N LEU A 425 -61.43 -39.20 56.61
CA LEU A 425 -60.28 -40.02 56.94
C LEU A 425 -59.24 -39.14 57.59
N SER A 426 -58.34 -39.77 58.33
CA SER A 426 -57.23 -39.08 58.96
C SER A 426 -56.16 -38.69 57.92
N PRO A 427 -55.21 -37.83 58.31
CA PRO A 427 -54.08 -37.53 57.41
C PRO A 427 -53.30 -38.78 56.94
N ARG A 428 -53.04 -39.73 57.84
CA ARG A 428 -52.23 -40.88 57.48
C ARG A 428 -52.97 -41.81 56.51
N GLU A 429 -54.27 -41.97 56.70
CA GLU A 429 -55.08 -42.84 55.83
C GLU A 429 -55.43 -42.25 54.49
N ALA A 430 -55.75 -40.96 54.49
CA ALA A 430 -55.83 -40.17 53.27
C ALA A 430 -54.54 -40.27 52.43
N ALA A 431 -53.38 -40.19 53.12
CA ALA A 431 -52.06 -40.39 52.50
C ALA A 431 -51.94 -41.76 51.85
N ARG A 432 -52.28 -42.82 52.59
CA ARG A 432 -52.17 -44.20 52.08
C ARG A 432 -53.06 -44.38 50.88
N LYS A 433 -54.35 -44.11 51.08
CA LYS A 433 -55.39 -44.19 50.02
C LYS A 433 -54.98 -43.40 48.76
N SER A 434 -54.42 -42.20 48.96
CA SER A 434 -54.14 -41.27 47.84
C SER A 434 -52.91 -41.65 47.00
N MET A 435 -51.78 -41.99 47.63
CA MET A 435 -50.55 -42.38 46.90
C MET A 435 -50.75 -43.59 45.98
N GLY A 436 -51.68 -44.47 46.35
CA GLY A 436 -52.18 -45.54 45.47
C GLY A 436 -52.65 -45.05 44.11
N GLN A 437 -53.40 -43.96 44.12
CA GLN A 437 -53.71 -43.18 42.92
C GLN A 437 -52.49 -42.24 42.75
N ILE A 438 -52.41 -41.44 41.69
CA ILE A 438 -51.35 -40.34 41.57
C ILE A 438 -49.89 -40.75 41.35
N GLN A 439 -49.38 -41.72 42.12
CA GLN A 439 -48.01 -42.23 41.96
C GLN A 439 -47.61 -42.31 40.48
N GLY A 440 -48.51 -42.82 39.65
CA GLY A 440 -48.30 -42.84 38.22
C GLY A 440 -48.33 -41.47 37.57
N ALA A 441 -49.30 -40.64 37.91
CA ALA A 441 -49.35 -39.27 37.37
C ALA A 441 -48.00 -38.59 37.59
N LEU A 442 -47.62 -38.49 38.85
CA LEU A 442 -46.34 -37.93 39.24
C LEU A 442 -45.20 -38.37 38.31
N VAL A 443 -44.94 -39.66 38.32
CA VAL A 443 -43.81 -40.21 37.62
C VAL A 443 -43.99 -40.02 36.13
N GLY A 444 -45.23 -40.05 35.64
CA GLY A 444 -45.53 -39.76 34.23
C GLY A 444 -45.22 -38.35 33.76
N ILE A 445 -45.86 -37.37 34.37
CA ILE A 445 -45.63 -35.94 34.04
C ILE A 445 -44.15 -35.54 34.21
N ALA A 446 -43.55 -36.08 35.27
CA ALA A 446 -42.13 -35.84 35.57
C ALA A 446 -41.20 -36.27 34.44
N MET A 447 -41.54 -37.37 33.75
CA MET A 447 -40.77 -37.84 32.59
C MET A 447 -40.98 -36.95 31.38
N VAL A 448 -42.25 -36.59 31.12
CA VAL A 448 -42.63 -35.71 29.99
C VAL A 448 -41.93 -34.37 30.12
N LEU A 449 -42.13 -33.73 31.26
CA LEU A 449 -41.46 -32.48 31.58
C LEU A 449 -39.92 -32.59 31.42
N SER A 450 -39.30 -33.59 32.02
CA SER A 450 -37.87 -33.87 31.84
C SER A 450 -37.43 -34.10 30.41
N ALA A 451 -38.15 -34.93 29.69
CA ALA A 451 -37.89 -35.16 28.24
C ALA A 451 -37.67 -33.90 27.33
N VAL A 452 -38.04 -32.72 27.80
CA VAL A 452 -37.83 -31.46 27.07
C VAL A 452 -36.38 -31.03 27.18
N PHE A 453 -35.76 -31.33 28.33
CA PHE A 453 -34.42 -30.87 28.64
C PHE A 453 -33.34 -31.84 28.23
N LEU A 454 -33.73 -33.07 27.95
CA LEU A 454 -32.74 -34.11 27.73
C LEU A 454 -31.99 -33.99 26.41
N PRO A 455 -32.67 -33.60 25.31
CA PRO A 455 -31.92 -33.45 24.04
C PRO A 455 -30.95 -32.30 24.08
N MET A 456 -31.27 -31.29 24.87
CA MET A 456 -30.42 -30.15 25.13
C MET A 456 -29.02 -30.53 25.65
N ALA A 457 -28.87 -31.72 26.24
CA ALA A 457 -27.59 -32.16 26.81
C ALA A 457 -26.68 -32.79 25.82
N PHE A 458 -27.11 -33.03 24.59
CA PHE A 458 -26.32 -33.84 23.66
C PHE A 458 -25.76 -33.00 22.50
N PHE A 459 -25.75 -31.69 22.63
CA PHE A 459 -25.15 -30.87 21.59
C PHE A 459 -23.65 -30.64 21.92
N GLY A 460 -22.84 -30.47 20.88
CA GLY A 460 -21.39 -30.26 20.98
C GLY A 460 -21.00 -28.78 20.96
N GLY A 461 -19.70 -28.52 21.09
CA GLY A 461 -19.13 -27.17 21.07
C GLY A 461 -19.35 -26.41 22.35
N SER A 462 -18.91 -25.15 22.38
CA SER A 462 -19.07 -24.35 23.59
C SER A 462 -20.56 -24.09 23.96
N THR A 463 -21.47 -24.30 23.03
CA THR A 463 -22.91 -24.20 23.29
C THR A 463 -23.46 -25.42 24.07
N GLY A 464 -23.07 -26.62 23.64
CA GLY A 464 -23.42 -27.86 24.32
C GLY A 464 -22.99 -27.86 25.77
N VAL A 465 -21.76 -27.40 26.00
CA VAL A 465 -21.21 -27.34 27.36
C VAL A 465 -22.13 -26.52 28.26
N ILE A 466 -22.41 -25.30 27.80
CA ILE A 466 -23.34 -24.35 28.42
C ILE A 466 -24.75 -24.95 28.61
N TYR A 467 -25.25 -25.62 27.59
CA TYR A 467 -26.56 -26.27 27.64
C TYR A 467 -26.61 -27.44 28.65
N ARG A 468 -25.57 -28.28 28.66
CA ARG A 468 -25.53 -29.49 29.50
C ARG A 468 -25.62 -29.11 30.94
N GLN A 469 -24.70 -28.25 31.39
CA GLN A 469 -24.75 -27.66 32.73
C GLN A 469 -26.17 -27.37 33.16
N PHE A 470 -26.88 -26.69 32.28
CA PHE A 470 -28.29 -26.41 32.50
C PHE A 470 -29.16 -27.67 32.51
N SER A 471 -29.14 -28.40 31.39
CA SER A 471 -29.87 -29.66 31.19
C SER A 471 -29.85 -30.67 32.34
N ILE A 472 -28.65 -31.07 32.77
CA ILE A 472 -28.61 -32.07 33.84
C ILE A 472 -29.09 -31.48 35.16
N THR A 473 -28.86 -30.17 35.39
CA THR A 473 -29.27 -29.60 36.66
C THR A 473 -30.80 -29.63 36.79
N ILE A 474 -31.46 -29.33 35.67
CA ILE A 474 -32.91 -29.38 35.64
C ILE A 474 -33.42 -30.80 35.79
N VAL A 475 -32.97 -31.76 34.97
CA VAL A 475 -33.57 -33.13 35.07
C VAL A 475 -33.23 -33.82 36.38
N SER A 476 -32.08 -33.48 36.93
CA SER A 476 -31.73 -33.91 38.26
C SER A 476 -32.70 -33.42 39.27
N ALA A 477 -32.90 -32.11 39.28
CA ALA A 477 -33.87 -31.50 40.20
C ALA A 477 -35.26 -32.11 40.05
N MET A 478 -35.66 -32.41 38.81
CA MET A 478 -36.96 -32.99 38.54
C MET A 478 -37.11 -34.42 39.03
N ALA A 479 -36.06 -35.22 38.85
CA ALA A 479 -36.07 -36.62 39.24
C ALA A 479 -36.06 -36.69 40.74
N LEU A 480 -35.15 -35.96 41.36
CA LEU A 480 -35.10 -35.90 42.82
C LEU A 480 -36.41 -35.47 43.43
N SER A 481 -36.97 -34.41 42.87
CA SER A 481 -38.31 -33.92 43.18
C SER A 481 -39.33 -35.05 43.23
N VAL A 482 -39.36 -35.87 42.20
CA VAL A 482 -40.25 -37.05 42.18
C VAL A 482 -39.94 -37.99 43.34
N ILE A 483 -38.66 -38.34 43.53
CA ILE A 483 -38.30 -39.28 44.64
C ILE A 483 -38.66 -38.65 45.98
N VAL A 484 -38.53 -37.34 46.09
CA VAL A 484 -38.95 -36.64 47.31
C VAL A 484 -40.47 -36.65 47.52
N ALA A 485 -41.25 -36.51 46.45
CA ALA A 485 -42.71 -36.60 46.57
C ALA A 485 -43.25 -38.00 46.87
N LEU A 486 -42.46 -39.02 46.54
CA LEU A 486 -42.81 -40.41 46.82
C LEU A 486 -42.30 -40.91 48.15
N ILE A 487 -41.20 -40.36 48.67
CA ILE A 487 -40.65 -40.79 49.98
C ILE A 487 -41.02 -39.89 51.14
N LEU A 488 -40.60 -38.63 51.05
CA LEU A 488 -40.74 -37.66 52.17
C LEU A 488 -42.14 -37.05 52.27
N THR A 489 -42.68 -36.55 51.17
CA THR A 489 -43.93 -35.75 51.22
C THR A 489 -45.11 -36.49 51.93
N PRO A 490 -45.53 -37.69 51.44
CA PRO A 490 -46.58 -38.44 52.08
C PRO A 490 -46.36 -38.71 53.56
N ALA A 491 -45.13 -39.05 53.92
CA ALA A 491 -44.76 -39.16 55.33
C ALA A 491 -45.06 -37.85 56.07
N LEU A 492 -44.56 -36.74 55.54
CA LEU A 492 -44.93 -35.39 56.05
C LEU A 492 -46.45 -35.10 56.16
N CYS A 493 -47.27 -35.39 55.14
CA CYS A 493 -48.73 -35.31 55.30
C CYS A 493 -49.28 -36.17 56.47
N ALA A 494 -48.78 -37.40 56.56
CA ALA A 494 -49.26 -38.34 57.57
C ALA A 494 -49.02 -37.84 58.97
N THR A 495 -47.95 -37.06 59.15
CA THR A 495 -47.54 -36.56 60.46
C THR A 495 -47.79 -35.09 60.76
N MET A 496 -47.96 -34.23 59.75
CA MET A 496 -48.07 -32.76 59.98
C MET A 496 -49.49 -32.21 59.80
N LEU A 497 -50.14 -32.54 58.67
CA LEU A 497 -51.55 -32.19 58.50
C LEU A 497 -52.40 -32.63 59.71
N LYS A 498 -53.31 -31.75 60.15
CA LYS A 498 -54.40 -32.10 61.09
C LYS A 498 -55.87 -32.06 60.59
N PRO A 499 -56.18 -31.32 59.49
CA PRO A 499 -57.62 -31.14 59.15
C PRO A 499 -58.33 -32.38 58.56
N PHE A 512 -58.56 -11.06 52.39
CA PHE A 512 -57.91 -12.20 52.98
C PHE A 512 -58.42 -13.50 52.33
N PHE A 513 -58.24 -14.59 53.03
CA PHE A 513 -58.60 -15.92 52.55
C PHE A 513 -60.08 -16.05 52.20
N GLY A 514 -60.94 -15.42 52.99
CA GLY A 514 -62.35 -15.28 52.61
C GLY A 514 -62.58 -14.66 51.24
N TRP A 515 -62.14 -13.40 51.09
CA TRP A 515 -62.30 -12.65 49.82
C TRP A 515 -61.80 -13.42 48.60
N PHE A 516 -60.52 -13.82 48.67
CA PHE A 516 -59.80 -14.45 47.54
C PHE A 516 -60.53 -15.65 46.95
N ASN A 517 -61.05 -16.50 47.83
CA ASN A 517 -61.78 -17.72 47.40
C ASN A 517 -63.02 -17.39 46.56
N ARG A 518 -63.82 -16.43 47.04
CA ARG A 518 -65.00 -15.91 46.31
C ARG A 518 -64.56 -15.18 45.06
N MET A 519 -63.62 -14.25 45.24
CA MET A 519 -62.95 -13.54 44.14
C MET A 519 -62.54 -14.53 43.05
N PHE A 520 -61.91 -15.63 43.49
CA PHE A 520 -61.45 -16.67 42.58
C PHE A 520 -62.61 -17.48 41.99
N LEU A 521 -63.45 -17.99 42.88
CA LEU A 521 -64.67 -18.75 42.54
C LEU A 521 -65.45 -18.03 41.44
N SER A 522 -65.68 -16.74 41.66
CA SER A 522 -66.36 -15.89 40.70
C SER A 522 -65.60 -15.81 39.38
N THR A 523 -64.31 -15.46 39.42
CA THR A 523 -63.44 -15.47 38.21
C THR A 523 -63.52 -16.80 37.45
N THR A 524 -63.63 -17.89 38.19
CA THR A 524 -63.75 -19.21 37.59
C THR A 524 -65.02 -19.36 36.76
N HIS A 525 -66.17 -19.00 37.34
CA HIS A 525 -67.48 -19.06 36.63
C HIS A 525 -67.42 -18.21 35.35
N GLY A 526 -66.90 -16.99 35.50
CA GLY A 526 -66.55 -16.13 34.36
C GLY A 526 -65.76 -16.90 33.31
N TYR A 527 -64.58 -17.38 33.72
CA TYR A 527 -63.71 -18.20 32.86
C TYR A 527 -64.51 -19.33 32.18
N GLU A 528 -65.24 -20.09 32.99
CA GLU A 528 -66.07 -21.22 32.53
C GLU A 528 -67.01 -20.82 31.41
N ARG A 529 -67.72 -19.72 31.60
CA ARG A 529 -68.62 -19.19 30.58
C ARG A 529 -67.86 -18.69 29.34
N GLY A 530 -66.78 -17.93 29.58
CA GLY A 530 -65.85 -17.52 28.52
C GLY A 530 -65.43 -18.71 27.66
N VAL A 531 -64.87 -19.72 28.31
CA VAL A 531 -64.42 -20.94 27.61
C VAL A 531 -65.57 -21.50 26.77
N ALA A 532 -66.77 -21.57 27.37
CA ALA A 532 -67.96 -22.14 26.73
C ALA A 532 -68.28 -21.54 25.37
N SER A 533 -68.27 -20.21 25.34
CA SER A 533 -68.41 -19.44 24.11
C SER A 533 -67.33 -19.77 23.07
N ILE A 534 -66.07 -19.85 23.52
CA ILE A 534 -64.93 -20.18 22.60
C ILE A 534 -65.19 -21.50 21.88
N LEU A 535 -65.77 -22.46 22.61
CA LEU A 535 -66.14 -23.78 22.06
C LEU A 535 -67.33 -23.74 21.09
N LYS A 536 -68.21 -22.77 21.30
CA LYS A 536 -69.40 -22.59 20.46
C LYS A 536 -69.00 -22.06 19.08
N HIS A 537 -68.44 -20.86 19.08
CA HIS A 537 -68.16 -20.13 17.83
C HIS A 537 -66.90 -20.70 17.20
N ARG A 538 -65.82 -20.75 17.97
CA ARG A 538 -64.66 -21.63 17.65
C ARG A 538 -63.84 -21.18 16.42
N ALA A 539 -64.44 -21.32 15.24
CA ALA A 539 -63.84 -20.89 13.96
C ALA A 539 -63.08 -19.55 13.97
N PRO A 540 -63.67 -18.47 14.56
CA PRO A 540 -62.89 -17.21 14.65
C PRO A 540 -61.54 -17.38 15.38
N TYR A 541 -61.56 -18.16 16.46
CA TYR A 541 -60.42 -18.31 17.35
C TYR A 541 -59.32 -19.19 16.73
N LEU A 542 -59.71 -20.22 16.00
CA LEU A 542 -58.71 -21.05 15.29
C LEU A 542 -57.83 -20.28 14.29
N LEU A 543 -58.31 -19.14 13.79
CA LEU A 543 -57.51 -18.28 12.93
C LEU A 543 -56.79 -17.22 13.73
N ILE A 544 -57.43 -16.68 14.78
CA ILE A 544 -56.74 -15.75 15.74
C ILE A 544 -55.44 -16.41 16.22
N TYR A 545 -55.49 -17.73 16.35
CA TYR A 545 -54.30 -18.52 16.61
C TYR A 545 -53.25 -18.44 15.49
N VAL A 546 -53.65 -18.73 14.24
CA VAL A 546 -52.69 -18.75 13.10
C VAL A 546 -51.95 -17.41 12.94
N VAL A 547 -52.67 -16.33 13.23
CA VAL A 547 -52.08 -14.98 13.36
C VAL A 547 -50.94 -15.02 14.38
N ILE A 548 -51.17 -15.68 15.52
CA ILE A 548 -50.11 -15.80 16.55
C ILE A 548 -48.90 -16.66 16.07
N VAL A 549 -49.17 -17.79 15.43
CA VAL A 549 -48.11 -18.57 14.77
C VAL A 549 -47.38 -17.74 13.72
N ALA A 550 -48.12 -16.83 13.08
CA ALA A 550 -47.56 -15.86 12.15
C ALA A 550 -46.80 -14.75 12.88
N GLY A 551 -47.39 -14.20 13.94
CA GLY A 551 -46.77 -13.15 14.75
C GLY A 551 -45.51 -13.64 15.48
N MET A 552 -45.51 -14.92 15.84
CA MET A 552 -44.35 -15.58 16.41
C MET A 552 -43.24 -15.72 15.38
N ILE A 553 -43.54 -16.32 14.22
CA ILE A 553 -42.57 -16.48 13.12
C ILE A 553 -41.90 -15.16 12.74
N TRP A 554 -42.62 -14.07 12.96
CA TRP A 554 -42.15 -12.72 12.66
C TRP A 554 -41.18 -12.16 13.71
N MET A 555 -41.62 -12.10 14.96
CA MET A 555 -40.77 -11.67 16.07
C MET A 555 -39.37 -12.33 16.07
N PHE A 556 -39.26 -13.55 15.53
CA PHE A 556 -37.95 -14.24 15.38
C PHE A 556 -36.96 -13.56 14.43
N THR A 557 -37.45 -12.76 13.50
CA THR A 557 -36.57 -11.94 12.64
C THR A 557 -36.15 -10.67 13.33
N ARG A 558 -36.97 -10.16 14.24
CA ARG A 558 -36.76 -8.84 14.88
C ARG A 558 -35.91 -8.90 16.13
N ILE A 559 -34.89 -9.73 16.08
CA ILE A 559 -34.13 -10.06 17.28
C ILE A 559 -32.68 -10.41 16.87
N PRO A 560 -31.71 -9.65 17.43
CA PRO A 560 -30.31 -9.97 17.14
C PRO A 560 -29.88 -11.24 17.90
N THR A 561 -29.08 -12.07 17.25
CA THR A 561 -28.63 -13.33 17.82
C THR A 561 -27.22 -13.19 18.40
N ALA A 562 -27.06 -13.51 19.69
CA ALA A 562 -25.77 -13.58 20.37
C ALA A 562 -25.58 -14.90 21.12
N PHE A 563 -24.34 -15.37 21.23
CA PHE A 563 -24.00 -16.43 22.18
C PHE A 563 -23.50 -15.76 23.43
N LEU A 564 -24.32 -15.72 24.48
CA LEU A 564 -23.94 -15.03 25.76
C LEU A 564 -23.82 -13.49 25.66
N PRO A 565 -24.51 -12.74 26.55
CA PRO A 565 -24.53 -11.29 26.46
C PRO A 565 -23.32 -10.63 27.16
N ASP A 566 -23.05 -9.36 26.81
CA ASP A 566 -22.01 -8.59 27.47
C ASP A 566 -22.42 -8.33 28.92
N GLU A 567 -21.48 -8.52 29.83
CA GLU A 567 -21.66 -8.24 31.26
C GLU A 567 -20.72 -7.08 31.59
N ASP A 568 -20.95 -6.46 32.75
CA ASP A 568 -20.17 -5.34 33.20
C ASP A 568 -18.75 -5.75 33.69
N GLN A 569 -18.70 -6.63 34.69
CA GLN A 569 -17.41 -7.08 35.31
C GLN A 569 -16.47 -6.07 35.98
N GLY A 570 -16.97 -4.89 36.34
CA GLY A 570 -16.24 -3.97 37.24
C GLY A 570 -14.78 -3.68 36.89
N VAL A 571 -14.46 -3.71 35.59
CA VAL A 571 -13.10 -3.52 35.12
C VAL A 571 -13.16 -2.88 33.76
N LEU A 572 -12.23 -1.96 33.53
CA LEU A 572 -12.13 -1.25 32.25
C LEU A 572 -10.68 -1.22 31.80
N PHE A 573 -10.47 -1.39 30.51
CA PHE A 573 -9.15 -1.23 29.91
C PHE A 573 -9.06 0.09 29.17
N ALA A 574 -7.83 0.51 28.90
CA ALA A 574 -7.53 1.77 28.22
C ALA A 574 -6.24 1.59 27.49
N GLN A 575 -6.28 1.66 26.16
CA GLN A 575 -5.09 1.51 25.32
C GLN A 575 -4.63 2.86 24.73
N VAL A 576 -3.32 3.05 24.58
CA VAL A 576 -2.68 4.32 24.17
C VAL A 576 -1.52 4.08 23.21
N GLN A 577 -1.58 4.63 21.99
CA GLN A 577 -0.45 4.53 21.05
C GLN A 577 -0.15 5.90 20.48
N THR A 578 0.89 6.54 20.98
CA THR A 578 1.43 7.77 20.40
C THR A 578 1.97 7.45 19.00
N PRO A 579 2.27 8.49 18.19
CA PRO A 579 2.63 8.18 16.79
C PRO A 579 4.03 7.58 16.64
N PRO A 580 4.29 6.92 15.51
CA PRO A 580 5.54 6.22 15.22
C PRO A 580 6.79 6.99 15.59
N GLY A 581 7.82 6.27 16.02
CA GLY A 581 9.04 6.89 16.55
C GLY A 581 8.90 7.73 17.81
N SER A 582 7.67 7.96 18.28
CA SER A 582 7.44 8.70 19.53
C SER A 582 8.28 8.13 20.67
N SER A 583 8.99 9.02 21.35
CA SER A 583 9.73 8.64 22.54
C SER A 583 8.76 8.27 23.66
N ALA A 584 9.32 7.54 24.62
CA ALA A 584 8.61 7.09 25.79
C ALA A 584 8.24 8.24 26.73
N GLU A 585 8.89 9.39 26.59
CA GLU A 585 8.53 10.52 27.41
C GLU A 585 7.26 11.21 26.93
N ARG A 586 7.00 11.22 25.62
CA ARG A 586 5.73 11.80 25.10
C ARG A 586 4.55 11.00 25.65
N THR A 587 4.62 9.68 25.47
CA THR A 587 3.58 8.72 25.89
C THR A 587 3.17 8.89 27.35
N GLN A 588 4.17 8.98 28.22
CA GLN A 588 3.92 9.17 29.64
C GLN A 588 2.91 10.30 29.93
N VAL A 589 2.87 11.30 29.05
CA VAL A 589 2.10 12.53 29.27
C VAL A 589 0.65 12.29 28.89
N VAL A 590 0.46 11.53 27.82
CA VAL A 590 -0.86 11.07 27.42
C VAL A 590 -1.46 10.24 28.54
N VAL A 591 -0.75 9.20 28.95
CA VAL A 591 -1.29 8.26 29.95
C VAL A 591 -1.55 8.97 31.27
N ASP A 592 -0.76 10.02 31.57
CA ASP A 592 -0.96 10.83 32.79
C ASP A 592 -2.19 11.72 32.72
N SER A 593 -2.29 12.51 31.65
CA SER A 593 -3.52 13.26 31.36
C SER A 593 -4.74 12.34 31.36
N MET A 594 -4.57 11.17 30.76
CA MET A 594 -5.60 10.14 30.72
C MET A 594 -5.98 9.60 32.10
N ARG A 595 -4.97 9.33 32.91
CA ARG A 595 -5.18 8.93 34.30
C ARG A 595 -5.86 10.02 35.13
N GLU A 596 -5.48 11.29 34.93
CA GLU A 596 -6.05 12.43 35.66
C GLU A 596 -7.55 12.62 35.37
N TYR A 597 -7.92 12.44 34.10
CA TYR A 597 -9.31 12.51 33.71
C TYR A 597 -10.12 11.55 34.56
N LEU A 598 -9.92 10.25 34.35
CA LEU A 598 -10.74 9.20 34.99
C LEU A 598 -10.69 9.39 36.50
N LEU A 599 -9.48 9.43 37.02
CA LEU A 599 -9.29 9.43 38.45
C LEU A 599 -9.92 10.68 39.14
N GLU A 600 -9.84 11.84 38.49
CA GLU A 600 -10.33 13.11 39.07
C GLU A 600 -11.76 13.45 38.60
N LYS A 601 -11.98 13.39 37.28
CA LYS A 601 -13.31 13.67 36.65
C LYS A 601 -14.18 12.41 36.37
N GLU A 602 -14.01 11.34 37.14
CA GLU A 602 -14.92 10.14 37.09
C GLU A 602 -15.12 9.42 38.42
N SER A 603 -14.61 9.95 39.53
CA SER A 603 -14.64 9.28 40.85
C SER A 603 -15.88 8.42 41.14
N SER A 604 -17.04 8.84 40.61
CA SER A 604 -18.29 8.06 40.71
C SER A 604 -18.10 6.55 40.55
N SER A 605 -17.66 6.12 39.35
CA SER A 605 -17.37 4.70 39.01
C SER A 605 -15.87 4.28 39.18
N VAL A 606 -14.96 5.04 38.59
CA VAL A 606 -13.55 4.66 38.57
C VAL A 606 -12.93 4.72 39.98
N SER A 607 -12.38 3.58 40.41
CA SER A 607 -11.78 3.42 41.75
C SER A 607 -10.26 3.50 41.80
N SER A 608 -9.60 3.16 40.69
CA SER A 608 -8.13 3.29 40.62
C SER A 608 -7.65 3.10 39.19
N VAL A 609 -6.53 3.73 38.86
CA VAL A 609 -5.94 3.60 37.55
C VAL A 609 -4.50 3.18 37.73
N PHE A 610 -4.18 2.00 37.18
CA PHE A 610 -2.83 1.44 37.22
C PHE A 610 -2.42 1.41 35.77
N THR A 611 -1.40 2.19 35.43
CA THR A 611 -1.00 2.45 34.04
C THR A 611 0.39 1.90 33.87
N VAL A 612 0.62 1.38 32.67
CA VAL A 612 1.93 0.83 32.28
C VAL A 612 2.23 1.41 30.91
N THR A 613 3.52 1.73 30.72
CA THR A 613 4.12 2.19 29.46
C THR A 613 5.14 1.21 28.92
N GLY A 614 5.23 1.05 27.62
CA GLY A 614 6.13 0.07 27.02
C GLY A 614 5.42 -1.21 26.63
N PHE A 615 4.15 -1.33 27.04
CA PHE A 615 3.37 -2.53 26.83
C PHE A 615 1.90 -2.20 26.57
N ASN A 616 1.35 -2.94 25.62
CA ASN A 616 -0.06 -2.95 25.23
C ASN A 616 -0.47 -4.33 24.78
N PHE A 617 -1.78 -4.54 24.71
CA PHE A 617 -2.32 -5.68 23.98
C PHE A 617 -1.99 -5.64 22.47
N ALA A 618 -1.84 -4.45 21.93
CA ALA A 618 -1.40 -4.26 20.54
C ALA A 618 0.11 -4.39 20.32
N GLY A 619 0.90 -4.02 21.31
CA GLY A 619 2.35 -4.11 21.17
C GLY A 619 3.16 -3.43 22.26
N ARG A 620 4.45 -3.28 21.94
CA ARG A 620 5.45 -2.88 22.91
C ARG A 620 6.17 -1.60 22.49
N GLY A 621 7.37 -1.37 22.99
CA GLY A 621 8.12 -0.21 22.61
C GLY A 621 7.58 1.06 23.21
N GLN A 622 8.34 2.14 22.99
CA GLN A 622 8.15 3.41 23.68
C GLN A 622 6.89 4.12 23.24
N SER A 623 6.30 3.72 22.11
CA SER A 623 4.99 4.27 21.71
C SER A 623 3.77 3.66 22.42
N SER A 624 3.90 2.41 22.89
CA SER A 624 2.78 1.65 23.44
C SER A 624 2.60 1.89 24.91
N GLY A 625 1.35 1.99 25.36
CA GLY A 625 1.03 2.19 26.78
C GLY A 625 -0.43 1.86 27.02
N MET A 626 -0.79 1.31 28.17
CA MET A 626 -2.20 1.01 28.49
C MET A 626 -2.53 1.38 29.92
N ALA A 627 -3.80 1.27 30.27
CA ALA A 627 -4.24 1.37 31.68
C ALA A 627 -5.15 0.22 32.11
N PHE A 628 -5.12 -0.03 33.41
CA PHE A 628 -5.91 -1.07 34.08
C PHE A 628 -6.86 -0.36 35.05
N ILE A 629 -8.11 -0.27 34.65
CA ILE A 629 -9.03 0.57 35.37
C ILE A 629 -9.93 -0.33 36.17
N MET A 630 -9.77 -0.24 37.47
CA MET A 630 -10.57 -0.97 38.41
C MET A 630 -11.74 -0.06 38.83
N LEU A 631 -12.96 -0.39 38.39
CA LEU A 631 -14.17 0.31 38.83
C LEU A 631 -14.43 -0.09 40.26
N LYS A 632 -15.21 0.75 40.96
CA LYS A 632 -15.57 0.48 42.35
C LYS A 632 -16.72 -0.45 42.30
N PRO A 633 -16.96 -1.19 43.39
CA PRO A 633 -17.98 -2.21 43.29
C PRO A 633 -19.38 -1.67 42.96
N TRP A 634 -20.24 -2.60 42.63
CA TRP A 634 -21.52 -2.43 41.92
C TRP A 634 -22.53 -1.67 42.76
N GLU A 635 -22.57 -2.03 44.05
CA GLU A 635 -23.30 -1.34 45.10
C GLU A 635 -22.53 -0.15 45.71
N GLU A 636 -21.57 0.38 44.97
CA GLU A 636 -20.94 1.67 45.25
C GLU A 636 -21.16 2.64 44.05
N ARG A 637 -21.88 2.20 43.02
CA ARG A 637 -22.02 2.93 41.76
C ARG A 637 -23.26 2.51 40.92
N PRO A 638 -24.48 2.67 41.48
CA PRO A 638 -25.70 2.24 40.77
C PRO A 638 -26.13 3.17 39.62
N GLY A 639 -27.31 2.88 39.06
CA GLY A 639 -27.79 3.59 37.87
C GLY A 639 -26.96 3.20 36.65
N GLY A 640 -27.63 3.09 35.50
CA GLY A 640 -26.94 2.71 34.25
C GLY A 640 -25.97 3.76 33.74
N GLU A 641 -25.83 4.85 34.49
CA GLU A 641 -24.96 5.97 34.16
C GLU A 641 -23.56 5.72 34.73
N ASN A 642 -23.48 5.22 35.95
CA ASN A 642 -22.23 4.73 36.49
C ASN A 642 -21.92 3.29 36.04
N SER A 643 -22.39 2.87 34.87
CA SER A 643 -22.03 1.55 34.36
C SER A 643 -20.59 1.62 33.81
N VAL A 644 -20.26 0.69 32.93
CA VAL A 644 -18.94 0.59 32.36
C VAL A 644 -18.99 0.99 30.89
N PHE A 645 -19.99 0.51 30.14
CA PHE A 645 -20.10 0.82 28.71
C PHE A 645 -20.49 2.31 28.52
N GLU A 646 -21.33 2.77 29.43
CA GLU A 646 -21.70 4.19 29.54
C GLU A 646 -20.55 5.05 30.12
N LEU A 647 -19.53 4.40 30.70
CA LEU A 647 -18.24 5.02 31.04
C LEU A 647 -17.27 4.88 29.87
N ALA A 648 -17.31 3.76 29.17
CA ALA A 648 -16.43 3.49 28.04
C ALA A 648 -16.48 4.59 27.01
N LYS A 649 -17.68 4.90 26.50
CA LYS A 649 -17.87 5.91 25.43
C LYS A 649 -17.85 7.34 25.95
N ARG A 650 -18.38 7.53 27.15
CA ARG A 650 -18.20 8.77 27.90
C ARG A 650 -16.72 9.11 28.29
N ALA A 651 -15.77 8.28 27.89
CA ALA A 651 -14.33 8.60 27.89
C ALA A 651 -13.65 8.32 26.55
N GLN A 652 -14.41 7.76 25.61
CA GLN A 652 -13.95 7.51 24.28
C GLN A 652 -13.91 8.81 23.48
N MET A 653 -14.89 9.68 23.73
CA MET A 653 -14.92 10.99 23.11
C MET A 653 -13.76 11.84 23.59
N HIS A 654 -13.52 11.84 24.90
CA HIS A 654 -12.46 12.67 25.50
C HIS A 654 -11.14 12.65 24.70
N PHE A 655 -10.62 11.47 24.38
CA PHE A 655 -9.28 11.39 23.76
C PHE A 655 -9.20 10.83 22.35
N PHE A 656 -10.05 9.88 21.96
CA PHE A 656 -10.01 9.40 20.55
C PHE A 656 -10.27 10.56 19.57
N SER A 657 -10.76 11.68 20.10
CA SER A 657 -10.68 13.00 19.44
C SER A 657 -9.40 13.83 19.74
N PHE A 658 -8.24 13.16 19.78
CA PHE A 658 -6.90 13.84 19.82
C PHE A 658 -6.09 13.34 18.63
N LYS A 659 -5.51 14.27 17.88
CA LYS A 659 -4.49 13.89 16.90
C LYS A 659 -3.18 13.60 17.65
N ASP A 660 -3.09 14.05 18.90
CA ASP A 660 -1.98 13.71 19.79
C ASP A 660 -1.65 12.18 19.84
N ALA A 661 -2.67 11.37 20.12
CA ALA A 661 -2.53 9.89 20.22
C ALA A 661 -3.91 9.20 20.34
N MET A 662 -4.08 8.03 19.70
CA MET A 662 -5.32 7.20 19.90
C MET A 662 -5.43 6.65 21.32
N VAL A 663 -6.64 6.67 21.88
CA VAL A 663 -6.86 6.26 23.27
C VAL A 663 -8.12 5.38 23.33
N PHE A 664 -8.14 4.36 22.49
CA PHE A 664 -9.25 3.41 22.43
C PHE A 664 -9.50 2.64 23.76
N ALA A 665 -10.48 3.11 24.54
CA ALA A 665 -10.85 2.46 25.83
C ALA A 665 -12.03 1.50 25.65
N PHE A 666 -11.94 0.33 26.30
CA PHE A 666 -12.89 -0.78 26.08
C PHE A 666 -12.96 -1.75 27.25
N ALA A 667 -14.03 -2.54 27.28
CA ALA A 667 -14.27 -3.53 28.36
C ALA A 667 -14.10 -4.96 27.87
N PRO A 668 -13.73 -5.90 28.77
CA PRO A 668 -13.52 -7.30 28.34
C PRO A 668 -14.83 -8.10 28.10
N PRO A 669 -14.75 -9.23 27.35
CA PRO A 669 -15.94 -10.03 27.07
C PRO A 669 -16.58 -10.74 28.26
N SER A 670 -17.70 -11.38 27.98
CA SER A 670 -18.52 -12.08 28.98
C SER A 670 -17.70 -13.18 29.70
N VAL A 671 -17.02 -13.97 28.88
CA VAL A 671 -16.12 -15.03 29.34
C VAL A 671 -14.67 -14.64 29.02
N LEU A 672 -13.90 -14.29 30.06
CA LEU A 672 -12.57 -13.69 29.89
C LEU A 672 -11.53 -14.68 29.31
N GLU A 673 -11.65 -15.94 29.74
CA GLU A 673 -10.88 -17.11 29.22
C GLU A 673 -10.49 -17.05 27.70
N LEU A 674 -11.35 -16.42 26.88
CA LEU A 674 -11.09 -16.22 25.43
C LEU A 674 -11.28 -14.78 24.95
N GLY A 675 -10.18 -14.06 24.70
CA GLY A 675 -10.25 -12.68 24.20
C GLY A 675 -9.36 -11.58 24.78
N ASN A 676 -9.75 -11.06 25.95
CA ASN A 676 -9.49 -9.64 26.39
C ASN A 676 -10.31 -8.57 25.64
N ALA A 677 -11.07 -8.97 24.62
CA ALA A 677 -11.72 -8.03 23.71
C ALA A 677 -12.84 -8.73 22.92
N THR A 678 -13.96 -8.02 22.76
CA THR A 678 -15.19 -8.59 22.16
C THR A 678 -15.19 -8.47 20.63
N GLY A 679 -16.27 -8.92 19.99
CA GLY A 679 -16.44 -8.77 18.54
C GLY A 679 -15.68 -9.86 17.81
N PHE A 680 -15.12 -9.54 16.65
CA PHE A 680 -14.45 -10.53 15.79
C PHE A 680 -12.90 -10.41 15.79
N ASP A 681 -12.24 -11.37 15.13
CA ASP A 681 -10.78 -11.50 15.09
C ASP A 681 -10.38 -12.34 13.86
N LEU A 682 -9.29 -11.98 13.18
CA LEU A 682 -8.76 -12.76 12.03
C LEU A 682 -7.37 -12.26 11.59
N PHE A 683 -6.76 -12.99 10.64
CA PHE A 683 -5.39 -12.71 10.20
C PHE A 683 -5.37 -12.72 8.69
N LEU A 684 -4.75 -11.70 8.09
CA LEU A 684 -4.50 -11.67 6.66
C LEU A 684 -3.12 -12.24 6.50
N GLN A 685 -2.89 -13.13 5.54
CA GLN A 685 -1.60 -13.85 5.42
C GLN A 685 -0.85 -13.50 4.13
N ASP A 686 0.12 -14.31 3.73
CA ASP A 686 1.03 -14.05 2.63
C ASP A 686 1.45 -15.45 2.17
N GLN A 687 0.62 -16.10 1.36
CA GLN A 687 0.95 -17.45 0.82
C GLN A 687 1.94 -17.47 -0.38
N ALA A 688 2.12 -16.30 -1.00
CA ALA A 688 2.99 -16.16 -2.18
C ALA A 688 4.46 -15.79 -1.89
N GLY A 689 4.72 -15.28 -0.68
CA GLY A 689 6.00 -14.63 -0.36
C GLY A 689 6.12 -13.34 -1.15
N VAL A 690 5.01 -12.58 -1.18
CA VAL A 690 4.96 -11.24 -1.78
C VAL A 690 5.92 -10.30 -1.08
N GLY A 691 6.09 -10.51 0.23
CA GLY A 691 6.83 -9.59 1.10
C GLY A 691 5.99 -8.59 1.90
N HIS A 692 6.68 -7.94 2.83
CA HIS A 692 6.03 -7.14 3.84
C HIS A 692 5.14 -6.06 3.23
N GLU A 693 5.64 -5.37 2.18
CA GLU A 693 5.07 -4.09 1.70
C GLU A 693 3.65 -4.29 1.22
N VAL A 694 3.46 -5.26 0.33
CA VAL A 694 2.12 -5.62 -0.20
C VAL A 694 1.10 -5.90 0.92
N LEU A 695 1.45 -6.86 1.79
CA LEU A 695 0.62 -7.29 2.91
C LEU A 695 0.27 -6.11 3.81
N LEU A 696 1.22 -5.21 3.99
CA LEU A 696 0.97 -3.97 4.75
C LEU A 696 -0.08 -3.12 4.07
N GLN A 697 0.06 -2.93 2.75
CA GLN A 697 -0.96 -2.23 1.96
C GLN A 697 -2.32 -2.97 2.04
N ALA A 698 -2.30 -4.28 1.78
CA ALA A 698 -3.47 -5.15 1.96
C ALA A 698 -4.19 -4.91 3.29
N ARG A 699 -3.46 -4.81 4.39
CA ARG A 699 -4.08 -4.48 5.67
C ARG A 699 -4.91 -3.17 5.62
N ASN A 700 -4.37 -2.15 4.95
CA ASN A 700 -5.01 -0.81 4.87
C ASN A 700 -6.14 -0.75 3.89
N LYS A 701 -5.86 -1.28 2.70
CA LYS A 701 -6.88 -1.55 1.70
C LYS A 701 -8.13 -2.12 2.37
N PHE A 702 -7.92 -3.20 3.14
CA PHE A 702 -8.95 -3.92 3.86
C PHE A 702 -9.48 -3.05 4.99
N LEU A 703 -8.57 -2.47 5.77
CA LEU A 703 -8.98 -1.63 6.92
C LEU A 703 -9.97 -0.55 6.49
N MET A 704 -9.75 -0.02 5.29
CA MET A 704 -10.56 1.06 4.72
C MET A 704 -11.75 0.56 3.87
N LEU A 705 -11.52 -0.43 2.98
CA LEU A 705 -12.65 -1.12 2.24
C LEU A 705 -13.82 -1.49 3.17
N ALA A 706 -13.47 -1.97 4.37
CA ALA A 706 -14.44 -2.35 5.39
C ALA A 706 -14.80 -1.20 6.35
N ALA A 707 -14.38 0.02 6.02
CA ALA A 707 -14.88 1.24 6.65
C ALA A 707 -16.14 1.74 5.90
N GLN A 708 -16.22 1.41 4.62
CA GLN A 708 -17.39 1.66 3.79
C GLN A 708 -18.22 0.37 3.77
N ASN A 709 -18.78 0.06 4.94
CA ASN A 709 -19.59 -1.14 5.17
C ASN A 709 -20.18 -1.07 6.59
N PRO A 710 -21.45 -0.63 6.74
CA PRO A 710 -21.99 -0.35 8.08
C PRO A 710 -22.26 -1.57 8.95
N ALA A 711 -22.27 -2.78 8.37
CA ALA A 711 -22.29 -4.06 9.13
C ALA A 711 -21.29 -4.13 10.30
N LEU A 712 -20.16 -3.41 10.15
CA LEU A 712 -19.08 -3.32 11.13
C LEU A 712 -19.15 -2.08 12.04
N GLN A 713 -18.18 -1.98 12.94
CA GLN A 713 -18.05 -0.86 13.89
C GLN A 713 -16.78 -1.13 14.66
N ARG A 714 -15.65 -0.65 14.13
CA ARG A 714 -14.34 -0.69 14.81
C ARG A 714 -13.38 -1.72 14.23
N VAL A 715 -13.58 -2.13 12.97
CA VAL A 715 -12.58 -2.93 12.24
C VAL A 715 -11.16 -2.31 12.29
N ARG A 716 -10.46 -2.52 13.41
CA ARG A 716 -9.10 -1.98 13.62
C ARG A 716 -8.01 -3.04 13.36
N PRO A 717 -6.72 -2.70 13.64
CA PRO A 717 -5.69 -3.71 13.67
C PRO A 717 -5.16 -3.96 15.09
N ASN A 718 -4.53 -5.10 15.26
CA ASN A 718 -3.90 -5.44 16.54
C ASN A 718 -2.39 -5.40 16.43
N GLY A 719 -1.86 -5.04 15.26
CA GLY A 719 -0.43 -4.81 15.08
C GLY A 719 -0.02 -3.39 15.41
N MET A 720 1.12 -3.01 14.87
CA MET A 720 1.69 -1.68 14.96
C MET A 720 1.75 -1.11 13.53
N SER A 721 1.62 0.22 13.42
CA SER A 721 2.01 0.95 12.19
C SER A 721 3.52 0.85 11.99
N ASP A 722 3.98 0.68 10.76
CA ASP A 722 5.44 0.80 10.47
C ASP A 722 5.97 2.14 10.96
N GLU A 723 7.28 2.24 11.07
CA GLU A 723 7.90 3.45 11.64
C GLU A 723 9.25 3.66 11.04
N PRO A 724 9.75 4.92 11.10
CA PRO A 724 11.05 5.15 10.48
C PRO A 724 12.15 4.52 11.33
N GLN A 725 12.94 3.70 10.67
CA GLN A 725 14.08 3.06 11.27
C GLN A 725 15.35 3.62 10.63
N TYR A 726 16.50 3.28 11.22
CA TYR A 726 17.79 3.85 10.83
C TYR A 726 18.80 2.76 10.46
N LYS A 727 18.93 2.44 9.17
CA LYS A 727 19.93 1.45 8.71
C LYS A 727 21.32 2.05 8.81
N LEU A 728 22.26 1.18 9.12
CA LEU A 728 23.65 1.51 9.28
C LEU A 728 24.35 0.70 8.22
N GLU A 729 25.21 1.33 7.44
CA GLU A 729 25.84 0.69 6.30
C GLU A 729 27.30 0.80 6.52
N ILE A 730 27.95 -0.31 6.80
CA ILE A 730 29.39 -0.31 7.04
C ILE A 730 30.08 -0.74 5.72
N ASP A 731 30.97 0.12 5.20
CA ASP A 731 31.76 -0.20 4.00
C ASP A 731 32.82 -1.24 4.37
N ASP A 732 32.58 -2.50 4.01
CA ASP A 732 33.60 -3.54 4.11
C ASP A 732 34.86 -3.12 3.31
N GLU A 733 34.69 -2.24 2.33
CA GLU A 733 35.78 -1.64 1.56
C GLU A 733 36.69 -0.81 2.46
N LYS A 734 36.19 0.33 2.92
CA LYS A 734 36.97 1.29 3.70
C LYS A 734 37.54 0.60 4.93
N ALA A 735 36.65 0.05 5.75
CA ALA A 735 37.02 -0.63 7.00
C ALA A 735 38.15 -1.63 6.85
N SER A 736 38.12 -2.41 5.77
CA SER A 736 39.15 -3.42 5.51
C SER A 736 40.54 -2.82 5.38
N ALA A 737 40.65 -1.75 4.60
CA ALA A 737 41.92 -1.04 4.47
C ALA A 737 42.42 -0.47 5.79
N LEU A 738 41.56 0.26 6.51
CA LEU A 738 41.90 0.87 7.83
C LEU A 738 42.45 -0.16 8.85
N GLY A 739 42.07 -1.42 8.66
CA GLY A 739 42.58 -2.57 9.44
C GLY A 739 41.42 -3.30 10.10
N VAL A 740 40.67 -2.53 10.88
CA VAL A 740 39.43 -2.93 11.55
C VAL A 740 38.78 -4.24 11.05
N SER A 741 38.74 -5.26 11.91
CA SER A 741 38.06 -6.51 11.62
C SER A 741 36.54 -6.30 11.71
N LEU A 742 35.80 -7.12 10.98
CA LEU A 742 34.33 -6.96 10.94
C LEU A 742 33.71 -7.39 12.29
N ALA A 743 34.32 -8.42 12.89
CA ALA A 743 33.96 -8.85 14.24
C ALA A 743 34.01 -7.71 15.26
N ASP A 744 35.14 -7.00 15.35
CA ASP A 744 35.27 -5.84 16.30
C ASP A 744 34.24 -4.72 16.06
N ILE A 745 33.84 -4.55 14.79
CA ILE A 745 32.82 -3.57 14.43
C ILE A 745 31.49 -4.04 15.04
N ASN A 746 31.04 -5.20 14.57
CA ASN A 746 29.74 -5.73 14.97
C ASN A 746 29.67 -5.94 16.47
N SER A 747 30.78 -6.39 17.03
CA SER A 747 30.97 -6.47 18.47
C SER A 747 30.86 -5.11 19.20
N THR A 748 31.48 -4.06 18.67
CA THR A 748 31.33 -2.70 19.25
C THR A 748 29.88 -2.20 19.24
N VAL A 749 29.16 -2.57 18.16
CA VAL A 749 27.79 -2.14 17.88
C VAL A 749 26.74 -2.75 18.83
N SER A 750 26.74 -4.08 18.88
CA SER A 750 25.91 -4.85 19.80
C SER A 750 26.11 -4.42 21.24
N ILE A 751 27.37 -4.44 21.67
CA ILE A 751 27.67 -4.11 23.05
C ILE A 751 27.26 -2.68 23.34
N ALA A 752 27.61 -1.73 22.46
CA ALA A 752 27.44 -0.32 22.78
C ALA A 752 25.99 0.20 22.69
N TRP A 753 25.29 -0.17 21.61
CA TRP A 753 23.91 0.31 21.38
C TRP A 753 22.87 -0.74 21.78
N GLY A 754 23.13 -1.99 21.39
CA GLY A 754 22.28 -3.15 21.72
C GLY A 754 22.13 -3.49 23.18
N SER A 755 23.20 -3.23 23.93
CA SER A 755 23.45 -3.73 25.29
C SER A 755 23.83 -5.18 25.21
N SER A 756 24.52 -5.63 26.25
CA SER A 756 25.06 -6.97 26.30
C SER A 756 25.03 -7.58 27.66
N TYR A 757 24.67 -8.86 27.72
CA TYR A 757 24.53 -9.61 28.98
C TYR A 757 25.82 -10.39 29.10
N VAL A 758 26.70 -9.90 29.99
CA VAL A 758 28.08 -10.39 30.10
C VAL A 758 28.17 -11.65 30.96
N ASN A 759 27.69 -11.56 32.21
CA ASN A 759 27.61 -12.71 33.09
C ASN A 759 26.74 -12.39 34.30
N ASP A 760 26.73 -13.24 35.33
CA ASP A 760 25.96 -12.92 36.56
C ASP A 760 26.84 -12.46 37.71
N PHE A 761 26.17 -11.99 38.75
CA PHE A 761 26.76 -11.51 39.98
C PHE A 761 25.77 -11.79 41.09
N ILE A 762 26.13 -11.42 42.32
CA ILE A 762 25.29 -11.66 43.46
C ILE A 762 24.91 -10.38 44.15
N ASP A 763 23.62 -10.25 44.49
CA ASP A 763 23.11 -9.04 45.13
C ASP A 763 22.16 -9.48 46.19
N ARG A 764 22.52 -9.23 47.45
CA ARG A 764 21.74 -9.72 48.59
C ARG A 764 21.34 -11.20 48.46
N GLY A 765 22.27 -12.03 48.00
CA GLY A 765 22.09 -13.45 48.01
C GLY A 765 21.39 -14.06 46.83
N ARG A 766 20.97 -13.23 45.88
CA ARG A 766 20.24 -13.70 44.70
C ARG A 766 21.17 -13.50 43.51
N VAL A 767 21.30 -14.52 42.68
CA VAL A 767 21.91 -14.35 41.36
C VAL A 767 21.04 -13.40 40.53
N LYS A 768 21.72 -12.39 39.99
CA LYS A 768 21.16 -11.37 39.12
C LYS A 768 22.15 -11.17 37.96
N ARG A 769 21.96 -10.17 37.11
CA ARG A 769 22.78 -10.04 35.89
C ARG A 769 23.61 -8.76 35.76
N VAL A 770 24.70 -8.86 35.01
CA VAL A 770 25.46 -7.67 34.67
C VAL A 770 25.30 -7.41 33.17
N TYR A 771 24.74 -6.24 32.88
CA TYR A 771 24.54 -5.78 31.54
C TYR A 771 25.50 -4.61 31.19
N LEU A 772 26.17 -4.71 30.04
CA LEU A 772 27.15 -3.74 29.56
C LEU A 772 26.60 -2.94 28.40
N GLN A 773 26.63 -1.62 28.50
CA GLN A 773 26.17 -0.74 27.42
C GLN A 773 26.74 0.70 27.46
N GLY A 774 26.84 1.30 26.27
CA GLY A 774 27.18 2.72 26.14
C GLY A 774 26.20 3.57 26.93
N ARG A 775 26.72 4.59 27.63
CA ARG A 775 25.89 5.54 28.40
C ARG A 775 24.82 6.22 27.48
N PRO A 776 23.68 6.70 28.08
CA PRO A 776 22.54 7.27 27.30
C PRO A 776 22.94 8.33 26.28
N ASP A 777 23.51 9.42 26.77
CA ASP A 777 24.00 10.54 25.91
C ASP A 777 25.07 10.24 24.83
N ALA A 778 25.55 9.00 24.69
CA ALA A 778 26.33 8.57 23.52
C ALA A 778 25.62 7.66 22.55
N ARG A 779 24.29 7.63 22.61
CA ARG A 779 23.46 6.75 21.74
C ARG A 779 22.00 7.24 21.60
N MET A 780 21.83 8.55 21.53
CA MET A 780 20.49 9.16 21.36
C MET A 780 20.17 9.63 19.93
N ASN A 781 21.18 10.17 19.22
CA ASN A 781 21.00 10.65 17.83
C ASN A 781 22.06 10.10 16.91
N PRO A 782 21.78 9.97 15.61
CA PRO A 782 22.75 9.31 14.71
C PRO A 782 24.14 9.92 14.61
N ASP A 783 24.29 11.18 15.02
CA ASP A 783 25.64 11.77 15.22
C ASP A 783 26.45 11.05 16.29
N ASP A 784 25.76 10.50 17.30
CA ASP A 784 26.38 9.74 18.36
C ASP A 784 27.11 8.47 17.95
N LEU A 785 26.64 7.82 16.90
CA LEU A 785 27.25 6.54 16.49
C LEU A 785 28.66 6.78 15.97
N SER A 786 28.99 8.03 15.72
CA SER A 786 30.31 8.39 15.27
C SER A 786 31.28 8.70 16.42
N LYS A 787 30.75 9.05 17.60
CA LYS A 787 31.52 9.09 18.87
C LYS A 787 32.28 7.81 19.22
N TRP A 788 31.92 6.67 18.64
CA TRP A 788 32.50 5.36 18.99
C TRP A 788 33.69 5.00 18.11
N TYR A 789 34.66 4.32 18.69
CA TYR A 789 35.88 3.87 18.00
C TYR A 789 36.09 2.35 18.08
N VAL A 790 36.74 1.80 17.06
CA VAL A 790 37.02 0.37 16.96
C VAL A 790 38.53 0.38 16.93
N ARG A 791 39.19 -0.78 17.06
CA ARG A 791 40.64 -0.81 16.97
C ARG A 791 41.14 -1.67 15.79
N ASN A 792 41.89 -1.06 14.86
CA ASN A 792 42.54 -1.81 13.76
C ASN A 792 43.65 -2.62 14.33
N ASP A 793 44.24 -3.51 13.52
CA ASP A 793 45.30 -4.41 14.01
C ASP A 793 46.73 -3.79 14.08
N LYS A 794 46.83 -2.47 14.11
CA LYS A 794 48.09 -1.78 14.44
C LYS A 794 47.89 -0.89 15.68
N GLY A 795 46.88 -1.18 16.49
CA GLY A 795 46.68 -0.47 17.76
C GLY A 795 45.93 0.85 17.69
N GLU A 796 45.48 1.25 16.51
CA GLU A 796 44.94 2.59 16.33
C GLU A 796 43.42 2.63 16.35
N MET A 797 42.90 3.78 16.74
CA MET A 797 41.51 3.99 17.07
C MET A 797 40.79 4.63 15.89
N VAL A 798 40.12 3.82 15.08
CA VAL A 798 39.38 4.30 13.92
C VAL A 798 37.95 4.65 14.35
N PRO A 799 37.49 5.92 14.12
CA PRO A 799 36.11 6.32 14.45
C PRO A 799 35.10 5.71 13.49
N PHE A 800 33.88 5.48 13.97
CA PHE A 800 32.88 4.66 13.24
C PHE A 800 32.62 5.20 11.85
N ASN A 801 32.24 6.47 11.83
CA ASN A 801 32.01 7.23 10.59
C ASN A 801 33.21 7.39 9.60
N ALA A 802 34.34 6.78 9.88
CA ALA A 802 35.37 6.60 8.87
C ALA A 802 35.05 5.49 7.89
N PHE A 803 34.14 4.59 8.25
CA PHE A 803 33.83 3.39 7.41
C PHE A 803 32.32 3.05 7.32
N ALA A 804 31.47 3.90 7.88
CA ALA A 804 30.09 3.57 7.96
C ALA A 804 29.28 4.85 7.89
N THR A 805 28.20 4.79 7.12
CA THR A 805 27.22 5.86 7.00
C THR A 805 25.87 5.29 7.37
N GLY A 806 24.91 6.18 7.58
CA GLY A 806 23.54 5.78 7.90
C GLY A 806 22.45 6.44 7.06
N LYS A 807 21.48 5.62 6.64
CA LYS A 807 20.24 6.07 5.99
C LYS A 807 18.97 5.71 6.81
N TRP A 808 17.84 6.38 6.55
CA TRP A 808 16.55 6.00 7.17
C TRP A 808 15.63 5.19 6.25
N GLU A 809 15.44 3.90 6.56
CA GLU A 809 14.42 3.08 5.89
C GLU A 809 13.15 3.05 6.70
N TYR A 810 12.24 2.20 6.26
CA TYR A 810 10.97 1.88 6.92
C TYR A 810 10.89 0.38 7.22
N GLY A 811 10.46 0.09 8.44
CA GLY A 811 10.27 -1.27 8.89
C GLY A 811 9.25 -1.32 10.00
N SER A 812 8.88 -2.55 10.38
CA SER A 812 7.80 -2.72 11.34
C SER A 812 8.40 -3.07 12.68
N PRO A 813 7.76 -2.54 13.74
CA PRO A 813 8.10 -2.82 15.12
C PRO A 813 7.38 -4.05 15.71
N LYS A 814 6.69 -4.84 14.88
CA LYS A 814 5.83 -5.95 15.37
C LYS A 814 5.45 -6.82 14.22
N LEU A 815 6.35 -7.74 13.90
CA LEU A 815 6.18 -8.71 12.83
C LEU A 815 5.48 -9.96 13.39
N GLU A 816 4.16 -10.00 13.14
CA GLU A 816 3.38 -11.20 13.38
C GLU A 816 3.35 -12.23 12.26
N ARG A 817 3.11 -13.48 12.63
CA ARG A 817 2.79 -14.53 11.64
C ARG A 817 1.80 -15.58 12.18
N TYR A 818 0.94 -16.07 11.27
CA TYR A 818 -0.06 -17.11 11.53
C TYR A 818 0.25 -18.34 10.69
N ASN A 819 0.26 -19.50 11.31
CA ASN A 819 0.61 -20.74 10.63
C ASN A 819 1.87 -20.66 9.74
N GLY A 820 2.95 -20.15 10.34
CA GLY A 820 4.28 -20.21 9.72
C GLY A 820 4.50 -19.27 8.57
N VAL A 821 3.73 -18.17 8.56
CA VAL A 821 3.57 -17.29 7.37
C VAL A 821 3.26 -15.86 7.80
N PRO A 822 3.90 -14.87 7.20
CA PRO A 822 3.68 -13.48 7.60
C PRO A 822 2.20 -13.13 7.67
N ALA A 823 1.82 -12.19 8.53
CA ALA A 823 0.42 -11.90 8.64
C ALA A 823 0.08 -10.62 9.41
N MET A 824 -1.23 -10.29 9.47
CA MET A 824 -1.70 -9.11 10.19
C MET A 824 -3.07 -9.33 10.78
N GLU A 825 -3.14 -9.27 12.10
CA GLU A 825 -4.37 -9.50 12.82
C GLU A 825 -5.31 -8.33 12.58
N ILE A 826 -6.61 -8.60 12.65
CA ILE A 826 -7.67 -7.62 12.42
C ILE A 826 -8.78 -7.91 13.42
N LEU A 827 -9.08 -6.96 14.29
CA LEU A 827 -10.13 -7.14 15.30
C LEU A 827 -11.16 -5.97 15.32
N GLY A 828 -12.42 -6.29 15.06
CA GLY A 828 -13.50 -5.31 15.11
C GLY A 828 -14.75 -5.84 15.79
N GLU A 829 -15.89 -5.22 15.49
CA GLU A 829 -17.18 -5.59 16.06
C GLU A 829 -18.28 -5.52 14.98
N PRO A 830 -19.52 -5.89 15.33
CA PRO A 830 -20.67 -5.67 14.45
C PRO A 830 -21.38 -4.33 14.69
N ALA A 831 -22.23 -3.93 13.75
CA ALA A 831 -23.00 -2.69 13.88
C ALA A 831 -24.04 -2.82 14.99
N PRO A 832 -24.04 -1.87 15.96
CA PRO A 832 -24.88 -1.93 17.17
C PRO A 832 -26.34 -2.32 16.91
N GLY A 833 -26.66 -3.59 17.16
CA GLY A 833 -27.99 -4.15 16.89
C GLY A 833 -28.03 -5.30 15.91
N LEU A 834 -27.01 -5.48 15.07
CA LEU A 834 -27.02 -6.52 14.04
C LEU A 834 -26.85 -7.92 14.59
N SER A 835 -25.60 -8.35 14.75
CA SER A 835 -25.25 -9.76 15.04
C SER A 835 -23.77 -9.99 14.76
N SER A 836 -23.11 -10.68 15.68
CA SER A 836 -21.73 -11.14 15.48
C SER A 836 -21.59 -12.07 14.26
N GLY A 837 -22.64 -12.82 13.96
CA GLY A 837 -22.69 -13.65 12.75
C GLY A 837 -22.73 -12.88 11.45
N ASP A 838 -23.47 -11.75 11.47
CA ASP A 838 -23.63 -10.85 10.30
C ASP A 838 -22.36 -10.12 9.92
N ALA A 839 -21.78 -9.42 10.91
CA ALA A 839 -20.48 -8.74 10.77
C ALA A 839 -19.41 -9.57 10.03
N MET A 840 -19.54 -10.89 10.05
CA MET A 840 -18.64 -11.79 9.33
C MET A 840 -19.03 -12.05 7.86
N ALA A 841 -20.33 -11.99 7.55
CA ALA A 841 -20.77 -11.99 6.14
C ALA A 841 -20.08 -10.87 5.35
N ALA A 842 -19.87 -9.72 6.01
CA ALA A 842 -19.09 -8.58 5.49
C ALA A 842 -17.64 -8.91 5.13
N VAL A 843 -16.84 -9.24 6.15
CA VAL A 843 -15.39 -9.49 6.03
C VAL A 843 -15.09 -10.54 4.94
N GLU A 844 -16.03 -11.49 4.78
CA GLU A 844 -15.98 -12.47 3.69
C GLU A 844 -16.02 -11.81 2.29
N GLU A 845 -16.82 -10.74 2.20
CA GLU A 845 -16.91 -9.90 0.99
C GLU A 845 -15.68 -8.99 0.73
N ILE A 846 -15.17 -8.36 1.78
CA ILE A 846 -14.01 -7.43 1.70
C ILE A 846 -12.76 -8.13 1.15
N VAL A 847 -12.49 -9.34 1.63
CA VAL A 847 -11.32 -10.12 1.16
C VAL A 847 -11.30 -10.38 -0.37
N LYS A 848 -12.42 -10.15 -1.04
CA LYS A 848 -12.51 -10.35 -2.48
C LYS A 848 -11.62 -9.39 -3.24
N GLN A 849 -11.72 -8.10 -2.92
CA GLN A 849 -10.87 -7.05 -3.52
C GLN A 849 -9.59 -6.86 -2.68
N LEU A 850 -8.76 -7.90 -2.57
CA LEU A 850 -7.51 -7.81 -1.84
C LEU A 850 -6.37 -8.31 -2.71
N PRO A 851 -5.17 -7.70 -2.56
CA PRO A 851 -4.05 -7.97 -3.47
C PRO A 851 -3.72 -9.46 -3.57
N LYS A 852 -4.24 -10.13 -4.58
CA LYS A 852 -3.92 -11.54 -4.77
C LYS A 852 -2.41 -11.82 -4.57
N GLY A 853 -2.15 -12.98 -3.97
CA GLY A 853 -0.90 -13.28 -3.25
C GLY A 853 -1.19 -13.44 -1.75
N VAL A 854 -2.37 -12.97 -1.30
CA VAL A 854 -2.70 -12.73 0.11
C VAL A 854 -3.92 -13.54 0.58
N GLY A 855 -3.66 -14.66 1.28
CA GLY A 855 -4.69 -15.47 1.94
C GLY A 855 -5.29 -14.85 3.21
N TYR A 856 -5.97 -15.67 3.99
CA TYR A 856 -6.55 -15.27 5.30
C TYR A 856 -6.93 -16.53 6.13
N SER A 857 -7.29 -16.30 7.39
CA SER A 857 -7.68 -17.35 8.36
C SER A 857 -8.45 -16.69 9.48
N TRP A 858 -9.58 -17.25 9.89
CA TRP A 858 -10.28 -16.76 11.09
C TRP A 858 -9.65 -17.42 12.34
N THR A 859 -9.91 -16.85 13.51
CA THR A 859 -9.15 -17.22 14.71
C THR A 859 -9.83 -16.70 15.94
N GLY A 860 -9.35 -17.15 17.10
CA GLY A 860 -9.85 -16.70 18.41
C GLY A 860 -11.33 -16.96 18.60
N LEU A 861 -11.94 -16.14 19.45
CA LEU A 861 -13.41 -16.12 19.66
C LEU A 861 -14.27 -16.33 18.40
N SER A 862 -13.79 -15.89 17.24
CA SER A 862 -14.52 -16.03 15.98
C SER A 862 -14.50 -17.45 15.43
N TYR A 863 -13.31 -18.06 15.34
CA TYR A 863 -13.12 -19.50 15.06
C TYR A 863 -13.99 -20.38 15.97
N GLU A 864 -13.88 -20.08 17.26
CA GLU A 864 -14.55 -20.79 18.35
C GLU A 864 -16.06 -20.88 18.15
N GLU A 865 -16.62 -19.88 17.45
CA GLU A 865 -18.03 -19.86 16.99
C GLU A 865 -18.23 -20.10 15.48
N ARG A 866 -17.23 -19.80 14.66
CA ARG A 866 -17.18 -20.27 13.26
C ARG A 866 -17.44 -21.77 13.16
N LEU A 867 -16.95 -22.52 14.16
CA LEU A 867 -17.23 -23.95 14.32
C LEU A 867 -18.64 -24.17 14.89
N SER A 868 -18.84 -23.68 16.12
CA SER A 868 -20.05 -23.92 16.93
C SER A 868 -21.07 -22.79 16.75
N GLY A 869 -21.52 -22.16 17.85
CA GLY A 869 -22.53 -21.10 17.81
C GLY A 869 -23.95 -21.67 17.82
N GLN A 871 -26.39 -24.04 17.28
CA GLN A 871 -27.61 -24.75 16.89
C GLN A 871 -28.77 -24.41 17.83
N ALA A 872 -29.98 -24.51 17.31
CA ALA A 872 -31.19 -24.00 17.98
C ALA A 872 -32.48 -24.43 17.29
N PRO A 873 -32.59 -24.20 15.96
CA PRO A 873 -33.77 -24.82 15.35
C PRO A 873 -33.71 -26.39 15.26
N ALA A 874 -32.54 -27.01 15.43
CA ALA A 874 -32.46 -28.45 15.68
C ALA A 874 -32.76 -28.78 17.14
N LEU A 875 -32.28 -27.95 18.06
CA LEU A 875 -32.58 -28.10 19.49
C LEU A 875 -34.07 -28.13 19.72
N TYR A 876 -34.77 -27.08 19.24
CA TYR A 876 -36.25 -26.99 19.30
C TYR A 876 -37.01 -28.09 18.54
N ALA A 877 -36.49 -28.47 17.37
CA ALA A 877 -37.08 -29.56 16.59
C ALA A 877 -37.05 -30.86 17.39
N LEU A 878 -35.82 -31.31 17.73
CA LEU A 878 -35.57 -32.52 18.56
C LEU A 878 -36.34 -32.58 19.88
N SER A 879 -36.17 -31.56 20.72
CA SER A 879 -36.91 -31.38 21.97
C SER A 879 -38.43 -31.49 21.81
N LEU A 880 -38.99 -30.89 20.76
CA LEU A 880 -40.40 -31.06 20.47
C LEU A 880 -40.77 -32.48 20.01
N LEU A 881 -39.91 -33.12 19.20
CA LEU A 881 -40.19 -34.51 18.76
C LEU A 881 -40.32 -35.47 19.93
N VAL A 882 -39.54 -35.24 20.97
CA VAL A 882 -39.47 -36.13 22.10
C VAL A 882 -40.70 -35.91 22.96
N VAL A 883 -41.08 -34.66 23.13
CA VAL A 883 -42.20 -34.31 23.99
C VAL A 883 -43.49 -34.81 23.35
N PHE A 884 -43.62 -34.63 22.04
CA PHE A 884 -44.75 -35.21 21.29
C PHE A 884 -44.83 -36.72 21.49
N LEU A 885 -43.68 -37.38 21.37
CA LEU A 885 -43.56 -38.82 21.58
C LEU A 885 -43.95 -39.33 22.99
N CYS A 886 -43.26 -38.84 24.01
CA CYS A 886 -43.66 -39.05 25.39
C CYS A 886 -45.14 -38.79 25.64
N LEU A 887 -45.68 -37.79 24.96
CA LEU A 887 -47.12 -37.49 25.09
C LEU A 887 -48.02 -38.42 24.34
N ALA A 888 -47.61 -38.90 23.19
CA ALA A 888 -48.32 -40.00 22.55
C ALA A 888 -48.43 -41.20 23.51
N ALA A 889 -47.29 -41.60 24.07
CA ALA A 889 -47.22 -42.62 25.11
C ALA A 889 -48.08 -42.31 26.33
N LEU A 890 -47.99 -41.07 26.83
CA LEU A 890 -48.77 -40.69 28.02
C LEU A 890 -50.26 -40.90 27.78
N TYR A 891 -50.75 -40.41 26.65
CA TYR A 891 -52.18 -40.47 26.33
C TYR A 891 -52.60 -41.71 25.54
N GLU A 892 -51.67 -42.63 25.29
CA GLU A 892 -51.95 -43.77 24.41
C GLU A 892 -52.71 -43.30 23.17
N SER A 893 -52.12 -42.35 22.46
CA SER A 893 -52.75 -41.70 21.32
C SER A 893 -51.73 -41.04 20.38
N TRP A 894 -52.22 -40.52 19.27
CA TRP A 894 -51.46 -39.69 18.36
C TRP A 894 -52.09 -38.33 18.12
N SER A 895 -53.41 -38.22 18.25
CA SER A 895 -54.12 -36.96 18.11
C SER A 895 -54.02 -36.15 19.38
N ILE A 896 -54.52 -36.74 20.46
CA ILE A 896 -54.55 -36.11 21.78
C ILE A 896 -53.25 -35.31 22.12
N PRO A 897 -52.04 -35.88 21.85
CA PRO A 897 -50.81 -35.10 22.09
C PRO A 897 -50.69 -33.78 21.34
N PHE A 898 -51.35 -33.63 20.19
CA PHE A 898 -51.40 -32.32 19.49
C PHE A 898 -52.16 -31.25 20.24
N SER A 899 -53.14 -31.65 21.03
CA SER A 899 -53.87 -30.72 21.93
C SER A 899 -52.98 -29.93 22.90
N VAL A 900 -51.80 -30.48 23.19
CA VAL A 900 -50.85 -29.83 24.10
C VAL A 900 -49.68 -29.23 23.30
N MET A 901 -49.23 -29.89 22.23
CA MET A 901 -48.14 -29.34 21.39
C MET A 901 -48.39 -27.95 20.78
N LEU A 902 -49.65 -27.54 20.67
CA LEU A 902 -50.00 -26.25 20.05
C LEU A 902 -49.96 -25.09 21.02
N VAL A 903 -49.90 -25.32 22.33
CA VAL A 903 -49.68 -24.21 23.25
C VAL A 903 -48.26 -23.66 23.23
N VAL A 904 -47.34 -24.25 22.47
CA VAL A 904 -45.95 -23.74 22.46
C VAL A 904 -45.87 -22.30 21.90
N PRO A 905 -46.35 -22.07 20.65
CA PRO A 905 -46.44 -20.69 20.15
C PRO A 905 -47.06 -19.69 21.13
N LEU A 906 -48.09 -20.08 21.87
CA LEU A 906 -48.72 -19.16 22.83
C LEU A 906 -47.82 -18.72 23.96
N GLY A 907 -46.74 -19.48 24.20
CA GLY A 907 -45.66 -19.12 25.11
C GLY A 907 -44.49 -18.43 24.43
N VAL A 908 -44.15 -18.87 23.21
CA VAL A 908 -42.99 -18.33 22.50
C VAL A 908 -43.10 -16.81 22.27
N ILE A 909 -44.25 -16.34 21.81
CA ILE A 909 -44.51 -14.91 21.57
C ILE A 909 -44.26 -14.07 22.80
N GLY A 910 -44.89 -14.40 23.92
CA GLY A 910 -44.70 -13.61 25.10
C GLY A 910 -43.23 -13.60 25.50
N ALA A 911 -42.54 -14.69 25.18
CA ALA A 911 -41.10 -14.74 25.37
C ALA A 911 -40.38 -13.71 24.48
N LEU A 912 -40.86 -13.56 23.26
CA LEU A 912 -40.29 -12.64 22.28
C LEU A 912 -40.63 -11.17 22.57
N LEU A 913 -41.91 -10.93 22.88
CA LEU A 913 -42.38 -9.65 23.36
C LEU A 913 -41.54 -9.13 24.51
N ALA A 914 -41.43 -9.93 25.57
CA ALA A 914 -40.77 -9.48 26.80
C ALA A 914 -39.30 -9.13 26.56
N THR A 915 -38.57 -10.00 25.87
CA THR A 915 -37.16 -9.74 25.60
C THR A 915 -36.99 -8.57 24.66
N SER A 916 -37.68 -8.62 23.51
CA SER A 916 -37.62 -7.52 22.50
C SER A 916 -38.01 -6.13 23.08
N MET A 917 -39.12 -6.03 23.82
CA MET A 917 -39.45 -4.81 24.62
C MET A 917 -38.47 -4.39 25.73
N ARG A 918 -37.33 -5.08 25.82
CA ARG A 918 -36.32 -4.85 26.87
C ARG A 918 -34.92 -4.68 26.30
N GLY A 919 -34.77 -4.92 24.99
CA GLY A 919 -33.49 -4.75 24.30
C GLY A 919 -32.54 -5.85 24.63
N LEU A 920 -33.11 -7.03 24.92
CA LEU A 920 -32.35 -8.24 25.13
C LEU A 920 -32.31 -8.95 23.80
N SER A 921 -31.54 -10.04 23.72
CA SER A 921 -31.36 -10.74 22.45
C SER A 921 -31.68 -12.26 22.52
N ASN A 922 -31.73 -12.87 21.34
CA ASN A 922 -31.89 -14.32 21.21
C ASN A 922 -30.52 -15.02 21.46
N ASP A 923 -30.15 -15.06 22.75
CA ASP A 923 -28.91 -15.65 23.27
C ASP A 923 -29.18 -16.95 24.06
N VAL A 924 -28.15 -17.59 24.63
CA VAL A 924 -28.35 -18.88 25.37
C VAL A 924 -29.37 -18.75 26.48
N PHE A 925 -29.29 -17.69 27.26
CA PHE A 925 -30.25 -17.51 28.34
C PHE A 925 -31.72 -17.36 27.84
N PHE A 926 -31.91 -17.04 26.56
CA PHE A 926 -33.25 -16.99 25.95
C PHE A 926 -33.76 -18.37 25.54
N GLN A 927 -32.89 -19.17 24.94
CA GLN A 927 -33.27 -20.52 24.45
C GLN A 927 -33.52 -21.48 25.62
N VAL A 928 -32.55 -21.55 26.52
CA VAL A 928 -32.64 -22.32 27.77
C VAL A 928 -33.96 -21.98 28.44
N GLY A 929 -34.22 -20.68 28.56
CA GLY A 929 -35.41 -20.18 29.21
C GLY A 929 -36.66 -20.48 28.42
N LEU A 930 -36.52 -20.65 27.10
CA LEU A 930 -37.66 -21.00 26.25
C LEU A 930 -38.20 -22.43 26.53
N LEU A 931 -37.28 -23.40 26.55
CA LEU A 931 -37.59 -24.80 26.88
C LEU A 931 -38.18 -24.96 28.28
N THR A 932 -37.54 -24.34 29.28
CA THR A 932 -38.08 -24.32 30.67
C THR A 932 -39.39 -23.55 30.79
N THR A 933 -39.99 -23.28 29.63
CA THR A 933 -41.26 -22.56 29.47
C THR A 933 -42.19 -23.40 28.61
N ILE A 934 -41.71 -23.94 27.48
CA ILE A 934 -42.40 -25.03 26.76
C ILE A 934 -42.83 -26.19 27.70
N GLY A 935 -41.87 -26.69 28.46
CA GLY A 935 -42.11 -27.80 29.36
C GLY A 935 -43.22 -27.50 30.35
N LEU A 936 -42.99 -26.51 31.20
CA LEU A 936 -43.96 -26.14 32.23
C LEU A 936 -45.33 -25.86 31.62
N SER A 937 -45.37 -25.12 30.52
CA SER A 937 -46.61 -24.92 29.74
C SER A 937 -47.28 -26.21 29.27
N ALA A 938 -46.47 -27.17 28.79
CA ALA A 938 -46.99 -28.51 28.44
C ALA A 938 -47.55 -29.18 29.66
N LYS A 939 -46.76 -29.30 30.70
CA LYS A 939 -47.22 -29.83 32.00
C LYS A 939 -48.58 -29.24 32.45
N ASN A 940 -48.86 -28.00 32.10
CA ASN A 940 -50.13 -27.35 32.48
C ASN A 940 -51.25 -27.54 31.48
N ALA A 941 -50.92 -27.74 30.22
CA ALA A 941 -51.88 -28.21 29.26
C ALA A 941 -52.25 -29.69 29.57
N ILE A 942 -51.25 -30.52 29.89
CA ILE A 942 -51.43 -31.96 30.23
C ILE A 942 -52.58 -32.19 31.25
N LEU A 943 -52.58 -31.40 32.31
CA LEU A 943 -53.60 -31.49 33.37
C LEU A 943 -55.03 -31.06 32.93
N ILE A 944 -55.16 -30.36 31.80
CA ILE A 944 -56.46 -30.11 31.17
C ILE A 944 -56.87 -31.36 30.37
N VAL A 945 -56.14 -31.66 29.31
CA VAL A 945 -56.49 -32.68 28.29
C VAL A 945 -56.75 -34.08 28.88
N GLU A 946 -56.08 -34.41 29.98
CA GLU A 946 -56.27 -35.69 30.66
C GLU A 946 -57.59 -35.77 31.44
N PHE A 947 -57.86 -34.81 32.33
CA PHE A 947 -59.15 -34.77 33.04
C PHE A 947 -60.37 -34.68 32.11
N ALA A 948 -60.21 -34.02 30.98
CA ALA A 948 -61.24 -33.98 29.97
C ALA A 948 -61.37 -35.33 29.24
N LYS A 949 -60.26 -36.03 29.07
CA LYS A 949 -60.22 -37.40 28.51
C LYS A 949 -60.96 -38.35 29.45
N GLU A 950 -60.70 -38.20 30.75
CA GLU A 950 -61.37 -38.98 31.78
C GLU A 950 -62.88 -38.76 31.73
N LEU A 951 -63.31 -37.52 31.92
CA LEU A 951 -64.73 -37.17 31.88
C LEU A 951 -65.45 -37.67 30.63
N HIS A 952 -64.72 -37.88 29.54
CA HIS A 952 -65.20 -38.66 28.39
C HIS A 952 -65.30 -40.20 28.68
N GLU A 953 -65.59 -40.56 29.94
CA GLU A 953 -66.01 -41.90 30.42
C GLU A 953 -67.54 -42.05 30.46
N GLN A 954 -68.21 -40.97 30.85
CA GLN A 954 -69.69 -40.92 30.94
C GLN A 954 -70.18 -40.53 29.55
N GLY A 955 -71.49 -40.33 29.41
CA GLY A 955 -72.08 -39.71 28.22
C GLY A 955 -71.50 -38.33 27.91
N LYS A 956 -70.88 -37.70 28.91
CA LYS A 956 -70.07 -36.49 28.75
C LYS A 956 -69.33 -36.50 27.43
N GLY A 957 -69.87 -35.73 26.48
CA GLY A 957 -69.23 -35.48 25.20
C GLY A 957 -68.07 -34.53 25.37
N ILE A 958 -67.32 -34.38 24.28
CA ILE A 958 -66.14 -33.53 24.27
C ILE A 958 -66.39 -32.17 24.94
N VAL A 959 -67.49 -31.50 24.55
CA VAL A 959 -67.75 -30.10 24.94
C VAL A 959 -68.17 -30.03 26.41
N GLU A 960 -68.98 -30.99 26.85
CA GLU A 960 -69.40 -31.04 28.23
C GLU A 960 -68.21 -31.33 29.14
N ALA A 961 -67.27 -32.12 28.64
CA ALA A 961 -66.07 -32.55 29.39
C ALA A 961 -65.02 -31.45 29.46
N ALA A 962 -64.54 -31.03 28.28
CA ALA A 962 -63.58 -29.93 28.16
C ALA A 962 -63.89 -28.73 29.09
N ILE A 963 -65.16 -28.31 29.15
CA ILE A 963 -65.61 -27.23 30.07
C ILE A 963 -65.36 -27.68 31.51
N GLU A 964 -65.95 -28.83 31.83
CA GLU A 964 -65.94 -29.35 33.20
C GLU A 964 -64.50 -29.28 33.71
N ALA A 965 -63.57 -29.87 32.95
CA ALA A 965 -62.13 -29.91 33.28
C ALA A 965 -61.55 -28.53 33.59
N CYS A 966 -61.69 -27.65 32.61
CA CYS A 966 -61.18 -26.29 32.66
C CYS A 966 -61.56 -25.61 33.97
N ARG A 967 -62.73 -25.92 34.52
CA ARG A 967 -63.15 -25.38 35.81
C ARG A 967 -62.31 -25.96 36.94
N MET A 968 -62.17 -27.29 36.99
CA MET A 968 -61.41 -27.98 38.03
C MET A 968 -59.93 -27.67 37.94
N ARG A 969 -59.46 -27.27 36.77
CA ARG A 969 -58.05 -26.97 36.50
C ARG A 969 -57.62 -25.51 36.62
N LEU A 970 -58.53 -24.56 36.49
CA LEU A 970 -58.18 -23.15 36.51
C LEU A 970 -57.36 -22.80 37.76
N ARG A 971 -57.85 -23.18 38.95
CA ARG A 971 -57.15 -22.82 40.20
C ARG A 971 -55.72 -23.37 40.25
N PRO A 972 -55.55 -24.70 40.07
CA PRO A 972 -54.19 -25.22 40.10
C PRO A 972 -53.31 -24.62 39.00
N ILE A 973 -53.75 -24.61 37.74
CA ILE A 973 -53.00 -23.98 36.62
C ILE A 973 -52.44 -22.62 37.02
N VAL A 974 -53.30 -21.82 37.64
CA VAL A 974 -52.92 -20.51 38.10
C VAL A 974 -51.89 -20.59 39.24
N MET A 975 -52.27 -21.12 40.41
CA MET A 975 -51.35 -21.29 41.58
C MET A 975 -49.93 -21.68 41.16
N THR A 976 -49.89 -22.68 40.29
CA THR A 976 -48.68 -23.28 39.81
C THR A 976 -47.88 -22.26 38.99
N SER A 977 -48.57 -21.60 38.06
CA SER A 977 -47.97 -20.64 37.11
C SER A 977 -47.62 -19.33 37.80
N LEU A 978 -48.49 -18.85 38.68
CA LEU A 978 -48.10 -17.73 39.51
C LEU A 978 -46.78 -18.00 40.24
N ALA A 979 -46.72 -19.13 40.94
CA ALA A 979 -45.54 -19.47 41.77
C ALA A 979 -44.22 -19.51 40.97
N PHE A 980 -44.26 -20.08 39.79
CA PHE A 980 -43.08 -20.12 38.93
C PHE A 980 -42.60 -18.71 38.52
N ILE A 981 -43.54 -17.93 37.94
CA ILE A 981 -43.31 -16.53 37.46
C ILE A 981 -42.86 -15.62 38.57
N LEU A 982 -43.63 -15.58 39.65
CA LEU A 982 -43.27 -14.76 40.80
C LEU A 982 -41.94 -15.23 41.42
N GLY A 983 -41.49 -16.42 41.04
CA GLY A 983 -40.21 -16.99 41.48
C GLY A 983 -39.04 -16.82 40.51
N VAL A 984 -39.32 -16.58 39.24
CA VAL A 984 -38.30 -16.06 38.32
C VAL A 984 -38.07 -14.55 38.52
N VAL A 985 -39.09 -13.81 38.92
CA VAL A 985 -39.02 -12.35 39.03
C VAL A 985 -37.72 -11.82 39.67
N PRO A 986 -37.27 -12.44 40.78
CA PRO A 986 -35.98 -12.01 41.32
C PRO A 986 -34.82 -11.99 40.31
N LEU A 987 -34.86 -12.84 39.30
CA LEU A 987 -33.90 -12.82 38.18
C LEU A 987 -34.10 -11.66 37.26
N ALA A 988 -35.33 -11.51 36.74
CA ALA A 988 -35.65 -10.46 35.78
C ALA A 988 -35.54 -9.04 36.34
N ILE A 989 -35.44 -8.90 37.66
CA ILE A 989 -35.34 -7.62 38.33
C ILE A 989 -34.08 -7.43 39.20
N SER A 990 -33.09 -8.30 39.04
CA SER A 990 -31.86 -8.22 39.88
C SER A 990 -30.96 -7.02 39.54
N THR A 991 -30.01 -6.79 40.42
CA THR A 991 -28.98 -5.79 40.22
C THR A 991 -27.61 -6.35 40.60
N GLY A 992 -26.58 -5.67 40.14
CA GLY A 992 -25.22 -5.90 40.60
C GLY A 992 -24.51 -6.76 39.59
N ALA A 993 -23.53 -7.50 40.08
CA ALA A 993 -22.74 -8.35 39.21
C ALA A 993 -23.59 -9.49 38.66
N GLY A 994 -23.31 -9.89 37.41
CA GLY A 994 -24.05 -10.95 36.71
C GLY A 994 -25.52 -10.69 36.37
N SER A 995 -26.02 -9.53 36.81
CA SER A 995 -27.37 -9.03 36.52
C SER A 995 -27.79 -9.10 35.02
N GLY A 996 -26.95 -8.64 34.12
CA GLY A 996 -27.15 -8.92 32.70
C GLY A 996 -27.70 -10.29 32.36
N SER A 997 -27.13 -11.33 32.95
CA SER A 997 -27.57 -12.72 32.72
C SER A 997 -28.89 -13.03 33.41
N GLN A 998 -28.97 -12.73 34.70
CA GLN A 998 -30.23 -12.82 35.40
C GLN A 998 -31.40 -12.17 34.61
N HIS A 999 -31.12 -11.05 33.94
CA HIS A 999 -32.11 -10.35 33.09
C HIS A 999 -32.37 -11.13 31.79
N ALA A 1000 -31.32 -11.62 31.16
CA ALA A 1000 -31.49 -12.42 29.93
C ALA A 1000 -32.25 -13.73 30.15
N ILE A 1001 -32.21 -14.28 31.36
CA ILE A 1001 -32.86 -15.56 31.68
C ILE A 1001 -34.31 -15.31 32.16
N GLY A 1002 -34.44 -14.34 33.07
CA GLY A 1002 -35.69 -14.05 33.74
C GLY A 1002 -36.75 -13.39 32.88
N THR A 1003 -36.35 -12.46 32.01
CA THR A 1003 -37.35 -11.68 31.27
C THR A 1003 -38.01 -12.53 30.21
N GLY A 1004 -37.22 -13.33 29.48
CA GLY A 1004 -37.80 -14.26 28.48
C GLY A 1004 -38.88 -15.15 29.06
N VAL A 1005 -38.58 -15.82 30.16
CA VAL A 1005 -39.51 -16.80 30.71
C VAL A 1005 -40.75 -16.13 31.31
N ILE A 1006 -40.61 -14.92 31.85
CA ILE A 1006 -41.78 -14.25 32.48
C ILE A 1006 -42.82 -13.92 31.44
N GLY A 1007 -42.36 -13.43 30.31
CA GLY A 1007 -43.22 -13.15 29.19
C GLY A 1007 -43.80 -14.39 28.56
N GLY A 1008 -42.99 -15.44 28.45
CA GLY A 1008 -43.45 -16.70 27.88
C GLY A 1008 -44.48 -17.46 28.70
N MET A 1009 -44.54 -17.15 30.01
CA MET A 1009 -45.49 -17.76 30.93
C MET A 1009 -46.81 -17.04 30.90
N VAL A 1010 -46.83 -15.78 31.34
CA VAL A 1010 -48.06 -14.93 31.33
C VAL A 1010 -48.87 -15.19 30.07
N THR A 1011 -48.22 -15.14 28.91
CA THR A 1011 -48.91 -15.33 27.65
C THR A 1011 -49.37 -16.74 27.46
N ALA A 1012 -48.54 -17.71 27.82
CA ALA A 1012 -48.90 -19.14 27.72
C ALA A 1012 -50.02 -19.55 28.67
N THR A 1013 -50.01 -19.06 29.90
CA THR A 1013 -51.00 -19.51 30.86
C THR A 1013 -52.37 -18.85 30.62
N VAL A 1014 -52.40 -17.58 30.18
CA VAL A 1014 -53.68 -16.89 29.91
C VAL A 1014 -54.27 -17.27 28.56
N LEU A 1015 -53.45 -17.48 27.54
CA LEU A 1015 -53.97 -17.92 26.23
C LEU A 1015 -54.41 -19.38 26.23
N ALA A 1016 -53.65 -20.25 26.91
CA ALA A 1016 -53.91 -21.70 26.88
C ALA A 1016 -55.20 -22.09 27.62
N ILE A 1017 -55.44 -21.48 28.78
CA ILE A 1017 -56.71 -21.70 29.50
C ILE A 1017 -57.96 -21.54 28.59
N PHE A 1018 -57.87 -20.67 27.56
CA PHE A 1018 -58.90 -20.56 26.51
C PHE A 1018 -58.63 -21.45 25.29
N TRP A 1019 -57.40 -21.48 24.81
CA TRP A 1019 -57.13 -22.21 23.57
C TRP A 1019 -56.97 -23.73 23.68
N VAL A 1020 -56.49 -24.23 24.82
CA VAL A 1020 -56.31 -25.69 25.00
C VAL A 1020 -57.64 -26.45 24.85
N PRO A 1021 -58.66 -26.08 25.68
CA PRO A 1021 -59.94 -26.79 25.57
C PRO A 1021 -60.56 -26.71 24.18
N LEU A 1022 -60.12 -25.74 23.38
CA LEU A 1022 -60.47 -25.61 21.99
C LEU A 1022 -59.73 -26.62 21.10
N PHE A 1023 -58.45 -26.83 21.38
CA PHE A 1023 -57.63 -27.78 20.62
C PHE A 1023 -58.00 -29.25 20.87
N TYR A 1024 -58.43 -29.58 22.11
CA TYR A 1024 -58.94 -30.93 22.42
C TYR A 1024 -60.29 -31.14 21.78
N VAL A 1025 -61.22 -30.21 21.98
CA VAL A 1025 -62.55 -30.34 21.36
C VAL A 1025 -62.44 -30.42 19.83
N ALA A 1026 -61.65 -29.55 19.21
CA ALA A 1026 -61.24 -29.76 17.81
C ALA A 1026 -60.29 -30.94 17.76
N VAL A 1027 -59.99 -31.48 16.58
CA VAL A 1027 -59.08 -32.67 16.42
C VAL A 1027 -59.57 -34.01 17.07
N SER A 1028 -60.18 -33.92 18.25
CA SER A 1028 -60.88 -35.04 18.90
C SER A 1028 -62.07 -35.50 18.06
N THR A 1029 -62.82 -34.53 17.53
CA THR A 1029 -63.85 -34.76 16.51
C THR A 1029 -63.22 -34.63 15.12
N LEU A 1030 -62.28 -35.53 14.84
CA LEU A 1030 -61.54 -35.58 13.57
C LEU A 1030 -60.75 -36.91 13.48
N MET B 1 -34.65 -60.69 48.48
CA MET B 1 -33.35 -61.16 47.89
C MET B 1 -32.87 -62.48 48.44
N SER B 2 -32.88 -62.63 49.75
CA SER B 2 -32.55 -63.91 50.39
C SER B 2 -33.60 -64.96 50.10
N LYS B 3 -34.87 -64.59 50.24
CA LYS B 3 -36.00 -65.51 49.95
C LYS B 3 -35.97 -66.04 48.53
N PHE B 4 -35.43 -65.21 47.65
CA PHE B 4 -35.21 -65.49 46.23
C PHE B 4 -34.12 -66.52 45.99
N PHE B 5 -32.95 -66.38 46.60
CA PHE B 5 -31.85 -67.35 46.45
C PHE B 5 -32.00 -68.61 47.33
N ILE B 6 -32.93 -68.60 48.27
CA ILE B 6 -33.22 -69.82 49.04
C ILE B 6 -33.83 -70.86 48.09
N ASP B 7 -34.75 -70.41 47.25
CA ASP B 7 -35.34 -71.26 46.22
C ASP B 7 -34.48 -71.43 44.95
N ARG B 8 -33.32 -70.75 44.93
CA ARG B 8 -32.48 -70.69 43.74
C ARG B 8 -31.03 -70.89 44.12
N PRO B 9 -30.77 -71.99 44.84
CA PRO B 9 -29.41 -72.25 45.30
C PRO B 9 -28.40 -72.48 44.20
N ILE B 10 -28.84 -72.69 42.95
CA ILE B 10 -27.90 -72.88 41.85
C ILE B 10 -27.36 -71.54 41.37
N PHE B 11 -28.27 -70.62 41.08
CA PHE B 11 -27.94 -69.23 40.83
C PHE B 11 -27.01 -68.73 41.92
N ALA B 12 -27.43 -68.90 43.16
CA ALA B 12 -26.60 -68.47 44.27
C ALA B 12 -25.21 -69.12 44.20
N TRP B 13 -25.12 -70.41 43.85
CA TRP B 13 -23.84 -71.10 43.63
C TRP B 13 -23.01 -70.46 42.49
N VAL B 14 -23.70 -70.05 41.43
CA VAL B 14 -23.07 -69.42 40.28
C VAL B 14 -22.42 -68.08 40.68
N ILE B 15 -23.16 -67.23 41.41
CA ILE B 15 -22.63 -65.92 41.89
C ILE B 15 -21.35 -66.18 42.66
N ALA B 16 -21.44 -67.02 43.67
CA ALA B 16 -20.28 -67.41 44.45
C ALA B 16 -19.15 -67.91 43.60
N LEU B 17 -19.51 -68.63 42.56
CA LEU B 17 -18.54 -69.18 41.62
C LEU B 17 -17.80 -68.11 40.80
N VAL B 18 -18.52 -67.12 40.27
CA VAL B 18 -17.89 -65.98 39.55
C VAL B 18 -17.08 -65.07 40.50
N ILE B 19 -17.58 -64.84 41.73
CA ILE B 19 -16.80 -64.11 42.75
C ILE B 19 -15.45 -64.85 42.89
N MET B 20 -15.50 -66.18 42.96
CA MET B 20 -14.26 -66.94 43.19
C MET B 20 -13.30 -66.84 42.01
N LEU B 21 -13.81 -66.95 40.79
CA LEU B 21 -12.98 -66.94 39.61
C LEU B 21 -12.31 -65.56 39.47
N ALA B 22 -13.10 -64.51 39.42
CA ALA B 22 -12.61 -63.13 39.42
C ALA B 22 -11.54 -62.89 40.44
N GLY B 23 -11.74 -63.40 41.66
CA GLY B 23 -10.82 -63.13 42.74
C GLY B 23 -9.53 -63.87 42.56
N GLY B 24 -9.63 -65.11 42.09
CA GLY B 24 -8.48 -65.94 41.75
C GLY B 24 -7.71 -65.40 40.55
N LEU B 25 -8.42 -64.99 39.50
CA LEU B 25 -7.79 -64.33 38.34
C LEU B 25 -7.07 -63.06 38.80
N SER B 26 -7.61 -62.42 39.84
CA SER B 26 -7.07 -61.18 40.39
C SER B 26 -5.86 -61.41 41.28
N ILE B 27 -5.91 -62.40 42.17
CA ILE B 27 -4.75 -62.66 43.05
C ILE B 27 -3.43 -62.90 42.31
N LEU B 28 -3.48 -63.15 41.00
CA LEU B 28 -2.23 -63.38 40.27
C LEU B 28 -1.89 -62.38 39.18
N SER B 29 -2.64 -61.28 39.10
CA SER B 29 -2.20 -60.08 38.38
C SER B 29 -1.85 -58.92 39.36
N LEU B 30 -1.87 -59.22 40.64
CA LEU B 30 -1.93 -58.17 41.62
C LEU B 30 -0.47 -57.88 41.98
N PRO B 31 -0.09 -56.62 42.07
CA PRO B 31 1.30 -56.32 42.44
C PRO B 31 1.60 -56.81 43.82
N VAL B 32 2.83 -57.14 44.14
CA VAL B 32 3.14 -57.67 45.47
C VAL B 32 4.35 -56.92 45.97
N ASN B 33 4.21 -56.17 47.05
CA ASN B 33 5.31 -55.33 47.53
C ASN B 33 5.18 -54.98 49.01
N GLN B 34 6.23 -54.45 49.61
CA GLN B 34 6.20 -54.19 51.06
C GLN B 34 5.12 -53.19 51.48
N TYR B 35 5.16 -52.01 50.87
CA TYR B 35 4.25 -50.94 51.17
C TYR B 35 3.73 -50.39 49.87
N PRO B 36 2.59 -49.69 49.88
CA PRO B 36 2.15 -48.90 48.76
C PRO B 36 2.99 -47.63 48.74
N ALA B 37 2.64 -46.62 47.97
CA ALA B 37 3.44 -45.38 47.88
C ALA B 37 3.14 -44.43 49.06
N ILE B 38 3.78 -44.63 50.22
CA ILE B 38 3.50 -43.76 51.37
C ILE B 38 4.04 -42.32 51.14
N ALA B 39 5.33 -42.20 50.85
CA ALA B 39 5.95 -40.86 50.73
C ALA B 39 5.31 -40.01 49.60
N PRO B 40 5.28 -38.69 49.79
CA PRO B 40 4.78 -37.83 48.75
C PRO B 40 5.74 -37.93 47.55
N PRO B 41 5.19 -38.15 46.34
CA PRO B 41 6.07 -38.31 45.18
C PRO B 41 7.08 -37.20 45.14
N ALA B 42 8.32 -37.47 44.74
CA ALA B 42 9.38 -36.46 44.71
C ALA B 42 10.34 -36.74 43.62
N ILE B 43 11.02 -35.69 43.17
CA ILE B 43 11.88 -35.72 42.00
C ILE B 43 13.18 -35.03 42.43
N ALA B 44 14.29 -35.75 42.30
CA ALA B 44 15.62 -35.24 42.53
C ALA B 44 16.23 -34.72 41.24
N VAL B 45 16.84 -33.54 41.27
CA VAL B 45 17.65 -33.03 40.17
C VAL B 45 19.09 -33.01 40.69
N GLN B 46 20.02 -33.70 40.04
CA GLN B 46 21.41 -33.80 40.54
C GLN B 46 22.56 -33.60 39.56
N VAL B 47 23.64 -33.03 40.04
CA VAL B 47 24.83 -32.88 39.21
C VAL B 47 25.96 -32.60 40.12
N SER B 48 27.17 -32.78 39.64
CA SER B 48 28.33 -32.53 40.44
C SER B 48 29.27 -31.66 39.63
N TYR B 49 29.64 -30.52 40.19
CA TYR B 49 30.48 -29.55 39.48
C TYR B 49 31.93 -29.78 39.95
N PRO B 50 32.75 -30.54 39.19
CA PRO B 50 34.06 -31.00 39.71
C PRO B 50 34.96 -29.88 40.23
N GLY B 51 35.65 -30.13 41.34
CA GLY B 51 36.42 -29.07 41.98
C GLY B 51 35.68 -27.94 42.71
N ALA B 52 34.37 -27.88 42.60
CA ALA B 52 33.62 -26.68 42.95
C ALA B 52 33.24 -26.65 44.43
N SER B 53 33.19 -25.46 45.00
CA SER B 53 32.75 -25.32 46.36
C SER B 53 31.23 -25.17 46.53
N ALA B 54 30.73 -25.42 47.73
CA ALA B 54 29.31 -25.31 48.04
C ALA B 54 28.75 -24.03 47.54
N GLU B 55 29.49 -22.93 47.75
CA GLU B 55 29.13 -21.60 47.23
C GLU B 55 29.01 -21.50 45.73
N THR B 56 29.99 -22.03 45.00
CA THR B 56 29.96 -21.92 43.55
C THR B 56 28.79 -22.79 43.03
N VAL B 57 28.55 -23.93 43.67
CA VAL B 57 27.44 -24.78 43.28
C VAL B 57 26.09 -24.11 43.52
N GLN B 58 25.92 -23.54 44.70
CA GLN B 58 24.67 -22.83 45.02
C GLN B 58 24.35 -21.60 44.13
N ASP B 59 25.38 -20.88 43.74
CA ASP B 59 25.23 -19.58 43.11
C ASP B 59 25.42 -19.58 41.58
N THR B 60 25.65 -20.73 41.03
CA THR B 60 26.04 -20.89 39.65
C THR B 60 25.16 -21.97 39.06
N VAL B 61 24.84 -22.99 39.87
CA VAL B 61 23.90 -24.02 39.47
C VAL B 61 22.51 -23.96 40.16
N VAL B 62 22.48 -24.07 41.48
CA VAL B 62 21.21 -24.29 42.19
C VAL B 62 20.28 -23.08 42.08
N GLN B 63 20.84 -21.91 42.28
CA GLN B 63 20.07 -20.75 42.18
C GLN B 63 19.46 -20.56 40.80
N VAL B 64 20.26 -20.79 39.78
CA VAL B 64 19.76 -20.59 38.44
C VAL B 64 18.69 -21.63 38.12
N ILE B 65 18.86 -22.89 38.52
CA ILE B 65 17.83 -23.87 38.26
C ILE B 65 16.55 -23.56 39.02
N GLU B 66 16.68 -23.08 40.25
CA GLU B 66 15.53 -22.86 41.14
C GLU B 66 14.69 -21.75 40.57
N GLN B 67 15.37 -20.75 40.01
CA GLN B 67 14.70 -19.59 39.39
C GLN B 67 13.80 -19.95 38.21
N GLN B 68 13.97 -21.13 37.65
CA GLN B 68 13.23 -21.55 36.51
C GLN B 68 12.30 -22.71 36.83
N MET B 69 12.17 -23.05 38.09
CA MET B 69 11.47 -24.24 38.49
C MET B 69 10.15 -23.75 38.98
N ASN B 70 9.22 -23.65 38.06
CA ASN B 70 7.86 -23.15 38.35
C ASN B 70 6.93 -23.46 37.22
N GLY B 71 5.64 -23.26 37.50
CA GLY B 71 4.61 -23.48 36.55
C GLY B 71 4.68 -24.94 36.35
N ILE B 72 4.46 -25.68 37.43
CA ILE B 72 4.56 -27.13 37.54
C ILE B 72 3.43 -27.66 38.41
N ASP B 73 2.65 -28.59 37.92
CA ASP B 73 1.44 -28.95 38.67
C ASP B 73 1.68 -29.71 40.01
N ASN B 74 0.73 -29.61 40.94
CA ASN B 74 0.79 -30.35 42.22
C ASN B 74 2.08 -30.22 43.07
N LEU B 75 2.75 -29.08 42.99
CA LEU B 75 4.00 -28.84 43.69
C LEU B 75 3.70 -28.41 45.13
N ARG B 76 4.23 -29.14 46.09
CA ARG B 76 4.08 -28.80 47.45
C ARG B 76 5.22 -27.92 47.86
N TYR B 77 6.45 -28.40 47.76
CA TYR B 77 7.61 -27.56 48.04
C TYR B 77 8.84 -28.04 47.28
N ILE B 78 9.85 -27.20 47.27
CA ILE B 78 11.11 -27.46 46.65
C ILE B 78 12.19 -27.17 47.69
N SER B 79 13.23 -27.98 47.69
CA SER B 79 14.26 -27.92 48.74
C SER B 79 15.57 -28.37 48.14
N SER B 80 16.67 -27.69 48.43
CA SER B 80 17.92 -28.10 47.85
C SER B 80 19.15 -28.00 48.73
N GLU B 81 20.19 -28.75 48.36
CA GLU B 81 21.46 -28.73 49.06
C GLU B 81 22.63 -28.61 48.09
N SER B 82 23.56 -27.74 48.42
CA SER B 82 24.76 -27.55 47.62
C SER B 82 25.91 -27.98 48.53
N ASN B 83 26.82 -28.81 48.03
CA ASN B 83 27.80 -29.45 48.91
C ASN B 83 29.23 -29.10 48.56
N SER B 84 30.15 -29.30 49.49
CA SER B 84 31.56 -28.93 49.30
C SER B 84 32.35 -29.86 48.38
N ASP B 85 31.80 -31.05 48.13
CA ASP B 85 32.34 -31.97 47.14
C ASP B 85 31.82 -31.67 45.71
N GLY B 86 31.14 -30.53 45.57
CA GLY B 86 30.67 -30.07 44.26
C GLY B 86 29.34 -30.63 43.81
N SER B 87 28.70 -31.45 44.62
CA SER B 87 27.47 -32.09 44.25
C SER B 87 26.33 -31.22 44.66
N MET B 88 25.22 -31.30 43.94
CA MET B 88 23.97 -30.71 44.46
C MET B 88 22.76 -31.54 44.20
N THR B 89 21.73 -31.24 44.98
CA THR B 89 20.48 -31.91 44.84
C THR B 89 19.39 -30.91 45.03
N ILE B 90 18.44 -30.88 44.09
CA ILE B 90 17.19 -30.18 44.29
C ILE B 90 16.12 -31.23 44.28
N THR B 91 15.37 -31.32 45.35
CA THR B 91 14.26 -32.23 45.43
C THR B 91 12.96 -31.44 45.31
N VAL B 92 12.10 -31.80 44.35
CA VAL B 92 10.79 -31.19 44.22
C VAL B 92 9.83 -32.19 44.76
N THR B 93 8.85 -31.73 45.52
CA THR B 93 7.94 -32.60 46.20
C THR B 93 6.52 -32.20 45.80
N PHE B 94 5.70 -33.20 45.50
CA PHE B 94 4.36 -33.03 44.98
C PHE B 94 3.30 -33.61 45.93
N GLU B 95 2.03 -33.33 45.63
CA GLU B 95 0.96 -33.88 46.42
C GLU B 95 0.89 -35.37 46.24
N GLN B 96 0.36 -36.11 47.22
CA GLN B 96 0.03 -37.54 46.96
C GLN B 96 -1.06 -37.61 45.92
N GLY B 97 -0.91 -38.55 44.98
CA GLY B 97 -1.79 -38.63 43.85
C GLY B 97 -1.14 -38.16 42.58
N THR B 98 -0.14 -37.30 42.68
CA THR B 98 0.57 -36.87 41.50
C THR B 98 1.13 -38.09 40.79
N ASP B 99 0.92 -38.17 39.50
CA ASP B 99 1.55 -39.15 38.66
C ASP B 99 3.04 -38.80 38.58
N PRO B 100 3.96 -39.72 39.04
CA PRO B 100 5.39 -39.44 39.05
C PRO B 100 6.01 -39.23 37.69
N ASP B 101 5.52 -39.97 36.71
CA ASP B 101 5.93 -39.75 35.31
C ASP B 101 5.58 -38.35 34.82
N ILE B 102 4.40 -37.87 35.13
CA ILE B 102 4.13 -36.45 34.84
C ILE B 102 5.01 -35.54 35.67
N ALA B 103 5.22 -35.86 36.93
CA ALA B 103 6.00 -34.92 37.78
C ALA B 103 7.38 -34.81 37.25
N GLN B 104 8.01 -35.94 37.02
CA GLN B 104 9.34 -36.00 36.39
C GLN B 104 9.44 -35.16 35.13
N VAL B 105 8.57 -35.40 34.16
CA VAL B 105 8.65 -34.69 32.86
C VAL B 105 8.55 -33.17 33.03
N GLN B 106 7.55 -32.73 33.79
CA GLN B 106 7.46 -31.36 34.18
C GLN B 106 8.77 -30.74 34.78
N VAL B 107 9.42 -31.43 35.71
CA VAL B 107 10.66 -30.93 36.29
C VAL B 107 11.84 -30.95 35.31
N GLN B 108 11.97 -31.97 34.48
CA GLN B 108 13.11 -31.98 33.57
C GLN B 108 12.94 -31.00 32.44
N ASN B 109 11.69 -30.67 32.09
CA ASN B 109 11.48 -29.69 31.03
C ASN B 109 11.96 -28.32 31.44
N LYS B 110 11.64 -27.91 32.65
CA LYS B 110 12.10 -26.63 33.16
C LYS B 110 13.60 -26.67 33.43
N LEU B 111 14.16 -27.84 33.73
CA LEU B 111 15.61 -28.00 33.83
C LEU B 111 16.26 -27.68 32.49
N GLN B 112 15.70 -28.29 31.48
CA GLN B 112 16.15 -28.15 30.13
C GLN B 112 16.25 -26.69 29.72
N LEU B 113 15.23 -25.89 30.05
CA LEU B 113 15.22 -24.44 29.78
C LEU B 113 16.29 -23.67 30.51
N ALA B 114 16.60 -24.13 31.72
CA ALA B 114 17.66 -23.53 32.53
C ALA B 114 19.07 -23.98 32.14
N THR B 115 19.22 -25.12 31.49
CA THR B 115 20.55 -25.66 31.16
C THR B 115 21.57 -24.68 30.48
N PRO B 116 21.13 -23.92 29.48
CA PRO B 116 22.08 -22.95 28.91
C PRO B 116 22.50 -21.82 29.83
N LEU B 117 21.87 -21.64 30.98
CA LEU B 117 22.23 -20.58 31.96
C LEU B 117 23.30 -21.06 32.94
N LEU B 118 23.61 -22.36 32.88
CA LEU B 118 24.52 -22.97 33.80
C LEU B 118 25.89 -22.81 33.21
N PRO B 119 26.93 -22.99 34.02
CA PRO B 119 28.25 -22.87 33.44
C PRO B 119 28.49 -23.99 32.47
N GLN B 120 29.34 -23.68 31.48
CA GLN B 120 29.63 -24.61 30.41
C GLN B 120 30.05 -25.94 31.04
N GLU B 121 30.82 -25.89 32.12
CA GLU B 121 31.38 -27.08 32.70
C GLU B 121 30.34 -28.01 33.32
N VAL B 122 29.34 -27.46 34.01
CA VAL B 122 28.21 -28.25 34.54
C VAL B 122 27.33 -28.81 33.38
N GLN B 123 27.08 -28.01 32.33
CA GLN B 123 26.28 -28.49 31.18
C GLN B 123 26.90 -29.73 30.60
N ARG B 124 28.21 -29.70 30.49
CA ARG B 124 28.93 -30.84 29.98
C ARG B 124 28.79 -32.09 30.88
N GLN B 125 28.75 -31.92 32.21
CA GLN B 125 28.47 -33.06 33.09
C GLN B 125 27.14 -33.80 32.76
N GLY B 126 26.05 -33.08 32.62
CA GLY B 126 24.77 -33.75 32.47
C GLY B 126 23.55 -33.25 33.23
N ILE B 127 23.48 -33.50 34.50
CA ILE B 127 22.30 -33.14 35.30
C ILE B 127 21.17 -34.15 35.14
N ARG B 128 21.13 -35.10 36.08
CA ARG B 128 20.22 -36.19 35.96
C ARG B 128 18.99 -35.93 36.82
N VAL B 129 17.81 -36.16 36.27
CA VAL B 129 16.60 -36.01 37.06
C VAL B 129 16.05 -37.41 37.29
N THR B 130 15.62 -37.70 38.51
CA THR B 130 15.09 -39.02 38.80
C THR B 130 14.02 -38.95 39.84
N LYS B 131 13.22 -40.01 39.93
CA LYS B 131 12.28 -40.22 41.03
C LYS B 131 13.09 -40.56 42.29
N ALA B 132 12.74 -39.92 43.38
CA ALA B 132 13.57 -39.89 44.57
C ALA B 132 12.96 -40.58 45.77
N VAL B 133 11.93 -41.41 45.60
CA VAL B 133 11.39 -42.18 46.74
C VAL B 133 12.45 -43.17 47.16
N LYS B 134 12.78 -43.23 48.44
CA LYS B 134 13.76 -44.23 48.95
C LYS B 134 13.12 -45.53 49.51
N ASN B 135 12.51 -46.34 48.64
CA ASN B 135 11.79 -47.59 48.97
C ASN B 135 12.46 -48.75 48.24
N PHE B 136 13.76 -48.89 48.44
CA PHE B 136 14.61 -49.85 47.75
C PHE B 136 14.22 -51.30 48.04
N LEU B 137 14.30 -52.17 47.03
CA LEU B 137 13.84 -53.59 47.15
C LEU B 137 14.90 -54.42 47.89
N MET B 138 16.11 -54.39 47.34
CA MET B 138 17.31 -54.87 48.02
C MET B 138 18.45 -53.93 47.65
N VAL B 139 19.63 -54.22 48.18
CA VAL B 139 20.89 -53.64 47.68
C VAL B 139 21.91 -54.77 47.60
N VAL B 140 22.60 -54.87 46.45
CA VAL B 140 23.61 -55.91 46.25
C VAL B 140 24.95 -55.52 46.91
N GLY B 141 25.98 -55.24 46.15
CA GLY B 141 27.34 -55.19 46.73
C GLY B 141 28.22 -56.10 45.92
N VAL B 142 29.12 -55.50 45.14
CA VAL B 142 30.16 -56.24 44.45
C VAL B 142 31.42 -55.87 45.19
N VAL B 143 31.86 -56.76 46.08
CA VAL B 143 33.01 -56.54 46.98
C VAL B 143 34.20 -57.47 46.60
N SER B 144 35.43 -56.95 46.65
CA SER B 144 36.68 -57.75 46.35
C SER B 144 37.30 -58.38 47.61
N THR B 145 37.03 -59.67 47.82
CA THR B 145 37.30 -60.36 49.09
C THR B 145 38.77 -60.26 49.52
N ASP B 146 39.67 -60.35 48.53
CA ASP B 146 41.12 -60.15 48.73
C ASP B 146 41.42 -58.63 48.80
N GLY B 147 42.29 -58.09 47.95
CA GLY B 147 42.33 -56.63 47.72
C GLY B 147 42.73 -56.27 46.31
N SER B 148 42.47 -57.17 45.38
CA SER B 148 42.91 -57.00 44.00
C SER B 148 42.32 -55.72 43.38
N MET B 149 41.05 -55.43 43.66
CA MET B 149 40.34 -54.32 43.01
C MET B 149 39.99 -53.19 43.97
N THR B 150 40.02 -51.96 43.47
CA THR B 150 39.55 -50.78 44.19
C THR B 150 38.07 -50.53 43.93
N LYS B 151 37.53 -49.61 44.74
CA LYS B 151 36.14 -49.19 44.59
C LYS B 151 35.84 -48.74 43.16
N GLU B 152 36.81 -48.05 42.54
CA GLU B 152 36.66 -47.61 41.16
C GLU B 152 36.54 -48.77 40.18
N ASP B 153 37.30 -49.83 40.40
CA ASP B 153 37.33 -50.94 39.42
C ASP B 153 36.00 -51.70 39.47
N LEU B 154 35.61 -52.02 40.70
CA LEU B 154 34.35 -52.71 41.00
C LEU B 154 33.17 -52.01 40.32
N SER B 155 33.12 -50.68 40.45
CA SER B 155 32.12 -49.85 39.77
C SER B 155 32.12 -50.12 38.29
N ASN B 156 33.22 -49.81 37.62
CA ASN B 156 33.31 -49.98 36.17
C ASN B 156 32.75 -51.32 35.71
N TYR B 157 33.04 -52.35 36.51
CA TYR B 157 32.55 -53.69 36.28
C TYR B 157 31.04 -53.75 36.39
N ILE B 158 30.49 -53.25 37.51
CA ILE B 158 29.03 -53.26 37.68
C ILE B 158 28.35 -52.62 36.48
N VAL B 159 28.93 -51.54 36.00
CA VAL B 159 28.35 -50.82 34.86
C VAL B 159 28.73 -51.39 33.51
N SER B 160 29.77 -52.22 33.47
CA SER B 160 30.19 -52.89 32.22
C SER B 160 29.48 -54.20 31.95
N ASN B 161 29.21 -54.95 33.02
CA ASN B 161 28.75 -56.36 32.96
C ASN B 161 27.49 -56.70 33.77
N ILE B 162 27.40 -56.15 34.99
CA ILE B 162 26.29 -56.41 35.89
C ILE B 162 25.04 -55.66 35.45
N GLN B 163 25.21 -54.44 34.93
CA GLN B 163 24.12 -53.47 34.80
C GLN B 163 23.17 -53.79 33.68
N ASP B 164 23.61 -53.71 32.42
CA ASP B 164 22.69 -54.00 31.31
C ASP B 164 21.79 -55.21 31.59
N PRO B 165 22.35 -56.37 31.98
CA PRO B 165 21.47 -57.51 32.25
C PRO B 165 20.52 -57.35 33.45
N LEU B 166 21.01 -56.83 34.57
CA LEU B 166 20.18 -56.48 35.72
C LEU B 166 18.96 -55.60 35.37
N SER B 167 19.15 -54.67 34.45
CA SER B 167 18.08 -53.86 33.91
C SER B 167 17.07 -54.63 33.05
N ARG B 168 17.47 -55.77 32.48
CA ARG B 168 16.60 -56.61 31.66
C ARG B 168 16.01 -57.73 32.49
N THR B 169 16.35 -57.79 33.77
CA THR B 169 15.74 -58.74 34.70
C THR B 169 14.30 -58.34 35.01
N LYS B 170 13.39 -59.31 34.96
CA LYS B 170 11.94 -59.03 35.13
C LYS B 170 11.62 -58.42 36.49
N GLY B 171 10.89 -57.31 36.48
CA GLY B 171 10.49 -56.58 37.69
C GLY B 171 11.50 -55.62 38.30
N VAL B 172 12.62 -55.37 37.60
CA VAL B 172 13.60 -54.42 38.07
C VAL B 172 13.27 -53.01 37.61
N GLY B 173 13.17 -52.12 38.58
CA GLY B 173 12.93 -50.72 38.33
C GLY B 173 14.20 -49.88 38.28
N ASP B 174 14.15 -48.74 38.96
CA ASP B 174 15.26 -47.79 38.96
C ASP B 174 16.29 -48.30 39.94
N PHE B 175 17.54 -47.97 39.69
CA PHE B 175 18.64 -48.41 40.55
C PHE B 175 19.85 -47.49 40.53
N GLN B 176 20.52 -47.38 41.66
CA GLN B 176 21.74 -46.58 41.83
C GLN B 176 22.96 -47.47 41.92
N VAL B 177 23.88 -47.36 40.96
CA VAL B 177 25.22 -47.91 41.17
C VAL B 177 26.02 -46.97 42.08
N PHE B 178 26.71 -47.52 43.08
CA PHE B 178 27.58 -46.73 43.94
C PHE B 178 28.91 -46.46 43.21
N GLY B 179 28.89 -45.59 42.20
CA GLY B 179 30.03 -45.23 41.36
C GLY B 179 29.68 -45.26 39.87
N SER B 180 30.53 -44.66 39.02
CA SER B 180 30.36 -44.72 37.56
C SER B 180 31.51 -45.51 36.92
N GLN B 181 31.48 -45.51 35.58
CA GLN B 181 32.53 -46.02 34.67
C GLN B 181 33.88 -45.43 34.96
N TYR B 182 34.89 -46.03 34.34
CA TYR B 182 36.25 -45.52 34.37
C TYR B 182 36.33 -44.15 33.71
N SER B 183 37.28 -43.36 34.19
CA SER B 183 37.69 -42.11 33.57
C SER B 183 39.18 -42.16 33.28
N MET B 184 39.56 -41.74 32.07
CA MET B 184 40.97 -41.56 31.77
C MET B 184 41.53 -40.41 32.58
N ARG B 185 42.37 -40.70 33.57
CA ARG B 185 42.97 -39.66 34.40
C ARG B 185 44.34 -39.22 33.93
N ILE B 186 44.63 -37.91 34.01
CA ILE B 186 45.93 -37.33 33.63
C ILE B 186 46.38 -36.49 34.82
N TRP B 187 47.44 -36.90 35.55
CA TRP B 187 47.89 -36.21 36.80
C TRP B 187 49.13 -35.30 36.68
N LEU B 188 48.90 -34.03 36.31
CA LEU B 188 49.97 -33.06 36.03
C LEU B 188 50.96 -32.86 37.16
N ASP B 189 52.26 -33.01 36.82
CA ASP B 189 53.38 -32.73 37.73
C ASP B 189 53.82 -31.27 37.56
N PRO B 190 53.66 -30.46 38.61
CA PRO B 190 54.01 -29.06 38.48
C PRO B 190 55.47 -28.75 38.13
N ALA B 191 56.40 -29.59 38.60
CA ALA B 191 57.84 -29.40 38.32
C ALA B 191 58.21 -29.90 36.93
N LYS B 192 57.87 -31.15 36.61
CA LYS B 192 58.06 -31.70 35.27
C LYS B 192 57.35 -30.86 34.20
N LEU B 193 56.58 -29.85 34.58
CA LEU B 193 55.84 -28.98 33.64
C LEU B 193 56.48 -27.58 33.54
N ASN B 194 56.96 -27.09 34.68
CA ASN B 194 57.71 -25.82 34.80
C ASN B 194 59.03 -25.85 34.02
N SER B 195 59.62 -27.04 33.93
CA SER B 195 60.86 -27.24 33.21
C SER B 195 60.72 -27.13 31.70
N TYR B 196 59.49 -27.23 31.17
CA TYR B 196 59.28 -26.98 29.74
C TYR B 196 58.45 -25.73 29.47
N GLN B 197 58.44 -24.81 30.41
CA GLN B 197 57.55 -23.65 30.38
C GLN B 197 56.15 -23.99 29.80
N LEU B 198 55.52 -25.01 30.39
CA LEU B 198 54.20 -25.44 30.02
C LEU B 198 53.24 -25.33 31.21
N THR B 199 51.96 -25.21 30.86
CA THR B 199 50.89 -25.03 31.84
C THR B 199 49.81 -26.06 31.61
N PRO B 200 49.00 -26.37 32.65
CA PRO B 200 47.84 -27.27 32.53
C PRO B 200 46.98 -26.99 31.30
N GLY B 201 46.67 -25.71 31.13
CA GLY B 201 45.92 -25.21 29.97
C GLY B 201 46.43 -25.65 28.63
N ASP B 202 47.76 -25.77 28.50
CA ASP B 202 48.39 -26.31 27.26
C ASP B 202 48.06 -27.78 27.06
N VAL B 203 47.97 -28.49 28.17
CA VAL B 203 47.67 -29.91 28.10
C VAL B 203 46.21 -30.08 27.66
N SER B 204 45.28 -29.28 28.18
CA SER B 204 43.87 -29.46 27.83
C SER B 204 43.68 -29.19 26.37
N SER B 205 44.16 -28.02 25.94
CA SER B 205 44.11 -27.58 24.54
C SER B 205 44.70 -28.62 23.62
N ALA B 206 45.79 -29.23 24.07
CA ALA B 206 46.45 -30.28 23.34
C ALA B 206 45.59 -31.55 23.27
N ILE B 207 45.15 -32.04 24.43
CA ILE B 207 44.27 -33.22 24.52
C ILE B 207 43.04 -33.05 23.58
N GLN B 208 42.46 -31.85 23.60
CA GLN B 208 41.34 -31.54 22.72
C GLN B 208 41.70 -31.62 21.26
N ALA B 209 42.87 -31.06 20.93
CA ALA B 209 43.39 -31.13 19.57
C ALA B 209 43.59 -32.55 19.00
N GLN B 210 44.23 -33.45 19.74
CA GLN B 210 44.60 -34.79 19.26
C GLN B 210 43.71 -35.94 19.74
N ASN B 211 42.46 -35.62 20.07
CA ASN B 211 41.49 -36.61 20.53
C ASN B 211 40.11 -36.09 20.19
N VAL B 212 39.80 -36.14 18.91
CA VAL B 212 38.57 -35.55 18.41
C VAL B 212 38.16 -36.31 17.16
N GLN B 213 37.01 -37.01 17.24
CA GLN B 213 36.47 -37.65 16.05
C GLN B 213 36.21 -36.63 14.97
N ILE B 214 36.91 -36.83 13.86
CA ILE B 214 36.80 -36.03 12.62
C ILE B 214 35.70 -36.61 11.74
N SER B 215 34.83 -35.74 11.27
CA SER B 215 33.59 -36.19 10.61
C SER B 215 33.92 -37.08 9.40
N SER B 216 34.64 -36.51 8.43
CA SER B 216 35.07 -37.25 7.22
C SER B 216 33.86 -37.72 6.39
N GLY B 217 33.66 -37.08 5.23
CA GLY B 217 32.45 -37.28 4.43
C GLY B 217 32.33 -38.59 3.63
N GLN B 218 31.80 -38.44 2.43
CA GLN B 218 31.53 -39.56 1.53
C GLN B 218 32.33 -39.41 0.23
N LEU B 219 32.70 -40.57 -0.32
CA LEU B 219 33.56 -40.67 -1.51
C LEU B 219 32.70 -40.99 -2.71
N GLY B 220 32.09 -39.97 -3.27
CA GLY B 220 31.06 -40.11 -4.30
C GLY B 220 29.72 -39.53 -3.89
N GLY B 221 29.73 -38.58 -2.95
CA GLY B 221 28.50 -38.02 -2.39
C GLY B 221 27.70 -37.28 -3.44
N LEU B 222 26.73 -36.50 -2.99
CA LEU B 222 25.83 -35.86 -3.93
C LEU B 222 25.84 -34.33 -3.83
N PRO B 223 25.90 -33.64 -4.97
CA PRO B 223 25.98 -34.25 -6.30
C PRO B 223 27.32 -34.90 -6.61
N ALA B 224 27.35 -35.57 -7.76
CA ALA B 224 28.57 -36.22 -8.26
C ALA B 224 28.78 -35.94 -9.75
N VAL B 225 29.95 -36.32 -10.25
CA VAL B 225 30.28 -36.18 -11.67
C VAL B 225 29.62 -37.32 -12.45
N LYS B 226 29.13 -37.01 -13.65
CA LYS B 226 28.34 -37.95 -14.46
C LYS B 226 29.10 -39.27 -14.64
N GLY B 227 28.45 -40.37 -14.31
CA GLY B 227 29.12 -41.68 -14.21
C GLY B 227 29.48 -42.03 -12.77
N GLN B 228 30.78 -42.09 -12.48
CA GLN B 228 31.33 -42.51 -11.16
C GLN B 228 30.91 -43.93 -10.77
N GLN B 229 29.62 -44.12 -10.52
CA GLN B 229 29.04 -45.43 -10.19
C GLN B 229 29.42 -46.03 -8.82
N LEU B 230 30.60 -45.66 -8.29
CA LEU B 230 31.10 -46.16 -7.01
C LEU B 230 31.16 -45.05 -5.96
N ASN B 231 30.28 -45.16 -4.96
CA ASN B 231 30.15 -44.26 -3.81
C ASN B 231 30.45 -45.06 -2.53
N ALA B 232 31.16 -44.46 -1.58
CA ALA B 232 31.49 -45.14 -0.32
C ALA B 232 31.81 -44.18 0.82
N THR B 233 31.39 -44.55 2.03
CA THR B 233 31.69 -43.74 3.21
C THR B 233 33.19 -43.86 3.52
N ILE B 234 33.79 -42.76 3.97
CA ILE B 234 35.20 -42.73 4.31
C ILE B 234 35.23 -42.57 5.81
N ILE B 235 35.66 -43.58 6.54
CA ILE B 235 35.71 -43.49 8.02
C ILE B 235 37.09 -42.94 8.42
N GLY B 236 37.11 -41.77 9.05
CA GLY B 236 38.36 -41.20 9.58
C GLY B 236 38.83 -41.94 10.83
N LYS B 237 39.66 -41.28 11.62
CA LYS B 237 40.04 -41.83 12.94
C LYS B 237 38.90 -41.54 13.93
N THR B 238 38.71 -42.43 14.90
CA THR B 238 37.89 -42.13 16.08
C THR B 238 38.84 -41.77 17.24
N ARG B 239 38.27 -41.26 18.32
CA ARG B 239 39.01 -40.77 19.48
C ARG B 239 39.98 -41.81 20.10
N LEU B 240 40.98 -41.34 20.85
CA LEU B 240 41.97 -42.22 21.53
C LEU B 240 41.30 -43.19 22.47
N GLN B 241 42.02 -44.23 22.86
CA GLN B 241 41.46 -45.29 23.75
C GLN B 241 42.34 -45.75 24.91
N THR B 242 43.62 -45.98 24.64
CA THR B 242 44.51 -46.50 25.66
C THR B 242 45.17 -45.38 26.41
N ALA B 243 45.61 -45.69 27.63
CA ALA B 243 46.47 -44.81 28.40
C ALA B 243 47.71 -44.41 27.60
N GLU B 244 48.23 -45.33 26.78
CA GLU B 244 49.51 -45.12 26.07
C GLU B 244 49.36 -44.08 24.98
N GLN B 245 48.29 -44.21 24.20
CA GLN B 245 47.91 -43.17 23.21
C GLN B 245 47.82 -41.77 23.82
N PHE B 246 47.30 -41.69 25.06
CA PHE B 246 47.20 -40.43 25.82
C PHE B 246 48.55 -39.93 26.26
N GLU B 247 49.42 -40.84 26.65
CA GLU B 247 50.78 -40.51 27.06
C GLU B 247 51.61 -39.95 25.93
N ASN B 248 51.08 -39.96 24.72
CA ASN B 248 51.82 -39.60 23.54
C ASN B 248 51.40 -38.33 22.79
N ILE B 249 50.18 -37.87 23.00
CA ILE B 249 49.69 -36.57 22.44
C ILE B 249 50.59 -35.36 22.69
N LEU B 250 51.68 -35.30 21.92
CA LEU B 250 52.69 -34.22 21.95
C LEU B 250 52.24 -32.77 22.26
N LEU B 251 53.03 -32.08 23.09
CA LEU B 251 52.74 -30.74 23.59
C LEU B 251 53.56 -29.66 22.89
N LYS B 252 54.88 -29.88 22.83
CA LYS B 252 55.83 -28.97 22.14
C LYS B 252 57.09 -29.70 21.67
N VAL B 253 57.83 -29.07 20.75
CA VAL B 253 59.12 -29.58 20.26
C VAL B 253 60.21 -28.51 20.41
N ASN B 254 61.30 -28.87 21.07
CA ASN B 254 62.41 -27.95 21.31
C ASN B 254 63.20 -27.67 20.02
N PRO B 255 63.83 -26.47 19.90
CA PRO B 255 64.75 -26.12 18.80
C PRO B 255 65.78 -27.21 18.46
N ASP B 256 66.30 -27.90 19.47
CA ASP B 256 67.13 -29.10 19.26
C ASP B 256 66.41 -30.33 18.64
N GLY B 257 65.15 -30.18 18.21
CA GLY B 257 64.38 -31.26 17.59
C GLY B 257 63.67 -32.22 18.53
N SER B 258 64.13 -32.30 19.79
CA SER B 258 63.51 -33.13 20.81
C SER B 258 62.08 -32.71 21.06
N GLN B 259 61.22 -33.72 21.20
CA GLN B 259 59.79 -33.54 21.40
C GLN B 259 59.40 -33.80 22.85
N VAL B 260 58.33 -33.11 23.28
CA VAL B 260 57.71 -33.31 24.58
C VAL B 260 56.35 -34.01 24.40
N ARG B 261 56.25 -35.23 24.91
CA ARG B 261 55.03 -36.04 24.90
C ARG B 261 54.34 -35.79 26.24
N LEU B 262 53.05 -36.11 26.35
CA LEU B 262 52.31 -35.91 27.63
C LEU B 262 52.97 -36.65 28.78
N LYS B 263 53.33 -37.90 28.55
CA LYS B 263 54.11 -38.69 29.51
C LYS B 263 55.29 -37.96 30.20
N ASP B 264 55.93 -37.04 29.50
CA ASP B 264 56.98 -36.21 30.10
C ASP B 264 56.52 -35.23 31.19
N VAL B 265 55.20 -35.09 31.39
CA VAL B 265 54.67 -34.17 32.40
C VAL B 265 53.66 -34.75 33.40
N ALA B 266 53.06 -35.90 33.09
CA ALA B 266 52.11 -36.53 34.03
C ALA B 266 51.93 -38.02 33.84
N ASP B 267 51.47 -38.68 34.90
CA ASP B 267 51.10 -40.08 34.80
C ASP B 267 49.67 -40.21 34.22
N VAL B 268 49.27 -41.41 33.82
CA VAL B 268 48.08 -41.59 33.00
C VAL B 268 47.53 -43.00 33.18
N GLY B 269 46.29 -43.11 33.61
CA GLY B 269 45.73 -44.44 33.82
C GLY B 269 44.29 -44.36 34.20
N LEU B 270 43.54 -45.41 33.85
CA LEU B 270 42.08 -45.46 34.03
C LEU B 270 41.82 -45.27 35.49
N GLY B 271 40.81 -44.51 35.80
CA GLY B 271 40.54 -44.22 37.19
C GLY B 271 39.11 -43.81 37.43
N GLY B 272 38.89 -43.42 38.67
CA GLY B 272 37.61 -42.93 39.09
C GLY B 272 37.30 -41.61 38.44
N GLN B 273 36.01 -41.35 38.29
CA GLN B 273 35.56 -40.07 37.78
C GLN B 273 35.37 -39.05 38.91
N ASP B 274 34.81 -39.52 40.01
CA ASP B 274 34.75 -38.79 41.26
C ASP B 274 35.22 -39.75 42.39
N TYR B 275 36.11 -39.25 43.26
CA TYR B 275 36.62 -40.00 44.43
C TYR B 275 36.14 -39.49 45.77
N SER B 276 35.14 -38.62 45.77
CA SER B 276 34.53 -38.12 47.00
C SER B 276 34.11 -39.20 47.99
N ILE B 277 33.50 -40.27 47.48
CA ILE B 277 32.81 -41.28 48.30
C ILE B 277 33.54 -42.62 48.25
N ASN B 278 33.69 -43.24 49.41
CA ASN B 278 34.48 -44.43 49.60
C ASN B 278 33.67 -45.43 50.45
N ALA B 279 33.76 -46.71 50.12
CA ALA B 279 32.92 -47.73 50.74
C ALA B 279 33.54 -49.12 50.74
N GLN B 280 33.42 -49.80 51.87
CA GLN B 280 33.98 -51.14 52.00
C GLN B 280 32.97 -52.08 52.68
N PHE B 281 33.03 -53.35 52.30
CA PHE B 281 32.17 -54.39 52.84
C PHE B 281 32.98 -55.29 53.77
N ASN B 282 32.83 -55.05 55.06
CA ASN B 282 33.57 -55.74 56.10
C ASN B 282 35.07 -55.48 56.07
N GLY B 283 35.52 -54.49 55.33
CA GLY B 283 36.93 -54.13 55.30
C GLY B 283 37.43 -54.03 53.89
N SER B 284 36.82 -54.80 53.00
CA SER B 284 37.27 -54.85 51.60
C SER B 284 36.58 -53.82 50.68
N PRO B 285 37.36 -53.19 49.77
CA PRO B 285 36.85 -52.41 48.68
C PRO B 285 35.57 -53.00 48.09
N ALA B 286 34.58 -52.14 47.87
CA ALA B 286 33.25 -52.56 47.41
C ALA B 286 32.47 -51.44 46.73
N SER B 287 31.68 -51.85 45.74
CA SER B 287 30.65 -51.02 45.18
C SER B 287 29.36 -51.79 45.38
N GLY B 288 28.36 -51.59 44.52
CA GLY B 288 27.04 -52.19 44.71
C GLY B 288 25.95 -51.42 43.98
N ILE B 289 24.77 -52.00 43.96
CA ILE B 289 23.61 -51.42 43.31
C ILE B 289 22.52 -51.34 44.37
N ALA B 290 21.65 -50.34 44.29
CA ALA B 290 20.49 -50.31 45.16
C ALA B 290 19.31 -50.33 44.20
N ILE B 291 18.45 -51.33 44.30
CA ILE B 291 17.44 -51.59 43.28
C ILE B 291 16.05 -51.25 43.80
N LYS B 292 15.20 -50.71 42.93
CA LYS B 292 13.77 -50.55 43.23
C LYS B 292 12.98 -51.50 42.41
N LEU B 293 11.80 -51.83 42.92
CA LEU B 293 10.83 -52.69 42.26
C LEU B 293 10.05 -51.87 41.22
N ALA B 294 9.88 -52.38 40.01
CA ALA B 294 9.13 -51.71 38.93
C ALA B 294 7.64 -51.65 39.24
N THR B 295 6.95 -50.69 38.66
CA THR B 295 5.48 -50.60 38.74
C THR B 295 4.88 -51.96 38.50
N GLY B 296 3.93 -52.37 39.32
CA GLY B 296 3.24 -53.67 39.14
C GLY B 296 3.99 -54.98 39.29
N ALA B 297 5.29 -54.94 39.59
CA ALA B 297 6.08 -56.15 39.78
C ALA B 297 5.69 -56.90 41.03
N ASN B 298 6.24 -58.11 41.19
CA ASN B 298 6.11 -58.95 42.39
C ASN B 298 7.43 -58.94 43.19
N ALA B 299 7.45 -58.21 44.29
CA ALA B 299 8.61 -58.14 45.19
C ALA B 299 9.40 -59.46 45.39
N LEU B 300 8.65 -60.55 45.64
CA LEU B 300 9.25 -61.88 45.84
C LEU B 300 9.92 -62.41 44.57
N ASP B 301 9.13 -62.55 43.50
CA ASP B 301 9.64 -63.03 42.20
C ASP B 301 10.86 -62.28 41.69
N THR B 302 10.94 -60.96 41.91
CA THR B 302 12.02 -60.15 41.35
C THR B 302 13.26 -60.40 42.14
N ALA B 303 13.15 -60.50 43.46
CA ALA B 303 14.32 -60.82 44.29
C ALA B 303 14.98 -62.14 43.86
N LYS B 304 14.17 -63.17 43.60
CA LYS B 304 14.63 -64.40 42.96
C LYS B 304 15.28 -64.18 41.60
N ALA B 305 14.56 -63.47 40.75
CA ALA B 305 15.04 -63.12 39.42
C ALA B 305 16.32 -62.32 39.40
N ILE B 306 16.55 -61.46 40.41
CA ILE B 306 17.83 -60.71 40.57
C ILE B 306 18.93 -61.71 40.83
N ARG B 307 18.75 -62.50 41.91
CA ARG B 307 19.74 -63.50 42.32
C ARG B 307 20.04 -64.48 41.19
N GLN B 308 19.00 -64.83 40.44
CA GLN B 308 19.18 -65.59 39.24
C GLN B 308 20.16 -64.91 38.26
N THR B 309 19.80 -63.74 37.73
CA THR B 309 20.65 -62.94 36.83
C THR B 309 22.10 -62.83 37.30
N ILE B 310 22.29 -62.41 38.55
CA ILE B 310 23.61 -62.29 39.16
C ILE B 310 24.42 -63.58 39.04
N ALA B 311 23.83 -64.70 39.48
CA ALA B 311 24.48 -66.03 39.48
C ALA B 311 24.99 -66.45 38.11
N ASN B 312 24.17 -66.31 37.07
CA ASN B 312 24.63 -66.47 35.68
C ASN B 312 25.84 -65.60 35.26
N LEU B 313 26.31 -64.74 36.14
CA LEU B 313 27.48 -63.91 35.91
C LEU B 313 28.65 -64.25 36.83
N GLU B 314 28.38 -64.80 38.01
CA GLU B 314 29.45 -65.15 38.98
C GLU B 314 30.60 -66.00 38.40
N PRO B 315 30.28 -66.97 37.48
CA PRO B 315 31.31 -67.72 36.77
C PRO B 315 32.43 -66.84 36.20
N PHE B 316 32.08 -65.87 35.35
CA PHE B 316 33.07 -65.06 34.62
C PHE B 316 33.74 -63.98 35.47
N MET B 317 33.22 -63.70 36.67
CA MET B 317 33.73 -62.60 37.47
C MET B 317 35.20 -62.82 37.88
N PRO B 318 36.06 -61.79 37.71
CA PRO B 318 37.44 -61.84 38.14
C PRO B 318 37.64 -62.39 39.52
N GLN B 319 38.88 -62.77 39.77
CA GLN B 319 39.26 -63.57 40.93
C GLN B 319 39.25 -62.63 42.11
N GLY B 320 38.54 -63.00 43.16
CA GLY B 320 38.35 -62.13 44.32
C GLY B 320 37.06 -61.31 44.36
N MET B 321 36.38 -61.17 43.22
CA MET B 321 35.12 -60.42 43.15
C MET B 321 33.97 -61.27 43.73
N LYS B 322 33.41 -60.83 44.85
CA LYS B 322 32.22 -61.47 45.43
C LYS B 322 30.93 -60.58 45.43
N VAL B 323 29.86 -61.05 44.75
CA VAL B 323 28.51 -60.46 44.92
C VAL B 323 27.94 -60.91 46.26
N VAL B 324 27.03 -60.12 46.80
CA VAL B 324 26.62 -60.28 48.20
C VAL B 324 25.37 -59.41 48.47
N TYR B 325 24.52 -59.80 49.40
CA TYR B 325 23.14 -59.20 49.50
C TYR B 325 22.78 -58.70 50.91
N PRO B 326 23.53 -57.70 51.39
CA PRO B 326 23.40 -57.16 52.76
C PRO B 326 21.99 -56.80 53.13
N TYR B 327 21.29 -56.08 52.25
CA TYR B 327 19.94 -55.64 52.58
C TYR B 327 18.99 -56.12 51.55
N ASP B 328 17.92 -56.77 52.01
CA ASP B 328 16.86 -57.32 51.18
C ASP B 328 15.55 -57.21 52.00
N THR B 329 14.48 -56.71 51.40
CA THR B 329 13.24 -56.46 52.13
C THR B 329 12.30 -57.64 51.99
N THR B 330 12.67 -58.56 51.12
CA THR B 330 11.86 -59.71 50.78
C THR B 330 11.55 -60.64 51.95
N PRO B 331 12.53 -60.92 52.82
CA PRO B 331 12.24 -61.69 54.03
C PRO B 331 10.99 -61.21 54.81
N VAL B 332 10.90 -59.90 55.06
CA VAL B 332 9.75 -59.32 55.78
C VAL B 332 8.46 -59.43 54.96
N VAL B 333 8.56 -59.17 53.67
CA VAL B 333 7.39 -59.26 52.80
C VAL B 333 6.85 -60.67 52.75
N SER B 334 7.77 -61.63 52.65
CA SER B 334 7.43 -63.05 52.56
C SER B 334 6.91 -63.55 53.91
N ALA B 335 7.64 -63.20 54.96
CA ALA B 335 7.18 -63.47 56.31
C ALA B 335 5.87 -62.82 56.72
N SER B 336 5.26 -62.05 55.82
CA SER B 336 3.99 -61.38 56.06
C SER B 336 2.87 -61.99 55.28
N ILE B 337 3.16 -62.46 54.08
CA ILE B 337 2.18 -63.22 53.30
C ILE B 337 1.84 -64.57 53.95
N HIS B 338 2.84 -65.26 54.49
CA HIS B 338 2.62 -66.53 55.15
C HIS B 338 1.94 -66.30 56.46
N GLU B 339 2.46 -65.37 57.25
CA GLU B 339 1.91 -65.12 58.60
C GLU B 339 0.53 -64.43 58.54
N VAL B 340 -0.22 -64.72 57.48
CA VAL B 340 -1.53 -64.13 57.19
C VAL B 340 -2.37 -65.22 56.55
N VAL B 341 -1.83 -65.87 55.51
CA VAL B 341 -2.40 -67.09 54.96
C VAL B 341 -2.57 -68.20 56.06
N LYS B 342 -1.65 -68.20 57.02
CA LYS B 342 -1.72 -69.07 58.19
C LYS B 342 -2.93 -68.72 59.06
N THR B 343 -2.99 -67.46 59.48
CA THR B 343 -4.00 -66.95 60.42
C THR B 343 -5.38 -67.00 59.78
N LEU B 344 -5.42 -66.75 58.47
CA LEU B 344 -6.67 -66.96 57.74
C LEU B 344 -7.12 -68.40 57.90
N GLY B 345 -6.26 -69.35 57.55
CA GLY B 345 -6.61 -70.76 57.63
C GLY B 345 -7.02 -71.17 59.05
N GLU B 346 -6.14 -70.92 60.01
CA GLU B 346 -6.45 -71.11 61.43
C GLU B 346 -7.83 -70.62 61.82
N ALA B 347 -8.14 -69.41 61.39
CA ALA B 347 -9.43 -68.83 61.72
C ALA B 347 -10.57 -69.71 61.18
N ILE B 348 -10.47 -70.16 59.92
CA ILE B 348 -11.53 -70.99 59.34
C ILE B 348 -11.53 -72.36 60.05
N LEU B 349 -10.34 -72.85 60.46
CA LEU B 349 -10.20 -74.09 61.27
C LEU B 349 -10.88 -73.93 62.60
N LEU B 350 -10.52 -72.86 63.30
CA LEU B 350 -11.08 -72.55 64.62
C LEU B 350 -12.59 -72.36 64.60
N VAL B 351 -13.09 -71.81 63.51
CA VAL B 351 -14.53 -71.61 63.32
C VAL B 351 -15.18 -72.96 63.20
N PHE B 352 -14.59 -73.87 62.44
CA PHE B 352 -15.03 -75.27 62.40
C PHE B 352 -15.17 -75.91 63.80
N LEU B 353 -14.12 -75.86 64.59
CA LEU B 353 -14.18 -76.36 65.97
C LEU B 353 -15.34 -75.78 66.78
N VAL B 354 -15.35 -74.47 67.00
CA VAL B 354 -16.43 -73.82 67.80
C VAL B 354 -17.79 -73.99 67.14
N MET B 355 -17.79 -74.15 65.83
CA MET B 355 -19.01 -74.49 65.12
C MET B 355 -19.47 -75.89 65.49
N TYR B 356 -18.55 -76.84 65.54
CA TYR B 356 -18.86 -78.23 65.93
C TYR B 356 -19.24 -78.33 67.39
N LEU B 357 -18.30 -78.01 68.29
CA LEU B 357 -18.52 -77.91 69.75
C LEU B 357 -19.96 -77.49 70.12
N PHE B 358 -20.43 -76.40 69.51
CA PHE B 358 -21.72 -75.85 69.84
C PHE B 358 -22.84 -76.49 69.05
N LEU B 359 -22.68 -76.66 67.75
CA LEU B 359 -23.81 -77.06 66.91
C LEU B 359 -23.88 -78.55 66.68
N GLN B 360 -22.75 -79.23 66.81
CA GLN B 360 -22.68 -80.69 66.88
C GLN B 360 -23.26 -81.32 65.62
N ASN B 361 -22.69 -80.92 64.49
CA ASN B 361 -23.25 -81.22 63.18
C ASN B 361 -22.20 -80.84 62.14
N PHE B 362 -21.84 -81.77 61.26
CA PHE B 362 -20.83 -81.50 60.24
C PHE B 362 -21.39 -80.65 59.10
N ARG B 363 -22.66 -80.80 58.73
CA ARG B 363 -23.20 -80.02 57.60
C ARG B 363 -23.07 -78.53 57.83
N ALA B 364 -23.59 -78.08 58.97
CA ALA B 364 -23.46 -76.68 59.48
C ALA B 364 -22.05 -76.14 59.48
N THR B 365 -21.10 -77.01 59.77
CA THR B 365 -19.70 -76.70 59.86
C THR B 365 -19.07 -76.36 58.49
N LEU B 366 -19.69 -76.87 57.43
CA LEU B 366 -19.20 -76.63 56.10
C LEU B 366 -19.57 -75.24 55.62
N ILE B 367 -20.77 -74.72 55.98
CA ILE B 367 -21.24 -73.45 55.45
C ILE B 367 -20.13 -72.37 55.58
N PRO B 368 -19.71 -71.97 56.82
CA PRO B 368 -18.59 -71.06 57.08
C PRO B 368 -17.33 -71.35 56.29
N THR B 369 -17.03 -72.64 56.15
CA THR B 369 -15.86 -73.09 55.38
C THR B 369 -15.94 -72.76 53.88
N ILE B 370 -17.15 -72.75 53.30
CA ILE B 370 -17.36 -72.30 51.91
C ILE B 370 -17.31 -70.77 51.86
N ALA B 371 -18.23 -70.11 52.54
CA ALA B 371 -18.42 -68.63 52.45
C ALA B 371 -17.18 -67.83 52.78
N VAL B 372 -16.47 -68.15 53.85
CA VAL B 372 -15.33 -67.30 54.19
C VAL B 372 -14.29 -67.23 53.05
N PRO B 373 -13.90 -68.37 52.48
CA PRO B 373 -12.98 -68.25 51.34
C PRO B 373 -13.59 -67.56 50.13
N VAL B 374 -14.87 -67.78 49.85
CA VAL B 374 -15.53 -67.11 48.75
C VAL B 374 -15.29 -65.60 48.89
N VAL B 375 -15.56 -65.07 50.07
CA VAL B 375 -15.42 -63.67 50.35
C VAL B 375 -13.96 -63.19 50.35
N LEU B 376 -13.06 -64.04 50.88
CA LEU B 376 -11.64 -63.72 50.82
C LEU B 376 -11.18 -63.52 49.42
N LEU B 377 -11.63 -64.38 48.51
CA LEU B 377 -11.18 -64.26 47.13
C LEU B 377 -11.79 -63.02 46.55
N GLY B 378 -13.08 -62.80 46.82
CA GLY B 378 -13.81 -61.61 46.32
C GLY B 378 -13.03 -60.34 46.62
N THR B 379 -12.68 -60.14 47.89
CA THR B 379 -11.96 -58.95 48.33
C THR B 379 -10.74 -58.57 47.48
N PHE B 380 -9.93 -59.58 47.12
CA PHE B 380 -8.82 -59.40 46.20
C PHE B 380 -9.20 -58.91 44.81
N GLY B 381 -10.29 -59.42 44.28
CA GLY B 381 -10.81 -58.89 43.05
C GLY B 381 -11.10 -57.43 43.25
N VAL B 382 -11.87 -57.14 44.29
CA VAL B 382 -12.24 -55.78 44.59
C VAL B 382 -10.99 -54.89 44.71
N LEU B 383 -9.93 -55.35 45.39
CA LEU B 383 -8.67 -54.58 45.50
C LEU B 383 -8.01 -54.30 44.15
N ALA B 384 -7.96 -55.35 43.34
CA ALA B 384 -7.44 -55.28 41.97
C ALA B 384 -8.15 -54.19 41.20
N ALA B 385 -9.49 -54.24 41.24
CA ALA B 385 -10.31 -53.28 40.51
C ALA B 385 -9.94 -51.89 40.93
N PHE B 386 -9.93 -51.65 42.23
CA PHE B 386 -9.63 -50.31 42.75
C PHE B 386 -8.14 -49.92 42.68
N GLY B 387 -7.26 -50.72 42.07
CA GLY B 387 -5.89 -50.32 41.89
C GLY B 387 -4.94 -50.51 43.05
N PHE B 388 -5.37 -51.21 44.11
CA PHE B 388 -4.51 -51.48 45.28
C PHE B 388 -3.50 -52.61 44.99
N SER B 389 -2.53 -52.82 45.88
CA SER B 389 -1.63 -54.00 45.80
C SER B 389 -1.69 -54.94 47.03
N ILE B 390 -1.00 -56.07 46.92
CA ILE B 390 -0.82 -56.98 48.05
C ILE B 390 0.41 -56.45 48.75
N ASN B 391 0.20 -55.92 49.96
CA ASN B 391 1.28 -55.36 50.78
C ASN B 391 1.01 -55.57 52.23
N THR B 392 2.01 -55.27 53.03
CA THR B 392 1.93 -55.30 54.50
C THR B 392 0.61 -54.78 55.08
N LEU B 393 0.20 -53.61 54.61
CA LEU B 393 -0.98 -52.95 55.13
C LEU B 393 -2.29 -53.58 54.57
N THR B 394 -2.30 -53.96 53.29
CA THR B 394 -3.52 -54.59 52.75
C THR B 394 -3.76 -55.97 53.37
N MET B 395 -2.67 -56.67 53.71
CA MET B 395 -2.77 -57.96 54.33
C MET B 395 -3.20 -57.87 55.79
N PHE B 396 -2.55 -57.05 56.61
CA PHE B 396 -3.05 -56.88 57.99
C PHE B 396 -4.48 -56.45 58.03
N GLY B 397 -4.89 -55.68 57.02
CA GLY B 397 -6.29 -55.38 56.72
C GLY B 397 -7.18 -56.60 56.65
N MET B 398 -6.68 -57.67 56.03
CA MET B 398 -7.43 -58.94 55.95
C MET B 398 -7.57 -59.64 57.32
N VAL B 399 -6.51 -59.56 58.12
CA VAL B 399 -6.51 -60.13 59.44
C VAL B 399 -7.54 -59.47 60.35
N LEU B 400 -7.59 -58.15 60.34
CA LEU B 400 -8.64 -57.45 61.09
C LEU B 400 -10.04 -57.82 60.52
N ALA B 401 -10.15 -58.03 59.21
CA ALA B 401 -11.44 -58.32 58.59
C ALA B 401 -12.03 -59.67 58.99
N ILE B 402 -11.15 -60.62 59.34
CA ILE B 402 -11.52 -61.98 59.81
C ILE B 402 -12.61 -62.05 60.86
N GLY B 403 -12.49 -61.31 61.92
CA GLY B 403 -13.60 -61.23 62.87
C GLY B 403 -14.94 -60.99 62.17
N LEU B 404 -14.98 -59.99 61.32
CA LEU B 404 -16.21 -59.56 60.71
C LEU B 404 -16.70 -60.57 59.69
N LEU B 405 -15.77 -61.27 59.03
CA LEU B 405 -16.07 -62.36 58.09
C LEU B 405 -16.69 -63.61 58.72
N VAL B 406 -15.95 -64.11 59.69
CA VAL B 406 -16.31 -65.20 60.56
C VAL B 406 -17.68 -64.95 61.18
N ASP B 407 -17.90 -63.74 61.68
CA ASP B 407 -19.16 -63.40 62.33
C ASP B 407 -20.35 -63.53 61.40
N ASP B 408 -20.37 -62.82 60.27
CA ASP B 408 -21.47 -62.88 59.26
C ASP B 408 -21.97 -64.31 59.00
N ALA B 409 -21.04 -65.25 58.84
CA ALA B 409 -21.34 -66.66 58.60
C ALA B 409 -21.97 -67.36 59.85
N ILE B 410 -21.31 -67.22 60.98
CA ILE B 410 -21.84 -67.74 62.22
C ILE B 410 -23.27 -67.23 62.53
N VAL B 411 -23.46 -65.91 62.46
CA VAL B 411 -24.80 -65.40 62.77
C VAL B 411 -25.88 -66.04 61.89
N VAL B 412 -25.66 -66.14 60.58
CA VAL B 412 -26.66 -66.71 59.69
C VAL B 412 -26.95 -68.17 59.96
N VAL B 413 -25.91 -68.98 60.03
CA VAL B 413 -26.10 -70.42 60.31
C VAL B 413 -26.70 -70.62 61.69
N GLU B 414 -26.09 -70.03 62.72
CA GLU B 414 -26.57 -70.31 64.08
C GLU B 414 -28.03 -69.96 64.23
N ASN B 415 -28.50 -68.96 63.52
CA ASN B 415 -29.85 -68.49 63.69
C ASN B 415 -30.85 -69.40 63.02
N VAL B 416 -30.47 -70.03 61.88
CA VAL B 416 -31.35 -71.02 61.18
C VAL B 416 -31.47 -72.26 62.06
N GLU B 417 -30.30 -72.75 62.44
CA GLU B 417 -30.13 -73.80 63.42
C GLU B 417 -31.01 -73.62 64.68
N ARG B 418 -31.07 -72.42 65.24
CA ARG B 418 -31.83 -72.15 66.45
C ARG B 418 -33.33 -72.16 66.13
N VAL B 419 -33.70 -71.48 65.06
CA VAL B 419 -35.09 -71.40 64.62
C VAL B 419 -35.71 -72.79 64.38
N MET B 420 -34.93 -73.68 63.75
CA MET B 420 -35.37 -75.09 63.60
C MET B 420 -35.59 -75.78 64.93
N ALA B 421 -34.66 -75.59 65.84
CA ALA B 421 -34.71 -76.16 67.17
C ALA B 421 -35.90 -75.65 68.01
N GLU B 422 -36.18 -74.36 67.95
CA GLU B 422 -37.22 -73.82 68.80
C GLU B 422 -38.59 -74.06 68.24
N GLU B 423 -38.75 -73.89 66.93
CA GLU B 423 -40.08 -73.98 66.27
C GLU B 423 -40.31 -75.22 65.40
N GLY B 424 -39.37 -76.16 65.44
CA GLY B 424 -39.40 -77.32 64.57
C GLY B 424 -39.63 -77.12 63.08
N LEU B 425 -39.29 -75.95 62.54
CA LEU B 425 -39.44 -75.72 61.11
C LEU B 425 -38.37 -76.51 60.35
N SER B 426 -38.60 -76.67 59.06
CA SER B 426 -37.67 -77.36 58.19
C SER B 426 -36.63 -76.39 57.73
N PRO B 427 -35.48 -76.88 57.29
CA PRO B 427 -34.39 -76.01 56.86
C PRO B 427 -34.78 -74.84 55.99
N ARG B 428 -35.52 -75.11 54.93
CA ARG B 428 -35.94 -74.06 54.01
C ARG B 428 -36.78 -73.05 54.79
N GLU B 429 -37.82 -73.53 55.45
CA GLU B 429 -38.70 -72.63 56.22
C GLU B 429 -37.97 -71.80 57.30
N ALA B 430 -37.06 -72.44 58.04
CA ALA B 430 -36.17 -71.76 59.02
C ALA B 430 -35.28 -70.68 58.41
N ALA B 431 -34.53 -71.07 57.38
CA ALA B 431 -33.77 -70.16 56.55
C ALA B 431 -34.58 -68.93 56.09
N ARG B 432 -35.81 -69.12 55.60
CA ARG B 432 -36.56 -67.94 55.14
C ARG B 432 -36.98 -67.11 56.36
N LYS B 433 -37.53 -67.80 57.35
CA LYS B 433 -37.89 -67.20 58.65
C LYS B 433 -36.74 -66.39 59.26
N SER B 434 -35.57 -67.00 59.32
CA SER B 434 -34.39 -66.37 59.89
C SER B 434 -34.01 -65.17 59.06
N MET B 435 -33.88 -65.30 57.75
CA MET B 435 -33.52 -64.10 56.96
C MET B 435 -34.59 -63.01 56.92
N GLY B 436 -35.82 -63.31 57.32
CA GLY B 436 -36.78 -62.27 57.56
C GLY B 436 -36.42 -61.49 58.81
N GLN B 437 -35.93 -62.21 59.80
CA GLN B 437 -35.46 -61.58 61.03
C GLN B 437 -34.24 -60.71 60.79
N ILE B 438 -33.19 -61.26 60.20
CA ILE B 438 -31.87 -60.61 60.26
C ILE B 438 -31.79 -59.56 59.16
N GLN B 439 -31.15 -59.85 58.04
CA GLN B 439 -31.40 -59.18 56.74
C GLN B 439 -31.47 -57.68 56.69
N GLY B 440 -32.55 -57.08 57.19
CA GLY B 440 -32.66 -55.63 57.34
C GLY B 440 -31.51 -55.18 58.18
N ALA B 441 -31.39 -55.75 59.36
CA ALA B 441 -30.30 -55.42 60.25
C ALA B 441 -28.93 -55.60 59.56
N LEU B 442 -28.71 -56.67 58.78
CA LEU B 442 -27.47 -56.85 57.97
C LEU B 442 -27.19 -55.74 56.96
N VAL B 443 -28.21 -55.40 56.20
CA VAL B 443 -28.09 -54.20 55.34
C VAL B 443 -27.75 -53.00 56.24
N GLY B 444 -28.49 -52.87 57.34
CA GLY B 444 -28.28 -51.83 58.34
C GLY B 444 -26.84 -51.78 58.82
N ILE B 445 -26.28 -52.93 59.15
CA ILE B 445 -24.94 -52.99 59.73
C ILE B 445 -23.90 -52.81 58.64
N ALA B 446 -24.22 -53.13 57.38
CA ALA B 446 -23.28 -52.85 56.27
C ALA B 446 -23.10 -51.34 56.11
N MET B 447 -24.21 -50.60 56.20
CA MET B 447 -24.17 -49.14 56.22
C MET B 447 -23.37 -48.64 57.41
N VAL B 448 -23.77 -49.05 58.62
CA VAL B 448 -23.14 -48.59 59.86
C VAL B 448 -21.65 -48.81 59.84
N LEU B 449 -21.19 -49.94 59.32
CA LEU B 449 -19.73 -50.21 59.27
C LEU B 449 -19.01 -49.42 58.21
N SER B 450 -19.63 -49.21 57.04
CA SER B 450 -19.09 -48.28 56.05
C SER B 450 -18.83 -46.92 56.66
N ALA B 451 -19.81 -46.42 57.42
CA ALA B 451 -19.71 -45.14 58.13
C ALA B 451 -18.57 -45.09 59.14
N VAL B 452 -18.24 -46.24 59.70
CA VAL B 452 -17.17 -46.37 60.70
C VAL B 452 -15.79 -46.43 60.05
N PHE B 453 -15.65 -47.11 58.92
CA PHE B 453 -14.33 -47.35 58.27
C PHE B 453 -13.91 -46.45 57.07
N LEU B 454 -14.86 -45.91 56.32
CA LEU B 454 -14.57 -45.07 55.15
C LEU B 454 -13.92 -43.72 55.44
N PRO B 455 -14.33 -43.03 56.49
CA PRO B 455 -13.68 -41.76 56.78
C PRO B 455 -12.15 -41.82 56.82
N MET B 456 -11.56 -42.81 57.46
CA MET B 456 -10.11 -43.07 57.37
C MET B 456 -9.59 -42.91 55.96
N ALA B 457 -10.31 -43.45 55.00
CA ALA B 457 -9.89 -43.29 53.61
C ALA B 457 -9.72 -41.84 53.12
N PHE B 458 -10.40 -40.87 53.75
CA PHE B 458 -10.33 -39.47 53.35
C PHE B 458 -9.36 -38.65 54.17
N PHE B 459 -8.50 -39.32 54.92
CA PHE B 459 -7.34 -38.63 55.45
C PHE B 459 -6.36 -38.20 54.39
N GLY B 460 -5.66 -37.13 54.71
CA GLY B 460 -4.74 -36.52 53.81
C GLY B 460 -3.34 -37.01 54.08
N GLY B 461 -2.53 -36.92 53.04
CA GLY B 461 -1.12 -37.08 53.18
C GLY B 461 -0.69 -38.51 53.24
N SER B 462 0.45 -38.71 53.88
CA SER B 462 1.10 -39.99 54.05
C SER B 462 0.35 -40.91 55.00
N THR B 463 0.05 -40.39 56.20
CA THR B 463 -0.79 -41.14 57.14
C THR B 463 -2.09 -41.55 56.45
N GLY B 464 -2.57 -40.71 55.53
CA GLY B 464 -3.77 -41.06 54.77
C GLY B 464 -3.67 -42.28 53.86
N VAL B 465 -2.54 -42.41 53.17
CA VAL B 465 -2.28 -43.53 52.34
C VAL B 465 -2.28 -44.76 53.23
N ILE B 466 -1.57 -44.73 54.37
CA ILE B 466 -1.50 -45.89 55.28
C ILE B 466 -2.93 -46.35 55.66
N TYR B 467 -3.75 -45.43 56.18
CA TYR B 467 -5.06 -45.81 56.71
C TYR B 467 -5.93 -46.26 55.60
N ARG B 468 -5.73 -45.67 54.42
CA ARG B 468 -6.59 -45.94 53.28
C ARG B 468 -6.48 -47.43 52.85
N GLN B 469 -5.31 -48.01 53.07
CA GLN B 469 -5.08 -49.43 52.86
C GLN B 469 -6.03 -50.24 53.73
N PHE B 470 -5.96 -50.05 55.03
CA PHE B 470 -6.81 -50.77 55.95
C PHE B 470 -8.24 -50.52 55.70
N SER B 471 -8.56 -49.28 55.42
CA SER B 471 -9.94 -48.90 55.22
C SER B 471 -10.53 -49.67 54.05
N ILE B 472 -9.87 -49.66 52.91
CA ILE B 472 -10.49 -50.14 51.69
C ILE B 472 -10.55 -51.66 51.66
N THR B 473 -9.53 -52.29 52.21
CA THR B 473 -9.53 -53.77 52.29
C THR B 473 -10.61 -54.29 53.31
N ILE B 474 -10.69 -53.60 54.46
CA ILE B 474 -11.75 -53.90 55.40
C ILE B 474 -13.17 -53.70 54.84
N VAL B 475 -13.53 -52.52 54.29
CA VAL B 475 -14.93 -52.34 53.84
C VAL B 475 -15.27 -53.20 52.61
N SER B 476 -14.27 -53.54 51.82
CA SER B 476 -14.53 -54.41 50.71
C SER B 476 -14.90 -55.78 51.22
N ALA B 477 -14.17 -56.28 52.23
CA ALA B 477 -14.47 -57.59 52.79
C ALA B 477 -15.83 -57.65 53.48
N MET B 478 -16.05 -56.67 54.34
CA MET B 478 -17.31 -56.47 55.05
C MET B 478 -18.47 -56.45 54.05
N ALA B 479 -18.37 -55.60 53.05
CA ALA B 479 -19.38 -55.47 52.02
C ALA B 479 -19.65 -56.80 51.28
N LEU B 480 -18.59 -57.44 50.85
CA LEU B 480 -18.70 -58.75 50.26
C LEU B 480 -19.30 -59.79 51.16
N SER B 481 -18.83 -59.84 52.40
CA SER B 481 -19.39 -60.69 53.45
C SER B 481 -20.89 -60.52 53.68
N VAL B 482 -21.39 -59.30 53.58
CA VAL B 482 -22.84 -59.05 53.70
C VAL B 482 -23.58 -59.59 52.48
N ILE B 483 -23.04 -59.29 51.29
CA ILE B 483 -23.63 -59.77 50.05
C ILE B 483 -23.81 -61.30 50.08
N VAL B 484 -22.71 -61.98 50.41
CA VAL B 484 -22.66 -63.43 50.56
C VAL B 484 -23.57 -63.96 51.68
N ALA B 485 -23.78 -63.16 52.72
CA ALA B 485 -24.62 -63.55 53.84
C ALA B 485 -26.03 -63.41 53.50
N LEU B 486 -26.32 -62.71 52.40
CA LEU B 486 -27.69 -62.61 51.86
C LEU B 486 -28.04 -63.50 50.67
N ILE B 487 -27.04 -63.91 49.85
CA ILE B 487 -27.23 -64.75 48.64
C ILE B 487 -26.90 -66.19 48.93
N LEU B 488 -25.62 -66.46 49.21
CA LEU B 488 -25.07 -67.82 49.32
C LEU B 488 -25.49 -68.58 50.61
N THR B 489 -25.01 -68.14 51.76
CA THR B 489 -25.19 -68.88 53.02
C THR B 489 -26.66 -69.19 53.38
N PRO B 490 -27.60 -68.26 53.24
CA PRO B 490 -28.93 -68.79 53.54
C PRO B 490 -29.40 -69.85 52.52
N ALA B 491 -28.91 -69.76 51.28
CA ALA B 491 -29.16 -70.83 50.32
C ALA B 491 -28.50 -72.10 50.81
N LEU B 492 -27.23 -72.04 51.20
CA LEU B 492 -26.55 -73.24 51.75
C LEU B 492 -27.23 -73.85 52.99
N CYS B 493 -27.76 -72.99 53.84
CA CYS B 493 -28.53 -73.45 54.98
C CYS B 493 -29.76 -74.26 54.53
N ALA B 494 -30.63 -73.64 53.75
CA ALA B 494 -31.82 -74.36 53.23
C ALA B 494 -31.47 -75.75 52.66
N THR B 495 -30.30 -75.85 52.05
CA THR B 495 -29.92 -76.99 51.26
C THR B 495 -29.21 -78.07 52.08
N MET B 496 -28.26 -77.66 52.91
CA MET B 496 -27.32 -78.58 53.53
C MET B 496 -27.69 -79.05 54.91
N LEU B 497 -28.65 -78.41 55.57
CA LEU B 497 -28.91 -78.71 56.98
C LEU B 497 -30.04 -79.70 57.10
N LYS B 498 -29.96 -80.59 58.08
CA LYS B 498 -31.06 -81.52 58.45
C LYS B 498 -31.97 -80.88 59.51
N PRO B 499 -33.23 -81.33 59.60
CA PRO B 499 -34.14 -80.91 60.66
C PRO B 499 -33.70 -81.17 62.11
N ILE B 500 -34.38 -80.52 63.05
CA ILE B 500 -34.17 -80.70 64.48
C ILE B 500 -35.56 -80.76 65.13
N GLU B 501 -35.83 -81.85 65.84
CA GLU B 501 -37.05 -81.99 66.65
C GLU B 501 -37.28 -80.75 67.53
N LYS B 502 -38.42 -80.09 67.33
CA LYS B 502 -38.84 -78.95 68.16
C LYS B 502 -38.56 -79.21 69.65
N GLY B 503 -37.94 -78.23 70.29
CA GLY B 503 -37.54 -78.31 71.70
C GLY B 503 -36.23 -79.04 71.99
N ASP B 504 -35.58 -79.65 70.99
CA ASP B 504 -34.35 -80.47 71.22
C ASP B 504 -33.03 -79.67 71.35
N HIS B 505 -32.54 -79.54 72.57
CA HIS B 505 -31.31 -78.81 72.85
C HIS B 505 -30.17 -79.72 73.32
N GLY B 506 -30.25 -81.00 72.98
CA GLY B 506 -29.15 -81.96 73.15
C GLY B 506 -28.74 -82.30 74.57
N GLU B 507 -29.65 -82.10 75.53
CA GLU B 507 -29.34 -82.33 76.96
C GLU B 507 -29.35 -83.84 77.29
N HIS B 508 -29.76 -84.67 76.33
CA HIS B 508 -29.82 -86.11 76.48
C HIS B 508 -28.63 -86.84 75.90
N LYS B 509 -28.07 -86.33 74.80
CA LYS B 509 -26.92 -86.93 74.09
C LYS B 509 -25.90 -87.68 74.94
N GLY B 510 -25.70 -87.29 76.19
CA GLY B 510 -24.66 -87.94 77.01
C GLY B 510 -23.28 -87.80 76.39
N GLY B 511 -22.24 -88.24 77.09
CA GLY B 511 -20.87 -87.93 76.68
C GLY B 511 -20.54 -86.46 76.91
N PHE B 512 -19.53 -85.98 76.19
CA PHE B 512 -19.03 -84.60 76.36
C PHE B 512 -20.14 -83.66 75.95
N PHE B 513 -20.61 -83.85 74.71
CA PHE B 513 -21.73 -83.06 74.18
C PHE B 513 -22.96 -83.01 75.06
N GLY B 514 -23.30 -84.11 75.69
CA GLY B 514 -24.36 -84.12 76.70
C GLY B 514 -24.06 -83.24 77.90
N TRP B 515 -22.80 -83.29 78.37
CA TRP B 515 -22.35 -82.43 79.47
C TRP B 515 -22.37 -80.94 79.05
N PHE B 516 -21.75 -80.67 77.90
CA PHE B 516 -21.67 -79.33 77.36
C PHE B 516 -23.06 -78.70 77.20
N ASN B 517 -23.98 -79.41 76.57
CA ASN B 517 -25.32 -78.85 76.36
C ASN B 517 -26.09 -78.55 77.63
N ARG B 518 -25.84 -79.32 78.69
CA ARG B 518 -26.46 -79.05 79.98
C ARG B 518 -25.76 -77.87 80.66
N MET B 519 -24.42 -77.87 80.52
CA MET B 519 -23.58 -76.84 81.12
C MET B 519 -24.00 -75.51 80.55
N PHE B 520 -23.92 -75.39 79.22
CA PHE B 520 -24.27 -74.15 78.49
C PHE B 520 -25.75 -73.75 78.60
N LEU B 521 -26.63 -74.74 78.67
CA LEU B 521 -28.04 -74.47 78.99
C LEU B 521 -28.19 -73.80 80.34
N SER B 522 -27.40 -74.24 81.31
CA SER B 522 -27.43 -73.61 82.63
C SER B 522 -26.77 -72.23 82.61
N THR B 523 -25.59 -72.15 81.98
CA THR B 523 -24.94 -70.86 81.80
C THR B 523 -25.88 -69.80 81.18
N THR B 524 -26.58 -70.20 80.11
CA THR B 524 -27.59 -69.34 79.52
C THR B 524 -28.63 -68.85 80.55
N HIS B 525 -29.24 -69.77 81.28
CA HIS B 525 -30.29 -69.41 82.27
C HIS B 525 -29.68 -68.47 83.33
N GLY B 526 -28.44 -68.78 83.71
CA GLY B 526 -27.66 -67.97 84.66
C GLY B 526 -27.48 -66.54 84.19
N TYR B 527 -27.08 -66.43 82.91
CA TYR B 527 -26.96 -65.13 82.24
C TYR B 527 -28.30 -64.38 82.18
N GLU B 528 -29.38 -65.07 81.82
CA GLU B 528 -30.70 -64.38 81.77
C GLU B 528 -31.00 -63.78 83.16
N ARG B 529 -30.69 -64.54 84.22
CA ARG B 529 -30.85 -64.06 85.61
C ARG B 529 -30.01 -62.82 85.92
N GLY B 530 -28.70 -62.88 85.67
CA GLY B 530 -27.83 -61.67 85.70
C GLY B 530 -28.45 -60.43 85.03
N VAL B 531 -28.86 -60.62 83.78
CA VAL B 531 -29.45 -59.56 83.00
C VAL B 531 -30.73 -59.10 83.72
N ALA B 532 -31.55 -60.06 84.12
CA ALA B 532 -32.88 -59.80 84.71
C ALA B 532 -32.70 -59.02 86.01
N SER B 533 -31.73 -59.49 86.80
CA SER B 533 -31.24 -58.77 87.95
C SER B 533 -30.87 -57.33 87.59
N ILE B 534 -29.87 -57.13 86.71
CA ILE B 534 -29.44 -55.78 86.28
C ILE B 534 -30.61 -54.86 85.88
N LEU B 535 -31.60 -55.38 85.17
CA LEU B 535 -32.77 -54.58 84.75
C LEU B 535 -33.72 -54.16 85.87
N LYS B 536 -33.60 -54.80 87.05
CA LYS B 536 -34.27 -54.34 88.30
C LYS B 536 -33.44 -53.23 89.00
N HIS B 537 -32.16 -53.51 89.25
CA HIS B 537 -31.26 -52.60 89.94
C HIS B 537 -30.36 -51.85 88.96
N ARG B 538 -30.98 -50.94 88.19
CA ARG B 538 -30.34 -50.26 87.05
C ARG B 538 -29.28 -49.23 87.44
N ALA B 539 -29.70 -48.21 88.17
CA ALA B 539 -28.87 -47.11 88.70
C ALA B 539 -27.40 -47.46 89.03
N PRO B 540 -27.15 -48.40 89.95
CA PRO B 540 -25.75 -48.81 90.23
C PRO B 540 -24.93 -49.19 88.99
N TYR B 541 -25.60 -49.78 87.99
CA TYR B 541 -24.97 -50.18 86.74
C TYR B 541 -24.76 -49.04 85.74
N LEU B 542 -25.78 -48.23 85.50
CA LEU B 542 -25.58 -47.02 84.73
C LEU B 542 -24.42 -46.26 85.40
N LEU B 543 -24.39 -46.28 86.73
CA LEU B 543 -23.34 -45.65 87.53
C LEU B 543 -21.94 -46.17 87.18
N ILE B 544 -21.74 -47.47 87.31
CA ILE B 544 -20.48 -48.10 86.85
C ILE B 544 -20.18 -47.83 85.36
N TYR B 545 -21.19 -47.77 84.51
CA TYR B 545 -20.98 -47.40 83.08
C TYR B 545 -20.21 -46.08 82.95
N VAL B 546 -20.67 -45.07 83.66
CA VAL B 546 -20.01 -43.75 83.68
C VAL B 546 -18.56 -43.86 84.19
N VAL B 547 -18.31 -44.73 85.15
CA VAL B 547 -16.95 -44.95 85.62
C VAL B 547 -16.11 -45.58 84.53
N ILE B 548 -16.66 -46.56 83.79
CA ILE B 548 -15.95 -47.18 82.64
C ILE B 548 -15.54 -46.13 81.58
N VAL B 549 -16.48 -45.26 81.22
CA VAL B 549 -16.22 -44.16 80.31
C VAL B 549 -15.07 -43.33 80.83
N ALA B 550 -15.24 -42.65 81.96
CA ALA B 550 -14.18 -41.80 82.53
C ALA B 550 -12.83 -42.56 82.58
N GLY B 551 -12.85 -43.83 82.95
CA GLY B 551 -11.66 -44.66 82.86
C GLY B 551 -11.01 -44.73 81.47
N MET B 552 -11.82 -44.87 80.40
CA MET B 552 -11.36 -44.93 79.00
C MET B 552 -10.64 -43.63 78.66
N ILE B 553 -11.35 -42.52 78.82
CA ILE B 553 -10.79 -41.20 78.58
C ILE B 553 -9.46 -41.04 79.31
N TRP B 554 -9.50 -41.23 80.64
CA TRP B 554 -8.30 -41.11 81.48
C TRP B 554 -7.14 -41.91 80.89
N MET B 555 -7.49 -43.11 80.46
CA MET B 555 -6.52 -44.03 79.88
C MET B 555 -5.93 -43.56 78.51
N PHE B 556 -6.76 -42.91 77.70
CA PHE B 556 -6.31 -42.34 76.43
C PHE B 556 -5.20 -41.36 76.72
N THR B 557 -5.43 -40.51 77.73
CA THR B 557 -4.53 -39.42 78.14
C THR B 557 -3.50 -39.95 79.10
N ARG B 558 -2.66 -40.85 78.64
CA ARG B 558 -1.83 -41.70 79.52
C ARG B 558 -1.06 -42.69 78.71
N ILE B 559 -1.62 -43.09 77.57
CA ILE B 559 -0.95 -43.98 76.63
C ILE B 559 -0.05 -43.14 75.71
N PRO B 560 1.20 -43.58 75.46
CA PRO B 560 2.04 -42.81 74.51
C PRO B 560 1.51 -42.89 73.07
N THR B 561 1.19 -41.74 72.45
CA THR B 561 0.92 -41.70 70.97
C THR B 561 2.20 -41.87 70.10
N ALA B 562 2.03 -42.54 68.95
CA ALA B 562 3.11 -42.85 68.01
C ALA B 562 2.54 -43.10 66.60
N PHE B 563 3.41 -43.12 65.61
CA PHE B 563 3.01 -43.28 64.21
C PHE B 563 2.84 -44.77 63.89
N LEU B 564 3.92 -45.54 63.95
CA LEU B 564 3.86 -47.00 63.71
C LEU B 564 4.67 -47.77 64.72
N PRO B 565 4.40 -49.07 64.86
CA PRO B 565 5.16 -49.89 65.81
C PRO B 565 6.66 -49.92 65.56
N ASP B 566 7.42 -50.26 66.60
CA ASP B 566 8.89 -50.30 66.54
C ASP B 566 9.37 -51.61 65.92
N GLU B 567 9.45 -51.65 64.60
CA GLU B 567 9.82 -52.88 63.93
C GLU B 567 11.31 -53.10 63.99
N ASP B 568 11.67 -54.37 64.05
CA ASP B 568 13.04 -54.80 63.86
C ASP B 568 13.12 -55.29 62.42
N GLN B 569 13.57 -54.39 61.56
CA GLN B 569 14.05 -54.77 60.24
C GLN B 569 15.45 -55.20 60.55
N GLY B 570 16.07 -56.02 59.73
CA GLY B 570 17.39 -56.55 60.10
C GLY B 570 18.58 -55.58 60.07
N VAL B 571 18.38 -54.32 60.46
CA VAL B 571 19.29 -53.22 60.11
C VAL B 571 19.37 -52.17 61.19
N LEU B 572 20.55 -51.55 61.31
CA LEU B 572 20.84 -50.49 62.24
C LEU B 572 21.85 -49.53 61.58
N PHE B 573 21.60 -48.22 61.67
CA PHE B 573 22.50 -47.20 61.12
C PHE B 573 23.50 -46.68 62.14
N ALA B 574 24.69 -46.30 61.68
CA ALA B 574 25.66 -45.58 62.52
C ALA B 574 26.28 -44.41 61.78
N GLN B 575 25.92 -43.19 62.18
CA GLN B 575 26.44 -41.98 61.53
C GLN B 575 27.75 -41.52 62.15
N VAL B 576 28.78 -41.29 61.32
CA VAL B 576 30.09 -40.84 61.81
C VAL B 576 30.39 -39.41 61.37
N GLN B 577 30.82 -38.58 62.34
CA GLN B 577 31.24 -37.18 62.10
C GLN B 577 32.57 -36.78 62.79
N THR B 578 33.68 -36.87 62.06
CA THR B 578 34.98 -36.45 62.57
C THR B 578 35.08 -34.94 62.56
N PRO B 579 36.13 -34.35 63.15
CA PRO B 579 36.13 -32.88 63.27
C PRO B 579 36.24 -32.16 61.94
N PRO B 580 35.74 -30.90 61.88
CA PRO B 580 35.98 -30.08 60.68
C PRO B 580 37.48 -29.90 60.52
N GLY B 581 37.98 -30.35 59.37
CA GLY B 581 39.38 -30.36 59.02
C GLY B 581 39.72 -31.75 58.54
N SER B 582 39.09 -32.75 59.16
CA SER B 582 39.51 -34.14 59.02
C SER B 582 39.48 -34.65 57.58
N SER B 583 40.52 -35.38 57.20
CA SER B 583 40.56 -36.03 55.93
C SER B 583 39.79 -37.35 55.96
N ALA B 584 39.40 -37.81 54.77
CA ALA B 584 38.74 -39.09 54.58
C ALA B 584 39.50 -40.24 55.31
N GLU B 585 40.83 -40.31 55.10
CA GLU B 585 41.72 -41.22 55.84
C GLU B 585 41.49 -41.27 57.36
N ARG B 586 41.40 -40.12 58.00
CA ARG B 586 41.00 -40.12 59.40
C ARG B 586 39.62 -40.75 59.63
N THR B 587 38.59 -40.20 59.01
CA THR B 587 37.21 -40.75 59.09
C THR B 587 37.19 -42.27 58.85
N GLN B 588 37.99 -42.72 57.88
CA GLN B 588 38.05 -44.13 57.46
C GLN B 588 38.48 -45.07 58.60
N VAL B 589 39.32 -44.57 59.50
CA VAL B 589 39.73 -45.34 60.68
C VAL B 589 38.59 -45.38 61.69
N VAL B 590 37.97 -44.23 61.94
CA VAL B 590 36.85 -44.15 62.88
C VAL B 590 35.80 -45.17 62.49
N VAL B 591 35.62 -45.41 61.19
CA VAL B 591 34.61 -46.38 60.74
C VAL B 591 35.11 -47.83 60.75
N ASP B 592 36.43 -48.02 60.70
CA ASP B 592 37.05 -49.37 60.88
C ASP B 592 37.07 -49.90 62.33
N SER B 593 37.46 -49.02 63.27
CA SER B 593 37.38 -49.35 64.70
C SER B 593 35.94 -49.72 65.14
N MET B 594 34.96 -49.41 64.29
CA MET B 594 33.57 -49.81 64.48
C MET B 594 33.31 -51.16 63.87
N ARG B 595 33.73 -51.35 62.63
CA ARG B 595 33.50 -52.60 61.92
C ARG B 595 34.13 -53.79 62.63
N GLU B 596 35.43 -53.70 62.89
CA GLU B 596 36.17 -54.64 63.76
C GLU B 596 35.38 -54.94 65.04
N TYR B 597 34.95 -53.90 65.73
CA TYR B 597 34.12 -54.06 66.94
C TYR B 597 32.78 -54.79 66.68
N LEU B 598 31.86 -54.19 65.91
CA LEU B 598 30.58 -54.82 65.53
C LEU B 598 30.81 -56.26 65.08
N LEU B 599 31.58 -56.40 64.01
CA LEU B 599 31.74 -57.67 63.33
C LEU B 599 32.29 -58.80 64.24
N GLU B 600 33.10 -58.46 65.25
CA GLU B 600 33.62 -59.43 66.25
C GLU B 600 32.86 -59.49 67.61
N LYS B 601 33.06 -58.50 68.48
CA LYS B 601 32.33 -58.42 69.77
C LYS B 601 30.82 -58.71 69.66
N GLU B 602 30.19 -58.19 68.58
CA GLU B 602 28.74 -58.34 68.35
C GLU B 602 28.39 -59.33 67.25
N SER B 603 29.21 -60.37 67.11
CA SER B 603 28.99 -61.51 66.20
C SER B 603 27.64 -62.24 66.42
N SER B 604 27.17 -62.22 67.66
CA SER B 604 25.87 -62.77 68.04
C SER B 604 24.71 -62.15 67.24
N SER B 605 24.72 -60.82 67.10
CA SER B 605 23.70 -60.07 66.33
C SER B 605 24.12 -59.64 64.91
N VAL B 606 25.39 -59.24 64.73
CA VAL B 606 25.90 -58.65 63.46
C VAL B 606 26.40 -59.65 62.39
N SER B 607 25.92 -59.49 61.16
CA SER B 607 26.32 -60.31 60.01
C SER B 607 27.43 -59.63 59.17
N SER B 608 27.16 -58.41 58.70
CA SER B 608 28.18 -57.65 57.97
C SER B 608 28.02 -56.17 58.23
N VAL B 609 29.08 -55.41 57.99
CA VAL B 609 29.02 -53.96 58.08
C VAL B 609 29.47 -53.35 56.76
N PHE B 610 28.60 -52.50 56.18
CA PHE B 610 28.86 -51.74 54.95
C PHE B 610 29.23 -50.34 55.43
N THR B 611 30.47 -49.92 55.24
CA THR B 611 30.93 -48.62 55.74
C THR B 611 31.23 -47.65 54.61
N VAL B 612 31.08 -46.35 54.89
CA VAL B 612 31.27 -45.33 53.87
C VAL B 612 32.01 -44.12 54.43
N THR B 613 32.91 -43.59 53.60
CA THR B 613 33.54 -42.29 53.84
C THR B 613 33.13 -41.32 52.73
N GLY B 614 32.91 -40.05 53.14
CA GLY B 614 32.42 -39.02 52.22
C GLY B 614 30.90 -38.85 52.15
N PHE B 615 30.16 -39.86 52.59
CA PHE B 615 28.73 -39.81 52.64
C PHE B 615 28.24 -40.13 54.05
N ASN B 616 27.10 -39.55 54.37
CA ASN B 616 26.50 -39.56 55.68
C ASN B 616 25.01 -39.13 55.38
N PHE B 617 24.13 -39.05 56.36
CA PHE B 617 22.73 -38.66 56.09
C PHE B 617 22.36 -37.24 56.51
N ALA B 618 23.27 -36.56 57.21
CA ALA B 618 23.14 -35.15 57.48
C ALA B 618 24.02 -34.34 56.54
N GLY B 619 24.89 -35.01 55.81
CA GLY B 619 25.93 -34.31 55.10
C GLY B 619 26.86 -35.17 54.30
N ARG B 620 27.83 -34.49 53.72
CA ARG B 620 28.76 -35.08 52.80
C ARG B 620 30.12 -34.44 52.99
N GLY B 621 31.15 -34.98 52.36
CA GLY B 621 32.52 -34.49 52.49
C GLY B 621 33.35 -35.38 53.37
N GLN B 622 34.63 -35.07 53.45
CA GLN B 622 35.61 -35.94 54.10
C GLN B 622 35.43 -36.21 55.60
N SER B 623 34.85 -35.25 56.34
CA SER B 623 34.53 -35.45 57.77
C SER B 623 33.22 -36.23 58.07
N SER B 624 32.59 -36.76 57.01
CA SER B 624 31.27 -37.38 57.07
C SER B 624 31.45 -38.85 56.61
N GLY B 625 30.97 -39.78 57.44
CA GLY B 625 31.11 -41.18 57.15
C GLY B 625 30.01 -41.85 57.90
N MET B 626 29.89 -43.15 57.69
CA MET B 626 28.70 -43.90 58.13
C MET B 626 28.95 -45.41 58.04
N ALA B 627 28.24 -46.18 58.90
CA ALA B 627 28.09 -47.63 58.76
C ALA B 627 26.62 -48.08 58.64
N PHE B 628 26.37 -48.92 57.61
CA PHE B 628 25.13 -49.68 57.47
C PHE B 628 25.36 -51.09 58.08
N ILE B 629 24.91 -51.22 59.33
CA ILE B 629 25.04 -52.44 60.10
C ILE B 629 23.87 -53.36 59.75
N MET B 630 24.19 -54.42 59.03
CA MET B 630 23.28 -55.55 58.78
C MET B 630 23.18 -56.49 60.00
N LEU B 631 22.24 -57.42 59.96
CA LEU B 631 22.00 -58.33 61.10
C LEU B 631 21.41 -59.62 60.63
N LYS B 632 21.85 -60.71 61.25
CA LYS B 632 21.51 -62.04 60.76
C LYS B 632 20.07 -62.39 61.06
N PRO B 633 19.44 -63.19 60.19
CA PRO B 633 17.98 -63.41 60.26
C PRO B 633 17.39 -63.52 61.69
N TRP B 634 16.19 -62.98 61.88
CA TRP B 634 15.52 -62.93 63.21
C TRP B 634 15.63 -64.25 63.97
N GLU B 635 15.26 -65.33 63.28
CA GLU B 635 15.51 -66.72 63.72
C GLU B 635 16.86 -66.98 64.44
N GLU B 636 17.98 -66.71 63.78
CA GLU B 636 19.32 -66.99 64.31
C GLU B 636 19.87 -66.01 65.37
N ARG B 637 19.01 -65.20 65.98
CA ARG B 637 19.44 -64.29 67.06
C ARG B 637 18.29 -63.94 68.03
N PRO B 638 17.66 -64.98 68.63
CA PRO B 638 16.55 -64.79 69.59
C PRO B 638 16.94 -64.06 70.88
N GLY B 639 15.92 -63.62 71.62
CA GLY B 639 16.11 -62.94 72.90
C GLY B 639 16.46 -61.47 72.81
N GLY B 640 15.75 -60.66 73.60
CA GLY B 640 15.95 -59.21 73.74
C GLY B 640 17.37 -58.69 73.66
N GLU B 641 18.34 -59.38 74.24
CA GLU B 641 19.76 -58.97 74.17
C GLU B 641 20.37 -58.89 72.75
N ASN B 642 19.75 -59.57 71.79
CA ASN B 642 20.13 -59.46 70.37
C ASN B 642 19.09 -58.80 69.48
N SER B 643 18.31 -57.89 70.06
CA SER B 643 17.40 -57.03 69.29
C SER B 643 18.23 -55.87 68.74
N VAL B 644 17.85 -55.36 67.57
CA VAL B 644 18.48 -54.13 67.02
C VAL B 644 18.45 -53.05 68.08
N PHE B 645 17.33 -52.99 68.80
CA PHE B 645 17.12 -52.01 69.86
C PHE B 645 18.14 -52.17 71.00
N GLU B 646 18.54 -53.40 71.29
CA GLU B 646 19.53 -53.67 72.36
C GLU B 646 20.96 -53.53 71.86
N LEU B 647 21.26 -54.14 70.73
CA LEU B 647 22.54 -53.93 70.04
C LEU B 647 22.93 -52.45 69.94
N ALA B 648 21.94 -51.62 69.61
CA ALA B 648 22.14 -50.19 69.53
C ALA B 648 22.76 -49.68 70.81
N LYS B 649 22.03 -49.84 71.93
CA LYS B 649 22.47 -49.39 73.26
C LYS B 649 23.93 -49.75 73.53
N ARG B 650 24.29 -51.00 73.24
CA ARG B 650 25.69 -51.45 73.35
C ARG B 650 26.61 -50.68 72.41
N ALA B 651 26.29 -50.73 71.12
CA ALA B 651 27.00 -49.94 70.10
C ALA B 651 27.15 -48.47 70.50
N GLN B 652 26.09 -47.86 71.01
CA GLN B 652 26.17 -46.46 71.50
C GLN B 652 27.27 -46.31 72.51
N MET B 653 27.09 -46.94 73.68
CA MET B 653 28.07 -46.93 74.79
C MET B 653 29.54 -47.05 74.37
N HIS B 654 29.82 -48.08 73.59
CA HIS B 654 31.16 -48.34 73.01
C HIS B 654 31.70 -47.11 72.23
N PHE B 655 30.90 -46.66 71.25
CA PHE B 655 31.22 -45.47 70.42
C PHE B 655 31.27 -44.18 71.23
N PHE B 656 30.46 -44.10 72.28
CA PHE B 656 30.43 -42.91 73.13
C PHE B 656 31.84 -42.49 73.62
N SER B 657 32.68 -43.47 73.96
CA SER B 657 34.11 -43.22 74.21
C SER B 657 34.88 -42.97 72.91
N PHE B 658 34.64 -41.78 72.36
CA PHE B 658 35.30 -41.32 71.14
C PHE B 658 35.43 -39.82 71.22
N LYS B 659 36.20 -39.35 72.18
CA LYS B 659 36.42 -37.92 72.31
C LYS B 659 37.48 -37.56 71.26
N ASP B 660 36.97 -37.60 70.03
CA ASP B 660 37.71 -37.49 68.75
C ASP B 660 36.82 -37.59 67.48
N ALA B 661 35.55 -38.00 67.59
CA ALA B 661 34.68 -38.26 66.46
C ALA B 661 33.26 -38.53 66.93
N MET B 662 32.32 -37.61 66.67
CA MET B 662 30.90 -37.81 67.07
C MET B 662 30.34 -39.03 66.32
N VAL B 663 29.80 -39.97 67.08
CA VAL B 663 29.25 -41.20 66.51
C VAL B 663 27.88 -41.46 67.14
N PHE B 664 26.91 -41.89 66.30
CA PHE B 664 25.53 -42.17 66.71
C PHE B 664 25.02 -43.43 66.05
N ALA B 665 24.24 -44.21 66.81
CA ALA B 665 23.68 -45.45 66.35
C ALA B 665 22.19 -45.26 66.53
N PHE B 666 21.39 -45.72 65.58
CA PHE B 666 19.93 -45.58 65.67
C PHE B 666 19.23 -46.56 64.74
N ALA B 667 18.19 -47.22 65.23
CA ALA B 667 17.39 -48.07 64.34
C ALA B 667 16.75 -47.17 63.28
N PRO B 668 16.71 -47.62 62.02
CA PRO B 668 15.96 -46.87 61.03
C PRO B 668 14.48 -46.67 61.40
N PRO B 669 13.80 -45.75 60.68
CA PRO B 669 12.36 -45.45 60.89
C PRO B 669 11.45 -46.58 60.46
N SER B 670 10.25 -46.67 61.02
CA SER B 670 9.32 -47.74 60.62
C SER B 670 9.20 -47.85 59.07
N VAL B 671 9.00 -46.71 58.40
CA VAL B 671 8.80 -46.67 56.95
C VAL B 671 9.90 -45.82 56.32
N LEU B 672 10.86 -46.45 55.65
CA LEU B 672 12.10 -45.73 55.22
C LEU B 672 11.79 -44.52 54.34
N GLU B 673 10.99 -44.78 53.30
CA GLU B 673 10.41 -43.74 52.40
C GLU B 673 10.17 -42.38 53.06
N LEU B 674 9.59 -42.36 54.28
CA LEU B 674 9.26 -41.16 55.08
C LEU B 674 10.36 -40.57 55.96
N GLY B 675 11.37 -41.39 56.28
CA GLY B 675 12.34 -41.09 57.33
C GLY B 675 11.75 -40.89 58.74
N ASN B 676 12.43 -40.02 59.50
CA ASN B 676 12.01 -39.44 60.80
C ASN B 676 10.50 -39.60 61.08
N ALA B 677 10.14 -40.56 61.94
CA ALA B 677 8.73 -40.94 62.16
C ALA B 677 8.02 -40.12 63.26
N THR B 678 8.63 -40.01 64.43
CA THR B 678 8.16 -39.05 65.45
C THR B 678 9.15 -37.91 65.46
N GLY B 679 8.62 -36.70 65.58
CA GLY B 679 9.41 -35.53 65.75
C GLY B 679 8.86 -34.40 64.92
N PHE B 680 9.75 -33.50 64.57
CA PHE B 680 9.37 -32.42 63.76
C PHE B 680 10.49 -32.07 62.85
N ASP B 681 10.12 -31.41 61.77
CA ASP B 681 11.04 -31.06 60.72
C ASP B 681 10.65 -29.67 60.28
N LEU B 682 11.63 -28.76 60.21
CA LEU B 682 11.39 -27.42 59.69
C LEU B 682 12.66 -26.79 59.21
N PHE B 683 12.50 -25.74 58.42
CA PHE B 683 13.60 -25.00 57.85
C PHE B 683 13.42 -23.62 58.36
N LEU B 684 14.50 -23.07 58.88
CA LEU B 684 14.59 -21.65 59.21
C LEU B 684 14.99 -21.03 57.90
N GLN B 685 14.48 -19.86 57.56
CA GLN B 685 14.69 -19.32 56.21
C GLN B 685 14.81 -17.80 56.11
N ASP B 686 15.88 -17.36 55.42
CA ASP B 686 16.22 -15.95 55.21
C ASP B 686 15.30 -15.40 54.16
N GLN B 687 14.18 -14.86 54.62
CA GLN B 687 13.18 -14.33 53.72
C GLN B 687 13.39 -12.81 53.41
N ALA B 688 14.63 -12.30 53.54
CA ALA B 688 14.94 -10.87 53.21
C ALA B 688 16.40 -10.57 53.05
N GLY B 689 17.16 -11.48 52.47
CA GLY B 689 18.60 -11.27 52.24
C GLY B 689 19.42 -10.83 53.45
N VAL B 690 19.03 -11.27 54.63
CA VAL B 690 19.76 -10.88 55.81
C VAL B 690 21.20 -11.38 55.73
N GLY B 691 21.41 -12.53 55.10
CA GLY B 691 22.71 -13.09 54.92
C GLY B 691 22.89 -14.39 55.69
N HIS B 692 23.86 -15.16 55.20
CA HIS B 692 24.35 -16.32 55.89
C HIS B 692 24.62 -16.08 57.38
N GLU B 693 25.52 -15.17 57.72
CA GLU B 693 25.94 -15.02 59.13
C GLU B 693 24.74 -14.77 60.05
N VAL B 694 23.85 -13.86 59.65
CA VAL B 694 22.59 -13.69 60.41
C VAL B 694 21.81 -14.99 60.50
N LEU B 695 21.54 -15.62 59.36
CA LEU B 695 20.84 -16.90 59.34
C LEU B 695 21.44 -17.92 60.36
N LEU B 696 22.77 -18.00 60.39
CA LEU B 696 23.52 -18.79 61.37
C LEU B 696 23.25 -18.39 62.87
N GLN B 697 23.18 -17.10 63.12
CA GLN B 697 22.81 -16.65 64.47
C GLN B 697 21.40 -17.11 64.83
N ALA B 698 20.47 -17.06 63.87
CA ALA B 698 19.09 -17.50 64.10
C ALA B 698 19.01 -18.97 64.47
N ARG B 699 19.70 -19.80 63.71
CA ARG B 699 19.69 -21.22 63.95
C ARG B 699 20.31 -21.52 65.29
N ASN B 700 21.30 -20.73 65.69
CA ASN B 700 21.97 -20.94 66.99
C ASN B 700 21.21 -20.42 68.20
N LYS B 701 20.55 -19.28 68.02
CA LYS B 701 19.59 -18.83 68.99
C LYS B 701 18.49 -19.85 69.16
N PHE B 702 17.96 -20.35 68.03
CA PHE B 702 16.86 -21.32 68.01
C PHE B 702 17.24 -22.52 68.85
N LEU B 703 18.41 -23.07 68.57
CA LEU B 703 18.92 -24.23 69.31
C LEU B 703 19.13 -23.94 70.82
N MET B 704 19.77 -22.81 71.15
CA MET B 704 20.12 -22.48 72.56
C MET B 704 19.01 -21.67 73.18
N LEU B 705 17.87 -22.34 73.28
CA LEU B 705 16.57 -21.73 73.57
C LEU B 705 15.57 -22.84 73.58
N ALA B 706 15.54 -23.58 72.49
CA ALA B 706 14.77 -24.81 72.43
C ALA B 706 15.29 -25.78 73.47
N ALA B 707 16.61 -25.77 73.69
CA ALA B 707 17.24 -26.59 74.76
C ALA B 707 16.95 -26.17 76.21
N GLN B 708 16.46 -24.96 76.40
CA GLN B 708 15.93 -24.52 77.69
C GLN B 708 14.44 -24.72 77.73
N ASN B 709 13.87 -25.39 76.74
CA ASN B 709 12.41 -25.54 76.68
C ASN B 709 12.06 -26.99 77.09
N PRO B 710 11.41 -27.14 78.26
CA PRO B 710 11.06 -28.51 78.68
C PRO B 710 9.91 -29.18 77.87
N ALA B 711 9.48 -28.60 76.73
CA ALA B 711 8.55 -29.25 75.78
C ALA B 711 9.22 -30.03 74.61
N LEU B 712 10.51 -29.78 74.36
CA LEU B 712 11.29 -30.44 73.30
C LEU B 712 12.46 -31.22 73.85
N GLN B 713 13.21 -31.87 72.97
CA GLN B 713 14.41 -32.62 73.30
C GLN B 713 15.14 -33.03 72.02
N ARG B 714 16.36 -33.50 72.16
CA ARG B 714 17.18 -33.91 71.04
C ARG B 714 17.16 -32.93 69.83
N VAL B 715 17.01 -31.63 70.05
CA VAL B 715 16.92 -30.63 68.98
C VAL B 715 18.28 -30.35 68.31
N ARG B 716 18.48 -30.86 67.10
CA ARG B 716 19.78 -30.77 66.40
C ARG B 716 19.58 -30.13 65.02
N PRO B 717 20.54 -29.33 64.53
CA PRO B 717 20.48 -28.98 63.11
C PRO B 717 20.68 -30.19 62.22
N ASN B 718 19.98 -30.28 61.09
CA ASN B 718 20.21 -31.38 60.15
C ASN B 718 21.50 -31.21 59.32
N GLY B 719 21.68 -30.06 58.67
CA GLY B 719 22.93 -29.74 57.92
C GLY B 719 24.26 -29.88 58.68
N MET B 720 25.32 -29.25 58.19
CA MET B 720 26.66 -29.27 58.82
C MET B 720 26.90 -27.88 59.41
N SER B 721 28.04 -27.71 60.06
CA SER B 721 28.44 -26.41 60.64
C SER B 721 29.65 -25.86 59.89
N ASP B 722 29.75 -24.53 59.79
CA ASP B 722 30.81 -23.90 59.00
C ASP B 722 32.17 -24.41 59.43
N GLU B 723 33.05 -24.62 58.47
CA GLU B 723 34.36 -25.14 58.74
C GLU B 723 35.37 -24.22 58.09
N PRO B 724 36.64 -24.34 58.52
CA PRO B 724 37.67 -23.52 57.93
C PRO B 724 37.91 -23.83 56.46
N GLN B 725 38.12 -22.76 55.69
CA GLN B 725 38.44 -22.87 54.28
C GLN B 725 39.49 -21.83 53.97
N TYR B 726 40.32 -22.16 53.00
CA TYR B 726 41.50 -21.39 52.69
C TYR B 726 41.23 -20.49 51.53
N LYS B 727 40.93 -19.24 51.80
CA LYS B 727 40.74 -18.28 50.74
C LYS B 727 42.00 -18.02 49.94
N LEU B 728 41.87 -17.77 48.65
CA LEU B 728 42.99 -17.32 47.81
C LEU B 728 42.77 -15.87 47.48
N GLU B 729 43.75 -15.03 47.79
CA GLU B 729 43.76 -13.66 47.32
C GLU B 729 44.75 -13.64 46.15
N ILE B 730 44.36 -13.01 45.05
CA ILE B 730 45.26 -12.75 43.94
C ILE B 730 45.34 -11.24 43.75
N ASP B 731 46.55 -10.71 43.81
CA ASP B 731 46.81 -9.30 43.57
C ASP B 731 47.03 -9.12 42.08
N ASP B 732 46.00 -8.60 41.42
CA ASP B 732 45.98 -8.42 39.98
C ASP B 732 47.03 -7.35 39.55
N GLU B 733 47.30 -6.36 40.44
CA GLU B 733 48.43 -5.40 40.32
C GLU B 733 49.81 -6.01 40.05
N LYS B 734 50.18 -7.06 40.81
CA LYS B 734 51.46 -7.77 40.65
C LYS B 734 51.40 -8.83 39.55
N ALA B 735 50.19 -9.29 39.24
CA ALA B 735 49.97 -10.27 38.20
C ALA B 735 50.24 -9.60 36.88
N SER B 736 49.57 -8.48 36.64
CA SER B 736 49.72 -7.76 35.39
C SER B 736 51.09 -7.05 35.31
N ALA B 737 51.67 -6.73 36.47
CA ALA B 737 53.04 -6.21 36.53
C ALA B 737 54.11 -7.26 36.18
N LEU B 738 53.74 -8.53 36.23
CA LEU B 738 54.65 -9.63 35.84
C LEU B 738 54.31 -10.26 34.50
N GLY B 739 53.39 -9.63 33.75
CA GLY B 739 53.04 -10.08 32.40
C GLY B 739 52.15 -11.30 32.31
N VAL B 740 51.53 -11.65 33.44
CA VAL B 740 50.75 -12.89 33.56
C VAL B 740 49.29 -12.49 33.55
N SER B 741 48.54 -13.14 32.66
CA SER B 741 47.18 -12.75 32.32
C SER B 741 46.30 -12.53 33.53
N LEU B 742 45.64 -13.59 34.04
CA LEU B 742 44.50 -13.46 35.00
C LEU B 742 43.51 -14.59 34.69
N ALA B 743 43.13 -14.70 33.42
CA ALA B 743 42.43 -15.87 32.94
C ALA B 743 43.33 -17.13 32.95
N ASP B 744 44.61 -16.96 32.63
CA ASP B 744 45.61 -18.04 32.75
C ASP B 744 45.83 -18.46 34.22
N ILE B 745 45.68 -17.53 35.16
CA ILE B 745 45.76 -17.87 36.58
C ILE B 745 44.60 -18.77 36.98
N ASN B 746 43.40 -18.31 36.67
CA ASN B 746 42.18 -19.06 36.96
C ASN B 746 42.17 -20.45 36.29
N SER B 747 42.55 -20.52 35.01
CA SER B 747 42.63 -21.82 34.33
C SER B 747 43.64 -22.78 34.98
N THR B 748 44.73 -22.22 35.51
CA THR B 748 45.73 -23.00 36.21
C THR B 748 45.16 -23.61 37.48
N VAL B 749 44.49 -22.77 38.28
CA VAL B 749 43.90 -23.20 39.55
C VAL B 749 42.71 -24.16 39.36
N SER B 750 41.91 -23.99 38.31
CA SER B 750 40.82 -24.95 38.06
C SER B 750 41.38 -26.29 37.62
N ILE B 751 42.11 -26.24 36.52
CA ILE B 751 42.54 -27.43 35.78
C ILE B 751 43.64 -28.25 36.49
N ALA B 752 44.09 -27.82 37.68
CA ALA B 752 45.14 -28.52 38.43
C ALA B 752 44.70 -28.89 39.85
N TRP B 753 44.04 -27.97 40.53
CA TRP B 753 43.52 -28.20 41.87
C TRP B 753 42.11 -28.82 41.87
N GLY B 754 41.15 -28.09 41.29
CA GLY B 754 39.77 -28.53 41.19
C GLY B 754 39.59 -29.79 40.38
N SER B 755 40.33 -29.85 39.27
CA SER B 755 40.16 -30.85 38.20
C SER B 755 39.31 -30.28 37.05
N SER B 756 39.43 -30.91 35.90
CA SER B 756 38.79 -30.43 34.69
C SER B 756 38.49 -31.63 33.77
N TYR B 757 37.20 -31.77 33.48
CA TYR B 757 36.72 -32.79 32.57
C TYR B 757 36.85 -32.21 31.17
N VAL B 758 37.88 -32.68 30.45
CA VAL B 758 38.31 -32.15 29.14
C VAL B 758 37.59 -32.80 27.97
N ASN B 759 37.70 -34.12 27.86
CA ASN B 759 37.31 -34.87 26.64
C ASN B 759 36.66 -36.21 26.88
N ASP B 760 36.06 -36.73 25.81
CA ASP B 760 35.56 -38.09 25.74
C ASP B 760 36.48 -38.96 24.87
N PHE B 761 37.05 -39.99 25.48
CA PHE B 761 37.79 -41.04 24.78
C PHE B 761 36.84 -42.23 24.61
N ILE B 762 37.34 -43.38 24.15
CA ILE B 762 36.56 -44.64 24.04
C ILE B 762 37.26 -45.77 24.80
N ASP B 763 36.57 -46.36 25.77
CA ASP B 763 37.12 -47.48 26.53
C ASP B 763 36.26 -48.69 26.25
N ARG B 764 36.90 -49.69 25.65
CA ARG B 764 36.28 -50.99 25.44
C ARG B 764 34.85 -50.82 24.92
N GLY B 765 34.70 -49.97 23.90
CA GLY B 765 33.44 -49.83 23.19
C GLY B 765 32.68 -48.59 23.56
N ARG B 766 32.21 -48.55 24.80
CA ARG B 766 31.52 -47.37 25.39
C ARG B 766 32.41 -46.11 25.47
N VAL B 767 31.76 -44.94 25.43
CA VAL B 767 32.44 -43.64 25.59
C VAL B 767 32.52 -43.29 27.08
N LYS B 768 33.73 -42.92 27.53
CA LYS B 768 34.05 -42.59 28.92
C LYS B 768 34.83 -41.26 28.93
N ARG B 769 35.20 -40.76 30.11
CA ARG B 769 35.67 -39.37 30.19
C ARG B 769 37.16 -39.18 30.55
N VAL B 770 37.72 -38.12 30.01
CA VAL B 770 39.10 -37.79 30.22
C VAL B 770 39.11 -36.68 31.25
N TYR B 771 39.74 -36.92 32.38
CA TYR B 771 39.92 -35.91 33.41
C TYR B 771 41.38 -35.45 33.49
N LEU B 772 41.57 -34.17 33.79
CA LEU B 772 42.87 -33.57 33.91
C LEU B 772 42.94 -32.90 35.27
N GLN B 773 43.88 -33.31 36.12
CA GLN B 773 44.25 -32.49 37.28
C GLN B 773 45.64 -32.73 37.85
N GLY B 774 46.04 -31.96 38.85
CA GLY B 774 47.37 -32.06 39.40
C GLY B 774 47.54 -33.32 40.21
N ARG B 775 48.71 -33.97 40.06
CA ARG B 775 49.08 -35.11 40.89
C ARG B 775 48.95 -34.81 42.38
N PRO B 776 48.33 -35.71 43.14
CA PRO B 776 47.99 -35.53 44.56
C PRO B 776 49.02 -34.79 45.44
N ASP B 777 50.28 -35.25 45.47
CA ASP B 777 51.35 -34.62 46.28
C ASP B 777 51.69 -33.17 45.87
N ALA B 778 51.08 -32.69 44.79
CA ALA B 778 51.18 -31.30 44.35
C ALA B 778 50.05 -30.41 44.83
N ARG B 779 49.05 -30.97 45.50
CA ARG B 779 47.85 -30.21 45.89
C ARG B 779 47.33 -30.58 47.26
N MET B 780 48.24 -30.92 48.16
CA MET B 780 47.85 -31.28 49.49
C MET B 780 47.84 -30.10 50.47
N ASN B 781 48.84 -29.25 50.42
CA ASN B 781 48.97 -28.25 51.48
C ASN B 781 49.11 -26.89 50.85
N PRO B 782 48.88 -25.81 51.62
CA PRO B 782 49.05 -24.47 51.11
C PRO B 782 50.38 -24.19 50.39
N ASP B 783 51.45 -24.85 50.79
CA ASP B 783 52.76 -24.65 50.17
C ASP B 783 52.84 -25.28 48.80
N ASP B 784 51.98 -26.28 48.57
CA ASP B 784 51.92 -26.97 47.30
C ASP B 784 51.45 -26.10 46.14
N LEU B 785 50.72 -25.01 46.39
CA LEU B 785 50.34 -24.08 45.28
C LEU B 785 51.50 -23.21 44.81
N SER B 786 52.37 -22.85 45.75
CA SER B 786 53.63 -22.21 45.45
C SER B 786 54.49 -23.08 44.49
N LYS B 787 54.25 -24.41 44.47
CA LYS B 787 54.80 -25.30 43.41
C LYS B 787 54.31 -25.07 41.95
N TRP B 788 53.22 -24.31 41.71
CA TRP B 788 52.59 -24.17 40.36
C TRP B 788 52.93 -22.85 39.68
N TYR B 789 53.36 -22.90 38.40
CA TYR B 789 53.75 -21.71 37.64
C TYR B 789 52.86 -21.52 36.39
N VAL B 790 52.77 -20.26 35.95
CA VAL B 790 51.99 -19.83 34.77
C VAL B 790 52.90 -19.03 33.85
N ARG B 791 52.72 -19.21 32.55
CA ARG B 791 53.50 -18.50 31.54
C ARG B 791 53.07 -17.05 31.44
N ASN B 792 54.03 -16.17 31.15
CA ASN B 792 53.79 -14.71 31.03
C ASN B 792 53.71 -14.26 29.56
N ASP B 793 53.65 -12.94 29.34
CA ASP B 793 53.77 -12.29 28.00
C ASP B 793 54.73 -13.02 27.06
N LYS B 794 55.93 -13.25 27.59
CA LYS B 794 57.07 -13.85 26.90
C LYS B 794 57.05 -15.37 27.04
N GLY B 795 57.88 -15.93 27.92
CA GLY B 795 57.79 -17.36 28.29
C GLY B 795 58.41 -17.64 29.65
N GLU B 796 58.26 -16.69 30.55
CA GLU B 796 58.80 -16.74 31.90
C GLU B 796 57.74 -17.32 32.83
N MET B 797 58.04 -18.48 33.39
CA MET B 797 57.13 -19.12 34.29
C MET B 797 57.13 -18.27 35.55
N VAL B 798 55.95 -17.94 36.04
CA VAL B 798 55.82 -17.14 37.25
C VAL B 798 55.13 -18.02 38.29
N PRO B 799 55.83 -18.32 39.42
CA PRO B 799 55.25 -19.14 40.46
C PRO B 799 54.06 -18.45 41.09
N PHE B 800 53.10 -19.26 41.49
CA PHE B 800 51.90 -18.78 42.11
C PHE B 800 52.22 -17.86 43.33
N ASN B 801 53.27 -18.18 44.09
CA ASN B 801 53.66 -17.36 45.26
C ASN B 801 54.13 -15.91 44.95
N ALA B 802 54.51 -15.65 43.70
CA ALA B 802 54.92 -14.32 43.27
C ALA B 802 53.78 -13.34 43.04
N PHE B 803 52.52 -13.83 43.00
CA PHE B 803 51.34 -12.93 42.95
C PHE B 803 50.13 -13.31 43.81
N ALA B 804 50.15 -14.49 44.44
CA ALA B 804 49.04 -15.00 45.24
C ALA B 804 49.40 -15.06 46.73
N THR B 805 48.37 -15.07 47.56
CA THR B 805 48.51 -15.11 49.00
C THR B 805 47.27 -15.81 49.58
N GLY B 806 47.47 -16.58 50.68
CA GLY B 806 46.42 -17.31 51.39
C GLY B 806 45.95 -16.61 52.64
N LYS B 807 44.88 -17.13 53.24
CA LYS B 807 44.22 -16.52 54.39
C LYS B 807 43.05 -17.44 54.80
N TRP B 808 43.10 -17.94 56.02
CA TRP B 808 42.09 -18.87 56.56
C TRP B 808 40.85 -18.12 56.98
N GLU B 809 39.68 -18.61 56.54
CA GLU B 809 38.37 -18.02 56.85
C GLU B 809 37.38 -19.15 56.99
N TYR B 810 36.17 -18.80 57.44
CA TYR B 810 35.07 -19.75 57.61
C TYR B 810 34.14 -19.68 56.43
N GLY B 811 33.48 -20.80 56.13
CA GLY B 811 32.42 -20.85 55.14
C GLY B 811 31.61 -22.12 55.30
N SER B 812 30.50 -22.19 54.60
CA SER B 812 29.60 -23.31 54.72
C SER B 812 30.06 -24.50 53.87
N PRO B 813 30.19 -25.67 54.48
CA PRO B 813 30.44 -26.91 53.75
C PRO B 813 29.16 -27.49 53.17
N LYS B 814 28.00 -26.96 53.55
CA LYS B 814 26.74 -27.43 53.00
C LYS B 814 25.69 -26.36 53.03
N LEU B 815 25.31 -25.82 51.89
CA LEU B 815 24.30 -24.78 51.87
C LEU B 815 22.99 -25.42 51.54
N GLU B 816 21.92 -24.92 52.11
CA GLU B 816 20.59 -25.45 51.95
C GLU B 816 19.67 -24.28 51.53
N ARG B 817 18.60 -24.59 50.82
CA ARG B 817 17.56 -23.62 50.55
C ARG B 817 16.26 -24.39 50.63
N TYR B 818 15.19 -23.67 50.98
CA TYR B 818 13.86 -24.20 51.00
C TYR B 818 12.97 -23.12 50.38
N ASN B 819 12.27 -23.50 49.30
CA ASN B 819 11.44 -22.64 48.49
C ASN B 819 12.20 -21.43 47.96
N GLY B 820 13.36 -21.71 47.40
CA GLY B 820 14.08 -20.70 46.66
C GLY B 820 14.94 -19.73 47.44
N VAL B 821 14.67 -19.57 48.75
CA VAL B 821 15.52 -18.76 49.68
C VAL B 821 16.50 -19.59 50.56
N PRO B 822 17.64 -18.99 51.00
CA PRO B 822 18.59 -19.71 51.90
C PRO B 822 17.89 -20.18 53.13
N ALA B 823 18.35 -21.30 53.67
CA ALA B 823 17.69 -21.89 54.81
C ALA B 823 18.53 -22.88 55.55
N MET B 824 18.01 -23.32 56.68
CA MET B 824 18.69 -24.25 57.57
C MET B 824 17.65 -25.14 58.24
N GLU B 825 17.83 -26.47 58.07
CA GLU B 825 16.88 -27.43 58.59
C GLU B 825 17.16 -27.81 60.06
N ILE B 826 16.10 -27.95 60.84
CA ILE B 826 16.21 -28.34 62.24
C ILE B 826 15.26 -29.51 62.52
N LEU B 827 15.81 -30.55 63.16
CA LEU B 827 15.09 -31.71 63.65
C LEU B 827 14.78 -31.58 65.15
N GLY B 828 14.78 -32.68 65.90
CA GLY B 828 14.28 -32.68 67.28
C GLY B 828 12.93 -33.34 67.44
N GLU B 829 12.38 -33.27 68.65
CA GLU B 829 11.14 -33.98 68.98
C GLU B 829 10.55 -33.53 70.31
N PRO B 830 9.27 -33.89 70.59
CA PRO B 830 8.64 -33.53 71.84
C PRO B 830 9.23 -34.24 73.07
N ALA B 831 9.09 -33.60 74.22
CA ALA B 831 9.64 -34.12 75.46
C ALA B 831 8.82 -35.34 75.93
N PRO B 832 9.48 -36.34 76.57
CA PRO B 832 8.89 -37.65 76.89
C PRO B 832 7.43 -37.56 77.29
N GLY B 833 6.57 -38.28 76.57
CA GLY B 833 5.12 -38.28 76.81
C GLY B 833 4.30 -37.08 76.32
N LEU B 834 4.94 -36.12 75.65
CA LEU B 834 4.24 -35.00 75.01
C LEU B 834 4.07 -35.33 73.54
N SER B 835 3.08 -34.70 72.90
CA SER B 835 2.75 -34.92 71.48
C SER B 835 3.49 -33.99 70.54
N SER B 836 3.78 -34.46 69.33
CA SER B 836 4.40 -33.62 68.31
C SER B 836 3.58 -32.34 68.08
N GLY B 837 2.28 -32.40 68.30
CA GLY B 837 1.43 -31.19 68.34
C GLY B 837 1.86 -30.13 69.36
N ASP B 838 2.13 -30.59 70.59
CA ASP B 838 2.66 -29.73 71.68
C ASP B 838 4.00 -29.12 71.25
N ALA B 839 4.94 -29.99 70.86
CA ALA B 839 6.25 -29.60 70.36
C ALA B 839 6.20 -28.52 69.28
N MET B 840 5.23 -28.61 68.39
CA MET B 840 5.09 -27.62 67.33
C MET B 840 4.62 -26.31 67.92
N ALA B 841 3.80 -26.38 68.97
CA ALA B 841 3.32 -25.21 69.73
C ALA B 841 4.48 -24.44 70.40
N ALA B 842 5.31 -25.15 71.16
CA ALA B 842 6.51 -24.56 71.73
C ALA B 842 7.33 -23.87 70.64
N VAL B 843 7.69 -24.66 69.63
CA VAL B 843 8.49 -24.21 68.48
C VAL B 843 7.88 -22.98 67.79
N GLU B 844 6.56 -22.96 67.67
CA GLU B 844 5.87 -21.85 67.00
C GLU B 844 6.09 -20.52 67.71
N GLU B 845 6.44 -20.60 69.00
CA GLU B 845 6.67 -19.44 69.87
C GLU B 845 8.13 -19.02 69.93
N ILE B 846 9.04 -19.99 70.08
CA ILE B 846 10.48 -19.77 69.87
C ILE B 846 10.74 -18.93 68.62
N VAL B 847 10.28 -19.43 67.48
CA VAL B 847 10.39 -18.74 66.19
C VAL B 847 10.18 -17.23 66.24
N LYS B 848 9.30 -16.78 67.10
CA LYS B 848 9.04 -15.36 67.24
C LYS B 848 10.23 -14.54 67.80
N GLN B 849 11.16 -15.20 68.50
CA GLN B 849 12.43 -14.59 68.95
C GLN B 849 13.59 -14.59 67.93
N LEU B 850 13.34 -15.06 66.73
CA LEU B 850 14.36 -15.03 65.69
C LEU B 850 14.63 -13.58 65.22
N PRO B 851 15.83 -13.32 64.65
CA PRO B 851 16.15 -12.06 64.02
C PRO B 851 15.13 -11.65 62.99
N LYS B 852 15.14 -10.34 62.68
CA LYS B 852 14.27 -9.76 61.67
C LYS B 852 14.75 -10.21 60.31
N GLY B 853 13.80 -10.52 59.44
CA GLY B 853 14.05 -11.10 58.13
C GLY B 853 14.22 -12.61 58.06
N VAL B 854 13.97 -13.33 59.16
CA VAL B 854 14.04 -14.79 59.18
C VAL B 854 12.66 -15.35 59.51
N GLY B 855 12.11 -16.13 58.60
CA GLY B 855 10.91 -16.93 58.82
C GLY B 855 11.26 -18.40 58.92
N TYR B 856 10.23 -19.20 58.80
CA TYR B 856 10.37 -20.63 58.91
C TYR B 856 9.19 -21.28 58.27
N SER B 857 9.39 -22.53 57.87
CA SER B 857 8.26 -23.34 57.44
C SER B 857 8.49 -24.77 57.79
N TRP B 858 7.40 -25.42 58.16
CA TRP B 858 7.41 -26.84 58.41
C TRP B 858 7.56 -27.59 57.10
N THR B 859 8.14 -28.76 57.20
CA THR B 859 8.36 -29.60 56.04
C THR B 859 8.11 -31.01 56.51
N GLY B 860 7.94 -31.91 55.57
CA GLY B 860 7.91 -33.32 55.87
C GLY B 860 6.64 -33.72 56.61
N LEU B 861 6.76 -34.67 57.52
CA LEU B 861 5.64 -35.08 58.31
C LEU B 861 5.05 -33.98 59.18
N SER B 862 5.84 -32.96 59.50
CA SER B 862 5.31 -31.84 60.27
C SER B 862 4.38 -30.97 59.43
N TYR B 863 4.77 -30.72 58.19
CA TYR B 863 3.88 -30.07 57.23
C TYR B 863 2.58 -30.87 57.07
N GLU B 864 2.69 -32.20 56.96
CA GLU B 864 1.52 -33.03 56.70
C GLU B 864 0.60 -33.01 57.89
N GLU B 865 1.10 -33.46 59.03
CA GLU B 865 0.27 -33.52 60.26
C GLU B 865 -0.41 -32.18 60.62
N ARG B 866 0.22 -31.08 60.27
CA ARG B 866 -0.40 -29.77 60.40
C ARG B 866 -1.72 -29.63 59.63
N LEU B 867 -1.86 -30.28 58.48
CA LEU B 867 -3.10 -30.22 57.70
C LEU B 867 -4.04 -31.38 58.11
N SER B 868 -3.53 -32.61 58.19
CA SER B 868 -4.36 -33.79 58.55
C SER B 868 -4.92 -33.76 60.00
N GLY B 869 -4.15 -33.19 60.92
CA GLY B 869 -4.62 -32.97 62.30
C GLY B 869 -5.94 -32.22 62.39
N SER B 870 -6.09 -31.23 61.53
CA SER B 870 -7.34 -30.48 61.46
C SER B 870 -8.62 -31.27 61.02
N GLN B 871 -8.47 -32.33 60.22
CA GLN B 871 -9.63 -33.06 59.59
C GLN B 871 -10.23 -34.18 60.43
N ALA B 872 -9.39 -34.91 61.16
CA ALA B 872 -9.87 -36.03 62.04
C ALA B 872 -11.21 -35.78 62.79
N PRO B 873 -11.30 -34.68 63.56
CA PRO B 873 -12.57 -34.31 64.21
C PRO B 873 -13.75 -34.23 63.24
N ALA B 874 -13.57 -33.58 62.10
CA ALA B 874 -14.66 -33.51 61.11
C ALA B 874 -15.13 -34.90 60.66
N LEU B 875 -14.18 -35.76 60.31
CA LEU B 875 -14.51 -37.05 59.74
C LEU B 875 -15.18 -37.92 60.82
N TYR B 876 -14.54 -38.04 61.97
CA TYR B 876 -15.17 -38.67 63.16
C TYR B 876 -16.56 -38.13 63.53
N ALA B 877 -16.84 -36.86 63.29
CA ALA B 877 -18.20 -36.32 63.46
C ALA B 877 -19.18 -36.77 62.37
N LEU B 878 -18.73 -36.89 61.12
CA LEU B 878 -19.57 -37.49 60.08
C LEU B 878 -19.89 -38.94 60.34
N SER B 879 -18.82 -39.71 60.54
CA SER B 879 -18.93 -41.06 61.03
C SER B 879 -20.08 -41.25 62.09
N LEU B 880 -20.02 -40.53 63.22
CA LEU B 880 -21.10 -40.53 64.25
C LEU B 880 -22.51 -40.13 63.73
N LEU B 881 -22.55 -39.10 62.90
CA LEU B 881 -23.83 -38.64 62.37
C LEU B 881 -24.44 -39.67 61.42
N VAL B 882 -23.63 -40.34 60.63
CA VAL B 882 -24.17 -41.30 59.69
C VAL B 882 -24.50 -42.62 60.42
N VAL B 883 -23.65 -43.09 61.34
CA VAL B 883 -24.00 -44.31 62.08
C VAL B 883 -25.33 -44.11 62.80
N PHE B 884 -25.52 -42.91 63.35
CA PHE B 884 -26.75 -42.57 64.04
C PHE B 884 -27.89 -42.65 63.05
N LEU B 885 -27.76 -41.92 61.94
CA LEU B 885 -28.89 -41.82 61.02
C LEU B 885 -29.35 -43.17 60.45
N CYS B 886 -28.41 -44.09 60.26
CA CYS B 886 -28.74 -45.45 59.79
C CYS B 886 -29.44 -46.21 60.86
N LEU B 887 -28.93 -46.12 62.08
CA LEU B 887 -29.61 -46.80 63.19
C LEU B 887 -31.05 -46.27 63.38
N ALA B 888 -31.24 -44.99 63.12
CA ALA B 888 -32.52 -44.36 63.27
C ALA B 888 -33.47 -44.98 62.32
N ALA B 889 -33.08 -45.03 61.06
CA ALA B 889 -33.90 -45.63 60.01
C ALA B 889 -34.16 -47.11 60.23
N LEU B 890 -33.13 -47.82 60.68
CA LEU B 890 -33.24 -49.25 60.96
C LEU B 890 -34.25 -49.56 62.06
N TYR B 891 -34.24 -48.78 63.13
CA TYR B 891 -35.11 -49.01 64.28
C TYR B 891 -36.37 -48.14 64.36
N GLU B 892 -36.50 -47.21 63.39
CA GLU B 892 -37.60 -46.25 63.31
C GLU B 892 -37.71 -45.50 64.61
N SER B 893 -36.61 -44.81 64.94
CA SER B 893 -36.51 -44.21 66.25
C SER B 893 -35.34 -43.27 66.33
N TRP B 894 -35.58 -42.07 66.87
CA TRP B 894 -34.47 -41.15 67.21
C TRP B 894 -33.73 -41.54 68.49
N SER B 895 -34.36 -42.33 69.37
CA SER B 895 -33.76 -42.65 70.70
C SER B 895 -33.02 -44.00 70.85
N ILE B 896 -33.58 -45.08 70.28
CA ILE B 896 -33.00 -46.44 70.37
C ILE B 896 -31.57 -46.51 69.81
N PRO B 897 -31.25 -45.74 68.74
CA PRO B 897 -29.87 -45.74 68.29
C PRO B 897 -28.84 -45.57 69.40
N PHE B 898 -29.21 -44.82 70.45
CA PHE B 898 -28.29 -44.57 71.56
C PHE B 898 -27.92 -45.83 72.31
N SER B 899 -28.79 -46.86 72.28
CA SER B 899 -28.52 -48.09 73.03
C SER B 899 -27.49 -48.99 72.37
N VAL B 900 -27.13 -48.72 71.12
CA VAL B 900 -26.03 -49.46 70.48
C VAL B 900 -24.77 -48.62 70.44
N MET B 901 -24.89 -47.33 70.14
CA MET B 901 -23.69 -46.45 70.12
C MET B 901 -22.90 -46.42 71.43
N LEU B 902 -23.60 -46.46 72.56
CA LEU B 902 -22.94 -46.48 73.88
C LEU B 902 -22.20 -47.79 74.22
N VAL B 903 -22.13 -48.76 73.31
CA VAL B 903 -21.16 -49.87 73.46
C VAL B 903 -19.78 -49.46 73.06
N VAL B 904 -19.64 -48.38 72.30
CA VAL B 904 -18.33 -48.01 71.81
C VAL B 904 -17.26 -48.05 72.92
N PRO B 905 -17.47 -47.35 74.07
CA PRO B 905 -16.52 -47.36 75.18
C PRO B 905 -16.23 -48.73 75.70
N LEU B 906 -17.29 -49.49 75.95
CA LEU B 906 -17.23 -50.91 76.42
C LEU B 906 -16.11 -51.76 75.85
N GLY B 907 -15.93 -51.72 74.54
CA GLY B 907 -14.80 -52.41 73.93
C GLY B 907 -13.49 -51.66 73.95
N VAL B 908 -13.54 -50.34 73.81
CA VAL B 908 -12.28 -49.57 73.72
C VAL B 908 -11.47 -49.59 75.04
N ILE B 909 -12.15 -49.85 76.15
CA ILE B 909 -11.51 -49.87 77.45
C ILE B 909 -10.55 -51.04 77.56
N GLY B 910 -10.97 -52.23 77.13
CA GLY B 910 -10.11 -53.44 77.12
C GLY B 910 -8.89 -53.36 76.20
N ALA B 911 -9.03 -52.63 75.11
CA ALA B 911 -7.93 -52.35 74.23
C ALA B 911 -6.92 -51.47 74.92
N LEU B 912 -7.39 -50.32 75.41
CA LEU B 912 -6.52 -49.36 76.10
C LEU B 912 -5.84 -50.06 77.27
N LEU B 913 -6.64 -50.79 78.05
CA LEU B 913 -6.14 -51.73 79.07
C LEU B 913 -5.05 -52.67 78.58
N ALA B 914 -5.34 -53.55 77.65
CA ALA B 914 -4.32 -54.51 77.21
C ALA B 914 -3.04 -53.81 76.69
N THR B 915 -3.18 -52.83 75.81
CA THR B 915 -2.06 -52.21 75.11
C THR B 915 -1.17 -51.42 76.08
N SER B 916 -1.80 -50.58 76.91
CA SER B 916 -1.10 -49.87 77.99
C SER B 916 -0.45 -50.84 78.93
N MET B 917 -1.24 -51.84 79.31
CA MET B 917 -0.80 -52.88 80.25
C MET B 917 0.39 -53.71 79.74
N ARG B 918 0.65 -53.69 78.43
CA ARG B 918 1.74 -54.43 77.78
C ARG B 918 2.81 -53.50 77.17
N GLY B 919 2.75 -52.20 77.50
CA GLY B 919 3.77 -51.24 77.06
C GLY B 919 3.82 -50.79 75.60
N LEU B 920 2.77 -51.12 74.82
CA LEU B 920 2.66 -50.65 73.42
C LEU B 920 2.05 -49.26 73.38
N SER B 921 1.93 -48.69 72.17
CA SER B 921 1.55 -47.30 71.97
C SER B 921 0.28 -47.13 71.10
N ASN B 922 -0.24 -45.90 71.15
CA ASN B 922 -1.40 -45.50 70.37
C ASN B 922 -0.90 -45.10 69.00
N ASP B 923 -0.76 -46.11 68.16
CA ASP B 923 -0.23 -45.95 66.83
C ASP B 923 -1.32 -46.29 65.81
N VAL B 924 -0.95 -46.42 64.53
CA VAL B 924 -1.89 -46.78 63.45
C VAL B 924 -2.52 -48.18 63.62
N PHE B 925 -1.71 -49.18 63.90
CA PHE B 925 -2.25 -50.53 63.96
C PHE B 925 -3.26 -50.68 65.09
N PHE B 926 -2.92 -50.13 66.26
CA PHE B 926 -3.87 -50.04 67.36
C PHE B 926 -5.17 -49.28 66.99
N GLN B 927 -5.03 -48.12 66.34
CA GLN B 927 -6.18 -47.29 65.91
C GLN B 927 -7.16 -48.05 64.99
N VAL B 928 -6.65 -48.64 63.95
CA VAL B 928 -7.47 -49.47 63.06
C VAL B 928 -8.05 -50.70 63.77
N GLY B 929 -7.24 -51.32 64.62
CA GLY B 929 -7.66 -52.49 65.38
C GLY B 929 -8.82 -52.12 66.26
N LEU B 930 -8.75 -50.91 66.80
CA LEU B 930 -9.76 -50.38 67.67
C LEU B 930 -11.09 -50.15 66.97
N LEU B 931 -11.05 -49.80 65.70
CA LEU B 931 -12.26 -49.58 64.92
C LEU B 931 -12.90 -50.91 64.55
N THR B 932 -12.06 -51.92 64.31
CA THR B 932 -12.51 -53.30 64.04
C THR B 932 -13.28 -53.82 65.23
N THR B 933 -12.63 -53.78 66.39
CA THR B 933 -13.23 -54.22 67.64
C THR B 933 -14.55 -53.50 67.93
N ILE B 934 -14.63 -52.19 67.67
CA ILE B 934 -15.89 -51.48 67.91
C ILE B 934 -16.90 -51.79 66.81
N GLY B 935 -16.41 -52.15 65.64
CA GLY B 935 -17.30 -52.61 64.58
C GLY B 935 -18.05 -53.83 65.08
N LEU B 936 -17.30 -54.84 65.48
CA LEU B 936 -17.88 -56.13 65.85
C LEU B 936 -18.82 -55.94 67.01
N SER B 937 -18.40 -55.11 67.95
CA SER B 937 -19.18 -54.86 69.14
C SER B 937 -20.54 -54.29 68.80
N ALA B 938 -20.55 -53.25 67.96
CA ALA B 938 -21.79 -52.63 67.48
C ALA B 938 -22.66 -53.57 66.65
N LYS B 939 -22.06 -54.52 65.98
CA LYS B 939 -22.82 -55.49 65.26
C LYS B 939 -23.62 -56.38 66.21
N ASN B 940 -22.95 -56.83 67.27
CA ASN B 940 -23.54 -57.61 68.36
C ASN B 940 -24.66 -56.81 69.04
N ALA B 941 -24.39 -55.55 69.35
CA ALA B 941 -25.40 -54.67 69.92
C ALA B 941 -26.58 -54.48 68.99
N ILE B 942 -26.30 -54.14 67.73
CA ILE B 942 -27.36 -53.95 66.74
C ILE B 942 -28.35 -55.10 66.73
N LEU B 943 -27.85 -56.32 66.64
CA LEU B 943 -28.72 -57.48 66.53
C LEU B 943 -29.55 -57.74 67.78
N ILE B 944 -28.90 -57.67 68.95
CA ILE B 944 -29.61 -57.77 70.23
C ILE B 944 -30.77 -56.80 70.24
N VAL B 945 -30.48 -55.55 69.91
CA VAL B 945 -31.49 -54.51 69.95
C VAL B 945 -32.58 -54.83 68.95
N GLU B 946 -32.22 -55.03 67.69
CA GLU B 946 -33.15 -55.50 66.63
C GLU B 946 -34.09 -56.62 67.09
N PHE B 947 -33.53 -57.71 67.63
CA PHE B 947 -34.39 -58.82 68.10
C PHE B 947 -35.35 -58.35 69.19
N ALA B 948 -34.82 -57.62 70.18
CA ALA B 948 -35.60 -56.98 71.26
C ALA B 948 -36.76 -56.11 70.77
N LYS B 949 -36.48 -55.24 69.84
CA LYS B 949 -37.52 -54.43 69.22
C LYS B 949 -38.57 -55.28 68.54
N GLU B 950 -38.17 -56.33 67.80
CA GLU B 950 -39.11 -57.29 67.19
C GLU B 950 -39.99 -57.94 68.26
N LEU B 951 -39.34 -58.60 69.24
CA LEU B 951 -40.04 -59.20 70.38
C LEU B 951 -40.92 -58.21 71.13
N HIS B 952 -40.43 -57.00 71.36
CA HIS B 952 -41.25 -55.98 72.02
C HIS B 952 -42.49 -55.68 71.21
N GLU B 953 -42.34 -55.57 69.91
CA GLU B 953 -43.42 -55.24 69.00
C GLU B 953 -44.45 -56.34 68.83
N GLN B 954 -44.03 -57.60 68.82
CA GLN B 954 -45.02 -58.68 68.73
C GLN B 954 -45.82 -58.90 70.06
N GLY B 955 -45.61 -58.02 71.04
CA GLY B 955 -46.43 -57.90 72.22
C GLY B 955 -45.78 -58.48 73.43
N LYS B 956 -44.58 -58.03 73.76
CA LYS B 956 -43.87 -58.38 75.01
C LYS B 956 -43.34 -57.15 75.70
N GLY B 957 -43.21 -57.25 77.01
CA GLY B 957 -42.76 -56.12 77.81
C GLY B 957 -41.33 -55.78 77.44
N ILE B 958 -40.96 -54.51 77.57
CA ILE B 958 -39.61 -54.05 77.30
C ILE B 958 -38.56 -54.93 78.02
N VAL B 959 -38.64 -55.06 79.32
CA VAL B 959 -37.64 -55.93 80.01
C VAL B 959 -37.77 -57.40 79.58
N GLU B 960 -38.98 -57.82 79.32
CA GLU B 960 -39.16 -59.18 78.90
C GLU B 960 -38.44 -59.44 77.58
N ALA B 961 -38.63 -58.50 76.64
CA ALA B 961 -38.04 -58.56 75.31
C ALA B 961 -36.50 -58.51 75.37
N ALA B 962 -35.99 -57.75 76.31
CA ALA B 962 -34.56 -57.58 76.43
C ALA B 962 -33.93 -58.85 76.90
N ILE B 963 -34.59 -59.54 77.82
CA ILE B 963 -34.05 -60.78 78.35
C ILE B 963 -34.09 -61.89 77.27
N GLU B 964 -35.22 -62.02 76.57
CA GLU B 964 -35.33 -63.00 75.51
C GLU B 964 -34.31 -62.78 74.42
N ALA B 965 -34.23 -61.56 73.90
CA ALA B 965 -33.19 -61.19 72.95
C ALA B 965 -31.79 -61.60 73.42
N CYS B 966 -31.39 -61.17 74.58
CA CYS B 966 -30.12 -61.53 75.08
C CYS B 966 -29.88 -63.05 75.07
N ARG B 967 -30.90 -63.81 75.46
CA ARG B 967 -30.78 -65.28 75.49
C ARG B 967 -30.59 -65.85 74.08
N MET B 968 -31.41 -65.39 73.14
CA MET B 968 -31.26 -65.73 71.71
C MET B 968 -29.87 -65.40 71.14
N ARG B 969 -29.27 -64.31 71.58
CA ARG B 969 -28.04 -63.83 70.99
C ARG B 969 -26.70 -64.29 71.67
N LEU B 970 -26.79 -64.86 72.88
CA LEU B 970 -25.60 -65.26 73.66
C LEU B 970 -24.72 -66.31 72.95
N ARG B 971 -25.38 -67.34 72.40
CA ARG B 971 -24.68 -68.37 71.63
C ARG B 971 -23.86 -67.87 70.40
N PRO B 972 -24.50 -67.23 69.41
CA PRO B 972 -23.73 -66.55 68.35
C PRO B 972 -22.59 -65.69 68.89
N ILE B 973 -22.87 -64.84 69.89
CA ILE B 973 -21.84 -63.96 70.44
C ILE B 973 -20.58 -64.69 70.99
N VAL B 974 -20.83 -65.68 71.84
CA VAL B 974 -19.75 -66.47 72.44
C VAL B 974 -18.97 -67.24 71.38
N MET B 975 -19.66 -67.83 70.39
CA MET B 975 -19.01 -68.57 69.30
C MET B 975 -17.99 -67.72 68.52
N THR B 976 -18.45 -66.54 68.12
CA THR B 976 -17.64 -65.68 67.26
C THR B 976 -16.51 -65.08 68.07
N SER B 977 -16.73 -64.76 69.35
CA SER B 977 -15.66 -64.28 70.25
C SER B 977 -14.67 -65.38 70.52
N LEU B 978 -15.19 -66.54 70.89
CA LEU B 978 -14.33 -67.68 71.08
C LEU B 978 -13.39 -67.89 69.87
N ALA B 979 -13.94 -67.89 68.68
CA ALA B 979 -13.18 -68.20 67.46
C ALA B 979 -12.17 -67.13 67.07
N PHE B 980 -12.61 -65.87 67.20
CA PHE B 980 -11.80 -64.74 66.84
C PHE B 980 -10.65 -64.47 67.83
N ILE B 981 -10.84 -64.58 69.16
CA ILE B 981 -9.73 -64.32 70.13
C ILE B 981 -8.59 -65.30 69.81
N LEU B 982 -8.94 -66.59 69.73
CA LEU B 982 -7.96 -67.66 69.52
C LEU B 982 -7.19 -67.51 68.19
N GLY B 983 -7.90 -67.06 67.14
CA GLY B 983 -7.29 -66.73 65.85
C GLY B 983 -6.21 -65.67 65.96
N VAL B 984 -6.47 -64.70 66.81
CA VAL B 984 -5.57 -63.58 66.97
C VAL B 984 -4.36 -63.91 67.83
N VAL B 985 -4.57 -64.68 68.89
CA VAL B 985 -3.54 -65.06 69.87
C VAL B 985 -2.12 -65.18 69.28
N PRO B 986 -1.94 -66.00 68.22
CA PRO B 986 -0.67 -66.13 67.53
C PRO B 986 0.02 -64.85 67.13
N LEU B 987 -0.75 -63.89 66.63
CA LEU B 987 -0.22 -62.56 66.39
C LEU B 987 0.27 -61.95 67.68
N ALA B 988 -0.57 -62.00 68.71
CA ALA B 988 -0.27 -61.41 70.02
C ALA B 988 1.00 -61.97 70.70
N ILE B 989 1.44 -63.17 70.31
CA ILE B 989 2.63 -63.79 70.92
C ILE B 989 3.74 -64.12 69.94
N SER B 990 3.72 -63.54 68.75
CA SER B 990 4.67 -63.96 67.71
C SER B 990 6.05 -63.44 68.00
N THR B 991 7.00 -63.83 67.16
CA THR B 991 8.38 -63.32 67.24
C THR B 991 9.07 -63.29 65.90
N GLY B 992 10.02 -62.37 65.74
CA GLY B 992 10.84 -62.28 64.53
C GLY B 992 10.38 -61.25 63.51
N ALA B 993 10.36 -61.67 62.22
CA ALA B 993 10.02 -60.80 61.09
C ALA B 993 8.56 -60.36 61.17
N GLY B 994 8.38 -59.06 61.34
CA GLY B 994 7.05 -58.48 61.41
C GLY B 994 6.35 -58.62 62.74
N SER B 995 7.04 -59.14 63.76
CA SER B 995 6.38 -59.40 65.06
C SER B 995 5.90 -58.10 65.77
N GLY B 996 6.58 -57.00 65.53
CA GLY B 996 6.24 -55.73 66.19
C GLY B 996 4.89 -55.21 65.78
N SER B 997 4.56 -55.30 64.50
CA SER B 997 3.22 -55.01 64.02
C SER B 997 2.23 -56.03 64.59
N GLN B 998 2.49 -57.32 64.33
CA GLN B 998 1.63 -58.43 64.77
C GLN B 998 1.24 -58.30 66.27
N HIS B 999 2.14 -57.79 67.09
CA HIS B 999 1.82 -57.55 68.50
C HIS B 999 0.90 -56.35 68.67
N ALA B 1000 1.26 -55.25 68.02
CA ALA B 1000 0.43 -54.04 68.01
C ALA B 1000 -1.01 -54.26 67.53
N ILE B 1001 -1.23 -55.33 66.79
CA ILE B 1001 -2.59 -55.65 66.29
C ILE B 1001 -3.28 -56.72 67.15
N GLY B 1002 -2.54 -57.74 67.55
CA GLY B 1002 -3.12 -58.79 68.40
C GLY B 1002 -3.54 -58.33 69.77
N THR B 1003 -2.64 -57.61 70.45
CA THR B 1003 -2.81 -57.18 71.84
C THR B 1003 -4.06 -56.36 72.03
N GLY B 1004 -4.34 -55.49 71.09
CA GLY B 1004 -5.50 -54.61 71.15
C GLY B 1004 -6.81 -55.28 70.86
N VAL B 1005 -6.86 -56.22 69.92
CA VAL B 1005 -8.15 -56.84 69.62
C VAL B 1005 -8.58 -57.83 70.72
N ILE B 1006 -7.61 -58.63 71.25
CA ILE B 1006 -7.85 -59.56 72.38
C ILE B 1006 -8.46 -58.75 73.51
N GLY B 1007 -7.77 -57.70 73.91
CA GLY B 1007 -8.24 -56.86 74.99
C GLY B 1007 -9.67 -56.37 74.77
N GLY B 1008 -9.86 -55.79 73.60
CA GLY B 1008 -11.15 -55.21 73.23
C GLY B 1008 -12.24 -56.23 73.01
N MET B 1009 -11.88 -57.41 72.52
CA MET B 1009 -12.80 -58.53 72.38
C MET B 1009 -13.22 -59.08 73.75
N VAL B 1010 -12.28 -59.15 74.68
CA VAL B 1010 -12.63 -59.65 76.02
C VAL B 1010 -13.65 -58.71 76.68
N THR B 1011 -13.29 -57.44 76.86
CA THR B 1011 -14.16 -56.53 77.60
C THR B 1011 -15.49 -56.30 76.89
N ALA B 1012 -15.45 -56.19 75.56
CA ALA B 1012 -16.69 -56.00 74.72
C ALA B 1012 -17.67 -57.16 74.80
N THR B 1013 -17.17 -58.39 74.73
CA THR B 1013 -17.99 -59.59 74.84
C THR B 1013 -18.64 -59.63 76.21
N VAL B 1014 -17.82 -59.62 77.27
CA VAL B 1014 -18.35 -59.80 78.65
C VAL B 1014 -19.21 -58.63 79.11
N LEU B 1015 -18.89 -57.39 78.72
CA LEU B 1015 -19.68 -56.25 79.14
C LEU B 1015 -20.93 -55.96 78.30
N ALA B 1016 -20.86 -56.03 76.98
CA ALA B 1016 -22.03 -55.61 76.21
C ALA B 1016 -23.17 -56.54 76.42
N ILE B 1017 -22.86 -57.82 76.68
CA ILE B 1017 -23.96 -58.79 76.93
C ILE B 1017 -24.83 -58.43 78.13
N PHE B 1018 -24.26 -57.64 79.07
CA PHE B 1018 -24.96 -57.10 80.24
C PHE B 1018 -25.39 -55.65 80.07
N TRP B 1019 -24.58 -54.76 79.48
CA TRP B 1019 -24.98 -53.34 79.35
C TRP B 1019 -25.92 -52.97 78.22
N VAL B 1020 -25.95 -53.73 77.15
CA VAL B 1020 -26.81 -53.38 76.02
C VAL B 1020 -28.31 -53.49 76.36
N PRO B 1021 -28.70 -54.57 77.04
CA PRO B 1021 -30.10 -54.63 77.43
C PRO B 1021 -30.44 -53.52 78.38
N LEU B 1022 -29.50 -53.22 79.27
CA LEU B 1022 -29.58 -52.06 80.19
C LEU B 1022 -29.92 -50.82 79.40
N PHE B 1023 -29.03 -50.43 78.49
CA PHE B 1023 -29.25 -49.25 77.62
C PHE B 1023 -30.60 -49.31 76.90
N TYR B 1024 -30.93 -50.47 76.32
CA TYR B 1024 -32.16 -50.61 75.54
C TYR B 1024 -33.36 -50.40 76.42
N VAL B 1025 -33.32 -50.96 77.62
CA VAL B 1025 -34.44 -50.75 78.55
C VAL B 1025 -34.41 -49.30 79.09
N ALA B 1026 -33.25 -48.92 79.64
CA ALA B 1026 -32.95 -47.53 80.09
C ALA B 1026 -33.50 -46.45 79.18
N VAL B 1027 -33.27 -46.56 77.87
CA VAL B 1027 -33.72 -45.54 76.92
C VAL B 1027 -35.19 -45.69 76.55
N SER B 1028 -35.70 -46.92 76.45
CA SER B 1028 -37.14 -47.12 76.14
C SER B 1028 -38.06 -46.56 77.23
N THR B 1029 -37.66 -46.79 78.49
CA THR B 1029 -38.29 -46.22 79.68
C THR B 1029 -38.47 -44.67 79.66
N LEU B 1030 -37.54 -43.89 79.11
CA LEU B 1030 -37.59 -42.38 79.18
C LEU B 1030 -38.86 -41.75 78.59
N MET C 1 -44.74 -56.99 31.83
CA MET C 1 -44.34 -55.94 30.84
C MET C 1 -45.08 -56.15 29.52
N SER C 2 -44.99 -57.35 28.95
CA SER C 2 -45.56 -57.62 27.63
C SER C 2 -47.07 -57.40 27.62
N LYS C 3 -47.75 -58.08 28.51
CA LYS C 3 -49.20 -57.88 28.67
C LYS C 3 -49.52 -56.40 28.74
N PHE C 4 -48.72 -55.66 29.51
CA PHE C 4 -48.85 -54.19 29.62
C PHE C 4 -48.80 -53.45 28.27
N PHE C 5 -47.81 -53.78 27.42
CA PHE C 5 -47.68 -53.15 26.11
C PHE C 5 -48.67 -53.65 25.09
N ILE C 6 -49.21 -54.87 25.29
CA ILE C 6 -50.19 -55.46 24.35
C ILE C 6 -51.43 -54.58 24.18
N ASP C 7 -51.86 -53.92 25.26
CA ASP C 7 -53.00 -52.97 25.22
C ASP C 7 -52.58 -51.50 25.18
N ARG C 8 -51.29 -51.27 24.99
CA ARG C 8 -50.71 -49.93 24.93
C ARG C 8 -49.68 -49.92 23.77
N PRO C 9 -50.13 -50.21 22.53
CA PRO C 9 -49.23 -50.36 21.40
C PRO C 9 -48.57 -49.07 20.95
N ILE C 10 -49.11 -47.90 21.32
CA ILE C 10 -48.49 -46.61 20.98
C ILE C 10 -47.27 -46.40 21.88
N PHE C 11 -47.47 -46.59 23.19
CA PHE C 11 -46.37 -46.54 24.16
C PHE C 11 -45.24 -47.41 23.64
N ALA C 12 -45.58 -48.64 23.27
CA ALA C 12 -44.62 -49.58 22.71
C ALA C 12 -43.87 -48.94 21.54
N TRP C 13 -44.62 -48.40 20.60
CA TRP C 13 -44.08 -47.66 19.45
C TRP C 13 -43.13 -46.55 19.84
N VAL C 14 -43.53 -45.75 20.83
CA VAL C 14 -42.74 -44.62 21.26
C VAL C 14 -41.37 -45.01 21.82
N ILE C 15 -41.30 -46.04 22.69
CA ILE C 15 -39.97 -46.48 23.18
C ILE C 15 -39.11 -46.90 21.97
N ALA C 16 -39.75 -47.53 20.98
CA ALA C 16 -39.06 -47.92 19.76
C ALA C 16 -38.62 -46.73 18.92
N LEU C 17 -39.49 -45.71 18.79
CA LEU C 17 -39.15 -44.49 18.06
C LEU C 17 -38.05 -43.69 18.76
N VAL C 18 -38.16 -43.55 20.08
CA VAL C 18 -37.07 -42.94 20.88
C VAL C 18 -35.73 -43.68 20.62
N ILE C 19 -35.71 -44.99 20.78
CA ILE C 19 -34.49 -45.74 20.44
C ILE C 19 -33.94 -45.41 19.04
N MET C 20 -34.82 -45.38 18.04
CA MET C 20 -34.43 -45.13 16.65
C MET C 20 -33.92 -43.72 16.45
N LEU C 21 -34.71 -42.76 16.92
CA LEU C 21 -34.34 -41.38 16.81
C LEU C 21 -32.96 -41.16 17.41
N ALA C 22 -32.73 -41.65 18.61
CA ALA C 22 -31.43 -41.47 19.25
C ALA C 22 -30.28 -42.18 18.51
N GLY C 23 -30.40 -43.47 18.29
CA GLY C 23 -29.37 -44.23 17.56
C GLY C 23 -29.10 -43.73 16.14
N GLY C 24 -30.17 -43.23 15.50
CA GLY C 24 -30.09 -42.61 14.19
C GLY C 24 -29.17 -41.40 14.25
N LEU C 25 -29.59 -40.40 15.03
CA LEU C 25 -28.79 -39.20 15.29
C LEU C 25 -27.33 -39.53 15.65
N SER C 26 -27.10 -40.60 16.38
CA SER C 26 -25.73 -41.06 16.64
C SER C 26 -24.87 -41.34 15.41
N ILE C 27 -25.47 -41.75 14.30
CA ILE C 27 -24.68 -42.01 13.09
C ILE C 27 -24.07 -40.69 12.52
N LEU C 28 -24.65 -39.53 12.85
CA LEU C 28 -24.08 -38.22 12.45
C LEU C 28 -22.90 -37.73 13.31
N SER C 29 -22.43 -38.53 14.26
CA SER C 29 -21.19 -38.21 15.00
C SER C 29 -20.14 -39.32 15.00
N LEU C 30 -20.51 -40.54 14.65
CA LEU C 30 -19.58 -41.66 14.67
C LEU C 30 -18.58 -41.45 13.57
N PRO C 31 -17.29 -41.61 13.88
CA PRO C 31 -16.32 -41.60 12.80
C PRO C 31 -16.34 -42.94 12.03
N VAL C 32 -15.92 -42.88 10.78
CA VAL C 32 -15.89 -44.07 9.93
C VAL C 32 -14.43 -44.35 9.69
N ASN C 33 -14.00 -45.59 9.85
CA ASN C 33 -12.63 -45.99 9.47
C ASN C 33 -12.62 -47.45 9.07
N GLN C 34 -11.54 -47.92 8.46
CA GLN C 34 -11.54 -49.29 7.93
C GLN C 34 -11.54 -50.26 9.09
N TYR C 35 -10.43 -50.29 9.82
CA TYR C 35 -10.28 -51.11 11.01
C TYR C 35 -10.16 -50.15 12.22
N PRO C 36 -10.45 -50.62 13.45
CA PRO C 36 -10.20 -49.84 14.68
C PRO C 36 -8.71 -49.77 15.00
N ALA C 37 -8.32 -49.10 16.08
CA ALA C 37 -6.89 -48.84 16.29
C ALA C 37 -6.27 -50.10 16.77
N ILE C 38 -5.66 -50.88 15.89
CA ILE C 38 -5.21 -52.18 16.34
C ILE C 38 -3.72 -52.31 16.46
N ALA C 39 -2.96 -51.38 15.94
CA ALA C 39 -1.48 -51.51 16.04
C ALA C 39 -0.95 -51.13 17.45
N PRO C 40 -0.07 -51.95 18.02
CA PRO C 40 0.51 -51.55 19.29
C PRO C 40 1.19 -50.19 19.21
N PRO C 41 0.99 -49.31 20.20
CA PRO C 41 1.69 -48.03 20.16
C PRO C 41 3.19 -48.22 20.14
N ALA C 42 3.88 -47.30 19.49
CA ALA C 42 5.36 -47.32 19.39
C ALA C 42 5.99 -45.92 19.52
N ILE C 43 7.22 -45.87 20.01
CA ILE C 43 7.89 -44.61 20.14
C ILE C 43 9.22 -44.80 19.49
N ALA C 44 9.61 -43.82 18.66
CA ALA C 44 10.92 -43.80 18.01
C ALA C 44 11.78 -42.73 18.65
N VAL C 45 13.03 -43.09 18.93
CA VAL C 45 14.06 -42.16 19.35
C VAL C 45 15.13 -42.05 18.23
N GLN C 46 15.43 -40.83 17.78
CA GLN C 46 16.36 -40.59 16.65
C GLN C 46 17.40 -39.49 16.82
N VAL C 47 18.63 -39.82 16.44
CA VAL C 47 19.82 -38.97 16.57
C VAL C 47 20.70 -39.25 15.40
N SER C 48 21.10 -38.18 14.72
CA SER C 48 22.24 -38.20 13.81
C SER C 48 23.50 -37.77 14.59
N TYR C 49 24.53 -38.60 14.51
CA TYR C 49 25.88 -38.28 14.97
C TYR C 49 26.81 -38.23 13.74
N PRO C 50 26.93 -37.04 13.08
CA PRO C 50 27.56 -36.97 11.76
C PRO C 50 29.05 -37.41 11.74
N GLY C 51 29.33 -38.42 10.93
CA GLY C 51 30.70 -38.87 10.66
C GLY C 51 31.26 -40.03 11.46
N ALA C 52 30.41 -40.69 12.23
CA ALA C 52 30.83 -41.89 12.94
C ALA C 52 30.38 -43.09 12.12
N SER C 53 31.06 -44.24 12.29
CA SER C 53 30.62 -45.46 11.60
C SER C 53 29.40 -46.04 12.28
N ALA C 54 28.62 -46.84 11.57
CA ALA C 54 27.49 -47.54 12.18
C ALA C 54 27.94 -48.23 13.47
N GLU C 55 29.17 -48.71 13.47
CA GLU C 55 29.75 -49.40 14.64
C GLU C 55 30.03 -48.46 15.83
N THR C 56 30.43 -47.22 15.58
CA THR C 56 30.48 -46.18 16.64
C THR C 56 29.08 -45.76 17.14
N VAL C 57 28.22 -45.29 16.21
CA VAL C 57 26.80 -44.94 16.47
C VAL C 57 26.12 -45.98 17.38
N GLN C 58 26.51 -47.24 17.22
CA GLN C 58 26.00 -48.35 18.01
C GLN C 58 26.64 -48.46 19.37
N ASP C 59 27.96 -48.42 19.43
CA ASP C 59 28.67 -48.63 20.70
C ASP C 59 28.53 -47.47 21.67
N THR C 60 28.43 -46.25 21.15
CA THR C 60 28.42 -45.03 21.98
C THR C 60 27.04 -44.39 22.23
N VAL C 61 26.07 -44.66 21.34
CA VAL C 61 24.69 -44.07 21.41
C VAL C 61 23.60 -45.13 21.67
N VAL C 62 23.21 -45.83 20.62
CA VAL C 62 22.11 -46.78 20.64
C VAL C 62 22.14 -47.69 21.85
N GLN C 63 23.26 -48.35 22.05
CA GLN C 63 23.42 -49.31 23.15
C GLN C 63 23.17 -48.68 24.52
N VAL C 64 23.57 -47.42 24.68
CA VAL C 64 23.36 -46.69 25.95
C VAL C 64 21.89 -46.35 26.17
N ILE C 65 21.23 -45.85 25.13
CA ILE C 65 19.84 -45.50 25.19
C ILE C 65 18.97 -46.73 25.37
N GLU C 66 19.33 -47.87 24.80
CA GLU C 66 18.54 -49.11 25.01
C GLU C 66 18.54 -49.59 26.48
N GLN C 67 19.69 -49.46 27.14
CA GLN C 67 19.82 -49.74 28.55
C GLN C 67 18.69 -49.07 29.36
N GLN C 68 18.46 -47.78 29.11
CA GLN C 68 17.50 -47.01 29.85
C GLN C 68 16.07 -47.36 29.54
N MET C 69 15.80 -47.86 28.33
CA MET C 69 14.42 -48.23 27.92
C MET C 69 13.92 -49.55 28.51
N ASN C 70 14.83 -50.38 29.02
CA ASN C 70 14.43 -51.58 29.75
C ASN C 70 13.82 -51.04 31.00
N GLY C 71 12.79 -51.73 31.47
CA GLY C 71 12.11 -51.34 32.68
C GLY C 71 10.92 -50.44 32.48
N ILE C 72 10.65 -50.01 31.23
CA ILE C 72 9.52 -49.13 30.94
C ILE C 72 8.25 -49.95 31.04
N ASP C 73 7.21 -49.35 31.62
CA ASP C 73 5.95 -50.03 31.83
C ASP C 73 5.40 -50.48 30.47
N ASN C 74 4.81 -51.68 30.45
CA ASN C 74 4.10 -52.23 29.27
C ASN C 74 4.92 -52.38 27.99
N LEU C 75 6.19 -52.69 28.11
CA LEU C 75 7.09 -52.81 26.96
C LEU C 75 6.90 -54.16 26.30
N ARG C 76 6.68 -54.19 25.00
CA ARG C 76 6.64 -55.47 24.29
C ARG C 76 8.05 -55.83 23.83
N TYR C 77 8.66 -54.95 23.01
CA TYR C 77 10.05 -55.14 22.56
C TYR C 77 10.66 -53.84 22.05
N ILE C 78 11.98 -53.87 21.85
CA ILE C 78 12.74 -52.74 21.34
C ILE C 78 13.60 -53.18 20.15
N SER C 79 13.66 -52.37 19.10
CA SER C 79 14.48 -52.68 17.91
C SER C 79 15.17 -51.43 17.37
N SER C 80 16.48 -51.45 17.36
CA SER C 80 17.24 -50.33 16.86
C SER C 80 18.01 -50.66 15.56
N GLU C 81 18.44 -49.60 14.90
CA GLU C 81 19.38 -49.66 13.78
C GLU C 81 20.48 -48.59 13.96
N SER C 82 21.73 -48.97 13.73
CA SER C 82 22.83 -48.00 13.53
C SER C 82 23.27 -47.99 12.07
N ASN C 83 23.36 -46.80 11.48
CA ASN C 83 23.72 -46.61 10.08
C ASN C 83 25.10 -45.98 9.95
N SER C 84 25.76 -46.24 8.82
CA SER C 84 27.09 -45.69 8.54
C SER C 84 27.10 -44.20 8.19
N ASP C 85 25.92 -43.57 8.05
CA ASP C 85 25.85 -42.10 7.86
C ASP C 85 25.70 -41.30 9.16
N GLY C 86 25.98 -41.92 10.31
CA GLY C 86 25.78 -41.27 11.62
C GLY C 86 24.36 -41.27 12.18
N SER C 87 23.40 -41.88 11.50
CA SER C 87 21.99 -41.90 11.94
C SER C 87 21.67 -43.20 12.68
N MET C 88 20.73 -43.13 13.61
CA MET C 88 20.22 -44.30 14.33
C MET C 88 18.75 -44.08 14.63
N THR C 89 18.04 -45.19 14.82
CA THR C 89 16.67 -45.17 15.27
C THR C 89 16.47 -46.26 16.26
N ILE C 90 15.97 -45.91 17.46
CA ILE C 90 15.55 -46.92 18.42
C ILE C 90 14.06 -46.90 18.44
N THR C 91 13.46 -48.08 18.31
CA THR C 91 12.03 -48.19 18.25
C THR C 91 11.59 -49.03 19.45
N VAL C 92 10.86 -48.39 20.37
CA VAL C 92 10.28 -49.04 21.52
C VAL C 92 8.78 -49.25 21.28
N THR C 93 8.37 -50.52 21.38
CA THR C 93 7.00 -50.95 21.03
C THR C 93 6.34 -51.47 22.28
N PHE C 94 5.05 -51.13 22.45
CA PHE C 94 4.30 -51.39 23.68
C PHE C 94 3.02 -52.19 23.46
N GLU C 95 2.53 -52.89 24.47
CA GLU C 95 1.23 -53.59 24.35
C GLU C 95 0.01 -52.65 24.08
N GLN C 96 -0.98 -53.09 23.30
CA GLN C 96 -2.19 -52.30 22.97
C GLN C 96 -2.84 -51.98 24.26
N GLY C 97 -3.38 -50.78 24.35
CA GLY C 97 -3.99 -50.35 25.59
C GLY C 97 -3.12 -49.48 26.45
N THR C 98 -1.78 -49.59 26.28
CA THR C 98 -0.86 -48.60 26.75
C THR C 98 -1.26 -47.27 26.18
N ASP C 99 -1.37 -46.26 27.04
CA ASP C 99 -1.62 -44.89 26.57
C ASP C 99 -0.32 -44.36 25.92
N PRO C 100 -0.41 -43.96 24.65
CA PRO C 100 0.80 -43.54 23.95
C PRO C 100 1.37 -42.20 24.38
N ASP C 101 0.53 -41.24 24.79
CA ASP C 101 1.12 -40.00 25.33
C ASP C 101 1.92 -40.33 26.59
N ILE C 102 1.48 -41.29 27.39
CA ILE C 102 2.22 -41.58 28.58
C ILE C 102 3.49 -42.41 28.28
N ALA C 103 3.46 -43.33 27.31
CA ALA C 103 4.65 -44.03 26.84
C ALA C 103 5.72 -43.09 26.36
N GLN C 104 5.31 -42.08 25.58
CA GLN C 104 6.26 -41.10 25.11
C GLN C 104 6.99 -40.43 26.26
N VAL C 105 6.20 -39.93 27.22
CA VAL C 105 6.72 -39.27 28.40
C VAL C 105 7.71 -40.15 29.17
N GLN C 106 7.32 -41.39 29.39
CA GLN C 106 8.18 -42.34 30.01
C GLN C 106 9.46 -42.55 29.22
N VAL C 107 9.33 -42.63 27.91
CA VAL C 107 10.50 -42.74 27.04
C VAL C 107 11.43 -41.53 27.30
N GLN C 108 10.91 -40.30 27.17
CA GLN C 108 11.67 -39.06 27.51
C GLN C 108 12.31 -39.05 28.92
N ASN C 109 11.56 -39.52 29.91
CA ASN C 109 12.11 -39.70 31.25
C ASN C 109 13.35 -40.58 31.32
N LYS C 110 13.36 -41.71 30.63
CA LYS C 110 14.51 -42.63 30.69
C LYS C 110 15.66 -42.10 29.84
N LEU C 111 15.36 -41.56 28.67
CA LEU C 111 16.38 -41.09 27.72
C LEU C 111 17.30 -40.05 28.33
N GLN C 112 16.69 -39.14 29.07
CA GLN C 112 17.37 -38.09 29.79
C GLN C 112 18.47 -38.61 30.71
N LEU C 113 18.36 -39.85 31.18
CA LEU C 113 19.41 -40.46 32.01
C LEU C 113 20.58 -40.97 31.22
N ALA C 114 20.32 -41.38 29.98
CA ALA C 114 21.36 -41.82 29.08
C ALA C 114 22.17 -40.64 28.60
N THR C 115 21.46 -39.61 28.18
CA THR C 115 22.02 -38.37 27.67
C THR C 115 23.41 -37.92 28.24
N PRO C 116 23.60 -37.80 29.56
CA PRO C 116 24.99 -37.47 29.97
C PRO C 116 26.10 -38.51 29.58
N LEU C 117 25.73 -39.77 29.38
CA LEU C 117 26.64 -40.84 28.93
C LEU C 117 26.88 -40.86 27.43
N LEU C 118 26.19 -40.00 26.69
CA LEU C 118 26.39 -39.89 25.25
C LEU C 118 27.65 -39.06 24.94
N PRO C 119 28.15 -39.13 23.69
CA PRO C 119 29.18 -38.20 23.22
C PRO C 119 28.70 -36.76 23.21
N GLN C 120 29.55 -35.84 23.67
CA GLN C 120 29.25 -34.40 23.71
C GLN C 120 28.68 -33.85 22.39
N GLU C 121 29.07 -34.48 21.28
CA GLU C 121 28.59 -34.13 19.94
C GLU C 121 27.11 -34.44 19.71
N VAL C 122 26.58 -35.37 20.50
CA VAL C 122 25.14 -35.64 20.57
C VAL C 122 24.40 -34.82 21.65
N GLN C 123 24.92 -34.79 22.86
CA GLN C 123 24.27 -34.08 24.00
C GLN C 123 23.82 -32.66 23.66
N ARG C 124 24.66 -31.98 22.88
CA ARG C 124 24.42 -30.61 22.42
C ARG C 124 23.46 -30.57 21.23
N GLN C 125 23.48 -31.65 20.46
CA GLN C 125 22.51 -31.89 19.39
C GLN C 125 21.02 -31.75 19.91
N GLY C 126 20.31 -32.83 20.24
CA GLY C 126 18.85 -32.71 20.53
C GLY C 126 18.10 -33.91 19.94
N ILE C 127 17.76 -34.87 20.78
CA ILE C 127 17.33 -36.19 20.30
C ILE C 127 15.84 -36.12 19.98
N ARG C 128 15.45 -36.70 18.85
CA ARG C 128 14.10 -36.63 18.39
C ARG C 128 13.30 -37.80 18.98
N VAL C 129 12.14 -37.50 19.60
CA VAL C 129 11.27 -38.54 20.17
C VAL C 129 9.85 -38.37 19.64
N THR C 130 9.32 -39.40 18.98
CA THR C 130 8.00 -39.32 18.32
C THR C 130 7.28 -40.64 18.28
N LYS C 131 5.95 -40.54 18.15
CA LYS C 131 5.09 -41.71 18.01
C LYS C 131 5.25 -42.30 16.63
N ALA C 132 5.33 -43.60 16.52
CA ALA C 132 5.89 -44.25 15.36
C ALA C 132 4.80 -45.03 14.63
N VAL C 133 4.34 -44.46 13.52
CA VAL C 133 3.38 -45.04 12.61
C VAL C 133 4.12 -45.69 11.45
N LYS C 134 3.83 -46.95 11.15
CA LYS C 134 4.59 -47.68 10.11
C LYS C 134 4.18 -47.34 8.67
N ASN C 135 2.99 -46.79 8.48
CA ASN C 135 2.38 -46.68 7.18
C ASN C 135 2.02 -45.26 6.72
N PHE C 136 2.32 -44.93 5.47
CA PHE C 136 1.89 -43.63 4.95
C PHE C 136 0.40 -43.72 4.62
N LEU C 137 -0.27 -42.59 4.73
CA LEU C 137 -1.67 -42.43 4.37
C LEU C 137 -1.78 -42.05 2.92
N MET C 138 -0.82 -41.26 2.44
CA MET C 138 -0.73 -40.84 1.06
C MET C 138 0.56 -40.07 0.82
N VAL C 139 0.83 -39.84 -0.45
CA VAL C 139 1.83 -38.88 -0.90
C VAL C 139 1.07 -37.81 -1.63
N VAL C 140 1.39 -36.55 -1.37
CA VAL C 140 0.89 -35.44 -2.17
C VAL C 140 2.06 -35.01 -3.01
N GLY C 141 2.00 -35.36 -4.29
CA GLY C 141 3.09 -35.14 -5.25
C GLY C 141 2.95 -33.82 -5.96
N VAL C 142 4.03 -33.39 -6.59
CA VAL C 142 3.98 -32.23 -7.47
C VAL C 142 4.82 -32.47 -8.74
N VAL C 143 4.19 -32.15 -9.88
CA VAL C 143 4.77 -32.43 -11.22
C VAL C 143 4.66 -31.16 -12.08
N SER C 144 5.70 -30.90 -12.89
CA SER C 144 5.74 -29.71 -13.78
C SER C 144 5.24 -30.01 -15.19
N THR C 145 4.18 -29.33 -15.65
CA THR C 145 3.62 -29.59 -17.00
C THR C 145 4.52 -29.13 -18.15
N ASP C 146 4.69 -27.81 -18.28
CA ASP C 146 5.51 -27.24 -19.36
C ASP C 146 7.03 -27.47 -19.22
N GLY C 147 7.48 -28.17 -18.18
CA GLY C 147 8.91 -28.45 -17.99
C GLY C 147 9.72 -27.31 -17.37
N SER C 148 9.05 -26.18 -17.07
CA SER C 148 9.68 -24.99 -16.47
C SER C 148 10.44 -25.21 -15.17
N MET C 149 9.96 -26.14 -14.34
CA MET C 149 10.52 -26.40 -13.00
C MET C 149 11.14 -27.78 -12.92
N THR C 150 12.34 -27.86 -12.33
CA THR C 150 13.00 -29.13 -12.08
C THR C 150 12.58 -29.71 -10.71
N LYS C 151 13.12 -30.88 -10.37
CA LYS C 151 12.88 -31.54 -9.07
C LYS C 151 13.18 -30.59 -7.92
N GLU C 152 14.38 -30.00 -7.96
CA GLU C 152 14.87 -29.11 -6.90
C GLU C 152 13.90 -27.94 -6.76
N ASP C 153 13.43 -27.44 -7.89
CA ASP C 153 12.52 -26.31 -7.95
C ASP C 153 11.15 -26.61 -7.35
N LEU C 154 10.62 -27.79 -7.67
CA LEU C 154 9.36 -28.27 -7.11
C LEU C 154 9.47 -28.69 -5.63
N SER C 155 10.50 -29.48 -5.32
CA SER C 155 10.87 -29.79 -3.92
C SER C 155 10.92 -28.55 -3.07
N ASN C 156 11.81 -27.63 -3.40
CA ASN C 156 11.82 -26.35 -2.75
C ASN C 156 10.40 -25.72 -2.66
N TYR C 157 9.57 -25.88 -3.68
CA TYR C 157 8.21 -25.32 -3.62
C TYR C 157 7.35 -26.04 -2.52
N ILE C 158 7.58 -27.34 -2.36
CA ILE C 158 6.92 -28.10 -1.31
C ILE C 158 7.36 -27.65 0.08
N VAL C 159 8.67 -27.72 0.33
CA VAL C 159 9.23 -27.44 1.67
C VAL C 159 8.93 -26.00 2.10
N SER C 160 8.85 -25.11 1.14
CA SER C 160 8.75 -23.70 1.44
C SER C 160 7.33 -23.19 1.40
N ASN C 161 6.43 -23.89 0.71
CA ASN C 161 5.00 -23.47 0.67
C ASN C 161 3.96 -24.50 1.03
N ILE C 162 4.29 -25.79 1.06
CA ILE C 162 3.26 -26.83 1.26
C ILE C 162 3.41 -27.64 2.57
N GLN C 163 4.65 -27.98 2.95
CA GLN C 163 4.99 -28.57 4.28
C GLN C 163 4.28 -27.97 5.49
N ASP C 164 4.62 -26.74 5.85
CA ASP C 164 4.18 -26.19 7.13
C ASP C 164 2.62 -26.19 7.27
N PRO C 165 1.88 -25.79 6.20
CA PRO C 165 0.41 -25.90 6.26
C PRO C 165 -0.14 -27.34 6.31
N LEU C 166 0.54 -28.27 5.63
CA LEU C 166 0.22 -29.70 5.69
C LEU C 166 0.52 -30.24 7.06
N SER C 167 1.75 -30.03 7.53
CA SER C 167 2.22 -30.54 8.84
C SER C 167 1.39 -30.12 10.07
N ARG C 168 0.68 -28.99 9.96
CA ARG C 168 -0.28 -28.51 10.96
C ARG C 168 -1.66 -28.54 10.37
N THR C 169 -2.00 -29.70 9.81
CA THR C 169 -3.30 -29.96 9.20
C THR C 169 -3.98 -31.01 10.06
N LYS C 170 -5.25 -30.79 10.36
CA LYS C 170 -5.98 -31.56 11.34
C LYS C 170 -5.86 -33.02 10.99
N GLY C 171 -5.16 -33.78 11.83
CA GLY C 171 -4.99 -35.20 11.60
C GLY C 171 -3.63 -35.57 11.08
N VAL C 172 -2.97 -34.66 10.38
CA VAL C 172 -1.62 -34.93 9.84
C VAL C 172 -0.59 -35.05 10.95
N GLY C 173 0.18 -36.14 10.94
CA GLY C 173 1.15 -36.39 12.00
C GLY C 173 2.55 -36.24 11.46
N ASP C 174 3.30 -37.33 11.44
CA ASP C 174 4.63 -37.29 10.87
C ASP C 174 4.52 -37.05 9.37
N PHE C 175 5.62 -36.57 8.79
CA PHE C 175 5.71 -36.44 7.34
C PHE C 175 7.14 -36.68 6.92
N GLN C 176 7.35 -36.84 5.63
CA GLN C 176 8.71 -37.02 5.10
C GLN C 176 8.82 -36.71 3.60
N VAL C 177 9.45 -35.57 3.29
CA VAL C 177 9.56 -35.04 1.91
C VAL C 177 10.55 -35.87 1.12
N PHE C 178 10.23 -36.10 -0.15
CA PHE C 178 11.11 -36.78 -1.09
C PHE C 178 11.88 -35.71 -1.86
N GLY C 179 12.78 -35.04 -1.15
CA GLY C 179 13.48 -33.85 -1.67
C GLY C 179 13.90 -32.90 -0.54
N SER C 180 14.23 -31.67 -0.89
CA SER C 180 14.64 -30.65 0.09
C SER C 180 14.22 -29.25 -0.31
N GLN C 181 14.49 -28.30 0.57
CA GLN C 181 14.45 -26.89 0.19
C GLN C 181 15.82 -26.49 -0.36
N TYR C 182 15.87 -25.31 -0.97
CA TYR C 182 17.11 -24.77 -1.51
C TYR C 182 18.02 -24.43 -0.33
N SER C 183 19.31 -24.43 -0.61
CA SER C 183 20.31 -23.97 0.34
C SER C 183 21.31 -23.18 -0.44
N MET C 184 21.94 -22.23 0.21
CA MET C 184 22.99 -21.47 -0.43
C MET C 184 24.21 -22.39 -0.44
N ARG C 185 24.43 -23.05 -1.59
CA ARG C 185 25.58 -23.95 -1.75
C ARG C 185 26.86 -23.25 -2.20
N ILE C 186 27.98 -23.72 -1.65
CA ILE C 186 29.30 -23.14 -1.89
C ILE C 186 30.27 -24.30 -2.11
N TRP C 187 30.68 -24.46 -3.38
CA TRP C 187 31.56 -25.53 -3.84
C TRP C 187 33.01 -25.05 -3.97
N LEU C 188 33.78 -25.28 -2.92
CA LEU C 188 35.18 -24.90 -2.87
C LEU C 188 35.98 -25.60 -3.92
N ASP C 189 36.84 -24.83 -4.60
CA ASP C 189 37.75 -25.34 -5.62
C ASP C 189 39.14 -25.55 -5.01
N PRO C 190 39.55 -26.81 -4.79
CA PRO C 190 40.81 -27.08 -4.05
C PRO C 190 42.04 -26.41 -4.63
N ALA C 191 42.10 -26.32 -5.97
CA ALA C 191 43.20 -25.69 -6.70
C ALA C 191 43.10 -24.15 -6.72
N LYS C 192 41.94 -23.62 -7.09
CA LYS C 192 41.68 -22.15 -6.99
C LYS C 192 41.90 -21.61 -5.56
N LEU C 193 41.65 -22.45 -4.57
CA LEU C 193 41.87 -22.13 -3.15
C LEU C 193 43.36 -22.04 -2.82
N ASN C 194 44.09 -23.03 -3.31
CA ASN C 194 45.55 -23.14 -3.20
C ASN C 194 46.25 -21.90 -3.77
N SER C 195 45.86 -21.51 -4.99
CA SER C 195 46.41 -20.33 -5.67
C SER C 195 46.48 -19.06 -4.83
N TYR C 196 45.58 -18.93 -3.83
CA TYR C 196 45.61 -17.79 -2.89
C TYR C 196 46.12 -18.13 -1.47
N GLN C 197 46.79 -19.28 -1.32
CA GLN C 197 47.28 -19.76 -0.02
C GLN C 197 46.18 -19.86 1.07
N LEU C 198 44.92 -19.97 0.62
CA LEU C 198 43.72 -19.93 1.47
C LEU C 198 43.29 -21.36 1.80
N THR C 199 42.50 -21.50 2.87
CA THR C 199 41.98 -22.79 3.32
C THR C 199 40.45 -22.75 3.37
N PRO C 200 39.80 -23.93 3.44
CA PRO C 200 38.33 -23.95 3.60
C PRO C 200 37.86 -23.41 4.97
N GLY C 201 38.68 -23.58 6.01
CA GLY C 201 38.49 -22.90 7.30
C GLY C 201 38.33 -21.38 7.21
N ASP C 202 39.28 -20.71 6.56
CA ASP C 202 39.16 -19.26 6.32
C ASP C 202 37.83 -18.97 5.64
N VAL C 203 37.39 -19.87 4.76
CA VAL C 203 36.11 -19.74 4.04
C VAL C 203 34.90 -19.85 4.98
N SER C 204 34.82 -20.96 5.72
CA SER C 204 33.78 -21.15 6.75
C SER C 204 33.81 -20.00 7.74
N SER C 205 35.01 -19.55 8.08
CA SER C 205 35.20 -18.45 8.99
C SER C 205 34.59 -17.17 8.41
N ALA C 206 35.04 -16.79 7.23
CA ALA C 206 34.54 -15.60 6.54
C ALA C 206 33.01 -15.52 6.49
N ILE C 207 32.35 -16.60 6.05
CA ILE C 207 30.87 -16.64 5.93
C ILE C 207 30.19 -16.31 7.27
N GLN C 208 30.62 -17.00 8.32
CA GLN C 208 30.07 -16.76 9.65
C GLN C 208 30.21 -15.30 10.08
N ALA C 209 31.23 -14.63 9.56
CA ALA C 209 31.57 -13.26 9.95
C ALA C 209 30.86 -12.17 9.17
N GLN C 210 30.49 -12.46 7.92
CA GLN C 210 29.89 -11.48 7.01
C GLN C 210 28.38 -11.71 6.77
N ASN C 211 27.95 -12.97 6.87
CA ASN C 211 26.55 -13.29 6.71
C ASN C 211 25.94 -13.48 8.07
N VAL C 212 25.25 -12.45 8.54
CA VAL C 212 24.86 -12.41 9.93
C VAL C 212 23.93 -11.24 10.28
N GLN C 213 22.97 -11.53 11.13
CA GLN C 213 22.03 -10.56 11.62
C GLN C 213 22.52 -10.16 13.01
N ILE C 214 23.05 -8.94 13.18
CA ILE C 214 23.57 -8.48 14.48
C ILE C 214 22.54 -7.63 15.21
N SER C 215 22.34 -7.86 16.49
CA SER C 215 21.54 -6.96 17.32
C SER C 215 22.30 -5.66 17.44
N SER C 216 21.62 -4.54 17.25
CA SER C 216 22.31 -3.26 17.27
C SER C 216 21.56 -2.10 17.86
N GLY C 217 20.72 -2.37 18.84
CA GLY C 217 20.17 -1.28 19.65
C GLY C 217 19.23 -0.32 18.95
N GLN C 218 18.96 0.77 19.64
CA GLN C 218 18.05 1.75 19.14
C GLN C 218 18.76 3.11 19.11
N LEU C 219 18.00 4.12 18.71
CA LEU C 219 18.40 5.46 18.88
C LEU C 219 17.41 5.99 19.85
N GLY C 220 17.90 6.67 20.88
CA GLY C 220 17.04 7.20 21.93
C GLY C 220 16.34 6.15 22.77
N GLY C 221 16.84 4.89 22.70
CA GLY C 221 16.41 3.77 23.51
C GLY C 221 16.57 4.06 24.98
N LEU C 222 15.76 3.40 25.80
CA LEU C 222 15.83 3.64 27.24
C LEU C 222 17.05 2.95 27.90
N PRO C 223 17.48 3.41 29.09
CA PRO C 223 17.19 4.75 29.62
C PRO C 223 17.94 5.85 28.84
N ALA C 224 17.27 6.98 28.74
CA ALA C 224 17.50 7.95 27.69
C ALA C 224 17.77 9.28 28.36
N VAL C 225 18.45 10.21 27.66
CA VAL C 225 18.64 11.59 28.16
C VAL C 225 17.30 12.34 28.34
N LYS C 226 17.22 13.16 29.38
CA LYS C 226 15.98 13.92 29.63
C LYS C 226 15.67 14.78 28.40
N GLY C 227 14.42 14.73 27.98
CA GLY C 227 13.96 15.52 26.85
C GLY C 227 14.04 14.85 25.49
N GLN C 228 14.61 13.66 25.37
CA GLN C 228 14.72 12.99 24.05
C GLN C 228 13.33 12.88 23.47
N GLN C 229 13.27 13.00 22.14
CA GLN C 229 12.01 12.81 21.43
C GLN C 229 12.05 11.83 20.27
N LEU C 230 13.23 11.51 19.78
CA LEU C 230 13.37 10.45 18.79
C LEU C 230 13.60 9.08 19.47
N ASN C 231 13.11 8.03 18.82
CA ASN C 231 13.24 6.67 19.28
C ASN C 231 13.07 5.81 18.05
N ALA C 232 14.06 4.97 17.76
CA ALA C 232 14.00 4.12 16.59
C ALA C 232 15.00 2.98 16.59
N THR C 233 14.63 1.92 15.91
CA THR C 233 15.51 0.82 15.69
C THR C 233 16.73 1.18 14.87
N ILE C 234 17.88 0.67 15.28
CA ILE C 234 19.06 0.69 14.45
C ILE C 234 19.06 -0.69 13.81
N ILE C 235 18.78 -0.77 12.51
CA ILE C 235 19.10 -1.98 11.73
C ILE C 235 20.60 -1.91 11.57
N GLY C 236 21.27 -3.05 11.53
CA GLY C 236 22.74 -3.15 11.47
C GLY C 236 23.09 -4.04 10.31
N LYS C 237 23.96 -5.03 10.51
CA LYS C 237 24.45 -5.80 9.39
C LYS C 237 23.40 -6.58 8.61
N THR C 238 22.65 -7.45 9.27
CA THR C 238 21.55 -8.25 8.61
C THR C 238 22.00 -9.37 7.62
N ARG C 239 21.26 -10.49 7.64
CA ARG C 239 21.53 -11.71 6.83
C ARG C 239 21.59 -11.38 5.36
N LEU C 240 22.54 -12.03 4.67
CA LEU C 240 22.60 -12.04 3.19
C LEU C 240 21.36 -12.73 2.59
N GLN C 241 21.35 -12.99 1.28
CA GLN C 241 20.13 -13.44 0.61
C GLN C 241 20.37 -14.01 -0.81
N THR C 242 20.98 -13.19 -1.66
CA THR C 242 21.18 -13.52 -3.10
C THR C 242 22.45 -14.29 -3.34
N ALA C 243 22.50 -15.01 -4.45
CA ALA C 243 23.72 -15.74 -4.79
C ALA C 243 24.90 -14.78 -5.09
N GLU C 244 24.59 -13.52 -5.40
CA GLU C 244 25.60 -12.50 -5.74
C GLU C 244 26.27 -11.95 -4.50
N GLN C 245 25.46 -11.57 -3.51
CA GLN C 245 25.94 -11.11 -2.19
C GLN C 245 26.95 -12.08 -1.52
N PHE C 246 26.73 -13.38 -1.70
CA PHE C 246 27.68 -14.40 -1.25
C PHE C 246 28.97 -14.42 -2.07
N GLU C 247 28.97 -13.76 -3.23
CA GLU C 247 30.16 -13.66 -4.05
C GLU C 247 30.99 -12.45 -3.74
N ASN C 248 30.52 -11.56 -2.86
CA ASN C 248 31.24 -10.34 -2.48
C ASN C 248 31.91 -10.49 -1.12
N ILE C 249 32.10 -11.73 -0.68
CA ILE C 249 32.67 -12.00 0.63
C ILE C 249 34.16 -12.13 0.39
N LEU C 250 34.93 -11.16 0.90
CA LEU C 250 36.37 -11.17 0.73
C LEU C 250 37.04 -12.15 1.66
N LEU C 251 37.95 -12.98 1.14
CA LEU C 251 38.73 -13.87 2.00
C LEU C 251 39.89 -13.13 2.63
N LYS C 252 40.67 -12.43 1.81
CA LYS C 252 41.87 -11.71 2.29
C LYS C 252 42.34 -10.65 1.27
N VAL C 253 43.47 -10.02 1.59
CA VAL C 253 44.08 -8.92 0.85
C VAL C 253 45.55 -9.28 0.61
N ASN C 254 45.96 -9.30 -0.65
CA ASN C 254 47.33 -9.64 -1.05
C ASN C 254 48.23 -8.39 -1.02
N PRO C 255 49.54 -8.53 -1.33
CA PRO C 255 50.41 -7.35 -1.44
C PRO C 255 49.87 -6.18 -2.29
N ASP C 256 49.35 -6.47 -3.48
CA ASP C 256 48.85 -5.46 -4.44
C ASP C 256 47.34 -5.57 -4.72
N GLY C 257 46.88 -4.86 -5.77
CA GLY C 257 45.55 -5.05 -6.35
C GLY C 257 44.42 -4.55 -5.47
N SER C 258 43.18 -4.70 -5.95
CA SER C 258 42.00 -4.38 -5.14
C SER C 258 41.83 -5.48 -4.05
N GLN C 259 40.91 -6.43 -4.24
CA GLN C 259 40.61 -7.42 -3.20
C GLN C 259 40.20 -8.77 -3.78
N VAL C 260 40.41 -9.83 -3.01
CA VAL C 260 39.93 -11.20 -3.35
C VAL C 260 38.52 -11.40 -2.79
N ARG C 261 37.75 -12.27 -3.45
CA ARG C 261 36.36 -12.56 -3.07
C ARG C 261 36.07 -14.07 -3.07
N LEU C 262 34.85 -14.45 -2.73
CA LEU C 262 34.43 -15.85 -2.70
C LEU C 262 34.22 -16.41 -4.11
N LYS C 263 33.72 -15.57 -5.02
CA LYS C 263 33.56 -15.95 -6.45
C LYS C 263 34.83 -16.60 -7.05
N ASP C 264 36.00 -16.11 -6.61
CA ASP C 264 37.32 -16.54 -7.12
C ASP C 264 37.81 -17.87 -6.50
N VAL C 265 37.01 -18.49 -5.63
CA VAL C 265 37.34 -19.77 -5.02
C VAL C 265 36.22 -20.80 -4.99
N ALA C 266 35.03 -20.44 -5.49
CA ALA C 266 33.91 -21.36 -5.53
C ALA C 266 32.74 -20.85 -6.34
N ASP C 267 31.85 -21.78 -6.66
CA ASP C 267 30.58 -21.47 -7.25
C ASP C 267 29.58 -21.18 -6.13
N VAL C 268 28.65 -20.27 -6.39
CA VAL C 268 27.72 -19.75 -5.40
C VAL C 268 26.36 -19.48 -6.03
N GLY C 269 25.54 -20.54 -6.10
CA GLY C 269 24.10 -20.44 -6.43
C GLY C 269 23.23 -21.31 -5.51
N LEU C 270 21.93 -21.03 -5.52
CA LEU C 270 20.93 -21.85 -4.81
C LEU C 270 21.00 -23.33 -5.24
N GLY C 271 21.36 -24.21 -4.29
CA GLY C 271 21.31 -25.67 -4.51
C GLY C 271 20.21 -26.34 -3.70
N GLY C 272 20.55 -27.46 -3.07
CA GLY C 272 19.67 -28.14 -2.10
C GLY C 272 20.45 -28.59 -0.85
N GLN C 273 19.76 -28.57 0.29
CA GLN C 273 20.33 -29.05 1.56
C GLN C 273 20.74 -30.51 1.45
N ASP C 274 19.89 -31.29 0.79
CA ASP C 274 20.07 -32.71 0.67
C ASP C 274 19.84 -33.06 -0.79
N TYR C 275 20.85 -33.70 -1.38
CA TYR C 275 20.79 -34.19 -2.76
C TYR C 275 20.42 -35.69 -2.86
N SER C 276 20.32 -36.37 -1.71
CA SER C 276 19.91 -37.79 -1.63
C SER C 276 18.55 -38.12 -2.29
N ILE C 277 17.44 -37.98 -1.57
CA ILE C 277 16.22 -38.66 -1.99
C ILE C 277 15.68 -37.95 -3.25
N ASN C 278 15.54 -38.69 -4.37
CA ASN C 278 15.03 -38.14 -5.65
C ASN C 278 13.76 -38.86 -6.06
N ALA C 279 12.81 -38.09 -6.62
CA ALA C 279 11.46 -38.58 -6.97
C ALA C 279 11.06 -38.37 -8.43
N GLN C 280 10.20 -39.27 -8.91
CA GLN C 280 9.51 -39.15 -10.23
C GLN C 280 8.09 -39.76 -10.23
N PHE C 281 7.10 -38.98 -10.68
CA PHE C 281 5.70 -39.44 -10.88
C PHE C 281 5.41 -39.83 -12.34
N ASN C 282 5.42 -41.14 -12.63
CA ASN C 282 5.38 -41.70 -14.01
C ASN C 282 6.51 -41.21 -14.92
N GLY C 283 7.73 -41.16 -14.39
CA GLY C 283 8.93 -40.88 -15.19
C GLY C 283 9.29 -39.41 -15.01
N SER C 284 8.35 -38.53 -15.33
CA SER C 284 8.52 -37.08 -15.17
C SER C 284 9.10 -36.73 -13.79
N PRO C 285 10.24 -36.00 -13.75
CA PRO C 285 10.76 -35.48 -12.49
C PRO C 285 9.69 -34.78 -11.65
N ALA C 286 9.69 -35.05 -10.35
CA ALA C 286 8.71 -34.48 -9.45
C ALA C 286 9.22 -34.52 -8.05
N SER C 287 8.46 -33.89 -7.17
CA SER C 287 8.66 -34.05 -5.75
C SER C 287 7.35 -34.48 -5.14
N GLY C 288 7.44 -34.96 -3.91
CA GLY C 288 6.24 -35.22 -3.13
C GLY C 288 6.51 -35.37 -1.65
N ILE C 289 5.43 -35.23 -0.89
CA ILE C 289 5.46 -35.30 0.57
C ILE C 289 4.59 -36.48 1.03
N ALA C 290 5.22 -37.46 1.66
CA ALA C 290 4.54 -38.64 2.21
C ALA C 290 4.09 -38.40 3.65
N ILE C 291 2.80 -38.17 3.87
CA ILE C 291 2.29 -37.84 5.20
C ILE C 291 1.73 -39.07 5.98
N LYS C 292 2.22 -39.30 7.20
CA LYS C 292 1.71 -40.36 8.07
C LYS C 292 0.55 -39.83 8.91
N LEU C 293 -0.37 -40.70 9.23
CA LEU C 293 -1.56 -40.33 9.97
C LEU C 293 -1.27 -40.22 11.46
N ALA C 294 -1.86 -39.22 12.09
CA ALA C 294 -1.60 -39.03 13.52
C ALA C 294 -2.40 -40.03 14.33
N THR C 295 -1.83 -40.44 15.44
CA THR C 295 -2.45 -41.40 16.35
C THR C 295 -3.81 -40.86 16.82
N GLY C 296 -4.88 -41.62 16.55
CA GLY C 296 -6.24 -41.17 16.87
C GLY C 296 -7.08 -40.58 15.74
N ALA C 297 -6.44 -40.03 14.71
CA ALA C 297 -7.15 -39.25 13.68
C ALA C 297 -7.85 -40.14 12.68
N ASN C 298 -8.91 -39.62 12.06
CA ASN C 298 -9.70 -40.34 11.03
C ASN C 298 -9.19 -40.16 9.56
N ALA C 299 -8.59 -41.21 9.00
CA ALA C 299 -8.15 -41.26 7.58
C ALA C 299 -9.06 -40.50 6.62
N LEU C 300 -10.34 -40.86 6.54
CA LEU C 300 -11.26 -40.14 5.65
C LEU C 300 -11.37 -38.65 5.97
N ASP C 301 -11.49 -38.31 7.25
CA ASP C 301 -11.49 -36.89 7.63
C ASP C 301 -10.15 -36.16 7.38
N THR C 302 -9.04 -36.89 7.56
CA THR C 302 -7.70 -36.37 7.38
C THR C 302 -7.41 -36.06 5.90
N ALA C 303 -7.42 -37.09 5.06
CA ALA C 303 -7.33 -36.89 3.58
C ALA C 303 -8.30 -35.81 3.04
N LYS C 304 -9.50 -35.71 3.57
CA LYS C 304 -10.41 -34.63 3.19
C LYS C 304 -9.81 -33.24 3.55
N ALA C 305 -9.40 -33.08 4.81
CA ALA C 305 -8.73 -31.85 5.30
C ALA C 305 -7.48 -31.45 4.51
N ILE C 306 -6.65 -32.41 4.10
CA ILE C 306 -5.44 -32.02 3.36
C ILE C 306 -5.81 -31.49 1.97
N ARG C 307 -6.81 -32.11 1.32
CA ARG C 307 -7.28 -31.73 -0.01
C ARG C 307 -7.82 -30.31 0.11
N GLN C 308 -8.50 -30.06 1.21
CA GLN C 308 -8.95 -28.72 1.58
C GLN C 308 -7.78 -27.72 1.74
N THR C 309 -6.65 -28.17 2.32
CA THR C 309 -5.49 -27.30 2.54
C THR C 309 -4.74 -26.99 1.25
N ILE C 310 -4.68 -27.96 0.33
CA ILE C 310 -4.07 -27.71 -0.98
C ILE C 310 -4.96 -26.83 -1.85
N ALA C 311 -6.26 -27.06 -1.81
CA ALA C 311 -7.21 -26.27 -2.59
C ALA C 311 -7.05 -24.77 -2.33
N ASN C 312 -6.74 -24.40 -1.09
CA ASN C 312 -6.38 -23.02 -0.75
C ASN C 312 -4.96 -22.57 -1.20
N LEU C 313 -4.05 -23.51 -1.44
CA LEU C 313 -2.67 -23.23 -1.88
C LEU C 313 -2.38 -23.37 -3.38
N GLU C 314 -3.17 -24.17 -4.10
CA GLU C 314 -3.09 -24.26 -5.56
C GLU C 314 -3.20 -22.90 -6.26
N PRO C 315 -4.18 -22.05 -5.85
CA PRO C 315 -4.36 -20.72 -6.47
C PRO C 315 -3.26 -19.69 -6.15
N PHE C 316 -2.09 -20.18 -5.71
CA PHE C 316 -0.87 -19.42 -5.60
C PHE C 316 0.33 -20.09 -6.27
N MET C 317 0.15 -21.27 -6.85
CA MET C 317 1.27 -22.02 -7.40
C MET C 317 1.70 -21.38 -8.72
N PRO C 318 2.95 -21.63 -9.17
CA PRO C 318 3.45 -21.02 -10.41
C PRO C 318 2.75 -21.53 -11.68
N GLN C 319 3.26 -21.13 -12.82
CA GLN C 319 2.63 -21.41 -14.09
C GLN C 319 2.57 -22.89 -14.35
N GLY C 320 3.74 -23.52 -14.34
CA GLY C 320 3.87 -24.88 -14.84
C GLY C 320 4.05 -25.96 -13.80
N MET C 321 3.25 -25.92 -12.74
CA MET C 321 3.17 -27.04 -11.78
C MET C 321 1.73 -27.46 -11.54
N LYS C 322 1.54 -28.78 -11.49
CA LYS C 322 0.28 -29.37 -11.06
C LYS C 322 0.54 -30.36 -9.92
N VAL C 323 -0.35 -30.29 -8.95
CA VAL C 323 -0.30 -31.15 -7.78
C VAL C 323 -1.05 -32.45 -8.08
N VAL C 324 -0.40 -33.57 -7.81
CA VAL C 324 -0.99 -34.90 -8.00
C VAL C 324 -1.02 -35.69 -6.68
N TYR C 325 -1.84 -36.74 -6.63
CA TYR C 325 -1.86 -37.64 -5.49
C TYR C 325 -1.46 -39.09 -5.87
N PRO C 326 -0.16 -39.36 -5.93
CA PRO C 326 0.31 -40.71 -6.30
C PRO C 326 -0.13 -41.83 -5.38
N TYR C 327 0.32 -41.85 -4.12
CA TYR C 327 -0.16 -42.86 -3.14
C TYR C 327 -1.36 -42.32 -2.35
N ASP C 328 -2.33 -43.14 -2.03
CA ASP C 328 -3.47 -42.70 -1.25
C ASP C 328 -4.40 -43.87 -0.92
N THR C 329 -4.45 -44.26 0.36
CA THR C 329 -5.26 -45.39 0.83
C THR C 329 -6.70 -45.06 1.29
N THR C 330 -7.02 -43.78 1.34
CA THR C 330 -8.39 -43.31 1.60
C THR C 330 -9.50 -44.00 0.78
N PRO C 331 -9.29 -44.28 -0.52
CA PRO C 331 -10.35 -44.92 -1.32
C PRO C 331 -10.79 -46.32 -0.79
N VAL C 332 -9.81 -47.15 -0.46
CA VAL C 332 -10.04 -48.50 0.14
C VAL C 332 -10.99 -48.41 1.35
N VAL C 333 -10.83 -47.34 2.13
CA VAL C 333 -11.69 -47.13 3.26
C VAL C 333 -13.11 -46.99 2.74
N SER C 334 -13.34 -46.05 1.84
CA SER C 334 -14.70 -45.83 1.33
C SER C 334 -15.27 -47.08 0.64
N ALA C 335 -14.40 -47.77 -0.09
CA ALA C 335 -14.75 -48.98 -0.80
C ALA C 335 -15.22 -50.04 0.17
N SER C 336 -14.39 -50.31 1.18
CA SER C 336 -14.73 -51.28 2.23
C SER C 336 -16.09 -50.97 2.88
N ILE C 337 -16.25 -49.74 3.36
CA ILE C 337 -17.46 -49.36 4.05
C ILE C 337 -18.65 -49.40 3.10
N HIS C 338 -18.48 -48.99 1.84
CA HIS C 338 -19.57 -49.05 0.85
C HIS C 338 -19.98 -50.49 0.51
N GLU C 339 -19.01 -51.40 0.41
CA GLU C 339 -19.34 -52.82 0.19
C GLU C 339 -20.13 -53.42 1.37
N VAL C 340 -19.48 -53.61 2.50
CA VAL C 340 -20.14 -54.04 3.72
C VAL C 340 -21.52 -53.40 3.95
N VAL C 341 -21.66 -52.10 3.77
CA VAL C 341 -23.00 -51.48 3.92
C VAL C 341 -23.95 -52.15 2.95
N LYS C 342 -23.50 -52.26 1.70
CA LYS C 342 -24.28 -52.93 0.68
C LYS C 342 -24.69 -54.34 1.16
N THR C 343 -23.73 -55.20 1.49
CA THR C 343 -24.06 -56.58 1.92
C THR C 343 -25.08 -56.60 3.06
N LEU C 344 -24.78 -55.82 4.08
CA LEU C 344 -25.70 -55.55 5.16
C LEU C 344 -27.15 -55.41 4.68
N GLY C 345 -27.39 -54.47 3.76
CA GLY C 345 -28.70 -54.26 3.14
C GLY C 345 -29.28 -55.43 2.33
N GLU C 346 -28.43 -56.24 1.73
CA GLU C 346 -28.82 -57.45 1.01
C GLU C 346 -29.30 -58.47 1.99
N ALA C 347 -28.54 -58.59 3.07
CA ALA C 347 -28.86 -59.51 4.15
C ALA C 347 -30.27 -59.26 4.67
N ILE C 348 -30.65 -58.00 4.86
CA ILE C 348 -31.96 -57.69 5.42
C ILE C 348 -33.04 -58.15 4.45
N LEU C 349 -32.83 -57.95 3.14
CA LEU C 349 -33.79 -58.36 2.10
C LEU C 349 -33.94 -59.89 2.05
N LEU C 350 -32.81 -60.60 1.99
CA LEU C 350 -32.78 -62.09 2.03
C LEU C 350 -33.42 -62.71 3.26
N VAL C 351 -33.33 -62.00 4.38
CA VAL C 351 -33.82 -62.46 5.65
C VAL C 351 -35.29 -62.12 5.76
N PHE C 352 -35.70 -60.98 5.21
CA PHE C 352 -37.12 -60.64 5.05
C PHE C 352 -37.85 -61.72 4.26
N LEU C 353 -37.34 -61.98 3.05
CA LEU C 353 -37.96 -62.95 2.16
C LEU C 353 -38.21 -64.28 2.85
N VAL C 354 -37.15 -64.83 3.44
CA VAL C 354 -37.23 -66.10 4.18
C VAL C 354 -38.28 -66.09 5.27
N MET C 355 -38.45 -64.98 5.98
CA MET C 355 -39.56 -64.84 6.88
C MET C 355 -40.92 -64.91 6.16
N TYR C 356 -41.00 -64.28 4.97
CA TYR C 356 -42.17 -64.38 4.09
C TYR C 356 -42.48 -65.80 3.64
N LEU C 357 -41.44 -66.50 3.22
CA LEU C 357 -41.50 -67.94 2.95
C LEU C 357 -42.28 -68.77 3.97
N PHE C 358 -42.18 -68.45 5.26
CA PHE C 358 -42.93 -69.16 6.34
C PHE C 358 -44.18 -68.41 6.86
N LEU C 359 -44.13 -67.08 6.97
CA LEU C 359 -45.28 -66.32 7.48
C LEU C 359 -46.31 -66.09 6.39
N GLN C 360 -45.84 -65.90 5.15
CA GLN C 360 -46.67 -65.54 3.99
C GLN C 360 -47.82 -64.57 4.27
N ASN C 361 -47.47 -63.31 4.54
CA ASN C 361 -48.44 -62.26 4.82
C ASN C 361 -47.63 -61.00 5.09
N PHE C 362 -47.31 -60.25 4.03
CA PHE C 362 -46.52 -59.00 4.13
C PHE C 362 -46.65 -58.33 5.51
N ARG C 363 -47.89 -58.09 5.92
CA ARG C 363 -48.20 -57.47 7.22
C ARG C 363 -47.58 -58.23 8.42
N ALA C 364 -47.80 -59.54 8.47
CA ALA C 364 -47.18 -60.42 9.45
C ALA C 364 -45.66 -60.41 9.34
N THR C 365 -45.10 -60.75 8.18
CA THR C 365 -43.64 -60.65 7.93
C THR C 365 -43.03 -59.29 8.29
N LEU C 366 -43.81 -58.22 8.22
CA LEU C 366 -43.35 -56.93 8.76
C LEU C 366 -43.07 -56.93 10.26
N ILE C 367 -43.95 -57.54 11.06
CA ILE C 367 -43.81 -57.60 12.54
C ILE C 367 -42.31 -57.76 13.00
N PRO C 368 -41.61 -58.81 12.54
CA PRO C 368 -40.18 -58.95 12.82
C PRO C 368 -39.24 -58.08 11.99
N THR C 369 -39.55 -57.81 10.72
CA THR C 369 -38.68 -56.93 9.95
C THR C 369 -38.41 -55.64 10.75
N ILE C 370 -39.45 -55.14 11.43
CA ILE C 370 -39.40 -53.90 12.23
C ILE C 370 -38.28 -53.93 13.28
N ALA C 371 -38.04 -55.10 13.84
CA ALA C 371 -36.93 -55.36 14.74
C ALA C 371 -35.56 -54.98 14.17
N VAL C 372 -35.42 -54.86 12.84
CA VAL C 372 -34.13 -54.47 12.26
C VAL C 372 -33.82 -52.97 12.45
N PRO C 373 -34.67 -52.07 11.92
CA PRO C 373 -34.40 -50.64 12.09
C PRO C 373 -34.53 -50.10 13.50
N VAL C 374 -34.55 -50.97 14.52
CA VAL C 374 -34.71 -50.55 15.92
C VAL C 374 -33.54 -51.13 16.72
N VAL C 375 -33.30 -52.43 16.63
CA VAL C 375 -32.08 -52.98 17.16
C VAL C 375 -30.95 -52.22 16.51
N LEU C 376 -30.86 -52.25 15.20
CA LEU C 376 -29.70 -51.67 14.48
C LEU C 376 -29.42 -50.20 14.79
N LEU C 377 -30.42 -49.35 14.68
CA LEU C 377 -30.15 -47.93 14.95
C LEU C 377 -29.64 -47.77 16.37
N GLY C 378 -30.37 -48.33 17.33
CA GLY C 378 -29.99 -48.30 18.72
C GLY C 378 -28.66 -48.95 19.00
N THR C 379 -28.34 -50.04 18.32
CA THR C 379 -27.00 -50.60 18.51
C THR C 379 -25.90 -49.73 17.87
N PHE C 380 -26.26 -48.65 17.16
CA PHE C 380 -25.32 -47.55 16.80
C PHE C 380 -25.12 -46.61 17.98
N GLY C 381 -26.20 -46.25 18.67
CA GLY C 381 -26.10 -45.41 19.85
C GLY C 381 -25.18 -46.00 20.92
N VAL C 382 -25.33 -47.29 21.18
CA VAL C 382 -24.48 -48.00 22.13
C VAL C 382 -23.02 -47.91 21.67
N LEU C 383 -22.77 -48.03 20.37
CA LEU C 383 -21.43 -47.79 19.84
C LEU C 383 -20.97 -46.34 20.06
N ALA C 384 -21.89 -45.38 19.91
CA ALA C 384 -21.58 -44.00 20.17
C ALA C 384 -21.25 -43.81 21.64
N ALA C 385 -22.18 -44.14 22.52
CA ALA C 385 -21.99 -44.00 23.98
C ALA C 385 -20.70 -44.57 24.46
N PHE C 386 -20.27 -45.69 23.90
CA PHE C 386 -19.05 -46.33 24.37
C PHE C 386 -17.82 -45.95 23.54
N GLY C 387 -17.87 -44.85 22.79
CA GLY C 387 -16.69 -44.37 22.06
C GLY C 387 -16.13 -45.29 20.98
N PHE C 388 -17.01 -46.10 20.38
CA PHE C 388 -16.65 -46.95 19.24
C PHE C 388 -16.93 -46.24 17.89
N SER C 389 -16.24 -46.72 16.86
CA SER C 389 -16.37 -46.16 15.51
C SER C 389 -17.22 -47.07 14.63
N ILE C 390 -17.78 -46.51 13.55
CA ILE C 390 -18.27 -47.32 12.43
C ILE C 390 -17.05 -47.75 11.65
N ASN C 391 -16.88 -49.04 11.49
CA ASN C 391 -15.76 -49.61 10.79
C ASN C 391 -16.11 -51.02 10.32
N THR C 392 -15.22 -51.61 9.56
CA THR C 392 -15.46 -52.91 8.93
C THR C 392 -15.96 -53.95 9.92
N LEU C 393 -15.23 -54.09 11.03
CA LEU C 393 -15.49 -55.09 12.03
C LEU C 393 -16.81 -54.85 12.74
N THR C 394 -17.05 -53.61 13.09
CA THR C 394 -18.25 -53.28 13.84
C THR C 394 -19.48 -53.56 12.93
N MET C 395 -19.32 -53.32 11.62
CA MET C 395 -20.37 -53.57 10.62
C MET C 395 -20.56 -55.07 10.36
N PHE C 396 -19.48 -55.85 10.27
CA PHE C 396 -19.58 -57.30 10.15
C PHE C 396 -20.48 -57.81 11.24
N GLY C 397 -20.14 -57.52 12.49
CA GLY C 397 -21.00 -57.81 13.64
C GLY C 397 -22.45 -57.33 13.49
N MET C 398 -22.61 -56.14 12.93
CA MET C 398 -23.95 -55.66 12.53
C MET C 398 -24.66 -56.60 11.53
N VAL C 399 -23.88 -57.19 10.62
CA VAL C 399 -24.38 -58.12 9.61
C VAL C 399 -24.62 -59.50 10.21
N LEU C 400 -23.65 -60.05 10.94
CA LEU C 400 -23.90 -61.28 11.67
C LEU C 400 -25.16 -61.21 12.54
N ALA C 401 -25.61 -60.02 12.89
CA ALA C 401 -26.68 -59.83 13.83
C ALA C 401 -28.01 -59.81 13.19
N ILE C 402 -28.11 -59.34 11.94
CA ILE C 402 -29.43 -59.22 11.26
C ILE C 402 -30.31 -60.45 11.43
N GLY C 403 -29.71 -61.64 11.38
CA GLY C 403 -30.40 -62.91 11.42
C GLY C 403 -30.44 -63.55 12.81
N LEU C 404 -29.80 -62.89 13.79
CA LEU C 404 -29.89 -63.21 15.22
C LEU C 404 -30.93 -62.34 15.93
N LEU C 405 -31.02 -61.07 15.56
CA LEU C 405 -31.89 -60.14 16.27
C LEU C 405 -33.36 -60.47 16.08
N VAL C 406 -33.73 -60.68 14.83
CA VAL C 406 -35.02 -61.25 14.40
C VAL C 406 -35.46 -62.54 15.15
N ASP C 407 -34.53 -63.46 15.43
CA ASP C 407 -34.87 -64.75 16.06
C ASP C 407 -35.98 -64.56 17.08
N ASP C 408 -35.58 -63.95 18.16
CA ASP C 408 -36.44 -63.68 19.26
C ASP C 408 -37.83 -63.19 18.83
N ALA C 409 -37.86 -62.15 18.02
CA ALA C 409 -39.12 -61.60 17.54
C ALA C 409 -39.97 -62.57 16.72
N ILE C 410 -39.34 -63.48 15.96
CA ILE C 410 -40.12 -64.40 15.11
C ILE C 410 -40.78 -65.47 16.02
N VAL C 411 -40.02 -65.99 16.99
CA VAL C 411 -40.52 -66.94 17.97
C VAL C 411 -41.85 -66.43 18.53
N VAL C 412 -41.95 -65.13 18.77
CA VAL C 412 -43.18 -64.54 19.28
C VAL C 412 -44.24 -64.71 18.22
N VAL C 413 -43.91 -64.26 17.02
CA VAL C 413 -44.86 -64.28 15.91
C VAL C 413 -45.35 -65.71 15.66
N GLU C 414 -44.40 -66.65 15.59
CA GLU C 414 -44.70 -68.07 15.33
C GLU C 414 -45.72 -68.59 16.35
N ASN C 415 -45.34 -68.69 17.64
CA ASN C 415 -46.26 -69.13 18.70
C ASN C 415 -47.60 -68.43 18.65
N VAL C 416 -47.61 -67.14 18.37
CA VAL C 416 -48.86 -66.41 18.31
C VAL C 416 -49.70 -66.81 17.10
N GLU C 417 -49.07 -67.29 16.03
CA GLU C 417 -49.81 -67.91 14.92
C GLU C 417 -50.28 -69.28 15.37
N ARG C 418 -49.34 -70.13 15.77
CA ARG C 418 -49.63 -71.47 16.25
C ARG C 418 -50.83 -71.49 17.20
N VAL C 419 -50.70 -70.80 18.32
CA VAL C 419 -51.78 -70.74 19.31
C VAL C 419 -53.09 -70.38 18.63
N MET C 420 -53.08 -69.26 17.89
CA MET C 420 -54.27 -68.75 17.20
C MET C 420 -54.88 -69.77 16.23
N ALA C 421 -54.01 -70.60 15.62
CA ALA C 421 -54.43 -71.79 14.88
C ALA C 421 -54.99 -72.84 15.85
N GLU C 422 -54.12 -73.60 16.52
CA GLU C 422 -54.51 -74.70 17.44
C GLU C 422 -55.68 -74.43 18.40
N GLU C 423 -56.05 -73.18 18.65
CA GLU C 423 -57.08 -72.85 19.66
C GLU C 423 -58.06 -71.75 19.29
N GLY C 424 -57.93 -71.17 18.09
CA GLY C 424 -58.92 -70.21 17.61
C GLY C 424 -59.07 -68.90 18.36
N LEU C 425 -58.11 -68.58 19.22
CA LEU C 425 -58.12 -67.35 20.03
C LEU C 425 -57.96 -66.11 19.14
N SER C 426 -58.37 -64.93 19.62
CA SER C 426 -58.16 -63.70 18.85
C SER C 426 -56.64 -63.38 18.81
N PRO C 427 -56.21 -62.51 17.87
CA PRO C 427 -54.81 -62.06 17.89
C PRO C 427 -54.35 -61.56 19.26
N ARG C 428 -55.19 -60.74 19.89
CA ARG C 428 -54.89 -60.15 21.20
C ARG C 428 -54.82 -61.17 22.33
N GLU C 429 -55.72 -62.16 22.29
CA GLU C 429 -55.76 -63.20 23.33
C GLU C 429 -54.65 -64.21 23.09
N ALA C 430 -54.28 -64.38 21.82
CA ALA C 430 -53.19 -65.27 21.42
C ALA C 430 -51.80 -64.70 21.74
N ALA C 431 -51.67 -63.37 21.72
CA ALA C 431 -50.44 -62.71 22.18
C ALA C 431 -50.29 -62.79 23.70
N ARG C 432 -51.35 -62.41 24.42
CA ARG C 432 -51.37 -62.46 25.88
C ARG C 432 -51.00 -63.83 26.42
N LYS C 433 -51.56 -64.87 25.82
CA LYS C 433 -51.27 -66.22 26.24
C LYS C 433 -49.87 -66.62 25.84
N SER C 434 -49.49 -66.36 24.60
CA SER C 434 -48.23 -66.84 24.08
C SER C 434 -47.03 -66.29 24.89
N MET C 435 -47.19 -65.06 25.39
CA MET C 435 -46.14 -64.41 26.17
C MET C 435 -45.76 -65.18 27.41
N GLY C 436 -46.77 -65.73 28.08
CA GLY C 436 -46.59 -66.63 29.22
C GLY C 436 -45.71 -67.83 28.98
N GLN C 437 -45.74 -68.42 27.79
CA GLN C 437 -44.96 -69.64 27.49
C GLN C 437 -43.50 -69.42 27.11
N ILE C 438 -43.28 -68.44 26.23
CA ILE C 438 -41.99 -68.29 25.52
C ILE C 438 -40.95 -67.34 26.13
N GLN C 439 -41.40 -66.45 27.00
CA GLN C 439 -40.55 -65.57 27.83
C GLN C 439 -39.17 -66.17 28.15
N GLY C 440 -39.16 -67.36 28.73
CA GLY C 440 -37.91 -68.00 29.19
C GLY C 440 -37.00 -68.48 28.07
N ALA C 441 -37.56 -68.65 26.88
CA ALA C 441 -36.81 -68.91 25.65
C ALA C 441 -36.22 -67.61 25.07
N LEU C 442 -37.05 -66.57 25.01
CA LEU C 442 -36.62 -65.26 24.54
C LEU C 442 -35.41 -64.70 25.28
N VAL C 443 -35.51 -64.71 26.61
CA VAL C 443 -34.37 -64.37 27.46
C VAL C 443 -33.23 -65.38 27.20
N GLY C 444 -33.60 -66.66 27.11
CA GLY C 444 -32.64 -67.72 26.83
C GLY C 444 -31.68 -67.44 25.70
N ILE C 445 -32.23 -67.22 24.51
CA ILE C 445 -31.41 -67.07 23.30
C ILE C 445 -30.57 -65.80 23.39
N ALA C 446 -31.20 -64.70 23.76
CA ALA C 446 -30.51 -63.42 23.91
C ALA C 446 -29.34 -63.53 24.88
N MET C 447 -29.54 -64.26 25.96
CA MET C 447 -28.56 -64.32 27.02
C MET C 447 -27.35 -65.22 26.68
N VAL C 448 -27.58 -66.38 26.08
CA VAL C 448 -26.45 -67.21 25.54
C VAL C 448 -25.61 -66.52 24.44
N LEU C 449 -26.26 -65.86 23.50
CA LEU C 449 -25.57 -65.20 22.44
C LEU C 449 -24.93 -63.94 22.93
N SER C 450 -25.38 -63.41 24.06
CA SER C 450 -24.67 -62.29 24.69
C SER C 450 -23.46 -62.76 25.46
N ALA C 451 -23.63 -63.88 26.14
CA ALA C 451 -22.59 -64.43 26.99
C ALA C 451 -21.32 -64.87 26.26
N VAL C 452 -21.44 -65.41 25.05
CA VAL C 452 -20.27 -65.99 24.34
C VAL C 452 -19.31 -64.93 23.79
N PHE C 453 -19.82 -63.71 23.64
CA PHE C 453 -19.04 -62.57 23.24
C PHE C 453 -18.55 -61.71 24.38
N LEU C 454 -18.84 -62.07 25.62
CA LEU C 454 -18.31 -61.29 26.74
C LEU C 454 -16.83 -61.51 27.00
N PRO C 455 -16.38 -62.75 27.35
CA PRO C 455 -14.95 -62.85 27.69
C PRO C 455 -13.99 -62.31 26.62
N MET C 456 -14.22 -62.66 25.36
CA MET C 456 -13.37 -62.15 24.28
C MET C 456 -13.05 -60.68 24.33
N ALA C 457 -14.02 -59.87 24.79
CA ALA C 457 -13.82 -58.42 25.02
C ALA C 457 -12.68 -58.03 25.98
N PHE C 458 -12.15 -58.99 26.73
CA PHE C 458 -11.14 -58.71 27.72
C PHE C 458 -9.79 -59.34 27.40
N PHE C 459 -9.50 -59.65 26.15
CA PHE C 459 -8.18 -60.22 25.81
C PHE C 459 -7.22 -59.14 25.37
N GLY C 460 -5.96 -59.47 25.28
CA GLY C 460 -4.92 -58.50 24.93
C GLY C 460 -4.58 -58.47 23.48
N GLY C 461 -3.47 -57.81 23.21
CA GLY C 461 -2.99 -57.63 21.86
C GLY C 461 -4.01 -57.03 20.91
N SER C 462 -3.76 -57.25 19.63
CA SER C 462 -4.64 -56.77 18.57
C SER C 462 -5.87 -57.66 18.43
N THR C 463 -5.75 -58.92 18.81
CA THR C 463 -6.89 -59.83 18.75
C THR C 463 -8.05 -59.22 19.52
N GLY C 464 -7.76 -58.82 20.76
CA GLY C 464 -8.77 -58.26 21.67
C GLY C 464 -9.41 -57.02 21.11
N VAL C 465 -8.59 -56.21 20.46
CA VAL C 465 -9.10 -55.00 19.83
C VAL C 465 -10.18 -55.37 18.82
N ILE C 466 -9.86 -56.33 17.94
CA ILE C 466 -10.81 -56.76 16.92
C ILE C 466 -11.96 -57.47 17.68
N TYR C 467 -11.67 -58.48 18.50
CA TYR C 467 -12.73 -59.15 19.29
C TYR C 467 -13.74 -58.11 19.87
N ARG C 468 -13.19 -57.09 20.54
CA ARG C 468 -13.94 -56.02 21.22
C ARG C 468 -15.05 -55.49 20.33
N GLN C 469 -14.73 -55.34 19.04
CA GLN C 469 -15.63 -54.74 18.06
C GLN C 469 -16.87 -55.58 17.83
N PHE C 470 -16.70 -56.89 17.89
CA PHE C 470 -17.82 -57.82 17.78
C PHE C 470 -18.67 -57.85 19.05
N SER C 471 -18.01 -57.88 20.22
CA SER C 471 -18.72 -57.93 21.52
C SER C 471 -19.71 -56.81 21.66
N ILE C 472 -19.20 -55.62 21.43
CA ILE C 472 -20.01 -54.45 21.64
C ILE C 472 -21.27 -54.44 20.76
N THR C 473 -21.16 -54.88 19.52
CA THR C 473 -22.30 -54.82 18.60
C THR C 473 -23.23 -56.02 18.80
N ILE C 474 -22.69 -57.22 19.02
CA ILE C 474 -23.60 -58.36 19.21
C ILE C 474 -24.32 -58.42 20.58
N VAL C 475 -23.59 -58.33 21.69
CA VAL C 475 -24.26 -58.35 23.02
C VAL C 475 -25.29 -57.21 23.05
N SER C 476 -24.91 -56.08 22.46
CA SER C 476 -25.80 -54.97 22.34
C SER C 476 -27.01 -55.24 21.47
N ALA C 477 -26.79 -55.88 20.32
CA ALA C 477 -27.88 -56.22 19.42
C ALA C 477 -28.87 -57.18 20.08
N MET C 478 -28.35 -58.25 20.66
CA MET C 478 -29.18 -59.20 21.40
C MET C 478 -29.95 -58.52 22.53
N ALA C 479 -29.32 -57.64 23.31
CA ALA C 479 -30.02 -56.95 24.41
C ALA C 479 -31.21 -56.14 23.94
N LEU C 480 -30.98 -55.19 23.04
CA LEU C 480 -32.10 -54.52 22.35
C LEU C 480 -33.12 -55.53 21.74
N SER C 481 -32.63 -56.66 21.24
CA SER C 481 -33.43 -57.62 20.49
C SER C 481 -34.53 -58.15 21.37
N VAL C 482 -34.14 -58.75 22.49
CA VAL C 482 -35.08 -59.17 23.53
C VAL C 482 -35.96 -58.06 24.14
N ILE C 483 -35.44 -56.83 24.20
CA ILE C 483 -36.25 -55.67 24.55
C ILE C 483 -37.45 -55.52 23.63
N VAL C 484 -37.20 -55.49 22.32
CA VAL C 484 -38.28 -55.23 21.36
C VAL C 484 -39.23 -56.43 21.28
N ALA C 485 -38.67 -57.63 21.36
CA ALA C 485 -39.47 -58.86 21.41
C ALA C 485 -40.42 -58.95 22.62
N LEU C 486 -40.06 -58.33 23.72
CA LEU C 486 -40.91 -58.26 24.92
C LEU C 486 -41.85 -57.05 24.94
N ILE C 487 -41.49 -55.99 24.23
CA ILE C 487 -42.22 -54.71 24.30
C ILE C 487 -43.02 -54.43 23.00
N LEU C 488 -42.33 -54.46 21.87
CA LEU C 488 -42.87 -54.08 20.58
C LEU C 488 -43.54 -55.28 19.84
N THR C 489 -42.76 -56.31 19.55
CA THR C 489 -43.25 -57.50 18.86
C THR C 489 -44.64 -58.00 19.28
N PRO C 490 -44.93 -58.11 20.59
CA PRO C 490 -46.23 -58.65 21.00
C PRO C 490 -47.39 -57.69 20.85
N ALA C 491 -47.14 -56.39 21.02
CA ALA C 491 -48.18 -55.37 20.87
C ALA C 491 -48.60 -55.24 19.41
N LEU C 492 -47.65 -55.51 18.50
CA LEU C 492 -47.92 -55.54 17.08
C LEU C 492 -48.74 -56.76 16.67
N CYS C 493 -48.33 -57.95 17.10
CA CYS C 493 -49.08 -59.20 16.86
C CYS C 493 -50.58 -59.03 17.05
N ALA C 494 -50.96 -58.65 18.26
CA ALA C 494 -52.36 -58.38 18.62
C ALA C 494 -53.04 -57.42 17.65
N THR C 495 -52.23 -56.51 17.10
CA THR C 495 -52.69 -55.42 16.26
C THR C 495 -52.68 -55.74 14.77
N MET C 496 -51.66 -56.42 14.27
CA MET C 496 -51.40 -56.50 12.82
C MET C 496 -51.78 -57.83 12.19
N LEU C 497 -51.47 -58.91 12.88
CA LEU C 497 -51.98 -60.22 12.48
C LEU C 497 -53.51 -60.20 12.38
N LYS C 498 -54.02 -60.80 11.31
CA LYS C 498 -55.47 -61.00 11.13
C LYS C 498 -55.79 -62.37 11.71
N PRO C 499 -57.06 -62.61 12.15
CA PRO C 499 -57.45 -63.89 12.80
C PRO C 499 -57.27 -65.11 11.90
N ILE C 500 -56.91 -66.27 12.49
CA ILE C 500 -56.55 -67.48 11.72
C ILE C 500 -57.34 -68.74 12.16
N GLU C 501 -58.66 -68.58 12.38
CA GLU C 501 -59.64 -69.67 12.72
C GLU C 501 -59.15 -71.08 13.14
N LYS C 502 -59.56 -71.52 14.33
CA LYS C 502 -59.22 -72.84 14.90
C LYS C 502 -59.32 -73.99 13.88
N GLY C 503 -58.31 -74.87 13.86
CA GLY C 503 -58.25 -75.98 12.93
C GLY C 503 -57.98 -75.49 11.53
N ASP C 504 -56.83 -74.82 11.37
CA ASP C 504 -56.44 -74.20 10.11
C ASP C 504 -54.96 -74.49 9.83
N HIS C 505 -54.47 -75.59 10.39
CA HIS C 505 -53.02 -75.84 10.49
C HIS C 505 -52.47 -76.04 9.10
N GLY C 506 -51.24 -75.59 8.87
CA GLY C 506 -50.73 -75.45 7.52
C GLY C 506 -51.72 -74.65 6.69
N GLU C 507 -52.02 -75.11 5.48
CA GLU C 507 -53.07 -74.51 4.64
C GLU C 507 -53.34 -75.27 3.32
N HIS C 508 -54.58 -75.74 3.13
CA HIS C 508 -55.11 -76.10 1.81
C HIS C 508 -54.93 -74.92 0.82
N LYS C 509 -55.57 -73.79 1.15
CA LYS C 509 -55.57 -72.58 0.31
C LYS C 509 -54.18 -72.16 -0.22
N GLY C 510 -54.18 -71.61 -1.44
CA GLY C 510 -52.95 -71.23 -2.14
C GLY C 510 -52.34 -72.42 -2.85
N GLY C 511 -51.69 -72.13 -3.97
CA GLY C 511 -50.87 -73.13 -4.67
C GLY C 511 -49.51 -73.26 -4.02
N PHE C 512 -48.62 -72.29 -4.30
CA PHE C 512 -47.21 -72.29 -3.83
C PHE C 512 -47.07 -72.42 -2.29
N PHE C 513 -47.70 -71.49 -1.56
CA PHE C 513 -47.70 -71.54 -0.08
C PHE C 513 -48.59 -72.64 0.52
N GLY C 514 -49.65 -73.02 -0.20
CA GLY C 514 -50.38 -74.26 0.14
C GLY C 514 -49.48 -75.49 0.14
N TRP C 515 -48.73 -75.71 -0.96
CA TRP C 515 -47.86 -76.88 -1.08
C TRP C 515 -46.86 -76.96 0.07
N PHE C 516 -46.13 -75.84 0.30
CA PHE C 516 -45.01 -75.76 1.28
C PHE C 516 -45.44 -76.06 2.72
N ASN C 517 -46.61 -75.55 3.08
CA ASN C 517 -47.27 -75.92 4.34
C ASN C 517 -47.66 -77.41 4.52
N ARG C 518 -47.56 -78.23 3.48
CA ARG C 518 -47.80 -79.67 3.57
C ARG C 518 -46.51 -80.48 3.71
N MET C 519 -45.50 -80.17 2.91
CA MET C 519 -44.17 -80.84 2.98
C MET C 519 -43.49 -80.62 4.33
N PHE C 520 -43.80 -79.47 4.94
CA PHE C 520 -43.27 -79.13 6.27
C PHE C 520 -44.08 -79.77 7.40
N LEU C 521 -45.39 -79.58 7.36
CA LEU C 521 -46.30 -80.29 8.29
C LEU C 521 -46.09 -81.81 8.25
N SER C 522 -45.63 -82.31 7.10
CA SER C 522 -45.37 -83.72 6.90
C SER C 522 -43.96 -84.17 7.33
N THR C 523 -43.01 -83.25 7.34
CA THR C 523 -41.64 -83.57 7.73
C THR C 523 -41.43 -83.38 9.23
N THR C 524 -42.14 -82.42 9.85
CA THR C 524 -42.20 -82.35 11.33
C THR C 524 -42.62 -83.72 11.88
N HIS C 525 -43.67 -84.35 11.30
CA HIS C 525 -44.14 -85.73 11.67
C HIS C 525 -43.02 -86.74 11.51
N GLY C 526 -42.33 -86.64 10.40
CA GLY C 526 -41.13 -87.44 10.16
C GLY C 526 -40.09 -87.26 11.25
N TYR C 527 -39.82 -85.99 11.57
CA TYR C 527 -38.83 -85.61 12.58
C TYR C 527 -39.27 -86.07 13.99
N GLU C 528 -40.52 -85.78 14.32
CA GLU C 528 -41.20 -86.30 15.51
C GLU C 528 -40.95 -87.81 15.68
N ARG C 529 -41.30 -88.58 14.65
CA ARG C 529 -41.11 -90.06 14.67
C ARG C 529 -39.60 -90.42 14.72
N GLY C 530 -38.79 -89.59 14.08
CA GLY C 530 -37.34 -89.75 14.12
C GLY C 530 -36.81 -89.63 15.53
N VAL C 531 -37.28 -88.63 16.25
CA VAL C 531 -36.82 -88.39 17.63
C VAL C 531 -37.30 -89.53 18.52
N ALA C 532 -38.61 -89.79 18.54
CA ALA C 532 -39.22 -90.91 19.30
C ALA C 532 -38.43 -92.23 19.14
N SER C 533 -37.96 -92.45 17.92
CA SER C 533 -37.05 -93.56 17.63
C SER C 533 -35.67 -93.39 18.25
N ILE C 534 -35.03 -92.24 18.05
CA ILE C 534 -33.69 -91.97 18.69
C ILE C 534 -33.76 -92.25 20.20
N LEU C 535 -34.81 -91.72 20.84
CA LEU C 535 -35.00 -91.88 22.27
C LEU C 535 -35.22 -93.34 22.69
N LYS C 536 -35.68 -94.18 21.74
CA LYS C 536 -35.80 -95.63 21.98
C LYS C 536 -34.55 -96.48 21.68
N HIS C 537 -33.55 -95.98 20.93
CA HIS C 537 -32.32 -96.75 20.65
C HIS C 537 -31.08 -95.91 20.90
N ARG C 538 -30.78 -95.69 22.18
CA ARG C 538 -29.82 -94.68 22.61
C ARG C 538 -28.38 -95.05 22.25
N ALA C 539 -27.85 -96.13 22.83
CA ALA C 539 -26.44 -96.52 22.67
C ALA C 539 -25.71 -96.21 21.33
N PRO C 540 -26.30 -96.59 20.16
CA PRO C 540 -25.59 -96.32 18.89
C PRO C 540 -25.31 -94.86 18.59
N TYR C 541 -26.31 -94.02 18.86
CA TYR C 541 -26.24 -92.56 18.62
C TYR C 541 -25.26 -91.82 19.55
N LEU C 542 -25.18 -92.25 20.78
CA LEU C 542 -24.12 -91.75 21.66
C LEU C 542 -22.75 -92.14 21.13
N LEU C 543 -22.67 -93.28 20.45
CA LEU C 543 -21.41 -93.80 19.91
C LEU C 543 -20.97 -93.17 18.58
N ILE C 544 -21.92 -92.87 17.70
CA ILE C 544 -21.64 -91.98 16.53
C ILE C 544 -21.14 -90.63 16.99
N TYR C 545 -21.70 -90.11 18.08
CA TYR C 545 -21.32 -88.82 18.63
C TYR C 545 -19.85 -88.89 19.00
N VAL C 546 -19.48 -89.89 19.79
CA VAL C 546 -18.06 -90.07 20.17
C VAL C 546 -17.20 -90.09 18.91
N VAL C 547 -17.77 -90.53 17.78
CA VAL C 547 -17.12 -90.49 16.49
C VAL C 547 -17.07 -89.05 15.99
N ILE C 548 -18.23 -88.41 15.85
CA ILE C 548 -18.30 -87.00 15.41
C ILE C 548 -17.30 -86.09 16.16
N VAL C 549 -17.39 -86.10 17.49
CA VAL C 549 -16.47 -85.36 18.35
C VAL C 549 -15.03 -85.63 17.89
N ALA C 550 -14.70 -86.90 17.73
CA ALA C 550 -13.39 -87.32 17.22
C ALA C 550 -13.07 -86.68 15.86
N GLY C 551 -14.04 -86.74 14.95
CA GLY C 551 -13.99 -86.03 13.66
C GLY C 551 -13.55 -84.59 13.79
N MET C 552 -14.29 -83.82 14.61
CA MET C 552 -13.94 -82.42 14.98
C MET C 552 -12.49 -82.22 15.48
N ILE C 553 -12.05 -83.04 16.43
CA ILE C 553 -10.69 -82.91 16.98
C ILE C 553 -9.63 -83.12 15.90
N TRP C 554 -9.79 -84.18 15.12
CA TRP C 554 -8.95 -84.40 13.93
C TRP C 554 -9.05 -83.20 12.94
N MET C 555 -10.26 -82.85 12.55
CA MET C 555 -10.49 -81.74 11.61
C MET C 555 -9.86 -80.42 12.06
N PHE C 556 -9.85 -80.20 13.37
CA PHE C 556 -9.26 -78.99 13.97
C PHE C 556 -7.76 -78.87 13.64
N THR C 557 -7.00 -79.93 13.94
CA THR C 557 -5.57 -80.05 13.60
C THR C 557 -5.22 -79.94 12.11
N ARG C 558 -6.14 -80.33 11.24
CA ARG C 558 -5.93 -80.22 9.79
C ARG C 558 -5.91 -78.79 9.26
N ILE C 559 -6.64 -77.86 9.88
CA ILE C 559 -6.78 -76.52 9.31
C ILE C 559 -5.48 -75.68 9.50
N PRO C 560 -4.95 -75.11 8.40
CA PRO C 560 -3.79 -74.24 8.55
C PRO C 560 -4.16 -72.88 9.21
N THR C 561 -3.18 -72.24 9.85
CA THR C 561 -3.41 -71.03 10.64
C THR C 561 -2.88 -69.77 9.96
N ALA C 562 -3.69 -68.72 9.99
CA ALA C 562 -3.30 -67.38 9.59
C ALA C 562 -3.68 -66.40 10.74
N PHE C 563 -3.44 -65.12 10.52
CA PHE C 563 -3.84 -64.06 11.42
C PHE C 563 -4.93 -63.32 10.68
N LEU C 564 -4.59 -62.56 9.65
CA LEU C 564 -5.61 -61.81 8.86
C LEU C 564 -5.66 -62.34 7.42
N PRO C 565 -6.87 -62.44 6.80
CA PRO C 565 -6.94 -62.83 5.39
C PRO C 565 -6.30 -61.76 4.52
N ASP C 566 -5.41 -62.15 3.60
CA ASP C 566 -4.70 -61.19 2.72
C ASP C 566 -5.73 -60.36 1.99
N GLU C 567 -5.49 -59.08 1.83
CA GLU C 567 -6.48 -58.25 1.19
C GLU C 567 -5.85 -57.50 0.04
N ASP C 568 -6.71 -57.07 -0.87
CA ASP C 568 -6.34 -56.34 -2.04
C ASP C 568 -6.78 -54.93 -1.78
N GLN C 569 -5.84 -54.07 -1.45
CA GLN C 569 -6.15 -52.68 -1.13
C GLN C 569 -5.57 -51.77 -2.19
N GLY C 570 -5.76 -52.16 -3.45
CA GLY C 570 -5.33 -51.37 -4.61
C GLY C 570 -3.97 -50.71 -4.53
N VAL C 571 -2.98 -51.44 -4.01
CA VAL C 571 -1.65 -50.93 -3.80
C VAL C 571 -0.64 -52.04 -3.67
N LEU C 572 0.59 -51.73 -4.07
CA LEU C 572 1.71 -52.68 -4.08
C LEU C 572 3.02 -51.89 -3.99
N PHE C 573 4.11 -52.54 -3.57
CA PHE C 573 5.38 -51.84 -3.37
C PHE C 573 6.49 -52.45 -4.15
N ALA C 574 7.19 -51.63 -4.92
CA ALA C 574 8.49 -51.98 -5.49
C ALA C 574 9.56 -51.76 -4.43
N GLN C 575 10.38 -52.78 -4.20
CA GLN C 575 11.47 -52.71 -3.25
C GLN C 575 12.84 -52.90 -3.92
N VAL C 576 13.38 -51.84 -4.50
CA VAL C 576 14.66 -51.90 -5.22
C VAL C 576 15.87 -51.66 -4.30
N GLN C 577 16.91 -52.48 -4.46
CA GLN C 577 18.06 -52.45 -3.55
C GLN C 577 19.33 -52.91 -4.29
N THR C 578 19.82 -52.05 -5.21
CA THR C 578 21.07 -52.35 -5.98
C THR C 578 22.24 -52.74 -5.07
N PRO C 579 23.20 -53.55 -5.57
CA PRO C 579 24.29 -54.04 -4.70
C PRO C 579 25.07 -52.90 -4.11
N PRO C 580 25.32 -52.93 -2.78
CA PRO C 580 25.80 -51.72 -2.10
C PRO C 580 27.17 -51.32 -2.56
N GLY C 581 27.46 -50.02 -2.43
CA GLY C 581 28.60 -49.41 -3.06
C GLY C 581 28.16 -48.63 -4.30
N SER C 582 27.08 -49.04 -4.96
CA SER C 582 26.64 -48.42 -6.22
C SER C 582 26.25 -46.96 -6.02
N SER C 583 25.63 -46.36 -7.02
CA SER C 583 25.04 -45.06 -6.81
C SER C 583 23.73 -44.90 -7.55
N ALA C 584 23.08 -43.75 -7.32
CA ALA C 584 21.89 -43.35 -8.07
C ALA C 584 22.15 -43.40 -9.57
N GLU C 585 23.42 -43.39 -9.97
CA GLU C 585 23.79 -43.71 -11.35
C GLU C 585 23.13 -45.03 -11.79
N ARG C 586 23.45 -46.15 -11.13
CA ARG C 586 22.88 -47.47 -11.48
C ARG C 586 21.43 -47.56 -11.03
N THR C 587 21.26 -47.37 -9.72
CA THR C 587 19.99 -47.47 -9.03
C THR C 587 18.86 -46.86 -9.84
N GLN C 588 19.02 -45.60 -10.26
CA GLN C 588 17.99 -44.90 -11.05
C GLN C 588 17.56 -45.59 -12.33
N VAL C 589 18.50 -46.22 -13.02
CA VAL C 589 18.20 -46.99 -14.25
C VAL C 589 17.41 -48.25 -13.89
N VAL C 590 17.89 -48.95 -12.85
CA VAL C 590 17.26 -50.17 -12.33
C VAL C 590 15.80 -49.91 -11.93
N VAL C 591 15.52 -48.69 -11.51
CA VAL C 591 14.19 -48.26 -11.07
C VAL C 591 13.32 -47.84 -12.23
N ASP C 592 13.85 -47.00 -13.11
CA ASP C 592 13.06 -46.47 -14.22
C ASP C 592 12.62 -47.55 -15.25
N SER C 593 13.37 -48.66 -15.29
CA SER C 593 13.02 -49.81 -16.13
C SER C 593 11.79 -50.50 -15.59
N MET C 594 11.91 -51.04 -14.36
CA MET C 594 10.77 -51.68 -13.66
C MET C 594 9.55 -50.77 -13.48
N ARG C 595 9.76 -49.45 -13.46
CA ARG C 595 8.63 -48.51 -13.51
C ARG C 595 7.86 -48.55 -14.84
N GLU C 596 8.59 -48.83 -15.93
CA GLU C 596 8.02 -48.88 -17.27
C GLU C 596 7.52 -50.28 -17.54
N TYR C 597 8.36 -51.27 -17.26
CA TYR C 597 8.04 -52.69 -17.47
C TYR C 597 6.97 -53.14 -16.47
N LEU C 598 5.87 -52.38 -16.45
CA LEU C 598 4.90 -52.31 -15.33
C LEU C 598 3.83 -51.22 -15.61
N LEU C 599 4.26 -50.02 -16.01
CA LEU C 599 3.31 -48.94 -16.38
C LEU C 599 2.74 -49.13 -17.82
N GLU C 600 3.54 -49.77 -18.67
CA GLU C 600 3.15 -50.11 -20.07
C GLU C 600 2.77 -51.59 -20.23
N LYS C 601 3.60 -52.49 -19.70
CA LYS C 601 3.37 -53.94 -19.83
C LYS C 601 2.30 -54.51 -18.90
N GLU C 602 1.44 -53.66 -18.35
CA GLU C 602 0.62 -54.02 -17.19
C GLU C 602 -0.23 -52.83 -16.77
N SER C 603 -1.00 -52.28 -17.72
CA SER C 603 -1.81 -51.07 -17.47
C SER C 603 -3.28 -51.39 -17.24
N SER C 604 -3.58 -52.69 -17.10
CA SER C 604 -4.93 -53.16 -16.84
C SER C 604 -5.27 -52.83 -15.40
N SER C 605 -4.36 -53.24 -14.52
CA SER C 605 -4.45 -53.03 -13.09
C SER C 605 -3.82 -51.69 -12.65
N VAL C 606 -2.53 -51.55 -12.96
CA VAL C 606 -1.70 -50.42 -12.55
C VAL C 606 -2.22 -49.09 -13.11
N SER C 607 -2.07 -48.03 -12.35
CA SER C 607 -2.50 -46.70 -12.76
C SER C 607 -1.22 -45.86 -12.70
N SER C 608 -1.10 -44.91 -11.77
CA SER C 608 0.18 -44.23 -11.59
C SER C 608 1.26 -45.15 -11.00
N VAL C 609 2.51 -44.69 -11.04
CA VAL C 609 3.67 -45.40 -10.42
C VAL C 609 4.71 -44.41 -9.90
N PHE C 610 4.41 -43.76 -8.78
CA PHE C 610 5.37 -42.82 -8.11
C PHE C 610 6.65 -43.54 -7.69
N THR C 611 7.79 -43.06 -8.21
CA THR C 611 9.07 -43.71 -7.97
C THR C 611 9.96 -42.86 -7.10
N VAL C 612 11.00 -43.47 -6.54
CA VAL C 612 11.90 -42.77 -5.63
C VAL C 612 13.22 -43.51 -5.45
N THR C 613 14.29 -42.73 -5.33
CA THR C 613 15.64 -43.27 -5.11
C THR C 613 16.23 -42.58 -3.91
N GLY C 614 16.74 -43.37 -2.96
CA GLY C 614 17.31 -42.84 -1.71
C GLY C 614 16.69 -43.52 -0.50
N PHE C 615 15.36 -43.39 -0.36
CA PHE C 615 14.65 -43.81 0.86
C PHE C 615 13.62 -44.83 0.46
N ASN C 616 14.04 -46.09 0.38
CA ASN C 616 13.06 -47.19 0.33
C ASN C 616 12.56 -47.46 1.77
N PHE C 617 11.97 -48.63 2.04
CA PHE C 617 11.57 -48.99 3.43
C PHE C 617 12.67 -49.69 4.21
N ALA C 618 13.73 -50.14 3.54
CA ALA C 618 14.87 -50.77 4.21
C ALA C 618 15.87 -49.72 4.74
N GLY C 619 16.91 -49.37 3.98
CA GLY C 619 17.88 -48.36 4.38
C GLY C 619 17.73 -47.02 3.67
N ARG C 620 18.77 -46.19 3.79
CA ARG C 620 18.93 -44.97 2.98
C ARG C 620 20.01 -45.30 1.96
N GLY C 621 20.91 -44.38 1.65
CA GLY C 621 22.04 -44.67 0.76
C GLY C 621 21.65 -44.67 -0.70
N GLN C 622 22.64 -44.44 -1.56
CA GLN C 622 22.40 -44.38 -3.00
C GLN C 622 22.02 -45.72 -3.60
N SER C 623 22.37 -46.81 -2.93
CA SER C 623 22.03 -48.15 -3.39
C SER C 623 20.64 -48.60 -2.89
N SER C 624 19.66 -47.68 -2.94
CA SER C 624 18.30 -47.94 -2.45
C SER C 624 17.26 -47.08 -3.20
N GLY C 625 16.14 -47.71 -3.53
CA GLY C 625 15.03 -47.04 -4.19
C GLY C 625 13.79 -47.90 -4.06
N MET C 626 12.65 -47.37 -4.49
CA MET C 626 11.36 -48.05 -4.33
C MET C 626 10.33 -47.41 -5.24
N ALA C 627 9.09 -47.87 -5.14
CA ALA C 627 8.00 -47.14 -5.77
C ALA C 627 6.64 -47.45 -5.11
N PHE C 628 5.79 -46.44 -5.12
CA PHE C 628 4.41 -46.59 -4.71
C PHE C 628 3.61 -46.91 -5.95
N ILE C 629 3.15 -48.16 -6.04
CA ILE C 629 2.36 -48.64 -7.18
C ILE C 629 0.87 -48.44 -6.90
N MET C 630 0.31 -47.33 -7.39
CA MET C 630 -1.12 -47.08 -7.29
C MET C 630 -1.86 -47.84 -8.38
N LEU C 631 -3.10 -48.29 -8.09
CA LEU C 631 -3.93 -49.06 -9.05
C LEU C 631 -5.28 -48.42 -9.28
N LYS C 632 -5.99 -49.00 -10.24
CA LYS C 632 -7.26 -48.45 -10.70
C LYS C 632 -8.28 -49.17 -9.86
N PRO C 633 -9.47 -48.55 -9.67
CA PRO C 633 -10.55 -49.16 -8.85
C PRO C 633 -10.77 -50.69 -8.98
N TRP C 634 -11.75 -51.19 -8.25
CA TRP C 634 -11.96 -52.65 -8.15
C TRP C 634 -12.80 -53.13 -9.34
N GLU C 635 -13.77 -52.30 -9.74
CA GLU C 635 -14.60 -52.52 -10.95
C GLU C 635 -13.70 -52.67 -12.20
N GLU C 636 -12.76 -51.74 -12.34
CA GLU C 636 -11.86 -51.69 -13.49
C GLU C 636 -10.79 -52.78 -13.52
N ARG C 637 -10.95 -53.82 -12.69
CA ARG C 637 -10.00 -54.90 -12.61
C ARG C 637 -10.76 -56.23 -12.42
N PRO C 638 -10.89 -57.03 -13.50
CA PRO C 638 -11.51 -58.36 -13.39
C PRO C 638 -10.71 -59.33 -12.54
N GLY C 639 -11.39 -60.25 -11.86
CA GLY C 639 -10.73 -61.21 -10.94
C GLY C 639 -9.45 -61.89 -11.41
N GLY C 640 -8.72 -62.49 -10.47
CA GLY C 640 -7.57 -63.33 -10.78
C GLY C 640 -6.32 -62.55 -11.18
N GLU C 641 -6.04 -62.51 -12.48
CA GLU C 641 -4.86 -61.81 -12.97
C GLU C 641 -4.86 -60.27 -12.79
N ASN C 642 -5.90 -59.68 -12.21
CA ASN C 642 -5.87 -58.25 -11.80
C ASN C 642 -5.74 -57.97 -10.29
N SER C 643 -5.74 -59.02 -9.47
CA SER C 643 -5.48 -58.88 -8.05
C SER C 643 -4.00 -58.52 -7.88
N VAL C 644 -3.67 -57.70 -6.87
CA VAL C 644 -2.25 -57.46 -6.51
C VAL C 644 -1.49 -58.73 -6.20
N PHE C 645 -2.17 -59.73 -5.64
CA PHE C 645 -1.51 -61.00 -5.38
C PHE C 645 -1.00 -61.67 -6.67
N GLU C 646 -1.72 -61.44 -7.77
CA GLU C 646 -1.34 -61.91 -9.11
C GLU C 646 -0.48 -60.86 -9.82
N LEU C 647 -0.97 -59.62 -9.93
CA LEU C 647 -0.18 -58.45 -10.45
C LEU C 647 1.25 -58.31 -9.88
N ALA C 648 1.52 -58.94 -8.77
CA ALA C 648 2.85 -58.95 -8.20
C ALA C 648 3.51 -60.30 -8.23
N LYS C 649 2.76 -61.34 -8.53
CA LYS C 649 3.31 -62.69 -8.67
C LYS C 649 4.22 -62.77 -9.91
N ARG C 650 3.73 -62.23 -11.03
CA ARG C 650 4.50 -62.13 -12.28
C ARG C 650 5.29 -60.84 -12.42
N ALA C 651 4.86 -59.78 -11.72
CA ALA C 651 5.67 -58.57 -11.64
C ALA C 651 6.98 -58.91 -10.96
N GLN C 652 6.97 -59.93 -10.10
CA GLN C 652 8.18 -60.38 -9.43
C GLN C 652 9.10 -61.17 -10.34
N MET C 653 8.50 -62.00 -11.20
CA MET C 653 9.24 -62.82 -12.17
C MET C 653 10.11 -62.03 -13.14
N HIS C 654 9.71 -60.81 -13.52
CA HIS C 654 10.59 -59.86 -14.22
C HIS C 654 12.04 -59.93 -13.73
N PHE C 655 12.22 -60.11 -12.42
CA PHE C 655 13.55 -60.26 -11.80
C PHE C 655 13.89 -61.65 -11.21
N PHE C 656 13.22 -62.70 -11.70
CA PHE C 656 13.41 -64.09 -11.20
C PHE C 656 14.90 -64.45 -11.18
N SER C 657 15.50 -64.52 -12.36
CA SER C 657 16.94 -64.70 -12.52
C SER C 657 17.44 -63.56 -13.43
N PHE C 658 17.13 -62.33 -13.02
CA PHE C 658 17.46 -61.12 -13.79
C PHE C 658 18.63 -60.41 -13.10
N LYS C 659 19.37 -59.60 -13.88
CA LYS C 659 20.58 -58.85 -13.44
C LYS C 659 20.66 -58.50 -11.95
N ASP C 660 21.88 -58.48 -11.42
CA ASP C 660 22.14 -58.29 -9.98
C ASP C 660 21.52 -56.99 -9.42
N ALA C 661 20.76 -57.12 -8.33
CA ALA C 661 19.88 -56.05 -7.78
C ALA C 661 18.78 -56.47 -6.77
N MET C 662 18.65 -57.75 -6.42
CA MET C 662 17.57 -58.22 -5.54
C MET C 662 16.18 -57.89 -6.12
N VAL C 663 15.62 -56.71 -5.80
CA VAL C 663 14.31 -56.25 -6.32
C VAL C 663 13.11 -57.13 -5.94
N PHE C 664 12.07 -56.53 -5.33
CA PHE C 664 10.89 -57.29 -4.91
C PHE C 664 9.63 -56.51 -5.15
N ALA C 665 8.51 -57.21 -5.12
CA ALA C 665 7.20 -56.57 -5.18
C ALA C 665 6.28 -57.13 -4.11
N PHE C 666 6.14 -56.44 -2.98
CA PHE C 666 5.31 -56.93 -1.87
C PHE C 666 4.04 -56.08 -1.67
N ALA C 667 2.97 -56.70 -1.12
CA ALA C 667 1.71 -55.99 -0.73
C ALA C 667 1.49 -55.84 0.82
N PRO C 668 0.83 -54.74 1.24
CA PRO C 668 0.52 -54.60 2.67
C PRO C 668 -0.63 -55.51 3.12
N PRO C 669 -0.66 -55.88 4.41
CA PRO C 669 -1.75 -56.67 4.95
C PRO C 669 -3.02 -55.83 5.13
N SER C 670 -4.12 -56.47 5.53
CA SER C 670 -5.43 -55.80 5.54
C SER C 670 -5.41 -54.60 6.49
N VAL C 671 -4.74 -54.75 7.62
CA VAL C 671 -4.56 -53.66 8.55
C VAL C 671 -3.23 -52.97 8.22
N LEU C 672 -3.33 -51.83 7.54
CA LEU C 672 -2.13 -51.13 7.06
C LEU C 672 -1.26 -50.64 8.21
N GLU C 673 -1.91 -50.21 9.31
CA GLU C 673 -1.23 -49.75 10.52
C GLU C 673 -0.19 -50.78 11.00
N LEU C 674 -0.41 -52.06 10.71
CA LEU C 674 0.51 -53.12 11.12
C LEU C 674 1.77 -53.30 10.27
N GLY C 675 1.82 -52.76 9.07
CA GLY C 675 3.03 -52.97 8.28
C GLY C 675 2.88 -52.59 6.82
N ASN C 676 4.00 -52.76 6.12
CA ASN C 676 4.05 -52.58 4.68
C ASN C 676 4.19 -53.89 3.84
N ALA C 677 4.70 -54.94 4.46
CA ALA C 677 4.84 -56.22 3.82
C ALA C 677 4.04 -57.30 4.56
N THR C 678 3.17 -57.98 3.81
CA THR C 678 2.44 -59.16 4.27
C THR C 678 3.38 -60.36 4.50
N GLY C 679 2.90 -61.38 5.19
CA GLY C 679 3.69 -62.58 5.46
C GLY C 679 4.26 -62.63 6.86
N PHE C 680 5.50 -63.10 6.98
CA PHE C 680 6.15 -63.24 8.29
C PHE C 680 7.25 -62.21 8.43
N ASP C 681 7.75 -62.12 9.67
CA ASP C 681 8.76 -61.15 10.06
C ASP C 681 9.46 -61.64 11.31
N LEU C 682 10.77 -61.86 11.26
CA LEU C 682 11.51 -62.41 12.40
C LEU C 682 12.90 -61.80 12.51
N PHE C 683 13.56 -62.08 13.61
CA PHE C 683 14.85 -61.49 13.90
C PHE C 683 15.78 -62.62 14.26
N LEU C 684 16.81 -62.78 13.42
CA LEU C 684 17.93 -63.66 13.73
C LEU C 684 18.76 -62.86 14.65
N GLN C 685 19.03 -63.40 15.83
CA GLN C 685 19.69 -62.66 16.89
C GLN C 685 20.60 -63.59 17.65
N ASP C 686 21.88 -63.22 17.77
CA ASP C 686 22.85 -64.08 18.48
C ASP C 686 22.71 -64.00 19.98
N GLN C 687 21.79 -64.82 20.51
CA GLN C 687 21.62 -65.10 21.94
C GLN C 687 22.97 -65.16 22.72
N ALA C 688 23.68 -66.29 22.65
CA ALA C 688 24.94 -66.47 23.39
C ALA C 688 26.03 -65.58 22.84
N GLY C 689 25.77 -64.90 21.72
CA GLY C 689 26.52 -63.72 21.40
C GLY C 689 27.89 -64.14 20.92
N VAL C 690 28.02 -64.23 19.60
CA VAL C 690 29.13 -64.96 18.98
C VAL C 690 30.04 -64.07 18.15
N GLY C 691 29.49 -63.26 17.25
CA GLY C 691 30.31 -62.43 16.35
C GLY C 691 29.44 -61.69 15.38
N HIS C 692 30.04 -60.89 14.51
CA HIS C 692 29.30 -60.28 13.38
C HIS C 692 29.30 -61.20 12.17
N GLU C 693 30.45 -61.78 11.83
CA GLU C 693 30.52 -62.71 10.68
C GLU C 693 29.59 -63.91 10.85
N VAL C 694 29.64 -64.52 12.02
CA VAL C 694 28.77 -65.66 12.33
C VAL C 694 27.28 -65.34 12.07
N LEU C 695 26.85 -64.11 12.39
CA LEU C 695 25.48 -63.63 12.07
C LEU C 695 25.25 -63.48 10.56
N LEU C 696 26.29 -63.03 9.85
CA LEU C 696 26.27 -63.01 8.39
C LEU C 696 26.03 -64.40 7.81
N GLN C 697 26.80 -65.38 8.34
CA GLN C 697 26.69 -66.79 7.96
C GLN C 697 25.27 -67.22 8.10
N ALA C 698 24.84 -67.29 9.37
CA ALA C 698 23.48 -67.66 9.73
C ALA C 698 22.41 -66.95 8.89
N ARG C 699 22.63 -65.68 8.57
CA ARG C 699 21.70 -64.93 7.71
C ARG C 699 21.66 -65.45 6.28
N ASN C 700 22.82 -65.60 5.66
CA ASN C 700 22.90 -66.04 4.27
C ASN C 700 22.49 -67.50 4.10
N LYS C 701 23.04 -68.34 4.96
CA LYS C 701 22.60 -69.74 5.09
C LYS C 701 21.08 -69.83 5.18
N PHE C 702 20.49 -69.00 6.03
CA PHE C 702 19.03 -68.93 6.17
C PHE C 702 18.37 -68.64 4.82
N LEU C 703 18.92 -67.68 4.08
CA LEU C 703 18.38 -67.29 2.77
C LEU C 703 18.47 -68.38 1.71
N MET C 704 19.59 -69.11 1.74
CA MET C 704 19.79 -70.26 0.87
C MET C 704 18.60 -71.21 1.07
N LEU C 705 18.48 -71.75 2.29
CA LEU C 705 17.47 -72.74 2.62
C LEU C 705 16.11 -72.16 2.38
N ALA C 706 15.95 -70.85 2.59
CA ALA C 706 14.69 -70.15 2.27
C ALA C 706 14.28 -70.22 0.78
N ALA C 707 15.23 -69.89 -0.09
CA ALA C 707 15.10 -70.10 -1.54
C ALA C 707 14.81 -71.58 -1.89
N GLN C 708 15.51 -72.52 -1.24
CA GLN C 708 15.29 -73.96 -1.44
C GLN C 708 13.89 -74.39 -0.98
N ASN C 709 13.63 -74.17 0.31
CA ASN C 709 12.42 -74.62 1.01
C ASN C 709 11.12 -74.33 0.22
N PRO C 710 10.33 -75.39 -0.08
CA PRO C 710 9.13 -75.34 -0.94
C PRO C 710 8.03 -74.35 -0.56
N ALA C 711 7.78 -74.21 0.75
CA ALA C 711 6.66 -73.40 1.27
C ALA C 711 6.92 -71.87 1.29
N LEU C 712 8.19 -71.48 1.22
CA LEU C 712 8.60 -70.07 1.32
C LEU C 712 8.66 -69.36 -0.02
N GLN C 713 8.48 -68.05 0.04
CA GLN C 713 8.37 -67.19 -1.13
C GLN C 713 8.97 -65.82 -0.71
N ARG C 714 9.41 -65.06 -1.70
CA ARG C 714 9.95 -63.69 -1.52
C ARG C 714 10.81 -63.40 -0.29
N VAL C 715 11.51 -64.41 0.25
CA VAL C 715 12.37 -64.20 1.42
C VAL C 715 13.46 -63.16 1.11
N ARG C 716 13.84 -62.38 2.11
CA ARG C 716 14.80 -61.28 1.97
C ARG C 716 15.27 -60.78 3.32
N PRO C 717 16.46 -60.13 3.36
CA PRO C 717 16.92 -59.44 4.57
C PRO C 717 16.52 -57.97 4.55
N ASN C 718 16.52 -57.35 5.72
CA ASN C 718 16.29 -55.91 5.85
C ASN C 718 17.63 -55.13 5.85
N GLY C 719 18.74 -55.82 6.09
CA GLY C 719 20.12 -55.24 6.02
C GLY C 719 20.81 -55.35 4.65
N MET C 720 22.12 -55.07 4.60
CA MET C 720 22.88 -55.04 3.31
C MET C 720 24.30 -55.64 3.36
N SER C 721 24.43 -56.81 3.95
CA SER C 721 25.71 -57.58 4.00
C SER C 721 26.80 -56.74 4.67
N ASP C 722 27.82 -56.34 3.91
CA ASP C 722 28.73 -55.27 4.28
C ASP C 722 28.97 -54.45 3.01
N GLU C 723 29.68 -53.33 3.14
CA GLU C 723 29.96 -52.44 1.99
C GLU C 723 31.36 -51.83 2.07
N PRO C 724 31.89 -51.36 0.93
CA PRO C 724 33.26 -50.88 0.95
C PRO C 724 33.35 -49.52 1.64
N GLN C 725 34.22 -49.44 2.65
CA GLN C 725 34.48 -48.22 3.41
C GLN C 725 35.94 -47.77 3.20
N TYR C 726 36.15 -46.48 2.90
CA TYR C 726 37.50 -45.94 2.63
C TYR C 726 38.20 -45.48 3.92
N LYS C 727 38.94 -46.40 4.53
CA LYS C 727 39.57 -46.17 5.83
C LYS C 727 40.71 -45.15 5.76
N LEU C 728 40.35 -43.86 5.83
CA LEU C 728 41.29 -42.74 5.80
C LEU C 728 42.18 -42.64 7.06
N GLU C 729 43.03 -43.64 7.28
CA GLU C 729 43.94 -43.63 8.44
C GLU C 729 45.09 -42.68 8.19
N ILE C 730 45.23 -41.69 9.05
CA ILE C 730 46.23 -40.64 8.91
C ILE C 730 47.11 -40.70 10.17
N ASP C 731 47.98 -39.71 10.33
CA ASP C 731 48.97 -39.69 11.39
C ASP C 731 49.00 -38.34 12.09
N ASP C 732 50.04 -38.12 12.88
CA ASP C 732 50.38 -36.82 13.45
C ASP C 732 51.89 -36.48 13.41
N GLU C 733 52.73 -37.50 13.55
CA GLU C 733 54.19 -37.45 13.41
C GLU C 733 54.72 -36.75 12.13
N LYS C 734 54.32 -37.27 10.98
CA LYS C 734 54.77 -36.83 9.64
C LYS C 734 54.05 -35.54 9.23
N ALA C 735 52.98 -35.21 9.97
CA ALA C 735 52.15 -34.05 9.73
C ALA C 735 52.66 -32.82 10.50
N SER C 736 52.63 -32.93 11.83
CA SER C 736 53.02 -31.84 12.72
C SER C 736 54.45 -31.32 12.51
N ALA C 737 55.31 -32.09 11.85
CA ALA C 737 56.64 -31.60 11.47
C ALA C 737 56.56 -30.39 10.51
N LEU C 738 56.52 -30.61 9.19
CA LEU C 738 56.44 -29.50 8.22
C LEU C 738 55.00 -29.33 7.73
N GLY C 739 54.16 -28.69 8.56
CA GLY C 739 52.73 -28.52 8.23
C GLY C 739 51.86 -27.82 9.26
N VAL C 740 51.12 -28.62 10.02
CA VAL C 740 50.02 -28.12 10.87
C VAL C 740 50.21 -28.43 12.35
N SER C 741 50.05 -27.41 13.18
CA SER C 741 50.03 -27.56 14.62
C SER C 741 48.67 -28.14 15.01
N LEU C 742 48.64 -28.83 16.15
CA LEU C 742 47.41 -29.36 16.74
C LEU C 742 46.61 -30.23 15.75
N ALA C 743 45.66 -29.63 15.03
CA ALA C 743 44.70 -30.38 14.23
C ALA C 743 43.92 -29.40 13.35
N ASP C 744 44.66 -28.62 12.58
CA ASP C 744 44.11 -27.63 11.63
C ASP C 744 43.40 -28.38 10.48
N ILE C 745 43.89 -29.59 10.18
CA ILE C 745 43.36 -30.47 9.12
C ILE C 745 42.03 -31.16 9.44
N ASN C 746 41.83 -31.47 10.72
CA ASN C 746 40.58 -32.05 11.22
C ASN C 746 39.34 -31.33 10.68
N SER C 747 39.49 -30.03 10.44
CA SER C 747 38.45 -29.19 9.81
C SER C 747 38.44 -29.31 8.29
N THR C 748 39.62 -29.21 7.68
CA THR C 748 39.77 -29.32 6.20
C THR C 748 39.02 -30.53 5.63
N VAL C 749 39.09 -31.66 6.36
CA VAL C 749 38.47 -32.94 5.95
C VAL C 749 36.94 -32.95 5.99
N SER C 750 36.35 -32.30 6.98
CA SER C 750 34.90 -32.35 7.19
C SER C 750 34.18 -31.09 6.72
N ILE C 751 34.76 -30.43 5.71
CA ILE C 751 34.12 -29.32 5.02
C ILE C 751 34.03 -29.57 3.51
N ALA C 752 35.02 -30.25 2.92
CA ALA C 752 35.06 -30.49 1.48
C ALA C 752 34.25 -31.70 1.04
N TRP C 753 34.46 -32.81 1.73
CA TRP C 753 33.76 -34.08 1.47
C TRP C 753 32.43 -34.05 2.21
N GLY C 754 32.51 -33.79 3.52
CA GLY C 754 31.34 -33.69 4.38
C GLY C 754 30.80 -32.29 4.42
N SER C 755 29.98 -31.94 3.43
CA SER C 755 29.27 -30.63 3.38
C SER C 755 28.94 -29.99 4.73
N SER C 756 29.74 -29.02 5.15
CA SER C 756 29.56 -28.35 6.44
C SER C 756 28.47 -27.28 6.41
N TYR C 757 27.57 -27.34 7.38
CA TYR C 757 26.57 -26.30 7.63
C TYR C 757 27.23 -25.12 8.38
N VAL C 758 27.07 -23.88 7.88
CA VAL C 758 27.74 -22.71 8.49
C VAL C 758 26.78 -21.70 9.16
N ASN C 759 25.68 -21.35 8.51
CA ASN C 759 24.65 -20.48 9.10
C ASN C 759 23.42 -20.42 8.21
N ASP C 760 22.42 -19.68 8.67
CA ASP C 760 21.20 -19.49 7.95
C ASP C 760 21.33 -18.32 7.00
N PHE C 761 20.30 -18.18 6.16
CA PHE C 761 20.12 -17.02 5.30
C PHE C 761 18.68 -16.98 4.88
N ILE C 762 18.08 -15.78 4.82
CA ILE C 762 16.68 -15.66 4.39
C ILE C 762 16.60 -15.81 2.87
N ASP C 763 15.58 -16.53 2.39
CA ASP C 763 15.39 -16.82 0.97
C ASP C 763 13.93 -16.65 0.68
N ARG C 764 13.57 -15.54 0.05
CA ARG C 764 12.20 -15.33 -0.40
C ARG C 764 11.25 -15.41 0.80
N GLY C 765 11.74 -14.99 1.97
CA GLY C 765 10.94 -14.88 3.19
C GLY C 765 11.30 -15.83 4.31
N ARG C 766 12.08 -16.86 3.98
CA ARG C 766 12.27 -18.02 4.81
C ARG C 766 13.72 -18.32 5.17
N VAL C 767 13.93 -18.65 6.44
CA VAL C 767 15.22 -19.06 6.92
C VAL C 767 15.54 -20.38 6.26
N LYS C 768 16.66 -20.45 5.54
CA LYS C 768 17.14 -21.75 5.01
C LYS C 768 18.61 -21.88 5.32
N ARG C 769 19.23 -23.02 5.03
CA ARG C 769 20.62 -23.24 5.48
C ARG C 769 21.65 -22.79 4.42
N VAL C 770 22.92 -22.71 4.80
CA VAL C 770 24.02 -22.39 3.88
C VAL C 770 25.06 -23.46 4.05
N TYR C 771 25.20 -24.29 3.04
CA TYR C 771 26.16 -25.36 3.10
C TYR C 771 27.39 -24.99 2.30
N LEU C 772 28.52 -25.58 2.70
CA LEU C 772 29.84 -25.33 2.16
C LEU C 772 30.50 -26.69 1.97
N GLN C 773 30.59 -27.12 0.72
CA GLN C 773 31.16 -28.42 0.35
C GLN C 773 32.19 -28.18 -0.76
N GLY C 774 33.18 -29.06 -0.87
CA GLY C 774 34.19 -28.97 -1.94
C GLY C 774 33.50 -29.31 -3.25
N ARG C 775 34.05 -28.84 -4.36
CA ARG C 775 33.51 -29.18 -5.70
C ARG C 775 33.29 -30.68 -5.88
N PRO C 776 32.21 -31.08 -6.62
CA PRO C 776 31.93 -32.50 -6.92
C PRO C 776 33.14 -33.35 -7.37
N ASP C 777 33.90 -32.83 -8.35
CA ASP C 777 35.09 -33.51 -8.91
C ASP C 777 36.30 -33.66 -7.97
N ALA C 778 36.27 -33.02 -6.80
CA ALA C 778 37.38 -33.04 -5.83
C ALA C 778 37.16 -33.99 -4.66
N ARG C 779 36.11 -34.83 -4.74
CA ARG C 779 35.79 -35.82 -3.69
C ARG C 779 35.21 -37.14 -4.23
N MET C 780 35.58 -37.48 -5.46
CA MET C 780 35.02 -38.64 -6.16
C MET C 780 35.84 -39.91 -5.90
N ASN C 781 37.16 -39.80 -5.98
CA ASN C 781 38.03 -40.97 -5.93
C ASN C 781 39.15 -40.85 -4.88
N PRO C 782 39.73 -41.98 -4.45
CA PRO C 782 40.74 -42.01 -3.38
C PRO C 782 41.95 -41.09 -3.55
N ASP C 783 42.44 -40.92 -4.77
CA ASP C 783 43.60 -40.05 -5.05
C ASP C 783 43.15 -38.60 -5.28
N ASP C 784 41.87 -38.45 -5.62
CA ASP C 784 41.20 -37.16 -5.77
C ASP C 784 41.27 -36.30 -4.49
N LEU C 785 41.43 -36.95 -3.33
CA LEU C 785 41.63 -36.23 -2.05
C LEU C 785 43.01 -35.63 -1.81
N SER C 786 44.04 -36.17 -2.47
CA SER C 786 45.40 -35.61 -2.38
C SER C 786 45.49 -34.19 -2.96
N LYS C 787 44.52 -33.83 -3.79
CA LYS C 787 44.37 -32.46 -4.29
C LYS C 787 44.22 -31.38 -3.20
N TRP C 788 43.68 -31.72 -2.02
CA TRP C 788 43.32 -30.72 -0.97
C TRP C 788 44.49 -30.28 -0.12
N TYR C 789 44.98 -29.07 -0.37
CA TYR C 789 46.15 -28.56 0.35
C TYR C 789 45.70 -27.79 1.61
N VAL C 790 46.51 -27.90 2.66
CA VAL C 790 46.29 -27.25 3.96
C VAL C 790 47.33 -26.14 4.17
N ARG C 791 47.12 -25.31 5.19
CA ARG C 791 48.08 -24.30 5.66
C ARG C 791 49.33 -24.85 6.38
N ASN C 792 50.47 -24.18 6.17
CA ASN C 792 51.72 -24.43 6.90
C ASN C 792 51.91 -23.30 7.92
N ASP C 793 52.28 -23.68 9.15
CA ASP C 793 52.51 -22.72 10.25
C ASP C 793 53.34 -21.54 9.78
N LYS C 794 54.48 -21.80 9.15
CA LYS C 794 55.33 -20.74 8.55
C LYS C 794 54.78 -20.10 7.25
N GLY C 795 53.46 -19.93 7.13
CA GLY C 795 52.85 -19.29 5.96
C GLY C 795 52.66 -20.15 4.71
N GLU C 796 53.56 -21.11 4.48
CA GLU C 796 53.57 -21.97 3.27
C GLU C 796 52.29 -22.81 3.09
N MET C 797 52.26 -23.62 2.03
CA MET C 797 51.13 -24.47 1.73
C MET C 797 51.49 -25.95 1.69
N VAL C 798 51.23 -26.65 2.81
CA VAL C 798 51.50 -28.10 2.91
C VAL C 798 50.43 -28.94 2.17
N PRO C 799 50.86 -29.94 1.36
CA PRO C 799 49.89 -30.84 0.71
C PRO C 799 49.24 -31.84 1.67
N PHE C 800 48.28 -32.60 1.13
CA PHE C 800 47.53 -33.59 1.90
C PHE C 800 48.22 -34.93 1.91
N ASN C 801 48.76 -35.33 0.77
CA ASN C 801 49.62 -36.53 0.65
C ASN C 801 50.89 -36.53 1.52
N ALA C 802 51.35 -35.36 1.96
CA ALA C 802 52.37 -35.26 3.01
C ALA C 802 51.96 -35.87 4.38
N PHE C 803 50.70 -36.27 4.51
CA PHE C 803 50.19 -37.05 5.65
C PHE C 803 48.88 -37.81 5.32
N ALA C 804 48.70 -38.21 4.06
CA ALA C 804 47.40 -38.74 3.58
C ALA C 804 47.14 -40.16 4.09
N THR C 805 47.45 -41.19 3.28
CA THR C 805 47.19 -42.60 3.63
C THR C 805 45.68 -42.91 3.64
N GLY C 806 45.22 -43.60 2.60
CA GLY C 806 43.81 -43.96 2.48
C GLY C 806 43.61 -45.30 1.80
N LYS C 807 43.00 -46.24 2.51
CA LYS C 807 42.78 -47.62 2.01
C LYS C 807 41.33 -48.08 2.13
N TRP C 808 41.00 -49.15 1.40
CA TRP C 808 39.67 -49.77 1.46
C TRP C 808 39.57 -50.71 2.69
N GLU C 809 38.47 -50.57 3.42
CA GLU C 809 38.09 -51.39 4.58
C GLU C 809 36.63 -51.80 4.38
N TYR C 810 36.25 -52.97 4.89
CA TYR C 810 34.85 -53.44 4.80
C TYR C 810 34.10 -53.24 6.11
N GLY C 811 33.12 -52.33 6.11
CA GLY C 811 32.27 -52.09 7.27
C GLY C 811 30.78 -52.14 6.95
N SER C 812 29.98 -52.40 7.98
CA SER C 812 28.54 -52.58 7.84
C SER C 812 27.81 -51.22 7.60
N PRO C 813 26.89 -51.17 6.63
CA PRO C 813 26.11 -49.96 6.36
C PRO C 813 24.86 -49.75 7.25
N LYS C 814 24.48 -50.75 8.03
CA LYS C 814 23.28 -50.68 8.88
C LYS C 814 23.26 -51.84 9.87
N LEU C 815 23.87 -51.66 11.03
CA LEU C 815 23.82 -52.68 12.10
C LEU C 815 22.49 -52.62 12.83
N GLU C 816 21.88 -53.77 13.09
CA GLU C 816 20.56 -53.87 13.75
C GLU C 816 20.71 -54.54 15.11
N ARG C 817 19.86 -54.17 16.08
CA ARG C 817 19.76 -54.87 17.37
C ARG C 817 18.29 -55.22 17.66
N TYR C 818 18.06 -56.24 18.50
CA TYR C 818 16.70 -56.66 18.88
C TYR C 818 16.64 -57.28 20.26
N ASN C 819 16.03 -56.54 21.20
CA ASN C 819 16.06 -56.84 22.64
C ASN C 819 17.49 -56.86 23.16
N GLY C 820 18.27 -55.89 22.68
CA GLY C 820 19.61 -55.62 23.21
C GLY C 820 20.67 -56.65 22.89
N VAL C 821 20.59 -57.21 21.69
CA VAL C 821 21.58 -58.14 21.15
C VAL C 821 21.66 -57.85 19.66
N PRO C 822 22.85 -57.95 19.05
CA PRO C 822 22.83 -57.62 17.62
C PRO C 822 22.01 -58.66 16.89
N ALA C 823 21.42 -58.26 15.76
CA ALA C 823 20.47 -59.10 15.07
C ALA C 823 20.24 -58.69 13.60
N MET C 824 19.53 -59.53 12.86
CA MET C 824 19.18 -59.19 11.48
C MET C 824 17.74 -59.61 11.22
N GLU C 825 16.94 -58.65 10.76
CA GLU C 825 15.53 -58.88 10.40
C GLU C 825 15.49 -59.40 8.97
N ILE C 826 14.62 -60.38 8.74
CA ILE C 826 14.43 -60.96 7.43
C ILE C 826 12.96 -61.23 7.26
N LEU C 827 12.37 -60.56 6.28
CA LEU C 827 10.98 -60.72 5.89
C LEU C 827 10.81 -61.94 4.96
N GLY C 828 9.61 -62.11 4.42
CA GLY C 828 9.26 -63.28 3.61
C GLY C 828 7.77 -63.56 3.63
N GLU C 829 7.27 -64.14 2.54
CA GLU C 829 5.85 -64.47 2.39
C GLU C 829 5.70 -66.00 2.43
N PRO C 830 4.46 -66.49 2.57
CA PRO C 830 4.22 -67.91 2.38
C PRO C 830 4.02 -68.19 0.89
N ALA C 831 4.31 -69.43 0.49
CA ALA C 831 4.03 -69.92 -0.88
C ALA C 831 2.59 -69.62 -1.30
N PRO C 832 2.30 -69.61 -2.62
CA PRO C 832 0.89 -69.39 -3.02
C PRO C 832 0.00 -70.56 -2.61
N GLY C 833 -1.17 -70.25 -2.05
CA GLY C 833 -2.06 -71.26 -1.44
C GLY C 833 -1.55 -72.00 -0.20
N LEU C 834 -0.58 -71.42 0.50
CA LEU C 834 -0.32 -71.73 1.91
C LEU C 834 -0.53 -70.44 2.73
N SER C 835 -0.89 -70.61 4.01
CA SER C 835 -1.08 -69.49 4.94
C SER C 835 0.25 -69.11 5.62
N SER C 836 0.25 -67.96 6.30
CA SER C 836 1.40 -67.50 7.13
C SER C 836 1.85 -68.51 8.20
N GLY C 837 0.89 -69.27 8.73
CA GLY C 837 1.19 -70.30 9.73
C GLY C 837 2.09 -71.38 9.18
N ASP C 838 1.73 -71.86 7.98
CA ASP C 838 2.52 -72.87 7.27
C ASP C 838 3.94 -72.35 7.08
N ALA C 839 4.07 -71.14 6.54
CA ALA C 839 5.39 -70.49 6.39
C ALA C 839 6.17 -70.42 7.72
N MET C 840 5.50 -69.95 8.76
CA MET C 840 6.05 -69.90 10.13
C MET C 840 6.58 -71.29 10.52
N ALA C 841 5.72 -72.30 10.32
CA ALA C 841 6.02 -73.70 10.63
C ALA C 841 7.29 -74.15 9.91
N ALA C 842 7.39 -73.73 8.65
CA ALA C 842 8.57 -73.97 7.83
C ALA C 842 9.79 -73.25 8.37
N VAL C 843 9.66 -71.93 8.52
CA VAL C 843 10.76 -71.09 9.00
C VAL C 843 11.35 -71.60 10.32
N GLU C 844 10.51 -72.15 11.19
CA GLU C 844 11.03 -72.71 12.46
C GLU C 844 11.83 -74.02 12.31
N GLU C 845 11.97 -74.47 11.05
CA GLU C 845 12.81 -75.61 10.68
C GLU C 845 14.14 -75.12 10.07
N ILE C 846 14.02 -74.23 9.08
CA ILE C 846 15.20 -73.66 8.44
C ILE C 846 15.97 -72.73 9.37
N VAL C 847 15.58 -72.72 10.64
CA VAL C 847 16.25 -71.97 11.71
C VAL C 847 17.01 -72.90 12.67
N LYS C 848 16.86 -74.21 12.49
CA LYS C 848 17.48 -75.21 13.37
C LYS C 848 18.93 -75.51 12.97
N GLN C 849 19.23 -75.31 11.68
CA GLN C 849 20.55 -75.54 11.11
C GLN C 849 21.52 -74.37 11.32
N LEU C 850 21.34 -73.59 12.38
CA LEU C 850 22.08 -72.34 12.60
C LEU C 850 23.15 -72.53 13.66
N PRO C 851 24.28 -71.81 13.54
CA PRO C 851 25.42 -72.05 14.44
C PRO C 851 25.10 -71.67 15.89
N LYS C 852 24.99 -72.67 16.75
CA LYS C 852 24.60 -72.48 18.16
C LYS C 852 25.36 -71.31 18.81
N GLY C 853 24.59 -70.30 19.21
CA GLY C 853 25.06 -68.93 19.36
C GLY C 853 23.99 -67.98 18.81
N VAL C 854 23.39 -68.36 17.68
CA VAL C 854 22.38 -67.56 16.97
C VAL C 854 20.97 -68.13 17.16
N GLY C 855 20.13 -67.38 17.86
CA GLY C 855 18.71 -67.71 18.04
C GLY C 855 17.79 -66.90 17.15
N TYR C 856 16.50 -66.93 17.47
CA TYR C 856 15.52 -66.15 16.71
C TYR C 856 14.37 -65.70 17.59
N SER C 857 13.56 -64.83 17.00
CA SER C 857 12.52 -64.14 17.71
C SER C 857 11.59 -63.49 16.70
N TRP C 858 10.29 -63.78 16.81
CA TRP C 858 9.30 -63.18 15.93
C TRP C 858 9.04 -61.71 16.27
N THR C 859 8.45 -60.97 15.33
CA THR C 859 8.13 -59.54 15.52
C THR C 859 7.02 -59.10 14.59
N GLY C 860 6.58 -57.85 14.68
CA GLY C 860 5.42 -57.37 13.91
C GLY C 860 4.27 -58.34 13.70
N LEU C 861 3.66 -58.31 12.49
CA LEU C 861 2.65 -59.30 12.04
C LEU C 861 2.82 -60.68 12.65
N SER C 862 4.06 -61.19 12.67
CA SER C 862 4.31 -62.52 13.18
C SER C 862 4.02 -62.59 14.64
N TYR C 863 4.60 -61.66 15.42
CA TYR C 863 4.41 -61.59 16.91
C TYR C 863 2.91 -61.63 17.19
N GLU C 864 2.22 -60.72 16.54
CA GLU C 864 0.79 -60.69 16.57
C GLU C 864 0.12 -62.07 16.29
N GLU C 865 0.63 -62.85 15.31
CA GLU C 865 0.16 -64.24 15.01
C GLU C 865 0.32 -65.15 16.19
N ARG C 866 1.56 -65.32 16.62
CA ARG C 866 1.86 -66.21 17.73
C ARG C 866 1.10 -65.93 19.02
N LEU C 867 0.64 -64.69 19.20
CA LEU C 867 -0.19 -64.33 20.34
C LEU C 867 -1.56 -64.89 20.11
N SER C 868 -2.18 -64.51 18.99
CA SER C 868 -3.54 -64.93 18.63
C SER C 868 -3.83 -66.45 18.75
N GLY C 869 -2.84 -67.26 18.43
CA GLY C 869 -2.94 -68.70 18.62
C GLY C 869 -2.96 -69.07 20.07
N SER C 870 -2.02 -68.53 20.84
CA SER C 870 -1.97 -68.80 22.30
C SER C 870 -3.28 -68.45 23.03
N GLN C 871 -3.91 -67.33 22.66
CA GLN C 871 -5.14 -66.87 23.32
C GLN C 871 -6.24 -67.91 23.20
N ALA C 872 -6.56 -68.23 21.94
CA ALA C 872 -7.66 -69.11 21.54
C ALA C 872 -8.15 -70.18 22.56
N PRO C 873 -7.24 -71.05 23.10
CA PRO C 873 -7.61 -72.00 24.19
C PRO C 873 -8.50 -71.43 25.30
N ALA C 874 -7.95 -70.52 26.12
CA ALA C 874 -8.67 -69.83 27.21
C ALA C 874 -9.94 -69.15 26.73
N LEU C 875 -9.86 -68.48 25.57
CA LEU C 875 -11.05 -67.93 24.94
C LEU C 875 -12.17 -68.93 24.91
N TYR C 876 -11.85 -70.12 24.42
CA TYR C 876 -12.85 -71.18 24.23
C TYR C 876 -13.31 -71.74 25.55
N ALA C 877 -12.35 -71.99 26.43
CA ALA C 877 -12.65 -72.41 27.80
C ALA C 877 -13.59 -71.39 28.46
N LEU C 878 -13.14 -70.16 28.61
CA LEU C 878 -13.94 -69.18 29.32
C LEU C 878 -15.31 -69.01 28.72
N SER C 879 -15.37 -68.92 27.39
CA SER C 879 -16.63 -68.67 26.71
C SER C 879 -17.59 -69.84 26.88
N LEU C 880 -17.07 -71.06 26.84
CA LEU C 880 -17.85 -72.22 27.26
C LEU C 880 -18.36 -72.06 28.71
N LEU C 881 -17.49 -71.65 29.62
CA LEU C 881 -17.85 -71.45 31.05
C LEU C 881 -19.01 -70.46 31.28
N VAL C 882 -18.85 -69.28 30.72
CA VAL C 882 -19.83 -68.25 30.88
C VAL C 882 -21.20 -68.71 30.34
N VAL C 883 -21.22 -69.42 29.21
CA VAL C 883 -22.48 -70.01 28.66
C VAL C 883 -23.05 -71.03 29.64
N PHE C 884 -22.16 -71.85 30.18
CA PHE C 884 -22.56 -72.91 31.07
C PHE C 884 -23.25 -72.37 32.33
N LEU C 885 -22.56 -71.42 32.98
CA LEU C 885 -23.01 -70.78 34.19
C LEU C 885 -24.26 -69.94 33.98
N CYS C 886 -24.26 -69.06 33.00
CA CYS C 886 -25.46 -68.24 32.78
C CYS C 886 -26.70 -69.06 32.47
N LEU C 887 -26.56 -70.21 31.82
CA LEU C 887 -27.74 -71.09 31.58
C LEU C 887 -28.13 -71.76 32.85
N ALA C 888 -27.12 -72.18 33.62
CA ALA C 888 -27.32 -72.80 34.92
C ALA C 888 -28.00 -71.92 35.95
N ALA C 889 -28.03 -70.61 35.72
CA ALA C 889 -28.59 -69.68 36.67
C ALA C 889 -29.96 -69.29 36.28
N LEU C 890 -30.11 -69.01 35.01
CA LEU C 890 -31.37 -68.64 34.42
C LEU C 890 -32.36 -69.79 34.33
N TYR C 891 -31.91 -71.03 34.31
CA TYR C 891 -32.83 -72.20 34.26
C TYR C 891 -32.88 -73.07 35.55
N GLU C 892 -32.18 -72.62 36.57
CA GLU C 892 -32.12 -73.30 37.85
C GLU C 892 -31.89 -74.78 37.70
N SER C 893 -30.88 -75.15 36.92
CA SER C 893 -30.52 -76.56 36.74
C SER C 893 -29.11 -76.76 36.22
N TRP C 894 -28.63 -77.98 36.39
CA TRP C 894 -27.37 -78.44 35.80
C TRP C 894 -27.58 -79.31 34.55
N SER C 895 -28.76 -79.91 34.38
CA SER C 895 -29.03 -80.72 33.20
C SER C 895 -28.93 -79.87 31.92
N ILE C 896 -29.75 -78.81 31.82
CA ILE C 896 -29.81 -77.94 30.61
C ILE C 896 -28.39 -77.50 30.18
N PRO C 897 -27.65 -76.80 31.07
CA PRO C 897 -26.33 -76.37 30.64
C PRO C 897 -25.43 -77.55 30.23
N PHE C 898 -25.58 -78.73 30.84
CA PHE C 898 -24.80 -79.90 30.39
C PHE C 898 -25.27 -80.40 29.01
N SER C 899 -26.58 -80.39 28.77
CA SER C 899 -27.11 -80.72 27.44
C SER C 899 -26.53 -79.84 26.35
N VAL C 900 -26.65 -78.53 26.49
CA VAL C 900 -26.11 -77.61 25.47
C VAL C 900 -24.57 -77.68 25.27
N MET C 901 -23.80 -78.05 26.29
CA MET C 901 -22.34 -78.20 26.12
C MET C 901 -22.05 -79.27 25.11
N LEU C 902 -22.75 -80.39 25.24
CA LEU C 902 -22.63 -81.57 24.37
C LEU C 902 -23.07 -81.28 22.91
N VAL C 903 -24.06 -80.41 22.73
CA VAL C 903 -24.48 -79.99 21.39
C VAL C 903 -23.43 -79.09 20.69
N VAL C 904 -22.33 -78.77 21.35
CA VAL C 904 -21.44 -77.75 20.84
C VAL C 904 -20.55 -78.29 19.76
N PRO C 905 -19.86 -79.44 19.99
CA PRO C 905 -19.05 -80.02 18.93
C PRO C 905 -19.84 -80.36 17.65
N LEU C 906 -21.15 -80.56 17.78
CA LEU C 906 -22.03 -80.67 16.62
C LEU C 906 -22.14 -79.41 15.77
N GLY C 907 -21.92 -78.24 16.36
CA GLY C 907 -21.76 -77.00 15.58
C GLY C 907 -20.36 -76.82 14.97
N VAL C 908 -19.33 -77.19 15.71
CA VAL C 908 -17.96 -76.90 15.30
C VAL C 908 -17.54 -77.70 14.05
N ILE C 909 -17.90 -78.99 13.96
CA ILE C 909 -17.58 -79.78 12.74
C ILE C 909 -18.08 -79.02 11.55
N GLY C 910 -19.34 -78.59 11.61
CA GLY C 910 -19.94 -77.89 10.48
C GLY C 910 -19.38 -76.52 10.17
N ALA C 911 -18.50 -76.00 11.01
CA ALA C 911 -17.83 -74.72 10.78
C ALA C 911 -16.40 -74.97 10.33
N LEU C 912 -15.78 -76.02 10.89
CA LEU C 912 -14.53 -76.58 10.36
C LEU C 912 -14.73 -77.06 8.90
N LEU C 913 -15.66 -77.99 8.71
CA LEU C 913 -16.02 -78.49 7.38
C LEU C 913 -16.03 -77.37 6.38
N ALA C 914 -16.85 -76.34 6.56
CA ALA C 914 -16.88 -75.26 5.56
C ALA C 914 -15.50 -74.55 5.39
N THR C 915 -14.94 -74.04 6.49
CA THR C 915 -13.57 -73.48 6.51
C THR C 915 -12.58 -74.37 5.74
N SER C 916 -12.71 -75.68 5.87
CA SER C 916 -11.87 -76.60 5.11
C SER C 916 -12.27 -76.71 3.61
N MET C 917 -13.53 -77.05 3.36
CA MET C 917 -14.07 -77.08 1.97
C MET C 917 -14.27 -75.69 1.34
N ARG C 918 -13.48 -74.70 1.75
CA ARG C 918 -13.26 -73.49 0.97
C ARG C 918 -11.81 -73.02 1.07
N GLY C 919 -10.92 -73.88 1.61
CA GLY C 919 -9.48 -73.58 1.76
C GLY C 919 -9.13 -72.34 2.59
N LEU C 920 -9.86 -72.14 3.66
CA LEU C 920 -9.76 -70.96 4.49
C LEU C 920 -8.96 -71.41 5.70
N SER C 921 -8.31 -70.44 6.33
CA SER C 921 -7.41 -70.73 7.45
C SER C 921 -8.04 -70.42 8.80
N ASN C 922 -7.42 -70.97 9.82
CA ASN C 922 -7.82 -70.75 11.20
C ASN C 922 -7.19 -69.41 11.64
N ASP C 923 -7.84 -68.33 11.23
CA ASP C 923 -7.40 -67.01 11.56
C ASP C 923 -8.36 -66.34 12.60
N VAL C 924 -8.06 -65.13 13.04
CA VAL C 924 -8.88 -64.47 14.06
C VAL C 924 -10.38 -64.43 13.66
N PHE C 925 -10.63 -64.22 12.39
CA PHE C 925 -12.01 -64.26 11.95
C PHE C 925 -12.70 -65.61 12.19
N PHE C 926 -11.95 -66.70 12.01
CA PHE C 926 -12.41 -68.05 12.30
C PHE C 926 -12.86 -68.15 13.74
N GLN C 927 -11.98 -67.74 14.66
CA GLN C 927 -12.26 -67.72 16.09
C GLN C 927 -13.57 -67.01 16.46
N VAL C 928 -13.74 -65.79 15.99
CA VAL C 928 -15.04 -65.12 16.15
C VAL C 928 -16.15 -66.09 15.73
N GLY C 929 -16.03 -66.62 14.52
CA GLY C 929 -16.92 -67.66 13.95
C GLY C 929 -17.16 -68.85 14.84
N LEU C 930 -16.09 -69.51 15.31
CA LEU C 930 -16.25 -70.63 16.23
C LEU C 930 -17.15 -70.21 17.37
N LEU C 931 -16.72 -69.11 18.03
CA LEU C 931 -17.49 -68.47 19.11
C LEU C 931 -18.94 -68.18 18.74
N THR C 932 -19.17 -67.49 17.64
CA THR C 932 -20.57 -67.27 17.26
C THR C 932 -21.32 -68.62 17.06
N THR C 933 -20.59 -69.61 16.58
CA THR C 933 -21.13 -70.96 16.39
C THR C 933 -21.51 -71.69 17.66
N ILE C 934 -20.60 -71.69 18.64
CA ILE C 934 -20.94 -72.24 19.95
C ILE C 934 -22.23 -71.55 20.44
N GLY C 935 -22.33 -70.26 20.17
CA GLY C 935 -23.57 -69.55 20.47
C GLY C 935 -24.82 -70.02 19.74
N LEU C 936 -24.66 -70.33 18.45
CA LEU C 936 -25.76 -70.76 17.59
C LEU C 936 -26.27 -72.16 17.97
N SER C 937 -25.32 -73.07 18.17
CA SER C 937 -25.61 -74.39 18.72
C SER C 937 -26.53 -74.27 19.93
N ALA C 938 -26.05 -73.53 20.94
CA ALA C 938 -26.76 -73.24 22.22
C ALA C 938 -28.12 -72.62 22.05
N LYS C 939 -28.23 -71.62 21.20
CA LYS C 939 -29.52 -71.02 20.86
C LYS C 939 -30.55 -72.03 20.31
N ASN C 940 -30.10 -73.02 19.53
CA ASN C 940 -31.03 -74.01 19.01
C ASN C 940 -31.41 -74.98 20.10
N ALA C 941 -30.42 -75.34 20.90
CA ALA C 941 -30.56 -76.31 21.97
C ALA C 941 -31.57 -75.80 23.03
N ILE C 942 -31.43 -74.56 23.45
CA ILE C 942 -32.38 -73.98 24.44
C ILE C 942 -33.80 -73.81 23.83
N LEU C 943 -33.87 -73.65 22.53
CA LEU C 943 -35.17 -73.59 21.87
C LEU C 943 -36.01 -74.89 22.08
N ILE C 944 -35.33 -76.04 22.21
CA ILE C 944 -35.98 -77.32 22.46
C ILE C 944 -36.06 -77.62 23.95
N VAL C 945 -34.86 -77.69 24.53
CA VAL C 945 -34.62 -78.11 25.92
C VAL C 945 -35.46 -77.36 26.94
N GLU C 946 -35.46 -76.02 26.90
CA GLU C 946 -36.14 -75.29 27.95
C GLU C 946 -37.66 -75.39 27.81
N PHE C 947 -38.15 -75.62 26.60
CA PHE C 947 -39.56 -75.97 26.43
C PHE C 947 -39.88 -77.41 26.90
N ALA C 948 -38.94 -78.31 26.67
CA ALA C 948 -39.05 -79.69 27.20
C ALA C 948 -39.05 -79.76 28.72
N LYS C 949 -38.41 -78.79 29.38
CA LYS C 949 -38.40 -78.69 30.84
C LYS C 949 -39.75 -78.15 31.33
N GLU C 950 -40.34 -77.21 30.59
CA GLU C 950 -41.66 -76.69 30.94
C GLU C 950 -42.72 -77.78 30.86
N LEU C 951 -42.83 -78.41 29.68
CA LEU C 951 -43.76 -79.53 29.44
C LEU C 951 -43.64 -80.66 30.50
N HIS C 952 -42.40 -81.00 30.88
CA HIS C 952 -42.15 -81.96 31.96
C HIS C 952 -42.74 -81.47 33.29
N GLU C 953 -42.31 -80.29 33.73
CA GLU C 953 -42.87 -79.62 34.93
C GLU C 953 -44.37 -79.39 34.96
N GLN C 954 -45.07 -79.42 33.83
CA GLN C 954 -46.54 -79.33 33.81
C GLN C 954 -47.23 -80.71 33.66
N GLY C 955 -46.51 -81.80 33.94
CA GLY C 955 -47.11 -83.14 34.00
C GLY C 955 -46.45 -84.18 33.13
N LYS C 956 -46.41 -83.89 31.82
CA LYS C 956 -45.81 -84.79 30.79
C LYS C 956 -44.44 -85.38 31.20
N GLY C 957 -44.16 -86.59 30.80
CA GLY C 957 -42.99 -87.29 31.29
C GLY C 957 -41.79 -86.98 30.43
N ILE C 958 -40.59 -87.22 30.98
CA ILE C 958 -39.29 -86.80 30.41
C ILE C 958 -39.23 -86.95 28.89
N VAL C 959 -39.33 -88.20 28.42
CA VAL C 959 -39.30 -88.55 26.98
C VAL C 959 -40.47 -87.86 26.20
N GLU C 960 -41.69 -88.08 26.65
CA GLU C 960 -42.88 -87.49 26.03
C GLU C 960 -42.73 -85.97 25.85
N ALA C 961 -42.15 -85.35 26.87
CA ALA C 961 -41.84 -83.87 26.90
C ALA C 961 -40.81 -83.41 25.84
N ALA C 962 -39.72 -84.19 25.72
CA ALA C 962 -38.76 -84.03 24.64
C ALA C 962 -39.45 -84.07 23.25
N ILE C 963 -40.41 -85.01 23.08
CA ILE C 963 -41.11 -85.21 21.82
C ILE C 963 -41.96 -83.97 21.55
N GLU C 964 -42.93 -83.69 22.41
CA GLU C 964 -43.85 -82.58 22.20
C GLU C 964 -43.12 -81.23 22.02
N ALA C 965 -41.86 -81.15 22.49
CA ALA C 965 -41.00 -79.98 22.29
C ALA C 965 -40.42 -79.94 20.86
N CYS C 966 -39.63 -80.95 20.53
CA CYS C 966 -39.13 -81.13 19.18
C CYS C 966 -40.23 -80.86 18.15
N ARG C 967 -41.35 -81.56 18.27
CA ARG C 967 -42.53 -81.27 17.43
C ARG C 967 -42.79 -79.76 17.35
N MET C 968 -43.17 -79.16 18.46
CA MET C 968 -43.64 -77.77 18.46
C MET C 968 -42.59 -76.70 18.14
N ARG C 969 -41.32 -77.05 18.08
CA ARG C 969 -40.25 -76.05 17.93
C ARG C 969 -39.40 -76.20 16.67
N LEU C 970 -39.75 -77.14 15.81
CA LEU C 970 -39.03 -77.35 14.56
C LEU C 970 -39.29 -76.15 13.63
N ARG C 971 -40.54 -75.72 13.50
CA ARG C 971 -40.84 -74.56 12.66
C ARG C 971 -40.00 -73.33 12.99
N PRO C 972 -39.99 -72.88 14.26
CA PRO C 972 -39.24 -71.69 14.61
C PRO C 972 -37.72 -71.93 14.64
N ILE C 973 -37.26 -73.12 14.98
CA ILE C 973 -35.83 -73.41 14.90
C ILE C 973 -35.29 -73.23 13.50
N VAL C 974 -35.89 -73.97 12.56
CA VAL C 974 -35.52 -73.95 11.14
C VAL C 974 -35.67 -72.51 10.58
N MET C 975 -36.85 -71.96 10.77
CA MET C 975 -37.14 -70.59 10.39
C MET C 975 -36.10 -69.56 10.89
N THR C 976 -35.61 -69.70 12.12
CA THR C 976 -34.59 -68.78 12.64
C THR C 976 -33.19 -69.16 12.17
N SER C 977 -32.89 -70.45 12.15
CA SER C 977 -31.59 -70.91 11.64
C SER C 977 -31.39 -70.51 10.18
N LEU C 978 -32.40 -70.68 9.33
CA LEU C 978 -32.30 -70.27 7.91
C LEU C 978 -32.06 -68.78 7.77
N ALA C 979 -32.93 -67.99 8.42
CA ALA C 979 -32.76 -66.53 8.45
C ALA C 979 -31.33 -66.09 8.81
N PHE C 980 -30.71 -66.80 9.73
CA PHE C 980 -29.29 -66.58 9.99
C PHE C 980 -28.47 -66.89 8.73
N ILE C 981 -28.64 -68.10 8.18
CA ILE C 981 -27.87 -68.57 7.01
C ILE C 981 -27.93 -67.58 5.84
N LEU C 982 -29.13 -67.23 5.40
CA LEU C 982 -29.26 -66.31 4.27
C LEU C 982 -28.60 -64.99 4.60
N GLY C 983 -28.88 -64.44 5.78
CA GLY C 983 -28.33 -63.11 6.18
C GLY C 983 -26.80 -62.98 6.17
N VAL C 984 -26.11 -64.11 6.35
CA VAL C 984 -24.64 -64.20 6.17
C VAL C 984 -24.16 -64.63 4.78
N VAL C 985 -25.07 -65.06 3.90
CA VAL C 985 -24.73 -65.41 2.50
C VAL C 985 -24.00 -64.25 1.81
N PRO C 986 -24.59 -63.03 1.82
CA PRO C 986 -23.90 -61.90 1.21
C PRO C 986 -22.43 -61.81 1.59
N LEU C 987 -22.11 -61.89 2.88
CA LEU C 987 -20.70 -61.90 3.34
C LEU C 987 -19.90 -62.97 2.63
N ALA C 988 -20.44 -64.18 2.61
CA ALA C 988 -19.76 -65.34 1.96
C ALA C 988 -19.52 -65.23 0.43
N ILE C 989 -20.33 -64.41 -0.26
CA ILE C 989 -20.26 -64.17 -1.72
C ILE C 989 -19.96 -62.70 -2.14
N SER C 990 -19.54 -61.87 -1.20
CA SER C 990 -19.19 -60.48 -1.54
C SER C 990 -17.92 -60.48 -2.41
N THR C 991 -17.77 -59.38 -3.12
CA THR C 991 -16.59 -59.15 -3.94
C THR C 991 -16.20 -57.68 -3.76
N GLY C 992 -15.12 -57.29 -4.41
CA GLY C 992 -14.62 -55.93 -4.27
C GLY C 992 -13.70 -55.83 -3.08
N ALA C 993 -13.67 -54.62 -2.51
CA ALA C 993 -12.76 -54.29 -1.41
C ALA C 993 -13.31 -54.73 -0.07
N GLY C 994 -12.38 -55.03 0.84
CA GLY C 994 -12.71 -55.48 2.19
C GLY C 994 -13.65 -56.66 2.22
N SER C 995 -13.37 -57.61 1.32
CA SER C 995 -14.24 -58.78 1.11
C SER C 995 -13.51 -60.12 1.21
N GLY C 996 -12.21 -60.08 1.44
CA GLY C 996 -11.45 -61.26 1.73
C GLY C 996 -11.77 -61.63 3.16
N SER C 997 -11.84 -60.60 4.01
CA SER C 997 -12.16 -60.77 5.41
C SER C 997 -13.60 -61.26 5.59
N GLN C 998 -14.49 -60.82 4.70
CA GLN C 998 -15.89 -61.28 4.69
C GLN C 998 -16.03 -62.77 4.43
N HIS C 999 -15.21 -63.30 3.52
CA HIS C 999 -15.28 -64.73 3.28
C HIS C 999 -14.87 -65.48 4.54
N ALA C 1000 -13.84 -64.97 5.23
CA ALA C 1000 -13.31 -65.62 6.44
C ALA C 1000 -14.24 -65.55 7.66
N ILE C 1001 -15.06 -64.49 7.77
CA ILE C 1001 -16.06 -64.40 8.84
C ILE C 1001 -17.36 -65.13 8.50
N GLY C 1002 -17.82 -65.02 7.25
CA GLY C 1002 -19.09 -65.58 6.81
C GLY C 1002 -19.10 -67.07 6.53
N THR C 1003 -17.95 -67.64 6.21
CA THR C 1003 -17.93 -69.00 5.70
C THR C 1003 -18.28 -69.99 6.77
N GLY C 1004 -17.49 -70.00 7.84
CA GLY C 1004 -17.64 -70.98 8.91
C GLY C 1004 -18.96 -70.89 9.65
N VAL C 1005 -19.44 -69.66 9.84
CA VAL C 1005 -20.74 -69.47 10.50
C VAL C 1005 -21.93 -70.03 9.75
N ILE C 1006 -21.80 -70.21 8.42
CA ILE C 1006 -22.82 -70.89 7.60
C ILE C 1006 -22.74 -72.36 7.87
N GLY C 1007 -21.53 -72.87 7.80
CA GLY C 1007 -21.32 -74.24 8.09
C GLY C 1007 -21.92 -74.66 9.42
N GLY C 1008 -21.34 -74.13 10.50
CA GLY C 1008 -21.78 -74.35 11.89
C GLY C 1008 -23.27 -74.20 12.08
N MET C 1009 -23.87 -73.13 11.57
CA MET C 1009 -25.33 -73.02 11.63
C MET C 1009 -26.09 -74.10 10.79
N VAL C 1010 -25.44 -74.68 9.79
CA VAL C 1010 -26.03 -75.80 9.06
C VAL C 1010 -26.02 -77.02 9.96
N THR C 1011 -24.84 -77.48 10.40
CA THR C 1011 -24.76 -78.71 11.20
C THR C 1011 -25.17 -78.51 12.66
N ALA C 1012 -25.72 -77.36 12.98
CA ALA C 1012 -26.33 -77.15 14.29
C ALA C 1012 -27.83 -77.00 14.14
N THR C 1013 -28.34 -77.13 12.92
CA THR C 1013 -29.77 -77.21 12.68
C THR C 1013 -30.19 -78.57 12.18
N VAL C 1014 -29.32 -79.29 11.46
CA VAL C 1014 -29.63 -80.68 11.05
C VAL C 1014 -29.08 -81.74 12.02
N LEU C 1015 -27.84 -81.58 12.51
CA LEU C 1015 -27.29 -82.49 13.56
C LEU C 1015 -27.91 -82.27 14.97
N ALA C 1016 -28.11 -81.03 15.38
CA ALA C 1016 -28.59 -80.74 16.74
C ALA C 1016 -30.00 -81.28 16.97
N ILE C 1017 -30.98 -80.85 16.16
CA ILE C 1017 -32.40 -81.24 16.37
C ILE C 1017 -32.65 -82.75 16.70
N PHE C 1018 -31.68 -83.61 16.44
CA PHE C 1018 -31.77 -85.04 16.78
C PHE C 1018 -31.05 -85.37 18.06
N TRP C 1019 -29.81 -84.92 18.21
CA TRP C 1019 -28.97 -85.23 19.37
C TRP C 1019 -29.31 -84.43 20.64
N VAL C 1020 -29.95 -83.26 20.51
CA VAL C 1020 -30.31 -82.42 21.66
C VAL C 1020 -31.36 -83.11 22.52
N PRO C 1021 -32.50 -83.51 21.92
CA PRO C 1021 -33.55 -84.26 22.63
C PRO C 1021 -33.05 -85.55 23.26
N LEU C 1022 -31.96 -86.09 22.74
CA LEU C 1022 -31.30 -87.25 23.26
C LEU C 1022 -30.44 -86.89 24.46
N PHE C 1023 -29.59 -85.87 24.33
CA PHE C 1023 -28.67 -85.48 25.43
C PHE C 1023 -29.40 -85.10 26.72
N TYR C 1024 -30.49 -84.33 26.57
CA TYR C 1024 -31.37 -83.91 27.65
C TYR C 1024 -31.85 -85.14 28.38
N VAL C 1025 -32.75 -85.87 27.74
CA VAL C 1025 -33.33 -87.09 28.29
C VAL C 1025 -32.25 -88.04 28.86
N ALA C 1026 -31.09 -88.12 28.21
CA ALA C 1026 -29.92 -88.86 28.74
C ALA C 1026 -29.33 -88.31 30.06
N VAL C 1027 -28.98 -87.03 30.09
CA VAL C 1027 -28.43 -86.41 31.32
C VAL C 1027 -29.48 -86.29 32.46
N SER C 1028 -30.73 -85.99 32.09
CA SER C 1028 -31.83 -85.91 33.07
C SER C 1028 -32.13 -87.20 33.81
N THR C 1029 -32.14 -88.34 33.12
CA THR C 1029 -32.35 -89.65 33.77
C THR C 1029 -31.04 -90.28 34.31
N LEU C 1030 -30.01 -89.45 34.51
CA LEU C 1030 -28.69 -89.92 34.96
C LEU C 1030 -28.64 -89.99 36.48
N MET D 1 41.59 59.61 -34.56
CA MET D 1 40.59 60.65 -34.19
C MET D 1 40.85 61.52 -32.92
N SER D 2 41.82 61.18 -32.08
CA SER D 2 42.12 62.01 -30.94
C SER D 2 42.79 63.32 -31.33
N LYS D 3 43.72 63.28 -32.30
CA LYS D 3 44.35 64.50 -32.77
C LYS D 3 43.30 65.48 -33.33
N PHE D 4 42.28 64.90 -33.95
CA PHE D 4 41.16 65.66 -34.42
C PHE D 4 40.50 66.40 -33.25
N PHE D 5 40.12 65.67 -32.22
CA PHE D 5 39.34 66.23 -31.14
C PHE D 5 40.22 67.10 -30.23
N ILE D 6 41.52 66.80 -30.16
CA ILE D 6 42.46 67.64 -29.39
C ILE D 6 42.42 69.09 -29.88
N ASP D 7 42.14 69.28 -31.15
CA ASP D 7 41.99 70.60 -31.72
C ASP D 7 40.53 71.04 -31.80
N ARG D 8 39.61 70.22 -31.33
CA ARG D 8 38.16 70.46 -31.46
C ARG D 8 37.42 70.07 -30.20
N PRO D 9 37.81 70.67 -29.07
CA PRO D 9 37.32 70.31 -27.75
C PRO D 9 35.85 70.49 -27.62
N ILE D 10 35.29 71.46 -28.32
CA ILE D 10 33.84 71.58 -28.35
C ILE D 10 33.13 70.42 -29.05
N PHE D 11 33.62 69.99 -30.22
CA PHE D 11 33.10 68.80 -30.89
C PHE D 11 33.19 67.69 -29.85
N ALA D 12 34.39 67.43 -29.31
CA ALA D 12 34.54 66.39 -28.26
C ALA D 12 33.47 66.53 -27.17
N TRP D 13 33.35 67.76 -26.65
CA TRP D 13 32.31 68.02 -25.64
C TRP D 13 30.91 67.61 -26.11
N VAL D 14 30.55 67.99 -27.34
CA VAL D 14 29.23 67.75 -27.89
C VAL D 14 28.95 66.25 -27.96
N ILE D 15 29.96 65.47 -28.38
CA ILE D 15 29.86 63.98 -28.39
C ILE D 15 29.51 63.44 -27.01
N ALA D 16 30.10 64.04 -26.00
CA ALA D 16 29.89 63.66 -24.62
C ALA D 16 28.48 64.03 -24.17
N LEU D 17 28.00 65.23 -24.53
CA LEU D 17 26.64 65.66 -24.19
C LEU D 17 25.61 64.81 -24.87
N VAL D 18 25.82 64.48 -26.14
CA VAL D 18 24.85 63.70 -26.90
C VAL D 18 24.66 62.29 -26.33
N ILE D 19 25.76 61.66 -25.96
CA ILE D 19 25.75 60.40 -25.24
C ILE D 19 24.98 60.53 -23.90
N MET D 20 25.43 61.48 -23.04
CA MET D 20 24.74 61.79 -21.75
C MET D 20 23.26 62.05 -21.92
N LEU D 21 22.96 62.88 -22.90
CA LEU D 21 21.60 63.20 -23.29
C LEU D 21 20.78 61.97 -23.61
N ALA D 22 21.33 61.07 -24.41
CA ALA D 22 20.67 59.83 -24.83
C ALA D 22 20.42 58.93 -23.66
N GLY D 23 21.45 58.74 -22.82
CA GLY D 23 21.29 58.07 -21.52
C GLY D 23 20.19 58.64 -20.63
N GLY D 24 20.16 59.96 -20.47
CA GLY D 24 19.16 60.61 -19.65
C GLY D 24 17.77 60.24 -20.12
N LEU D 25 17.51 60.47 -21.39
CA LEU D 25 16.24 60.07 -21.98
C LEU D 25 15.98 58.54 -21.91
N SER D 26 17.03 57.72 -21.91
CA SER D 26 16.92 56.26 -21.68
C SER D 26 16.48 55.90 -20.28
N ILE D 27 17.08 56.55 -19.28
CA ILE D 27 16.66 56.40 -17.87
C ILE D 27 15.16 56.68 -17.69
N LEU D 28 14.66 57.71 -18.36
CA LEU D 28 13.23 58.08 -18.31
C LEU D 28 12.29 57.02 -18.87
N SER D 29 12.82 56.08 -19.63
CA SER D 29 11.97 55.06 -20.22
C SER D 29 12.31 53.63 -19.84
N LEU D 30 13.47 53.41 -19.25
CA LEU D 30 13.82 52.07 -18.92
C LEU D 30 12.83 51.63 -17.84
N PRO D 31 12.20 50.45 -18.05
CA PRO D 31 11.46 49.88 -16.92
C PRO D 31 12.40 49.65 -15.76
N VAL D 32 12.03 50.09 -14.56
CA VAL D 32 12.86 49.73 -13.39
C VAL D 32 12.22 48.51 -12.73
N ASN D 33 13.06 47.57 -12.29
CA ASN D 33 12.61 46.45 -11.46
C ASN D 33 13.77 45.74 -10.75
N GLN D 34 13.43 44.84 -9.82
CA GLN D 34 14.41 44.14 -8.99
C GLN D 34 15.32 43.21 -9.79
N TYR D 35 14.79 42.13 -10.36
CA TYR D 35 15.55 41.22 -11.24
C TYR D 35 14.90 41.11 -12.64
N PRO D 36 15.70 40.81 -13.68
CA PRO D 36 15.03 40.55 -14.96
C PRO D 36 14.09 39.37 -14.85
N ALA D 37 13.08 39.35 -15.68
CA ALA D 37 12.07 38.30 -15.61
C ALA D 37 12.75 36.97 -15.89
N ILE D 38 12.49 35.98 -15.04
CA ILE D 38 12.96 34.64 -15.29
C ILE D 38 11.96 33.53 -15.00
N ALA D 39 10.76 33.87 -14.56
CA ALA D 39 9.78 32.86 -14.17
C ALA D 39 8.88 32.59 -15.34
N PRO D 40 8.50 31.31 -15.55
CA PRO D 40 7.79 30.94 -16.76
C PRO D 40 6.37 31.48 -16.69
N PRO D 41 5.77 31.82 -17.86
CA PRO D 41 4.36 32.26 -17.90
C PRO D 41 3.40 31.14 -17.49
N ALA D 42 2.29 31.50 -16.84
CA ALA D 42 1.25 30.53 -16.55
C ALA D 42 -0.17 31.08 -16.67
N ILE D 43 -1.03 30.25 -17.26
CA ILE D 43 -2.45 30.54 -17.52
C ILE D 43 -3.23 29.83 -16.38
N ALA D 44 -4.30 30.45 -15.87
CA ALA D 44 -5.10 29.85 -14.77
C ALA D 44 -6.60 29.86 -15.08
N VAL D 45 -7.21 28.68 -15.05
CA VAL D 45 -8.69 28.52 -15.15
C VAL D 45 -9.28 28.44 -13.75
N GLN D 46 -10.23 29.30 -13.42
CA GLN D 46 -10.82 29.33 -12.06
C GLN D 46 -12.33 29.54 -12.01
N VAL D 47 -13.03 28.65 -11.28
CA VAL D 47 -14.50 28.68 -11.15
C VAL D 47 -14.88 28.07 -9.82
N SER D 48 -16.06 28.44 -9.33
CA SER D 48 -16.67 27.79 -8.14
C SER D 48 -17.95 27.07 -8.43
N TYR D 49 -18.10 25.86 -7.88
CA TYR D 49 -19.37 25.15 -7.85
C TYR D 49 -19.95 25.33 -6.43
N PRO D 50 -20.93 26.25 -6.24
CA PRO D 50 -21.46 26.48 -4.88
C PRO D 50 -22.14 25.24 -4.29
N GLY D 51 -21.67 24.81 -3.11
CA GLY D 51 -22.18 23.65 -2.42
C GLY D 51 -21.41 22.38 -2.62
N ALA D 52 -20.84 22.20 -3.79
CA ALA D 52 -20.05 21.00 -4.09
C ALA D 52 -18.86 20.77 -3.14
N SER D 53 -18.41 19.52 -3.16
CA SER D 53 -17.27 19.08 -2.39
C SER D 53 -16.08 18.85 -3.30
N ALA D 54 -14.91 18.81 -2.68
CA ALA D 54 -13.66 18.51 -3.34
C ALA D 54 -13.70 17.37 -4.36
N GLU D 55 -14.40 16.27 -4.07
CA GLU D 55 -14.47 15.17 -5.09
C GLU D 55 -15.44 15.50 -6.23
N THR D 56 -16.55 16.16 -5.92
CA THR D 56 -17.55 16.57 -6.93
C THR D 56 -16.90 17.56 -7.90
N VAL D 57 -16.29 18.60 -7.31
CA VAL D 57 -15.54 19.60 -8.10
C VAL D 57 -14.42 18.93 -8.90
N GLN D 58 -13.68 17.98 -8.32
CA GLN D 58 -12.68 17.26 -9.10
C GLN D 58 -13.29 16.46 -10.27
N ASP D 59 -14.21 15.56 -9.98
CA ASP D 59 -14.73 14.60 -10.97
C ASP D 59 -15.78 15.14 -11.95
N THR D 60 -16.48 16.23 -11.61
CA THR D 60 -17.43 16.88 -12.53
C THR D 60 -16.86 18.14 -13.26
N VAL D 61 -15.62 18.54 -12.97
CA VAL D 61 -15.04 19.77 -13.53
C VAL D 61 -13.56 19.59 -13.87
N VAL D 62 -12.70 19.69 -12.86
CA VAL D 62 -11.25 19.77 -13.04
C VAL D 62 -10.83 18.68 -14.06
N GLN D 63 -11.27 17.48 -13.78
CA GLN D 63 -10.97 16.35 -14.61
C GLN D 63 -11.52 16.45 -16.03
N VAL D 64 -12.74 16.96 -16.22
CA VAL D 64 -13.30 17.01 -17.58
C VAL D 64 -12.64 18.09 -18.44
N ILE D 65 -12.19 19.17 -17.79
CA ILE D 65 -11.32 20.22 -18.39
C ILE D 65 -9.85 19.74 -18.73
N GLU D 66 -9.22 18.99 -17.84
CA GLU D 66 -7.84 18.55 -18.01
C GLU D 66 -7.69 17.58 -19.15
N GLN D 67 -8.73 16.80 -19.42
CA GLN D 67 -8.70 15.88 -20.59
C GLN D 67 -8.63 16.53 -21.98
N GLN D 68 -9.02 17.80 -22.06
CA GLN D 68 -8.85 18.61 -23.27
C GLN D 68 -7.54 19.42 -23.36
N MET D 69 -6.82 19.57 -22.26
CA MET D 69 -5.52 20.30 -22.21
C MET D 69 -4.34 19.55 -22.83
N ASN D 70 -4.40 19.44 -24.14
CA ASN D 70 -3.32 18.90 -24.96
C ASN D 70 -3.32 19.70 -26.27
N GLY D 71 -2.38 19.40 -27.15
CA GLY D 71 -2.18 20.20 -28.35
C GLY D 71 -2.06 21.66 -28.03
N ILE D 72 -1.28 21.97 -27.00
CA ILE D 72 -1.04 23.33 -26.59
C ILE D 72 0.44 23.53 -26.66
N ASP D 73 0.90 24.59 -27.33
CA ASP D 73 2.34 24.79 -27.56
C ASP D 73 3.11 25.30 -26.34
N ASN D 74 4.37 24.85 -26.28
CA ASN D 74 5.32 25.13 -25.22
C ASN D 74 4.79 24.90 -23.82
N LEU D 75 4.04 23.81 -23.66
CA LEU D 75 3.46 23.50 -22.36
C LEU D 75 4.44 22.68 -21.54
N ARG D 76 4.83 23.21 -20.38
CA ARG D 76 5.85 22.55 -19.55
C ARG D 76 5.17 21.52 -18.64
N TYR D 77 4.14 21.96 -17.91
CA TYR D 77 3.36 21.06 -17.05
C TYR D 77 2.07 21.73 -16.63
N ILE D 78 1.18 20.94 -16.06
CA ILE D 78 -0.16 21.37 -15.66
C ILE D 78 -0.43 20.89 -14.21
N SER D 79 -1.13 21.69 -13.41
CA SER D 79 -1.46 21.31 -12.03
C SER D 79 -2.84 21.85 -11.67
N SER D 80 -3.50 21.20 -10.73
CA SER D 80 -4.81 21.65 -10.28
C SER D 80 -5.02 21.39 -8.80
N GLU D 81 -6.08 22.02 -8.27
CA GLU D 81 -6.57 21.81 -6.92
C GLU D 81 -8.13 21.86 -6.92
N SER D 82 -8.76 20.95 -6.17
CA SER D 82 -10.22 20.92 -5.98
C SER D 82 -10.52 21.06 -4.48
N ASN D 83 -11.17 22.14 -4.07
CA ASN D 83 -11.41 22.45 -2.65
C ASN D 83 -12.84 22.21 -2.08
N SER D 84 -12.92 22.22 -0.76
CA SER D 84 -14.19 22.04 -0.04
C SER D 84 -15.18 23.17 -0.27
N ASP D 85 -14.68 24.41 -0.36
CA ASP D 85 -15.57 25.52 -0.63
C ASP D 85 -16.09 25.53 -2.08
N GLY D 86 -15.78 24.45 -2.81
CA GLY D 86 -16.38 24.20 -4.12
C GLY D 86 -15.69 24.98 -5.21
N SER D 87 -14.41 25.26 -5.01
CA SER D 87 -13.66 26.10 -5.92
C SER D 87 -12.51 25.27 -6.49
N MET D 88 -12.09 25.60 -7.71
CA MET D 88 -10.92 24.97 -8.28
C MET D 88 -10.02 25.96 -8.99
N THR D 89 -8.75 25.60 -9.09
CA THR D 89 -7.79 26.28 -9.93
C THR D 89 -7.06 25.21 -10.75
N ILE D 90 -7.16 25.27 -12.08
CA ILE D 90 -6.24 24.58 -12.96
C ILE D 90 -5.22 25.60 -13.43
N THR D 91 -3.94 25.22 -13.39
CA THR D 91 -2.83 26.13 -13.72
C THR D 91 -1.92 25.45 -14.72
N VAL D 92 -1.77 26.06 -15.91
CA VAL D 92 -0.99 25.57 -17.04
C VAL D 92 0.30 26.38 -17.13
N THR D 93 1.45 25.75 -17.13
CA THR D 93 2.67 26.50 -17.12
C THR D 93 3.46 26.19 -18.37
N PHE D 94 3.97 27.26 -18.98
CA PHE D 94 4.58 27.18 -20.28
C PHE D 94 6.06 27.35 -20.20
N GLU D 95 6.71 27.02 -21.30
CA GLU D 95 8.14 27.20 -21.38
C GLU D 95 8.50 28.68 -21.43
N GLN D 96 9.66 29.00 -20.87
CA GLN D 96 10.22 30.36 -20.94
C GLN D 96 10.26 30.78 -22.38
N GLY D 97 9.97 32.04 -22.64
CA GLY D 97 9.92 32.54 -24.02
C GLY D 97 8.56 32.51 -24.68
N THR D 98 7.63 31.67 -24.23
CA THR D 98 6.25 31.66 -24.71
C THR D 98 5.56 33.02 -24.59
N ASP D 99 4.66 33.30 -25.52
CA ASP D 99 3.92 34.57 -25.62
C ASP D 99 2.66 34.36 -24.79
N PRO D 100 2.52 35.09 -23.67
CA PRO D 100 1.34 34.93 -22.81
C PRO D 100 -0.02 35.09 -23.48
N ASP D 101 -0.11 36.00 -24.43
CA ASP D 101 -1.27 36.11 -25.27
C ASP D 101 -1.65 34.84 -26.01
N ILE D 102 -0.67 34.20 -26.61
CA ILE D 102 -0.95 33.00 -27.40
C ILE D 102 -1.27 31.82 -26.51
N ALA D 103 -0.56 31.76 -25.37
CA ALA D 103 -0.73 30.74 -24.31
C ALA D 103 -2.16 30.75 -23.82
N GLN D 104 -2.64 31.95 -23.48
CA GLN D 104 -4.02 32.14 -23.03
C GLN D 104 -5.01 31.82 -24.14
N VAL D 105 -4.83 32.35 -25.34
CA VAL D 105 -5.65 31.92 -26.47
C VAL D 105 -5.70 30.39 -26.58
N GLN D 106 -4.54 29.74 -26.51
CA GLN D 106 -4.53 28.27 -26.70
C GLN D 106 -5.30 27.51 -25.61
N VAL D 107 -5.23 28.00 -24.39
CA VAL D 107 -5.80 27.28 -23.29
C VAL D 107 -7.26 27.48 -23.37
N GLN D 108 -7.73 28.73 -23.48
CA GLN D 108 -9.18 28.94 -23.54
C GLN D 108 -9.81 28.22 -24.70
N ASN D 109 -9.05 28.07 -25.78
CA ASN D 109 -9.49 27.33 -26.93
C ASN D 109 -9.88 25.92 -26.56
N LYS D 110 -8.99 25.21 -25.88
CA LYS D 110 -9.27 23.87 -25.36
C LYS D 110 -10.33 23.92 -24.26
N LEU D 111 -10.16 24.82 -23.29
CA LEU D 111 -11.21 25.04 -22.28
C LEU D 111 -12.60 25.01 -22.87
N GLN D 112 -12.80 25.77 -23.91
CA GLN D 112 -14.10 25.84 -24.55
C GLN D 112 -14.65 24.52 -25.09
N LEU D 113 -13.81 23.55 -25.40
CA LEU D 113 -14.29 22.23 -25.82
C LEU D 113 -14.96 21.46 -24.67
N ALA D 114 -14.58 21.81 -23.45
CA ALA D 114 -15.00 21.12 -22.26
C ALA D 114 -16.21 21.81 -21.60
N THR D 115 -16.27 23.14 -21.65
CA THR D 115 -17.44 23.88 -21.16
C THR D 115 -18.82 23.27 -21.47
N PRO D 116 -19.06 22.82 -22.70
CA PRO D 116 -20.33 22.11 -22.95
C PRO D 116 -20.67 20.93 -21.99
N LEU D 117 -19.66 20.26 -21.44
CA LEU D 117 -19.84 19.12 -20.55
C LEU D 117 -19.76 19.46 -19.07
N LEU D 118 -19.98 20.71 -18.70
CA LEU D 118 -19.91 21.13 -17.30
C LEU D 118 -21.29 21.35 -16.76
N PRO D 119 -21.46 21.24 -15.44
CA PRO D 119 -22.78 21.54 -14.88
C PRO D 119 -23.20 22.97 -15.12
N GLN D 120 -24.49 23.14 -15.37
CA GLN D 120 -25.06 24.42 -15.74
C GLN D 120 -24.70 25.42 -14.64
N GLU D 121 -24.75 24.96 -13.40
CA GLU D 121 -24.44 25.83 -12.25
C GLU D 121 -22.99 26.31 -12.16
N VAL D 122 -22.05 25.54 -12.72
CA VAL D 122 -20.63 25.93 -12.78
C VAL D 122 -20.39 26.87 -13.97
N GLN D 123 -21.18 26.71 -15.01
CA GLN D 123 -21.11 27.57 -16.20
C GLN D 123 -21.65 28.94 -15.88
N ARG D 124 -22.87 28.95 -15.32
CA ARG D 124 -23.52 30.19 -14.89
C ARG D 124 -22.68 30.92 -13.87
N GLN D 125 -21.80 30.18 -13.19
CA GLN D 125 -20.87 30.79 -12.23
C GLN D 125 -19.98 31.87 -12.83
N GLY D 126 -19.32 31.54 -13.93
CA GLY D 126 -18.54 32.52 -14.70
C GLY D 126 -17.07 32.22 -14.54
N ILE D 127 -16.61 31.24 -15.30
CA ILE D 127 -15.23 30.76 -15.30
C ILE D 127 -14.24 31.92 -15.59
N ARG D 128 -13.04 31.86 -15.05
CA ARG D 128 -12.05 32.91 -15.32
C ARG D 128 -10.75 32.29 -15.78
N VAL D 129 -10.17 32.94 -16.81
CA VAL D 129 -8.92 32.50 -17.43
C VAL D 129 -8.02 33.66 -17.37
N THR D 130 -6.88 33.49 -16.72
CA THR D 130 -5.95 34.59 -16.54
C THR D 130 -4.51 34.22 -16.82
N LYS D 131 -3.69 35.26 -17.05
CA LYS D 131 -2.23 35.11 -17.34
C LYS D 131 -1.42 35.98 -16.40
N ALA D 132 -1.43 35.59 -15.14
CA ALA D 132 -0.79 36.37 -14.07
C ALA D 132 0.38 35.64 -13.47
N VAL D 133 1.13 36.37 -12.67
CA VAL D 133 2.32 35.88 -11.95
C VAL D 133 1.82 35.10 -10.78
N LYS D 134 2.61 34.16 -10.28
CA LYS D 134 2.17 33.35 -9.14
C LYS D 134 1.91 34.23 -7.89
N ASN D 135 2.96 34.93 -7.46
CA ASN D 135 2.93 35.74 -6.22
C ASN D 135 1.92 36.90 -6.29
N PHE D 136 1.63 37.50 -5.15
CA PHE D 136 0.78 38.67 -5.04
C PHE D 136 1.69 39.89 -5.02
N LEU D 137 1.17 40.99 -5.54
CA LEU D 137 1.87 42.27 -5.58
C LEU D 137 1.63 43.07 -4.32
N MET D 138 0.35 43.12 -3.93
CA MET D 138 -0.14 43.96 -2.85
C MET D 138 -1.57 43.56 -2.57
N VAL D 139 -2.15 44.16 -1.52
CA VAL D 139 -3.60 44.09 -1.25
C VAL D 139 -4.09 45.49 -1.03
N VAL D 140 -5.19 45.82 -1.69
CA VAL D 140 -5.90 47.08 -1.47
C VAL D 140 -7.05 46.76 -0.54
N GLY D 141 -6.89 47.04 0.75
CA GLY D 141 -7.97 46.88 1.76
C GLY D 141 -8.65 48.19 2.09
N VAL D 142 -9.94 48.13 2.40
CA VAL D 142 -10.65 49.26 3.05
C VAL D 142 -11.02 48.85 4.49
N VAL D 143 -11.46 49.83 5.27
CA VAL D 143 -11.72 49.65 6.70
C VAL D 143 -12.48 50.87 7.21
N SER D 144 -13.58 50.66 7.96
CA SER D 144 -14.46 51.78 8.42
C SER D 144 -13.77 52.67 9.43
N THR D 145 -13.78 53.98 9.21
CA THR D 145 -13.09 54.92 10.11
C THR D 145 -13.80 55.10 11.47
N ASP D 146 -15.00 54.53 11.62
CA ASP D 146 -15.75 54.60 12.89
C ASP D 146 -16.69 53.39 13.17
N GLY D 147 -16.18 52.17 12.97
CA GLY D 147 -16.97 50.93 13.13
C GLY D 147 -18.39 50.88 12.54
N SER D 148 -18.80 51.88 11.76
CA SER D 148 -20.17 51.97 11.23
C SER D 148 -20.44 50.98 10.08
N MET D 149 -19.38 50.34 9.58
CA MET D 149 -19.49 49.27 8.58
C MET D 149 -18.75 47.98 9.01
N THR D 150 -19.43 46.85 8.80
CA THR D 150 -18.87 45.52 9.10
C THR D 150 -18.10 44.97 7.90
N LYS D 151 -17.42 43.83 8.09
CA LYS D 151 -16.78 43.08 7.00
C LYS D 151 -17.61 43.09 5.71
N GLU D 152 -18.78 42.44 5.74
CA GLU D 152 -19.68 42.30 4.58
C GLU D 152 -19.87 43.60 3.84
N ASP D 153 -20.13 44.67 4.59
CA ASP D 153 -20.41 46.00 4.03
C ASP D 153 -19.21 46.55 3.26
N LEU D 154 -18.02 46.43 3.87
CA LEU D 154 -16.78 46.89 3.25
C LEU D 154 -16.46 46.12 1.98
N SER D 155 -16.77 44.83 1.94
CA SER D 155 -16.57 44.01 0.76
C SER D 155 -17.46 44.49 -0.36
N ASN D 156 -18.74 44.65 -0.07
CA ASN D 156 -19.68 45.10 -1.07
C ASN D 156 -19.26 46.38 -1.76
N TYR D 157 -18.55 47.27 -1.07
CA TYR D 157 -18.04 48.49 -1.71
C TYR D 157 -16.85 48.13 -2.61
N ILE D 158 -16.01 47.20 -2.14
CA ILE D 158 -14.86 46.72 -2.90
C ILE D 158 -15.34 46.17 -4.24
N VAL D 159 -16.10 45.10 -4.20
CA VAL D 159 -16.46 44.36 -5.41
C VAL D 159 -17.30 45.18 -6.37
N SER D 160 -18.12 46.08 -5.84
CA SER D 160 -19.07 46.86 -6.67
C SER D 160 -18.60 48.23 -7.16
N ASN D 161 -17.47 48.71 -6.67
CA ASN D 161 -16.94 50.05 -7.01
C ASN D 161 -15.46 50.08 -7.40
N ILE D 162 -14.63 49.32 -6.67
CA ILE D 162 -13.18 49.31 -6.83
C ILE D 162 -12.72 48.18 -7.74
N GLN D 163 -13.29 46.99 -7.58
CA GLN D 163 -12.88 45.79 -8.31
C GLN D 163 -12.95 45.88 -9.85
N ASP D 164 -14.06 46.28 -10.45
CA ASP D 164 -14.11 46.42 -11.92
C ASP D 164 -13.11 47.44 -12.49
N PRO D 165 -13.05 48.70 -11.94
CA PRO D 165 -11.99 49.66 -12.36
C PRO D 165 -10.57 49.17 -12.15
N LEU D 166 -10.36 48.43 -11.08
CA LEU D 166 -9.07 47.87 -10.78
C LEU D 166 -8.70 46.70 -11.67
N SER D 167 -9.67 45.80 -11.94
CA SER D 167 -9.39 44.61 -12.78
C SER D 167 -9.03 44.95 -14.22
N ARG D 168 -9.35 46.17 -14.64
CA ARG D 168 -8.99 46.67 -15.95
C ARG D 168 -8.05 47.87 -15.89
N THR D 169 -7.15 47.83 -14.91
CA THR D 169 -6.10 48.84 -14.73
C THR D 169 -4.86 48.22 -15.34
N LYS D 170 -4.08 48.99 -16.07
CA LYS D 170 -2.90 48.46 -16.74
C LYS D 170 -1.98 47.70 -15.79
N GLY D 171 -1.67 46.47 -16.16
CA GLY D 171 -0.74 45.61 -15.45
C GLY D 171 -1.34 44.55 -14.56
N VAL D 172 -2.62 44.69 -14.17
CA VAL D 172 -3.15 43.74 -13.18
C VAL D 172 -3.84 42.65 -13.92
N GLY D 173 -3.32 41.46 -13.79
CA GLY D 173 -3.84 40.32 -14.53
C GLY D 173 -4.73 39.38 -13.75
N ASP D 174 -4.69 39.48 -12.44
CA ASP D 174 -5.63 38.73 -11.59
C ASP D 174 -5.85 39.48 -10.30
N PHE D 175 -6.86 39.04 -9.56
CA PHE D 175 -7.14 39.57 -8.24
C PHE D 175 -7.95 38.55 -7.47
N GLN D 176 -7.65 38.40 -6.18
CA GLN D 176 -8.49 37.61 -5.27
C GLN D 176 -9.12 38.57 -4.30
N VAL D 177 -10.44 38.64 -4.31
CA VAL D 177 -11.14 39.52 -3.35
C VAL D 177 -11.32 38.71 -2.05
N PHE D 178 -10.90 39.27 -0.90
CA PHE D 178 -11.03 38.64 0.43
C PHE D 178 -12.34 39.03 1.14
N GLY D 179 -13.44 38.60 0.54
CA GLY D 179 -14.76 39.05 0.88
C GLY D 179 -15.66 38.66 -0.27
N SER D 180 -16.85 39.27 -0.30
CA SER D 180 -17.81 39.06 -1.37
C SER D 180 -18.73 40.26 -1.52
N GLN D 181 -19.56 40.27 -2.56
CA GLN D 181 -20.59 41.32 -2.66
C GLN D 181 -21.94 40.80 -2.14
N TYR D 182 -22.92 41.70 -2.03
CA TYR D 182 -24.25 41.31 -1.59
C TYR D 182 -24.95 40.46 -2.61
N SER D 183 -25.95 39.75 -2.13
CA SER D 183 -26.87 39.03 -2.97
C SER D 183 -28.13 38.86 -2.16
N MET D 184 -29.27 38.69 -2.83
CA MET D 184 -30.50 38.43 -2.09
C MET D 184 -30.41 37.02 -1.50
N ARG D 185 -30.33 36.96 -0.17
CA ARG D 185 -30.16 35.70 0.56
C ARG D 185 -31.47 35.20 1.22
N ILE D 186 -32.11 34.24 0.57
CA ILE D 186 -33.39 33.66 1.00
C ILE D 186 -33.03 32.60 2.03
N TRP D 187 -33.54 32.75 3.26
CA TRP D 187 -33.18 31.86 4.40
C TRP D 187 -34.33 30.91 4.80
N LEU D 188 -34.44 29.84 4.02
CA LEU D 188 -35.51 28.84 4.12
C LEU D 188 -35.59 28.10 5.47
N ASP D 189 -36.80 28.07 6.06
CA ASP D 189 -37.09 27.35 7.32
C ASP D 189 -37.91 26.08 7.06
N PRO D 190 -37.33 24.88 7.28
CA PRO D 190 -38.03 23.63 6.91
C PRO D 190 -39.33 23.38 7.70
N ALA D 191 -39.39 23.99 8.88
CA ALA D 191 -40.61 24.01 9.70
C ALA D 191 -41.75 24.71 8.95
N LYS D 192 -41.67 26.04 8.83
CA LYS D 192 -42.63 26.81 8.02
C LYS D 192 -42.85 26.14 6.64
N LEU D 193 -41.76 25.62 6.06
CA LEU D 193 -41.78 24.93 4.77
C LEU D 193 -42.76 23.75 4.77
N ASN D 194 -42.52 22.78 5.65
CA ASN D 194 -43.35 21.57 5.80
C ASN D 194 -44.84 21.87 6.10
N SER D 195 -45.08 22.95 6.84
CA SER D 195 -46.44 23.41 7.18
C SER D 195 -47.29 23.73 5.96
N TYR D 196 -46.90 24.77 5.21
CA TYR D 196 -47.70 25.22 4.08
C TYR D 196 -47.70 24.26 2.86
N GLN D 197 -47.17 23.03 3.03
CA GLN D 197 -47.11 21.99 1.98
C GLN D 197 -46.19 22.42 0.84
N LEU D 198 -44.95 22.80 1.20
CA LEU D 198 -43.97 23.34 0.23
C LEU D 198 -42.56 22.75 0.38
N THR D 199 -41.85 22.72 -0.75
CA THR D 199 -40.45 22.28 -0.83
C THR D 199 -39.57 23.44 -1.30
N PRO D 200 -38.23 23.28 -1.22
CA PRO D 200 -37.37 24.38 -1.69
C PRO D 200 -37.51 24.61 -3.21
N GLY D 201 -37.60 23.50 -3.97
CA GLY D 201 -37.94 23.53 -5.39
C GLY D 201 -39.05 24.48 -5.79
N ASP D 202 -40.15 24.53 -5.03
CA ASP D 202 -41.27 25.43 -5.35
C ASP D 202 -40.82 26.88 -5.29
N VAL D 203 -40.20 27.23 -4.15
CA VAL D 203 -39.64 28.58 -3.95
C VAL D 203 -38.65 28.97 -5.06
N SER D 204 -37.80 28.03 -5.50
CA SER D 204 -36.89 28.28 -6.61
C SER D 204 -37.69 28.58 -7.85
N SER D 205 -38.53 27.63 -8.25
CA SER D 205 -39.44 27.80 -9.42
C SER D 205 -40.18 29.12 -9.33
N ALA D 206 -40.64 29.45 -8.12
CA ALA D 206 -41.34 30.69 -7.85
C ALA D 206 -40.43 31.89 -8.10
N ILE D 207 -39.26 31.90 -7.44
CA ILE D 207 -38.25 32.98 -7.62
C ILE D 207 -37.83 33.10 -9.10
N GLN D 208 -37.68 31.94 -9.75
CA GLN D 208 -37.42 31.87 -11.20
C GLN D 208 -38.51 32.46 -12.09
N ALA D 209 -39.77 32.44 -11.65
CA ALA D 209 -40.89 32.93 -12.47
C ALA D 209 -41.44 34.27 -12.03
N GLN D 210 -40.86 34.88 -10.99
CA GLN D 210 -41.38 36.18 -10.50
C GLN D 210 -40.36 37.32 -10.32
N ASN D 211 -39.09 36.97 -10.23
CA ASN D 211 -38.01 37.96 -10.22
C ASN D 211 -37.44 38.23 -11.61
N VAL D 212 -38.15 37.83 -12.65
CA VAL D 212 -37.66 37.96 -14.03
C VAL D 212 -37.53 39.41 -14.51
N GLN D 213 -36.79 39.56 -15.62
CA GLN D 213 -36.64 40.85 -16.34
C GLN D 213 -37.11 40.67 -17.77
N ILE D 214 -38.21 39.96 -17.95
CA ILE D 214 -38.75 39.63 -19.28
C ILE D 214 -38.88 40.77 -20.30
N SER D 215 -38.71 40.36 -21.56
CA SER D 215 -38.81 41.21 -22.72
C SER D 215 -40.28 41.29 -23.12
N SER D 216 -40.78 42.49 -23.42
CA SER D 216 -42.23 42.72 -23.56
C SER D 216 -42.63 43.69 -24.68
N GLY D 217 -41.95 43.62 -25.82
CA GLY D 217 -42.32 44.42 -26.99
C GLY D 217 -42.41 45.92 -26.73
N GLN D 218 -43.20 46.57 -27.59
CA GLN D 218 -43.48 48.01 -27.48
C GLN D 218 -44.85 48.32 -28.12
N LEU D 219 -45.32 49.56 -28.01
CA LEU D 219 -46.62 49.95 -28.58
C LEU D 219 -46.59 49.85 -30.08
N GLY D 220 -45.97 50.83 -30.73
CA GLY D 220 -46.03 50.93 -32.19
C GLY D 220 -45.03 50.01 -32.87
N GLY D 221 -44.94 48.77 -32.36
CA GLY D 221 -43.86 47.87 -32.67
C GLY D 221 -43.75 47.72 -34.17
N LEU D 222 -42.51 47.69 -34.67
CA LEU D 222 -42.31 47.47 -36.08
C LEU D 222 -42.38 45.94 -36.37
N PRO D 223 -42.85 45.54 -37.56
CA PRO D 223 -43.52 46.42 -38.53
C PRO D 223 -44.88 46.90 -37.99
N ALA D 224 -45.23 48.13 -38.37
CA ALA D 224 -46.44 48.80 -37.90
C ALA D 224 -47.56 48.69 -38.92
N VAL D 225 -48.77 49.10 -38.53
CA VAL D 225 -49.89 49.30 -39.48
C VAL D 225 -49.84 50.72 -40.03
N LYS D 226 -50.24 50.85 -41.29
CA LYS D 226 -50.19 52.15 -41.97
C LYS D 226 -51.01 53.15 -41.17
N GLY D 227 -50.50 54.37 -41.05
CA GLY D 227 -51.17 55.46 -40.31
C GLY D 227 -50.68 55.69 -38.90
N GLN D 228 -50.30 54.63 -38.20
CA GLN D 228 -49.81 54.69 -36.81
C GLN D 228 -49.02 55.96 -36.47
N GLN D 229 -49.36 56.60 -35.36
CA GLN D 229 -48.71 57.86 -34.93
C GLN D 229 -48.04 57.82 -33.56
N LEU D 230 -48.21 56.72 -32.83
CA LEU D 230 -47.75 56.55 -31.45
C LEU D 230 -46.83 55.33 -31.31
N ASN D 231 -45.93 55.37 -30.34
CA ASN D 231 -45.01 54.26 -30.09
C ASN D 231 -44.36 54.43 -28.73
N ALA D 232 -44.16 53.33 -28.01
CA ALA D 232 -43.60 53.39 -26.66
C ALA D 232 -43.14 52.02 -26.11
N THR D 233 -42.14 52.06 -25.24
CA THR D 233 -41.57 50.89 -24.64
C THR D 233 -42.57 50.30 -23.66
N ILE D 234 -43.07 49.10 -23.93
CA ILE D 234 -43.92 48.39 -22.95
C ILE D 234 -43.02 47.70 -21.90
N ILE D 235 -42.65 48.46 -20.86
CA ILE D 235 -41.90 47.86 -19.75
C ILE D 235 -42.84 46.94 -18.96
N GLY D 236 -42.49 45.65 -18.91
CA GLY D 236 -43.34 44.61 -18.33
C GLY D 236 -42.81 44.26 -16.96
N LYS D 237 -42.83 42.97 -16.62
CA LYS D 237 -42.28 42.53 -15.35
C LYS D 237 -40.80 42.91 -15.26
N THR D 238 -40.42 43.53 -14.14
CA THR D 238 -39.07 44.03 -13.95
C THR D 238 -38.51 43.47 -12.66
N ARG D 239 -37.31 42.88 -12.74
CA ARG D 239 -36.54 42.40 -11.55
C ARG D 239 -36.66 43.20 -10.26
N LEU D 240 -36.58 42.47 -9.17
CA LEU D 240 -36.75 43.00 -7.85
C LEU D 240 -35.41 43.56 -7.35
N GLN D 241 -35.47 44.28 -6.23
CA GLN D 241 -34.29 44.96 -5.67
C GLN D 241 -34.22 44.89 -4.17
N THR D 242 -35.27 45.39 -3.54
CA THR D 242 -35.37 45.55 -2.10
C THR D 242 -35.73 44.25 -1.39
N ALA D 243 -35.25 44.11 -0.14
CA ALA D 243 -35.51 42.92 0.69
C ALA D 243 -37.00 42.67 0.90
N GLU D 244 -37.73 43.71 1.34
CA GLU D 244 -39.21 43.68 1.43
C GLU D 244 -39.97 43.29 0.13
N GLN D 245 -39.34 43.50 -1.02
CA GLN D 245 -39.90 43.15 -2.33
C GLN D 245 -39.87 41.65 -2.61
N PHE D 246 -38.88 40.95 -2.08
CA PHE D 246 -38.79 39.49 -2.29
C PHE D 246 -39.73 38.77 -1.34
N GLU D 247 -40.12 39.45 -0.25
CA GLU D 247 -41.09 38.93 0.73
C GLU D 247 -42.35 38.40 0.04
N ASN D 248 -42.84 39.17 -0.95
CA ASN D 248 -44.06 38.83 -1.70
C ASN D 248 -43.84 37.97 -2.93
N ILE D 249 -44.10 36.68 -2.79
CA ILE D 249 -43.92 35.71 -3.87
C ILE D 249 -45.04 34.68 -3.68
N LEU D 250 -45.93 34.57 -4.67
CA LEU D 250 -46.93 33.49 -4.69
C LEU D 250 -46.24 32.17 -4.40
N LEU D 251 -46.95 31.27 -3.73
CA LEU D 251 -46.39 29.94 -3.45
C LEU D 251 -47.43 28.84 -3.58
N LYS D 252 -48.59 29.03 -2.93
CA LYS D 252 -49.66 28.05 -2.88
C LYS D 252 -51.04 28.73 -3.10
N VAL D 253 -52.02 27.90 -3.44
CA VAL D 253 -53.44 28.30 -3.50
C VAL D 253 -54.02 28.53 -2.08
N ASN D 254 -55.07 29.33 -2.02
CA ASN D 254 -55.63 29.74 -0.74
C ASN D 254 -57.19 29.71 -0.69
N PRO D 255 -57.83 28.56 -1.10
CA PRO D 255 -59.32 28.52 -1.09
C PRO D 255 -59.87 28.88 0.29
N ASP D 256 -59.35 28.21 1.31
CA ASP D 256 -59.61 28.51 2.73
C ASP D 256 -58.89 29.75 3.33
N GLY D 257 -58.78 30.85 2.58
CA GLY D 257 -58.07 32.06 3.03
C GLY D 257 -56.54 31.92 3.13
N SER D 258 -55.91 32.88 3.81
CA SER D 258 -54.43 33.06 3.82
C SER D 258 -53.86 33.42 2.45
N GLN D 259 -52.57 33.76 2.43
CA GLN D 259 -51.79 33.89 1.20
C GLN D 259 -50.39 33.43 1.53
N VAL D 260 -49.93 32.39 0.85
CA VAL D 260 -48.63 31.81 1.17
C VAL D 260 -47.58 32.63 0.41
N ARG D 261 -47.01 33.62 1.10
CA ARG D 261 -45.97 34.49 0.54
C ARG D 261 -44.56 34.09 1.05
N LEU D 262 -43.50 34.62 0.43
CA LEU D 262 -42.11 34.17 0.71
C LEU D 262 -41.73 34.29 2.18
N LYS D 263 -41.94 35.50 2.73
CA LYS D 263 -41.78 35.75 4.18
C LYS D 263 -42.42 34.71 5.12
N ASP D 264 -43.41 33.96 4.63
CA ASP D 264 -44.02 32.84 5.37
C ASP D 264 -43.21 31.52 5.34
N VAL D 265 -42.06 31.50 4.67
CA VAL D 265 -41.16 30.30 4.61
C VAL D 265 -39.67 30.59 4.94
N ALA D 266 -39.21 31.82 4.68
CA ALA D 266 -37.80 32.14 4.78
C ALA D 266 -37.56 33.55 5.28
N ASP D 267 -36.36 33.77 5.84
CA ASP D 267 -35.86 35.12 6.20
C ASP D 267 -35.20 35.76 4.95
N VAL D 268 -35.72 36.89 4.48
CA VAL D 268 -35.19 37.63 3.33
C VAL D 268 -34.21 38.70 3.82
N GLY D 269 -33.20 39.00 2.99
CA GLY D 269 -32.33 40.17 3.21
C GLY D 269 -30.97 40.10 2.52
N LEU D 270 -30.36 41.27 2.31
CA LEU D 270 -29.06 41.37 1.64
C LEU D 270 -27.93 40.80 2.49
N GLY D 271 -27.66 39.52 2.32
CA GLY D 271 -26.49 38.88 2.90
C GLY D 271 -25.27 38.97 2.00
N GLY D 272 -24.41 37.96 2.12
CA GLY D 272 -23.23 37.78 1.28
C GLY D 272 -23.37 36.71 0.20
N GLN D 273 -22.71 36.94 -0.94
CA GLN D 273 -22.60 35.94 -2.01
C GLN D 273 -21.69 34.78 -1.65
N ASP D 274 -20.69 35.02 -0.80
CA ASP D 274 -19.90 33.92 -0.27
C ASP D 274 -19.36 34.33 1.08
N TYR D 275 -19.57 33.48 2.08
CA TYR D 275 -19.09 33.73 3.45
C TYR D 275 -17.77 33.05 3.73
N SER D 276 -17.37 32.11 2.88
CA SER D 276 -16.16 31.30 3.08
C SER D 276 -14.88 32.09 3.41
N ILE D 277 -14.75 33.33 2.89
CA ILE D 277 -13.58 34.16 3.07
C ILE D 277 -13.96 35.50 3.67
N ASN D 278 -13.20 35.93 4.68
CA ASN D 278 -13.35 37.22 5.38
C ASN D 278 -11.99 37.68 5.83
N ALA D 279 -11.85 38.96 6.14
CA ALA D 279 -10.55 39.46 6.60
C ALA D 279 -10.64 40.57 7.62
N GLN D 280 -9.49 40.85 8.23
CA GLN D 280 -9.37 41.95 9.19
C GLN D 280 -7.94 42.47 9.32
N PHE D 281 -7.85 43.79 9.31
CA PHE D 281 -6.61 44.51 9.36
C PHE D 281 -6.32 44.99 10.77
N ASN D 282 -5.21 44.51 11.35
CA ASN D 282 -4.75 44.95 12.68
C ASN D 282 -5.80 44.79 13.81
N GLY D 283 -6.73 43.84 13.66
CA GLY D 283 -7.83 43.67 14.62
C GLY D 283 -9.21 43.93 14.08
N SER D 284 -9.42 45.12 13.52
CA SER D 284 -10.78 45.59 13.18
C SER D 284 -11.29 44.91 11.92
N PRO D 285 -12.63 44.84 11.75
CA PRO D 285 -13.15 44.22 10.55
C PRO D 285 -12.70 44.97 9.29
N ALA D 286 -12.43 44.23 8.23
CA ALA D 286 -12.01 44.79 6.95
C ALA D 286 -12.29 43.86 5.76
N SER D 287 -11.99 44.36 4.57
CA SER D 287 -11.86 43.53 3.37
C SER D 287 -10.74 44.06 2.49
N GLY D 288 -10.53 43.38 1.36
CA GLY D 288 -9.58 43.82 0.37
C GLY D 288 -9.52 43.00 -0.89
N ILE D 289 -8.66 43.46 -1.80
CA ILE D 289 -8.43 42.87 -3.13
C ILE D 289 -6.96 42.62 -3.23
N ALA D 290 -6.58 41.36 -3.16
CA ALA D 290 -5.23 40.98 -3.52
C ALA D 290 -5.08 41.10 -5.03
N ILE D 291 -3.89 41.45 -5.46
CA ILE D 291 -3.62 41.62 -6.87
C ILE D 291 -2.33 40.87 -7.29
N LYS D 292 -2.49 39.96 -8.25
CA LYS D 292 -1.39 39.37 -8.95
C LYS D 292 -1.01 40.24 -10.17
N LEU D 293 0.26 40.16 -10.55
CA LEU D 293 0.81 40.91 -11.69
C LEU D 293 0.56 40.17 -12.99
N ALA D 294 0.27 40.91 -14.06
CA ALA D 294 0.02 40.27 -15.37
C ALA D 294 1.39 39.88 -15.91
N THR D 295 1.47 38.73 -16.57
CA THR D 295 2.76 38.20 -16.99
C THR D 295 3.39 39.25 -17.83
N GLY D 296 4.62 39.64 -17.52
CA GLY D 296 5.32 40.65 -18.28
C GLY D 296 5.08 42.09 -17.85
N ALA D 297 4.08 42.31 -17.00
CA ALA D 297 3.87 43.66 -16.47
C ALA D 297 5.01 44.04 -15.51
N ASN D 298 5.14 45.34 -15.26
CA ASN D 298 6.14 45.90 -14.36
C ASN D 298 5.59 46.28 -12.97
N ALA D 299 6.08 45.62 -11.91
CA ALA D 299 5.61 45.89 -10.53
C ALA D 299 5.48 47.38 -10.15
N LEU D 300 6.56 48.16 -10.33
CA LEU D 300 6.50 49.58 -9.98
C LEU D 300 5.48 50.38 -10.76
N ASP D 301 5.46 50.18 -12.09
CA ASP D 301 4.51 50.86 -12.98
C ASP D 301 3.06 50.55 -12.60
N THR D 302 2.75 49.27 -12.39
CA THR D 302 1.35 48.87 -12.25
C THR D 302 0.84 49.23 -10.86
N ALA D 303 1.68 49.09 -9.83
CA ALA D 303 1.38 49.68 -8.53
C ALA D 303 1.00 51.18 -8.56
N LYS D 304 1.78 51.97 -9.28
CA LYS D 304 1.48 53.38 -9.47
C LYS D 304 0.12 53.60 -10.13
N ALA D 305 -0.25 52.73 -11.08
CA ALA D 305 -1.50 52.88 -11.84
C ALA D 305 -2.68 52.40 -11.03
N ILE D 306 -2.43 51.44 -10.14
CA ILE D 306 -3.43 51.02 -9.16
C ILE D 306 -3.74 52.19 -8.23
N ARG D 307 -2.69 52.79 -7.68
CA ARG D 307 -2.84 53.95 -6.82
C ARG D 307 -3.56 55.08 -7.54
N GLN D 308 -3.36 55.19 -8.84
CA GLN D 308 -4.05 56.20 -9.65
C GLN D 308 -5.55 55.90 -9.82
N THR D 309 -5.90 54.62 -9.88
CA THR D 309 -7.30 54.21 -9.99
C THR D 309 -8.01 54.58 -8.69
N ILE D 310 -7.44 54.14 -7.58
CA ILE D 310 -7.98 54.37 -6.25
C ILE D 310 -7.98 55.84 -5.87
N ALA D 311 -6.90 56.55 -6.14
CA ALA D 311 -6.84 58.00 -5.90
C ALA D 311 -7.97 58.80 -6.60
N ASN D 312 -8.72 58.10 -7.45
CA ASN D 312 -9.74 58.68 -8.30
C ASN D 312 -11.15 58.12 -7.98
N LEU D 313 -11.21 57.02 -7.22
CA LEU D 313 -12.45 56.48 -6.69
C LEU D 313 -12.69 56.84 -5.20
N GLU D 314 -11.73 57.49 -4.55
CA GLU D 314 -11.86 57.92 -3.14
C GLU D 314 -12.93 59.02 -2.95
N PRO D 315 -12.87 60.09 -3.78
CA PRO D 315 -13.91 61.13 -3.69
C PRO D 315 -15.37 60.66 -3.78
N PHE D 316 -15.61 59.39 -4.09
CA PHE D 316 -16.97 58.81 -4.11
C PHE D 316 -17.16 57.74 -3.05
N MET D 317 -16.38 57.79 -1.99
CA MET D 317 -16.43 56.77 -0.94
C MET D 317 -17.13 57.41 0.29
N PRO D 318 -17.80 56.59 1.14
CA PRO D 318 -18.35 57.17 2.38
C PRO D 318 -17.28 57.63 3.37
N GLN D 319 -17.71 58.37 4.39
CA GLN D 319 -16.78 58.90 5.43
C GLN D 319 -16.51 57.82 6.46
N GLY D 320 -17.49 56.95 6.70
CA GLY D 320 -17.27 55.73 7.47
C GLY D 320 -16.50 54.67 6.69
N MET D 321 -15.47 55.10 5.95
CA MET D 321 -14.64 54.22 5.09
C MET D 321 -13.31 54.92 4.70
N LYS D 322 -12.19 54.26 4.98
CA LYS D 322 -10.85 54.77 4.65
C LYS D 322 -10.03 53.67 3.97
N VAL D 323 -9.31 54.05 2.91
CA VAL D 323 -8.48 53.13 2.13
C VAL D 323 -7.17 52.85 2.87
N VAL D 324 -6.62 51.66 2.68
CA VAL D 324 -5.34 51.27 3.30
C VAL D 324 -4.62 50.15 2.51
N TYR D 325 -3.30 50.07 2.66
CA TYR D 325 -2.50 49.08 1.95
C TYR D 325 -1.83 48.14 2.93
N PRO D 326 -2.49 47.02 3.28
CA PRO D 326 -1.98 46.05 4.27
C PRO D 326 -0.76 45.26 3.88
N TYR D 327 -0.59 45.02 2.60
CA TYR D 327 0.49 44.21 2.04
C TYR D 327 0.98 44.93 0.78
N ASP D 328 2.27 44.81 0.49
CA ASP D 328 2.87 45.49 -0.64
C ASP D 328 4.26 44.97 -0.93
N THR D 329 4.59 44.94 -2.21
CA THR D 329 5.89 44.48 -2.66
C THR D 329 6.75 45.57 -3.28
N THR D 330 6.15 46.59 -3.83
CA THR D 330 6.91 47.57 -4.53
C THR D 330 7.96 48.30 -3.67
N PRO D 331 7.70 48.53 -2.36
CA PRO D 331 8.69 49.20 -1.48
C PRO D 331 10.12 48.67 -1.59
N VAL D 332 10.26 47.34 -1.53
CA VAL D 332 11.57 46.69 -1.68
C VAL D 332 12.25 47.01 -3.01
N VAL D 333 11.45 47.24 -4.04
CA VAL D 333 11.98 47.51 -5.36
C VAL D 333 12.54 48.94 -5.34
N SER D 334 11.70 49.91 -5.01
CA SER D 334 12.15 51.29 -4.92
C SER D 334 13.30 51.50 -3.96
N ALA D 335 13.19 50.82 -2.83
CA ALA D 335 14.12 50.99 -1.75
C ALA D 335 15.47 50.48 -2.20
N SER D 336 15.47 49.32 -2.86
CA SER D 336 16.72 48.64 -3.29
C SER D 336 17.53 49.46 -4.26
N ILE D 337 16.85 49.94 -5.29
CA ILE D 337 17.51 50.78 -6.30
C ILE D 337 18.04 52.06 -5.68
N HIS D 338 17.25 52.73 -4.85
CA HIS D 338 17.67 54.01 -4.25
C HIS D 338 18.91 53.81 -3.37
N GLU D 339 18.97 52.63 -2.75
CA GLU D 339 20.13 52.19 -1.97
C GLU D 339 21.35 51.80 -2.80
N VAL D 340 21.18 51.70 -4.10
CA VAL D 340 22.26 51.45 -5.03
C VAL D 340 22.73 52.76 -5.67
N VAL D 341 21.79 53.64 -6.01
CA VAL D 341 22.17 54.98 -6.43
C VAL D 341 23.13 55.53 -5.39
N LYS D 342 22.73 55.42 -4.13
CA LYS D 342 23.52 55.84 -2.99
C LYS D 342 24.94 55.24 -3.04
N THR D 343 25.08 53.92 -3.11
CA THR D 343 26.43 53.33 -3.14
C THR D 343 27.19 53.74 -4.40
N LEU D 344 26.46 53.87 -5.50
CA LEU D 344 27.02 54.35 -6.75
C LEU D 344 27.66 55.71 -6.52
N GLY D 345 26.87 56.65 -6.00
CA GLY D 345 27.33 58.04 -5.72
C GLY D 345 28.51 58.09 -4.77
N GLU D 346 28.47 57.25 -3.74
CA GLU D 346 29.59 57.08 -2.83
C GLU D 346 30.83 56.56 -3.51
N ALA D 347 30.70 55.54 -4.34
CA ALA D 347 31.84 55.02 -5.14
C ALA D 347 32.54 56.08 -5.97
N ILE D 348 31.78 56.99 -6.58
CA ILE D 348 32.41 58.00 -7.44
C ILE D 348 33.22 58.89 -6.50
N LEU D 349 32.63 59.29 -5.38
CA LEU D 349 33.33 60.10 -4.37
C LEU D 349 34.62 59.46 -3.81
N LEU D 350 34.54 58.17 -3.50
CA LEU D 350 35.73 57.40 -3.06
C LEU D 350 36.84 57.35 -4.12
N VAL D 351 36.44 57.28 -5.39
CA VAL D 351 37.39 57.09 -6.49
C VAL D 351 38.07 58.43 -6.78
N PHE D 352 37.27 59.49 -6.90
CA PHE D 352 37.76 60.84 -6.97
C PHE D 352 38.79 61.19 -5.85
N LEU D 353 38.76 60.46 -4.72
CA LEU D 353 39.67 60.66 -3.60
C LEU D 353 40.98 59.87 -3.72
N VAL D 354 40.89 58.58 -4.04
CA VAL D 354 42.10 57.81 -4.30
C VAL D 354 42.91 58.39 -5.49
N MET D 355 42.22 58.93 -6.48
CA MET D 355 42.90 59.52 -7.63
C MET D 355 43.56 60.83 -7.24
N TYR D 356 42.84 61.67 -6.49
CA TYR D 356 43.41 62.92 -5.94
C TYR D 356 44.55 62.67 -4.97
N LEU D 357 44.40 61.68 -4.11
CA LEU D 357 45.54 61.13 -3.36
C LEU D 357 46.82 60.90 -4.22
N PHE D 358 46.69 60.28 -5.38
CA PHE D 358 47.85 59.91 -6.20
C PHE D 358 48.24 60.92 -7.33
N LEU D 359 47.29 61.71 -7.78
CA LEU D 359 47.51 62.71 -8.83
C LEU D 359 47.75 64.10 -8.25
N GLN D 360 47.20 64.37 -7.08
CA GLN D 360 47.63 65.53 -6.30
C GLN D 360 47.45 66.76 -7.13
N ASN D 361 46.27 66.94 -7.69
CA ASN D 361 45.93 68.10 -8.53
C ASN D 361 44.47 67.98 -8.91
N PHE D 362 43.60 68.92 -8.53
CA PHE D 362 42.14 68.76 -8.83
C PHE D 362 41.93 68.51 -10.33
N ARG D 363 42.48 69.38 -11.18
CA ARG D 363 42.30 69.33 -12.63
C ARG D 363 42.68 67.97 -13.23
N ALA D 364 43.86 67.46 -12.90
CA ALA D 364 44.21 66.05 -13.22
C ALA D 364 43.12 65.08 -12.75
N THR D 365 42.80 65.08 -11.47
CA THR D 365 41.73 64.25 -10.91
C THR D 365 40.38 64.49 -11.57
N LEU D 366 40.07 65.76 -11.81
CA LEU D 366 38.78 66.13 -12.34
C LEU D 366 38.59 65.66 -13.79
N ILE D 367 39.68 65.36 -14.54
CA ILE D 367 39.57 64.81 -15.90
C ILE D 367 38.89 63.44 -15.89
N PRO D 368 39.52 62.38 -15.37
CA PRO D 368 38.78 61.09 -15.33
C PRO D 368 37.43 61.10 -14.63
N THR D 369 37.26 61.89 -13.60
CA THR D 369 35.97 61.98 -12.93
C THR D 369 34.86 62.38 -13.96
N ILE D 370 35.21 63.28 -14.90
CA ILE D 370 34.27 63.66 -15.94
C ILE D 370 33.88 62.48 -16.87
N ALA D 371 34.77 61.52 -17.07
CA ALA D 371 34.40 60.28 -17.78
C ALA D 371 33.22 59.62 -17.14
N VAL D 372 33.35 59.26 -15.88
CA VAL D 372 32.27 58.65 -15.08
C VAL D 372 30.78 58.93 -15.49
N PRO D 373 30.32 60.18 -15.36
CA PRO D 373 28.98 60.49 -15.87
C PRO D 373 28.76 60.14 -17.36
N VAL D 374 29.74 60.41 -18.21
CA VAL D 374 29.66 60.14 -19.66
C VAL D 374 29.49 58.65 -19.97
N VAL D 375 30.44 57.84 -19.54
CA VAL D 375 30.35 56.37 -19.76
C VAL D 375 29.06 55.71 -19.20
N LEU D 376 28.69 56.08 -17.99
CA LEU D 376 27.59 55.41 -17.32
C LEU D 376 26.29 55.68 -18.03
N LEU D 377 26.01 56.97 -18.22
CA LEU D 377 24.85 57.42 -19.00
C LEU D 377 24.84 56.82 -20.38
N GLY D 378 26.02 56.74 -20.98
CA GLY D 378 26.19 56.03 -22.23
C GLY D 378 25.64 54.65 -22.10
N THR D 379 26.13 53.92 -21.09
CA THR D 379 25.74 52.53 -20.81
C THR D 379 24.21 52.35 -20.66
N PHE D 380 23.55 53.33 -20.06
CA PHE D 380 22.09 53.33 -19.91
C PHE D 380 21.41 53.44 -21.28
N GLY D 381 22.05 54.20 -22.17
CA GLY D 381 21.66 54.26 -23.56
C GLY D 381 21.76 52.90 -24.19
N VAL D 382 22.89 52.24 -23.97
CA VAL D 382 23.08 50.94 -24.62
C VAL D 382 22.19 49.88 -23.96
N LEU D 383 21.73 50.09 -22.75
CA LEU D 383 20.81 49.15 -22.10
C LEU D 383 19.46 49.24 -22.77
N ALA D 384 18.96 50.46 -22.93
CA ALA D 384 17.67 50.70 -23.60
C ALA D 384 17.63 50.08 -24.99
N ALA D 385 18.65 50.43 -25.78
CA ALA D 385 18.88 49.87 -27.12
C ALA D 385 18.71 48.35 -27.14
N PHE D 386 19.49 47.64 -26.33
CA PHE D 386 19.45 46.15 -26.23
C PHE D 386 18.19 45.56 -25.54
N GLY D 387 17.28 46.39 -25.07
CA GLY D 387 16.02 45.90 -24.50
C GLY D 387 16.16 45.35 -23.09
N PHE D 388 17.01 45.96 -22.30
CA PHE D 388 17.17 45.56 -20.90
C PHE D 388 16.37 46.50 -19.98
N SER D 389 16.48 46.28 -18.68
CA SER D 389 15.87 47.13 -17.68
C SER D 389 16.90 47.53 -16.65
N ILE D 390 16.60 48.58 -15.90
CA ILE D 390 17.41 48.97 -14.76
C ILE D 390 17.06 48.01 -13.63
N ASN D 391 18.06 47.26 -13.17
CA ASN D 391 17.81 46.28 -12.13
C ASN D 391 19.00 46.12 -11.25
N THR D 392 18.84 45.32 -10.22
CA THR D 392 19.94 45.12 -9.28
C THR D 392 21.24 44.68 -10.00
N LEU D 393 21.13 43.81 -10.99
CA LEU D 393 22.32 43.33 -11.69
C LEU D 393 22.98 44.31 -12.63
N THR D 394 22.19 45.15 -13.29
CA THR D 394 22.74 46.12 -14.21
C THR D 394 23.36 47.22 -13.43
N MET D 395 22.65 47.73 -12.44
CA MET D 395 23.17 48.74 -11.48
C MET D 395 24.49 48.33 -10.78
N PHE D 396 24.64 47.07 -10.43
CA PHE D 396 25.90 46.56 -9.87
C PHE D 396 26.99 46.66 -10.91
N GLY D 397 26.63 46.38 -12.15
CA GLY D 397 27.54 46.53 -13.29
C GLY D 397 28.06 47.94 -13.32
N MET D 398 27.14 48.91 -13.41
CA MET D 398 27.46 50.34 -13.33
C MET D 398 28.46 50.60 -12.18
N VAL D 399 28.06 50.32 -10.94
CA VAL D 399 28.88 50.65 -9.73
C VAL D 399 30.25 50.03 -9.79
N LEU D 400 30.26 48.77 -10.20
CA LEU D 400 31.48 48.00 -10.29
C LEU D 400 32.40 48.46 -11.42
N ALA D 401 31.88 49.28 -12.33
CA ALA D 401 32.66 49.82 -13.46
C ALA D 401 33.31 51.17 -13.18
N ILE D 402 32.90 51.85 -12.11
CA ILE D 402 33.49 53.13 -11.75
C ILE D 402 35.01 52.97 -11.63
N GLY D 403 35.43 51.86 -11.02
CA GLY D 403 36.84 51.68 -10.74
C GLY D 403 37.68 51.14 -11.86
N LEU D 404 37.07 50.93 -13.01
CA LEU D 404 37.74 50.47 -14.23
C LEU D 404 37.68 51.50 -15.35
N LEU D 405 36.54 52.16 -15.50
CA LEU D 405 36.34 53.17 -16.52
C LEU D 405 37.32 54.33 -16.40
N VAL D 406 37.72 54.66 -15.17
CA VAL D 406 38.64 55.79 -14.94
C VAL D 406 40.10 55.47 -15.25
N ASP D 407 40.45 54.19 -15.36
CA ASP D 407 41.83 53.77 -15.61
C ASP D 407 42.39 54.34 -16.93
N ASP D 408 41.62 54.16 -18.00
CA ASP D 408 42.04 54.55 -19.37
C ASP D 408 42.26 56.03 -19.46
N ALA D 409 41.28 56.77 -18.92
CA ALA D 409 41.39 58.20 -18.71
C ALA D 409 42.64 58.60 -17.91
N ILE D 410 42.95 57.89 -16.82
CA ILE D 410 44.15 58.11 -16.03
C ILE D 410 45.40 57.92 -16.87
N VAL D 411 45.49 56.87 -17.66
CA VAL D 411 46.69 56.66 -18.49
C VAL D 411 46.93 57.86 -19.42
N VAL D 412 45.87 58.37 -20.01
CA VAL D 412 46.00 59.48 -20.95
C VAL D 412 46.66 60.65 -20.23
N VAL D 413 45.97 61.09 -19.17
CA VAL D 413 46.38 62.25 -18.37
C VAL D 413 47.74 62.00 -17.79
N GLU D 414 47.99 60.79 -17.31
CA GLU D 414 49.33 60.47 -16.79
C GLU D 414 50.39 60.51 -17.89
N ASN D 415 50.06 60.16 -19.14
CA ASN D 415 50.99 60.37 -20.28
C ASN D 415 51.21 61.81 -20.75
N VAL D 416 50.16 62.61 -20.80
CA VAL D 416 50.32 64.04 -21.07
C VAL D 416 51.40 64.61 -20.09
N GLU D 417 51.11 64.54 -18.79
CA GLU D 417 52.04 64.99 -17.72
C GLU D 417 53.45 64.53 -18.01
N ARG D 418 53.61 63.24 -18.31
CA ARG D 418 54.94 62.74 -18.60
C ARG D 418 55.67 63.44 -19.77
N VAL D 419 55.03 63.57 -20.94
CA VAL D 419 55.72 64.28 -22.02
C VAL D 419 55.87 65.76 -21.68
N MET D 420 54.94 66.27 -20.91
CA MET D 420 54.98 67.64 -20.48
C MET D 420 56.20 67.97 -19.58
N ALA D 421 56.72 66.94 -18.90
CA ALA D 421 57.85 67.03 -17.97
C ALA D 421 59.14 66.67 -18.59
N GLU D 422 59.09 65.63 -19.43
CA GLU D 422 60.24 65.24 -20.23
C GLU D 422 60.68 66.30 -21.25
N GLU D 423 59.79 67.19 -21.70
CA GLU D 423 60.23 68.23 -22.69
C GLU D 423 59.66 69.63 -22.63
N GLY D 424 58.76 69.87 -21.69
CA GLY D 424 58.33 71.21 -21.37
C GLY D 424 57.46 71.73 -22.46
N LEU D 425 56.40 71.00 -22.77
CA LEU D 425 55.53 71.34 -23.90
C LEU D 425 54.18 71.71 -23.38
N SER D 426 53.46 72.53 -24.14
CA SER D 426 52.08 72.85 -23.84
C SER D 426 51.29 71.56 -23.66
N PRO D 427 50.26 71.59 -22.81
CA PRO D 427 49.45 70.39 -22.65
C PRO D 427 48.87 69.89 -23.98
N ARG D 428 48.41 70.80 -24.82
CA ARG D 428 47.94 70.47 -26.17
C ARG D 428 48.92 69.65 -27.00
N GLU D 429 50.15 70.13 -27.14
CA GLU D 429 51.19 69.34 -27.85
C GLU D 429 51.54 68.06 -27.10
N ALA D 430 51.52 68.12 -25.78
CA ALA D 430 51.73 66.94 -24.97
C ALA D 430 50.63 65.86 -25.19
N ALA D 431 49.38 66.32 -25.35
CA ALA D 431 48.26 65.44 -25.67
C ALA D 431 48.42 64.86 -27.07
N ARG D 432 48.69 65.72 -28.06
CA ARG D 432 48.93 65.24 -29.44
C ARG D 432 49.99 64.14 -29.44
N LYS D 433 51.13 64.42 -28.86
CA LYS D 433 52.28 63.51 -28.91
C LYS D 433 51.97 62.22 -28.16
N SER D 434 51.36 62.34 -27.00
CA SER D 434 51.07 61.15 -26.24
C SER D 434 50.05 60.25 -26.96
N MET D 435 48.93 60.77 -27.43
CA MET D 435 47.94 59.93 -28.13
C MET D 435 48.53 59.14 -29.31
N GLY D 436 49.44 59.78 -30.05
CA GLY D 436 50.29 59.10 -31.04
C GLY D 436 50.78 57.75 -30.53
N GLN D 437 51.52 57.74 -29.43
CA GLN D 437 51.74 56.48 -28.64
C GLN D 437 50.46 56.13 -27.81
N ILE D 438 50.48 55.03 -27.06
CA ILE D 438 49.33 54.62 -26.18
C ILE D 438 47.98 54.28 -26.83
N GLN D 439 47.43 55.17 -27.66
CA GLN D 439 46.10 54.98 -28.30
C GLN D 439 45.80 53.52 -28.71
N GLY D 440 46.85 52.84 -29.17
CA GLY D 440 46.91 51.39 -29.32
C GLY D 440 46.56 50.69 -28.03
N ALA D 441 47.57 50.38 -27.22
CA ALA D 441 47.40 49.90 -25.83
C ALA D 441 46.02 50.10 -25.17
N LEU D 442 45.54 51.34 -25.11
CA LEU D 442 44.22 51.65 -24.50
C LEU D 442 43.14 50.69 -25.04
N VAL D 443 43.18 50.51 -26.36
CA VAL D 443 42.27 49.62 -27.07
C VAL D 443 42.61 48.18 -26.82
N GLY D 444 43.89 47.82 -26.93
CA GLY D 444 44.39 46.47 -26.60
C GLY D 444 44.00 45.94 -25.24
N ILE D 445 44.43 46.58 -24.17
CA ILE D 445 44.16 46.07 -22.82
C ILE D 445 42.63 46.00 -22.60
N ALA D 446 41.92 47.03 -23.03
CA ALA D 446 40.46 47.07 -22.93
C ALA D 446 39.74 45.91 -23.67
N MET D 447 40.34 45.39 -24.75
CA MET D 447 39.82 44.19 -25.46
C MET D 447 40.05 42.92 -24.66
N VAL D 448 41.30 42.72 -24.22
CA VAL D 448 41.66 41.64 -23.26
C VAL D 448 40.77 41.72 -22.03
N LEU D 449 40.53 42.92 -21.53
CA LEU D 449 39.74 43.09 -20.34
C LEU D 449 38.29 42.69 -20.59
N SER D 450 37.72 43.14 -21.70
CA SER D 450 36.36 42.78 -22.08
C SER D 450 36.17 41.30 -22.32
N ALA D 451 37.23 40.63 -22.78
CA ALA D 451 37.23 39.17 -23.06
C ALA D 451 36.87 38.33 -21.87
N VAL D 452 37.23 38.81 -20.70
CA VAL D 452 36.86 38.17 -19.44
C VAL D 452 35.34 38.07 -19.29
N PHE D 453 34.62 39.13 -19.68
CA PHE D 453 33.19 39.16 -19.48
C PHE D 453 32.41 38.69 -20.69
N LEU D 454 33.06 38.59 -21.83
CA LEU D 454 32.33 38.19 -23.05
C LEU D 454 31.59 36.84 -22.94
N PRO D 455 32.28 35.73 -22.63
CA PRO D 455 31.66 34.41 -22.59
C PRO D 455 30.39 34.31 -21.78
N MET D 456 30.38 34.93 -20.60
CA MET D 456 29.16 35.12 -19.78
C MET D 456 27.86 35.36 -20.57
N ALA D 457 27.94 36.29 -21.51
CA ALA D 457 26.78 36.66 -22.33
C ALA D 457 26.12 35.51 -23.06
N PHE D 458 26.82 34.41 -23.28
CA PHE D 458 26.26 33.31 -24.05
C PHE D 458 25.87 32.12 -23.17
N PHE D 459 25.06 32.33 -22.13
CA PHE D 459 24.57 31.16 -21.35
C PHE D 459 23.05 31.14 -21.29
N GLY D 460 22.51 29.94 -21.17
CA GLY D 460 21.07 29.72 -21.21
C GLY D 460 20.47 29.73 -19.83
N GLY D 461 19.14 29.68 -19.81
CA GLY D 461 18.39 29.57 -18.57
C GLY D 461 18.35 30.87 -17.83
N SER D 462 17.66 30.88 -16.70
CA SER D 462 17.56 32.09 -15.91
C SER D 462 18.96 32.58 -15.48
N THR D 463 19.89 31.65 -15.28
CA THR D 463 21.27 32.01 -14.92
C THR D 463 22.00 32.80 -16.02
N GLY D 464 21.97 32.27 -17.23
CA GLY D 464 22.46 32.98 -18.40
C GLY D 464 21.88 34.38 -18.54
N VAL D 465 20.60 34.52 -18.20
CA VAL D 465 19.92 35.82 -18.22
C VAL D 465 20.65 36.73 -17.27
N ILE D 466 20.61 36.36 -15.99
CA ILE D 466 21.32 37.06 -14.92
C ILE D 466 22.76 37.45 -15.32
N TYR D 467 23.55 36.49 -15.80
CA TYR D 467 24.89 36.81 -16.31
C TYR D 467 24.89 37.86 -17.39
N ARG D 468 24.08 37.64 -18.41
CA ARG D 468 24.10 38.45 -19.63
C ARG D 468 23.94 39.91 -19.30
N GLN D 469 23.00 40.19 -18.44
CA GLN D 469 22.76 41.54 -17.94
C GLN D 469 23.98 42.18 -17.25
N PHE D 470 24.76 41.39 -16.55
CA PHE D 470 26.00 41.88 -16.00
C PHE D 470 27.09 42.06 -17.07
N SER D 471 27.24 41.06 -17.93
CA SER D 471 28.19 41.13 -19.03
C SER D 471 28.06 42.38 -19.92
N ILE D 472 26.93 42.59 -20.57
CA ILE D 472 26.80 43.74 -21.44
C ILE D 472 26.91 45.12 -20.76
N THR D 473 26.49 45.32 -19.51
CA THR D 473 26.72 46.64 -18.86
C THR D 473 28.25 46.87 -18.64
N ILE D 474 28.95 45.83 -18.18
CA ILE D 474 30.36 45.91 -17.95
C ILE D 474 31.14 46.09 -19.23
N VAL D 475 30.94 45.22 -20.23
CA VAL D 475 31.66 45.34 -21.54
C VAL D 475 31.23 46.59 -22.33
N SER D 476 29.98 47.00 -22.20
CA SER D 476 29.55 48.28 -22.80
C SER D 476 30.36 49.36 -22.19
N ALA D 477 30.29 49.48 -20.87
CA ALA D 477 30.99 50.54 -20.15
C ALA D 477 32.45 50.60 -20.56
N MET D 478 33.12 49.45 -20.61
CA MET D 478 34.51 49.40 -20.99
C MET D 478 34.75 49.94 -22.40
N ALA D 479 33.99 49.45 -23.38
CA ALA D 479 34.07 49.95 -24.76
C ALA D 479 33.86 51.46 -24.76
N LEU D 480 32.73 51.88 -24.19
CA LEU D 480 32.52 53.31 -24.01
C LEU D 480 33.67 54.01 -23.30
N SER D 481 34.41 53.31 -22.48
CA SER D 481 35.51 53.94 -21.75
C SER D 481 36.68 54.30 -22.67
N VAL D 482 36.91 53.42 -23.64
CA VAL D 482 37.87 53.64 -24.67
C VAL D 482 37.49 54.86 -25.49
N ILE D 483 36.27 54.93 -25.97
CA ILE D 483 35.96 56.00 -26.94
C ILE D 483 36.01 57.35 -26.25
N VAL D 484 35.52 57.41 -25.02
CA VAL D 484 35.70 58.57 -24.16
C VAL D 484 37.20 58.90 -23.91
N ALA D 485 37.99 57.91 -23.53
CA ALA D 485 39.45 58.13 -23.43
C ALA D 485 40.14 58.66 -24.70
N LEU D 486 39.65 58.28 -25.88
CA LEU D 486 40.23 58.76 -27.16
C LEU D 486 39.57 60.05 -27.72
N ILE D 487 38.36 60.41 -27.29
CA ILE D 487 37.69 61.63 -27.82
C ILE D 487 37.76 62.81 -26.87
N LEU D 488 37.25 62.60 -25.65
CA LEU D 488 37.03 63.68 -24.70
C LEU D 488 38.30 63.96 -23.90
N THR D 489 38.87 62.92 -23.32
CA THR D 489 39.94 63.04 -22.36
C THR D 489 41.20 63.77 -22.88
N PRO D 490 41.74 63.35 -24.05
CA PRO D 490 42.93 64.07 -24.50
C PRO D 490 42.55 65.52 -24.92
N ALA D 491 41.31 65.72 -25.35
CA ALA D 491 40.82 67.06 -25.56
C ALA D 491 40.74 67.84 -24.25
N LEU D 492 40.27 67.19 -23.18
CA LEU D 492 40.23 67.80 -21.86
C LEU D 492 41.63 68.13 -21.32
N CYS D 493 42.59 67.19 -21.46
CA CYS D 493 43.98 67.44 -21.11
C CYS D 493 44.58 68.64 -21.80
N ALA D 494 44.14 68.92 -23.03
CA ALA D 494 44.67 70.02 -23.84
C ALA D 494 44.13 71.33 -23.36
N THR D 495 42.91 71.32 -22.85
CA THR D 495 42.22 72.54 -22.39
C THR D 495 42.17 72.77 -20.87
N MET D 496 42.70 71.87 -20.04
CA MET D 496 42.57 71.96 -18.57
C MET D 496 43.87 71.86 -17.74
N LEU D 497 44.79 70.95 -18.07
CA LEU D 497 46.10 70.88 -17.40
C LEU D 497 46.95 72.18 -17.64
N LYS D 498 48.07 72.38 -16.91
CA LYS D 498 48.76 73.72 -16.89
C LYS D 498 50.34 73.91 -16.91
N PRO D 499 51.12 73.22 -16.04
CA PRO D 499 52.59 73.43 -16.07
C PRO D 499 53.30 72.42 -16.97
N PHE D 512 49.91 65.22 3.81
CA PHE D 512 49.99 66.10 2.65
C PHE D 512 50.87 65.43 1.61
N PHE D 513 50.85 65.97 0.39
CA PHE D 513 51.43 65.25 -0.76
C PHE D 513 52.96 65.06 -0.65
N GLY D 514 53.66 66.12 -0.23
CA GLY D 514 55.12 66.04 0.02
C GLY D 514 55.62 64.82 0.82
N TRP D 515 54.88 64.48 1.89
CA TRP D 515 55.22 63.35 2.76
C TRP D 515 54.95 62.00 2.07
N PHE D 516 53.72 61.89 1.52
CA PHE D 516 53.20 60.68 0.87
C PHE D 516 54.12 60.24 -0.26
N ASN D 517 54.56 61.22 -1.07
CA ASN D 517 55.47 60.94 -2.18
C ASN D 517 56.75 60.31 -1.69
N ARG D 518 57.33 60.91 -0.65
CA ARG D 518 58.53 60.36 0.03
C ARG D 518 58.31 58.94 0.58
N MET D 519 57.20 58.73 1.27
CA MET D 519 56.81 57.40 1.79
C MET D 519 56.77 56.33 0.71
N PHE D 520 55.98 56.60 -0.35
CA PHE D 520 55.79 55.68 -1.48
C PHE D 520 57.11 55.46 -2.20
N LEU D 521 57.77 56.58 -2.54
CA LEU D 521 59.17 56.62 -3.07
C LEU D 521 60.02 55.61 -2.30
N SER D 522 59.94 55.74 -0.99
CA SER D 522 60.68 54.87 -0.08
C SER D 522 60.17 53.41 -0.12
N THR D 523 58.85 53.23 0.01
CA THR D 523 58.24 51.88 -0.02
C THR D 523 58.61 51.13 -1.30
N THR D 524 58.63 51.85 -2.41
CA THR D 524 59.01 51.30 -3.69
C THR D 524 60.35 50.58 -3.56
N HIS D 525 61.40 51.31 -3.14
CA HIS D 525 62.76 50.74 -2.91
C HIS D 525 62.73 49.50 -2.03
N GLY D 526 61.92 49.56 -0.98
CA GLY D 526 61.65 48.39 -0.16
C GLY D 526 61.28 47.21 -1.05
N TYR D 527 60.11 47.33 -1.70
CA TYR D 527 59.56 46.33 -2.64
C TYR D 527 60.60 45.95 -3.71
N GLU D 528 61.29 46.96 -4.28
CA GLU D 528 62.35 46.73 -5.29
C GLU D 528 63.31 45.64 -4.83
N ARG D 529 63.92 45.91 -3.68
CA ARG D 529 64.92 45.03 -3.11
C ARG D 529 64.25 43.71 -2.63
N GLY D 530 62.98 43.80 -2.24
CA GLY D 530 62.13 42.62 -1.98
C GLY D 530 61.93 41.68 -3.17
N VAL D 531 61.54 42.23 -4.32
CA VAL D 531 61.41 41.43 -5.55
C VAL D 531 62.76 40.79 -5.90
N ALA D 532 63.82 41.60 -5.84
CA ALA D 532 65.22 41.16 -6.07
C ALA D 532 65.63 39.95 -5.19
N SER D 533 65.16 39.98 -3.94
CA SER D 533 65.29 38.82 -3.04
C SER D 533 64.54 37.58 -3.55
N ILE D 534 63.28 37.75 -3.97
CA ILE D 534 62.41 36.64 -4.41
C ILE D 534 62.99 35.98 -5.67
N LEU D 535 63.46 36.81 -6.61
CA LEU D 535 64.09 36.35 -7.85
C LEU D 535 65.44 35.71 -7.61
N LYS D 536 66.07 36.04 -6.48
CA LYS D 536 67.37 35.46 -6.05
C LYS D 536 67.27 33.96 -5.71
N HIS D 537 66.25 33.60 -4.93
CA HIS D 537 66.13 32.24 -4.38
C HIS D 537 65.16 31.38 -5.15
N ARG D 538 63.96 31.90 -5.39
CA ARG D 538 63.05 31.38 -6.45
C ARG D 538 62.22 30.13 -6.07
N ALA D 539 62.85 28.96 -5.96
CA ALA D 539 62.14 27.70 -5.61
C ALA D 539 61.37 27.72 -4.27
N PRO D 540 61.86 28.45 -3.24
CA PRO D 540 61.02 28.65 -2.04
C PRO D 540 59.61 29.27 -2.32
N TYR D 541 59.59 30.24 -3.23
CA TYR D 541 58.36 30.96 -3.54
C TYR D 541 57.42 30.22 -4.51
N LEU D 542 58.00 29.42 -5.41
CA LEU D 542 57.23 28.56 -6.28
C LEU D 542 56.42 27.57 -5.46
N LEU D 543 57.10 26.85 -4.58
CA LEU D 543 56.45 25.90 -3.67
C LEU D 543 55.42 26.53 -2.77
N ILE D 544 55.76 27.66 -2.16
CA ILE D 544 54.77 28.36 -1.31
C ILE D 544 53.50 28.76 -2.12
N TYR D 545 53.69 29.24 -3.36
CA TYR D 545 52.56 29.52 -4.27
C TYR D 545 51.72 28.27 -4.57
N VAL D 546 52.37 27.12 -4.77
CA VAL D 546 51.66 25.84 -5.04
C VAL D 546 50.75 25.45 -3.89
N VAL D 547 51.22 25.71 -2.69
CA VAL D 547 50.40 25.55 -1.49
C VAL D 547 49.16 26.46 -1.60
N ILE D 548 49.35 27.66 -2.14
CA ILE D 548 48.21 28.61 -2.37
C ILE D 548 47.20 28.14 -3.45
N VAL D 549 47.68 27.42 -4.46
CA VAL D 549 46.80 26.78 -5.46
C VAL D 549 45.97 25.69 -4.78
N ALA D 550 46.66 24.80 -4.06
CA ALA D 550 46.02 23.77 -3.22
C ALA D 550 45.10 24.45 -2.22
N GLY D 551 45.60 25.50 -1.60
CA GLY D 551 44.81 26.32 -0.66
C GLY D 551 43.47 26.83 -1.20
N MET D 552 43.48 27.13 -2.51
CA MET D 552 42.29 27.59 -3.24
C MET D 552 41.36 26.41 -3.54
N ILE D 553 41.90 25.39 -4.22
CA ILE D 553 41.13 24.19 -4.59
C ILE D 553 40.28 23.70 -3.43
N TRP D 554 40.80 23.89 -2.22
CA TRP D 554 40.15 23.42 -1.01
C TRP D 554 38.94 24.27 -0.64
N MET D 555 39.16 25.58 -0.46
CA MET D 555 38.10 26.50 -0.03
C MET D 555 36.80 26.44 -0.89
N PHE D 556 36.92 26.06 -2.16
CA PHE D 556 35.74 25.86 -3.00
C PHE D 556 34.73 24.85 -2.42
N THR D 557 35.21 23.82 -1.72
CA THR D 557 34.33 22.82 -1.09
C THR D 557 33.76 23.27 0.26
N ARG D 558 34.33 24.31 0.86
CA ARG D 558 33.92 24.77 2.20
C ARG D 558 32.88 25.90 2.18
N ILE D 559 32.45 26.29 0.98
CA ILE D 559 31.44 27.32 0.84
C ILE D 559 30.21 26.73 0.10
N PRO D 560 28.98 26.98 0.62
CA PRO D 560 27.83 26.36 -0.04
C PRO D 560 27.47 27.12 -1.31
N THR D 561 27.11 26.40 -2.36
CA THR D 561 26.67 27.02 -3.61
C THR D 561 25.25 27.56 -3.48
N ALA D 562 24.89 28.54 -4.32
CA ALA D 562 23.48 29.03 -4.44
C ALA D 562 23.32 29.89 -5.70
N PHE D 563 22.09 30.13 -6.12
CA PHE D 563 21.79 31.05 -7.21
C PHE D 563 20.97 32.15 -6.58
N LEU D 564 21.59 33.27 -6.28
CA LEU D 564 20.91 34.37 -5.56
C LEU D 564 20.66 34.03 -4.09
N PRO D 565 21.21 34.85 -3.17
CA PRO D 565 21.03 34.57 -1.77
C PRO D 565 19.65 35.06 -1.34
N ASP D 566 19.18 34.54 -0.20
CA ASP D 566 17.90 34.98 0.37
C ASP D 566 18.04 36.46 0.70
N GLU D 567 17.03 37.22 0.36
CA GLU D 567 17.03 38.65 0.62
C GLU D 567 15.85 38.94 1.54
N ASP D 568 15.91 40.03 2.29
CA ASP D 568 14.88 40.36 3.28
C ASP D 568 13.51 40.66 2.63
N GLN D 569 13.42 41.71 1.85
CA GLN D 569 12.15 42.21 1.21
C GLN D 569 10.94 42.71 2.03
N GLY D 570 11.10 42.82 3.35
CA GLY D 570 10.09 43.47 4.21
C GLY D 570 8.66 42.92 4.22
N VAL D 571 8.51 41.62 4.01
CA VAL D 571 7.19 40.94 4.05
C VAL D 571 7.31 39.53 4.63
N LEU D 572 6.22 39.10 5.27
CA LEU D 572 6.19 37.81 5.96
C LEU D 572 4.80 37.19 5.88
N PHE D 573 4.77 35.89 5.56
CA PHE D 573 3.49 35.17 5.53
C PHE D 573 3.41 34.36 6.78
N ALA D 574 2.18 34.12 7.22
CA ALA D 574 1.90 33.24 8.36
C ALA D 574 0.66 32.42 8.06
N GLN D 575 0.81 31.11 8.08
CA GLN D 575 -0.25 30.21 7.69
C GLN D 575 -0.67 29.32 8.83
N VAL D 576 -1.98 29.12 8.95
CA VAL D 576 -2.57 28.35 10.02
C VAL D 576 -3.47 27.26 9.50
N GLN D 577 -3.41 26.13 10.20
CA GLN D 577 -4.21 24.96 9.86
C GLN D 577 -4.66 24.29 11.18
N THR D 578 -5.66 24.90 11.84
CA THR D 578 -6.40 24.26 12.96
C THR D 578 -6.86 22.86 12.58
N PRO D 579 -7.01 21.99 13.59
CA PRO D 579 -7.11 20.56 13.23
C PRO D 579 -8.37 20.18 12.41
N PRO D 580 -8.28 19.10 11.62
CA PRO D 580 -9.34 18.74 10.65
C PRO D 580 -10.77 18.92 11.16
N GLY D 581 -11.66 19.47 10.34
CA GLY D 581 -13.04 19.73 10.77
C GLY D 581 -13.22 20.85 11.78
N SER D 582 -12.14 21.55 12.14
CA SER D 582 -12.18 22.71 13.05
C SER D 582 -13.20 23.74 12.61
N SER D 583 -13.77 24.47 13.57
CA SER D 583 -14.74 25.53 13.30
C SER D 583 -14.05 26.76 12.74
N ALA D 584 -14.85 27.61 12.11
CA ALA D 584 -14.38 28.88 11.60
C ALA D 584 -14.10 29.78 12.79
N GLU D 585 -15.04 29.85 13.72
CA GLU D 585 -14.87 30.66 14.95
C GLU D 585 -13.73 30.21 15.84
N ARG D 586 -13.38 28.94 15.74
CA ARG D 586 -12.19 28.41 16.43
C ARG D 586 -10.90 28.83 15.74
N THR D 587 -10.90 28.81 14.41
CA THR D 587 -9.74 29.23 13.61
C THR D 587 -9.43 30.71 13.82
N GLN D 588 -10.48 31.54 13.78
CA GLN D 588 -10.38 32.99 14.06
C GLN D 588 -9.78 33.30 15.44
N VAL D 589 -9.67 32.29 16.30
CA VAL D 589 -8.99 32.44 17.57
C VAL D 589 -7.47 32.36 17.37
N VAL D 590 -7.01 31.35 16.64
CA VAL D 590 -5.55 31.16 16.48
C VAL D 590 -4.91 32.28 15.65
N VAL D 591 -5.60 32.71 14.61
CA VAL D 591 -5.14 33.84 13.81
C VAL D 591 -5.27 35.13 14.59
N ASP D 592 -6.13 35.14 15.62
CA ASP D 592 -6.16 36.25 16.58
C ASP D 592 -4.98 36.29 17.54
N SER D 593 -4.58 35.11 18.04
CA SER D 593 -3.49 35.00 19.00
C SER D 593 -2.20 35.42 18.34
N MET D 594 -1.94 34.80 17.19
CA MET D 594 -0.82 35.14 16.31
C MET D 594 -0.80 36.63 15.95
N ARG D 595 -1.94 37.18 15.61
CA ARG D 595 -2.03 38.62 15.30
C ARG D 595 -1.74 39.48 16.53
N GLU D 596 -2.45 39.20 17.64
CA GLU D 596 -2.21 39.85 18.95
C GLU D 596 -0.73 39.81 19.29
N TYR D 597 -0.17 38.59 19.35
CA TYR D 597 1.24 38.39 19.70
C TYR D 597 2.17 39.22 18.81
N LEU D 598 2.13 38.94 17.52
CA LEU D 598 3.04 39.52 16.51
C LEU D 598 2.99 41.06 16.51
N LEU D 599 1.78 41.59 16.67
CA LEU D 599 1.56 43.03 16.66
C LEU D 599 1.84 43.76 17.98
N GLU D 600 2.36 43.04 18.99
CA GLU D 600 2.65 43.63 20.32
C GLU D 600 4.03 43.24 20.80
N LYS D 601 4.28 41.94 20.95
CA LYS D 601 5.60 41.42 21.36
C LYS D 601 6.66 41.44 20.23
N GLU D 602 6.32 42.02 19.06
CA GLU D 602 7.28 42.24 17.96
C GLU D 602 7.25 43.65 17.34
N SER D 603 6.46 44.57 17.88
CA SER D 603 6.23 45.89 17.26
C SER D 603 7.47 46.70 16.86
N SER D 604 8.68 46.27 17.24
CA SER D 604 9.91 46.85 16.72
C SER D 604 10.31 46.36 15.33
N SER D 605 9.62 45.35 14.80
CA SER D 605 9.84 44.83 13.44
C SER D 605 8.58 44.91 12.58
N VAL D 606 7.44 44.49 13.14
CA VAL D 606 6.16 44.45 12.46
C VAL D 606 5.45 45.79 12.49
N SER D 607 4.68 46.05 11.44
CA SER D 607 3.95 47.29 11.24
C SER D 607 2.46 47.10 11.02
N SER D 608 2.10 45.97 10.42
CA SER D 608 0.72 45.56 10.35
C SER D 608 0.58 44.05 10.02
N VAL D 609 -0.60 43.51 10.31
CA VAL D 609 -0.89 42.09 10.15
C VAL D 609 -2.32 41.94 9.64
N PHE D 610 -2.47 41.96 8.32
CA PHE D 610 -3.75 41.68 7.66
C PHE D 610 -3.95 40.17 7.70
N THR D 611 -5.08 39.72 8.29
CA THR D 611 -5.35 38.29 8.51
C THR D 611 -6.56 37.90 7.73
N VAL D 612 -6.52 36.71 7.15
CA VAL D 612 -7.63 36.24 6.34
C VAL D 612 -7.90 34.80 6.74
N THR D 613 -9.19 34.51 6.92
CA THR D 613 -9.69 33.19 7.30
C THR D 613 -10.49 32.58 6.15
N GLY D 614 -10.47 31.26 6.06
CA GLY D 614 -11.06 30.55 4.93
C GLY D 614 -10.20 30.47 3.67
N PHE D 615 -8.90 30.70 3.85
CA PHE D 615 -7.94 30.78 2.75
C PHE D 615 -6.51 30.78 3.25
N ASN D 616 -5.65 30.07 2.54
CA ASN D 616 -4.24 29.90 2.91
C ASN D 616 -3.59 29.20 1.68
N PHE D 617 -2.35 29.55 1.31
CA PHE D 617 -1.74 28.93 0.09
C PHE D 617 -1.87 27.41 0.05
N ALA D 618 -1.91 26.76 1.20
CA ALA D 618 -2.11 25.31 1.25
C ALA D 618 -3.59 24.85 1.10
N GLY D 619 -4.54 25.67 1.54
CA GLY D 619 -5.94 25.34 1.36
C GLY D 619 -6.95 26.33 1.84
N ARG D 620 -8.18 25.83 1.87
CA ARG D 620 -9.34 26.63 2.16
C ARG D 620 -10.19 25.85 3.15
N GLY D 621 -11.50 26.06 3.14
CA GLY D 621 -12.34 25.54 4.20
C GLY D 621 -12.13 26.28 5.53
N GLN D 622 -12.74 25.75 6.59
CA GLN D 622 -12.79 26.47 7.85
C GLN D 622 -11.53 26.25 8.72
N SER D 623 -10.74 25.24 8.40
CA SER D 623 -9.50 24.99 9.13
C SER D 623 -8.32 25.71 8.51
N SER D 624 -8.54 26.78 7.73
CA SER D 624 -7.45 27.46 7.03
C SER D 624 -7.55 28.98 7.22
N GLY D 625 -6.44 29.60 7.58
CA GLY D 625 -6.35 31.06 7.60
C GLY D 625 -4.90 31.45 7.43
N MET D 626 -4.64 32.74 7.34
CA MET D 626 -3.26 33.20 7.18
C MET D 626 -3.13 34.68 7.49
N ALA D 627 -1.88 35.12 7.50
CA ALA D 627 -1.53 36.50 7.73
C ALA D 627 -0.57 37.03 6.67
N PHE D 628 -0.89 38.23 6.17
CA PHE D 628 -0.01 39.05 5.39
C PHE D 628 0.64 40.07 6.33
N ILE D 629 1.88 39.76 6.74
CA ILE D 629 2.63 40.57 7.69
C ILE D 629 3.51 41.60 6.97
N MET D 630 2.99 42.79 6.83
CA MET D 630 3.77 43.92 6.32
C MET D 630 4.66 44.50 7.44
N LEU D 631 5.93 44.77 7.13
CA LEU D 631 6.87 45.43 8.06
C LEU D 631 6.95 46.93 7.82
N LYS D 632 7.63 47.62 8.72
CA LYS D 632 7.85 49.07 8.57
C LYS D 632 9.19 49.25 7.85
N PRO D 633 9.42 50.44 7.27
CA PRO D 633 10.62 50.67 6.47
C PRO D 633 11.91 50.11 7.08
N TRP D 634 12.64 49.40 6.25
CA TRP D 634 14.09 49.06 6.43
C TRP D 634 14.93 49.93 7.36
N GLU D 635 14.96 51.25 7.14
CA GLU D 635 15.75 52.19 7.98
C GLU D 635 15.17 52.37 9.41
N GLU D 636 14.29 51.46 9.83
CA GLU D 636 13.68 51.45 11.16
C GLU D 636 13.63 50.02 11.74
N ARG D 637 14.57 49.18 11.35
CA ARG D 637 14.71 47.86 11.91
C ARG D 637 16.18 47.44 11.88
N PRO D 638 17.09 48.36 12.27
CA PRO D 638 18.50 47.88 12.25
C PRO D 638 18.79 46.73 13.23
N GLY D 639 19.92 46.06 13.00
CA GLY D 639 20.27 44.82 13.69
C GLY D 639 19.60 43.61 13.04
N GLY D 640 20.39 42.56 12.83
CA GLY D 640 19.92 41.29 12.23
C GLY D 640 18.85 40.55 13.02
N GLU D 641 18.57 41.03 14.22
CA GLU D 641 17.48 40.54 15.08
C GLU D 641 16.12 41.06 14.58
N ASN D 642 16.09 42.30 14.10
CA ASN D 642 14.89 42.87 13.45
C ASN D 642 14.82 42.59 11.92
N SER D 643 15.61 41.62 11.45
CA SER D 643 15.48 41.10 10.11
C SER D 643 14.30 40.15 10.06
N VAL D 644 13.62 40.13 8.93
CA VAL D 644 12.49 39.23 8.69
C VAL D 644 12.88 37.75 8.91
N PHE D 645 14.09 37.36 8.54
CA PHE D 645 14.49 35.94 8.69
C PHE D 645 14.58 35.53 10.14
N GLU D 646 15.16 36.44 10.91
CA GLU D 646 15.27 36.27 12.34
C GLU D 646 13.88 36.35 13.03
N LEU D 647 13.11 37.40 12.75
CA LEU D 647 11.71 37.50 13.19
C LEU D 647 10.94 36.21 12.91
N ALA D 648 10.87 35.80 11.64
CA ALA D 648 10.21 34.56 11.21
C ALA D 648 10.53 33.35 12.09
N LYS D 649 11.82 33.13 12.38
CA LYS D 649 12.32 32.11 13.35
C LYS D 649 11.82 32.31 14.78
N ARG D 650 12.00 33.53 15.29
CA ARG D 650 11.56 33.89 16.65
C ARG D 650 10.05 33.63 16.81
N ALA D 651 9.24 34.26 15.97
CA ALA D 651 7.78 34.01 15.93
C ALA D 651 7.39 32.57 15.59
N GLN D 652 8.31 31.80 14.99
CA GLN D 652 8.06 30.37 14.77
C GLN D 652 8.00 29.65 16.09
N MET D 653 9.10 29.68 16.84
CA MET D 653 9.18 29.00 18.13
C MET D 653 7.97 29.36 18.96
N HIS D 654 7.54 30.63 18.92
CA HIS D 654 6.38 31.12 19.70
C HIS D 654 5.19 30.16 19.76
N PHE D 655 4.36 30.08 18.73
CA PHE D 655 3.22 29.16 18.77
C PHE D 655 3.59 27.82 18.14
N PHE D 656 4.48 27.11 18.83
CA PHE D 656 4.91 25.75 18.47
C PHE D 656 4.43 24.81 19.56
N SER D 657 4.99 24.98 20.77
CA SER D 657 4.75 24.03 21.87
C SER D 657 3.28 23.91 22.29
N PHE D 658 2.51 24.98 22.06
CA PHE D 658 1.07 24.96 22.24
C PHE D 658 0.40 24.49 20.94
N LYS D 659 -0.26 23.32 21.01
CA LYS D 659 -0.80 22.62 19.84
C LYS D 659 -2.32 22.85 19.63
N ASP D 660 -2.80 24.02 19.99
CA ASP D 660 -4.15 24.47 19.64
C ASP D 660 -4.33 24.49 18.09
N ALA D 661 -3.21 24.68 17.35
CA ALA D 661 -3.14 24.53 15.88
C ALA D 661 -1.69 24.50 15.36
N MET D 662 -1.45 23.88 14.20
CA MET D 662 -0.18 24.07 13.47
C MET D 662 -0.03 25.50 12.88
N VAL D 663 1.18 26.04 12.93
CA VAL D 663 1.49 27.36 12.37
C VAL D 663 2.80 27.30 11.59
N PHE D 664 2.92 28.17 10.59
CA PHE D 664 4.15 28.31 9.81
C PHE D 664 4.38 29.78 9.51
N ALA D 665 5.62 30.21 9.69
CA ALA D 665 6.04 31.59 9.47
C ALA D 665 7.24 31.55 8.54
N PHE D 666 7.06 31.99 7.29
CA PHE D 666 8.09 31.89 6.25
C PHE D 666 8.11 33.10 5.32
N ALA D 667 9.33 33.48 4.92
CA ALA D 667 9.57 34.55 3.97
C ALA D 667 9.54 34.05 2.50
N PRO D 668 9.07 34.92 1.58
CA PRO D 668 9.04 34.55 0.16
C PRO D 668 10.45 34.53 -0.43
N PRO D 669 10.61 33.82 -1.56
CA PRO D 669 11.92 33.62 -2.19
C PRO D 669 12.60 34.89 -2.70
N SER D 670 13.90 34.77 -2.97
CA SER D 670 14.76 35.87 -3.46
C SER D 670 14.08 36.63 -4.60
N VAL D 671 13.69 35.88 -5.62
CA VAL D 671 12.91 36.41 -6.73
C VAL D 671 11.44 35.95 -6.57
N LEU D 672 10.53 36.92 -6.45
CA LEU D 672 9.14 36.64 -6.06
C LEU D 672 8.39 35.91 -7.18
N GLU D 673 8.44 36.47 -8.39
CA GLU D 673 7.89 35.87 -9.61
C GLU D 673 7.78 34.32 -9.52
N LEU D 674 8.84 33.69 -9.00
CA LEU D 674 8.91 32.24 -8.87
C LEU D 674 8.90 31.86 -7.42
N GLY D 675 7.84 31.21 -6.96
CA GLY D 675 7.88 30.56 -5.65
C GLY D 675 6.78 30.84 -4.63
N ASN D 676 6.67 32.08 -4.12
CA ASN D 676 5.78 32.35 -2.95
C ASN D 676 6.34 31.82 -1.58
N ALA D 677 7.28 30.87 -1.64
CA ALA D 677 8.02 30.29 -0.52
C ALA D 677 9.37 29.71 -1.02
N THR D 678 10.44 29.91 -0.24
CA THR D 678 11.78 29.40 -0.64
C THR D 678 11.90 27.87 -0.53
N GLY D 679 12.87 27.30 -1.23
CA GLY D 679 13.21 25.88 -1.09
C GLY D 679 13.00 25.07 -2.34
N PHE D 680 12.81 23.75 -2.18
CA PHE D 680 12.34 22.85 -3.25
C PHE D 680 10.80 22.69 -3.22
N ASP D 681 10.28 22.20 -4.34
CA ASP D 681 8.85 21.96 -4.60
C ASP D 681 8.79 20.70 -5.49
N LEU D 682 7.86 19.81 -5.16
CA LEU D 682 7.67 18.58 -5.91
C LEU D 682 6.32 18.02 -5.62
N PHE D 683 5.90 17.13 -6.52
CA PHE D 683 4.63 16.44 -6.42
C PHE D 683 4.91 14.95 -6.42
N LEU D 684 4.25 14.23 -5.51
CA LEU D 684 4.22 12.77 -5.55
C LEU D 684 2.98 12.51 -6.38
N GLN D 685 3.02 11.51 -7.24
CA GLN D 685 1.92 11.31 -8.16
C GLN D 685 1.53 9.84 -8.30
N ASP D 686 0.22 9.59 -8.34
CA ASP D 686 -0.33 8.25 -8.50
C ASP D 686 -0.42 7.87 -9.95
N GLN D 687 0.60 7.21 -10.48
CA GLN D 687 0.61 6.82 -11.90
C GLN D 687 -0.12 5.51 -12.26
N ALA D 688 -0.46 4.67 -11.27
CA ALA D 688 -1.09 3.34 -11.53
C ALA D 688 -2.50 3.18 -10.93
N GLY D 689 -3.18 4.29 -10.63
CA GLY D 689 -4.49 4.26 -9.97
C GLY D 689 -4.49 3.53 -8.62
N VAL D 690 -3.42 3.72 -7.85
CA VAL D 690 -3.28 3.16 -6.51
C VAL D 690 -4.26 3.76 -5.52
N GLY D 691 -4.92 4.83 -5.91
CA GLY D 691 -6.02 5.35 -5.13
C GLY D 691 -5.59 6.35 -4.09
N HIS D 692 -6.58 7.10 -3.65
CA HIS D 692 -6.35 8.28 -2.84
C HIS D 692 -5.68 7.97 -1.52
N GLU D 693 -5.68 6.68 -1.17
CA GLU D 693 -5.29 6.20 0.16
C GLU D 693 -3.82 5.84 0.18
N VAL D 694 -3.39 4.87 -0.63
CA VAL D 694 -1.97 4.59 -0.84
C VAL D 694 -1.11 5.87 -1.05
N LEU D 695 -1.67 6.87 -1.73
CA LEU D 695 -0.97 8.13 -1.98
C LEU D 695 -0.73 8.94 -0.71
N LEU D 696 -1.68 8.87 0.21
CA LEU D 696 -1.55 9.51 1.53
C LEU D 696 -0.56 8.75 2.42
N GLN D 697 -0.64 7.43 2.40
CA GLN D 697 0.39 6.61 3.02
C GLN D 697 1.73 7.07 2.50
N ALA D 698 1.90 7.05 1.18
CA ALA D 698 3.13 7.46 0.51
C ALA D 698 3.64 8.85 0.92
N ARG D 699 2.73 9.81 0.91
CA ARG D 699 3.05 11.14 1.33
C ARG D 699 3.51 11.17 2.79
N ASN D 700 2.58 10.88 3.70
CA ASN D 700 2.85 10.81 5.13
C ASN D 700 4.16 10.02 5.44
N LYS D 701 4.31 8.90 4.76
CA LYS D 701 5.58 8.23 4.80
C LYS D 701 6.72 9.17 4.38
N PHE D 702 6.68 9.69 3.13
CA PHE D 702 7.68 10.66 2.65
C PHE D 702 8.06 11.67 3.72
N LEU D 703 7.05 12.23 4.37
CA LEU D 703 7.32 13.24 5.38
C LEU D 703 8.08 12.68 6.57
N MET D 704 7.63 11.52 7.07
CA MET D 704 8.23 10.86 8.24
C MET D 704 9.74 10.65 8.03
N LEU D 705 10.12 10.09 6.88
CA LEU D 705 11.52 9.97 6.51
C LEU D 705 12.24 11.35 6.39
N ALA D 706 11.54 12.32 5.81
CA ALA D 706 12.11 13.65 5.58
C ALA D 706 12.50 14.38 6.85
N ALA D 707 11.73 14.19 7.91
CA ALA D 707 11.98 14.89 9.19
C ALA D 707 13.27 14.46 9.89
N GLN D 708 13.84 13.31 9.49
CA GLN D 708 15.13 12.87 9.98
C GLN D 708 16.26 13.18 9.04
N ASN D 709 16.02 13.06 7.72
CA ASN D 709 17.07 13.33 6.71
C ASN D 709 17.82 14.62 7.04
N PRO D 710 19.14 14.53 7.40
CA PRO D 710 19.89 15.72 7.83
C PRO D 710 20.11 16.80 6.72
N ALA D 711 19.87 16.42 5.45
CA ALA D 711 19.97 17.31 4.31
C ALA D 711 18.78 18.26 4.16
N LEU D 712 17.62 17.90 4.73
CA LEU D 712 16.42 18.72 4.62
C LEU D 712 16.12 19.56 5.85
N GLN D 713 15.10 20.39 5.76
CA GLN D 713 14.56 21.14 6.88
C GLN D 713 13.22 21.69 6.47
N ARG D 714 12.46 22.10 7.46
CA ARG D 714 11.11 22.64 7.27
C ARG D 714 10.26 21.95 6.16
N VAL D 715 10.43 20.65 5.95
CA VAL D 715 9.65 20.00 4.88
C VAL D 715 8.22 19.70 5.36
N ARG D 716 7.26 20.03 4.49
CA ARG D 716 5.85 19.85 4.78
C ARG D 716 5.05 19.63 3.53
N PRO D 717 3.79 19.20 3.66
CA PRO D 717 2.95 19.10 2.50
C PRO D 717 2.22 20.44 2.24
N ASN D 718 1.89 20.69 1.00
CA ASN D 718 1.13 21.89 0.67
C ASN D 718 -0.36 21.60 0.48
N GLY D 719 -0.75 20.33 0.59
CA GLY D 719 -2.17 19.96 0.75
C GLY D 719 -2.65 19.94 2.20
N MET D 720 -3.64 19.10 2.47
CA MET D 720 -4.22 18.99 3.80
C MET D 720 -4.42 17.51 4.16
N SER D 721 -4.58 17.23 5.45
CA SER D 721 -4.88 15.88 5.89
C SER D 721 -6.36 15.63 5.65
N ASP D 722 -6.72 14.36 5.58
CA ASP D 722 -8.14 13.97 5.52
C ASP D 722 -8.89 14.42 6.78
N GLU D 723 -10.21 14.35 6.68
CA GLU D 723 -11.10 14.90 7.69
C GLU D 723 -12.42 14.08 7.76
N PRO D 724 -13.25 14.33 8.77
CA PRO D 724 -14.48 13.56 8.84
C PRO D 724 -15.55 14.16 7.92
N GLN D 725 -16.30 13.29 7.25
CA GLN D 725 -17.36 13.70 6.30
C GLN D 725 -18.62 12.83 6.42
N TYR D 726 -19.79 13.47 6.40
CA TYR D 726 -21.03 12.78 6.67
C TYR D 726 -21.65 12.33 5.37
N LYS D 727 -21.48 11.05 5.06
CA LYS D 727 -22.09 10.46 3.89
C LYS D 727 -23.57 10.14 4.12
N LEU D 728 -24.44 10.90 3.48
CA LEU D 728 -25.83 10.52 3.30
C LEU D 728 -25.92 9.15 2.63
N GLU D 729 -26.90 8.35 3.05
CA GLU D 729 -27.17 7.07 2.41
C GLU D 729 -28.67 6.96 2.12
N ILE D 730 -29.09 7.58 1.02
CA ILE D 730 -30.49 7.49 0.55
C ILE D 730 -30.85 6.06 0.10
N ASP D 731 -32.13 5.85 -0.22
CA ASP D 731 -32.64 4.54 -0.61
C ASP D 731 -33.25 4.54 -1.99
N ASP D 732 -32.41 4.32 -2.98
CA ASP D 732 -32.84 4.17 -4.38
C ASP D 732 -33.59 2.82 -4.53
N GLU D 733 -34.63 2.66 -3.70
CA GLU D 733 -35.30 1.37 -3.48
C GLU D 733 -36.49 1.56 -2.50
N LYS D 734 -36.20 1.90 -1.25
CA LYS D 734 -37.26 2.17 -0.25
C LYS D 734 -38.02 3.44 -0.62
N ALA D 735 -37.29 4.52 -0.81
CA ALA D 735 -37.88 5.87 -1.03
C ALA D 735 -38.88 5.91 -2.16
N SER D 736 -38.69 5.02 -3.13
CA SER D 736 -39.62 4.82 -4.23
C SER D 736 -40.96 4.32 -3.70
N ALA D 737 -40.90 3.34 -2.80
CA ALA D 737 -42.10 2.84 -2.10
C ALA D 737 -42.90 3.87 -1.29
N LEU D 738 -42.40 5.09 -1.12
CA LEU D 738 -43.12 6.18 -0.41
C LEU D 738 -43.65 7.25 -1.38
N GLY D 739 -43.52 7.01 -2.68
CA GLY D 739 -43.96 7.98 -3.72
C GLY D 739 -42.96 9.06 -4.15
N VAL D 740 -42.02 9.41 -3.27
CA VAL D 740 -41.06 10.51 -3.50
C VAL D 740 -40.05 10.21 -4.63
N SER D 741 -39.89 11.18 -5.52
CA SER D 741 -39.03 11.06 -6.68
C SER D 741 -37.59 11.39 -6.30
N LEU D 742 -36.65 10.52 -6.68
CA LEU D 742 -35.22 10.69 -6.41
C LEU D 742 -34.73 12.10 -6.77
N ALA D 743 -35.09 12.53 -7.97
CA ALA D 743 -34.82 13.89 -8.44
C ALA D 743 -35.14 14.94 -7.37
N ASP D 744 -36.37 14.91 -6.87
CA ASP D 744 -36.85 15.82 -5.80
C ASP D 744 -36.08 15.71 -4.47
N ILE D 745 -35.57 14.52 -4.18
CA ILE D 745 -34.70 14.31 -3.02
C ILE D 745 -33.42 15.11 -3.24
N ASN D 746 -32.82 14.99 -4.43
CA ASN D 746 -31.57 15.68 -4.76
C ASN D 746 -31.76 17.19 -4.83
N SER D 747 -32.84 17.64 -5.46
CA SER D 747 -33.19 19.07 -5.49
C SER D 747 -33.30 19.68 -4.08
N THR D 748 -33.94 18.97 -3.16
CA THR D 748 -34.08 19.46 -1.79
C THR D 748 -32.74 19.46 -1.07
N VAL D 749 -31.94 18.41 -1.30
CA VAL D 749 -30.59 18.28 -0.75
C VAL D 749 -29.72 19.51 -1.09
N SER D 750 -29.77 19.95 -2.35
CA SER D 750 -28.87 20.98 -2.87
C SER D 750 -29.36 22.39 -2.62
N ILE D 751 -30.66 22.63 -2.85
CA ILE D 751 -31.24 23.98 -2.65
C ILE D 751 -31.24 24.35 -1.17
N ALA D 752 -31.08 23.37 -0.28
CA ALA D 752 -31.15 23.61 1.15
C ALA D 752 -29.81 23.47 1.89
N TRP D 753 -29.07 22.39 1.65
CA TRP D 753 -27.76 22.23 2.29
C TRP D 753 -26.67 22.97 1.51
N GLY D 754 -26.47 22.56 0.26
CA GLY D 754 -25.38 23.06 -0.61
C GLY D 754 -25.48 24.51 -1.02
N SER D 755 -26.72 24.96 -1.17
CA SER D 755 -27.02 26.32 -1.61
C SER D 755 -27.30 26.26 -3.12
N SER D 756 -28.02 27.27 -3.60
CA SER D 756 -28.46 27.33 -4.99
C SER D 756 -28.51 28.74 -5.53
N TYR D 757 -28.20 28.85 -6.81
CA TYR D 757 -28.09 30.10 -7.51
C TYR D 757 -29.27 30.14 -8.46
N VAL D 758 -30.21 31.03 -8.21
CA VAL D 758 -31.48 31.02 -8.89
C VAL D 758 -31.44 31.98 -10.08
N ASN D 759 -31.16 33.25 -9.80
CA ASN D 759 -31.08 34.28 -10.84
C ASN D 759 -30.43 35.55 -10.32
N ASP D 760 -30.59 36.68 -11.04
CA ASP D 760 -29.97 37.96 -10.66
C ASP D 760 -31.04 38.98 -10.32
N PHE D 761 -30.59 40.09 -9.75
CA PHE D 761 -31.42 41.21 -9.37
C PHE D 761 -30.53 42.47 -9.36
N ILE D 762 -31.10 43.66 -9.31
CA ILE D 762 -30.30 44.88 -9.25
C ILE D 762 -30.18 45.37 -7.81
N ASP D 763 -29.03 45.96 -7.46
CA ASP D 763 -28.82 46.62 -6.19
C ASP D 763 -27.98 47.88 -6.38
N ARG D 764 -28.58 49.03 -6.08
CA ARG D 764 -27.95 50.34 -6.25
C ARG D 764 -27.31 50.48 -7.64
N GLY D 765 -28.04 50.00 -8.66
CA GLY D 765 -27.58 50.00 -10.05
C GLY D 765 -26.84 48.78 -10.57
N ARG D 766 -26.06 48.09 -9.73
CA ARG D 766 -25.28 46.90 -10.15
C ARG D 766 -26.20 45.69 -10.23
N VAL D 767 -25.81 44.70 -11.02
CA VAL D 767 -26.46 43.40 -11.07
C VAL D 767 -25.71 42.53 -10.11
N LYS D 768 -26.42 41.95 -9.14
CA LYS D 768 -25.84 40.96 -8.21
C LYS D 768 -26.64 39.67 -8.26
N ARG D 769 -26.30 38.70 -7.42
CA ARG D 769 -26.95 37.36 -7.40
C ARG D 769 -28.11 37.19 -6.41
N VAL D 770 -28.83 36.08 -6.52
CA VAL D 770 -29.84 35.75 -5.53
C VAL D 770 -29.71 34.27 -5.28
N TYR D 771 -29.02 33.96 -4.20
CA TYR D 771 -28.89 32.59 -3.75
C TYR D 771 -30.01 32.22 -2.79
N LEU D 772 -30.24 30.92 -2.65
CA LEU D 772 -31.33 30.33 -1.88
C LEU D 772 -30.71 29.20 -1.10
N GLN D 773 -31.03 29.10 0.19
CA GLN D 773 -30.45 28.06 1.05
C GLN D 773 -31.23 27.90 2.38
N GLY D 774 -31.13 26.69 2.94
CA GLY D 774 -31.65 26.39 4.27
C GLY D 774 -30.96 27.21 5.34
N ARG D 775 -31.72 27.56 6.37
CA ARG D 775 -31.28 28.44 7.47
C ARG D 775 -30.17 27.82 8.36
N PRO D 776 -29.25 28.64 8.91
CA PRO D 776 -28.04 28.08 9.57
C PRO D 776 -28.35 26.94 10.55
N ASP D 777 -29.13 27.29 11.58
CA ASP D 777 -29.62 26.36 12.63
C ASP D 777 -30.42 25.12 12.15
N ALA D 778 -30.72 25.04 10.85
CA ALA D 778 -31.40 23.90 10.23
C ALA D 778 -30.50 23.01 9.35
N ARG D 779 -29.19 23.07 9.60
CA ARG D 779 -28.18 22.26 8.86
C ARG D 779 -26.82 22.19 9.58
N MET D 780 -26.79 22.49 10.88
CA MET D 780 -25.57 22.52 11.68
C MET D 780 -25.16 21.14 12.15
N ASN D 781 -26.14 20.28 12.40
CA ASN D 781 -25.86 18.94 12.94
C ASN D 781 -26.71 17.92 12.17
N PRO D 782 -26.32 16.64 12.18
CA PRO D 782 -27.09 15.62 11.44
C PRO D 782 -28.59 15.51 11.82
N ASP D 783 -28.91 15.71 13.10
CA ASP D 783 -30.32 15.86 13.55
C ASP D 783 -31.10 16.79 12.62
N ASP D 784 -30.48 17.93 12.25
CA ASP D 784 -31.07 18.93 11.37
C ASP D 784 -31.45 18.40 9.97
N LEU D 785 -30.72 17.38 9.47
CA LEU D 785 -30.95 16.80 8.12
C LEU D 785 -32.30 16.12 7.91
N SER D 786 -33.08 16.04 8.97
CA SER D 786 -34.37 15.39 8.92
C SER D 786 -35.52 16.37 9.07
N LYS D 787 -35.24 17.58 9.57
CA LYS D 787 -36.25 18.66 9.56
C LYS D 787 -36.83 18.97 8.14
N TRP D 788 -36.18 18.44 7.09
CA TRP D 788 -36.52 18.74 5.71
C TRP D 788 -37.48 17.69 5.21
N TYR D 789 -38.70 18.13 4.96
CA TYR D 789 -39.73 17.26 4.39
C TYR D 789 -39.80 17.54 2.88
N VAL D 790 -40.12 16.49 2.12
CA VAL D 790 -40.26 16.55 0.66
C VAL D 790 -41.62 16.00 0.19
N ARG D 791 -42.41 16.81 -0.52
CA ARG D 791 -43.67 16.40 -1.14
C ARG D 791 -43.49 15.23 -2.11
N ASN D 792 -44.41 14.26 -2.01
CA ASN D 792 -44.41 13.06 -2.83
C ASN D 792 -45.49 13.14 -3.93
N ASP D 793 -45.62 12.04 -4.68
CA ASP D 793 -46.55 11.91 -5.82
C ASP D 793 -48.06 11.90 -5.49
N LYS D 794 -48.44 12.40 -4.33
CA LYS D 794 -49.85 12.56 -3.96
C LYS D 794 -50.12 13.56 -2.83
N GLY D 795 -49.15 14.43 -2.50
CA GLY D 795 -49.28 15.43 -1.44
C GLY D 795 -48.61 15.10 -0.11
N GLU D 796 -48.56 13.81 0.23
CA GLU D 796 -48.04 13.36 1.53
C GLU D 796 -46.53 13.67 1.67
N MET D 797 -46.21 14.82 2.26
CA MET D 797 -44.82 15.28 2.37
C MET D 797 -44.02 14.47 3.40
N VAL D 798 -43.16 13.58 2.90
CA VAL D 798 -42.36 12.66 3.70
C VAL D 798 -41.02 13.30 4.18
N PRO D 799 -40.69 13.17 5.50
CA PRO D 799 -39.42 13.67 6.02
C PRO D 799 -38.22 12.83 5.65
N PHE D 800 -37.04 13.41 5.77
CA PHE D 800 -35.82 12.82 5.24
C PHE D 800 -35.44 11.50 5.91
N ASN D 801 -35.50 11.49 7.25
CA ASN D 801 -35.26 10.26 8.01
C ASN D 801 -36.39 9.22 7.90
N ALA D 802 -37.09 9.19 6.78
CA ALA D 802 -37.99 8.11 6.42
C ALA D 802 -37.41 7.24 5.30
N PHE D 803 -36.41 7.77 4.60
CA PHE D 803 -35.82 7.12 3.42
C PHE D 803 -34.30 7.21 3.31
N ALA D 804 -33.62 7.65 4.37
CA ALA D 804 -32.18 7.85 4.33
C ALA D 804 -31.60 7.96 5.71
N THR D 805 -30.40 7.41 5.86
CA THR D 805 -29.71 7.35 7.13
C THR D 805 -28.23 7.53 6.87
N GLY D 806 -27.66 8.58 7.42
CA GLY D 806 -26.27 8.91 7.16
C GLY D 806 -25.21 8.03 7.82
N LYS D 807 -23.98 8.50 7.79
CA LYS D 807 -22.81 7.79 8.29
C LYS D 807 -21.55 8.67 8.17
N TRP D 808 -20.54 8.42 9.01
CA TRP D 808 -19.25 9.13 8.96
C TRP D 808 -18.13 8.35 8.28
N GLU D 809 -17.20 9.07 7.65
CA GLU D 809 -16.03 8.48 6.98
C GLU D 809 -15.00 9.56 6.73
N TYR D 810 -13.82 9.16 6.22
CA TYR D 810 -12.75 10.11 5.86
C TYR D 810 -12.89 10.61 4.41
N GLY D 811 -12.16 11.67 4.10
CA GLY D 811 -12.17 12.24 2.77
C GLY D 811 -11.42 13.54 2.67
N SER D 812 -10.75 13.75 1.54
CA SER D 812 -9.88 14.91 1.38
C SER D 812 -10.68 16.20 1.16
N PRO D 813 -10.34 17.27 1.89
CA PRO D 813 -10.84 18.61 1.62
C PRO D 813 -10.14 19.37 0.50
N LYS D 814 -9.01 18.86 -0.01
CA LYS D 814 -8.28 19.47 -1.12
C LYS D 814 -7.69 18.35 -1.93
N LEU D 815 -8.28 18.09 -3.10
CA LEU D 815 -7.77 17.08 -4.02
C LEU D 815 -6.94 17.81 -5.07
N GLU D 816 -5.72 17.32 -5.31
CA GLU D 816 -4.76 17.97 -6.21
C GLU D 816 -4.14 16.98 -7.17
N ARG D 817 -4.15 17.28 -8.48
CA ARG D 817 -3.46 16.41 -9.47
C ARG D 817 -2.35 17.14 -10.22
N TYR D 818 -1.47 16.40 -10.86
CA TYR D 818 -0.30 16.98 -11.53
C TYR D 818 0.03 16.13 -12.77
N ASN D 819 -0.25 16.71 -13.92
CA ASN D 819 -0.23 16.06 -15.19
C ASN D 819 -1.42 15.09 -15.26
N GLY D 820 -2.60 15.64 -14.91
CA GLY D 820 -3.88 14.95 -15.10
C GLY D 820 -3.94 13.59 -14.44
N VAL D 821 -3.35 13.53 -13.25
CA VAL D 821 -3.18 12.29 -12.49
C VAL D 821 -3.08 12.72 -11.03
N PRO D 822 -3.67 11.97 -10.10
CA PRO D 822 -3.77 12.56 -8.75
C PRO D 822 -2.37 12.71 -8.09
N ALA D 823 -2.24 13.67 -7.20
CA ALA D 823 -0.92 14.11 -6.83
C ALA D 823 -0.91 14.64 -5.40
N MET D 824 0.27 14.96 -4.89
CA MET D 824 0.35 15.58 -3.58
C MET D 824 1.63 16.40 -3.49
N GLU D 825 1.47 17.70 -3.23
CA GLU D 825 2.56 18.68 -3.30
C GLU D 825 3.23 18.78 -1.95
N ILE D 826 4.55 18.65 -1.98
CA ILE D 826 5.38 18.71 -0.80
C ILE D 826 6.40 19.78 -1.09
N LEU D 827 6.54 20.74 -0.19
CA LEU D 827 7.58 21.77 -0.30
C LEU D 827 8.37 21.95 0.99
N GLY D 828 9.67 21.74 0.91
CA GLY D 828 10.60 22.03 1.99
C GLY D 828 11.90 22.70 1.52
N GLU D 829 12.72 23.09 2.48
CA GLU D 829 13.97 23.83 2.27
C GLU D 829 15.16 22.90 2.49
N PRO D 830 16.36 23.32 2.07
CA PRO D 830 17.58 22.59 2.43
C PRO D 830 18.07 22.88 3.83
N ALA D 831 18.87 21.96 4.36
CA ALA D 831 19.44 22.08 5.70
C ALA D 831 20.48 23.18 5.68
N PRO D 832 20.43 24.09 6.69
CA PRO D 832 21.29 25.28 6.70
C PRO D 832 22.72 24.93 6.32
N GLY D 833 23.33 25.77 5.47
CA GLY D 833 24.66 25.49 4.93
C GLY D 833 24.78 24.39 3.89
N LEU D 834 23.66 23.91 3.34
CA LEU D 834 23.70 23.00 2.19
C LEU D 834 23.06 23.66 0.97
N SER D 835 23.36 23.09 -0.20
CA SER D 835 22.83 23.58 -1.45
C SER D 835 21.51 22.88 -1.76
N SER D 836 20.67 23.51 -2.55
CA SER D 836 19.44 22.86 -3.02
C SER D 836 19.75 21.64 -3.89
N GLY D 837 20.93 21.58 -4.47
CA GLY D 837 21.36 20.37 -5.14
C GLY D 837 21.55 19.18 -4.19
N ASP D 838 21.91 19.47 -2.95
CA ASP D 838 22.08 18.45 -1.92
C ASP D 838 20.69 17.97 -1.53
N ALA D 839 19.86 18.90 -1.03
CA ALA D 839 18.47 18.66 -0.67
C ALA D 839 17.66 17.93 -1.77
N MET D 840 17.97 18.16 -3.02
CA MET D 840 17.25 17.46 -4.07
C MET D 840 17.72 16.01 -4.21
N ALA D 841 18.99 15.74 -3.91
CA ALA D 841 19.54 14.38 -4.06
C ALA D 841 19.08 13.51 -2.90
N ALA D 842 19.06 14.13 -1.73
CA ALA D 842 18.32 13.62 -0.59
C ALA D 842 16.90 13.13 -0.96
N VAL D 843 16.09 14.00 -1.56
CA VAL D 843 14.71 13.67 -1.88
C VAL D 843 14.70 12.59 -2.96
N GLU D 844 15.58 12.72 -3.96
CA GLU D 844 15.77 11.70 -5.02
C GLU D 844 16.01 10.32 -4.40
N GLU D 845 16.49 10.32 -3.15
CA GLU D 845 16.73 9.10 -2.36
C GLU D 845 15.56 8.65 -1.46
N ILE D 846 15.08 9.55 -0.61
CA ILE D 846 13.89 9.29 0.19
C ILE D 846 12.77 8.72 -0.68
N VAL D 847 12.69 9.16 -1.91
CA VAL D 847 11.61 8.79 -2.83
C VAL D 847 11.75 7.36 -3.33
N LYS D 848 12.97 6.81 -3.33
CA LYS D 848 13.22 5.44 -3.82
C LYS D 848 12.43 4.43 -3.02
N GLN D 849 12.01 4.83 -1.82
CA GLN D 849 11.26 4.00 -0.91
C GLN D 849 9.82 4.51 -0.78
N LEU D 850 9.10 4.51 -1.88
CA LEU D 850 7.70 4.90 -1.89
C LEU D 850 6.93 3.68 -2.36
N PRO D 851 5.61 3.63 -2.08
CA PRO D 851 4.80 2.51 -2.60
C PRO D 851 4.88 2.35 -4.13
N LYS D 852 5.01 1.11 -4.59
CA LYS D 852 4.90 0.82 -6.03
C LYS D 852 3.63 1.47 -6.62
N GLY D 853 3.76 2.03 -7.80
CA GLY D 853 2.69 2.84 -8.43
C GLY D 853 2.60 4.30 -8.00
N VAL D 854 3.58 4.79 -7.23
CA VAL D 854 3.66 6.19 -6.87
C VAL D 854 4.98 6.77 -7.40
N GLY D 855 4.87 7.77 -8.26
CA GLY D 855 6.02 8.51 -8.77
C GLY D 855 6.10 9.90 -8.16
N TYR D 856 7.00 10.71 -8.73
CA TYR D 856 7.17 12.09 -8.30
C TYR D 856 7.58 13.00 -9.47
N SER D 857 7.40 14.30 -9.27
CA SER D 857 7.79 15.34 -10.24
C SER D 857 8.29 16.56 -9.55
N TRP D 858 9.45 17.03 -9.96
CA TRP D 858 9.94 18.33 -9.53
C TRP D 858 9.15 19.39 -10.28
N THR D 859 8.56 20.32 -9.53
CA THR D 859 7.80 21.41 -10.13
C THR D 859 8.44 22.71 -9.69
N GLY D 860 7.91 23.83 -10.16
CA GLY D 860 8.24 25.16 -9.61
C GLY D 860 9.66 25.60 -9.81
N LEU D 861 10.14 26.41 -8.86
CA LEU D 861 11.58 26.79 -8.80
C LEU D 861 12.59 25.62 -8.77
N SER D 862 12.10 24.45 -8.37
CA SER D 862 12.90 23.23 -8.35
C SER D 862 13.06 22.58 -9.73
N TYR D 863 12.08 22.74 -10.59
CA TYR D 863 12.19 22.35 -11.99
C TYR D 863 13.17 23.35 -12.63
N GLU D 864 12.95 24.63 -12.32
CA GLU D 864 13.64 25.75 -12.99
C GLU D 864 15.15 25.63 -12.80
N GLU D 865 15.58 25.08 -11.66
CA GLU D 865 16.99 24.93 -11.31
C GLU D 865 17.34 23.44 -11.31
N ARG D 866 16.93 22.79 -12.39
CA ARG D 866 17.26 21.39 -12.68
C ARG D 866 17.41 21.17 -14.22
N LEU D 867 17.20 22.25 -14.98
CA LEU D 867 17.33 22.29 -16.43
C LEU D 867 18.81 22.54 -16.76
N SER D 868 19.49 23.29 -15.88
CA SER D 868 20.91 23.58 -16.02
C SER D 868 21.75 23.36 -14.75
N GLY D 869 21.16 22.95 -13.64
CA GLY D 869 21.87 22.96 -12.35
C GLY D 869 22.55 24.31 -12.09
N SER D 870 23.89 24.34 -12.23
CA SER D 870 24.71 25.59 -12.20
C SER D 870 26.03 25.47 -13.02
N GLN D 871 25.99 25.99 -14.27
CA GLN D 871 27.20 26.20 -15.11
C GLN D 871 28.12 27.19 -14.42
N ALA D 872 29.42 26.94 -14.48
CA ALA D 872 30.41 27.69 -13.66
C ALA D 872 31.81 27.18 -13.90
N PRO D 873 32.01 25.84 -13.81
CA PRO D 873 33.31 25.33 -14.28
C PRO D 873 33.57 25.57 -15.78
N ALA D 874 32.50 25.64 -16.58
CA ALA D 874 32.62 26.04 -18.01
C ALA D 874 32.87 27.54 -18.12
N LEU D 875 32.13 28.33 -17.33
CA LEU D 875 32.27 29.76 -17.34
C LEU D 875 33.73 30.14 -17.15
N TYR D 876 34.31 29.72 -16.01
CA TYR D 876 35.73 29.97 -15.71
C TYR D 876 36.65 29.36 -16.78
N ALA D 877 36.34 28.14 -17.21
CA ALA D 877 37.11 27.49 -18.29
C ALA D 877 37.20 28.38 -19.51
N LEU D 878 36.04 28.78 -20.04
CA LEU D 878 35.95 29.61 -21.25
C LEU D 878 36.63 30.94 -21.10
N SER D 879 36.24 31.68 -20.05
CA SER D 879 36.79 33.02 -19.78
C SER D 879 38.33 33.02 -19.65
N LEU D 880 38.88 32.06 -18.92
CA LEU D 880 40.32 31.95 -18.85
C LEU D 880 40.93 31.58 -20.22
N LEU D 881 40.27 30.71 -21.00
CA LEU D 881 40.82 30.33 -22.32
C LEU D 881 40.89 31.54 -23.22
N VAL D 882 39.86 32.36 -23.14
CA VAL D 882 39.69 33.52 -23.98
C VAL D 882 40.61 34.68 -23.53
N VAL D 883 41.04 34.66 -22.28
CA VAL D 883 42.02 35.65 -21.81
C VAL D 883 43.39 35.22 -22.29
N PHE D 884 43.73 33.94 -22.08
CA PHE D 884 44.98 33.41 -22.62
C PHE D 884 45.11 33.82 -24.08
N LEU D 885 44.19 33.33 -24.90
CA LEU D 885 44.15 33.66 -26.32
C LEU D 885 44.43 35.15 -26.66
N CYS D 886 43.68 36.04 -26.03
CA CYS D 886 43.92 37.45 -26.20
C CYS D 886 45.35 37.78 -25.83
N LEU D 887 45.73 37.47 -24.62
CA LEU D 887 47.09 37.75 -24.16
C LEU D 887 48.18 37.20 -25.10
N ALA D 888 47.95 36.04 -25.69
CA ALA D 888 48.86 35.51 -26.70
C ALA D 888 48.94 36.40 -27.97
N ALA D 889 47.79 36.93 -28.38
CA ALA D 889 47.78 37.93 -29.42
C ALA D 889 48.50 39.20 -28.99
N LEU D 890 48.33 39.59 -27.73
CA LEU D 890 48.97 40.81 -27.20
C LEU D 890 50.50 40.79 -27.16
N TYR D 891 51.08 39.67 -26.75
CA TYR D 891 52.52 39.58 -26.57
C TYR D 891 53.21 38.85 -27.72
N GLU D 892 52.44 38.44 -28.73
CA GLU D 892 52.99 37.65 -29.83
C GLU D 892 53.83 36.47 -29.31
N SER D 893 53.19 35.63 -28.51
CA SER D 893 53.84 34.53 -27.83
C SER D 893 52.84 33.66 -27.08
N TRP D 894 53.15 32.37 -26.95
CA TRP D 894 52.34 31.43 -26.20
C TRP D 894 52.76 31.28 -24.74
N SER D 895 53.91 31.83 -24.38
CA SER D 895 54.58 31.59 -23.09
C SER D 895 54.32 32.72 -22.11
N ILE D 896 54.69 33.91 -22.59
CA ILE D 896 54.55 35.15 -21.83
C ILE D 896 53.18 35.23 -21.15
N PRO D 897 52.05 34.90 -21.88
CA PRO D 897 50.73 34.95 -21.25
C PRO D 897 50.55 34.14 -19.97
N PHE D 898 51.29 33.04 -19.75
CA PHE D 898 51.20 32.29 -18.45
C PHE D 898 51.75 33.06 -17.26
N SER D 899 52.66 33.99 -17.52
CA SER D 899 53.20 34.90 -16.50
C SER D 899 52.17 35.88 -15.92
N VAL D 900 50.92 35.72 -16.33
CA VAL D 900 49.78 36.51 -15.86
C VAL D 900 48.51 35.64 -15.63
N MET D 901 48.34 34.54 -16.35
CA MET D 901 47.33 33.54 -15.97
C MET D 901 47.53 33.05 -14.56
N LEU D 902 48.79 32.84 -14.17
CA LEU D 902 49.12 32.32 -12.83
C LEU D 902 48.80 33.24 -11.66
N VAL D 903 48.67 34.54 -11.89
CA VAL D 903 48.14 35.41 -10.83
C VAL D 903 46.66 35.17 -10.52
N VAL D 904 45.96 34.36 -11.32
CA VAL D 904 44.51 34.20 -11.16
C VAL D 904 44.15 33.77 -9.71
N PRO D 905 44.68 32.60 -9.25
CA PRO D 905 44.44 32.12 -7.89
C PRO D 905 44.80 33.10 -6.78
N LEU D 906 45.81 33.90 -7.01
CA LEU D 906 46.17 34.91 -6.03
C LEU D 906 44.99 35.83 -5.65
N GLY D 907 44.09 36.07 -6.60
CA GLY D 907 42.85 36.80 -6.33
C GLY D 907 41.69 35.95 -5.82
N VAL D 908 41.70 34.67 -6.19
CA VAL D 908 40.64 33.75 -5.80
C VAL D 908 40.64 33.47 -4.29
N ILE D 909 41.79 33.09 -3.74
CA ILE D 909 41.87 32.79 -2.30
C ILE D 909 41.19 33.83 -1.41
N GLY D 910 41.42 35.11 -1.69
CA GLY D 910 40.84 36.18 -0.88
C GLY D 910 39.39 36.39 -1.21
N ALA D 911 39.04 36.09 -2.46
CA ALA D 911 37.64 36.04 -2.85
C ALA D 911 36.94 35.01 -1.95
N LEU D 912 37.45 33.77 -1.99
CA LEU D 912 36.95 32.67 -1.18
C LEU D 912 36.99 32.95 0.34
N LEU D 913 38.19 33.20 0.88
CA LEU D 913 38.34 33.66 2.26
C LEU D 913 37.22 34.60 2.64
N ALA D 914 37.23 35.82 2.11
CA ALA D 914 36.32 36.86 2.59
C ALA D 914 34.82 36.44 2.55
N THR D 915 34.46 35.59 1.59
CA THR D 915 33.06 35.15 1.43
C THR D 915 32.67 34.14 2.51
N SER D 916 33.51 33.13 2.71
CA SER D 916 33.29 32.14 3.79
C SER D 916 33.35 32.78 5.20
N MET D 917 34.35 33.63 5.42
CA MET D 917 34.46 34.42 6.65
C MET D 917 33.26 35.33 6.98
N ARG D 918 32.30 35.46 6.08
CA ARG D 918 31.02 36.13 6.39
C ARG D 918 29.84 35.20 6.22
N GLY D 919 30.12 33.90 6.11
CA GLY D 919 29.10 32.89 5.83
C GLY D 919 28.22 33.26 4.66
N LEU D 920 28.86 33.76 3.61
CA LEU D 920 28.18 34.00 2.35
C LEU D 920 28.39 32.74 1.52
N SER D 921 27.60 32.63 0.46
CA SER D 921 27.71 31.51 -0.46
C SER D 921 28.29 31.91 -1.82
N ASN D 922 28.98 30.96 -2.44
CA ASN D 922 29.34 30.94 -3.85
C ASN D 922 28.05 30.94 -4.68
N ASP D 923 27.51 32.14 -4.86
CA ASP D 923 26.27 32.37 -5.61
C ASP D 923 26.62 33.10 -6.93
N VAL D 924 25.62 33.56 -7.71
CA VAL D 924 25.92 34.38 -8.93
C VAL D 924 26.68 35.67 -8.65
N PHE D 925 26.43 36.29 -7.50
CA PHE D 925 27.22 37.48 -7.14
C PHE D 925 28.68 37.13 -6.88
N PHE D 926 28.95 35.95 -6.34
CA PHE D 926 30.33 35.52 -6.19
C PHE D 926 30.98 35.23 -7.56
N GLN D 927 30.28 34.52 -8.43
CA GLN D 927 30.84 34.13 -9.74
C GLN D 927 31.15 35.38 -10.61
N VAL D 928 30.23 36.32 -10.55
CA VAL D 928 30.29 37.52 -11.34
C VAL D 928 31.38 38.42 -10.82
N GLY D 929 31.57 38.39 -9.49
CA GLY D 929 32.56 39.25 -8.81
C GLY D 929 33.96 38.70 -8.94
N LEU D 930 34.07 37.39 -9.02
CA LEU D 930 35.36 36.73 -9.18
C LEU D 930 35.97 37.10 -10.53
N LEU D 931 35.14 37.00 -11.58
CA LEU D 931 35.56 37.29 -12.96
C LEU D 931 36.03 38.71 -13.16
N THR D 932 35.33 39.65 -12.52
CA THR D 932 35.80 41.05 -12.53
C THR D 932 37.06 41.26 -11.72
N THR D 933 37.16 40.58 -10.57
CA THR D 933 38.43 40.55 -9.84
C THR D 933 39.54 39.98 -10.76
N ILE D 934 39.27 38.86 -11.44
CA ILE D 934 40.19 38.29 -12.45
C ILE D 934 40.53 39.27 -13.58
N GLY D 935 39.55 40.05 -14.02
CA GLY D 935 39.79 41.13 -14.99
C GLY D 935 40.95 42.01 -14.57
N LEU D 936 40.71 42.86 -13.56
CA LEU D 936 41.73 43.78 -13.03
C LEU D 936 43.08 43.13 -12.59
N SER D 937 42.95 42.06 -11.85
CA SER D 937 44.08 41.26 -11.45
C SER D 937 45.01 41.04 -12.68
N ALA D 938 44.45 40.45 -13.75
CA ALA D 938 45.15 40.26 -15.05
C ALA D 938 45.73 41.55 -15.67
N LYS D 939 44.94 42.64 -15.66
CA LYS D 939 45.33 43.94 -16.22
C LYS D 939 46.60 44.47 -15.57
N ASN D 940 46.56 44.63 -14.25
CA ASN D 940 47.72 45.08 -13.45
C ASN D 940 49.03 44.27 -13.73
N ALA D 941 48.89 42.97 -13.97
CA ALA D 941 50.00 42.13 -14.37
C ALA D 941 50.50 42.39 -15.81
N ILE D 942 49.57 42.63 -16.74
CA ILE D 942 49.94 42.87 -18.15
C ILE D 942 50.95 44.02 -18.24
N LEU D 943 50.74 45.02 -17.39
CA LEU D 943 51.69 46.13 -17.24
C LEU D 943 53.11 45.64 -17.00
N ILE D 944 53.32 44.81 -15.97
CA ILE D 944 54.67 44.42 -15.55
C ILE D 944 55.32 43.61 -16.64
N VAL D 945 54.68 42.51 -17.03
CA VAL D 945 55.21 41.65 -18.08
C VAL D 945 55.50 42.44 -19.39
N GLU D 946 54.64 43.39 -19.75
CA GLU D 946 54.88 44.28 -20.91
C GLU D 946 56.18 45.06 -20.76
N PHE D 947 56.17 46.12 -19.94
CA PHE D 947 57.37 46.96 -19.63
C PHE D 947 58.61 46.08 -19.46
N ALA D 948 58.45 44.98 -18.73
CA ALA D 948 59.54 44.01 -18.61
C ALA D 948 60.03 43.58 -20.00
N LYS D 949 59.10 43.04 -20.78
CA LYS D 949 59.34 42.55 -22.14
C LYS D 949 59.90 43.65 -23.05
N GLU D 950 59.30 44.84 -23.04
CA GLU D 950 59.85 45.99 -23.79
C GLU D 950 61.29 46.28 -23.36
N LEU D 951 61.55 46.40 -22.05
CA LEU D 951 62.90 46.68 -21.52
C LEU D 951 63.95 45.62 -21.80
N HIS D 952 63.53 44.37 -21.78
CA HIS D 952 64.36 43.25 -22.26
C HIS D 952 64.97 43.49 -23.66
N GLU D 953 64.41 44.43 -24.44
CA GLU D 953 64.98 44.94 -25.73
C GLU D 953 66.46 44.66 -25.92
N GLN D 954 67.36 45.54 -25.48
CA GLN D 954 68.81 45.32 -25.67
C GLN D 954 69.38 44.82 -24.34
N GLY D 955 70.02 45.72 -23.61
CA GLY D 955 70.56 45.40 -22.30
C GLY D 955 69.40 45.28 -21.36
N LYS D 956 69.71 45.11 -20.09
CA LYS D 956 68.73 44.70 -19.10
C LYS D 956 68.27 43.27 -19.42
N GLY D 957 68.83 42.30 -18.67
CA GLY D 957 68.43 40.89 -18.74
C GLY D 957 67.13 40.70 -17.96
N ILE D 958 66.49 39.56 -18.16
CA ILE D 958 65.14 39.33 -17.58
C ILE D 958 65.01 39.77 -16.12
N VAL D 959 66.03 39.45 -15.31
CA VAL D 959 66.02 39.73 -13.87
C VAL D 959 66.19 41.22 -13.63
N GLU D 960 67.13 41.83 -14.33
CA GLU D 960 67.28 43.28 -14.26
C GLU D 960 66.00 43.95 -14.76
N ALA D 961 65.46 43.46 -15.88
CA ALA D 961 64.26 44.03 -16.49
C ALA D 961 62.98 43.87 -15.65
N ALA D 962 62.78 42.67 -15.09
CA ALA D 962 61.68 42.40 -14.16
C ALA D 962 61.62 43.40 -12.98
N ILE D 963 62.75 43.57 -12.30
CA ILE D 963 62.89 44.53 -11.19
C ILE D 963 62.56 45.94 -11.66
N GLU D 964 63.20 46.35 -12.75
CA GLU D 964 63.01 47.69 -13.37
C GLU D 964 61.51 47.94 -13.66
N ALA D 965 60.87 46.95 -14.28
CA ALA D 965 59.44 46.97 -14.59
C ALA D 965 58.58 47.09 -13.36
N CYS D 966 58.86 46.21 -12.40
CA CYS D 966 58.16 46.21 -11.12
C CYS D 966 58.23 47.60 -10.44
N ARG D 967 59.39 48.25 -10.53
CA ARG D 967 59.60 49.57 -9.92
C ARG D 967 58.68 50.63 -10.49
N MET D 968 58.56 50.62 -11.82
CA MET D 968 57.85 51.68 -12.52
C MET D 968 56.35 51.51 -12.46
N ARG D 969 55.91 50.26 -12.51
CA ARG D 969 54.48 49.93 -12.47
C ARG D 969 53.82 49.89 -11.07
N LEU D 970 54.61 49.89 -10.01
CA LEU D 970 54.09 49.76 -8.64
C LEU D 970 53.14 50.91 -8.25
N ARG D 971 53.59 52.15 -8.35
CA ARG D 971 52.70 53.24 -8.01
C ARG D 971 51.40 53.11 -8.78
N PRO D 972 51.44 53.09 -10.13
CA PRO D 972 50.14 53.01 -10.85
C PRO D 972 49.29 51.78 -10.49
N ILE D 973 49.88 50.58 -10.39
CA ILE D 973 49.16 49.40 -9.88
C ILE D 973 48.43 49.63 -8.56
N VAL D 974 49.06 50.34 -7.64
CA VAL D 974 48.43 50.59 -6.35
C VAL D 974 47.26 51.57 -6.49
N MET D 975 47.48 52.70 -7.15
CA MET D 975 46.43 53.69 -7.37
C MET D 975 45.19 53.05 -8.00
N THR D 976 45.44 52.15 -8.95
CA THR D 976 44.41 51.48 -9.70
C THR D 976 43.65 50.48 -8.83
N SER D 977 44.39 49.49 -8.28
CA SER D 977 43.83 48.47 -7.40
C SER D 977 43.18 49.06 -6.16
N LEU D 978 43.80 50.10 -5.61
CA LEU D 978 43.23 50.81 -4.47
C LEU D 978 41.93 51.57 -4.81
N ALA D 979 41.92 52.28 -5.94
CA ALA D 979 40.76 53.09 -6.38
C ALA D 979 39.51 52.24 -6.57
N PHE D 980 39.71 51.08 -7.20
CA PHE D 980 38.66 50.10 -7.42
C PHE D 980 38.14 49.52 -6.08
N ILE D 981 39.07 49.06 -5.24
CA ILE D 981 38.78 48.48 -3.89
C ILE D 981 37.99 49.43 -2.99
N LEU D 982 38.42 50.68 -2.88
CA LEU D 982 37.64 51.72 -2.19
C LEU D 982 36.37 52.09 -2.94
N GLY D 983 36.33 51.80 -4.24
CA GLY D 983 35.10 51.91 -5.04
C GLY D 983 34.02 50.89 -4.67
N VAL D 984 34.43 49.70 -4.24
CA VAL D 984 33.53 48.57 -3.94
C VAL D 984 32.98 48.62 -2.51
N VAL D 985 33.80 49.06 -1.56
CA VAL D 985 33.43 49.18 -0.13
C VAL D 985 31.94 49.49 0.14
N PRO D 986 31.38 50.53 -0.51
CA PRO D 986 29.94 50.83 -0.37
C PRO D 986 28.94 49.70 -0.76
N LEU D 987 29.40 48.64 -1.42
CA LEU D 987 28.60 47.43 -1.63
C LEU D 987 28.66 46.52 -0.43
N ALA D 988 29.87 46.37 0.12
CA ALA D 988 30.12 45.45 1.21
C ALA D 988 29.79 46.05 2.59
N ILE D 989 29.05 47.16 2.61
CA ILE D 989 28.78 47.90 3.82
C ILE D 989 27.40 48.56 3.79
N SER D 990 26.63 48.30 2.72
CA SER D 990 25.36 48.95 2.50
C SER D 990 24.33 48.41 3.49
N THR D 991 23.25 49.18 3.62
CA THR D 991 22.16 48.87 4.55
C THR D 991 20.79 49.00 3.88
N GLY D 992 19.87 48.14 4.25
CA GLY D 992 18.46 48.28 3.89
C GLY D 992 18.12 47.34 2.76
N ALA D 993 17.09 47.71 2.02
CA ALA D 993 16.67 46.93 0.89
C ALA D 993 17.88 46.77 -0.06
N GLY D 994 18.36 45.56 -0.22
CA GLY D 994 19.38 45.29 -1.19
C GLY D 994 20.60 44.67 -0.59
N SER D 995 20.97 45.16 0.59
CA SER D 995 22.16 44.68 1.32
C SER D 995 22.60 43.24 1.05
N GLY D 996 21.65 42.32 0.99
CA GLY D 996 21.98 40.93 0.81
C GLY D 996 22.87 40.71 -0.39
N SER D 997 22.34 41.16 -1.51
CA SER D 997 23.02 41.08 -2.80
C SER D 997 24.26 41.97 -2.79
N GLN D 998 24.09 43.26 -2.40
CA GLN D 998 25.22 44.18 -2.30
C GLN D 998 26.44 43.54 -1.59
N HIS D 999 26.21 42.93 -0.44
CA HIS D 999 27.26 42.22 0.29
C HIS D 999 27.77 41.00 -0.47
N ALA D 1000 26.87 40.21 -1.04
CA ALA D 1000 27.32 39.06 -1.84
C ALA D 1000 28.35 39.45 -2.92
N ILE D 1001 28.07 40.53 -3.64
CA ILE D 1001 28.94 40.96 -4.74
C ILE D 1001 30.18 41.65 -4.20
N GLY D 1002 29.97 42.57 -3.27
CA GLY D 1002 31.03 43.45 -2.75
C GLY D 1002 32.19 42.79 -2.01
N THR D 1003 31.88 41.81 -1.17
CA THR D 1003 32.87 41.35 -0.19
C THR D 1003 33.95 40.48 -0.83
N GLY D 1004 33.59 39.64 -1.79
CA GLY D 1004 34.55 38.79 -2.50
C GLY D 1004 35.47 39.57 -3.45
N VAL D 1005 34.93 40.61 -4.09
CA VAL D 1005 35.74 41.48 -4.90
C VAL D 1005 36.87 42.03 -3.99
N ILE D 1006 36.47 42.78 -2.96
CA ILE D 1006 37.40 43.39 -1.99
C ILE D 1006 38.41 42.36 -1.47
N GLY D 1007 37.88 41.24 -1.01
CA GLY D 1007 38.68 40.15 -0.51
C GLY D 1007 39.69 39.72 -1.55
N GLY D 1008 39.19 39.50 -2.76
CA GLY D 1008 40.00 39.00 -3.86
C GLY D 1008 41.00 39.98 -4.44
N MET D 1009 40.63 41.26 -4.45
CA MET D 1009 41.54 42.29 -4.97
C MET D 1009 42.78 42.36 -4.10
N VAL D 1010 42.62 42.67 -2.81
CA VAL D 1010 43.77 42.73 -1.86
C VAL D 1010 44.70 41.53 -1.96
N THR D 1011 44.14 40.33 -2.00
CA THR D 1011 44.98 39.14 -2.06
C THR D 1011 45.84 39.18 -3.30
N ALA D 1012 45.24 39.56 -4.42
CA ALA D 1012 45.92 39.64 -5.72
C ALA D 1012 46.85 40.84 -5.83
N THR D 1013 46.34 42.03 -5.48
CA THR D 1013 47.17 43.23 -5.61
C THR D 1013 48.35 43.33 -4.60
N VAL D 1014 48.43 42.44 -3.59
CA VAL D 1014 49.65 42.31 -2.73
C VAL D 1014 50.50 41.07 -3.00
N LEU D 1015 49.91 39.98 -3.47
CA LEU D 1015 50.69 38.78 -3.83
C LEU D 1015 51.35 38.89 -5.22
N ALA D 1016 50.55 39.21 -6.22
CA ALA D 1016 51.02 39.22 -7.60
C ALA D 1016 52.22 40.15 -7.83
N ILE D 1017 52.20 41.34 -7.24
CA ILE D 1017 53.39 42.24 -7.39
C ILE D 1017 54.74 41.55 -7.09
N PHE D 1018 54.73 40.59 -6.16
CA PHE D 1018 55.87 39.73 -5.86
C PHE D 1018 55.94 38.52 -6.79
N TRP D 1019 54.80 37.87 -7.04
CA TRP D 1019 54.77 36.61 -7.82
C TRP D 1019 54.81 36.77 -9.36
N VAL D 1020 54.29 37.88 -9.87
CA VAL D 1020 54.34 38.20 -11.31
C VAL D 1020 55.78 38.16 -11.81
N PRO D 1021 56.69 39.04 -11.25
CA PRO D 1021 58.10 39.06 -11.69
C PRO D 1021 58.78 37.72 -11.53
N LEU D 1022 58.36 36.98 -10.51
CA LEU D 1022 58.79 35.59 -10.34
C LEU D 1022 58.42 34.73 -11.57
N PHE D 1023 57.12 34.73 -11.92
CA PHE D 1023 56.57 33.96 -13.05
C PHE D 1023 57.14 34.37 -14.41
N TYR D 1024 57.32 35.68 -14.64
CA TYR D 1024 57.90 36.17 -15.92
C TYR D 1024 59.28 35.59 -16.10
N VAL D 1025 60.15 35.84 -15.12
CA VAL D 1025 61.53 35.40 -15.17
C VAL D 1025 61.60 33.90 -15.31
N ALA D 1026 60.89 33.19 -14.43
CA ALA D 1026 60.87 31.72 -14.44
C ALA D 1026 60.56 31.12 -15.81
N VAL D 1027 59.32 31.27 -16.30
CA VAL D 1027 58.91 30.70 -17.59
C VAL D 1027 59.75 31.28 -18.73
N SER D 1028 60.13 32.56 -18.64
CA SER D 1028 61.06 33.16 -19.61
C SER D 1028 62.41 32.41 -19.74
N THR D 1029 62.88 31.78 -18.66
CA THR D 1029 64.09 30.92 -18.70
C THR D 1029 63.75 29.43 -19.01
N LEU D 1030 62.48 29.06 -18.96
CA LEU D 1030 62.05 27.73 -19.39
C LEU D 1030 62.15 27.56 -20.93
N PHE D 1031 62.11 28.66 -21.69
CA PHE D 1031 62.21 28.61 -23.18
C PHE D 1031 63.03 29.81 -23.75
N LYS D 1032 62.48 31.02 -23.62
CA LYS D 1032 62.98 32.29 -24.23
C LYS D 1032 62.98 32.31 -25.77
N MET E 1 34.80 60.52 -48.41
CA MET E 1 33.60 59.77 -48.99
C MET E 1 33.28 60.34 -50.37
N SER E 2 32.87 61.61 -50.43
CA SER E 2 32.82 62.30 -51.70
C SER E 2 34.12 62.20 -52.50
N LYS E 3 35.27 62.54 -51.91
CA LYS E 3 36.51 62.42 -52.68
C LYS E 3 36.84 60.99 -53.16
N PHE E 4 36.18 59.99 -52.55
CA PHE E 4 36.30 58.57 -52.91
C PHE E 4 35.47 58.18 -54.14
N PHE E 5 34.24 58.71 -54.23
CA PHE E 5 33.30 58.41 -55.29
C PHE E 5 33.51 59.25 -56.54
N ILE E 6 34.00 60.48 -56.38
CA ILE E 6 34.39 61.35 -57.51
C ILE E 6 35.35 60.61 -58.41
N ASP E 7 36.25 59.81 -57.82
CA ASP E 7 37.17 58.93 -58.58
C ASP E 7 36.64 57.51 -58.87
N ARG E 8 35.44 57.22 -58.36
CA ARG E 8 34.80 55.91 -58.50
C ARG E 8 33.35 56.09 -58.90
N PRO E 9 33.14 56.84 -59.99
CA PRO E 9 31.79 57.16 -60.45
C PRO E 9 30.96 55.96 -60.93
N ILE E 10 31.63 54.85 -61.31
CA ILE E 10 30.89 53.58 -61.59
C ILE E 10 30.25 53.11 -60.29
N PHE E 11 31.03 53.10 -59.22
CA PHE E 11 30.57 52.62 -57.92
C PHE E 11 29.40 53.48 -57.53
N ALA E 12 29.56 54.80 -57.70
CA ALA E 12 28.49 55.72 -57.36
C ALA E 12 27.22 55.30 -58.06
N TRP E 13 27.31 55.19 -59.40
CA TRP E 13 26.19 54.71 -60.28
C TRP E 13 25.52 53.44 -59.78
N VAL E 14 26.34 52.49 -59.31
CA VAL E 14 25.80 51.24 -58.82
C VAL E 14 24.89 51.49 -57.63
N ILE E 15 25.40 52.22 -56.64
CA ILE E 15 24.64 52.61 -55.43
C ILE E 15 23.30 53.27 -55.86
N ALA E 16 23.37 54.18 -56.81
CA ALA E 16 22.15 54.78 -57.32
C ALA E 16 21.27 53.73 -57.95
N LEU E 17 21.86 52.80 -58.69
CA LEU E 17 21.05 51.72 -59.28
C LEU E 17 20.30 50.93 -58.20
N VAL E 18 21.02 50.37 -57.22
CA VAL E 18 20.39 49.57 -56.16
C VAL E 18 19.34 50.35 -55.39
N ILE E 19 19.58 51.65 -55.18
CA ILE E 19 18.58 52.49 -54.52
C ILE E 19 17.34 52.57 -55.40
N MET E 20 17.52 52.79 -56.71
CA MET E 20 16.37 52.74 -57.64
C MET E 20 15.68 51.37 -57.61
N LEU E 21 16.46 50.30 -57.73
CA LEU E 21 15.94 48.93 -57.67
C LEU E 21 15.08 48.67 -56.40
N ALA E 22 15.67 48.83 -55.22
CA ALA E 22 14.89 48.77 -53.95
C ALA E 22 13.65 49.65 -54.04
N GLY E 23 13.83 50.84 -54.59
CA GLY E 23 12.75 51.82 -54.72
C GLY E 23 11.55 51.33 -55.53
N GLY E 24 11.80 50.95 -56.78
CA GLY E 24 10.77 50.50 -57.70
C GLY E 24 10.11 49.22 -57.20
N LEU E 25 10.91 48.30 -56.68
CA LEU E 25 10.36 47.06 -56.11
C LEU E 25 9.46 47.33 -54.90
N SER E 26 9.64 48.45 -54.22
CA SER E 26 8.87 48.79 -53.03
C SER E 26 7.55 49.45 -53.33
N ILE E 27 7.52 50.39 -54.29
CA ILE E 27 6.26 50.99 -54.72
C ILE E 27 5.24 49.90 -55.11
N LEU E 28 5.71 48.82 -55.75
CA LEU E 28 4.80 47.80 -56.26
C LEU E 28 4.13 47.09 -55.08
N SER E 29 4.93 46.54 -54.17
CA SER E 29 4.39 45.87 -52.97
C SER E 29 3.67 46.79 -51.95
N LEU E 30 3.75 48.09 -52.16
CA LEU E 30 3.42 49.04 -51.12
C LEU E 30 1.90 49.17 -51.10
N PRO E 31 1.31 49.11 -49.90
CA PRO E 31 -0.14 49.38 -49.74
C PRO E 31 -0.59 50.77 -50.18
N VAL E 32 -1.84 50.88 -50.60
CA VAL E 32 -2.39 52.20 -51.01
C VAL E 32 -3.75 52.44 -50.40
N ASN E 33 -3.87 53.46 -49.57
CA ASN E 33 -5.11 53.78 -48.89
C ASN E 33 -5.16 55.27 -48.55
N GLN E 34 -6.29 55.73 -48.02
CA GLN E 34 -6.46 57.15 -47.73
C GLN E 34 -5.64 57.64 -46.53
N TYR E 35 -5.85 56.96 -45.41
CA TYR E 35 -5.16 57.26 -44.17
C TYR E 35 -4.51 56.00 -43.56
N PRO E 36 -3.50 56.19 -42.70
CA PRO E 36 -3.13 55.09 -41.80
C PRO E 36 -4.15 54.92 -40.67
N ALA E 37 -3.93 53.95 -39.79
CA ALA E 37 -4.83 53.75 -38.67
C ALA E 37 -4.64 54.93 -37.74
N ILE E 38 -5.45 55.97 -37.94
CA ILE E 38 -5.37 57.17 -37.10
C ILE E 38 -6.03 56.84 -35.74
N ALA E 39 -7.29 56.39 -35.78
CA ALA E 39 -8.13 56.28 -34.59
C ALA E 39 -7.60 55.20 -33.72
N PRO E 40 -7.76 55.35 -32.40
CA PRO E 40 -7.30 54.26 -31.59
C PRO E 40 -8.11 52.98 -31.88
N PRO E 41 -7.43 51.87 -32.14
CA PRO E 41 -8.16 50.63 -32.42
C PRO E 41 -9.27 50.29 -31.41
N ALA E 42 -10.36 49.75 -31.91
CA ALA E 42 -11.52 49.49 -31.08
C ALA E 42 -12.18 48.21 -31.51
N ILE E 43 -12.80 47.56 -30.54
CA ILE E 43 -13.55 46.33 -30.73
C ILE E 43 -15.00 46.59 -30.26
N ALA E 44 -15.97 46.23 -31.08
CA ALA E 44 -17.39 46.35 -30.76
C ALA E 44 -17.97 44.99 -30.47
N VAL E 45 -18.87 44.95 -29.50
CA VAL E 45 -19.57 43.71 -29.14
C VAL E 45 -21.04 44.03 -29.29
N GLN E 46 -21.75 43.25 -30.11
CA GLN E 46 -23.15 43.57 -30.46
C GLN E 46 -24.16 42.43 -30.51
N VAL E 47 -25.28 42.63 -29.83
CA VAL E 47 -26.41 41.71 -29.91
C VAL E 47 -27.71 42.46 -30.00
N SER E 48 -28.68 41.69 -30.45
CA SER E 48 -30.05 42.06 -30.68
C SER E 48 -30.89 41.21 -29.74
N TYR E 49 -31.42 41.78 -28.67
CA TYR E 49 -32.44 41.09 -27.79
C TYR E 49 -33.87 41.43 -28.27
N PRO E 50 -34.52 40.53 -29.03
CA PRO E 50 -35.75 41.02 -29.64
C PRO E 50 -36.84 41.37 -28.65
N GLY E 51 -37.60 42.41 -28.99
CA GLY E 51 -38.65 42.98 -28.15
C GLY E 51 -38.20 43.25 -26.73
N ALA E 52 -37.08 43.94 -26.60
CA ALA E 52 -36.48 44.12 -25.30
C ALA E 52 -36.34 45.60 -25.03
N SER E 53 -36.70 46.03 -23.85
CA SER E 53 -36.48 47.41 -23.44
C SER E 53 -35.00 47.72 -23.39
N ALA E 54 -34.64 48.99 -23.51
CA ALA E 54 -33.26 49.41 -23.28
C ALA E 54 -32.79 49.00 -21.92
N GLU E 55 -33.68 49.05 -20.96
CA GLU E 55 -33.37 48.68 -19.59
C GLU E 55 -33.13 47.18 -19.45
N THR E 56 -33.77 46.36 -20.28
CA THR E 56 -33.64 44.88 -20.18
C THR E 56 -32.32 44.39 -20.81
N VAL E 57 -31.79 45.18 -21.74
CA VAL E 57 -30.53 44.92 -22.41
C VAL E 57 -29.39 45.37 -21.51
N GLN E 58 -29.53 46.59 -20.99
CA GLN E 58 -28.54 47.18 -20.09
C GLN E 58 -28.31 46.38 -18.83
N ASP E 59 -29.33 45.69 -18.32
CA ASP E 59 -29.25 44.98 -17.02
C ASP E 59 -29.10 43.45 -17.10
N THR E 60 -29.46 42.88 -18.23
CA THR E 60 -29.39 41.44 -18.48
C THR E 60 -28.23 40.99 -19.41
N VAL E 61 -27.77 41.88 -20.30
CA VAL E 61 -26.67 41.61 -21.23
C VAL E 61 -25.47 42.49 -20.94
N VAL E 62 -25.57 43.78 -21.26
CA VAL E 62 -24.45 44.75 -21.19
C VAL E 62 -23.69 44.73 -19.84
N GLN E 63 -24.37 44.39 -18.76
CA GLN E 63 -23.77 44.40 -17.45
C GLN E 63 -23.12 43.09 -17.11
N VAL E 64 -23.65 41.98 -17.60
CA VAL E 64 -22.97 40.73 -17.35
C VAL E 64 -21.72 40.65 -18.24
N ILE E 65 -21.81 41.18 -19.47
CA ILE E 65 -20.66 41.23 -20.37
C ILE E 65 -19.60 42.09 -19.69
N GLU E 66 -19.98 43.32 -19.34
CA GLU E 66 -19.02 44.31 -18.78
C GLU E 66 -18.24 43.83 -17.58
N GLN E 67 -18.91 43.15 -16.66
CA GLN E 67 -18.26 42.65 -15.44
C GLN E 67 -17.19 41.59 -15.72
N GLN E 68 -17.26 40.99 -16.90
CA GLN E 68 -16.36 39.95 -17.38
C GLN E 68 -15.24 40.51 -18.30
N MET E 69 -15.44 41.76 -18.75
CA MET E 69 -14.57 42.40 -19.70
C MET E 69 -13.43 43.09 -18.94
N ASN E 70 -12.51 42.28 -18.45
CA ASN E 70 -11.28 42.78 -17.84
C ASN E 70 -10.13 41.83 -18.08
N GLY E 71 -8.94 42.28 -17.68
CA GLY E 71 -7.72 41.52 -17.91
C GLY E 71 -7.45 41.38 -19.39
N ILE E 72 -7.58 42.48 -20.13
CA ILE E 72 -7.20 42.52 -21.55
C ILE E 72 -6.10 43.58 -21.72
N ASP E 73 -5.13 43.27 -22.58
CA ASP E 73 -3.94 44.10 -22.77
C ASP E 73 -4.17 45.38 -23.58
N ASN E 74 -3.54 46.45 -23.14
CA ASN E 74 -3.57 47.75 -23.79
C ASN E 74 -4.93 48.39 -23.84
N LEU E 75 -5.80 47.99 -22.92
CA LEU E 75 -7.13 48.62 -22.76
C LEU E 75 -6.95 50.08 -22.35
N ARG E 76 -7.85 50.92 -22.81
CA ARG E 76 -7.82 52.31 -22.44
C ARG E 76 -9.12 52.69 -21.76
N TYR E 77 -10.24 52.43 -22.41
CA TYR E 77 -11.54 52.61 -21.80
C TYR E 77 -12.58 51.80 -22.56
N ILE E 78 -13.61 51.38 -21.86
CA ILE E 78 -14.71 50.62 -22.47
C ILE E 78 -15.97 51.47 -22.28
N SER E 79 -16.90 51.39 -23.22
CA SER E 79 -18.15 52.17 -23.15
C SER E 79 -19.30 51.42 -23.81
N SER E 80 -20.49 51.49 -23.19
CA SER E 80 -21.68 50.86 -23.77
C SER E 80 -22.85 51.79 -24.11
N GLU E 81 -23.70 51.33 -25.01
CA GLU E 81 -25.07 51.87 -25.16
C GLU E 81 -26.07 50.71 -25.26
N SER E 82 -27.07 50.74 -24.39
CA SER E 82 -28.23 49.86 -24.48
C SER E 82 -29.40 50.63 -25.06
N ASN E 83 -30.08 50.09 -26.06
CA ASN E 83 -31.12 50.85 -26.81
C ASN E 83 -32.55 50.27 -26.72
N SER E 84 -33.53 51.04 -27.21
CA SER E 84 -34.97 50.67 -27.15
C SER E 84 -35.33 49.52 -28.10
N ASP E 85 -34.70 49.50 -29.27
CA ASP E 85 -34.90 48.39 -30.20
C ASP E 85 -34.21 47.08 -29.82
N GLY E 86 -33.73 46.98 -28.59
CA GLY E 86 -33.22 45.71 -28.03
C GLY E 86 -31.76 45.47 -28.34
N SER E 87 -31.09 46.51 -28.85
CA SER E 87 -29.74 46.37 -29.37
C SER E 87 -28.70 46.99 -28.43
N MET E 88 -27.51 46.38 -28.37
CA MET E 88 -26.40 46.91 -27.57
C MET E 88 -25.11 46.90 -28.35
N THR E 89 -24.26 47.84 -27.97
CA THR E 89 -22.88 47.83 -28.34
C THR E 89 -22.03 48.07 -27.09
N ILE E 90 -20.97 47.26 -26.94
CA ILE E 90 -19.85 47.58 -26.07
C ILE E 90 -18.70 47.87 -26.99
N THR E 91 -18.24 49.12 -27.04
CA THR E 91 -17.03 49.43 -27.76
C THR E 91 -15.90 49.38 -26.76
N VAL E 92 -14.90 48.53 -27.03
CA VAL E 92 -13.69 48.43 -26.17
C VAL E 92 -12.57 49.13 -26.92
N THR E 93 -11.95 50.14 -26.31
CA THR E 93 -10.99 50.98 -27.05
C THR E 93 -9.58 50.73 -26.49
N PHE E 94 -8.59 50.64 -27.38
CA PHE E 94 -7.23 50.32 -27.01
C PHE E 94 -6.22 51.35 -27.49
N GLU E 95 -5.05 51.35 -26.83
CA GLU E 95 -3.96 52.26 -27.11
C GLU E 95 -3.46 52.16 -28.52
N GLN E 96 -2.76 53.20 -29.00
CA GLN E 96 -2.23 53.18 -30.37
C GLN E 96 -1.20 52.09 -30.43
N GLY E 97 -1.18 51.35 -31.55
CA GLY E 97 -0.20 50.30 -31.75
C GLY E 97 -0.58 48.91 -31.27
N THR E 98 -1.83 48.75 -30.83
CA THR E 98 -2.32 47.46 -30.40
C THR E 98 -2.67 46.64 -31.60
N ASP E 99 -2.16 45.41 -31.68
CA ASP E 99 -2.53 44.55 -32.80
C ASP E 99 -4.02 44.36 -32.67
N PRO E 100 -4.79 44.82 -33.67
CA PRO E 100 -6.24 44.66 -33.58
C PRO E 100 -6.74 43.21 -33.54
N ASP E 101 -5.96 42.25 -34.01
CA ASP E 101 -6.37 40.86 -33.98
C ASP E 101 -6.19 40.32 -32.60
N ILE E 102 -5.17 40.83 -31.89
CA ILE E 102 -4.98 40.46 -30.50
C ILE E 102 -6.08 41.08 -29.69
N ALA E 103 -6.35 42.35 -29.85
CA ALA E 103 -7.43 43.00 -29.08
C ALA E 103 -8.73 42.24 -29.27
N GLN E 104 -9.01 41.86 -30.52
CA GLN E 104 -10.25 41.17 -30.82
C GLN E 104 -10.38 39.80 -30.18
N VAL E 105 -9.30 39.04 -30.24
CA VAL E 105 -9.31 37.67 -29.70
C VAL E 105 -9.41 37.72 -28.17
N GLN E 106 -8.77 38.73 -27.55
CA GLN E 106 -8.87 38.94 -26.09
C GLN E 106 -10.25 39.33 -25.64
N VAL E 107 -10.94 40.13 -26.45
CA VAL E 107 -12.29 40.61 -26.13
C VAL E 107 -13.31 39.53 -26.34
N GLN E 108 -13.32 38.90 -27.50
CA GLN E 108 -14.29 37.83 -27.70
C GLN E 108 -14.12 36.68 -26.75
N ASN E 109 -12.89 36.44 -26.26
CA ASN E 109 -12.66 35.36 -25.25
C ASN E 109 -13.31 35.65 -23.87
N LYS E 110 -13.11 36.85 -23.33
CA LYS E 110 -13.86 37.27 -22.15
C LYS E 110 -15.39 37.20 -22.44
N LEU E 111 -15.80 37.40 -23.70
CA LEU E 111 -17.19 37.23 -24.08
C LEU E 111 -17.66 35.78 -23.99
N GLN E 112 -16.82 34.85 -24.44
CA GLN E 112 -17.09 33.39 -24.34
C GLN E 112 -17.32 32.94 -22.88
N LEU E 113 -16.48 33.44 -21.99
CA LEU E 113 -16.61 33.18 -20.55
C LEU E 113 -17.89 33.71 -19.94
N ALA E 114 -18.40 34.79 -20.52
CA ALA E 114 -19.66 35.39 -20.07
C ALA E 114 -20.92 34.84 -20.76
N THR E 115 -20.78 34.11 -21.84
CA THR E 115 -21.96 33.68 -22.55
C THR E 115 -23.00 32.92 -21.64
N PRO E 116 -22.60 31.85 -20.96
CA PRO E 116 -23.58 31.18 -20.07
C PRO E 116 -24.31 32.07 -19.01
N LEU E 117 -23.86 33.29 -18.78
CA LEU E 117 -24.46 34.24 -17.82
C LEU E 117 -25.50 35.19 -18.48
N LEU E 118 -25.63 35.08 -19.81
CA LEU E 118 -26.57 35.86 -20.57
C LEU E 118 -27.84 35.04 -20.74
N PRO E 119 -29.00 35.73 -20.84
CA PRO E 119 -30.24 35.00 -21.00
C PRO E 119 -30.25 34.08 -22.21
N GLN E 120 -30.88 32.91 -22.05
CA GLN E 120 -30.94 31.84 -23.06
C GLN E 120 -31.20 32.39 -24.45
N GLU E 121 -32.05 33.38 -24.54
CA GLU E 121 -32.46 33.95 -25.84
C GLU E 121 -31.29 34.64 -26.50
N VAL E 122 -30.69 35.61 -25.79
CA VAL E 122 -29.45 36.29 -26.28
C VAL E 122 -28.34 35.29 -26.68
N GLN E 123 -28.24 34.18 -25.96
CA GLN E 123 -27.28 33.14 -26.34
C GLN E 123 -27.58 32.54 -27.70
N ARG E 124 -28.81 32.06 -27.85
CA ARG E 124 -29.34 31.56 -29.12
C ARG E 124 -29.21 32.58 -30.29
N GLN E 125 -29.23 33.86 -29.94
CA GLN E 125 -29.10 34.91 -30.93
C GLN E 125 -27.66 35.05 -31.44
N GLY E 126 -26.70 35.05 -30.49
CA GLY E 126 -25.26 34.94 -30.80
C GLY E 126 -24.59 36.28 -30.92
N ILE E 127 -23.65 36.55 -30.02
CA ILE E 127 -23.14 37.92 -29.83
C ILE E 127 -22.01 38.11 -30.79
N ARG E 128 -22.02 39.21 -31.54
CA ARG E 128 -21.02 39.42 -32.58
C ARG E 128 -19.97 40.43 -32.15
N VAL E 129 -18.71 40.11 -32.45
CA VAL E 129 -17.63 40.98 -32.06
C VAL E 129 -16.78 41.31 -33.28
N THR E 130 -16.45 42.59 -33.43
CA THR E 130 -15.88 43.07 -34.66
C THR E 130 -15.00 44.24 -34.34
N LYS E 131 -14.15 44.61 -35.30
CA LYS E 131 -13.32 45.79 -35.21
C LYS E 131 -14.13 47.02 -35.58
N ALA E 132 -14.07 48.04 -34.73
CA ALA E 132 -14.98 49.18 -34.79
C ALA E 132 -14.51 50.33 -35.64
N VAL E 133 -13.22 50.57 -35.81
CA VAL E 133 -12.73 51.67 -36.70
C VAL E 133 -13.59 51.81 -37.99
N LYS E 134 -14.07 53.02 -38.29
CA LYS E 134 -15.05 53.27 -39.39
C LYS E 134 -14.36 54.05 -40.52
N ASN E 135 -13.49 53.33 -41.21
CA ASN E 135 -12.64 53.85 -42.29
C ASN E 135 -13.06 53.15 -43.57
N PHE E 136 -14.37 53.31 -43.88
CA PHE E 136 -15.05 52.65 -45.00
C PHE E 136 -14.47 53.13 -46.31
N LEU E 137 -14.13 52.20 -47.20
CA LEU E 137 -13.58 52.50 -48.52
C LEU E 137 -14.70 53.05 -49.37
N MET E 138 -15.85 52.38 -49.29
CA MET E 138 -17.04 52.78 -50.04
C MET E 138 -18.27 52.18 -49.42
N VAL E 139 -19.45 52.71 -49.73
CA VAL E 139 -20.71 51.98 -49.46
C VAL E 139 -21.41 51.66 -50.79
N VAL E 140 -22.03 50.49 -50.86
CA VAL E 140 -22.68 50.03 -52.06
C VAL E 140 -24.17 50.09 -51.82
N GLY E 141 -24.87 50.90 -52.61
CA GLY E 141 -26.34 50.99 -52.57
C GLY E 141 -26.96 49.84 -53.35
N VAL E 142 -28.02 49.24 -52.80
CA VAL E 142 -28.84 48.28 -53.55
C VAL E 142 -30.33 48.63 -53.50
N VAL E 143 -30.79 49.27 -54.57
CA VAL E 143 -32.10 49.95 -54.60
C VAL E 143 -33.11 49.26 -55.56
N SER E 144 -34.40 49.36 -55.24
CA SER E 144 -35.48 48.84 -56.14
C SER E 144 -36.24 49.99 -56.83
N THR E 145 -35.95 50.22 -58.12
CA THR E 145 -36.58 51.25 -58.96
C THR E 145 -38.13 51.25 -58.86
N ASP E 146 -38.73 50.11 -59.21
CA ASP E 146 -40.15 49.83 -58.93
C ASP E 146 -40.30 49.20 -57.57
N GLY E 147 -40.71 49.99 -56.56
CA GLY E 147 -40.88 49.50 -55.16
C GLY E 147 -41.67 48.20 -55.00
N SER E 148 -41.17 47.15 -55.65
CA SER E 148 -41.67 45.78 -55.59
C SER E 148 -40.98 44.96 -54.51
N MET E 149 -39.74 45.36 -54.17
CA MET E 149 -38.91 44.71 -53.17
C MET E 149 -38.75 45.61 -51.94
N THR E 150 -38.99 45.05 -50.76
CA THR E 150 -38.76 45.72 -49.48
C THR E 150 -37.25 45.72 -49.13
N LYS E 151 -36.82 46.61 -48.21
CA LYS E 151 -35.43 46.54 -47.63
C LYS E 151 -35.10 45.09 -47.33
N GLU E 152 -36.02 44.47 -46.60
CA GLU E 152 -35.92 43.07 -46.18
C GLU E 152 -35.61 42.15 -47.35
N ASP E 153 -36.25 42.36 -48.50
CA ASP E 153 -36.02 41.52 -49.68
C ASP E 153 -34.63 41.75 -50.28
N LEU E 154 -34.16 43.01 -50.21
CA LEU E 154 -32.90 43.45 -50.83
C LEU E 154 -31.72 43.01 -50.02
N SER E 155 -31.83 43.18 -48.72
CA SER E 155 -30.93 42.55 -47.77
C SER E 155 -30.66 41.09 -48.13
N ASN E 156 -31.74 40.33 -48.34
CA ASN E 156 -31.63 38.90 -48.56
C ASN E 156 -31.00 38.57 -49.88
N TYR E 157 -31.27 39.38 -50.89
CA TYR E 157 -30.61 39.19 -52.17
C TYR E 157 -29.11 39.38 -51.99
N ILE E 158 -28.73 40.44 -51.26
CA ILE E 158 -27.31 40.75 -50.93
C ILE E 158 -26.60 39.53 -50.35
N VAL E 159 -27.05 39.03 -49.18
CA VAL E 159 -26.30 37.92 -48.55
C VAL E 159 -26.31 36.69 -49.46
N SER E 160 -27.44 36.43 -50.07
CA SER E 160 -27.59 35.24 -50.88
C SER E 160 -26.75 35.23 -52.16
N ASN E 161 -26.63 36.40 -52.83
CA ASN E 161 -25.98 36.52 -54.14
C ASN E 161 -24.78 37.44 -54.31
N ILE E 162 -24.71 38.53 -53.54
CA ILE E 162 -23.62 39.53 -53.64
C ILE E 162 -22.49 39.27 -52.63
N GLN E 163 -22.87 39.07 -51.38
CA GLN E 163 -21.92 38.89 -50.28
C GLN E 163 -20.79 37.93 -50.57
N ASP E 164 -21.12 36.75 -51.04
CA ASP E 164 -20.10 35.76 -51.26
C ASP E 164 -19.07 36.22 -52.28
N PRO E 165 -19.49 36.52 -53.55
CA PRO E 165 -18.51 36.98 -54.54
C PRO E 165 -17.72 38.22 -54.13
N LEU E 166 -18.35 39.11 -53.39
CA LEU E 166 -17.69 40.33 -52.95
C LEU E 166 -16.48 40.02 -52.01
N SER E 167 -16.66 39.02 -51.18
CA SER E 167 -15.65 38.63 -50.22
C SER E 167 -14.45 37.94 -50.85
N ARG E 168 -14.62 37.39 -52.05
CA ARG E 168 -13.53 36.77 -52.82
C ARG E 168 -12.86 37.73 -53.80
N THR E 169 -13.31 38.97 -53.78
CA THR E 169 -12.75 40.04 -54.59
C THR E 169 -11.50 40.54 -53.88
N LYS E 170 -10.39 40.59 -54.61
CA LYS E 170 -9.09 40.93 -54.07
C LYS E 170 -9.10 42.29 -53.37
N GLY E 171 -8.62 42.31 -52.15
CA GLY E 171 -8.49 43.51 -51.42
C GLY E 171 -9.66 43.84 -50.53
N VAL E 172 -10.70 43.02 -50.51
CA VAL E 172 -11.91 43.38 -49.73
C VAL E 172 -11.77 42.88 -48.32
N GLY E 173 -12.07 43.74 -47.35
CA GLY E 173 -11.99 43.39 -45.93
C GLY E 173 -13.35 43.17 -45.28
N ASP E 174 -13.62 43.95 -44.25
CA ASP E 174 -14.79 43.78 -43.41
C ASP E 174 -15.90 44.48 -44.07
N PHE E 175 -17.09 43.92 -43.96
CA PHE E 175 -18.26 44.63 -44.38
C PHE E 175 -19.49 44.42 -43.54
N GLN E 176 -20.39 45.41 -43.63
CA GLN E 176 -21.74 45.43 -43.05
C GLN E 176 -22.76 45.45 -44.16
N VAL E 177 -23.70 44.53 -44.10
CA VAL E 177 -24.89 44.59 -44.95
C VAL E 177 -25.94 45.36 -44.15
N PHE E 178 -26.73 46.21 -44.82
CA PHE E 178 -27.89 46.91 -44.21
C PHE E 178 -29.08 45.93 -44.16
N GLY E 179 -28.99 45.00 -43.21
CA GLY E 179 -30.01 43.95 -42.94
C GLY E 179 -29.36 42.57 -42.99
N SER E 180 -30.10 41.50 -42.66
CA SER E 180 -29.55 40.14 -42.82
C SER E 180 -30.41 39.28 -43.77
N GLN E 181 -30.24 37.96 -43.72
CA GLN E 181 -31.11 36.98 -44.37
C GLN E 181 -32.55 37.15 -43.98
N TYR E 182 -33.42 36.53 -44.78
CA TYR E 182 -34.84 36.36 -44.47
C TYR E 182 -35.07 35.67 -43.13
N SER E 183 -36.24 35.93 -42.56
CA SER E 183 -36.72 35.18 -41.40
C SER E 183 -38.12 34.64 -41.69
N MET E 184 -38.35 33.34 -41.47
CA MET E 184 -39.71 32.75 -41.58
C MET E 184 -40.58 33.29 -40.47
N ARG E 185 -41.41 34.24 -40.86
CA ARG E 185 -42.23 35.03 -39.94
C ARG E 185 -43.67 34.51 -39.87
N ILE E 186 -44.10 34.19 -38.66
CA ILE E 186 -45.39 33.62 -38.36
C ILE E 186 -46.12 34.64 -37.50
N TRP E 187 -47.02 35.37 -38.15
CA TRP E 187 -47.70 36.52 -37.57
C TRP E 187 -49.01 36.06 -36.97
N LEU E 188 -49.10 36.18 -35.64
CA LEU E 188 -50.10 35.52 -34.82
C LEU E 188 -51.35 36.37 -34.64
N ASP E 189 -52.52 35.72 -34.55
CA ASP E 189 -53.79 36.44 -34.38
C ASP E 189 -54.47 36.10 -33.07
N PRO E 190 -54.76 37.10 -32.24
CA PRO E 190 -55.31 36.87 -30.91
C PRO E 190 -56.74 36.31 -30.87
N ALA E 191 -57.58 36.70 -31.82
CA ALA E 191 -58.96 36.19 -31.90
C ALA E 191 -59.01 34.81 -32.55
N LYS E 192 -58.58 34.75 -33.82
CA LYS E 192 -58.49 33.51 -34.60
C LYS E 192 -57.75 32.38 -33.86
N LEU E 193 -57.06 32.73 -32.77
CA LEU E 193 -56.40 31.79 -31.86
C LEU E 193 -57.17 31.53 -30.58
N ASN E 194 -57.81 32.58 -30.02
CA ASN E 194 -58.72 32.44 -28.85
C ASN E 194 -59.96 31.61 -29.17
N SER E 195 -60.49 31.73 -30.39
CA SER E 195 -61.63 30.92 -30.86
C SER E 195 -61.45 29.42 -30.66
N TYR E 196 -60.27 28.90 -31.01
CA TYR E 196 -59.94 27.49 -30.76
C TYR E 196 -59.24 27.26 -29.39
N GLN E 197 -59.51 28.14 -28.43
CA GLN E 197 -58.91 28.10 -27.09
C GLN E 197 -57.43 27.69 -27.12
N LEU E 198 -56.63 28.52 -27.79
CA LEU E 198 -55.16 28.35 -27.94
C LEU E 198 -54.35 29.63 -27.58
N THR E 199 -53.08 29.43 -27.23
CA THR E 199 -52.19 30.52 -26.80
C THR E 199 -50.84 30.55 -27.53
N PRO E 200 -50.15 31.72 -27.52
CA PRO E 200 -48.84 31.85 -28.18
C PRO E 200 -47.83 30.75 -27.85
N GLY E 201 -47.72 30.43 -26.56
CA GLY E 201 -46.85 29.34 -26.07
C GLY E 201 -47.10 27.98 -26.71
N ASP E 202 -48.34 27.69 -27.09
CA ASP E 202 -48.70 26.43 -27.76
C ASP E 202 -48.08 26.30 -29.14
N VAL E 203 -48.09 27.42 -29.87
CA VAL E 203 -47.56 27.47 -31.22
C VAL E 203 -46.05 27.19 -31.15
N SER E 204 -45.37 27.95 -30.30
CA SER E 204 -43.94 27.75 -30.04
C SER E 204 -43.63 26.26 -29.95
N SER E 205 -44.25 25.59 -28.98
CA SER E 205 -43.99 24.15 -28.74
C SER E 205 -44.36 23.27 -29.94
N ALA E 206 -45.41 23.64 -30.65
CA ALA E 206 -45.80 22.95 -31.89
C ALA E 206 -44.68 23.04 -32.94
N ILE E 207 -44.18 24.26 -33.14
CA ILE E 207 -43.05 24.51 -34.04
C ILE E 207 -41.81 23.73 -33.55
N GLN E 208 -41.50 23.85 -32.25
CA GLN E 208 -40.36 23.14 -31.63
C GLN E 208 -40.32 21.66 -32.02
N ALA E 209 -41.35 20.89 -31.66
CA ALA E 209 -41.38 19.44 -31.90
C ALA E 209 -41.64 18.99 -33.36
N GLN E 210 -42.38 19.78 -34.13
CA GLN E 210 -42.70 19.43 -35.54
C GLN E 210 -41.62 19.82 -36.53
N ASN E 211 -40.76 20.77 -36.15
CA ASN E 211 -39.66 21.31 -36.99
C ASN E 211 -38.31 21.04 -36.31
N VAL E 212 -37.85 19.81 -36.45
CA VAL E 212 -36.68 19.29 -35.73
C VAL E 212 -35.77 18.57 -36.72
N GLN E 213 -34.50 18.36 -36.33
CA GLN E 213 -33.63 17.43 -37.06
C GLN E 213 -33.23 16.23 -36.18
N ILE E 214 -34.05 15.18 -36.27
CA ILE E 214 -33.74 13.85 -35.70
C ILE E 214 -32.46 13.22 -36.29
N SER E 215 -31.60 12.75 -35.38
CA SER E 215 -30.28 12.25 -35.76
C SER E 215 -30.40 11.03 -36.64
N SER E 216 -30.94 9.95 -36.08
CA SER E 216 -31.09 8.67 -36.76
C SER E 216 -29.72 8.10 -37.20
N GLY E 217 -29.16 7.27 -36.33
CA GLY E 217 -27.84 6.70 -36.57
C GLY E 217 -27.78 5.71 -37.71
N GLN E 218 -26.65 5.04 -37.83
CA GLN E 218 -26.38 4.18 -38.96
C GLN E 218 -27.17 2.88 -38.87
N LEU E 219 -27.37 2.26 -40.03
CA LEU E 219 -28.06 0.98 -40.17
C LEU E 219 -27.03 -0.10 -40.50
N GLY E 220 -26.53 -0.79 -39.46
CA GLY E 220 -25.39 -1.73 -39.58
C GLY E 220 -24.12 -1.30 -38.81
N GLY E 221 -24.31 -0.44 -37.81
CA GLY E 221 -23.19 0.17 -37.13
C GLY E 221 -22.43 -0.80 -36.27
N LEU E 222 -21.17 -0.47 -36.01
CA LEU E 222 -20.32 -1.24 -35.10
C LEU E 222 -20.67 -0.88 -33.65
N PRO E 223 -20.75 -1.86 -32.73
CA PRO E 223 -20.57 -3.28 -33.02
C PRO E 223 -21.82 -3.88 -33.71
N ALA E 224 -21.55 -4.72 -34.71
CA ALA E 224 -22.55 -5.33 -35.58
C ALA E 224 -22.49 -6.84 -35.46
N VAL E 225 -23.59 -7.51 -35.82
CA VAL E 225 -23.70 -8.98 -35.73
C VAL E 225 -22.71 -9.61 -36.69
N LYS E 226 -22.07 -10.70 -36.28
CA LYS E 226 -21.05 -11.30 -37.14
C LYS E 226 -21.62 -11.60 -38.53
N GLY E 227 -21.16 -10.84 -39.53
CA GLY E 227 -21.63 -10.95 -40.92
C GLY E 227 -22.06 -9.61 -41.49
N GLN E 228 -23.32 -9.25 -41.24
CA GLN E 228 -23.95 -8.03 -41.77
C GLN E 228 -23.74 -7.81 -43.27
N GLN E 229 -22.57 -7.30 -43.64
CA GLN E 229 -22.18 -7.07 -45.04
C GLN E 229 -22.79 -5.82 -45.73
N LEU E 230 -23.85 -5.22 -45.18
CA LEU E 230 -24.42 -3.93 -45.69
C LEU E 230 -24.48 -2.82 -44.63
N ASN E 231 -23.41 -2.02 -44.55
CA ASN E 231 -23.38 -0.78 -43.74
C ASN E 231 -23.86 0.43 -44.54
N ALA E 232 -24.74 1.22 -43.93
CA ALA E 232 -25.38 2.36 -44.59
C ALA E 232 -26.03 3.25 -43.56
N THR E 233 -26.00 4.55 -43.80
CA THR E 233 -26.49 5.53 -42.82
C THR E 233 -27.96 5.77 -43.14
N ILE E 234 -28.74 6.17 -42.13
CA ILE E 234 -30.14 6.54 -42.35
C ILE E 234 -30.31 8.04 -42.11
N ILE E 235 -30.98 8.72 -43.02
CA ILE E 235 -31.38 10.12 -42.83
C ILE E 235 -32.86 10.12 -42.46
N GLY E 236 -33.18 10.70 -41.31
CA GLY E 236 -34.55 10.96 -40.89
C GLY E 236 -35.13 12.12 -41.66
N LYS E 237 -36.15 12.78 -41.10
CA LYS E 237 -36.72 13.97 -41.73
C LYS E 237 -35.78 15.16 -41.45
N THR E 238 -35.56 16.00 -42.48
CA THR E 238 -34.84 17.28 -42.29
C THR E 238 -35.82 18.24 -41.58
N ARG E 239 -36.11 19.40 -42.15
CA ARG E 239 -36.90 20.42 -41.46
C ARG E 239 -37.79 21.14 -42.45
N LEU E 240 -38.70 21.95 -41.92
CA LEU E 240 -39.59 22.73 -42.79
C LEU E 240 -38.78 23.77 -43.55
N GLN E 241 -39.31 24.19 -44.69
CA GLN E 241 -38.61 25.12 -45.61
C GLN E 241 -39.46 26.27 -46.16
N THR E 242 -40.74 25.99 -46.38
CA THR E 242 -41.65 26.90 -47.02
C THR E 242 -42.79 27.19 -46.08
N ALA E 243 -43.52 28.27 -46.40
CA ALA E 243 -44.67 28.70 -45.61
C ALA E 243 -45.79 27.65 -45.62
N GLU E 244 -45.97 26.97 -46.75
CA GLU E 244 -46.96 25.90 -46.86
C GLU E 244 -46.76 24.93 -45.71
N GLN E 245 -45.61 24.25 -45.67
CA GLN E 245 -45.30 23.31 -44.59
C GLN E 245 -45.45 23.92 -43.18
N PHE E 246 -45.18 25.22 -43.06
CA PHE E 246 -45.37 25.90 -41.77
C PHE E 246 -46.84 26.07 -41.39
N GLU E 247 -47.62 26.66 -42.29
CA GLU E 247 -49.10 26.75 -42.18
C GLU E 247 -49.72 25.36 -41.92
N ASN E 248 -49.14 24.34 -42.55
CA ASN E 248 -49.59 22.93 -42.49
C ASN E 248 -49.51 22.25 -41.10
N ILE E 249 -48.58 22.68 -40.24
CA ILE E 249 -48.32 21.96 -38.98
C ILE E 249 -49.59 21.99 -38.14
N LEU E 250 -49.95 20.86 -37.53
CA LEU E 250 -51.22 20.74 -36.75
C LEU E 250 -51.02 21.11 -35.27
N LEU E 251 -51.92 21.93 -34.74
CA LEU E 251 -51.82 22.47 -33.37
C LEU E 251 -52.73 21.78 -32.36
N LYS E 252 -53.99 21.56 -32.73
CA LYS E 252 -54.92 20.71 -31.95
C LYS E 252 -55.83 19.83 -32.82
N VAL E 253 -56.44 18.85 -32.15
CA VAL E 253 -57.47 17.95 -32.71
C VAL E 253 -58.71 18.10 -31.82
N ASN E 254 -59.80 18.62 -32.40
CA ASN E 254 -61.07 18.83 -31.69
C ASN E 254 -61.69 17.47 -31.24
N PRO E 255 -62.61 17.48 -30.25
CA PRO E 255 -63.24 16.25 -29.78
C PRO E 255 -63.84 15.35 -30.89
N ASP E 256 -64.43 15.99 -31.91
CA ASP E 256 -65.01 15.31 -33.09
C ASP E 256 -64.03 14.92 -34.24
N GLY E 257 -62.73 15.18 -34.06
CA GLY E 257 -61.70 14.81 -35.03
C GLY E 257 -61.06 15.97 -35.77
N SER E 258 -61.90 16.85 -36.35
CA SER E 258 -61.45 18.03 -37.12
C SER E 258 -60.19 18.70 -36.53
N GLN E 259 -59.19 18.94 -37.38
CA GLN E 259 -57.85 19.38 -36.97
C GLN E 259 -57.59 20.87 -37.33
N VAL E 260 -57.19 21.65 -36.30
CA VAL E 260 -56.90 23.09 -36.41
C VAL E 260 -55.44 23.31 -36.84
N ARG E 261 -55.23 23.92 -37.99
CA ARG E 261 -53.86 24.17 -38.48
C ARG E 261 -53.40 25.59 -38.12
N LEU E 262 -52.09 25.78 -38.26
CA LEU E 262 -51.44 27.07 -38.05
C LEU E 262 -51.93 28.13 -39.03
N LYS E 263 -52.27 27.72 -40.25
CA LYS E 263 -52.92 28.64 -41.21
C LYS E 263 -54.22 29.24 -40.65
N ASP E 264 -54.99 28.41 -39.97
CA ASP E 264 -56.27 28.80 -39.36
C ASP E 264 -56.02 29.71 -38.12
N VAL E 265 -54.82 29.57 -37.55
CA VAL E 265 -54.30 30.41 -36.47
C VAL E 265 -53.75 31.79 -36.89
N ALA E 266 -52.89 31.80 -37.91
CA ALA E 266 -52.05 32.98 -38.19
C ALA E 266 -51.50 33.10 -39.62
N ASP E 267 -50.99 34.30 -39.93
CA ASP E 267 -50.33 34.58 -41.23
C ASP E 267 -48.85 34.09 -41.25
N VAL E 268 -48.39 33.65 -42.42
CA VAL E 268 -47.05 33.08 -42.61
C VAL E 268 -46.35 33.58 -43.90
N GLY E 269 -45.08 33.97 -43.78
CA GLY E 269 -44.34 34.46 -44.94
C GLY E 269 -42.90 34.88 -44.65
N LEU E 270 -42.04 34.69 -45.66
CA LEU E 270 -40.65 35.19 -45.64
C LEU E 270 -40.61 36.70 -45.35
N GLY E 271 -40.27 37.06 -44.12
CA GLY E 271 -40.17 38.45 -43.70
C GLY E 271 -38.78 38.82 -43.21
N GLY E 272 -38.72 39.95 -42.56
CA GLY E 272 -37.49 40.42 -41.96
C GLY E 272 -37.25 39.76 -40.62
N GLN E 273 -36.00 39.77 -40.21
CA GLN E 273 -35.61 39.27 -38.90
C GLN E 273 -35.82 40.29 -37.77
N ASP E 274 -35.40 41.51 -38.03
CA ASP E 274 -35.60 42.67 -37.16
C ASP E 274 -35.99 43.86 -38.09
N TYR E 275 -37.08 44.56 -37.76
CA TYR E 275 -37.61 45.66 -38.62
C TYR E 275 -37.22 47.07 -38.18
N SER E 276 -36.41 47.19 -37.13
CA SER E 276 -36.09 48.49 -36.52
C SER E 276 -35.68 49.58 -37.49
N ILE E 277 -34.89 49.22 -38.49
CA ILE E 277 -34.30 50.20 -39.38
C ILE E 277 -34.81 49.99 -40.80
N ASN E 278 -35.24 51.07 -41.42
CA ASN E 278 -35.72 51.10 -42.79
C ASN E 278 -34.93 52.17 -43.51
N ALA E 279 -34.37 51.83 -44.67
CA ALA E 279 -33.44 52.70 -45.37
C ALA E 279 -33.94 52.91 -46.77
N GLN E 280 -33.66 54.09 -47.33
CA GLN E 280 -34.16 54.42 -48.67
C GLN E 280 -33.15 55.28 -49.41
N PHE E 281 -33.04 55.02 -50.72
CA PHE E 281 -32.20 55.78 -51.63
C PHE E 281 -33.15 56.52 -52.55
N ASN E 282 -33.08 57.85 -52.56
CA ASN E 282 -33.89 58.75 -53.41
C ASN E 282 -35.37 58.36 -53.45
N GLY E 283 -35.91 57.86 -52.35
CA GLY E 283 -37.32 57.43 -52.36
C GLY E 283 -37.50 55.94 -52.39
N SER E 284 -37.00 55.26 -53.43
CA SER E 284 -37.10 53.79 -53.49
C SER E 284 -36.46 53.06 -52.26
N PRO E 285 -37.07 51.94 -51.80
CA PRO E 285 -36.45 51.19 -50.69
C PRO E 285 -35.06 50.65 -51.05
N ALA E 286 -34.16 50.61 -50.07
CA ALA E 286 -32.77 50.22 -50.32
C ALA E 286 -32.10 49.40 -49.22
N SER E 287 -31.03 48.70 -49.62
CA SER E 287 -30.10 48.10 -48.69
C SER E 287 -28.72 48.44 -49.17
N GLY E 288 -27.73 47.74 -48.64
CA GLY E 288 -26.39 47.92 -49.12
C GLY E 288 -25.37 47.25 -48.28
N ILE E 289 -24.13 47.65 -48.55
CA ILE E 289 -22.94 47.04 -48.01
C ILE E 289 -21.97 48.16 -47.69
N ALA E 290 -21.52 48.23 -46.45
CA ALA E 290 -20.45 49.20 -46.07
C ALA E 290 -19.14 48.44 -46.08
N ILE E 291 -18.17 48.89 -46.85
CA ILE E 291 -16.98 48.07 -47.11
C ILE E 291 -15.66 48.69 -46.58
N LYS E 292 -14.85 47.84 -45.96
CA LYS E 292 -13.52 48.23 -45.50
C LYS E 292 -12.50 47.54 -46.35
N LEU E 293 -11.32 48.14 -46.38
CA LEU E 293 -10.19 47.68 -47.19
C LEU E 293 -9.38 46.71 -46.32
N ALA E 294 -8.94 45.61 -46.92
CA ALA E 294 -8.13 44.62 -46.23
C ALA E 294 -6.76 45.21 -45.93
N THR E 295 -6.13 44.68 -44.90
CA THR E 295 -4.81 45.19 -44.50
C THR E 295 -3.85 44.91 -45.66
N GLY E 296 -3.05 45.90 -45.98
CA GLY E 296 -2.03 45.81 -47.01
C GLY E 296 -2.47 45.89 -48.44
N ALA E 297 -3.68 46.39 -48.69
CA ALA E 297 -4.30 46.37 -50.04
C ALA E 297 -4.26 47.70 -50.74
N ASN E 298 -4.57 47.67 -52.03
CA ASN E 298 -4.60 48.88 -52.88
C ASN E 298 -6.01 49.45 -53.07
N ALA E 299 -6.30 50.57 -52.43
CA ALA E 299 -7.64 51.14 -52.43
C ALA E 299 -8.22 51.35 -53.85
N LEU E 300 -7.37 51.88 -54.72
CA LEU E 300 -7.65 52.00 -56.15
C LEU E 300 -8.05 50.69 -56.79
N ASP E 301 -7.18 49.70 -56.73
CA ASP E 301 -7.49 48.41 -57.35
C ASP E 301 -8.75 47.77 -56.77
N THR E 302 -8.85 47.72 -55.45
CA THR E 302 -10.00 47.05 -54.84
C THR E 302 -11.32 47.77 -55.22
N ALA E 303 -11.27 49.09 -55.46
CA ALA E 303 -12.47 49.82 -55.90
C ALA E 303 -12.85 49.43 -57.31
N LYS E 304 -11.88 49.45 -58.20
CA LYS E 304 -12.02 48.87 -59.55
C LYS E 304 -12.58 47.41 -59.47
N ALA E 305 -12.00 46.62 -58.57
CA ALA E 305 -12.26 45.20 -58.44
C ALA E 305 -13.64 44.92 -57.89
N ILE E 306 -14.01 45.64 -56.82
CA ILE E 306 -15.37 45.65 -56.32
C ILE E 306 -16.37 45.90 -57.46
N ARG E 307 -16.13 46.98 -58.20
CA ARG E 307 -16.94 47.34 -59.37
C ARG E 307 -17.03 46.27 -60.45
N GLN E 308 -15.91 45.64 -60.82
CA GLN E 308 -15.92 44.48 -61.73
C GLN E 308 -16.80 43.34 -61.23
N THR E 309 -16.73 43.06 -59.95
CA THR E 309 -17.45 41.93 -59.34
C THR E 309 -18.94 42.17 -59.45
N ILE E 310 -19.34 43.38 -59.08
CA ILE E 310 -20.73 43.76 -59.09
C ILE E 310 -21.25 43.92 -60.53
N ALA E 311 -20.38 44.40 -61.43
CA ALA E 311 -20.66 44.44 -62.87
C ALA E 311 -21.00 43.07 -63.46
N ASN E 312 -20.47 42.00 -62.89
CA ASN E 312 -20.76 40.67 -63.37
C ASN E 312 -21.98 40.07 -62.68
N LEU E 313 -22.81 40.92 -62.09
CA LEU E 313 -23.98 40.45 -61.41
C LEU E 313 -25.24 41.24 -61.79
N GLU E 314 -25.11 42.56 -61.86
CA GLU E 314 -26.14 43.49 -62.39
C GLU E 314 -26.99 42.93 -63.55
N PRO E 315 -26.33 42.35 -64.59
CA PRO E 315 -27.10 41.79 -65.69
C PRO E 315 -28.16 40.74 -65.28
N PHE E 316 -27.79 39.83 -64.39
CA PHE E 316 -28.69 38.79 -63.93
C PHE E 316 -29.46 39.11 -62.66
N MET E 317 -29.38 40.35 -62.14
CA MET E 317 -30.16 40.66 -60.94
C MET E 317 -31.62 40.71 -61.35
N PRO E 318 -32.53 40.49 -60.39
CA PRO E 318 -33.93 40.88 -60.52
C PRO E 318 -34.20 42.18 -61.30
N GLN E 319 -35.42 42.26 -61.84
CA GLN E 319 -35.81 43.33 -62.77
C GLN E 319 -36.09 44.57 -61.91
N GLY E 320 -35.46 45.67 -62.26
CA GLY E 320 -35.61 46.93 -61.52
C GLY E 320 -34.83 47.05 -60.22
N MET E 321 -33.84 46.17 -60.03
CA MET E 321 -32.83 46.31 -58.98
C MET E 321 -31.64 47.00 -59.62
N LYS E 322 -31.23 48.13 -59.05
CA LYS E 322 -30.02 48.85 -59.47
C LYS E 322 -28.99 48.87 -58.32
N VAL E 323 -27.68 48.80 -58.66
CA VAL E 323 -26.65 49.03 -57.65
C VAL E 323 -26.08 50.42 -57.88
N VAL E 324 -25.92 51.17 -56.80
CA VAL E 324 -25.43 52.54 -56.84
C VAL E 324 -24.31 52.73 -55.79
N TYR E 325 -23.35 53.59 -56.09
CA TYR E 325 -22.18 53.82 -55.26
C TYR E 325 -22.17 55.25 -54.70
N PRO E 326 -23.09 55.52 -53.76
CA PRO E 326 -23.17 56.88 -53.23
C PRO E 326 -21.91 57.39 -52.50
N TYR E 327 -21.25 56.52 -51.72
CA TYR E 327 -20.00 56.89 -51.02
C TYR E 327 -18.84 56.11 -51.57
N ASP E 328 -17.82 56.80 -52.05
CA ASP E 328 -16.56 56.16 -52.45
C ASP E 328 -15.40 57.12 -52.15
N THR E 329 -14.35 56.65 -51.50
CA THR E 329 -13.18 57.50 -51.14
C THR E 329 -12.07 57.49 -52.19
N THR E 330 -12.21 56.64 -53.20
CA THR E 330 -11.17 56.50 -54.19
C THR E 330 -10.96 57.73 -55.07
N PRO E 331 -12.03 58.50 -55.39
CA PRO E 331 -11.78 59.76 -56.11
C PRO E 331 -10.79 60.68 -55.38
N VAL E 332 -10.99 60.88 -54.09
CA VAL E 332 -10.05 61.63 -53.26
C VAL E 332 -8.64 61.03 -53.21
N VAL E 333 -8.59 59.76 -52.83
CA VAL E 333 -7.32 59.05 -52.79
C VAL E 333 -6.64 59.13 -54.15
N SER E 334 -7.40 58.86 -55.20
CA SER E 334 -6.88 58.86 -56.58
C SER E 334 -6.36 60.25 -56.97
N ALA E 335 -7.08 61.28 -56.58
CA ALA E 335 -6.66 62.66 -56.86
C ALA E 335 -5.33 62.97 -56.21
N SER E 336 -5.25 62.76 -54.88
CA SER E 336 -4.06 63.06 -54.07
C SER E 336 -2.77 62.46 -54.63
N ILE E 337 -2.83 61.17 -54.93
CA ILE E 337 -1.78 60.48 -55.70
C ILE E 337 -1.43 61.23 -57.00
N HIS E 338 -2.44 61.64 -57.77
CA HIS E 338 -2.23 62.40 -59.02
C HIS E 338 -1.59 63.77 -58.75
N GLU E 339 -2.16 64.50 -57.81
CA GLU E 339 -1.66 65.82 -57.38
C GLU E 339 -0.33 65.76 -56.63
N VAL E 340 0.54 64.83 -57.01
CA VAL E 340 1.79 64.61 -56.31
C VAL E 340 2.79 64.18 -57.33
N VAL E 341 2.50 63.10 -58.04
CA VAL E 341 3.30 62.71 -59.22
C VAL E 341 3.36 63.87 -60.22
N LYS E 342 2.34 64.71 -60.22
CA LYS E 342 2.28 65.96 -60.98
C LYS E 342 3.26 66.99 -60.42
N THR E 343 3.08 67.33 -59.13
CA THR E 343 3.94 68.30 -58.46
C THR E 343 5.41 67.87 -58.46
N LEU E 344 5.64 66.59 -58.22
CA LEU E 344 6.98 66.04 -58.29
C LEU E 344 7.57 66.26 -59.68
N GLY E 345 6.76 65.99 -60.69
CA GLY E 345 7.18 66.15 -62.08
C GLY E 345 7.47 67.60 -62.45
N GLU E 346 6.52 68.49 -62.20
CA GLU E 346 6.73 69.93 -62.44
C GLU E 346 8.00 70.43 -61.76
N ALA E 347 8.13 70.13 -60.47
CA ALA E 347 9.32 70.48 -59.69
C ALA E 347 10.62 70.16 -60.42
N ILE E 348 10.77 68.94 -60.90
CA ILE E 348 12.03 68.55 -61.60
C ILE E 348 12.24 69.40 -62.82
N LEU E 349 11.12 69.69 -63.51
CA LEU E 349 11.06 70.54 -64.72
C LEU E 349 11.48 71.96 -64.41
N LEU E 350 10.78 72.58 -63.47
CA LEU E 350 11.16 73.90 -62.97
C LEU E 350 12.60 73.93 -62.48
N VAL E 351 13.07 72.87 -61.83
CA VAL E 351 14.48 72.78 -61.47
C VAL E 351 15.28 72.87 -62.77
N PHE E 352 14.95 72.04 -63.74
CA PHE E 352 15.64 72.02 -65.04
C PHE E 352 15.68 73.40 -65.68
N LEU E 353 14.55 74.11 -65.62
CA LEU E 353 14.43 75.46 -66.19
C LEU E 353 15.33 76.46 -65.46
N VAL E 354 15.03 76.81 -64.20
CA VAL E 354 15.85 77.78 -63.43
C VAL E 354 17.33 77.37 -63.42
N MET E 355 17.60 76.10 -63.61
CA MET E 355 18.96 75.63 -63.68
C MET E 355 19.61 76.05 -64.98
N TYR E 356 18.83 76.00 -66.06
CA TYR E 356 19.26 76.41 -67.42
C TYR E 356 19.41 77.95 -67.53
N LEU E 357 18.39 78.68 -67.10
CA LEU E 357 18.48 80.14 -66.93
C LEU E 357 19.80 80.60 -66.32
N PHE E 358 20.15 80.12 -65.13
CA PHE E 358 21.34 80.65 -64.40
C PHE E 358 22.74 80.07 -64.73
N LEU E 359 22.83 78.78 -65.06
CA LEU E 359 24.09 78.13 -65.45
C LEU E 359 24.24 77.97 -66.94
N GLN E 360 23.14 77.93 -67.67
CA GLN E 360 23.14 78.05 -69.17
C GLN E 360 23.93 76.93 -69.82
N ASN E 361 23.71 75.74 -69.34
CA ASN E 361 24.48 74.58 -69.70
C ASN E 361 23.51 73.41 -69.54
N PHE E 362 23.58 72.44 -70.43
CA PHE E 362 22.63 71.32 -70.40
C PHE E 362 23.16 70.16 -69.57
N ARG E 363 24.45 69.91 -69.62
CA ARG E 363 25.03 68.83 -68.86
C ARG E 363 24.73 69.00 -67.34
N ALA E 364 24.93 70.20 -66.81
CA ALA E 364 24.61 70.47 -65.40
C ALA E 364 23.11 70.32 -65.11
N THR E 365 22.30 70.60 -66.12
CA THR E 365 20.83 70.46 -66.09
C THR E 365 20.32 69.02 -65.85
N LEU E 366 21.04 68.04 -66.39
CA LEU E 366 20.73 66.63 -66.23
C LEU E 366 21.05 66.04 -64.84
N ILE E 367 21.92 66.70 -64.08
CA ILE E 367 22.39 66.21 -62.80
C ILE E 367 21.26 66.07 -61.77
N PRO E 368 20.50 67.14 -61.47
CA PRO E 368 19.39 67.00 -60.54
C PRO E 368 18.23 66.26 -61.13
N THR E 369 18.17 66.21 -62.46
CA THR E 369 17.18 65.37 -63.14
C THR E 369 17.42 63.90 -62.84
N ILE E 370 18.67 63.53 -62.56
CA ILE E 370 19.01 62.15 -62.14
C ILE E 370 18.93 61.95 -60.63
N ALA E 371 19.49 62.90 -59.87
CA ALA E 371 19.55 62.76 -58.41
C ALA E 371 18.17 62.84 -57.75
N VAL E 372 17.36 63.81 -58.10
CA VAL E 372 16.04 63.91 -57.43
C VAL E 372 15.17 62.63 -57.57
N PRO E 373 15.08 62.05 -58.79
CA PRO E 373 14.31 60.82 -58.86
C PRO E 373 14.90 59.71 -58.02
N VAL E 374 16.23 59.55 -58.02
CA VAL E 374 16.88 58.47 -57.24
C VAL E 374 16.44 58.60 -55.81
N VAL E 375 16.59 59.80 -55.26
CA VAL E 375 16.21 60.06 -53.88
C VAL E 375 14.70 59.78 -53.65
N LEU E 376 13.85 60.10 -54.61
CA LEU E 376 12.42 59.82 -54.47
C LEU E 376 12.13 58.34 -54.44
N LEU E 377 12.67 57.59 -55.39
CA LEU E 377 12.44 56.15 -55.40
C LEU E 377 12.95 55.52 -54.10
N GLY E 378 14.19 55.84 -53.72
CA GLY E 378 14.76 55.34 -52.48
C GLY E 378 13.84 55.59 -51.29
N THR E 379 13.23 56.77 -51.24
CA THR E 379 12.31 57.13 -50.15
C THR E 379 11.12 56.17 -50.04
N PHE E 380 10.57 55.71 -51.16
CA PHE E 380 9.55 54.65 -51.08
C PHE E 380 10.11 53.33 -50.51
N GLY E 381 11.38 53.03 -50.80
CA GLY E 381 12.05 51.87 -50.18
C GLY E 381 12.09 51.93 -48.67
N VAL E 382 12.57 53.06 -48.17
CA VAL E 382 12.69 53.25 -46.72
C VAL E 382 11.27 53.15 -46.07
N LEU E 383 10.26 53.75 -46.67
CA LEU E 383 8.88 53.65 -46.18
C LEU E 383 8.37 52.22 -46.08
N ALA E 384 8.70 51.41 -47.09
CA ALA E 384 8.36 50.00 -47.10
C ALA E 384 9.03 49.35 -45.93
N ALA E 385 10.35 49.50 -45.81
CA ALA E 385 11.10 48.89 -44.70
C ALA E 385 10.45 49.19 -43.34
N PHE E 386 10.17 50.46 -43.09
CA PHE E 386 9.65 50.88 -41.78
C PHE E 386 8.15 50.52 -41.58
N GLY E 387 7.47 50.06 -42.65
CA GLY E 387 6.12 49.50 -42.60
C GLY E 387 5.00 50.52 -42.75
N PHE E 388 5.30 51.63 -43.41
CA PHE E 388 4.34 52.67 -43.68
C PHE E 388 3.70 52.30 -45.01
N SER E 389 2.71 53.10 -45.42
CA SER E 389 2.05 52.91 -46.71
C SER E 389 1.93 54.20 -47.56
N ILE E 390 1.48 54.03 -48.80
CA ILE E 390 1.20 55.18 -49.65
C ILE E 390 -0.19 55.63 -49.27
N ASN E 391 -0.30 56.90 -48.92
CA ASN E 391 -1.53 57.47 -48.38
C ASN E 391 -1.47 58.99 -48.38
N THR E 392 -2.62 59.61 -48.13
CA THR E 392 -2.76 61.07 -48.22
C THR E 392 -1.62 61.82 -47.55
N LEU E 393 -1.19 61.31 -46.39
CA LEU E 393 -0.23 62.00 -45.52
C LEU E 393 1.24 61.76 -45.90
N THR E 394 1.61 60.54 -46.24
CA THR E 394 2.97 60.26 -46.66
C THR E 394 3.26 60.84 -48.04
N MET E 395 2.22 61.04 -48.86
CA MET E 395 2.40 61.65 -50.19
C MET E 395 2.56 63.16 -50.13
N PHE E 396 1.71 63.84 -49.37
CA PHE E 396 1.94 65.25 -49.05
C PHE E 396 3.28 65.44 -48.37
N GLY E 397 3.72 64.45 -47.61
CA GLY E 397 5.08 64.39 -47.07
C GLY E 397 6.16 64.51 -48.13
N MET E 398 5.97 63.83 -49.27
CA MET E 398 6.92 63.89 -50.39
C MET E 398 6.89 65.28 -51.06
N VAL E 399 5.75 65.94 -50.99
CA VAL E 399 5.61 67.25 -51.59
C VAL E 399 6.45 68.27 -50.82
N LEU E 400 6.26 68.32 -49.51
CA LEU E 400 7.12 69.17 -48.66
C LEU E 400 8.63 68.76 -48.74
N ALA E 401 8.92 67.45 -48.86
CA ALA E 401 10.30 66.97 -49.02
C ALA E 401 11.02 67.46 -50.29
N ILE E 402 10.25 67.88 -51.31
CA ILE E 402 10.81 68.23 -52.62
C ILE E 402 11.72 69.41 -52.52
N GLY E 403 11.24 70.45 -51.87
CA GLY E 403 12.06 71.63 -51.61
C GLY E 403 13.42 71.27 -51.05
N LEU E 404 13.44 70.30 -50.14
CA LEU E 404 14.69 69.82 -49.57
C LEU E 404 15.55 68.96 -50.51
N LEU E 405 14.92 68.17 -51.38
CA LEU E 405 15.69 67.38 -52.40
C LEU E 405 16.25 68.21 -53.55
N VAL E 406 15.40 69.09 -54.06
CA VAL E 406 15.72 70.06 -55.08
C VAL E 406 16.93 70.85 -54.62
N ASP E 407 16.82 71.52 -53.46
CA ASP E 407 17.95 72.23 -52.82
C ASP E 407 19.28 71.47 -52.68
N ASP E 408 19.30 70.26 -52.10
CA ASP E 408 20.53 69.43 -52.00
C ASP E 408 21.21 69.27 -53.37
N ALA E 409 20.40 69.02 -54.39
CA ALA E 409 20.88 68.90 -55.76
C ALA E 409 21.52 70.20 -56.30
N ILE E 410 20.78 71.30 -56.21
CA ILE E 410 21.25 72.61 -56.68
C ILE E 410 22.57 72.98 -55.99
N VAL E 411 22.63 72.92 -54.65
CA VAL E 411 23.81 73.47 -53.94
C VAL E 411 25.09 72.77 -54.37
N VAL E 412 25.04 71.46 -54.48
CA VAL E 412 26.21 70.69 -54.94
C VAL E 412 26.61 71.10 -56.33
N VAL E 413 25.67 71.17 -57.27
CA VAL E 413 26.02 71.45 -58.66
C VAL E 413 26.47 72.88 -58.86
N GLU E 414 25.70 73.83 -58.34
CA GLU E 414 26.02 75.21 -58.59
C GLU E 414 27.37 75.56 -57.94
N ASN E 415 27.63 75.06 -56.75
CA ASN E 415 28.94 75.32 -56.11
C ASN E 415 30.13 74.81 -56.92
N VAL E 416 29.97 73.67 -57.59
CA VAL E 416 31.02 73.14 -58.44
C VAL E 416 31.24 74.08 -59.61
N GLU E 417 30.14 74.53 -60.14
CA GLU E 417 30.08 75.38 -61.30
C GLU E 417 30.74 76.73 -60.98
N ARG E 418 30.54 77.24 -59.77
CA ARG E 418 31.18 78.47 -59.35
C ARG E 418 32.69 78.37 -59.14
N VAL E 419 33.12 77.32 -58.42
CA VAL E 419 34.54 77.13 -58.15
C VAL E 419 35.33 77.05 -59.46
N MET E 420 34.76 76.37 -60.45
CA MET E 420 35.47 76.28 -61.72
C MET E 420 35.38 77.55 -62.55
N ALA E 421 34.33 78.32 -62.36
CA ALA E 421 34.22 79.67 -62.95
C ALA E 421 35.14 80.74 -62.30
N GLU E 422 35.37 80.65 -61.00
CA GLU E 422 36.19 81.65 -60.30
C GLU E 422 37.67 81.31 -60.28
N GLU E 423 37.99 80.03 -60.39
CA GLU E 423 39.36 79.55 -60.26
C GLU E 423 39.91 78.72 -61.43
N GLY E 424 39.14 78.55 -62.50
CA GLY E 424 39.54 77.72 -63.65
C GLY E 424 39.99 76.29 -63.38
N LEU E 425 39.44 75.68 -62.33
CA LEU E 425 39.77 74.30 -62.00
C LEU E 425 38.94 73.44 -62.92
N SER E 426 39.40 72.24 -63.18
CA SER E 426 38.74 71.28 -64.07
C SER E 426 37.50 70.82 -63.34
N PRO E 427 36.60 70.08 -63.99
CA PRO E 427 35.41 69.58 -63.26
C PRO E 427 35.73 68.73 -62.06
N ARG E 428 36.68 67.81 -62.21
CA ARG E 428 37.05 66.91 -61.13
C ARG E 428 37.69 67.69 -59.98
N GLU E 429 38.71 68.50 -60.28
CA GLU E 429 39.40 69.24 -59.21
C GLU E 429 38.43 70.19 -58.50
N ALA E 430 37.53 70.79 -59.28
CA ALA E 430 36.42 71.60 -58.71
C ALA E 430 35.36 70.81 -57.93
N ALA E 431 35.06 69.58 -58.35
CA ALA E 431 34.15 68.71 -57.59
C ALA E 431 34.73 68.35 -56.24
N ARG E 432 36.00 67.91 -56.21
CA ARG E 432 36.65 67.64 -54.90
C ARG E 432 36.76 68.91 -54.09
N LYS E 433 37.48 69.88 -54.62
CA LYS E 433 37.53 71.24 -54.03
C LYS E 433 36.21 71.65 -53.40
N SER E 434 35.14 71.50 -54.19
CA SER E 434 33.77 71.88 -53.79
C SER E 434 33.24 71.07 -52.61
N MET E 435 33.38 69.76 -52.63
CA MET E 435 32.92 68.94 -51.49
C MET E 435 33.82 69.07 -50.24
N GLY E 436 35.04 69.56 -50.38
CA GLY E 436 35.81 69.94 -49.21
C GLY E 436 35.19 71.10 -48.44
N GLN E 437 34.51 71.99 -49.13
CA GLN E 437 33.82 73.09 -48.49
C GLN E 437 32.46 72.70 -47.85
N ILE E 438 31.60 71.99 -48.60
CA ILE E 438 30.25 71.76 -48.14
C ILE E 438 30.00 70.43 -47.39
N GLN E 439 30.95 69.49 -47.53
CA GLN E 439 30.79 68.10 -47.07
C GLN E 439 30.38 67.99 -45.63
N GLY E 440 31.18 68.55 -44.72
CA GLY E 440 30.86 68.67 -43.29
C GLY E 440 29.56 69.41 -42.95
N ALA E 441 29.25 70.48 -43.66
CA ALA E 441 27.97 71.21 -43.47
C ALA E 441 26.73 70.35 -43.74
N LEU E 442 26.73 69.67 -44.89
CA LEU E 442 25.74 68.65 -45.25
C LEU E 442 25.53 67.56 -44.16
N VAL E 443 26.62 67.01 -43.66
CA VAL E 443 26.50 66.10 -42.53
C VAL E 443 25.77 66.87 -41.41
N GLY E 444 26.24 68.09 -41.12
CA GLY E 444 25.62 68.94 -40.12
C GLY E 444 24.14 69.16 -40.31
N ILE E 445 23.70 69.49 -41.54
CA ILE E 445 22.29 69.83 -41.75
C ILE E 445 21.40 68.60 -41.61
N ALA E 446 21.91 67.45 -42.05
CA ALA E 446 21.17 66.23 -41.91
C ALA E 446 20.79 66.06 -40.46
N MET E 447 21.77 66.16 -39.55
CA MET E 447 21.54 66.07 -38.08
C MET E 447 20.54 67.11 -37.61
N VAL E 448 20.80 68.37 -37.99
CA VAL E 448 19.99 69.50 -37.57
C VAL E 448 18.57 69.24 -38.03
N LEU E 449 18.40 68.87 -39.30
CA LEU E 449 17.09 68.57 -39.88
C LEU E 449 16.41 67.33 -39.27
N SER E 450 17.16 66.27 -38.99
CA SER E 450 16.66 65.17 -38.15
C SER E 450 16.15 65.68 -36.80
N ALA E 451 16.90 66.55 -36.14
CA ALA E 451 16.48 67.08 -34.83
C ALA E 451 15.21 67.97 -34.92
N VAL E 452 14.94 68.52 -36.09
CA VAL E 452 13.76 69.33 -36.33
C VAL E 452 12.52 68.51 -36.67
N PHE E 453 12.67 67.39 -37.39
CA PHE E 453 11.52 66.66 -37.91
C PHE E 453 11.10 65.44 -37.12
N LEU E 454 12.01 64.92 -36.29
CA LEU E 454 11.80 63.69 -35.53
C LEU E 454 10.90 63.81 -34.32
N PRO E 455 11.21 64.72 -33.42
CA PRO E 455 10.43 64.82 -32.21
C PRO E 455 8.93 64.66 -32.39
N MET E 456 8.36 65.30 -33.39
CA MET E 456 6.95 65.09 -33.67
C MET E 456 6.50 63.63 -33.97
N ALA E 457 7.40 62.77 -34.39
CA ALA E 457 7.07 61.33 -34.44
C ALA E 457 6.89 60.68 -33.08
N PHE E 458 7.26 61.35 -32.01
CA PHE E 458 7.09 60.82 -30.65
C PHE E 458 5.88 61.42 -29.93
N PHE E 459 5.01 62.09 -30.67
CA PHE E 459 3.72 62.48 -30.14
C PHE E 459 2.89 61.21 -30.03
N GLY E 460 2.27 61.03 -28.86
CA GLY E 460 1.31 59.96 -28.66
C GLY E 460 -0.02 60.34 -29.27
N GLY E 461 -0.88 59.34 -29.36
CA GLY E 461 -2.27 59.55 -29.70
C GLY E 461 -2.47 59.53 -31.19
N SER E 462 -3.62 60.03 -31.59
CA SER E 462 -4.01 60.14 -32.99
C SER E 462 -3.30 61.29 -33.66
N THR E 463 -2.85 62.29 -32.90
CA THR E 463 -2.04 63.34 -33.52
C THR E 463 -0.65 62.81 -33.90
N GLY E 464 -0.11 61.88 -33.14
CA GLY E 464 1.23 61.37 -33.43
C GLY E 464 1.25 60.57 -34.73
N VAL E 465 0.29 59.64 -34.83
CA VAL E 465 0.10 58.83 -36.02
C VAL E 465 0.17 59.73 -37.24
N ILE E 466 -0.44 60.91 -37.16
CA ILE E 466 -0.46 61.86 -38.28
C ILE E 466 0.88 62.54 -38.46
N TYR E 467 1.37 63.20 -37.41
CA TYR E 467 2.67 63.87 -37.49
C TYR E 467 3.80 62.93 -37.89
N ARG E 468 3.65 61.66 -37.55
CA ARG E 468 4.65 60.68 -37.81
C ARG E 468 4.73 60.29 -39.25
N GLN E 469 3.57 60.28 -39.94
CA GLN E 469 3.54 60.03 -41.40
C GLN E 469 4.34 61.08 -42.17
N PHE E 470 4.31 62.32 -41.70
CA PHE E 470 5.13 63.40 -42.25
C PHE E 470 6.60 63.26 -41.81
N SER E 471 6.78 63.03 -40.51
CA SER E 471 8.11 63.03 -39.90
C SER E 471 9.02 61.98 -40.57
N ILE E 472 8.54 60.76 -40.66
CA ILE E 472 9.32 59.67 -41.22
C ILE E 472 9.48 59.76 -42.74
N THR E 473 8.47 60.21 -43.47
CA THR E 473 8.64 60.37 -44.94
C THR E 473 9.61 61.54 -45.31
N ILE E 474 9.62 62.58 -44.46
CA ILE E 474 10.56 63.69 -44.58
C ILE E 474 11.99 63.38 -44.11
N VAL E 475 12.21 62.92 -42.88
CA VAL E 475 13.57 62.53 -42.46
C VAL E 475 14.21 61.46 -43.38
N SER E 476 13.40 60.56 -43.95
CA SER E 476 13.88 59.57 -44.91
C SER E 476 14.31 60.15 -46.23
N ALA E 477 13.47 61.02 -46.78
CA ALA E 477 13.79 61.79 -47.98
C ALA E 477 15.05 62.63 -47.79
N MET E 478 15.06 63.40 -46.72
CA MET E 478 16.17 64.23 -46.37
C MET E 478 17.46 63.41 -46.23
N ALA E 479 17.41 62.33 -45.47
CA ALA E 479 18.62 61.54 -45.25
C ALA E 479 19.13 60.87 -46.52
N LEU E 480 18.22 60.49 -47.41
CA LEU E 480 18.63 59.98 -48.68
C LEU E 480 19.29 61.02 -49.59
N SER E 481 18.77 62.25 -49.65
CA SER E 481 19.42 63.34 -50.40
C SER E 481 20.85 63.55 -49.98
N VAL E 482 21.05 63.83 -48.69
CA VAL E 482 22.42 64.02 -48.17
C VAL E 482 23.38 62.93 -48.68
N ILE E 483 22.94 61.67 -48.62
CA ILE E 483 23.75 60.51 -49.07
C ILE E 483 24.03 60.55 -50.59
N VAL E 484 23.00 60.84 -51.37
CA VAL E 484 23.14 61.06 -52.83
C VAL E 484 24.03 62.31 -53.12
N ALA E 485 23.89 63.35 -52.30
CA ALA E 485 24.68 64.59 -52.42
C ALA E 485 26.14 64.35 -52.09
N LEU E 486 26.40 63.35 -51.27
CA LEU E 486 27.73 62.96 -50.91
C LEU E 486 28.33 61.95 -51.91
N ILE E 487 27.51 61.03 -52.43
CA ILE E 487 28.00 59.88 -53.23
C ILE E 487 27.89 60.10 -54.73
N LEU E 488 26.67 60.36 -55.15
CA LEU E 488 26.30 60.45 -56.55
C LEU E 488 26.57 61.79 -57.23
N THR E 489 25.95 62.87 -56.75
CA THR E 489 25.97 64.11 -57.50
C THR E 489 27.41 64.61 -57.74
N PRO E 490 28.29 64.61 -56.70
CA PRO E 490 29.62 65.12 -57.06
C PRO E 490 30.38 64.26 -58.08
N ALA E 491 30.11 62.97 -58.11
CA ALA E 491 30.57 62.13 -59.23
C ALA E 491 29.92 62.51 -60.54
N LEU E 492 28.62 62.80 -60.55
CA LEU E 492 27.98 63.32 -61.78
C LEU E 492 28.56 64.69 -62.23
N CYS E 493 28.67 65.64 -61.30
CA CYS E 493 29.37 66.91 -61.57
C CYS E 493 30.76 66.70 -62.21
N ALA E 494 31.63 66.01 -61.50
CA ALA E 494 32.99 65.75 -61.98
C ALA E 494 33.01 64.98 -63.30
N THR E 495 32.06 64.09 -63.46
CA THR E 495 32.05 63.22 -64.64
C THR E 495 31.41 63.89 -65.89
N MET E 496 30.36 64.70 -65.70
CA MET E 496 29.55 65.29 -66.81
C MET E 496 29.69 66.79 -67.12
N LEU E 497 30.11 67.62 -66.16
CA LEU E 497 30.20 69.09 -66.38
C LEU E 497 31.36 69.42 -67.27
N LYS E 498 31.19 70.44 -68.12
CA LYS E 498 32.31 70.93 -68.95
C LYS E 498 33.00 72.12 -68.30
N PRO E 499 34.29 72.30 -68.59
CA PRO E 499 35.03 73.45 -68.05
C PRO E 499 34.46 74.84 -68.39
N ILE E 500 34.79 75.79 -67.52
CA ILE E 500 34.52 77.20 -67.67
C ILE E 500 35.90 77.87 -67.64
N GLU E 501 36.10 78.87 -68.51
CA GLU E 501 37.33 79.69 -68.47
C GLU E 501 37.33 80.56 -67.22
N LYS E 502 38.44 80.50 -66.45
CA LYS E 502 38.62 81.38 -65.29
C LYS E 502 38.23 82.81 -65.64
N GLY E 503 37.45 83.41 -64.73
CA GLY E 503 37.02 84.79 -64.85
C GLY E 503 35.68 84.94 -65.53
N ASP E 504 35.30 84.01 -66.41
CA ASP E 504 34.08 84.17 -67.22
C ASP E 504 32.80 84.06 -66.38
N HIS E 505 32.00 85.12 -66.38
CA HIS E 505 30.72 85.18 -65.67
C HIS E 505 29.57 85.51 -66.65
N GLY E 506 29.70 85.06 -67.90
CA GLY E 506 28.66 85.22 -68.96
C GLY E 506 28.25 86.61 -69.41
N GLU E 507 29.01 87.64 -69.01
CA GLU E 507 28.72 89.07 -69.31
C GLU E 507 28.71 89.38 -70.81
N HIS E 508 29.52 88.64 -71.59
CA HIS E 508 29.66 88.87 -73.01
C HIS E 508 28.73 87.98 -73.85
N LYS E 509 27.91 87.14 -73.21
CA LYS E 509 27.17 86.07 -73.88
C LYS E 509 26.47 86.51 -75.15
N GLY E 510 25.78 87.65 -75.08
CA GLY E 510 25.01 88.20 -76.22
C GLY E 510 23.57 87.73 -76.26
N GLY E 511 22.64 88.68 -76.35
CA GLY E 511 21.21 88.38 -76.38
C GLY E 511 20.65 88.32 -74.97
N PHE E 512 19.78 87.35 -74.73
CA PHE E 512 19.06 87.25 -73.44
C PHE E 512 19.97 86.87 -72.27
N PHE E 513 20.77 85.81 -72.44
CA PHE E 513 21.77 85.44 -71.41
C PHE E 513 22.72 86.59 -71.07
N GLY E 514 23.36 87.12 -72.11
CA GLY E 514 24.16 88.33 -72.00
C GLY E 514 23.48 89.33 -71.10
N TRP E 515 22.25 89.69 -71.46
CA TRP E 515 21.44 90.59 -70.63
C TRP E 515 21.32 90.11 -69.15
N PHE E 516 20.74 88.93 -68.97
CA PHE E 516 20.59 88.27 -67.66
C PHE E 516 21.86 88.24 -66.80
N ASN E 517 22.95 87.70 -67.36
CA ASN E 517 24.22 87.62 -66.63
C ASN E 517 24.70 89.00 -66.11
N ARG E 518 24.50 90.05 -66.92
CA ARG E 518 24.80 91.41 -66.47
C ARG E 518 23.81 91.94 -65.41
N MET E 519 22.51 91.65 -65.58
CA MET E 519 21.47 91.98 -64.58
C MET E 519 21.76 91.34 -63.22
N PHE E 520 21.96 90.02 -63.22
CA PHE E 520 22.16 89.28 -61.96
C PHE E 520 23.48 89.67 -61.30
N LEU E 521 24.49 89.96 -62.14
CA LEU E 521 25.82 90.43 -61.68
C LEU E 521 25.72 91.73 -60.90
N SER E 522 25.02 92.67 -61.50
CA SER E 522 24.70 93.94 -60.86
C SER E 522 23.81 93.78 -59.63
N THR E 523 22.79 92.91 -59.71
CA THR E 523 21.94 92.68 -58.54
C THR E 523 22.77 92.13 -57.36
N THR E 524 23.71 91.23 -57.67
CA THR E 524 24.62 90.69 -56.67
C THR E 524 25.36 91.84 -55.99
N HIS E 525 26.05 92.66 -56.81
CA HIS E 525 26.84 93.79 -56.32
C HIS E 525 25.94 94.66 -55.45
N GLY E 526 24.73 94.94 -55.96
CA GLY E 526 23.65 95.61 -55.19
C GLY E 526 23.38 95.02 -53.81
N TYR E 527 23.09 93.72 -53.82
CA TYR E 527 22.93 92.93 -52.57
C TYR E 527 24.16 92.99 -51.63
N GLU E 528 25.38 92.95 -52.18
CA GLU E 528 26.60 93.02 -51.30
C GLU E 528 26.66 94.35 -50.56
N ARG E 529 26.44 95.42 -51.33
CA ARG E 529 26.31 96.78 -50.81
C ARG E 529 25.32 96.83 -49.62
N GLY E 530 24.14 96.23 -49.80
CA GLY E 530 23.10 96.22 -48.76
C GLY E 530 23.60 95.58 -47.48
N VAL E 531 24.23 94.42 -47.64
CA VAL E 531 24.78 93.68 -46.51
C VAL E 531 25.91 94.56 -45.90
N ALA E 532 26.79 95.08 -46.76
CA ALA E 532 27.86 96.00 -46.35
C ALA E 532 27.30 97.18 -45.55
N SER E 533 26.26 97.83 -46.10
CA SER E 533 25.52 98.86 -45.38
C SER E 533 24.87 98.37 -44.08
N ILE E 534 24.10 97.29 -44.12
CA ILE E 534 23.51 96.69 -42.91
C ILE E 534 24.59 96.45 -41.84
N LEU E 535 25.73 95.88 -42.25
CA LEU E 535 26.81 95.55 -41.31
C LEU E 535 27.47 96.79 -40.71
N LYS E 536 27.39 97.92 -41.42
CA LYS E 536 27.80 99.27 -40.96
C LYS E 536 26.82 99.91 -39.95
N HIS E 537 25.53 99.65 -40.12
CA HIS E 537 24.45 100.27 -39.33
C HIS E 537 23.61 99.18 -38.63
N ARG E 538 24.24 98.50 -37.68
CA ARG E 538 23.63 97.31 -37.05
C ARG E 538 22.39 97.50 -36.17
N ALA E 539 22.54 98.30 -35.10
CA ALA E 539 21.47 98.51 -34.09
C ALA E 539 20.02 98.70 -34.63
N PRO E 540 19.82 99.59 -35.62
CA PRO E 540 18.45 99.72 -36.14
C PRO E 540 17.86 98.43 -36.70
N TYR E 541 18.71 97.59 -37.28
CA TYR E 541 18.28 96.31 -37.82
C TYR E 541 18.13 95.19 -36.79
N LEU E 542 18.97 95.19 -35.76
CA LEU E 542 18.75 94.27 -34.64
C LEU E 542 17.50 94.60 -33.81
N LEU E 543 16.83 95.70 -34.10
CA LEU E 543 15.55 96.04 -33.46
C LEU E 543 14.40 95.71 -34.39
N ILE E 544 14.49 96.13 -35.65
CA ILE E 544 13.48 95.71 -36.62
C ILE E 544 13.33 94.17 -36.61
N TYR E 545 14.44 93.45 -36.38
CA TYR E 545 14.37 92.01 -36.10
C TYR E 545 13.47 91.76 -34.88
N VAL E 546 13.89 92.27 -33.72
CA VAL E 546 13.11 92.19 -32.46
C VAL E 546 11.62 92.58 -32.63
N VAL E 547 11.33 93.52 -33.55
CA VAL E 547 9.96 93.79 -33.99
C VAL E 547 9.39 92.50 -34.58
N ILE E 548 10.03 92.03 -35.66
CA ILE E 548 9.58 90.83 -36.40
C ILE E 548 9.28 89.66 -35.45
N VAL E 549 10.10 89.51 -34.40
CA VAL E 549 9.92 88.45 -33.42
C VAL E 549 8.66 88.64 -32.60
N ALA E 550 8.53 89.81 -31.98
CA ALA E 550 7.30 90.20 -31.28
C ALA E 550 6.07 90.02 -32.18
N GLY E 551 6.21 90.41 -33.43
CA GLY E 551 5.14 90.21 -34.41
C GLY E 551 4.69 88.76 -34.56
N MET E 552 5.65 87.85 -34.65
CA MET E 552 5.39 86.39 -34.74
C MET E 552 4.58 85.91 -33.55
N ILE E 553 5.10 86.17 -32.34
CA ILE E 553 4.42 85.86 -31.07
C ILE E 553 2.98 86.32 -31.12
N TRP E 554 2.77 87.55 -31.61
CA TRP E 554 1.45 88.17 -31.66
C TRP E 554 0.57 87.52 -32.72
N MET E 555 1.05 87.48 -33.95
CA MET E 555 0.33 86.82 -35.04
C MET E 555 -0.10 85.36 -34.71
N PHE E 556 0.65 84.66 -33.85
CA PHE E 556 0.26 83.30 -33.39
C PHE E 556 -1.01 83.34 -32.57
N THR E 557 -0.97 84.19 -31.54
CA THR E 557 -2.11 84.40 -30.62
C THR E 557 -3.41 84.83 -31.32
N ARG E 558 -3.33 85.31 -32.56
CA ARG E 558 -4.52 85.64 -33.33
C ARG E 558 -4.98 84.56 -34.30
N ILE E 559 -4.06 83.86 -34.97
CA ILE E 559 -4.44 82.86 -35.96
C ILE E 559 -5.25 81.73 -35.24
N PRO E 560 -6.43 81.35 -35.76
CA PRO E 560 -7.23 80.28 -35.11
C PRO E 560 -6.74 78.80 -35.34
N THR E 561 -6.54 78.06 -34.26
CA THR E 561 -6.08 76.66 -34.35
C THR E 561 -7.21 75.68 -34.68
N ALA E 562 -6.83 74.45 -35.02
CA ALA E 562 -7.75 73.45 -35.57
C ALA E 562 -7.01 72.12 -35.75
N PHE E 563 -7.76 71.01 -35.83
CA PHE E 563 -7.17 69.68 -36.08
C PHE E 563 -6.67 69.52 -37.52
N LEU E 564 -7.59 69.41 -38.48
CA LEU E 564 -7.23 69.19 -39.88
C LEU E 564 -7.89 70.22 -40.78
N PRO E 565 -7.38 70.39 -42.01
CA PRO E 565 -8.02 71.28 -42.96
C PRO E 565 -9.45 70.88 -43.23
N ASP E 566 -10.30 71.90 -43.37
CA ASP E 566 -11.71 71.71 -43.62
C ASP E 566 -11.83 71.25 -45.06
N GLU E 567 -12.10 69.96 -45.22
CA GLU E 567 -12.10 69.33 -46.53
C GLU E 567 -13.52 69.19 -47.04
N ASP E 568 -13.69 69.24 -48.35
CA ASP E 568 -15.01 69.08 -48.96
C ASP E 568 -15.09 67.69 -49.57
N GLN E 569 -15.50 66.73 -48.74
CA GLN E 569 -15.78 65.36 -49.20
C GLN E 569 -17.18 65.43 -49.70
N GLY E 570 -17.49 64.74 -50.78
CA GLY E 570 -18.79 64.95 -51.44
C GLY E 570 -19.97 64.43 -50.64
N VAL E 571 -20.11 64.88 -49.40
CA VAL E 571 -20.97 64.22 -48.42
C VAL E 571 -21.38 65.23 -47.38
N LEU E 572 -22.61 65.09 -46.89
CA LEU E 572 -23.22 65.99 -45.92
C LEU E 572 -24.19 65.15 -45.06
N PHE E 573 -24.05 65.19 -43.74
CA PHE E 573 -24.94 64.44 -42.83
C PHE E 573 -26.14 65.29 -42.44
N ALA E 574 -27.18 64.63 -41.92
CA ALA E 574 -28.42 65.30 -41.53
C ALA E 574 -29.20 64.49 -40.50
N GLN E 575 -28.98 64.75 -39.21
CA GLN E 575 -29.61 63.99 -38.13
C GLN E 575 -30.98 64.54 -37.85
N VAL E 576 -31.95 63.66 -37.67
CA VAL E 576 -33.34 64.04 -37.48
C VAL E 576 -33.84 63.43 -36.20
N GLN E 577 -34.67 64.19 -35.48
CA GLN E 577 -35.15 63.82 -34.16
C GLN E 577 -36.62 64.26 -33.97
N THR E 578 -37.56 63.45 -34.44
CA THR E 578 -39.00 63.77 -34.28
C THR E 578 -39.40 63.67 -32.79
N PRO E 579 -40.61 64.13 -32.43
CA PRO E 579 -40.97 64.27 -31.00
C PRO E 579 -40.85 63.03 -30.10
N PRO E 580 -40.29 63.19 -28.87
CA PRO E 580 -40.11 62.10 -27.90
C PRO E 580 -41.36 61.26 -27.69
N GLY E 581 -41.54 60.30 -28.58
CA GLY E 581 -42.71 59.42 -28.61
C GLY E 581 -43.18 59.00 -29.98
N SER E 582 -42.70 59.66 -31.04
CA SER E 582 -43.10 59.48 -32.46
C SER E 582 -43.30 58.04 -33.02
N SER E 583 -43.00 57.83 -34.31
CA SER E 583 -43.21 56.54 -34.96
C SER E 583 -42.42 56.52 -36.26
N ALA E 584 -42.15 55.31 -36.75
CA ALA E 584 -41.47 55.11 -38.02
C ALA E 584 -42.06 55.98 -39.12
N GLU E 585 -43.36 55.78 -39.42
CA GLU E 585 -44.09 56.52 -40.48
C GLU E 585 -43.98 58.04 -40.34
N ARG E 586 -44.04 58.50 -39.09
CA ARG E 586 -44.01 59.92 -38.82
C ARG E 586 -42.66 60.49 -39.24
N THR E 587 -41.60 60.05 -38.57
CA THR E 587 -40.22 60.35 -38.93
C THR E 587 -39.94 60.08 -40.43
N GLN E 588 -40.45 58.96 -40.92
CA GLN E 588 -40.19 58.51 -42.29
C GLN E 588 -40.51 59.57 -43.33
N VAL E 589 -41.60 60.31 -43.09
CA VAL E 589 -42.01 61.42 -43.96
C VAL E 589 -41.29 62.73 -43.62
N VAL E 590 -41.09 62.96 -42.32
CA VAL E 590 -40.28 64.09 -41.80
C VAL E 590 -38.93 64.23 -42.53
N VAL E 591 -38.37 63.10 -42.94
CA VAL E 591 -37.17 63.05 -43.78
C VAL E 591 -37.47 62.95 -45.26
N ASP E 592 -38.56 62.24 -45.61
CA ASP E 592 -39.01 62.10 -47.03
C ASP E 592 -39.18 63.45 -47.76
N SER E 593 -39.49 64.49 -47.01
CA SER E 593 -39.54 65.84 -47.54
C SER E 593 -38.17 66.47 -47.73
N MET E 594 -37.30 66.34 -46.73
CA MET E 594 -35.89 66.79 -46.82
C MET E 594 -35.28 66.23 -48.09
N ARG E 595 -35.49 64.95 -48.31
CA ARG E 595 -35.09 64.31 -49.55
C ARG E 595 -35.59 65.10 -50.75
N GLU E 596 -36.90 65.40 -50.77
CA GLU E 596 -37.52 66.12 -51.90
C GLU E 596 -36.97 67.54 -52.05
N TYR E 597 -36.89 68.28 -50.96
CA TYR E 597 -36.27 69.60 -50.99
C TYR E 597 -34.89 69.54 -51.67
N LEU E 598 -33.99 68.72 -51.16
CA LEU E 598 -32.62 68.59 -51.70
C LEU E 598 -32.62 68.13 -53.16
N LEU E 599 -33.22 66.96 -53.42
CA LEU E 599 -33.27 66.37 -54.77
C LEU E 599 -33.91 67.27 -55.85
N GLU E 600 -34.71 68.26 -55.45
CA GLU E 600 -35.34 69.21 -56.39
C GLU E 600 -34.72 70.61 -56.39
N LYS E 601 -34.68 71.27 -55.23
CA LYS E 601 -34.07 72.63 -55.11
C LYS E 601 -32.53 72.72 -55.17
N GLU E 602 -31.82 71.88 -54.42
CA GLU E 602 -30.34 71.87 -54.39
C GLU E 602 -29.74 70.92 -55.43
N SER E 603 -30.37 70.76 -56.59
CA SER E 603 -29.93 69.78 -57.60
C SER E 603 -28.71 70.24 -58.37
N SER E 604 -28.30 71.50 -58.19
CA SER E 604 -27.01 71.97 -58.67
C SER E 604 -25.79 71.23 -58.04
N SER E 605 -25.91 70.94 -56.74
CA SER E 605 -24.88 70.22 -55.95
C SER E 605 -25.31 68.81 -55.55
N VAL E 606 -26.40 68.69 -54.80
CA VAL E 606 -26.89 67.38 -54.30
C VAL E 606 -27.20 66.39 -55.43
N SER E 607 -26.57 65.21 -55.39
CA SER E 607 -26.76 64.09 -56.35
C SER E 607 -27.79 63.07 -55.91
N SER E 608 -27.87 62.82 -54.60
CA SER E 608 -28.81 61.83 -54.07
C SER E 608 -28.91 61.89 -52.57
N VAL E 609 -29.91 61.21 -52.01
CA VAL E 609 -30.10 61.16 -50.56
C VAL E 609 -30.46 59.75 -50.07
N PHE E 610 -29.75 59.30 -49.04
CA PHE E 610 -29.93 57.98 -48.43
C PHE E 610 -30.65 58.22 -47.11
N THR E 611 -31.95 58.03 -47.07
CA THR E 611 -32.76 58.31 -45.87
C THR E 611 -32.78 57.06 -45.00
N VAL E 612 -32.84 57.26 -43.68
CA VAL E 612 -32.86 56.15 -42.73
C VAL E 612 -33.80 56.50 -41.57
N THR E 613 -34.52 55.47 -41.09
CA THR E 613 -35.30 55.57 -39.86
C THR E 613 -34.83 54.51 -38.85
N GLY E 614 -34.96 54.81 -37.57
CA GLY E 614 -34.55 53.90 -36.49
C GLY E 614 -33.10 54.06 -36.04
N PHE E 615 -32.39 54.99 -36.68
CA PHE E 615 -30.94 55.12 -36.54
C PHE E 615 -30.38 56.52 -36.92
N ASN E 616 -29.66 57.09 -35.96
CA ASN E 616 -28.83 58.25 -36.19
C ASN E 616 -27.51 58.09 -35.39
N PHE E 617 -26.62 59.08 -35.52
CA PHE E 617 -25.36 59.15 -34.74
C PHE E 617 -25.53 59.85 -33.36
N ALA E 618 -26.20 59.22 -32.41
CA ALA E 618 -26.70 59.84 -31.13
C ALA E 618 -27.88 59.07 -30.54
N GLY E 619 -28.52 58.24 -31.36
CA GLY E 619 -29.54 57.32 -30.92
C GLY E 619 -30.07 56.41 -32.01
N ARG E 620 -30.82 55.40 -31.58
CA ARG E 620 -31.52 54.49 -32.46
C ARG E 620 -33.01 54.65 -32.16
N GLY E 621 -33.84 53.76 -32.73
CA GLY E 621 -35.27 53.75 -32.45
C GLY E 621 -36.09 54.76 -33.22
N GLN E 622 -37.41 54.60 -33.15
CA GLN E 622 -38.36 55.30 -34.02
C GLN E 622 -38.39 56.81 -33.86
N SER E 623 -38.04 57.29 -32.65
CA SER E 623 -38.00 58.73 -32.33
C SER E 623 -36.91 59.53 -33.05
N SER E 624 -36.41 59.02 -34.20
CA SER E 624 -35.21 59.55 -34.91
C SER E 624 -34.75 58.74 -36.12
N GLY E 625 -34.00 59.42 -36.98
CA GLY E 625 -33.68 58.96 -38.33
C GLY E 625 -32.66 59.94 -38.92
N MET E 626 -32.31 59.78 -40.20
CA MET E 626 -31.33 60.66 -40.84
C MET E 626 -31.12 60.48 -42.36
N ALA E 627 -30.36 61.41 -42.92
CA ALA E 627 -30.04 61.42 -44.34
C ALA E 627 -28.55 61.65 -44.59
N PHE E 628 -28.04 60.87 -45.54
CA PHE E 628 -26.68 60.96 -45.96
C PHE E 628 -26.76 61.65 -47.31
N ILE E 629 -26.61 62.97 -47.29
CA ILE E 629 -26.73 63.78 -48.51
C ILE E 629 -25.39 63.64 -49.23
N MET E 630 -25.44 63.22 -50.48
CA MET E 630 -24.27 62.98 -51.28
C MET E 630 -24.25 63.92 -52.51
N LEU E 631 -23.26 64.81 -52.51
CA LEU E 631 -23.05 65.76 -53.60
C LEU E 631 -22.54 65.10 -54.85
N LYS E 632 -22.72 65.76 -55.98
CA LYS E 632 -22.26 65.21 -57.25
C LYS E 632 -20.77 65.56 -57.40
N PRO E 633 -20.06 64.96 -58.37
CA PRO E 633 -18.62 65.24 -58.52
C PRO E 633 -18.23 66.73 -58.38
N TRP E 634 -17.05 67.02 -57.84
CA TRP E 634 -16.57 68.42 -57.62
C TRP E 634 -16.48 69.25 -58.87
N GLU E 635 -15.76 68.73 -59.85
CA GLU E 635 -15.59 69.40 -61.14
C GLU E 635 -16.92 69.64 -61.87
N GLU E 636 -17.95 68.84 -61.58
CA GLU E 636 -19.30 68.97 -62.17
C GLU E 636 -20.22 69.95 -61.42
N ARG E 637 -19.72 70.55 -60.34
CA ARG E 637 -20.49 71.50 -59.55
C ARG E 637 -19.57 72.59 -58.99
N PRO E 638 -18.67 73.17 -59.82
CA PRO E 638 -17.72 74.14 -59.25
C PRO E 638 -18.38 75.39 -58.67
N GLY E 639 -17.56 76.19 -57.98
CA GLY E 639 -18.02 77.44 -57.36
C GLY E 639 -18.30 77.29 -55.89
N GLY E 640 -18.14 78.39 -55.17
CA GLY E 640 -18.28 78.42 -53.71
C GLY E 640 -19.70 78.28 -53.20
N GLU E 641 -20.68 78.64 -54.02
CA GLU E 641 -22.13 78.52 -53.71
C GLU E 641 -22.61 77.09 -53.48
N ASN E 642 -22.02 76.14 -54.24
CA ASN E 642 -22.27 74.69 -54.11
C ASN E 642 -21.36 73.97 -53.11
N SER E 643 -20.80 74.71 -52.15
CA SER E 643 -19.90 74.15 -51.16
C SER E 643 -20.70 73.38 -50.14
N VAL E 644 -20.19 72.21 -49.75
CA VAL E 644 -20.75 71.42 -48.64
C VAL E 644 -21.01 72.32 -47.43
N PHE E 645 -20.13 73.28 -47.20
CA PHE E 645 -20.22 74.22 -46.07
C PHE E 645 -21.29 75.30 -46.32
N GLU E 646 -21.50 75.65 -47.58
CA GLU E 646 -22.67 76.46 -47.98
C GLU E 646 -24.03 75.74 -47.81
N LEU E 647 -24.19 74.55 -48.41
CA LEU E 647 -25.44 73.76 -48.28
C LEU E 647 -25.72 73.38 -46.83
N ALA E 648 -24.64 73.13 -46.08
CA ALA E 648 -24.71 72.92 -44.63
C ALA E 648 -25.52 74.00 -43.90
N LYS E 649 -25.51 75.21 -44.45
CA LYS E 649 -26.29 76.32 -43.90
C LYS E 649 -27.55 76.59 -44.71
N ARG E 650 -27.43 76.61 -46.05
CA ARG E 650 -28.58 76.80 -46.96
C ARG E 650 -29.64 75.68 -46.89
N ALA E 651 -29.45 74.75 -45.95
CA ALA E 651 -30.42 73.72 -45.59
C ALA E 651 -30.84 73.81 -44.13
N GLN E 652 -29.98 74.34 -43.26
CA GLN E 652 -30.36 74.63 -41.88
C GLN E 652 -31.57 75.55 -41.74
N MET E 653 -31.76 76.40 -42.73
CA MET E 653 -32.90 77.29 -42.73
C MET E 653 -34.19 76.51 -42.92
N HIS E 654 -34.41 75.90 -44.09
CA HIS E 654 -35.64 75.12 -44.34
C HIS E 654 -35.88 74.08 -43.23
N PHE E 655 -34.77 73.56 -42.67
CA PHE E 655 -34.80 72.59 -41.58
C PHE E 655 -35.11 73.22 -40.21
N PHE E 656 -34.92 74.54 -40.11
CA PHE E 656 -35.34 75.30 -38.93
C PHE E 656 -36.87 75.55 -38.90
N SER E 657 -37.57 75.28 -40.01
CA SER E 657 -39.03 75.26 -40.04
C SER E 657 -39.51 73.97 -39.37
N PHE E 658 -40.29 73.12 -40.04
CA PHE E 658 -40.74 71.81 -39.53
C PHE E 658 -40.59 71.66 -38.03
N LYS E 659 -41.45 72.34 -37.25
CA LYS E 659 -41.41 72.22 -35.77
C LYS E 659 -42.11 70.94 -35.23
N ASP E 660 -42.31 69.98 -36.13
CA ASP E 660 -42.58 68.58 -35.80
C ASP E 660 -41.32 67.66 -35.78
N ALA E 661 -40.12 68.24 -35.81
CA ALA E 661 -38.85 67.50 -35.68
C ALA E 661 -37.62 68.40 -35.59
N MET E 662 -36.67 68.03 -34.71
CA MET E 662 -35.39 68.73 -34.56
C MET E 662 -34.41 68.23 -35.62
N VAL E 663 -34.15 69.04 -36.65
CA VAL E 663 -33.38 68.63 -37.83
C VAL E 663 -32.14 69.49 -38.07
N PHE E 664 -30.99 68.98 -37.61
CA PHE E 664 -29.67 69.60 -37.79
C PHE E 664 -28.93 68.99 -38.97
N ALA E 665 -27.92 69.67 -39.46
CA ALA E 665 -27.17 69.21 -40.63
C ALA E 665 -25.79 69.84 -40.63
N PHE E 666 -24.79 69.00 -40.79
CA PHE E 666 -23.40 69.42 -40.75
C PHE E 666 -22.55 68.61 -41.72
N ALA E 667 -21.38 69.14 -42.03
CA ALA E 667 -20.40 68.45 -42.85
C ALA E 667 -19.63 67.44 -41.99
N PRO E 668 -19.36 66.22 -42.51
CA PRO E 668 -18.58 65.25 -41.75
C PRO E 668 -17.16 65.76 -41.48
N PRO E 669 -16.49 65.30 -40.39
CA PRO E 669 -15.10 65.72 -40.10
C PRO E 669 -14.07 65.18 -41.08
N SER E 670 -12.83 65.61 -40.91
CA SER E 670 -11.79 65.38 -41.92
C SER E 670 -11.43 63.91 -42.04
N VAL E 671 -11.21 63.28 -40.87
CA VAL E 671 -10.88 61.86 -40.77
C VAL E 671 -12.05 61.15 -40.08
N LEU E 672 -13.06 60.77 -40.87
CA LEU E 672 -14.30 60.15 -40.35
C LEU E 672 -14.10 59.11 -39.24
N GLU E 673 -13.13 58.23 -39.43
CA GLU E 673 -12.78 57.19 -38.47
C GLU E 673 -12.54 57.75 -37.07
N LEU E 674 -11.94 58.93 -37.05
CA LEU E 674 -11.69 59.64 -35.82
C LEU E 674 -12.96 60.26 -35.24
N GLY E 675 -13.96 60.42 -36.09
CA GLY E 675 -15.26 60.94 -35.68
C GLY E 675 -15.09 62.25 -34.96
N ASN E 676 -16.19 62.74 -34.39
CA ASN E 676 -16.20 64.04 -33.68
C ASN E 676 -15.43 65.08 -34.52
N ALA E 677 -14.81 66.08 -33.93
CA ALA E 677 -14.03 67.01 -34.74
C ALA E 677 -12.96 67.70 -33.93
N THR E 678 -13.39 68.66 -33.12
CA THR E 678 -12.52 69.56 -32.35
C THR E 678 -13.27 69.92 -31.07
N GLY E 679 -12.54 70.39 -30.07
CA GLY E 679 -13.14 70.77 -28.80
C GLY E 679 -13.55 69.53 -28.03
N PHE E 680 -14.10 69.74 -26.86
CA PHE E 680 -14.17 68.67 -25.88
C PHE E 680 -15.26 67.60 -26.16
N ASP E 681 -15.24 66.56 -25.32
CA ASP E 681 -16.16 65.41 -25.39
C ASP E 681 -15.99 64.58 -24.11
N LEU E 682 -17.05 64.35 -23.34
CA LEU E 682 -16.92 63.57 -22.09
C LEU E 682 -18.17 62.88 -21.63
N PHE E 683 -18.00 62.05 -20.61
CA PHE E 683 -19.09 61.36 -19.96
C PHE E 683 -19.20 61.91 -18.55
N LEU E 684 -20.44 62.17 -18.12
CA LEU E 684 -20.79 62.33 -16.70
C LEU E 684 -21.11 60.92 -16.26
N GLN E 685 -20.77 60.54 -15.01
CA GLN E 685 -20.91 59.13 -14.58
C GLN E 685 -21.13 58.86 -13.04
N ASP E 686 -22.10 58.01 -12.73
CA ASP E 686 -22.57 57.69 -11.38
C ASP E 686 -21.63 56.69 -10.70
N GLN E 687 -20.81 57.18 -9.77
CA GLN E 687 -19.76 56.37 -9.10
C GLN E 687 -20.11 55.97 -7.66
N ALA E 688 -21.38 55.68 -7.42
CA ALA E 688 -21.85 55.52 -6.04
C ALA E 688 -23.14 54.70 -5.91
N GLY E 689 -24.11 55.02 -6.77
CA GLY E 689 -25.48 54.49 -6.67
C GLY E 689 -26.53 55.56 -6.94
N VAL E 690 -26.13 56.82 -6.79
CA VAL E 690 -26.83 58.02 -7.30
C VAL E 690 -28.10 57.75 -8.14
N GLY E 691 -28.06 56.77 -9.02
CA GLY E 691 -29.24 56.30 -9.72
C GLY E 691 -29.60 57.20 -10.89
N HIS E 692 -30.21 56.60 -11.90
CA HIS E 692 -30.70 57.34 -13.06
C HIS E 692 -31.40 58.68 -12.76
N GLU E 693 -32.06 58.78 -11.61
CA GLU E 693 -32.80 59.98 -11.24
C GLU E 693 -31.85 61.17 -11.11
N VAL E 694 -30.95 61.08 -10.14
CA VAL E 694 -30.03 62.18 -9.81
C VAL E 694 -29.04 62.43 -10.94
N LEU E 695 -28.67 61.36 -11.66
CA LEU E 695 -27.76 61.46 -12.82
C LEU E 695 -28.35 62.39 -13.87
N LEU E 696 -29.56 62.08 -14.33
CA LEU E 696 -30.25 62.94 -15.30
C LEU E 696 -30.32 64.40 -14.81
N GLN E 697 -30.49 64.59 -13.49
CA GLN E 697 -30.38 65.92 -12.87
C GLN E 697 -28.99 66.54 -13.04
N ALA E 698 -27.93 65.74 -12.86
CA ALA E 698 -26.54 66.17 -13.10
C ALA E 698 -26.25 66.65 -14.55
N ARG E 699 -26.71 65.88 -15.54
CA ARG E 699 -26.62 66.28 -16.95
C ARG E 699 -27.25 67.65 -17.18
N ASN E 700 -28.54 67.77 -16.84
CA ASN E 700 -29.35 68.99 -17.14
C ASN E 700 -28.86 70.29 -16.46
N LYS E 701 -28.15 70.15 -15.34
CA LYS E 701 -27.41 71.22 -14.72
C LYS E 701 -26.15 71.58 -15.52
N PHE E 702 -25.33 70.57 -15.82
CA PHE E 702 -24.09 70.75 -16.59
C PHE E 702 -24.34 71.57 -17.84
N LEU E 703 -25.40 71.23 -18.57
CA LEU E 703 -25.74 71.87 -19.84
C LEU E 703 -26.12 73.33 -19.66
N MET E 704 -26.98 73.59 -18.68
CA MET E 704 -27.43 74.96 -18.40
C MET E 704 -26.38 75.78 -17.66
N LEU E 705 -25.73 75.19 -16.66
CA LEU E 705 -24.53 75.79 -16.05
C LEU E 705 -23.37 76.06 -17.10
N ALA E 706 -23.45 75.37 -18.24
CA ALA E 706 -22.56 75.59 -19.41
C ALA E 706 -23.02 76.70 -20.34
N ALA E 707 -24.33 76.84 -20.54
CA ALA E 707 -24.93 77.95 -21.29
C ALA E 707 -24.50 79.32 -20.73
N GLN E 708 -24.42 79.41 -19.40
CA GLN E 708 -23.92 80.61 -18.70
C GLN E 708 -22.47 80.93 -19.10
N ASN E 709 -21.59 79.96 -18.91
CA ASN E 709 -20.15 80.11 -19.19
C ASN E 709 -19.88 80.73 -20.59
N PRO E 710 -19.05 81.79 -20.62
CA PRO E 710 -18.70 82.43 -21.89
C PRO E 710 -17.68 81.62 -22.68
N ALA E 711 -16.86 80.83 -21.97
CA ALA E 711 -15.79 80.02 -22.60
C ALA E 711 -16.30 78.86 -23.48
N LEU E 712 -17.38 78.20 -23.06
CA LEU E 712 -17.92 77.03 -23.79
C LEU E 712 -18.81 77.47 -24.99
N GLN E 713 -19.54 76.51 -25.59
CA GLN E 713 -20.43 76.74 -26.75
C GLN E 713 -21.07 75.42 -27.18
N ARG E 714 -22.19 75.47 -27.91
CA ARG E 714 -22.85 74.28 -28.48
C ARG E 714 -22.77 73.06 -27.58
N VAL E 715 -22.95 73.27 -26.28
CA VAL E 715 -22.75 72.21 -25.28
C VAL E 715 -23.99 71.30 -25.30
N ARG E 716 -24.06 70.47 -26.33
CA ARG E 716 -25.18 69.55 -26.54
C ARG E 716 -24.87 68.16 -25.95
N PRO E 717 -25.86 67.53 -25.28
CA PRO E 717 -25.69 66.13 -24.86
C PRO E 717 -25.89 65.17 -26.05
N ASN E 718 -25.12 64.09 -26.12
CA ASN E 718 -25.16 63.21 -27.30
C ASN E 718 -26.33 62.26 -27.26
N GLY E 719 -26.48 61.54 -26.14
CA GLY E 719 -27.60 60.59 -25.94
C GLY E 719 -29.00 61.11 -26.22
N MET E 720 -29.95 60.18 -26.30
CA MET E 720 -31.34 60.56 -26.53
C MET E 720 -32.01 60.97 -25.23
N SER E 721 -33.13 61.68 -25.39
CA SER E 721 -33.83 62.32 -24.27
C SER E 721 -34.96 61.43 -23.75
N ASP E 722 -35.12 61.36 -22.43
CA ASP E 722 -36.17 60.54 -21.74
C ASP E 722 -37.56 60.67 -22.36
N GLU E 723 -38.30 59.57 -22.37
CA GLU E 723 -39.57 59.51 -23.10
C GLU E 723 -40.59 58.59 -22.43
N PRO E 724 -41.89 58.86 -22.65
CA PRO E 724 -42.95 58.08 -22.01
C PRO E 724 -42.93 56.63 -22.45
N GLN E 725 -43.29 55.74 -21.52
CA GLN E 725 -43.28 54.31 -21.80
C GLN E 725 -44.34 53.57 -20.96
N TYR E 726 -45.16 52.77 -21.65
CA TYR E 726 -46.32 52.12 -21.04
C TYR E 726 -45.90 51.03 -20.04
N LYS E 727 -46.15 51.25 -18.75
CA LYS E 727 -45.71 50.31 -17.71
C LYS E 727 -46.80 49.28 -17.37
N LEU E 728 -46.96 48.30 -18.26
CA LEU E 728 -47.85 47.15 -18.04
C LEU E 728 -47.60 46.49 -16.66
N GLU E 729 -48.36 46.93 -15.64
CA GLU E 729 -48.39 46.33 -14.30
C GLU E 729 -49.22 45.05 -14.37
N ILE E 730 -48.99 44.15 -13.41
CA ILE E 730 -49.68 42.84 -13.37
C ILE E 730 -50.16 42.55 -11.95
N ASP E 731 -51.43 42.19 -11.83
CA ASP E 731 -52.06 41.84 -10.57
C ASP E 731 -51.84 40.35 -10.32
N ASP E 732 -50.94 40.06 -9.38
CA ASP E 732 -50.67 38.69 -8.92
C ASP E 732 -51.93 37.96 -8.44
N GLU E 733 -52.55 38.44 -7.36
CA GLU E 733 -53.65 37.75 -6.69
C GLU E 733 -54.78 37.44 -7.66
N LYS E 734 -55.29 38.47 -8.33
CA LYS E 734 -56.31 38.32 -9.40
C LYS E 734 -55.96 37.19 -10.39
N ALA E 735 -54.68 37.10 -10.77
CA ALA E 735 -54.17 36.04 -11.66
C ALA E 735 -54.20 34.65 -11.03
N SER E 736 -53.73 34.55 -9.79
CA SER E 736 -53.85 33.31 -9.02
C SER E 736 -55.33 32.86 -8.88
N ALA E 737 -56.23 33.82 -8.63
CA ALA E 737 -57.67 33.56 -8.49
C ALA E 737 -58.27 32.88 -9.73
N LEU E 738 -58.04 33.48 -10.89
CA LEU E 738 -58.47 32.91 -12.18
C LEU E 738 -57.78 31.58 -12.50
N GLY E 739 -56.62 31.33 -11.90
CA GLY E 739 -55.92 30.06 -12.01
C GLY E 739 -55.11 29.99 -13.28
N VAL E 740 -54.43 31.10 -13.59
CA VAL E 740 -53.60 31.21 -14.79
C VAL E 740 -52.14 31.40 -14.32
N SER E 741 -51.36 30.33 -14.54
CA SER E 741 -49.95 30.29 -14.18
C SER E 741 -49.26 31.56 -14.61
N LEU E 742 -48.77 32.30 -13.62
CA LEU E 742 -47.92 33.46 -13.83
C LEU E 742 -46.82 33.22 -14.88
N ALA E 743 -46.21 32.03 -14.82
CA ALA E 743 -45.22 31.58 -15.81
C ALA E 743 -45.72 31.42 -17.27
N ASP E 744 -47.03 31.51 -17.50
CA ASP E 744 -47.62 31.52 -18.85
C ASP E 744 -48.14 32.91 -19.26
N ILE E 745 -48.08 33.88 -18.34
CA ILE E 745 -48.52 35.27 -18.59
C ILE E 745 -47.39 36.01 -19.29
N ASN E 746 -46.23 36.00 -18.62
CA ASN E 746 -45.02 36.65 -19.11
C ASN E 746 -44.62 36.07 -20.47
N SER E 747 -44.75 34.74 -20.60
CA SER E 747 -44.53 34.05 -21.87
C SER E 747 -45.46 34.55 -22.99
N THR E 748 -46.72 34.80 -22.66
CA THR E 748 -47.70 35.25 -23.64
C THR E 748 -47.35 36.63 -24.21
N VAL E 749 -47.09 37.58 -23.30
CA VAL E 749 -46.62 38.94 -23.67
C VAL E 749 -45.28 38.97 -24.44
N SER E 750 -44.31 38.11 -24.09
CA SER E 750 -43.05 38.02 -24.85
C SER E 750 -43.32 37.40 -26.21
N ILE E 751 -43.70 36.11 -26.18
CA ILE E 751 -43.93 35.29 -27.40
C ILE E 751 -44.83 36.06 -28.40
N ALA E 752 -45.66 37.00 -27.91
CA ALA E 752 -46.66 37.74 -28.72
C ALA E 752 -46.38 39.22 -29.02
N TRP E 753 -45.98 39.96 -28.01
CA TRP E 753 -45.66 41.39 -28.14
C TRP E 753 -44.21 41.65 -28.50
N GLY E 754 -43.31 40.98 -27.76
CA GLY E 754 -41.87 41.19 -27.90
C GLY E 754 -41.10 40.25 -28.79
N SER E 755 -41.73 39.71 -29.83
CA SER E 755 -41.09 38.80 -30.76
C SER E 755 -40.55 37.51 -30.08
N SER E 756 -40.34 36.47 -30.86
CA SER E 756 -39.73 35.24 -30.34
C SER E 756 -39.03 34.42 -31.42
N TYR E 757 -37.71 34.37 -31.31
CA TYR E 757 -36.87 33.49 -32.11
C TYR E 757 -37.10 32.02 -31.65
N VAL E 758 -37.89 31.27 -32.42
CA VAL E 758 -38.30 29.89 -32.07
C VAL E 758 -37.26 28.87 -32.53
N ASN E 759 -37.08 28.75 -33.84
CA ASN E 759 -36.36 27.66 -34.48
C ASN E 759 -35.58 28.05 -35.73
N ASP E 760 -34.87 27.05 -36.28
CA ASP E 760 -34.22 27.17 -37.55
C ASP E 760 -34.90 26.30 -38.58
N PHE E 761 -34.87 26.77 -39.83
CA PHE E 761 -35.46 26.08 -40.97
C PHE E 761 -34.51 26.26 -42.15
N ILE E 762 -34.36 25.22 -42.96
CA ILE E 762 -33.58 25.27 -44.19
C ILE E 762 -34.31 26.14 -45.21
N ASP E 763 -33.59 27.09 -45.80
CA ASP E 763 -34.15 27.99 -46.81
C ASP E 763 -33.17 28.16 -47.95
N ARG E 764 -33.51 27.58 -49.10
CA ARG E 764 -32.64 27.57 -50.27
C ARG E 764 -31.23 27.03 -49.94
N GLY E 765 -31.11 26.23 -48.87
CA GLY E 765 -29.82 25.83 -48.32
C GLY E 765 -29.57 26.33 -46.91
N ARG E 766 -29.09 27.58 -46.79
CA ARG E 766 -28.68 28.11 -45.48
C ARG E 766 -29.81 28.10 -44.45
N VAL E 767 -29.43 27.98 -43.18
CA VAL E 767 -30.39 27.94 -42.11
C VAL E 767 -30.75 29.39 -41.84
N LYS E 768 -32.04 29.66 -41.73
CA LYS E 768 -32.54 30.96 -41.34
C LYS E 768 -33.41 30.76 -40.11
N ARG E 769 -34.04 31.81 -39.62
CA ARG E 769 -34.74 31.76 -38.33
C ARG E 769 -36.25 31.93 -38.46
N VAL E 770 -36.98 31.22 -37.60
CA VAL E 770 -38.42 31.39 -37.45
C VAL E 770 -38.70 32.36 -36.31
N TYR E 771 -39.38 33.46 -36.61
CA TYR E 771 -39.78 34.41 -35.58
C TYR E 771 -41.32 34.46 -35.50
N LEU E 772 -41.81 34.13 -34.31
CA LEU E 772 -43.20 34.20 -33.95
C LEU E 772 -43.49 35.51 -33.21
N GLN E 773 -44.56 36.21 -33.62
CA GLN E 773 -45.18 37.26 -32.78
C GLN E 773 -46.62 37.62 -33.22
N GLY E 774 -47.21 38.59 -32.53
CA GLY E 774 -48.53 39.05 -32.87
C GLY E 774 -48.55 39.86 -34.14
N ARG E 775 -49.67 39.75 -34.86
CA ARG E 775 -49.95 40.52 -36.08
C ARG E 775 -49.76 42.03 -35.85
N PRO E 776 -49.45 42.76 -36.94
CA PRO E 776 -49.18 44.17 -36.72
C PRO E 776 -50.38 44.98 -36.23
N ASP E 777 -51.63 44.50 -36.40
CA ASP E 777 -52.81 45.22 -35.86
C ASP E 777 -53.39 44.73 -34.51
N ALA E 778 -52.67 43.82 -33.84
CA ALA E 778 -53.05 43.27 -32.52
C ALA E 778 -52.07 43.63 -31.39
N ARG E 779 -51.27 44.67 -31.62
CA ARG E 779 -50.27 45.12 -30.64
C ARG E 779 -49.85 46.56 -30.88
N MET E 780 -50.78 47.41 -31.31
CA MET E 780 -50.43 48.77 -31.72
C MET E 780 -50.60 49.82 -30.63
N ASN E 781 -51.64 49.68 -29.81
CA ASN E 781 -52.05 50.71 -28.87
C ASN E 781 -52.52 50.03 -27.61
N PRO E 782 -52.51 50.73 -26.46
CA PRO E 782 -52.72 50.05 -25.18
C PRO E 782 -53.89 49.10 -25.23
N ASP E 783 -55.07 49.63 -25.53
CA ASP E 783 -56.33 48.85 -25.62
C ASP E 783 -56.19 47.46 -26.27
N ASP E 784 -55.35 47.31 -27.30
CA ASP E 784 -55.04 45.99 -27.89
C ASP E 784 -54.57 44.94 -26.84
N LEU E 785 -54.05 45.40 -25.70
CA LEU E 785 -53.84 44.57 -24.48
C LEU E 785 -55.06 43.80 -23.93
N SER E 786 -56.09 43.60 -24.77
CA SER E 786 -57.34 42.96 -24.39
C SER E 786 -57.79 41.95 -25.43
N LYS E 787 -56.97 41.72 -26.44
CA LYS E 787 -57.27 40.76 -27.49
C LYS E 787 -56.56 39.42 -27.19
N TRP E 788 -55.50 39.45 -26.39
CA TRP E 788 -54.71 38.25 -26.08
C TRP E 788 -55.30 37.59 -24.84
N TYR E 789 -55.75 36.34 -25.00
CA TYR E 789 -56.30 35.55 -23.89
C TYR E 789 -55.31 34.44 -23.56
N VAL E 790 -55.18 34.16 -22.26
CA VAL E 790 -54.24 33.16 -21.76
C VAL E 790 -55.03 31.85 -21.59
N ARG E 791 -54.82 31.11 -20.50
CA ARG E 791 -55.49 29.84 -20.23
C ARG E 791 -55.23 29.47 -18.79
N ASN E 792 -56.32 29.19 -18.08
CA ASN E 792 -56.25 28.94 -16.65
C ASN E 792 -56.08 27.43 -16.36
N ASP E 793 -56.47 27.00 -15.18
CA ASP E 793 -56.51 25.56 -14.81
C ASP E 793 -57.34 24.66 -15.77
N LYS E 794 -58.24 25.26 -16.54
CA LYS E 794 -59.00 24.54 -17.57
C LYS E 794 -58.94 25.32 -18.87
N GLY E 795 -59.58 24.78 -19.91
CA GLY E 795 -59.61 25.42 -21.23
C GLY E 795 -60.29 26.78 -21.33
N GLU E 796 -60.39 27.48 -20.20
CA GLU E 796 -61.11 28.75 -20.09
C GLU E 796 -60.12 29.89 -20.32
N MET E 797 -60.13 30.41 -21.55
CA MET E 797 -59.17 31.39 -21.98
C MET E 797 -59.49 32.71 -21.28
N VAL E 798 -58.79 32.96 -20.18
CA VAL E 798 -58.96 34.20 -19.41
C VAL E 798 -58.38 35.35 -20.25
N PRO E 799 -59.12 36.46 -20.41
CA PRO E 799 -58.55 37.59 -21.13
C PRO E 799 -57.46 38.27 -20.30
N PHE E 800 -56.32 38.56 -20.96
CA PHE E 800 -55.21 39.33 -20.37
C PHE E 800 -55.70 40.65 -19.75
N ASN E 801 -56.80 41.19 -20.29
CA ASN E 801 -57.41 42.45 -19.81
C ASN E 801 -58.13 42.47 -18.44
N ALA E 802 -58.11 41.36 -17.71
CA ALA E 802 -58.60 41.31 -16.32
C ALA E 802 -57.60 41.94 -15.33
N PHE E 803 -56.32 42.00 -15.73
CA PHE E 803 -55.22 42.63 -14.94
C PHE E 803 -54.39 43.63 -15.75
N ALA E 804 -54.89 44.03 -16.93
CA ALA E 804 -54.13 44.82 -17.92
C ALA E 804 -53.93 46.29 -17.50
N THR E 805 -53.64 46.47 -16.22
CA THR E 805 -53.76 47.75 -15.57
C THR E 805 -52.50 48.57 -15.84
N GLY E 806 -52.37 49.06 -17.07
CA GLY E 806 -51.24 49.88 -17.47
C GLY E 806 -51.08 51.22 -16.73
N LYS E 807 -50.22 52.05 -17.26
CA LYS E 807 -49.73 53.24 -16.55
C LYS E 807 -48.95 54.06 -17.58
N TRP E 808 -48.38 55.20 -17.18
CA TRP E 808 -47.31 55.84 -17.95
C TRP E 808 -46.16 56.24 -17.05
N GLU E 809 -44.95 56.22 -17.59
CA GLU E 809 -43.75 56.58 -16.86
C GLU E 809 -42.69 56.99 -17.86
N TYR E 810 -42.34 58.27 -17.95
CA TYR E 810 -41.22 58.64 -18.82
C TYR E 810 -39.94 57.95 -18.30
N GLY E 811 -39.15 57.42 -19.23
CA GLY E 811 -37.96 56.61 -18.90
C GLY E 811 -36.93 56.74 -20.00
N SER E 812 -35.88 55.93 -19.93
CA SER E 812 -34.72 56.06 -20.82
C SER E 812 -34.95 55.22 -22.09
N PRO E 813 -34.76 55.82 -23.27
CA PRO E 813 -34.75 55.07 -24.50
C PRO E 813 -33.33 54.73 -24.95
N LYS E 814 -32.32 55.16 -24.17
CA LYS E 814 -30.92 54.86 -24.47
C LYS E 814 -30.03 54.97 -23.21
N LEU E 815 -29.70 53.82 -22.62
CA LEU E 815 -28.88 53.78 -21.43
C LEU E 815 -27.39 53.67 -21.78
N GLU E 816 -26.67 54.73 -21.48
CA GLU E 816 -25.23 54.83 -21.72
C GLU E 816 -24.46 54.36 -20.50
N ARG E 817 -23.28 53.78 -20.70
CA ARG E 817 -22.31 53.46 -19.61
C ARG E 817 -20.85 53.70 -20.03
N TYR E 818 -20.01 54.07 -19.06
CA TYR E 818 -18.59 54.33 -19.28
C TYR E 818 -17.72 53.77 -18.14
N ASN E 819 -16.93 52.75 -18.48
CA ASN E 819 -16.03 52.05 -17.54
C ASN E 819 -16.84 51.41 -16.41
N GLY E 820 -17.76 50.54 -16.81
CA GLY E 820 -18.55 49.69 -15.88
C GLY E 820 -19.68 50.35 -15.08
N VAL E 821 -19.93 51.66 -15.32
CA VAL E 821 -20.95 52.44 -14.59
C VAL E 821 -21.81 53.29 -15.54
N PRO E 822 -23.04 53.64 -15.10
CA PRO E 822 -23.90 54.46 -15.96
C PRO E 822 -23.32 55.83 -16.17
N ALA E 823 -23.57 56.43 -17.34
CA ALA E 823 -22.94 57.69 -17.71
C ALA E 823 -23.75 58.42 -18.75
N MET E 824 -23.34 59.64 -19.13
CA MET E 824 -24.02 60.40 -20.19
C MET E 824 -23.06 61.24 -21.04
N GLU E 825 -23.11 61.00 -22.35
CA GLU E 825 -22.26 61.71 -23.33
C GLU E 825 -22.66 63.17 -23.40
N ILE E 826 -21.67 64.05 -23.30
CA ILE E 826 -21.84 65.49 -23.50
C ILE E 826 -20.80 65.99 -24.52
N LEU E 827 -21.25 66.32 -25.73
CA LEU E 827 -20.42 67.04 -26.69
C LEU E 827 -20.13 68.48 -26.19
N GLY E 828 -19.41 69.27 -26.99
CA GLY E 828 -19.24 70.69 -26.73
C GLY E 828 -18.25 71.33 -27.68
N GLU E 829 -17.73 72.50 -27.27
CA GLU E 829 -16.70 73.28 -27.98
C GLU E 829 -16.59 74.68 -27.37
N PRO E 830 -15.43 75.33 -27.53
CA PRO E 830 -15.27 76.67 -26.96
C PRO E 830 -15.89 77.80 -27.81
N ALA E 831 -16.08 78.97 -27.18
CA ALA E 831 -16.43 80.23 -27.88
C ALA E 831 -15.42 80.52 -28.97
N PRO E 832 -15.85 81.11 -30.09
CA PRO E 832 -14.87 81.31 -31.17
C PRO E 832 -13.65 82.08 -30.68
N GLY E 833 -12.47 81.68 -31.16
CA GLY E 833 -11.19 82.25 -30.70
C GLY E 833 -10.58 81.60 -29.46
N LEU E 834 -11.33 80.76 -28.75
CA LEU E 834 -10.86 80.09 -27.54
C LEU E 834 -10.41 78.64 -27.84
N SER E 835 -9.39 78.18 -27.12
CA SER E 835 -8.78 76.87 -27.37
C SER E 835 -9.42 75.74 -26.56
N SER E 836 -9.57 74.56 -27.20
CA SER E 836 -10.00 73.34 -26.49
C SER E 836 -9.42 73.22 -25.06
N GLY E 837 -8.16 73.61 -24.89
CA GLY E 837 -7.51 73.58 -23.57
C GLY E 837 -8.13 74.50 -22.54
N ASP E 838 -8.48 75.72 -22.99
CA ASP E 838 -9.34 76.66 -22.24
C ASP E 838 -10.72 76.05 -21.99
N ALA E 839 -11.31 75.43 -23.02
CA ALA E 839 -12.62 74.80 -22.92
C ALA E 839 -12.65 73.71 -21.86
N MET E 840 -11.67 72.80 -21.92
CA MET E 840 -11.49 71.72 -20.91
C MET E 840 -11.17 72.29 -19.52
N ALA E 841 -10.41 73.38 -19.48
CA ALA E 841 -10.14 74.11 -18.25
C ALA E 841 -11.40 74.67 -17.60
N ALA E 842 -12.38 75.09 -18.42
CA ALA E 842 -13.67 75.64 -17.91
C ALA E 842 -14.56 74.53 -17.37
N VAL E 843 -14.84 73.54 -18.22
CA VAL E 843 -15.57 72.32 -17.80
C VAL E 843 -14.98 71.78 -16.48
N GLU E 844 -13.66 71.78 -16.38
CA GLU E 844 -12.96 71.38 -15.14
C GLU E 844 -13.63 71.98 -13.88
N GLU E 845 -13.98 73.26 -13.99
CA GLU E 845 -14.68 74.01 -12.93
C GLU E 845 -16.16 73.63 -12.82
N ILE E 846 -16.85 73.59 -13.97
CA ILE E 846 -18.29 73.21 -14.06
C ILE E 846 -18.55 71.89 -13.29
N VAL E 847 -17.55 71.00 -13.27
CA VAL E 847 -17.63 69.69 -12.61
C VAL E 847 -17.71 69.80 -11.08
N LYS E 848 -17.11 70.84 -10.51
CA LYS E 848 -17.10 71.03 -9.05
C LYS E 848 -18.51 71.26 -8.46
N GLN E 849 -19.33 72.04 -9.18
CA GLN E 849 -20.75 72.25 -8.86
C GLN E 849 -21.68 71.04 -9.18
N LEU E 850 -21.24 69.80 -8.89
CA LEU E 850 -22.02 68.59 -9.26
C LEU E 850 -22.47 67.79 -8.03
N PRO E 851 -23.60 67.05 -8.15
CA PRO E 851 -24.14 66.20 -7.09
C PRO E 851 -23.09 65.31 -6.42
N LYS E 852 -23.28 65.05 -5.13
CA LYS E 852 -22.29 64.33 -4.32
C LYS E 852 -22.38 62.85 -4.65
N GLY E 853 -21.73 62.48 -5.74
CA GLY E 853 -21.79 61.12 -6.30
C GLY E 853 -21.61 60.96 -7.81
N VAL E 854 -21.81 62.03 -8.57
CA VAL E 854 -21.54 62.04 -10.01
C VAL E 854 -20.04 62.27 -10.26
N GLY E 855 -19.55 61.77 -11.38
CA GLY E 855 -18.17 61.92 -11.79
C GLY E 855 -18.06 62.23 -13.26
N TYR E 856 -16.82 62.38 -13.72
CA TYR E 856 -16.56 62.69 -15.11
C TYR E 856 -15.29 62.02 -15.54
N SER E 857 -15.19 61.85 -16.86
CA SER E 857 -14.00 61.35 -17.50
C SER E 857 -14.00 61.88 -18.93
N TRP E 858 -12.88 62.46 -19.37
CA TRP E 858 -12.75 62.83 -20.79
C TRP E 858 -12.67 61.59 -21.68
N THR E 859 -12.97 61.75 -22.96
CA THR E 859 -12.87 60.63 -23.90
C THR E 859 -12.41 61.10 -25.30
N GLY E 860 -12.40 60.19 -26.27
CA GLY E 860 -12.08 60.52 -27.68
C GLY E 860 -10.83 61.36 -27.85
N LEU E 861 -10.94 62.43 -28.65
CA LEU E 861 -9.83 63.34 -28.81
C LEU E 861 -9.55 64.19 -27.58
N SER E 862 -10.50 64.32 -26.67
CA SER E 862 -10.24 65.09 -25.45
C SER E 862 -9.26 64.36 -24.52
N TYR E 863 -9.47 63.05 -24.36
CA TYR E 863 -8.60 62.16 -23.57
C TYR E 863 -7.17 62.20 -24.07
N GLU E 864 -7.02 62.20 -25.39
CA GLU E 864 -5.71 62.25 -26.03
C GLU E 864 -4.97 63.55 -25.75
N GLU E 865 -5.54 64.69 -26.18
CA GLU E 865 -4.84 66.00 -26.03
C GLU E 865 -4.43 66.31 -24.62
N ARG E 866 -5.22 65.85 -23.66
CA ARG E 866 -4.78 65.78 -22.27
C ARG E 866 -3.29 65.35 -22.10
N LEU E 867 -2.85 64.35 -22.86
CA LEU E 867 -1.44 63.91 -22.88
C LEU E 867 -0.60 64.53 -24.02
N SER E 868 -1.16 64.64 -25.22
CA SER E 868 -0.45 65.25 -26.36
C SER E 868 0.16 66.62 -26.05
N GLY E 869 -0.67 67.54 -25.58
CA GLY E 869 -0.24 68.90 -25.23
C GLY E 869 0.76 68.89 -24.08
N SER E 870 0.56 67.97 -23.16
CA SER E 870 1.51 67.71 -22.08
C SER E 870 2.98 67.44 -22.55
N GLN E 871 3.15 66.73 -23.67
CA GLN E 871 4.47 66.33 -24.20
C GLN E 871 5.16 67.32 -25.16
N ALA E 872 4.39 68.13 -25.90
CA ALA E 872 4.96 69.11 -26.87
C ALA E 872 6.18 69.94 -26.41
N PRO E 873 6.04 70.76 -25.33
CA PRO E 873 7.16 71.60 -24.91
C PRO E 873 8.48 70.83 -24.82
N ALA E 874 8.45 69.68 -24.14
CA ALA E 874 9.68 68.93 -23.87
C ALA E 874 10.33 68.45 -25.15
N LEU E 875 9.52 68.08 -26.12
CA LEU E 875 10.01 67.66 -27.42
C LEU E 875 10.67 68.81 -28.14
N TYR E 876 9.97 69.94 -28.28
CA TYR E 876 10.58 71.09 -28.96
C TYR E 876 11.79 71.65 -28.20
N ALA E 877 11.86 71.40 -26.90
CA ALA E 877 13.06 71.68 -26.11
C ALA E 877 14.29 70.80 -26.46
N LEU E 878 14.11 69.50 -26.66
CA LEU E 878 15.23 68.62 -27.07
C LEU E 878 15.66 68.99 -28.47
N SER E 879 14.66 69.21 -29.31
CA SER E 879 14.84 69.59 -30.70
C SER E 879 15.78 70.82 -30.78
N LEU E 880 15.47 71.79 -29.97
CA LEU E 880 16.20 73.03 -29.87
C LEU E 880 17.59 72.84 -29.23
N LEU E 881 17.66 72.06 -28.16
CA LEU E 881 18.95 71.68 -27.57
C LEU E 881 19.89 70.85 -28.50
N VAL E 882 19.30 69.93 -29.26
CA VAL E 882 20.06 69.05 -30.14
C VAL E 882 20.50 69.83 -31.39
N VAL E 883 19.62 70.65 -31.97
CA VAL E 883 20.07 71.44 -33.12
C VAL E 883 21.18 72.39 -32.68
N PHE E 884 21.08 72.94 -31.47
CA PHE E 884 22.18 73.71 -30.90
C PHE E 884 23.48 72.91 -30.85
N LEU E 885 23.45 71.77 -30.20
CA LEU E 885 24.66 70.95 -30.04
C LEU E 885 25.36 70.60 -31.37
N CYS E 886 24.60 70.12 -32.35
CA CYS E 886 25.16 69.82 -33.66
C CYS E 886 25.88 71.02 -34.21
N LEU E 887 25.17 72.15 -34.32
CA LEU E 887 25.78 73.38 -34.86
C LEU E 887 27.04 73.75 -34.09
N ALA E 888 26.99 73.74 -32.75
CA ALA E 888 28.23 73.87 -31.92
C ALA E 888 29.38 73.04 -32.46
N ALA E 889 29.17 71.74 -32.58
CA ALA E 889 30.19 70.85 -33.16
C ALA E 889 30.63 71.24 -34.56
N LEU E 890 29.70 71.65 -35.40
CA LEU E 890 30.03 72.04 -36.78
C LEU E 890 30.92 73.27 -36.78
N TYR E 891 30.45 74.34 -36.15
CA TYR E 891 31.17 75.62 -36.17
C TYR E 891 32.30 75.72 -35.17
N GLU E 892 32.40 74.72 -34.30
CA GLU E 892 33.45 74.68 -33.29
C GLU E 892 33.39 75.99 -32.53
N SER E 893 32.21 76.26 -31.98
CA SER E 893 31.93 77.45 -31.17
C SER E 893 30.57 77.34 -30.44
N TRP E 894 30.50 77.90 -29.22
CA TRP E 894 29.25 77.91 -28.42
C TRP E 894 28.33 79.07 -28.79
N SER E 895 28.87 80.09 -29.47
CA SER E 895 28.09 81.28 -29.87
C SER E 895 27.59 81.29 -31.33
N ILE E 896 28.46 81.02 -32.31
CA ILE E 896 28.06 81.07 -33.74
C ILE E 896 26.75 80.32 -34.03
N PRO E 897 26.47 79.18 -33.37
CA PRO E 897 25.18 78.54 -33.56
C PRO E 897 23.98 79.50 -33.58
N PHE E 898 23.97 80.51 -32.70
CA PHE E 898 22.85 81.46 -32.62
C PHE E 898 22.67 82.28 -33.91
N SER E 899 23.73 82.43 -34.68
CA SER E 899 23.64 83.14 -35.94
C SER E 899 22.70 82.46 -36.92
N VAL E 900 22.51 81.15 -36.79
CA VAL E 900 21.59 80.41 -37.69
C VAL E 900 20.25 80.12 -37.01
N MET E 901 20.27 79.87 -35.71
CA MET E 901 19.03 79.62 -34.96
C MET E 901 18.04 80.78 -35.00
N LEU E 902 18.56 82.00 -34.82
CA LEU E 902 17.78 83.25 -34.96
C LEU E 902 17.07 83.48 -36.31
N VAL E 903 17.30 82.66 -37.34
CA VAL E 903 16.52 82.80 -38.58
C VAL E 903 15.17 82.13 -38.59
N VAL E 904 14.78 81.50 -37.49
CA VAL E 904 13.48 80.84 -37.44
C VAL E 904 12.32 81.83 -37.68
N PRO E 905 12.31 82.97 -36.95
CA PRO E 905 11.27 84.00 -37.19
C PRO E 905 11.07 84.43 -38.63
N LEU E 906 12.15 84.73 -39.33
CA LEU E 906 12.04 85.39 -40.60
C LEU E 906 11.24 84.63 -41.68
N GLY E 907 11.06 83.34 -41.50
CA GLY E 907 10.22 82.57 -42.41
C GLY E 907 8.94 82.14 -41.77
N VAL E 908 8.98 81.96 -40.46
CA VAL E 908 7.79 81.61 -39.68
C VAL E 908 6.75 82.78 -39.72
N ILE E 909 7.25 84.02 -39.80
CA ILE E 909 6.39 85.23 -39.83
C ILE E 909 5.56 85.26 -41.11
N GLY E 910 6.19 85.08 -42.26
CA GLY E 910 5.49 85.13 -43.55
C GLY E 910 4.55 83.97 -43.80
N ALA E 911 4.76 82.88 -43.10
CA ALA E 911 3.86 81.75 -43.18
C ALA E 911 2.56 82.15 -42.51
N LEU E 912 2.67 82.67 -41.29
CA LEU E 912 1.49 83.14 -40.54
C LEU E 912 0.68 84.16 -41.35
N LEU E 913 1.38 85.10 -42.00
CA LEU E 913 0.75 86.07 -42.89
C LEU E 913 -0.05 85.32 -43.94
N ALA E 914 0.61 84.74 -44.94
CA ALA E 914 -0.11 84.08 -46.04
C ALA E 914 -1.27 83.21 -45.51
N THR E 915 -1.03 82.48 -44.41
CA THR E 915 -2.06 81.62 -43.79
C THR E 915 -3.19 82.45 -43.17
N SER E 916 -2.86 83.38 -42.28
CA SER E 916 -3.86 84.32 -41.71
C SER E 916 -4.54 85.21 -42.74
N MET E 917 -3.84 85.55 -43.82
CA MET E 917 -4.40 86.32 -44.95
C MET E 917 -5.50 85.54 -45.67
N ARG E 918 -5.22 84.33 -46.10
CA ARG E 918 -6.20 83.47 -46.79
C ARG E 918 -7.28 82.91 -45.82
N GLY E 919 -7.29 83.36 -44.57
CA GLY E 919 -8.30 82.97 -43.60
C GLY E 919 -8.22 81.52 -43.15
N LEU E 920 -7.05 80.91 -43.31
CA LEU E 920 -6.83 79.51 -42.98
C LEU E 920 -6.39 79.40 -41.53
N SER E 921 -6.29 78.16 -41.06
CA SER E 921 -6.12 77.85 -39.63
C SER E 921 -4.73 77.26 -39.29
N ASN E 922 -4.36 77.38 -38.02
CA ASN E 922 -3.13 76.78 -37.50
C ASN E 922 -3.42 75.32 -37.14
N ASP E 923 -3.25 74.46 -38.13
CA ASP E 923 -3.54 73.05 -37.99
C ASP E 923 -2.26 72.21 -38.23
N VAL E 924 -2.41 70.92 -38.54
CA VAL E 924 -1.29 70.02 -38.79
C VAL E 924 -0.55 70.35 -40.09
N PHE E 925 -1.32 70.54 -41.16
CA PHE E 925 -0.73 70.77 -42.46
C PHE E 925 0.05 72.10 -42.52
N PHE E 926 -0.30 73.03 -41.64
CA PHE E 926 0.49 74.25 -41.43
C PHE E 926 1.73 73.97 -40.59
N GLN E 927 1.52 73.30 -39.45
CA GLN E 927 2.62 72.90 -38.57
C GLN E 927 3.79 72.18 -39.28
N VAL E 928 3.44 71.25 -40.14
CA VAL E 928 4.43 70.47 -40.85
C VAL E 928 5.11 71.27 -41.95
N GLY E 929 4.33 72.07 -42.67
CA GLY E 929 4.88 72.98 -43.67
C GLY E 929 5.75 74.02 -43.02
N LEU E 930 5.43 74.38 -41.78
CA LEU E 930 6.19 75.38 -41.05
C LEU E 930 7.59 74.91 -40.69
N LEU E 931 7.67 73.70 -40.17
CA LEU E 931 8.93 73.01 -39.98
C LEU E 931 9.75 72.85 -41.27
N THR E 932 9.08 72.53 -42.37
CA THR E 932 9.75 72.43 -43.67
C THR E 932 10.38 73.76 -44.00
N THR E 933 9.61 74.81 -43.83
CA THR E 933 10.09 76.16 -44.10
C THR E 933 11.31 76.48 -43.23
N ILE E 934 11.26 76.17 -41.94
CA ILE E 934 12.40 76.48 -41.09
C ILE E 934 13.60 75.61 -41.47
N GLY E 935 13.37 74.38 -41.87
CA GLY E 935 14.44 73.50 -42.29
C GLY E 935 15.23 74.10 -43.43
N LEU E 936 14.51 74.53 -44.45
CA LEU E 936 15.15 75.05 -45.66
C LEU E 936 15.85 76.39 -45.37
N SER E 937 15.19 77.18 -44.55
CA SER E 937 15.66 78.46 -44.05
C SER E 937 16.95 78.26 -43.27
N ALA E 938 16.88 77.40 -42.24
CA ALA E 938 18.06 76.96 -41.45
C ALA E 938 19.20 76.41 -42.31
N LYS E 939 18.86 75.72 -43.39
CA LYS E 939 19.85 75.20 -44.30
C LYS E 939 20.63 76.31 -45.03
N ASN E 940 19.93 77.30 -45.60
CA ASN E 940 20.57 78.43 -46.26
C ASN E 940 21.56 79.05 -45.31
N ALA E 941 21.07 79.43 -44.11
CA ALA E 941 21.90 80.07 -43.05
C ALA E 941 23.15 79.28 -42.69
N ILE E 942 22.96 77.98 -42.44
CA ILE E 942 24.08 77.11 -42.10
C ILE E 942 25.19 77.25 -43.14
N LEU E 943 24.83 77.29 -44.41
CA LEU E 943 25.84 77.44 -45.46
C LEU E 943 26.43 78.84 -45.53
N ILE E 944 25.62 79.88 -45.47
CA ILE E 944 26.15 81.26 -45.39
C ILE E 944 27.19 81.34 -44.26
N VAL E 945 26.80 80.88 -43.07
CA VAL E 945 27.71 80.94 -41.94
C VAL E 945 28.95 80.08 -42.15
N GLU E 946 28.75 78.84 -42.63
CA GLU E 946 29.86 77.93 -42.91
C GLU E 946 30.90 78.59 -43.82
N PHE E 947 30.44 79.15 -44.92
CA PHE E 947 31.33 79.84 -45.84
C PHE E 947 32.00 81.03 -45.19
N ALA E 948 31.26 81.80 -44.40
CA ALA E 948 31.82 82.96 -43.67
C ALA E 948 32.93 82.52 -42.75
N LYS E 949 32.64 81.58 -41.86
CA LYS E 949 33.67 80.97 -41.01
C LYS E 949 34.91 80.54 -41.81
N GLU E 950 34.75 79.88 -42.95
CA GLU E 950 35.88 79.43 -43.75
C GLU E 950 36.72 80.60 -44.27
N LEU E 951 36.05 81.62 -44.82
CA LEU E 951 36.71 82.85 -45.30
C LEU E 951 37.38 83.61 -44.14
N HIS E 952 36.64 83.84 -43.06
CA HIS E 952 37.21 84.46 -41.85
C HIS E 952 38.42 83.70 -41.32
N GLU E 953 38.43 82.38 -41.51
CA GLU E 953 39.51 81.55 -41.03
C GLU E 953 40.73 81.57 -41.95
N GLN E 954 40.57 81.84 -43.22
CA GLN E 954 41.72 81.97 -44.08
C GLN E 954 42.24 83.42 -44.14
N GLY E 955 41.83 84.27 -43.19
CA GLY E 955 42.45 85.58 -42.95
C GLY E 955 41.63 86.84 -43.18
N LYS E 956 40.43 86.74 -43.76
CA LYS E 956 39.52 87.92 -43.90
C LYS E 956 38.99 88.28 -42.53
N GLY E 957 38.39 89.45 -42.44
CA GLY E 957 37.74 89.84 -41.23
C GLY E 957 36.26 89.49 -41.26
N ILE E 958 35.68 89.42 -40.07
CA ILE E 958 34.28 88.96 -39.91
C ILE E 958 33.33 89.56 -40.94
N VAL E 959 33.39 90.89 -41.04
CA VAL E 959 32.57 91.68 -41.97
C VAL E 959 32.83 91.44 -43.45
N GLU E 960 34.10 91.26 -43.83
CA GLU E 960 34.48 91.03 -45.24
C GLU E 960 34.11 89.61 -45.60
N ALA E 961 34.39 88.69 -44.67
CA ALA E 961 33.98 87.29 -44.75
C ALA E 961 32.49 87.15 -44.97
N ALA E 962 31.70 87.85 -44.15
CA ALA E 962 30.23 87.79 -44.24
C ALA E 962 29.73 88.32 -45.56
N ILE E 963 30.35 89.38 -46.07
CA ILE E 963 29.93 89.89 -47.38
C ILE E 963 30.26 88.84 -48.45
N GLU E 964 31.50 88.40 -48.48
CA GLU E 964 31.90 87.41 -49.47
C GLU E 964 31.09 86.12 -49.40
N ALA E 965 30.80 85.67 -48.19
CA ALA E 965 30.04 84.43 -48.01
C ALA E 965 28.67 84.60 -48.63
N CYS E 966 27.99 85.67 -48.24
CA CYS E 966 26.70 86.03 -48.80
C CYS E 966 26.70 86.12 -50.32
N ARG E 967 27.73 86.73 -50.90
CA ARG E 967 27.80 86.91 -52.36
C ARG E 967 27.75 85.56 -53.03
N MET E 968 28.67 84.71 -52.58
CA MET E 968 28.88 83.34 -53.04
C MET E 968 27.60 82.55 -53.00
N ARG E 969 26.85 82.78 -51.92
CA ARG E 969 25.70 81.97 -51.60
C ARG E 969 24.34 82.50 -52.10
N LEU E 970 24.32 83.64 -52.79
CA LEU E 970 23.08 84.32 -53.22
C LEU E 970 22.39 83.54 -54.34
N ARG E 971 23.16 83.18 -55.38
CA ARG E 971 22.61 82.48 -56.56
C ARG E 971 21.88 81.20 -56.18
N PRO E 972 22.55 80.29 -55.45
CA PRO E 972 21.84 79.05 -55.11
C PRO E 972 20.60 79.37 -54.33
N ILE E 973 20.70 80.12 -53.21
CA ILE E 973 19.51 80.49 -52.44
C ILE E 973 18.30 80.92 -53.35
N VAL E 974 18.57 81.90 -54.22
CA VAL E 974 17.63 82.36 -55.21
C VAL E 974 17.16 81.23 -56.12
N MET E 975 18.10 80.48 -56.71
CA MET E 975 17.72 79.38 -57.61
C MET E 975 16.67 78.43 -56.99
N THR E 976 16.92 77.97 -55.75
CA THR E 976 16.11 76.87 -55.18
C THR E 976 14.82 77.47 -54.70
N SER E 977 14.91 78.64 -54.09
CA SER E 977 13.74 79.36 -53.61
C SER E 977 12.73 79.71 -54.72
N LEU E 978 13.22 80.17 -55.86
CA LEU E 978 12.39 80.37 -57.05
C LEU E 978 11.72 79.08 -57.53
N ALA E 979 12.56 78.10 -57.87
CA ALA E 979 12.11 76.76 -58.33
C ALA E 979 11.03 76.16 -57.44
N PHE E 980 11.28 76.22 -56.14
CA PHE E 980 10.42 75.62 -55.14
C PHE E 980 9.12 76.38 -54.97
N ILE E 981 9.17 77.69 -54.69
CA ILE E 981 7.93 78.48 -54.59
C ILE E 981 7.03 78.19 -55.80
N LEU E 982 7.60 78.01 -56.99
CA LEU E 982 6.81 77.82 -58.21
C LEU E 982 6.17 76.47 -58.31
N GLY E 983 6.94 75.42 -58.02
CA GLY E 983 6.46 74.02 -58.04
C GLY E 983 5.23 73.76 -57.17
N VAL E 984 5.14 74.56 -56.11
CA VAL E 984 4.10 74.44 -55.08
C VAL E 984 3.00 75.54 -55.17
N VAL E 985 2.98 76.34 -56.23
CA VAL E 985 1.89 77.31 -56.45
C VAL E 985 0.60 76.58 -56.86
N PRO E 986 0.65 75.67 -57.86
CA PRO E 986 -0.54 74.88 -58.19
C PRO E 986 -1.22 74.14 -57.02
N LEU E 987 -0.51 73.81 -55.95
CA LEU E 987 -1.16 73.25 -54.75
C LEU E 987 -1.98 74.29 -54.04
N ALA E 988 -1.67 75.57 -54.25
CA ALA E 988 -2.39 76.65 -53.59
C ALA E 988 -3.54 77.18 -54.43
N ILE E 989 -3.42 77.16 -55.76
CA ILE E 989 -4.51 77.63 -56.64
C ILE E 989 -5.31 76.45 -57.25
N SER E 990 -5.49 75.39 -56.48
CA SER E 990 -6.19 74.19 -56.95
C SER E 990 -7.61 74.12 -56.44
N THR E 991 -8.38 73.28 -57.11
CA THR E 991 -9.78 73.05 -56.76
C THR E 991 -10.16 71.61 -57.10
N GLY E 992 -11.16 71.11 -56.37
CA GLY E 992 -11.67 69.75 -56.53
C GLY E 992 -11.35 68.92 -55.33
N ALA E 993 -11.05 67.65 -55.61
CA ALA E 993 -10.69 66.64 -54.58
C ALA E 993 -9.45 67.04 -53.76
N GLY E 994 -9.57 66.96 -52.44
CA GLY E 994 -8.44 67.21 -51.56
C GLY E 994 -7.80 68.60 -51.63
N SER E 995 -8.47 69.51 -52.32
CA SER E 995 -7.93 70.85 -52.57
C SER E 995 -7.96 71.68 -51.29
N GLY E 996 -8.72 71.24 -50.28
CA GLY E 996 -8.70 71.86 -48.95
C GLY E 996 -7.36 71.72 -48.25
N SER E 997 -6.76 70.54 -48.34
CA SER E 997 -5.45 70.24 -47.75
C SER E 997 -4.34 70.87 -48.56
N GLN E 998 -4.38 70.64 -49.87
CA GLN E 998 -3.44 71.28 -50.78
C GLN E 998 -3.27 72.77 -50.42
N HIS E 999 -4.36 73.45 -50.06
CA HIS E 999 -4.27 74.84 -49.67
C HIS E 999 -3.58 75.04 -48.34
N ALA E 1000 -3.66 74.06 -47.47
CA ALA E 1000 -3.00 74.10 -46.16
C ALA E 1000 -1.47 73.89 -46.20
N ILE E 1001 -0.98 73.22 -47.24
CA ILE E 1001 0.48 73.03 -47.43
C ILE E 1001 1.06 73.75 -48.65
N GLY E 1002 0.32 74.71 -49.18
CA GLY E 1002 0.79 75.58 -50.27
C GLY E 1002 0.87 77.00 -49.77
N THR E 1003 -0.26 77.49 -49.25
CA THR E 1003 -0.35 78.81 -48.66
C THR E 1003 0.68 79.06 -47.54
N GLY E 1004 1.09 78.01 -46.83
CA GLY E 1004 2.03 78.18 -45.74
C GLY E 1004 3.48 78.20 -46.17
N VAL E 1005 3.80 77.37 -47.16
CA VAL E 1005 5.16 77.26 -47.66
C VAL E 1005 5.53 78.48 -48.47
N ILE E 1006 4.59 79.04 -49.24
CA ILE E 1006 4.87 80.22 -50.07
C ILE E 1006 5.17 81.43 -49.18
N GLY E 1007 4.24 81.73 -48.29
CA GLY E 1007 4.39 82.82 -47.34
C GLY E 1007 5.74 82.78 -46.68
N GLY E 1008 5.97 81.68 -45.97
CA GLY E 1008 7.23 81.39 -45.27
C GLY E 1008 8.49 81.36 -46.13
N MET E 1009 8.40 80.88 -47.38
CA MET E 1009 9.56 80.86 -48.29
C MET E 1009 9.98 82.23 -48.74
N VAL E 1010 9.00 83.10 -48.98
CA VAL E 1010 9.25 84.49 -49.38
C VAL E 1010 9.96 85.23 -48.24
N THR E 1011 9.35 85.32 -47.07
CA THR E 1011 9.94 86.17 -46.04
C THR E 1011 11.34 85.73 -45.63
N ALA E 1012 11.66 84.43 -45.74
CA ALA E 1012 12.99 83.93 -45.40
C ALA E 1012 14.00 84.14 -46.53
N THR E 1013 13.56 83.97 -47.77
CA THR E 1013 14.45 84.20 -48.90
C THR E 1013 14.92 85.67 -49.04
N VAL E 1014 14.23 86.63 -48.41
CA VAL E 1014 14.64 88.04 -48.47
C VAL E 1014 15.20 88.50 -47.14
N LEU E 1015 14.59 88.13 -46.03
CA LEU E 1015 15.15 88.52 -44.75
C LEU E 1015 16.38 87.70 -44.32
N ALA E 1016 16.54 86.46 -44.76
CA ALA E 1016 17.69 85.66 -44.31
C ALA E 1016 18.98 86.12 -44.97
N ILE E 1017 18.93 86.37 -46.28
CA ILE E 1017 20.08 86.95 -47.00
C ILE E 1017 20.62 88.29 -46.42
N PHE E 1018 19.78 89.02 -45.69
CA PHE E 1018 20.20 90.26 -45.03
C PHE E 1018 20.45 90.04 -43.56
N TRP E 1019 19.51 89.40 -42.86
CA TRP E 1019 19.65 89.26 -41.39
C TRP E 1019 20.63 88.20 -40.92
N VAL E 1020 20.97 87.24 -41.78
CA VAL E 1020 21.93 86.18 -41.37
C VAL E 1020 23.34 86.75 -41.14
N PRO E 1021 23.93 87.41 -42.16
CA PRO E 1021 25.27 87.98 -41.96
C PRO E 1021 25.38 88.90 -40.76
N LEU E 1022 24.28 89.65 -40.52
CA LEU E 1022 24.13 90.51 -39.36
C LEU E 1022 24.34 89.69 -38.12
N PHE E 1023 23.57 88.61 -37.97
CA PHE E 1023 23.70 87.74 -36.80
C PHE E 1023 25.12 87.20 -36.65
N TYR E 1024 25.68 86.75 -37.77
CA TYR E 1024 27.04 86.24 -37.78
C TYR E 1024 28.01 87.27 -37.26
N VAL E 1025 27.98 88.47 -37.87
CA VAL E 1025 28.90 89.55 -37.45
C VAL E 1025 28.67 89.97 -35.99
N ALA E 1026 27.43 90.28 -35.64
CA ALA E 1026 27.08 90.69 -34.26
C ALA E 1026 27.63 89.71 -33.23
N VAL E 1027 27.15 88.48 -33.25
CA VAL E 1027 27.62 87.48 -32.27
C VAL E 1027 29.16 87.30 -32.27
N SER E 1028 29.78 87.28 -33.45
CA SER E 1028 31.24 87.13 -33.57
C SER E 1028 31.98 88.21 -32.84
N THR E 1029 31.48 89.44 -33.00
CA THR E 1029 31.99 90.66 -32.38
C THR E 1029 32.04 90.63 -30.83
N LEU E 1030 30.94 90.23 -30.16
CA LEU E 1030 30.96 89.96 -28.69
C LEU E 1030 32.11 89.04 -28.26
N MET F 1 47.35 45.02 -43.47
CA MET F 1 46.70 43.97 -42.61
C MET F 1 47.37 42.64 -42.83
N SER F 2 47.43 42.22 -44.09
CA SER F 2 48.13 40.99 -44.40
C SER F 2 49.60 41.11 -43.95
N LYS F 3 50.25 42.21 -44.31
CA LYS F 3 51.63 42.44 -43.90
C LYS F 3 51.72 42.44 -42.39
N PHE F 4 50.71 43.05 -41.75
CA PHE F 4 50.61 43.10 -40.28
C PHE F 4 50.59 41.71 -39.63
N PHE F 5 49.89 40.75 -40.25
CA PHE F 5 49.76 39.39 -39.69
C PHE F 5 50.89 38.46 -40.10
N ILE F 6 51.66 38.86 -41.13
CA ILE F 6 52.82 38.08 -41.56
C ILE F 6 53.87 38.07 -40.45
N ASP F 7 54.03 39.20 -39.77
CA ASP F 7 54.97 39.29 -38.64
C ASP F 7 54.36 38.87 -37.29
N ARG F 8 53.07 38.56 -37.28
CA ARG F 8 52.35 38.21 -36.06
C ARG F 8 51.54 36.95 -36.29
N PRO F 9 52.21 35.82 -36.56
CA PRO F 9 51.48 34.55 -36.78
C PRO F 9 50.64 34.09 -35.61
N ILE F 10 50.96 34.55 -34.41
CA ILE F 10 50.31 34.09 -33.21
C ILE F 10 48.99 34.79 -33.06
N PHE F 11 48.97 36.08 -33.33
CA PHE F 11 47.73 36.84 -33.30
C PHE F 11 46.77 36.26 -34.35
N ALA F 12 47.32 35.90 -35.49
CA ALA F 12 46.54 35.33 -36.55
C ALA F 12 46.08 33.88 -36.25
N TRP F 13 46.73 33.17 -35.34
CA TRP F 13 46.24 31.86 -34.88
C TRP F 13 45.09 32.05 -33.91
N VAL F 14 45.17 33.13 -33.14
CA VAL F 14 44.18 33.45 -32.13
C VAL F 14 42.84 33.88 -32.74
N ILE F 15 42.84 34.67 -33.82
CA ILE F 15 41.53 34.98 -34.42
C ILE F 15 40.93 33.68 -34.99
N ALA F 16 41.78 32.83 -35.54
CA ALA F 16 41.34 31.56 -36.10
C ALA F 16 40.79 30.71 -34.99
N LEU F 17 41.57 30.56 -33.91
CA LEU F 17 41.16 29.78 -32.72
C LEU F 17 39.90 30.28 -32.05
N VAL F 18 39.86 31.60 -31.81
CA VAL F 18 38.64 32.24 -31.31
C VAL F 18 37.45 31.87 -32.18
N ILE F 19 37.60 32.01 -33.50
CA ILE F 19 36.48 31.75 -34.40
C ILE F 19 36.05 30.31 -34.23
N MET F 20 37.03 29.40 -34.17
CA MET F 20 36.71 27.98 -34.06
C MET F 20 36.05 27.68 -32.75
N LEU F 21 36.55 28.33 -31.70
CA LEU F 21 36.05 28.14 -30.36
C LEU F 21 34.57 28.47 -30.29
N ALA F 22 34.23 29.66 -30.75
CA ALA F 22 32.85 30.09 -30.86
C ALA F 22 32.01 29.24 -31.81
N GLY F 23 32.59 28.83 -32.92
CA GLY F 23 31.96 27.89 -33.85
C GLY F 23 31.58 26.53 -33.26
N GLY F 24 32.58 25.88 -32.67
CA GLY F 24 32.45 24.59 -31.97
C GLY F 24 31.41 24.71 -30.87
N LEU F 25 31.72 25.44 -29.79
CA LEU F 25 30.79 25.63 -28.68
C LEU F 25 29.37 25.76 -29.21
N SER F 26 29.21 26.55 -30.24
CA SER F 26 27.89 26.81 -30.81
C SER F 26 27.18 25.59 -31.48
N ILE F 27 27.94 24.60 -31.92
CA ILE F 27 27.38 23.34 -32.44
C ILE F 27 26.60 22.54 -31.39
N LEU F 28 26.54 22.98 -30.14
CA LEU F 28 25.90 22.18 -29.05
C LEU F 28 24.56 22.68 -28.63
N SER F 29 24.18 23.87 -29.04
CA SER F 29 22.82 24.35 -28.85
C SER F 29 22.02 24.34 -30.17
N LEU F 30 22.64 23.82 -31.23
CA LEU F 30 22.10 23.98 -32.55
C LEU F 30 21.19 22.78 -32.76
N PRO F 31 19.91 23.00 -33.08
CA PRO F 31 19.06 21.84 -33.32
C PRO F 31 19.42 21.11 -34.62
N VAL F 32 19.00 19.85 -34.70
CA VAL F 32 19.21 19.03 -35.87
C VAL F 32 17.90 18.55 -36.43
N ASN F 33 17.82 18.59 -37.73
CA ASN F 33 16.62 18.29 -38.49
C ASN F 33 17.05 17.65 -39.76
N GLN F 34 16.13 16.96 -40.40
CA GLN F 34 16.40 16.51 -41.74
C GLN F 34 16.28 17.73 -42.63
N TYR F 35 15.17 18.46 -42.47
CA TYR F 35 14.92 19.69 -43.21
C TYR F 35 14.48 20.85 -42.29
N PRO F 36 14.63 22.10 -42.78
CA PRO F 36 14.08 23.26 -42.07
C PRO F 36 12.58 23.20 -42.28
N ALA F 37 11.87 24.22 -41.82
CA ALA F 37 10.40 24.20 -41.88
C ALA F 37 9.85 24.71 -43.23
N ILE F 38 9.69 23.80 -44.18
CA ILE F 38 9.40 24.16 -45.55
C ILE F 38 7.89 24.15 -45.82
N ALA F 39 7.12 23.39 -45.07
CA ALA F 39 5.68 23.33 -45.35
C ALA F 39 4.90 24.61 -44.98
N PRO F 40 3.87 24.96 -45.79
CA PRO F 40 3.08 26.12 -45.43
C PRO F 40 2.19 25.90 -44.20
N PRO F 41 2.10 26.92 -43.30
CA PRO F 41 1.20 26.86 -42.16
C PRO F 41 -0.21 26.77 -42.58
N ALA F 42 -1.01 26.12 -41.75
CA ALA F 42 -2.36 25.75 -42.11
C ALA F 42 -3.17 25.53 -40.85
N ILE F 43 -4.37 26.10 -40.82
CA ILE F 43 -5.27 25.99 -39.66
C ILE F 43 -6.40 25.07 -40.07
N ALA F 44 -6.73 24.07 -39.25
CA ALA F 44 -7.91 23.22 -39.45
C ALA F 44 -9.07 23.73 -38.61
N VAL F 45 -10.27 23.75 -39.18
CA VAL F 45 -11.52 24.07 -38.44
C VAL F 45 -12.38 22.82 -38.54
N GLN F 46 -12.91 22.32 -37.41
CA GLN F 46 -13.62 20.99 -37.34
C GLN F 46 -14.81 21.04 -36.41
N VAL F 47 -15.95 20.51 -36.88
CA VAL F 47 -17.21 20.36 -36.11
C VAL F 47 -17.91 19.13 -36.64
N SER F 48 -19.18 18.97 -36.29
CA SER F 48 -19.90 17.72 -36.39
C SER F 48 -21.32 18.08 -36.09
N TYR F 49 -22.18 17.72 -37.03
CA TYR F 49 -23.59 17.95 -36.93
C TYR F 49 -24.17 16.54 -36.79
N PRO F 50 -24.23 16.02 -35.55
CA PRO F 50 -24.62 14.61 -35.37
C PRO F 50 -25.92 14.26 -36.12
N GLY F 51 -25.78 13.41 -37.14
CA GLY F 51 -26.92 12.89 -37.90
C GLY F 51 -27.21 13.60 -39.20
N ALA F 52 -26.58 14.75 -39.43
CA ALA F 52 -26.73 15.47 -40.68
C ALA F 52 -26.17 14.65 -41.83
N SER F 53 -26.70 14.88 -43.02
CA SER F 53 -26.10 14.31 -44.23
C SER F 53 -24.92 15.18 -44.67
N ALA F 54 -24.13 14.70 -45.64
CA ALA F 54 -23.03 15.49 -46.19
C ALA F 54 -23.51 16.82 -46.81
N GLU F 55 -24.58 16.73 -47.58
CA GLU F 55 -25.08 17.88 -48.36
C GLU F 55 -25.67 18.95 -47.40
N THR F 56 -26.23 18.52 -46.27
CA THR F 56 -26.70 19.50 -45.27
C THR F 56 -25.54 20.12 -44.47
N VAL F 57 -24.49 19.34 -44.28
CA VAL F 57 -23.27 19.82 -43.61
C VAL F 57 -22.62 20.87 -44.49
N GLN F 58 -22.40 20.50 -45.75
CA GLN F 58 -21.82 21.41 -46.76
C GLN F 58 -22.57 22.76 -46.78
N ASP F 59 -23.91 22.68 -46.77
CA ASP F 59 -24.77 23.85 -46.92
C ASP F 59 -25.11 24.64 -45.64
N THR F 60 -25.21 23.94 -44.52
CA THR F 60 -25.51 24.64 -43.25
C THR F 60 -24.29 25.08 -42.44
N VAL F 61 -23.23 24.28 -42.44
CA VAL F 61 -22.04 24.59 -41.63
C VAL F 61 -20.88 25.11 -42.49
N VAL F 62 -20.51 24.32 -43.50
CA VAL F 62 -19.23 24.45 -44.19
C VAL F 62 -19.17 25.78 -44.97
N GLN F 63 -20.24 26.12 -45.69
CA GLN F 63 -20.19 27.25 -46.62
C GLN F 63 -20.07 28.55 -45.89
N VAL F 64 -20.70 28.59 -44.72
CA VAL F 64 -20.84 29.80 -43.96
C VAL F 64 -19.54 30.14 -43.23
N ILE F 65 -18.82 29.11 -42.78
CA ILE F 65 -17.51 29.28 -42.15
C ILE F 65 -16.51 29.62 -43.25
N GLU F 66 -16.55 28.82 -44.32
CA GLU F 66 -15.68 29.02 -45.50
C GLU F 66 -15.74 30.45 -46.12
N GLN F 67 -16.93 31.03 -46.15
CA GLN F 67 -17.15 32.34 -46.72
C GLN F 67 -16.40 33.36 -45.90
N GLN F 68 -16.69 33.33 -44.60
CA GLN F 68 -16.04 34.20 -43.59
C GLN F 68 -14.51 34.11 -43.57
N MET F 69 -13.99 32.93 -43.90
CA MET F 69 -12.54 32.71 -44.12
C MET F 69 -11.91 33.42 -45.32
N ASN F 70 -12.69 33.88 -46.28
CA ASN F 70 -12.14 34.71 -47.35
C ASN F 70 -11.66 35.97 -46.67
N GLY F 71 -10.60 36.55 -47.18
CA GLY F 71 -10.18 37.86 -46.70
C GLY F 71 -9.27 37.86 -45.51
N ILE F 72 -8.93 36.66 -45.00
CA ILE F 72 -7.84 36.49 -44.04
C ILE F 72 -6.49 36.87 -44.69
N ASP F 73 -5.58 37.43 -43.90
CA ASP F 73 -4.22 37.80 -44.37
C ASP F 73 -3.41 36.57 -44.84
N ASN F 74 -2.55 36.80 -45.84
CA ASN F 74 -1.69 35.75 -46.40
C ASN F 74 -2.33 34.41 -46.71
N LEU F 75 -3.60 34.41 -47.08
CA LEU F 75 -4.30 33.17 -47.49
C LEU F 75 -3.73 32.60 -48.78
N ARG F 76 -3.55 31.30 -48.86
CA ARG F 76 -3.07 30.67 -50.08
C ARG F 76 -4.22 29.93 -50.73
N TYR F 77 -4.82 29.00 -50.00
CA TYR F 77 -6.01 28.28 -50.44
C TYR F 77 -6.77 27.64 -49.32
N ILE F 78 -8.03 27.29 -49.58
CA ILE F 78 -8.91 26.67 -48.58
C ILE F 78 -9.53 25.45 -49.20
N SER F 79 -9.46 24.32 -48.51
CA SER F 79 -10.12 23.12 -48.93
C SER F 79 -11.03 22.74 -47.77
N SER F 80 -12.20 22.18 -48.08
CA SER F 80 -13.05 21.62 -47.02
C SER F 80 -13.68 20.30 -47.40
N GLU F 81 -14.06 19.53 -46.39
CA GLU F 81 -14.82 18.31 -46.58
C GLU F 81 -16.03 18.24 -45.66
N SER F 82 -17.14 17.74 -46.21
CA SER F 82 -18.39 17.45 -45.48
C SER F 82 -18.66 15.96 -45.65
N ASN F 83 -18.93 15.25 -44.55
CA ASN F 83 -18.98 13.77 -44.59
C ASN F 83 -20.31 13.24 -44.00
N SER F 84 -20.73 12.07 -44.49
CA SER F 84 -21.95 11.36 -44.07
C SER F 84 -22.14 11.25 -42.54
N ASP F 85 -21.08 10.81 -41.84
CA ASP F 85 -21.00 10.79 -40.34
C ASP F 85 -21.38 12.08 -39.64
N GLY F 86 -21.42 13.19 -40.39
CA GLY F 86 -21.92 14.49 -39.91
C GLY F 86 -20.78 15.47 -39.66
N SER F 87 -19.57 14.91 -39.56
CA SER F 87 -18.36 15.67 -39.33
C SER F 87 -17.88 16.39 -40.58
N MET F 88 -17.33 17.58 -40.36
CA MET F 88 -16.65 18.35 -41.39
C MET F 88 -15.25 18.79 -40.96
N THR F 89 -14.39 19.06 -41.94
CA THR F 89 -13.10 19.75 -41.72
C THR F 89 -12.85 20.79 -42.80
N ILE F 90 -12.46 22.01 -42.41
CA ILE F 90 -12.02 23.04 -43.34
C ILE F 90 -10.56 23.32 -43.06
N THR F 91 -9.72 23.25 -44.09
CA THR F 91 -8.31 23.56 -43.95
C THR F 91 -7.94 24.83 -44.69
N VAL F 92 -7.63 25.86 -43.91
CA VAL F 92 -7.14 27.17 -44.40
C VAL F 92 -5.59 27.20 -44.42
N THR F 93 -4.98 27.10 -45.59
CA THR F 93 -3.53 27.13 -45.77
C THR F 93 -3.01 28.53 -46.09
N PHE F 94 -1.79 28.85 -45.66
CA PHE F 94 -1.26 30.21 -45.70
C PHE F 94 0.09 30.23 -46.36
N GLU F 95 0.61 31.43 -46.62
CA GLU F 95 1.93 31.57 -47.25
C GLU F 95 3.10 31.29 -46.25
N GLN F 96 4.23 30.75 -46.75
CA GLN F 96 5.40 30.53 -45.88
C GLN F 96 5.78 31.90 -45.42
N GLY F 97 6.18 32.00 -44.15
CA GLY F 97 6.42 33.28 -43.52
C GLY F 97 5.33 33.74 -42.60
N THR F 98 4.14 33.18 -42.71
CA THR F 98 3.01 33.61 -41.87
C THR F 98 3.19 33.03 -40.46
N ASP F 99 3.06 33.86 -39.42
CA ASP F 99 3.21 33.37 -38.07
C ASP F 99 1.99 32.46 -37.79
N PRO F 100 2.20 31.19 -37.39
CA PRO F 100 1.02 30.31 -37.28
C PRO F 100 0.08 30.59 -36.11
N ASP F 101 0.53 31.32 -35.11
CA ASP F 101 -0.35 31.76 -34.02
C ASP F 101 -1.20 32.97 -34.45
N ILE F 102 -0.65 33.94 -35.18
CA ILE F 102 -1.52 35.01 -35.72
C ILE F 102 -2.60 34.40 -36.63
N ALA F 103 -2.23 33.40 -37.44
CA ALA F 103 -3.15 32.73 -38.33
C ALA F 103 -4.28 32.09 -37.58
N GLN F 104 -3.94 31.33 -36.54
CA GLN F 104 -4.99 30.74 -35.71
C GLN F 104 -5.90 31.85 -35.14
N VAL F 105 -5.31 32.86 -34.54
CA VAL F 105 -6.09 33.94 -33.97
C VAL F 105 -7.04 34.58 -35.00
N GLN F 106 -6.56 34.75 -36.20
CA GLN F 106 -7.34 35.33 -37.26
C GLN F 106 -8.51 34.43 -37.66
N VAL F 107 -8.26 33.14 -37.85
CA VAL F 107 -9.33 32.18 -38.13
C VAL F 107 -10.39 32.23 -37.05
N GLN F 108 -9.99 32.17 -35.79
CA GLN F 108 -10.94 32.29 -34.66
C GLN F 108 -11.79 33.57 -34.69
N ASN F 109 -11.14 34.69 -34.98
CA ASN F 109 -11.82 35.96 -35.14
C ASN F 109 -12.91 35.88 -36.23
N LYS F 110 -12.56 35.34 -37.38
CA LYS F 110 -13.50 35.17 -38.46
C LYS F 110 -14.58 34.14 -38.16
N LEU F 111 -14.17 33.00 -37.63
CA LEU F 111 -15.08 31.88 -37.36
C LEU F 111 -16.22 32.26 -36.45
N GLN F 112 -15.87 33.05 -35.44
CA GLN F 112 -16.80 33.55 -34.45
C GLN F 112 -17.88 34.38 -35.09
N LEU F 113 -17.54 35.12 -36.15
CA LEU F 113 -18.59 35.81 -36.93
C LEU F 113 -19.62 34.86 -37.51
N ALA F 114 -19.19 33.78 -38.17
CA ALA F 114 -20.10 32.84 -38.79
C ALA F 114 -20.93 32.06 -37.79
N THR F 115 -20.65 32.23 -36.51
CA THR F 115 -21.19 31.35 -35.48
C THR F 115 -22.72 31.40 -35.35
N PRO F 116 -23.32 32.60 -35.18
CA PRO F 116 -24.77 32.72 -35.11
C PRO F 116 -25.57 32.49 -36.42
N LEU F 117 -24.91 31.98 -37.47
CA LEU F 117 -25.57 31.56 -38.70
C LEU F 117 -25.58 30.05 -38.82
N LEU F 118 -25.17 29.33 -37.77
CA LEU F 118 -25.04 27.87 -37.84
C LEU F 118 -26.18 27.20 -37.08
N PRO F 119 -26.51 25.95 -37.44
CA PRO F 119 -27.51 25.21 -36.70
C PRO F 119 -27.25 25.26 -35.20
N GLN F 120 -28.29 25.55 -34.41
CA GLN F 120 -28.19 25.55 -32.93
C GLN F 120 -27.47 24.31 -32.31
N GLU F 121 -27.60 23.17 -32.99
CA GLU F 121 -26.95 21.90 -32.61
C GLU F 121 -25.44 22.01 -32.72
N VAL F 122 -25.00 22.53 -33.87
CA VAL F 122 -23.58 22.76 -34.18
C VAL F 122 -22.92 23.78 -33.24
N GLN F 123 -23.66 24.80 -32.84
CA GLN F 123 -23.14 25.79 -31.87
C GLN F 123 -22.98 25.17 -30.49
N ARG F 124 -23.94 24.32 -30.15
CA ARG F 124 -23.89 23.54 -28.92
C ARG F 124 -22.55 22.79 -28.86
N GLN F 125 -22.22 22.06 -29.93
CA GLN F 125 -20.98 21.26 -30.02
C GLN F 125 -19.72 21.97 -29.46
N GLY F 126 -19.30 23.07 -30.07
CA GLY F 126 -17.95 23.62 -29.80
C GLY F 126 -17.01 23.30 -30.97
N ILE F 127 -16.76 24.32 -31.79
CA ILE F 127 -15.95 24.20 -33.02
C ILE F 127 -14.48 24.17 -32.62
N ARG F 128 -13.74 23.20 -33.15
CA ARG F 128 -12.33 23.05 -32.77
C ARG F 128 -11.39 23.58 -33.85
N VAL F 129 -10.54 24.51 -33.45
CA VAL F 129 -9.57 25.11 -34.35
C VAL F 129 -8.14 24.85 -33.92
N THR F 130 -7.33 24.30 -34.82
CA THR F 130 -5.98 23.87 -34.46
C THR F 130 -5.03 23.83 -35.64
N LYS F 131 -3.73 23.87 -35.36
CA LYS F 131 -2.69 23.94 -36.39
C LYS F 131 -2.52 22.62 -37.12
N ALA F 132 -3.09 22.50 -38.32
CA ALA F 132 -2.96 21.35 -39.18
C ALA F 132 -1.50 21.00 -39.49
N VAL F 133 -1.19 19.69 -39.42
CA VAL F 133 0.09 19.10 -39.81
C VAL F 133 -0.24 17.77 -40.46
N LYS F 134 0.40 17.44 -41.57
CA LYS F 134 -0.06 16.32 -42.44
C LYS F 134 0.53 14.95 -42.12
N ASN F 135 1.62 14.92 -41.37
CA ASN F 135 2.40 13.73 -41.24
C ASN F 135 2.49 13.38 -39.78
N PHE F 136 2.47 12.07 -39.51
CA PHE F 136 2.71 11.51 -38.18
C PHE F 136 4.22 11.32 -37.94
N LEU F 137 4.71 11.79 -36.79
CA LEU F 137 6.12 11.59 -36.43
C LEU F 137 6.30 10.11 -36.20
N MET F 138 5.43 9.55 -35.38
CA MET F 138 5.45 8.16 -35.04
C MET F 138 4.10 7.64 -34.58
N VAL F 139 4.09 6.33 -34.32
CA VAL F 139 2.95 5.63 -33.74
C VAL F 139 3.46 4.80 -32.58
N VAL F 140 3.01 5.11 -31.37
CA VAL F 140 3.32 4.27 -30.22
C VAL F 140 2.32 3.14 -30.24
N GLY F 141 2.82 1.91 -30.27
CA GLY F 141 1.99 0.72 -30.33
C GLY F 141 1.86 -0.02 -29.01
N VAL F 142 0.94 -0.96 -28.99
CA VAL F 142 0.81 -1.81 -27.81
C VAL F 142 0.13 -3.11 -28.26
N VAL F 143 0.73 -4.22 -27.83
CA VAL F 143 0.32 -5.58 -28.23
C VAL F 143 0.56 -6.49 -27.03
N SER F 144 -0.39 -7.36 -26.69
CA SER F 144 -0.24 -8.27 -25.53
C SER F 144 0.52 -9.57 -25.84
N THR F 145 1.53 -9.86 -25.02
CA THR F 145 2.44 -10.99 -25.24
C THR F 145 1.76 -12.35 -25.06
N ASP F 146 0.68 -12.41 -24.26
CA ASP F 146 -0.08 -13.65 -24.06
C ASP F 146 -1.42 -13.67 -24.81
N GLY F 147 -2.36 -12.84 -24.40
CA GLY F 147 -3.76 -12.97 -24.85
C GLY F 147 -4.83 -12.50 -23.86
N SER F 148 -4.41 -12.18 -22.63
CA SER F 148 -5.32 -11.65 -21.59
C SER F 148 -6.01 -10.35 -21.98
N MET F 149 -5.38 -9.55 -22.84
CA MET F 149 -5.91 -8.25 -23.24
C MET F 149 -6.25 -8.23 -24.71
N THR F 150 -7.47 -7.79 -25.02
CA THR F 150 -7.92 -7.56 -26.41
C THR F 150 -7.56 -6.13 -26.93
N LYS F 151 -7.79 -5.92 -28.23
CA LYS F 151 -7.68 -4.59 -28.88
C LYS F 151 -8.24 -3.49 -28.00
N GLU F 152 -9.45 -3.73 -27.51
CA GLU F 152 -10.21 -2.77 -26.66
C GLU F 152 -9.59 -2.58 -25.27
N ASP F 153 -9.11 -3.66 -24.67
CA ASP F 153 -8.41 -3.57 -23.39
C ASP F 153 -7.13 -2.76 -23.53
N LEU F 154 -6.39 -3.05 -24.59
CA LEU F 154 -5.18 -2.34 -24.96
C LEU F 154 -5.45 -0.85 -25.32
N SER F 155 -6.38 -0.61 -26.24
CA SER F 155 -6.85 0.74 -26.53
C SER F 155 -7.20 1.53 -25.27
N ASN F 156 -7.93 0.91 -24.37
CA ASN F 156 -8.40 1.60 -23.17
C ASN F 156 -7.27 1.86 -22.23
N TYR F 157 -6.26 0.98 -22.24
CA TYR F 157 -5.05 1.27 -21.50
C TYR F 157 -4.37 2.54 -22.03
N ILE F 158 -4.21 2.64 -23.37
CA ILE F 158 -3.55 3.80 -23.97
C ILE F 158 -4.29 5.10 -23.63
N VAL F 159 -5.60 5.11 -23.90
CA VAL F 159 -6.42 6.33 -23.71
C VAL F 159 -6.65 6.66 -22.23
N SER F 160 -6.09 5.87 -21.34
CA SER F 160 -6.29 6.05 -19.92
C SER F 160 -5.03 6.34 -19.14
N ASN F 161 -3.94 5.67 -19.51
CA ASN F 161 -2.67 5.75 -18.81
C ASN F 161 -1.44 6.29 -19.62
N ILE F 162 -1.52 6.36 -20.94
CA ILE F 162 -0.36 6.78 -21.76
C ILE F 162 -0.59 8.10 -22.47
N GLN F 163 -1.67 8.16 -23.26
CA GLN F 163 -2.16 9.41 -23.85
C GLN F 163 -1.91 10.73 -23.10
N ASP F 164 -2.54 10.95 -21.96
CA ASP F 164 -2.43 12.23 -21.28
C ASP F 164 -0.97 12.76 -21.08
N PRO F 165 -0.05 11.92 -20.54
CA PRO F 165 1.37 12.35 -20.46
C PRO F 165 2.08 12.47 -21.82
N LEU F 166 1.82 11.51 -22.68
CA LEU F 166 2.28 11.54 -24.07
C LEU F 166 1.77 12.79 -24.84
N SER F 167 0.53 13.19 -24.61
CA SER F 167 -0.07 14.40 -25.22
C SER F 167 0.41 15.70 -24.60
N ARG F 168 1.19 15.60 -23.54
CA ARG F 168 1.87 16.76 -22.97
C ARG F 168 3.34 16.46 -22.84
N THR F 169 3.85 15.60 -23.73
CA THR F 169 5.29 15.43 -23.83
C THR F 169 5.80 16.58 -24.72
N LYS F 170 7.00 17.08 -24.40
CA LYS F 170 7.60 18.21 -25.08
C LYS F 170 7.72 17.92 -26.56
N GLY F 171 7.13 18.79 -27.37
CA GLY F 171 7.19 18.67 -28.84
C GLY F 171 5.99 18.01 -29.48
N VAL F 172 5.11 17.42 -28.66
CA VAL F 172 3.98 16.65 -29.16
C VAL F 172 2.79 17.53 -29.45
N GLY F 173 2.16 17.28 -30.59
CA GLY F 173 0.98 18.03 -31.04
C GLY F 173 -0.31 17.23 -30.99
N ASP F 174 -1.15 17.42 -32.01
CA ASP F 174 -2.37 16.65 -32.21
C ASP F 174 -1.97 15.17 -32.13
N PHE F 175 -2.88 14.32 -31.71
CA PHE F 175 -2.68 12.86 -31.74
C PHE F 175 -3.95 12.13 -32.24
N GLN F 176 -3.80 10.92 -32.74
CA GLN F 176 -4.94 10.05 -33.03
C GLN F 176 -4.75 8.66 -32.45
N VAL F 177 -5.71 8.26 -31.61
CA VAL F 177 -5.73 6.91 -31.07
C VAL F 177 -6.47 6.01 -32.03
N PHE F 178 -5.91 4.83 -32.29
CA PHE F 178 -6.53 3.82 -33.14
C PHE F 178 -7.34 2.87 -32.28
N GLY F 179 -8.37 3.40 -31.66
CA GLY F 179 -9.09 2.71 -30.62
C GLY F 179 -9.79 3.73 -29.75
N SER F 180 -10.45 3.27 -28.68
CA SER F 180 -11.02 4.21 -27.71
C SER F 180 -10.87 3.67 -26.32
N GLN F 181 -11.27 4.50 -25.36
CA GLN F 181 -11.36 4.10 -23.95
C GLN F 181 -12.69 3.40 -23.71
N TYR F 182 -12.82 2.80 -22.54
CA TYR F 182 -14.04 2.10 -22.19
C TYR F 182 -15.11 3.12 -21.98
N SER F 183 -16.33 2.60 -22.09
CA SER F 183 -17.54 3.32 -21.84
C SER F 183 -18.50 2.31 -21.27
N MET F 184 -19.45 2.79 -20.49
CA MET F 184 -20.50 1.92 -19.98
C MET F 184 -21.51 1.79 -21.12
N ARG F 185 -21.59 0.60 -21.72
CA ARG F 185 -22.45 0.36 -22.90
C ARG F 185 -23.73 -0.33 -22.53
N ILE F 186 -24.78 0.47 -22.33
CA ILE F 186 -26.13 -0.04 -22.08
C ILE F 186 -26.86 -0.44 -23.39
N TRP F 187 -26.80 -1.74 -23.74
CA TRP F 187 -27.45 -2.29 -24.97
C TRP F 187 -28.95 -2.64 -24.80
N LEU F 188 -29.83 -1.71 -25.16
CA LEU F 188 -31.29 -1.90 -25.10
C LEU F 188 -31.80 -3.02 -26.04
N ASP F 189 -32.46 -4.00 -25.43
CA ASP F 189 -33.36 -4.93 -26.16
C ASP F 189 -34.76 -4.28 -26.33
N PRO F 190 -35.21 -4.11 -27.58
CA PRO F 190 -36.54 -3.52 -27.82
C PRO F 190 -37.73 -4.46 -27.45
N ALA F 191 -37.50 -5.78 -27.48
CA ALA F 191 -38.54 -6.77 -27.16
C ALA F 191 -38.76 -6.80 -25.65
N LYS F 192 -37.68 -7.05 -24.91
CA LYS F 192 -37.72 -7.07 -23.44
C LYS F 192 -38.09 -5.69 -22.82
N LEU F 193 -38.22 -4.65 -23.64
CA LEU F 193 -38.52 -3.28 -23.21
C LEU F 193 -39.98 -2.90 -23.47
N ASN F 194 -40.54 -3.47 -24.53
CA ASN F 194 -41.99 -3.41 -24.79
C ASN F 194 -42.79 -4.16 -23.71
N SER F 195 -42.25 -5.29 -23.26
CA SER F 195 -42.91 -6.15 -22.30
C SER F 195 -43.24 -5.42 -20.98
N TYR F 196 -42.37 -4.52 -20.57
CA TYR F 196 -42.61 -3.68 -19.39
C TYR F 196 -43.17 -2.28 -19.78
N GLN F 197 -43.65 -2.12 -21.01
CA GLN F 197 -44.24 -0.87 -21.51
C GLN F 197 -43.33 0.34 -21.29
N LEU F 198 -42.14 0.26 -21.88
CA LEU F 198 -41.09 1.27 -21.71
C LEU F 198 -40.54 1.76 -23.05
N THR F 199 -39.98 2.97 -23.02
CA THR F 199 -39.34 3.60 -24.18
C THR F 199 -37.84 3.76 -23.95
N PRO F 200 -37.05 3.91 -25.03
CA PRO F 200 -35.63 4.21 -24.83
C PRO F 200 -35.38 5.54 -24.08
N GLY F 201 -36.29 6.50 -24.25
CA GLY F 201 -36.30 7.75 -23.49
C GLY F 201 -36.11 7.54 -22.00
N ASP F 202 -37.20 7.27 -21.28
CA ASP F 202 -37.16 7.07 -19.81
C ASP F 202 -35.86 6.47 -19.24
N VAL F 203 -35.32 5.44 -19.90
CA VAL F 203 -34.03 4.82 -19.52
C VAL F 203 -32.91 5.86 -19.47
N SER F 204 -32.93 6.78 -20.44
CA SER F 204 -32.02 7.93 -20.47
C SER F 204 -32.30 8.83 -19.27
N SER F 205 -33.59 9.01 -18.98
CA SER F 205 -34.03 9.84 -17.85
C SER F 205 -33.71 9.21 -16.49
N ALA F 206 -33.82 7.89 -16.41
CA ALA F 206 -33.48 7.16 -15.20
C ALA F 206 -31.99 7.31 -14.87
N ILE F 207 -31.12 7.09 -15.88
CA ILE F 207 -29.66 7.20 -15.71
C ILE F 207 -29.25 8.61 -15.27
N GLN F 208 -29.87 9.61 -15.90
CA GLN F 208 -29.59 11.02 -15.59
C GLN F 208 -30.10 11.50 -14.23
N ALA F 209 -30.94 10.70 -13.59
CA ALA F 209 -31.49 11.01 -12.27
C ALA F 209 -30.89 10.15 -11.14
N GLN F 210 -30.41 8.95 -11.47
CA GLN F 210 -29.79 8.03 -10.50
C GLN F 210 -28.25 8.07 -10.49
N ASN F 211 -27.65 8.00 -11.68
CA ASN F 211 -26.20 8.17 -11.81
C ASN F 211 -25.75 9.63 -11.94
N VAL F 212 -25.33 10.24 -10.83
CA VAL F 212 -24.97 11.66 -10.80
C VAL F 212 -24.43 12.14 -9.45
N GLN F 213 -23.41 12.99 -9.50
CA GLN F 213 -22.82 13.64 -8.35
C GLN F 213 -23.55 14.93 -8.05
N ILE F 214 -24.23 15.03 -6.91
CA ILE F 214 -25.08 16.20 -6.54
C ILE F 214 -24.37 17.14 -5.59
N SER F 215 -24.66 18.44 -5.70
CA SER F 215 -24.13 19.44 -4.74
C SER F 215 -24.86 19.33 -3.39
N SER F 216 -24.40 18.36 -2.60
CA SER F 216 -24.78 18.22 -1.20
C SER F 216 -23.95 19.21 -0.40
N GLY F 217 -24.54 19.81 0.62
CA GLY F 217 -23.87 20.94 1.29
C GLY F 217 -22.81 20.57 2.29
N GLN F 218 -22.69 21.40 3.32
CA GLN F 218 -21.86 21.06 4.47
C GLN F 218 -22.53 21.42 5.81
N LEU F 219 -22.32 20.52 6.78
CA LEU F 219 -22.73 20.72 8.15
C LEU F 219 -21.92 21.81 8.78
N GLY F 220 -22.64 22.68 9.46
CA GLY F 220 -22.04 23.81 10.14
C GLY F 220 -21.26 24.71 9.20
N GLY F 221 -21.74 24.83 7.95
CA GLY F 221 -21.09 25.64 6.94
C GLY F 221 -21.51 27.08 7.06
N LEU F 222 -20.62 28.01 6.74
CA LEU F 222 -20.96 29.43 6.89
C LEU F 222 -22.19 29.80 6.03
N PRO F 223 -23.04 30.74 6.45
CA PRO F 223 -23.11 31.28 7.81
C PRO F 223 -23.59 30.23 8.77
N ALA F 224 -22.87 30.09 9.87
CA ALA F 224 -23.12 29.11 10.92
C ALA F 224 -23.71 29.83 12.14
N VAL F 225 -24.41 29.10 12.99
CA VAL F 225 -24.83 29.62 14.31
C VAL F 225 -23.58 29.97 15.17
N LYS F 226 -23.82 30.53 16.35
CA LYS F 226 -22.73 30.83 17.30
C LYS F 226 -22.36 29.55 18.06
N GLY F 227 -21.08 29.41 18.35
CA GLY F 227 -20.63 28.32 19.20
C GLY F 227 -20.49 26.97 18.52
N GLN F 228 -21.01 26.82 17.30
CA GLN F 228 -20.81 25.62 16.50
C GLN F 228 -19.31 25.24 16.44
N GLN F 229 -19.04 23.97 16.72
CA GLN F 229 -17.67 23.43 16.70
C GLN F 229 -17.53 22.34 15.63
N LEU F 230 -18.58 22.09 14.87
CA LEU F 230 -18.64 21.01 13.89
C LEU F 230 -18.66 21.55 12.45
N ASN F 231 -17.79 21.01 11.60
CA ASN F 231 -17.79 21.33 10.17
C ASN F 231 -17.43 20.08 9.39
N ALA F 232 -18.29 19.72 8.45
CA ALA F 232 -18.16 18.48 7.70
C ALA F 232 -18.77 18.59 6.32
N THR F 233 -18.16 17.92 5.35
CA THR F 233 -18.71 17.86 4.01
C THR F 233 -19.77 16.75 3.96
N ILE F 234 -20.90 17.08 3.33
CA ILE F 234 -21.95 16.09 3.13
C ILE F 234 -21.69 15.38 1.79
N ILE F 235 -21.00 14.24 1.80
CA ILE F 235 -21.01 13.38 0.63
C ILE F 235 -22.50 12.98 0.44
N GLY F 236 -22.94 12.84 -0.80
CA GLY F 236 -24.36 12.63 -1.15
C GLY F 236 -24.50 11.56 -2.21
N LYS F 237 -25.25 11.85 -3.27
CA LYS F 237 -25.55 10.86 -4.32
C LYS F 237 -24.28 10.22 -4.95
N THR F 238 -23.47 11.01 -5.66
CA THR F 238 -22.21 10.53 -6.30
C THR F 238 -22.33 9.56 -7.50
N ARG F 239 -21.41 9.71 -8.47
CA ARG F 239 -21.38 8.92 -9.71
C ARG F 239 -21.25 7.41 -9.45
N LEU F 240 -21.94 6.60 -10.25
CA LEU F 240 -21.82 5.15 -10.25
C LEU F 240 -20.49 4.75 -10.86
N GLN F 241 -20.21 3.45 -10.95
CA GLN F 241 -18.90 3.01 -11.43
C GLN F 241 -18.80 1.60 -12.04
N THR F 242 -19.67 0.68 -11.66
CA THR F 242 -19.59 -0.73 -12.11
C THR F 242 -20.75 -1.14 -12.98
N ALA F 243 -20.54 -2.19 -13.76
CA ALA F 243 -21.59 -2.79 -14.57
C ALA F 243 -22.80 -3.16 -13.70
N GLU F 244 -22.53 -3.88 -12.61
CA GLU F 244 -23.61 -4.39 -11.73
C GLU F 244 -24.14 -3.33 -10.77
N GLN F 245 -24.39 -2.15 -11.30
CA GLN F 245 -24.75 -0.97 -10.51
C GLN F 245 -25.66 -0.05 -11.33
N PHE F 246 -25.34 0.04 -12.62
CA PHE F 246 -26.26 0.55 -13.63
C PHE F 246 -27.40 -0.45 -13.89
N GLU F 247 -27.10 -1.74 -13.79
CA GLU F 247 -28.14 -2.77 -13.79
C GLU F 247 -29.25 -2.52 -12.76
N ASN F 248 -28.89 -2.02 -11.59
CA ASN F 248 -29.85 -1.74 -10.53
C ASN F 248 -30.71 -0.47 -10.69
N ILE F 249 -30.53 0.24 -11.80
CA ILE F 249 -31.36 1.40 -12.12
C ILE F 249 -32.84 1.00 -12.14
N LEU F 250 -33.66 1.78 -11.44
CA LEU F 250 -35.10 1.55 -11.33
C LEU F 250 -35.82 2.20 -12.50
N LEU F 251 -36.51 1.39 -13.30
CA LEU F 251 -37.35 1.89 -14.40
C LEU F 251 -38.74 2.25 -13.88
N LYS F 252 -39.58 1.26 -13.58
CA LYS F 252 -40.89 1.47 -12.93
C LYS F 252 -41.19 0.32 -11.97
N VAL F 253 -42.08 0.55 -10.99
CA VAL F 253 -42.55 -0.53 -10.07
C VAL F 253 -43.88 -1.15 -10.52
N ASN F 254 -44.08 -2.42 -10.14
CA ASN F 254 -45.21 -3.23 -10.61
C ASN F 254 -46.18 -3.61 -9.47
N PRO F 255 -47.38 -4.17 -9.82
CA PRO F 255 -48.33 -4.60 -8.78
C PRO F 255 -47.82 -5.75 -7.89
N ASP F 256 -47.29 -6.82 -8.51
CA ASP F 256 -46.64 -7.96 -7.78
C ASP F 256 -45.77 -7.50 -6.62
N GLY F 257 -45.18 -6.32 -6.76
CA GLY F 257 -44.28 -5.74 -5.75
C GLY F 257 -42.84 -5.64 -6.26
N SER F 258 -42.59 -6.18 -7.45
CA SER F 258 -41.28 -6.09 -8.10
C SER F 258 -41.01 -4.71 -8.69
N GLN F 259 -39.73 -4.43 -8.93
CA GLN F 259 -39.31 -3.24 -9.65
C GLN F 259 -38.67 -3.70 -10.96
N VAL F 260 -38.75 -2.84 -11.98
CA VAL F 260 -38.11 -3.10 -13.27
C VAL F 260 -36.68 -2.58 -13.26
N ARG F 261 -35.74 -3.47 -13.52
CA ARG F 261 -34.30 -3.19 -13.48
C ARG F 261 -33.77 -3.10 -14.93
N LEU F 262 -32.77 -2.22 -15.14
CA LEU F 262 -32.14 -2.06 -16.46
C LEU F 262 -31.65 -3.41 -17.04
N LYS F 263 -31.19 -4.30 -16.17
CA LYS F 263 -30.87 -5.70 -16.55
C LYS F 263 -31.98 -6.47 -17.27
N ASP F 264 -33.25 -6.06 -17.09
CA ASP F 264 -34.42 -6.68 -17.72
C ASP F 264 -34.77 -6.08 -19.09
N VAL F 265 -34.46 -4.80 -19.27
CA VAL F 265 -34.65 -4.12 -20.56
C VAL F 265 -33.39 -4.03 -21.42
N ALA F 266 -32.23 -4.45 -20.90
CA ALA F 266 -30.93 -4.28 -21.60
C ALA F 266 -29.77 -5.00 -20.92
N ASP F 267 -28.73 -5.28 -21.71
CA ASP F 267 -27.43 -5.66 -21.15
C ASP F 267 -26.71 -4.40 -20.69
N VAL F 268 -25.75 -4.57 -19.80
CA VAL F 268 -24.95 -3.46 -19.27
C VAL F 268 -23.54 -3.97 -19.00
N GLY F 269 -22.62 -3.60 -19.89
CA GLY F 269 -21.24 -4.09 -19.83
C GLY F 269 -20.27 -2.99 -20.19
N LEU F 270 -19.03 -3.14 -19.70
CA LEU F 270 -18.00 -2.15 -19.90
C LEU F 270 -17.52 -2.40 -21.34
N GLY F 271 -17.81 -1.45 -22.21
CA GLY F 271 -17.50 -1.61 -23.64
C GLY F 271 -16.71 -0.46 -24.24
N GLY F 272 -16.33 -0.63 -25.50
CA GLY F 272 -15.68 0.43 -26.24
C GLY F 272 -16.57 1.67 -26.40
N GLN F 273 -15.97 2.84 -26.13
CA GLN F 273 -16.61 4.15 -26.35
C GLN F 273 -16.84 4.47 -27.83
N ASP F 274 -16.11 3.78 -28.70
CA ASP F 274 -16.22 3.92 -30.15
C ASP F 274 -15.66 2.67 -30.80
N TYR F 275 -16.52 1.88 -31.44
CA TYR F 275 -16.10 0.62 -32.04
C TYR F 275 -15.58 0.78 -33.46
N SER F 276 -15.65 2.00 -34.01
CA SER F 276 -15.20 2.31 -35.39
C SER F 276 -13.74 1.94 -35.65
N ILE F 277 -12.83 2.61 -34.97
CA ILE F 277 -11.42 2.45 -35.28
C ILE F 277 -10.81 1.26 -34.49
N ASN F 278 -10.08 0.39 -35.18
CA ASN F 278 -9.42 -0.77 -34.57
C ASN F 278 -8.21 -1.14 -35.42
N ALA F 279 -7.22 -1.80 -34.83
CA ALA F 279 -5.98 -2.14 -35.57
C ALA F 279 -5.27 -3.40 -35.11
N GLN F 280 -4.39 -3.92 -35.97
CA GLN F 280 -3.46 -5.04 -35.65
C GLN F 280 -1.98 -4.70 -35.90
N PHE F 281 -1.08 -5.38 -35.17
CA PHE F 281 0.38 -5.29 -35.38
C PHE F 281 1.01 -6.66 -35.73
N ASN F 282 1.29 -6.87 -37.00
CA ASN F 282 1.67 -8.18 -37.55
C ASN F 282 0.60 -9.27 -37.33
N GLY F 283 -0.68 -8.87 -37.23
CA GLY F 283 -1.79 -9.79 -37.03
C GLY F 283 -2.33 -9.62 -35.62
N SER F 284 -1.43 -9.74 -34.64
CA SER F 284 -1.78 -9.63 -33.22
C SER F 284 -2.67 -8.43 -32.96
N PRO F 285 -3.83 -8.65 -32.31
CA PRO F 285 -4.64 -7.51 -31.87
C PRO F 285 -3.73 -6.48 -31.19
N ALA F 286 -3.75 -5.26 -31.74
CA ALA F 286 -2.98 -4.15 -31.21
C ALA F 286 -3.83 -2.91 -30.98
N SER F 287 -3.24 -1.95 -30.28
CA SER F 287 -3.73 -0.58 -30.28
C SER F 287 -2.54 0.35 -30.50
N GLY F 288 -2.85 1.59 -30.79
CA GLY F 288 -1.79 2.58 -30.96
C GLY F 288 -2.28 3.99 -30.96
N ILE F 289 -1.34 4.90 -30.77
CA ILE F 289 -1.63 6.32 -30.77
C ILE F 289 -0.61 6.98 -31.70
N ALA F 290 -1.08 7.43 -32.87
CA ALA F 290 -0.24 8.15 -33.81
C ALA F 290 -0.05 9.60 -33.37
N ILE F 291 1.19 10.07 -33.33
CA ILE F 291 1.45 11.41 -32.82
C ILE F 291 2.11 12.26 -33.87
N LYS F 292 1.71 13.53 -33.84
CA LYS F 292 2.20 14.53 -34.74
C LYS F 292 3.01 15.50 -33.95
N LEU F 293 4.05 16.01 -34.59
CA LEU F 293 4.99 16.94 -33.98
C LEU F 293 4.41 18.36 -34.02
N ALA F 294 4.58 19.09 -32.93
CA ALA F 294 4.05 20.43 -32.86
C ALA F 294 4.96 21.38 -33.59
N THR F 295 4.41 22.50 -34.06
CA THR F 295 5.12 23.44 -34.96
C THR F 295 6.41 23.94 -34.33
N GLY F 296 7.52 23.73 -35.03
CA GLY F 296 8.84 24.07 -34.50
C GLY F 296 9.42 23.14 -33.45
N ALA F 297 8.75 22.04 -33.13
CA ALA F 297 9.41 21.01 -32.34
C ALA F 297 10.40 20.29 -33.24
N ASN F 298 11.28 19.53 -32.61
CA ASN F 298 12.41 18.90 -33.23
C ASN F 298 12.17 17.38 -33.21
N ALA F 299 11.83 16.79 -34.35
CA ALA F 299 11.62 15.37 -34.43
C ALA F 299 12.51 14.60 -33.45
N LEU F 300 13.84 14.61 -33.64
CA LEU F 300 14.76 13.83 -32.75
C LEU F 300 14.53 14.10 -31.25
N ASP F 301 14.59 15.37 -30.84
CA ASP F 301 14.33 15.74 -29.46
C ASP F 301 12.95 15.25 -28.96
N THR F 302 11.89 15.43 -29.76
CA THR F 302 10.54 14.91 -29.45
C THR F 302 10.48 13.40 -29.31
N ALA F 303 11.06 12.71 -30.29
CA ALA F 303 11.12 11.24 -30.32
C ALA F 303 11.94 10.66 -29.17
N LYS F 304 12.89 11.43 -28.65
CA LYS F 304 13.67 11.05 -27.48
C LYS F 304 12.81 11.20 -26.23
N ALA F 305 12.22 12.39 -26.05
CA ALA F 305 11.35 12.71 -24.91
C ALA F 305 10.13 11.78 -24.84
N ILE F 306 9.54 11.51 -26.00
CA ILE F 306 8.43 10.55 -26.10
C ILE F 306 8.88 9.15 -25.61
N ARG F 307 10.12 8.77 -25.86
CA ARG F 307 10.66 7.50 -25.30
C ARG F 307 11.06 7.57 -23.83
N GLN F 308 11.44 8.75 -23.36
CA GLN F 308 11.57 8.97 -21.93
C GLN F 308 10.23 8.80 -21.17
N THR F 309 9.14 9.26 -21.77
CA THR F 309 7.82 9.22 -21.12
C THR F 309 7.29 7.79 -21.00
N ILE F 310 7.25 7.06 -22.12
CA ILE F 310 6.84 5.64 -22.09
C ILE F 310 7.76 4.79 -21.23
N ALA F 311 9.00 5.22 -21.06
CA ALA F 311 9.94 4.53 -20.17
C ALA F 311 9.63 4.66 -18.66
N ASN F 312 8.81 5.64 -18.27
CA ASN F 312 8.30 5.76 -16.88
C ASN F 312 6.95 5.09 -16.64
N LEU F 313 6.41 4.44 -17.69
CA LEU F 313 5.09 3.81 -17.64
C LEU F 313 5.11 2.29 -17.92
N GLU F 314 6.25 1.75 -18.36
CA GLU F 314 6.46 0.31 -18.46
C GLU F 314 6.44 -0.39 -17.09
N PRO F 315 7.17 0.14 -16.08
CA PRO F 315 7.11 -0.51 -14.77
C PRO F 315 5.74 -0.39 -14.03
N PHE F 316 4.71 0.06 -14.76
CA PHE F 316 3.34 0.14 -14.26
C PHE F 316 2.37 -0.71 -15.10
N MET F 317 2.79 -1.17 -16.28
CA MET F 317 1.88 -1.84 -17.22
C MET F 317 1.47 -3.22 -16.73
N PRO F 318 0.28 -3.70 -17.15
CA PRO F 318 -0.16 -5.03 -16.74
C PRO F 318 0.75 -6.16 -17.24
N GLN F 319 0.24 -7.38 -17.07
CA GLN F 319 0.82 -8.65 -17.53
C GLN F 319 1.95 -8.49 -18.55
N GLY F 320 1.60 -8.40 -19.83
CA GLY F 320 2.58 -8.22 -20.89
C GLY F 320 1.93 -7.55 -22.07
N MET F 321 2.22 -6.26 -22.26
CA MET F 321 1.74 -5.53 -23.43
C MET F 321 2.89 -4.83 -24.16
N LYS F 322 4.12 -5.27 -23.92
CA LYS F 322 5.34 -4.56 -24.36
C LYS F 322 5.08 -3.63 -25.56
N VAL F 323 5.20 -2.33 -25.32
CA VAL F 323 5.09 -1.30 -26.35
C VAL F 323 6.00 -1.57 -27.59
N VAL F 324 5.37 -1.79 -28.75
CA VAL F 324 6.07 -1.76 -30.03
C VAL F 324 6.06 -0.32 -30.58
N TYR F 325 6.85 -0.09 -31.62
CA TYR F 325 6.90 1.20 -32.31
C TYR F 325 6.79 0.91 -33.79
N PRO F 326 5.58 0.76 -34.31
CA PRO F 326 5.47 0.42 -35.72
C PRO F 326 5.97 1.55 -36.61
N TYR F 327 5.18 2.60 -36.83
CA TYR F 327 5.67 3.71 -37.64
C TYR F 327 6.56 4.67 -36.83
N ASP F 328 7.78 4.88 -37.32
CA ASP F 328 8.72 5.86 -36.75
C ASP F 328 9.61 6.46 -37.85
N THR F 329 9.45 7.77 -38.05
CA THR F 329 10.25 8.58 -38.97
C THR F 329 11.65 8.94 -38.49
N THR F 330 11.75 9.32 -37.23
CA THR F 330 13.03 9.58 -36.51
C THR F 330 14.35 8.97 -37.06
N PRO F 331 14.45 7.63 -37.24
CA PRO F 331 15.72 7.01 -37.74
C PRO F 331 16.20 7.50 -39.12
N VAL F 332 15.25 7.87 -39.94
CA VAL F 332 15.47 8.31 -41.30
C VAL F 332 16.11 9.69 -41.29
N VAL F 333 15.93 10.42 -40.19
CA VAL F 333 16.59 11.69 -39.99
C VAL F 333 18.07 11.45 -39.73
N SER F 334 18.33 10.66 -38.66
CA SER F 334 19.67 10.35 -38.17
C SER F 334 20.53 9.76 -39.26
N ALA F 335 19.94 8.84 -40.01
CA ALA F 335 20.61 8.25 -41.14
C ALA F 335 21.06 9.27 -42.20
N SER F 336 20.18 10.21 -42.58
CA SER F 336 20.50 11.24 -43.59
C SER F 336 21.66 12.10 -43.12
N ILE F 337 21.54 12.57 -41.87
CA ILE F 337 22.56 13.37 -41.23
C ILE F 337 23.86 12.59 -41.19
N HIS F 338 23.81 11.33 -40.79
CA HIS F 338 25.03 10.55 -40.71
C HIS F 338 25.70 10.44 -42.08
N GLU F 339 24.94 10.17 -43.14
CA GLU F 339 25.51 10.00 -44.48
C GLU F 339 26.14 11.30 -44.97
N VAL F 340 25.40 12.39 -44.85
CA VAL F 340 25.90 13.71 -45.22
C VAL F 340 27.15 14.11 -44.39
N VAL F 341 27.13 13.87 -43.09
CA VAL F 341 28.39 14.03 -42.31
C VAL F 341 29.52 13.12 -42.82
N LYS F 342 29.18 11.91 -43.23
CA LYS F 342 30.15 11.02 -43.85
C LYS F 342 30.70 11.69 -45.11
N THR F 343 29.81 12.17 -45.98
CA THR F 343 30.26 12.77 -47.28
C THR F 343 31.06 14.01 -47.06
N LEU F 344 30.71 14.74 -45.99
CA LEU F 344 31.44 15.92 -45.56
C LEU F 344 32.89 15.57 -45.37
N GLY F 345 33.15 14.52 -44.58
CA GLY F 345 34.52 14.10 -44.29
C GLY F 345 35.24 13.50 -45.48
N GLU F 346 34.50 12.79 -46.34
CA GLU F 346 35.08 12.24 -47.56
C GLU F 346 35.59 13.36 -48.42
N ALA F 347 34.76 14.39 -48.54
CA ALA F 347 35.11 15.59 -49.32
C ALA F 347 36.32 16.40 -48.83
N ILE F 348 36.50 16.54 -47.51
CA ILE F 348 37.71 17.23 -47.00
C ILE F 348 38.96 16.36 -47.24
N LEU F 349 38.83 15.06 -47.10
CA LEU F 349 39.89 14.13 -47.54
C LEU F 349 40.25 14.25 -49.01
N LEU F 350 39.26 14.22 -49.90
CA LEU F 350 39.54 14.23 -51.33
C LEU F 350 40.19 15.52 -51.76
N VAL F 351 39.94 16.59 -51.01
CA VAL F 351 40.41 17.94 -51.38
C VAL F 351 41.83 18.14 -50.90
N PHE F 352 42.08 17.61 -49.72
CA PHE F 352 43.44 17.50 -49.24
C PHE F 352 44.35 16.75 -50.24
N LEU F 353 43.89 15.62 -50.74
CA LEU F 353 44.69 14.85 -51.70
C LEU F 353 44.93 15.59 -53.01
N VAL F 354 43.95 16.34 -53.49
CA VAL F 354 44.17 17.14 -54.72
C VAL F 354 45.15 18.27 -54.48
N MET F 355 45.01 18.98 -53.36
CA MET F 355 45.97 20.05 -53.04
C MET F 355 47.39 19.51 -52.84
N TYR F 356 47.47 18.28 -52.35
CA TYR F 356 48.75 17.58 -52.24
C TYR F 356 49.38 17.26 -53.61
N LEU F 357 48.60 16.75 -54.55
CA LEU F 357 49.04 16.55 -55.95
C LEU F 357 49.89 17.73 -56.46
N PHE F 358 49.47 18.96 -56.22
CA PHE F 358 50.12 20.16 -56.80
C PHE F 358 51.11 20.84 -55.85
N LEU F 359 51.02 20.57 -54.56
CA LEU F 359 51.93 21.20 -53.58
C LEU F 359 52.96 20.23 -53.03
N GLN F 360 52.68 18.95 -53.21
CA GLN F 360 53.63 17.86 -53.04
C GLN F 360 54.55 18.14 -51.85
N ASN F 361 53.93 18.19 -50.68
CA ASN F 361 54.57 18.48 -49.40
C ASN F 361 53.48 18.48 -48.32
N PHE F 362 53.56 17.58 -47.34
CA PHE F 362 52.67 17.66 -46.17
C PHE F 362 53.14 18.79 -45.26
N ARG F 363 52.69 20.00 -45.56
CA ARG F 363 53.01 21.20 -44.77
C ARG F 363 52.61 22.44 -45.54
N ALA F 364 52.91 22.47 -46.85
CA ALA F 364 52.33 23.41 -47.79
C ALA F 364 50.85 23.10 -48.03
N THR F 365 50.51 21.81 -48.04
CA THR F 365 49.12 21.37 -48.19
C THR F 365 48.32 21.62 -46.91
N LEU F 366 49.02 21.61 -45.81
CA LEU F 366 48.39 21.82 -44.53
C LEU F 366 47.87 23.26 -44.40
N ILE F 367 48.57 24.20 -45.02
CA ILE F 367 48.18 25.62 -45.02
C ILE F 367 46.73 25.86 -45.49
N PRO F 368 46.38 25.47 -46.73
CA PRO F 368 45.00 25.58 -47.14
C PRO F 368 44.04 24.72 -46.31
N THR F 369 44.48 23.54 -45.89
CA THR F 369 43.60 22.64 -45.15
C THR F 369 43.19 23.21 -43.79
N ILE F 370 44.12 23.84 -43.08
CA ILE F 370 43.82 24.58 -41.82
C ILE F 370 42.58 25.42 -41.97
N ALA F 371 42.43 26.05 -43.13
CA ALA F 371 41.23 26.86 -43.41
C ALA F 371 39.87 26.13 -43.31
N VAL F 372 39.84 24.80 -43.49
CA VAL F 372 38.60 24.02 -43.42
C VAL F 372 37.95 24.07 -42.03
N PRO F 373 38.65 23.58 -40.99
CA PRO F 373 38.04 23.72 -39.67
C PRO F 373 37.64 25.18 -39.27
N VAL F 374 38.41 26.18 -39.69
CA VAL F 374 38.15 27.56 -39.23
C VAL F 374 36.97 28.17 -39.98
N VAL F 375 36.89 27.93 -41.27
CA VAL F 375 35.69 28.35 -42.02
C VAL F 375 34.45 27.59 -41.55
N LEU F 376 34.49 26.26 -41.51
CA LEU F 376 33.31 25.46 -41.15
C LEU F 376 32.75 25.75 -39.77
N LEU F 377 33.57 25.62 -38.73
CA LEU F 377 33.12 25.90 -37.37
C LEU F 377 32.58 27.33 -37.34
N GLY F 378 33.28 28.26 -37.99
CA GLY F 378 32.81 29.63 -38.05
C GLY F 378 31.42 29.76 -38.65
N THR F 379 31.17 29.11 -39.78
CA THR F 379 29.85 29.15 -40.38
C THR F 379 28.83 28.46 -39.46
N PHE F 380 29.22 27.45 -38.68
CA PHE F 380 28.33 26.94 -37.58
C PHE F 380 27.90 28.07 -36.60
N GLY F 381 28.86 28.92 -36.24
CA GLY F 381 28.59 30.05 -35.39
C GLY F 381 27.58 31.01 -35.99
N VAL F 382 27.73 31.34 -37.28
CA VAL F 382 26.78 32.24 -37.98
C VAL F 382 25.35 31.66 -38.05
N LEU F 383 25.24 30.36 -38.32
CA LEU F 383 23.95 29.66 -38.33
C LEU F 383 23.21 29.86 -37.01
N ALA F 384 23.99 29.68 -35.94
CA ALA F 384 23.46 29.75 -34.60
C ALA F 384 23.03 31.15 -34.29
N ALA F 385 23.85 32.13 -34.68
CA ALA F 385 23.52 33.53 -34.45
C ALA F 385 22.22 33.92 -35.14
N PHE F 386 21.99 33.35 -36.33
CA PHE F 386 20.85 33.73 -37.16
C PHE F 386 19.66 32.80 -37.00
N GLY F 387 19.77 31.83 -36.10
CA GLY F 387 18.64 30.99 -35.73
C GLY F 387 18.46 29.78 -36.61
N PHE F 388 19.39 29.52 -37.54
CA PHE F 388 19.29 28.34 -38.42
C PHE F 388 19.57 27.05 -37.67
N SER F 389 19.40 25.93 -38.35
CA SER F 389 19.68 24.61 -37.78
C SER F 389 20.63 23.78 -38.61
N ILE F 390 21.18 22.74 -37.96
CA ILE F 390 21.92 21.71 -38.67
C ILE F 390 20.86 20.84 -39.35
N ASN F 391 20.89 20.78 -40.67
CA ASN F 391 19.98 19.93 -41.39
C ASN F 391 20.60 19.55 -42.75
N THR F 392 19.89 18.74 -43.52
CA THR F 392 20.33 18.24 -44.81
C THR F 392 20.87 19.35 -45.68
N LEU F 393 20.07 20.39 -45.87
CA LEU F 393 20.39 21.44 -46.83
C LEU F 393 21.51 22.34 -46.33
N THR F 394 21.48 22.63 -45.05
CA THR F 394 22.53 23.38 -44.39
C THR F 394 23.89 22.68 -44.49
N MET F 395 23.91 21.36 -44.26
CA MET F 395 25.12 20.53 -44.50
C MET F 395 25.55 20.46 -45.98
N PHE F 396 24.60 20.43 -46.92
CA PHE F 396 24.93 20.41 -48.35
C PHE F 396 25.75 21.61 -48.68
N GLY F 397 25.27 22.77 -48.25
CA GLY F 397 25.95 24.02 -48.51
C GLY F 397 27.37 23.98 -48.05
N MET F 398 27.52 23.40 -46.85
CA MET F 398 28.82 23.22 -46.19
C MET F 398 29.75 22.29 -46.98
N VAL F 399 29.16 21.22 -47.50
CA VAL F 399 29.81 20.29 -48.45
C VAL F 399 30.13 20.96 -49.78
N LEU F 400 29.22 21.69 -50.40
CA LEU F 400 29.58 22.55 -51.56
C LEU F 400 30.74 23.52 -51.22
N ALA F 401 30.75 24.07 -50.02
CA ALA F 401 31.73 25.08 -49.64
C ALA F 401 33.15 24.54 -49.49
N ILE F 402 33.33 23.27 -49.11
CA ILE F 402 34.70 22.77 -48.86
C ILE F 402 35.65 23.12 -49.99
N GLY F 403 35.20 22.98 -51.23
CA GLY F 403 36.02 23.21 -52.42
C GLY F 403 36.04 24.67 -52.87
N LEU F 404 35.09 25.46 -52.35
CA LEU F 404 35.13 26.92 -52.52
C LEU F 404 35.99 27.62 -51.47
N LEU F 405 35.74 27.38 -50.19
CA LEU F 405 36.41 28.11 -49.09
C LEU F 405 37.94 28.12 -49.16
N VAL F 406 38.53 27.00 -49.61
CA VAL F 406 39.99 26.89 -49.82
C VAL F 406 40.51 27.68 -51.04
N ASP F 407 39.65 28.24 -51.88
CA ASP F 407 40.16 28.86 -53.10
C ASP F 407 41.07 30.02 -52.80
N ASP F 408 40.55 31.05 -52.15
CA ASP F 408 41.37 32.17 -51.74
C ASP F 408 42.69 31.71 -51.08
N ALA F 409 42.62 30.74 -50.16
CA ALA F 409 43.85 30.23 -49.51
C ALA F 409 44.86 29.58 -50.44
N ILE F 410 44.39 28.72 -51.38
CA ILE F 410 45.33 28.08 -52.34
C ILE F 410 45.95 29.13 -53.25
N VAL F 411 45.15 30.13 -53.65
CA VAL F 411 45.62 31.24 -54.48
C VAL F 411 46.79 31.99 -53.85
N VAL F 412 46.85 31.97 -52.53
CA VAL F 412 47.95 32.54 -51.77
C VAL F 412 49.18 31.63 -51.66
N VAL F 413 49.00 30.35 -51.32
CA VAL F 413 50.15 29.42 -51.23
C VAL F 413 50.80 29.29 -52.60
N GLU F 414 49.98 29.20 -53.65
CA GLU F 414 50.45 29.04 -55.03
C GLU F 414 51.24 30.26 -55.47
N ASN F 415 50.63 31.45 -55.37
CA ASN F 415 51.27 32.69 -55.76
C ASN F 415 52.56 32.90 -54.97
N VAL F 416 52.61 32.46 -53.72
CA VAL F 416 53.88 32.49 -52.99
C VAL F 416 54.86 31.45 -53.52
N GLU F 417 54.43 30.21 -53.71
CA GLU F 417 55.28 29.22 -54.39
C GLU F 417 55.83 29.76 -55.73
N ARG F 418 55.01 30.44 -56.51
CA ARG F 418 55.41 30.95 -57.80
C ARG F 418 56.49 32.00 -57.61
N VAL F 419 56.13 33.09 -56.93
CA VAL F 419 57.04 34.21 -56.63
C VAL F 419 58.32 33.69 -55.98
N MET F 420 58.15 32.80 -55.01
CA MET F 420 59.30 32.23 -54.30
C MET F 420 60.25 31.43 -55.18
N ALA F 421 59.75 30.86 -56.28
CA ALA F 421 60.62 30.24 -57.30
C ALA F 421 61.13 31.37 -58.21
N GLU F 422 60.62 31.51 -59.43
CA GLU F 422 60.84 32.69 -60.32
C GLU F 422 61.89 33.69 -59.81
N GLU F 423 61.60 34.42 -58.72
CA GLU F 423 62.54 35.40 -58.13
C GLU F 423 63.60 34.85 -57.17
N GLY F 424 63.22 33.98 -56.26
CA GLY F 424 64.18 33.45 -55.27
C GLY F 424 64.21 34.21 -53.95
N LEU F 425 63.08 34.80 -53.58
CA LEU F 425 62.88 35.45 -52.28
C LEU F 425 62.68 34.41 -51.17
N SER F 426 62.77 34.89 -49.93
CA SER F 426 62.42 34.09 -48.77
C SER F 426 60.89 33.89 -48.74
N PRO F 427 60.41 32.91 -47.94
CA PRO F 427 58.97 32.77 -47.75
C PRO F 427 58.29 34.08 -47.34
N ARG F 428 58.85 34.74 -46.34
CA ARG F 428 58.29 35.97 -45.80
C ARG F 428 58.27 37.06 -46.86
N GLU F 429 59.39 37.20 -47.56
CA GLU F 429 59.50 38.23 -48.59
C GLU F 429 58.50 37.92 -49.72
N ALA F 430 58.44 36.64 -50.09
CA ALA F 430 57.46 36.14 -51.07
C ALA F 430 55.98 36.35 -50.63
N ALA F 431 55.67 36.06 -49.37
CA ALA F 431 54.33 36.32 -48.83
C ALA F 431 53.90 37.79 -48.90
N ARG F 432 54.82 38.69 -48.59
CA ARG F 432 54.50 40.11 -48.56
C ARG F 432 54.37 40.68 -49.97
N LYS F 433 55.21 40.21 -50.87
CA LYS F 433 55.08 40.53 -52.29
C LYS F 433 53.72 40.04 -52.84
N SER F 434 53.34 38.83 -52.45
CA SER F 434 52.15 38.20 -52.97
C SER F 434 50.85 38.94 -52.61
N MET F 435 50.76 39.45 -51.39
CA MET F 435 49.56 40.18 -50.97
C MET F 435 49.23 41.38 -51.83
N GLY F 436 50.24 42.21 -52.13
CA GLY F 436 50.11 43.29 -53.12
C GLY F 436 49.48 42.75 -54.39
N GLN F 437 50.17 41.79 -55.00
CA GLN F 437 49.72 41.13 -56.23
C GLN F 437 48.25 40.67 -56.21
N ILE F 438 47.87 39.86 -55.23
CA ILE F 438 46.64 39.06 -55.28
C ILE F 438 45.42 39.57 -54.48
N GLN F 439 45.62 40.48 -53.54
CA GLN F 439 44.50 41.11 -52.83
C GLN F 439 43.22 41.18 -53.66
N GLY F 440 43.33 41.66 -54.89
CA GLY F 440 42.18 41.90 -55.77
C GLY F 440 41.33 40.69 -56.13
N ALA F 441 41.99 39.56 -56.44
CA ALA F 441 41.26 38.33 -56.73
C ALA F 441 40.56 37.84 -55.46
N LEU F 442 41.30 37.70 -54.38
CA LEU F 442 40.77 37.21 -53.10
C LEU F 442 39.38 37.75 -52.80
N VAL F 443 39.31 39.07 -52.78
CA VAL F 443 38.04 39.75 -52.53
C VAL F 443 37.10 39.41 -53.70
N GLY F 444 37.56 39.67 -54.91
CA GLY F 444 36.84 39.24 -56.10
C GLY F 444 36.08 37.92 -56.00
N ILE F 445 36.82 36.82 -55.81
CA ILE F 445 36.23 35.49 -55.92
C ILE F 445 35.28 35.31 -54.74
N ALA F 446 35.68 35.78 -53.55
CA ALA F 446 34.83 35.70 -52.37
C ALA F 446 33.55 36.45 -52.53
N MET F 447 33.61 37.56 -53.24
CA MET F 447 32.45 38.40 -53.43
C MET F 447 31.48 37.89 -54.50
N VAL F 448 31.98 37.44 -55.67
CA VAL F 448 31.09 36.87 -56.72
C VAL F 448 30.32 35.69 -56.13
N LEU F 449 31.00 34.77 -55.49
CA LEU F 449 30.31 33.66 -54.90
C LEU F 449 29.28 34.06 -53.86
N SER F 450 29.39 35.20 -53.19
CA SER F 450 28.34 35.65 -52.24
C SER F 450 27.20 36.36 -52.92
N ALA F 451 27.54 37.17 -53.90
CA ALA F 451 26.58 37.89 -54.70
C ALA F 451 25.51 36.97 -55.31
N VAL F 452 25.95 35.81 -55.81
CA VAL F 452 25.03 34.89 -56.47
C VAL F 452 24.04 34.31 -55.48
N PHE F 453 24.46 34.15 -54.23
CA PHE F 453 23.61 33.51 -53.23
C PHE F 453 22.72 34.44 -52.44
N LEU F 454 22.76 35.73 -52.75
CA LEU F 454 21.98 36.68 -51.97
C LEU F 454 20.60 36.77 -52.45
N PRO F 455 20.35 37.11 -53.71
CA PRO F 455 18.94 37.28 -54.03
C PRO F 455 18.06 36.08 -53.67
N MET F 456 18.55 34.85 -53.79
CA MET F 456 17.71 33.67 -53.51
C MET F 456 17.11 33.65 -52.12
N ALA F 457 17.83 34.25 -51.17
CA ALA F 457 17.40 34.31 -49.75
C ALA F 457 16.12 35.12 -49.55
N PHE F 458 15.82 35.98 -50.50
CA PHE F 458 14.61 36.80 -50.43
C PHE F 458 13.34 36.24 -51.12
N PHE F 459 13.40 35.05 -51.73
CA PHE F 459 12.23 34.52 -52.41
C PHE F 459 11.28 33.86 -51.42
N GLY F 460 10.00 33.94 -51.69
CA GLY F 460 8.99 33.34 -50.84
C GLY F 460 8.85 31.93 -51.30
N GLY F 461 7.74 31.34 -50.94
CA GLY F 461 7.44 30.02 -51.40
C GLY F 461 7.73 28.99 -50.36
N SER F 462 8.97 28.56 -50.26
CA SER F 462 9.28 27.20 -49.80
C SER F 462 10.56 26.87 -50.49
N THR F 463 10.62 27.18 -51.77
CA THR F 463 11.88 27.27 -52.45
C THR F 463 12.75 28.23 -51.62
N GLY F 464 12.17 29.38 -51.33
CA GLY F 464 12.81 30.35 -50.44
C GLY F 464 13.43 29.80 -49.17
N VAL F 465 12.66 29.00 -48.46
CA VAL F 465 13.16 28.32 -47.29
C VAL F 465 14.34 27.48 -47.62
N ILE F 466 14.23 26.62 -48.65
CA ILE F 466 15.39 25.75 -48.96
C ILE F 466 16.57 26.64 -49.38
N TYR F 467 16.29 27.64 -50.20
CA TYR F 467 17.33 28.52 -50.70
C TYR F 467 18.13 29.20 -49.58
N ARG F 468 17.44 29.76 -48.61
CA ARG F 468 18.10 30.45 -47.50
C ARG F 468 19.10 29.57 -46.78
N GLN F 469 18.75 28.27 -46.67
CA GLN F 469 19.63 27.27 -46.08
C GLN F 469 20.98 27.35 -46.78
N PHE F 470 21.00 27.33 -48.10
CA PHE F 470 22.26 27.49 -48.84
C PHE F 470 22.90 28.87 -48.73
N SER F 471 22.12 29.95 -48.79
CA SER F 471 22.67 31.32 -48.75
C SER F 471 23.44 31.59 -47.50
N ILE F 472 22.82 31.25 -46.38
CA ILE F 472 23.42 31.62 -45.11
C ILE F 472 24.81 31.00 -44.96
N THR F 473 24.92 29.77 -45.40
CA THR F 473 26.11 28.97 -45.20
C THR F 473 27.19 29.25 -46.27
N ILE F 474 26.82 29.62 -47.47
CA ILE F 474 27.81 29.92 -48.50
C ILE F 474 28.34 31.35 -48.41
N VAL F 475 27.47 32.35 -48.23
CA VAL F 475 28.00 33.71 -48.04
C VAL F 475 28.92 33.70 -46.79
N SER F 476 28.47 33.05 -45.72
CA SER F 476 29.25 32.95 -44.52
C SER F 476 30.60 32.37 -44.82
N ALA F 477 30.55 31.18 -45.43
CA ALA F 477 31.74 30.41 -45.73
C ALA F 477 32.65 31.19 -46.60
N MET F 478 32.10 31.96 -47.53
CA MET F 478 32.88 32.79 -48.45
C MET F 478 33.54 33.98 -47.79
N ALA F 479 32.85 34.64 -46.85
CA ALA F 479 33.41 35.80 -46.15
C ALA F 479 34.51 35.37 -45.21
N LEU F 480 34.19 34.36 -44.41
CA LEU F 480 35.21 33.73 -43.60
C LEU F 480 36.44 33.33 -44.47
N SER F 481 36.19 32.76 -45.63
CA SER F 481 37.24 32.20 -46.46
C SER F 481 38.25 33.26 -46.79
N VAL F 482 37.77 34.42 -47.21
CA VAL F 482 38.63 35.56 -47.57
C VAL F 482 39.27 36.19 -46.34
N ILE F 483 38.50 36.28 -45.25
CA ILE F 483 39.04 36.79 -44.00
C ILE F 483 40.33 36.05 -43.66
N VAL F 484 40.28 34.71 -43.68
CA VAL F 484 41.40 33.88 -43.21
C VAL F 484 42.52 33.81 -44.22
N ALA F 485 42.22 33.86 -45.52
CA ALA F 485 43.28 34.04 -46.52
C ALA F 485 44.01 35.41 -46.40
N LEU F 486 43.36 36.37 -45.75
CA LEU F 486 43.93 37.69 -45.54
C LEU F 486 44.74 37.77 -44.27
N ILE F 487 44.37 36.98 -43.26
CA ILE F 487 44.95 37.10 -41.92
C ILE F 487 45.91 35.94 -41.59
N LEU F 488 45.39 34.73 -41.64
CA LEU F 488 46.08 33.51 -41.23
C LEU F 488 46.99 32.98 -42.35
N THR F 489 46.44 32.85 -43.55
CA THR F 489 47.14 32.12 -44.60
C THR F 489 48.50 32.69 -44.91
N PRO F 490 48.62 34.02 -45.11
CA PRO F 490 49.93 34.57 -45.44
C PRO F 490 50.94 34.35 -44.34
N ALA F 491 50.50 34.54 -43.09
CA ALA F 491 51.35 34.24 -41.95
C ALA F 491 51.82 32.79 -41.99
N LEU F 492 50.91 31.86 -42.11
CA LEU F 492 51.30 30.46 -42.24
C LEU F 492 52.30 30.17 -43.39
N CYS F 493 52.14 30.83 -44.54
CA CYS F 493 53.09 30.64 -45.64
C CYS F 493 54.52 30.97 -45.23
N ALA F 494 54.70 32.15 -44.65
CA ALA F 494 56.05 32.63 -44.27
C ALA F 494 56.64 31.77 -43.16
N THR F 495 55.76 31.28 -42.28
CA THR F 495 56.09 30.37 -41.19
C THR F 495 56.32 28.89 -41.59
N MET F 496 55.48 28.32 -42.44
CA MET F 496 55.47 26.86 -42.72
C MET F 496 56.05 26.40 -44.09
N LEU F 497 56.18 27.32 -45.03
CA LEU F 497 56.71 26.98 -46.34
C LEU F 497 58.26 27.05 -46.31
N LYS F 498 58.90 25.91 -46.58
CA LYS F 498 60.33 25.82 -46.90
C LYS F 498 60.73 26.46 -48.25
N PRO F 499 61.90 27.17 -48.33
CA PRO F 499 62.46 27.87 -49.52
C PRO F 499 62.49 27.06 -50.79
N ILE F 500 62.41 27.72 -51.95
CA ILE F 500 62.39 27.00 -53.26
C ILE F 500 63.34 27.63 -54.32
N GLU F 501 64.52 28.11 -53.91
CA GLU F 501 65.59 28.55 -54.84
C GLU F 501 65.19 29.05 -56.24
N LYS F 502 65.70 30.22 -56.65
CA LYS F 502 65.30 30.84 -57.94
C LYS F 502 65.41 29.86 -59.10
N GLY F 503 64.79 30.20 -60.23
CA GLY F 503 64.91 29.37 -61.45
C GLY F 503 64.57 27.88 -61.32
N ASP F 504 64.05 27.46 -60.16
CA ASP F 504 63.53 26.11 -59.98
C ASP F 504 62.25 25.87 -60.83
N HIS F 505 61.96 26.74 -61.82
CA HIS F 505 61.00 26.49 -62.93
C HIS F 505 60.19 25.20 -62.71
N GLY F 506 59.26 25.25 -61.76
CA GLY F 506 58.51 24.07 -61.34
C GLY F 506 59.31 23.17 -60.41
N GLU F 507 59.23 21.86 -60.65
CA GLU F 507 59.87 20.83 -59.80
C GLU F 507 60.40 19.70 -60.72
N HIS F 508 61.56 19.96 -61.35
CA HIS F 508 62.21 19.10 -62.37
C HIS F 508 62.49 17.68 -61.85
N LYS F 509 63.27 17.61 -60.76
CA LYS F 509 63.69 16.36 -60.09
C LYS F 509 62.51 15.68 -59.43
N GLY F 510 62.30 14.41 -59.74
CA GLY F 510 61.34 13.60 -59.01
C GLY F 510 61.00 12.25 -59.60
N GLY F 511 60.41 11.40 -58.76
CA GLY F 511 59.91 10.09 -59.17
C GLY F 511 58.50 10.18 -59.73
N PHE F 512 57.53 10.39 -58.84
CA PHE F 512 56.08 10.34 -59.18
C PHE F 512 55.56 11.74 -59.55
N PHE F 513 55.85 12.70 -58.67
CA PHE F 513 55.52 14.11 -58.88
C PHE F 513 56.30 14.74 -60.03
N GLY F 514 57.62 14.53 -60.04
CA GLY F 514 58.50 14.92 -61.14
C GLY F 514 57.84 14.92 -62.50
N TRP F 515 57.13 13.82 -62.82
CA TRP F 515 56.43 13.70 -64.12
C TRP F 515 55.32 14.75 -64.26
N PHE F 516 54.53 14.89 -63.20
CA PHE F 516 53.40 15.83 -63.16
C PHE F 516 53.85 17.27 -63.45
N ASN F 517 54.83 17.75 -62.69
CA ASN F 517 55.32 19.13 -62.81
C ASN F 517 55.70 19.53 -64.22
N ARG F 518 56.36 18.62 -64.94
CA ARG F 518 56.77 18.86 -66.32
C ARG F 518 55.63 18.67 -67.32
N MET F 519 54.79 17.65 -67.11
CA MET F 519 53.56 17.45 -67.92
C MET F 519 52.63 18.64 -67.77
N PHE F 520 52.67 19.28 -66.60
CA PHE F 520 51.90 20.47 -66.34
C PHE F 520 52.65 21.74 -66.76
N LEU F 521 53.96 21.75 -66.61
CA LEU F 521 54.81 22.86 -67.11
C LEU F 521 54.66 22.98 -68.62
N SER F 522 54.79 21.84 -69.30
CA SER F 522 54.67 21.78 -70.73
C SER F 522 53.23 22.09 -71.15
N THR F 523 52.25 21.55 -70.43
CA THR F 523 50.83 21.79 -70.76
C THR F 523 50.41 23.28 -70.70
N THR F 524 50.92 24.00 -69.69
CA THR F 524 50.67 25.44 -69.52
C THR F 524 51.25 26.19 -70.72
N HIS F 525 52.43 25.75 -71.21
CA HIS F 525 53.07 26.36 -72.40
C HIS F 525 52.17 26.20 -73.61
N GLY F 526 51.69 24.96 -73.78
CA GLY F 526 50.74 24.62 -74.84
C GLY F 526 49.47 25.43 -74.76
N TYR F 527 48.95 25.53 -73.52
CA TYR F 527 47.73 26.33 -73.22
C TYR F 527 47.95 27.81 -73.55
N GLU F 528 49.09 28.33 -73.10
CA GLU F 528 49.48 29.71 -73.40
C GLU F 528 49.48 29.97 -74.90
N ARG F 529 49.99 28.98 -75.64
CA ARG F 529 50.16 29.09 -77.10
C ARG F 529 48.82 29.02 -77.82
N GLY F 530 47.86 28.28 -77.27
CA GLY F 530 46.48 28.28 -77.76
C GLY F 530 45.69 29.57 -77.60
N VAL F 531 45.86 30.22 -76.44
CA VAL F 531 45.23 31.52 -76.15
C VAL F 531 45.78 32.56 -77.13
N ALA F 532 47.10 32.62 -77.30
CA ALA F 532 47.74 33.56 -78.24
C ALA F 532 47.16 33.45 -79.66
N SER F 533 46.94 32.20 -80.09
CA SER F 533 46.25 31.92 -81.35
C SER F 533 44.77 32.40 -81.38
N ILE F 534 43.93 31.86 -80.48
CA ILE F 534 42.52 32.32 -80.36
C ILE F 534 42.42 33.83 -80.43
N LEU F 535 43.35 34.53 -79.77
CA LEU F 535 43.43 36.00 -79.78
C LEU F 535 43.69 36.60 -81.16
N LYS F 536 44.60 35.97 -81.95
CA LYS F 536 44.82 36.29 -83.38
C LYS F 536 43.61 36.07 -84.30
N HIS F 537 42.70 35.15 -83.97
CA HIS F 537 41.51 34.94 -84.80
C HIS F 537 40.26 35.01 -83.97
N ARG F 538 40.01 36.19 -83.41
CA ARG F 538 38.80 36.42 -82.66
C ARG F 538 37.62 35.83 -83.45
N ALA F 539 37.24 36.57 -84.50
CA ALA F 539 36.28 36.16 -85.51
C ALA F 539 35.48 34.87 -85.25
N PRO F 540 36.03 33.68 -85.65
CA PRO F 540 35.18 32.49 -85.56
C PRO F 540 34.91 31.93 -84.16
N TYR F 541 35.95 31.89 -83.31
CA TYR F 541 35.81 31.39 -81.94
C TYR F 541 34.66 32.06 -81.16
N LEU F 542 34.37 33.32 -81.50
CA LEU F 542 33.14 33.96 -81.12
C LEU F 542 31.89 33.33 -81.75
N LEU F 543 31.95 32.96 -83.02
CA LEU F 543 30.80 32.32 -83.69
C LEU F 543 30.39 30.99 -83.07
N ILE F 544 31.36 30.23 -82.58
CA ILE F 544 31.05 28.95 -81.92
C ILE F 544 30.47 29.22 -80.52
N TYR F 545 30.93 30.29 -79.85
CA TYR F 545 30.29 30.79 -78.60
C TYR F 545 28.78 30.97 -78.78
N VAL F 546 28.39 31.53 -79.91
CA VAL F 546 26.97 31.70 -80.25
C VAL F 546 26.30 30.30 -80.46
N VAL F 547 27.04 29.35 -81.04
CA VAL F 547 26.55 27.95 -81.16
C VAL F 547 26.28 27.38 -79.75
N ILE F 548 27.29 27.47 -78.88
CA ILE F 548 27.19 26.97 -77.47
C ILE F 548 26.00 27.59 -76.71
N VAL F 549 25.92 28.91 -76.71
CA VAL F 549 24.80 29.64 -76.09
C VAL F 549 23.46 29.09 -76.60
N ALA F 550 23.37 28.92 -77.93
CA ALA F 550 22.15 28.38 -78.57
C ALA F 550 21.87 26.98 -78.07
N GLY F 551 22.94 26.18 -78.04
CA GLY F 551 22.95 24.85 -77.40
C GLY F 551 22.39 24.89 -75.98
N MET F 552 22.98 25.70 -75.12
CA MET F 552 22.49 25.92 -73.77
C MET F 552 20.98 26.11 -73.74
N ILE F 553 20.48 27.09 -74.49
CA ILE F 553 19.04 27.33 -74.54
C ILE F 553 18.27 26.08 -75.02
N TRP F 554 18.79 25.38 -76.01
CA TRP F 554 18.09 24.22 -76.53
C TRP F 554 18.07 23.07 -75.51
N MET F 555 19.22 22.81 -74.88
CA MET F 555 19.35 21.80 -73.79
C MET F 555 18.43 22.08 -72.63
N PHE F 556 18.18 23.35 -72.39
CA PHE F 556 17.41 23.80 -71.24
C PHE F 556 15.97 23.29 -71.38
N THR F 557 15.40 23.54 -72.56
CA THR F 557 14.06 23.03 -72.93
C THR F 557 13.89 21.49 -72.89
N ARG F 558 14.96 20.73 -72.98
CA ARG F 558 14.85 19.28 -73.08
C ARG F 558 14.85 18.54 -71.72
N ILE F 559 15.23 19.22 -70.63
CA ILE F 559 15.39 18.59 -69.31
C ILE F 559 14.00 18.49 -68.64
N PRO F 560 13.60 17.30 -68.16
CA PRO F 560 12.33 17.25 -67.44
C PRO F 560 12.37 18.02 -66.09
N THR F 561 11.26 18.69 -65.76
CA THR F 561 11.16 19.49 -64.53
C THR F 561 10.67 18.65 -63.36
N ALA F 562 10.95 19.11 -62.15
CA ALA F 562 10.44 18.49 -60.93
C ALA F 562 10.62 19.44 -59.75
N PHE F 563 10.06 19.09 -58.58
CA PHE F 563 10.30 19.83 -57.34
C PHE F 563 11.49 19.28 -56.52
N LEU F 564 11.30 18.09 -55.94
CA LEU F 564 12.31 17.43 -55.09
C LEU F 564 12.53 15.99 -55.54
N PRO F 565 13.78 15.50 -55.48
CA PRO F 565 14.02 14.10 -55.82
C PRO F 565 13.34 13.10 -54.88
N ASP F 566 12.94 11.95 -55.43
CA ASP F 566 12.33 10.87 -54.64
C ASP F 566 13.40 10.25 -53.74
N GLU F 567 12.98 9.65 -52.64
CA GLU F 567 13.90 9.34 -51.58
C GLU F 567 13.47 8.09 -50.77
N ASP F 568 14.34 7.11 -50.63
CA ASP F 568 14.00 5.92 -49.89
C ASP F 568 14.13 6.30 -48.46
N GLN F 569 13.06 6.80 -47.90
CA GLN F 569 12.98 7.10 -46.47
C GLN F 569 12.52 5.90 -45.62
N GLY F 570 12.66 4.68 -46.14
CA GLY F 570 12.48 3.45 -45.36
C GLY F 570 11.11 3.23 -44.75
N VAL F 571 10.07 3.71 -45.42
CA VAL F 571 8.68 3.63 -44.98
C VAL F 571 7.75 3.69 -46.18
N LEU F 572 6.64 2.97 -46.10
CA LEU F 572 5.74 2.86 -47.24
C LEU F 572 4.32 2.95 -46.74
N PHE F 573 3.39 3.24 -47.64
CA PHE F 573 1.97 3.26 -47.26
C PHE F 573 1.13 2.41 -48.17
N ALA F 574 0.16 1.71 -47.57
CA ALA F 574 -0.91 1.03 -48.29
C ALA F 574 -2.23 1.62 -47.86
N GLN F 575 -3.16 1.71 -48.80
CA GLN F 575 -4.45 2.36 -48.56
C GLN F 575 -5.59 1.63 -49.24
N VAL F 576 -6.27 0.81 -48.43
CA VAL F 576 -7.39 -0.02 -48.88
C VAL F 576 -8.68 0.78 -48.90
N GLN F 577 -9.52 0.50 -49.89
CA GLN F 577 -10.79 1.19 -50.01
C GLN F 577 -11.89 0.31 -50.58
N THR F 578 -12.43 -0.58 -49.74
CA THR F 578 -13.51 -1.52 -50.18
C THR F 578 -14.75 -0.75 -50.65
N PRO F 579 -15.45 -1.25 -51.68
CA PRO F 579 -16.54 -0.47 -52.32
C PRO F 579 -17.59 -0.01 -51.30
N PRO F 580 -18.12 1.20 -51.49
CA PRO F 580 -18.83 1.89 -50.42
C PRO F 580 -19.95 1.08 -49.78
N GLY F 581 -20.21 1.35 -48.51
CA GLY F 581 -21.23 0.65 -47.75
C GLY F 581 -20.88 -0.77 -47.31
N SER F 582 -19.66 -1.22 -47.58
CA SER F 582 -19.27 -2.60 -47.27
C SER F 582 -18.71 -2.65 -45.85
N SER F 583 -19.38 -3.41 -44.98
CA SER F 583 -19.00 -3.48 -43.57
C SER F 583 -17.52 -3.79 -43.33
N ALA F 584 -17.08 -3.49 -42.12
CA ALA F 584 -15.71 -3.72 -41.71
C ALA F 584 -15.40 -5.21 -41.69
N GLU F 585 -16.45 -6.05 -41.66
CA GLU F 585 -16.33 -7.48 -41.95
C GLU F 585 -15.42 -7.71 -43.17
N ARG F 586 -15.77 -7.07 -44.29
CA ARG F 586 -15.16 -7.32 -45.61
C ARG F 586 -13.84 -6.57 -45.80
N THR F 587 -13.79 -5.35 -45.27
CA THR F 587 -12.58 -4.53 -45.26
C THR F 587 -11.45 -5.22 -44.52
N GLN F 588 -11.71 -5.60 -43.26
CA GLN F 588 -10.77 -6.43 -42.48
C GLN F 588 -10.17 -7.65 -43.21
N VAL F 589 -10.86 -8.17 -44.22
CA VAL F 589 -10.36 -9.31 -44.99
C VAL F 589 -9.27 -8.83 -45.95
N VAL F 590 -9.58 -7.79 -46.74
CA VAL F 590 -8.60 -7.20 -47.69
C VAL F 590 -7.38 -6.65 -46.91
N VAL F 591 -7.68 -5.99 -45.80
CA VAL F 591 -6.68 -5.52 -44.84
C VAL F 591 -5.59 -6.55 -44.52
N ASP F 592 -5.95 -7.83 -44.48
CA ASP F 592 -4.97 -8.89 -44.19
C ASP F 592 -4.30 -9.52 -45.43
N SER F 593 -5.03 -9.67 -46.53
CA SER F 593 -4.44 -10.23 -47.76
C SER F 593 -3.14 -9.50 -48.14
N MET F 594 -3.18 -8.18 -48.02
CA MET F 594 -2.00 -7.33 -48.19
C MET F 594 -1.04 -7.38 -47.00
N ARG F 595 -1.55 -7.48 -45.77
CA ARG F 595 -0.70 -7.60 -44.59
C ARG F 595 0.22 -8.81 -44.68
N GLU F 596 -0.34 -9.93 -45.15
CA GLU F 596 0.34 -11.23 -45.12
C GLU F 596 1.34 -11.27 -46.24
N TYR F 597 0.85 -11.21 -47.48
CA TYR F 597 1.71 -11.30 -48.68
C TYR F 597 2.47 -9.99 -48.94
N LEU F 598 3.32 -9.71 -47.95
CA LEU F 598 4.00 -8.43 -47.71
C LEU F 598 4.87 -8.63 -46.45
N LEU F 599 4.27 -9.12 -45.36
CA LEU F 599 5.01 -9.55 -44.15
C LEU F 599 5.70 -10.93 -44.29
N GLU F 600 5.15 -11.80 -45.15
CA GLU F 600 5.75 -13.10 -45.50
C GLU F 600 6.49 -13.10 -46.85
N LYS F 601 5.77 -12.80 -47.94
CA LYS F 601 6.33 -12.94 -49.30
C LYS F 601 7.04 -11.64 -49.73
N GLU F 602 7.59 -10.92 -48.74
CA GLU F 602 8.34 -9.69 -48.97
C GLU F 602 9.14 -9.27 -47.72
N SER F 603 9.73 -10.22 -47.00
CA SER F 603 10.46 -9.91 -45.75
C SER F 603 11.97 -9.56 -45.97
N SER F 604 12.38 -9.51 -47.23
CA SER F 604 13.70 -8.98 -47.59
C SER F 604 13.79 -7.50 -47.20
N SER F 605 12.77 -6.75 -47.63
CA SER F 605 12.68 -5.32 -47.39
C SER F 605 11.87 -4.96 -46.13
N VAL F 606 10.64 -5.51 -46.04
CA VAL F 606 9.69 -5.25 -44.93
C VAL F 606 10.19 -5.69 -43.51
N SER F 607 9.73 -4.97 -42.52
CA SER F 607 10.02 -5.24 -41.12
C SER F 607 8.76 -5.24 -40.25
N SER F 608 7.76 -4.44 -40.58
CA SER F 608 6.50 -4.45 -39.85
C SER F 608 5.38 -4.01 -40.78
N VAL F 609 4.16 -4.44 -40.44
CA VAL F 609 2.96 -3.87 -41.01
C VAL F 609 2.05 -3.62 -39.81
N PHE F 610 1.73 -2.35 -39.55
CA PHE F 610 0.72 -1.98 -38.53
C PHE F 610 -0.51 -1.57 -39.30
N THR F 611 -1.40 -2.53 -39.53
CA THR F 611 -2.62 -2.29 -40.28
C THR F 611 -3.70 -1.69 -39.39
N VAL F 612 -4.60 -0.91 -39.97
CA VAL F 612 -5.69 -0.26 -39.23
C VAL F 612 -6.97 -0.17 -40.06
N THR F 613 -8.07 -0.65 -39.47
CA THR F 613 -9.40 -0.68 -40.10
C THR F 613 -10.27 0.48 -39.61
N GLY F 614 -10.99 1.07 -40.56
CA GLY F 614 -11.96 2.11 -40.27
C GLY F 614 -11.37 3.52 -40.30
N PHE F 615 -10.14 3.62 -40.79
CA PHE F 615 -9.44 4.89 -40.93
C PHE F 615 -8.39 4.79 -42.04
N ASN F 616 -8.16 5.92 -42.70
CA ASN F 616 -7.00 6.10 -43.58
C ASN F 616 -6.95 7.56 -44.04
N PHE F 617 -5.94 7.90 -44.82
CA PHE F 617 -5.75 9.29 -45.25
C PHE F 617 -6.88 9.85 -46.12
N ALA F 618 -7.68 8.99 -46.76
CA ALA F 618 -8.91 9.43 -47.42
C ALA F 618 -10.00 9.75 -46.37
N GLY F 619 -10.92 8.80 -46.10
CA GLY F 619 -12.05 9.02 -45.17
C GLY F 619 -11.94 8.26 -43.86
N ARG F 620 -12.99 8.37 -43.04
CA ARG F 620 -13.11 7.67 -41.76
C ARG F 620 -14.11 6.52 -41.81
N GLY F 621 -14.35 6.00 -43.01
CA GLY F 621 -15.42 5.03 -43.23
C GLY F 621 -15.20 3.63 -42.68
N GLN F 622 -16.28 2.85 -42.63
CA GLN F 622 -16.25 1.46 -42.16
C GLN F 622 -15.59 0.57 -43.20
N SER F 623 -15.59 1.04 -44.44
CA SER F 623 -14.93 0.39 -45.56
C SER F 623 -13.48 0.85 -45.79
N SER F 624 -13.11 1.96 -45.16
CA SER F 624 -11.77 2.55 -45.21
C SER F 624 -10.74 1.70 -44.47
N GLY F 625 -9.53 1.67 -45.02
CA GLY F 625 -8.39 0.98 -44.36
C GLY F 625 -7.03 1.41 -44.86
N MET F 626 -5.99 1.14 -44.05
CA MET F 626 -4.58 1.43 -44.41
C MET F 626 -3.62 0.63 -43.55
N ALA F 627 -2.34 0.75 -43.87
CA ALA F 627 -1.28 0.18 -43.05
C ALA F 627 0.06 0.91 -43.16
N PHE F 628 0.76 0.90 -42.03
CA PHE F 628 2.02 1.56 -41.87
C PHE F 628 3.10 0.52 -42.14
N ILE F 629 3.56 0.49 -43.39
CA ILE F 629 4.57 -0.45 -43.82
C ILE F 629 5.92 0.14 -43.40
N MET F 630 6.57 -0.50 -42.45
CA MET F 630 7.89 -0.07 -41.94
C MET F 630 8.99 -1.03 -42.39
N LEU F 631 10.13 -0.52 -42.86
CA LEU F 631 11.15 -1.36 -43.55
C LEU F 631 12.46 -1.62 -42.78
N LYS F 632 13.19 -2.64 -43.22
CA LYS F 632 14.49 -2.95 -42.63
C LYS F 632 15.44 -1.84 -43.03
N PRO F 633 16.38 -1.46 -42.15
CA PRO F 633 17.32 -0.40 -42.50
C PRO F 633 17.96 -0.54 -43.88
N TRP F 634 18.69 0.50 -44.31
CA TRP F 634 19.23 0.61 -45.67
C TRP F 634 20.36 -0.41 -45.87
N GLU F 635 21.09 -0.69 -44.78
CA GLU F 635 22.19 -1.64 -44.80
C GLU F 635 21.61 -3.04 -44.92
N GLU F 636 20.71 -3.38 -43.99
CA GLU F 636 20.02 -4.70 -43.95
C GLU F 636 19.18 -5.05 -45.20
N ARG F 637 19.33 -4.28 -46.29
CA ARG F 637 18.73 -4.59 -47.59
C ARG F 637 19.74 -4.37 -48.72
N PRO F 638 19.85 -5.35 -49.66
CA PRO F 638 20.71 -5.08 -50.83
C PRO F 638 20.09 -4.04 -51.77
N GLY F 639 20.82 -2.95 -51.95
CA GLY F 639 20.37 -1.85 -52.82
C GLY F 639 20.01 -2.27 -54.24
N GLY F 640 18.71 -2.30 -54.53
CA GLY F 640 18.21 -2.58 -55.87
C GLY F 640 16.71 -2.75 -55.84
N GLU F 641 16.28 -3.97 -55.55
CA GLU F 641 14.87 -4.31 -55.45
C GLU F 641 14.37 -4.29 -54.01
N ASN F 642 15.03 -3.53 -53.14
CA ASN F 642 14.56 -3.30 -51.77
C ASN F 642 14.56 -1.80 -51.41
N SER F 643 13.95 -1.02 -52.29
CA SER F 643 13.75 0.39 -52.08
C SER F 643 12.30 0.64 -52.37
N VAL F 644 11.62 1.27 -51.40
CA VAL F 644 10.19 1.58 -51.52
C VAL F 644 9.67 1.74 -52.95
N PHE F 645 10.41 2.53 -53.73
CA PHE F 645 10.12 2.82 -55.14
C PHE F 645 9.80 1.52 -55.88
N GLU F 646 10.65 0.51 -55.67
CA GLU F 646 10.50 -0.82 -56.27
C GLU F 646 9.56 -1.73 -55.47
N LEU F 647 9.86 -1.90 -54.18
CA LEU F 647 8.94 -2.60 -53.25
C LEU F 647 7.45 -2.37 -53.52
N ALA F 648 7.08 -1.18 -53.96
CA ALA F 648 5.70 -0.81 -54.23
C ALA F 648 5.35 -0.94 -55.69
N LYS F 649 6.31 -0.77 -56.59
CA LYS F 649 6.08 -1.02 -58.02
C LYS F 649 5.43 -2.37 -58.23
N ARG F 650 5.97 -3.38 -57.56
CA ARG F 650 5.37 -4.70 -57.54
C ARG F 650 4.18 -4.82 -56.61
N ALA F 651 4.37 -4.63 -55.31
CA ALA F 651 3.26 -4.71 -54.36
C ALA F 651 1.97 -4.14 -54.94
N GLN F 652 2.06 -3.01 -55.65
CA GLN F 652 0.91 -2.43 -56.37
C GLN F 652 0.27 -3.37 -57.41
N MET F 653 1.09 -4.05 -58.22
CA MET F 653 0.63 -5.11 -59.17
C MET F 653 -0.13 -6.26 -58.50
N HIS F 654 0.42 -6.78 -57.42
CA HIS F 654 -0.27 -7.75 -56.58
C HIS F 654 -1.66 -7.22 -56.19
N PHE F 655 -1.71 -6.04 -55.57
CA PHE F 655 -2.99 -5.45 -55.08
C PHE F 655 -3.99 -5.03 -56.19
N PHE F 656 -3.59 -5.20 -57.44
CA PHE F 656 -4.49 -5.08 -58.60
C PHE F 656 -5.40 -6.32 -58.68
N SER F 657 -4.83 -7.50 -58.39
CA SER F 657 -5.57 -8.76 -58.32
C SER F 657 -6.87 -8.57 -57.53
N PHE F 658 -6.75 -7.90 -56.38
CA PHE F 658 -7.85 -7.66 -55.46
C PHE F 658 -9.16 -7.33 -56.13
N LYS F 659 -10.12 -8.20 -55.86
CA LYS F 659 -11.43 -8.18 -56.51
C LYS F 659 -12.25 -7.02 -55.97
N ASP F 660 -12.54 -6.06 -56.86
CA ASP F 660 -13.32 -4.82 -56.59
C ASP F 660 -13.14 -4.19 -55.19
N ALA F 661 -12.08 -3.38 -55.02
CA ALA F 661 -11.83 -2.67 -53.74
C ALA F 661 -10.74 -1.56 -53.73
N MET F 662 -10.43 -0.94 -54.87
CA MET F 662 -9.34 0.06 -54.97
C MET F 662 -7.99 -0.52 -54.47
N VAL F 663 -7.42 0.03 -53.39
CA VAL F 663 -6.15 -0.45 -52.80
C VAL F 663 -4.93 0.06 -53.57
N PHE F 664 -4.08 0.85 -52.89
CA PHE F 664 -2.82 1.36 -53.47
C PHE F 664 -1.64 1.32 -52.51
N ALA F 665 -0.45 1.49 -53.05
CA ALA F 665 0.76 1.53 -52.24
C ALA F 665 1.59 2.73 -52.66
N PHE F 666 1.88 3.62 -51.73
CA PHE F 666 2.63 4.84 -52.04
C PHE F 666 3.67 5.19 -50.95
N ALA F 667 4.81 5.71 -51.40
CA ALA F 667 5.82 6.27 -50.51
C ALA F 667 5.70 7.80 -50.46
N PRO F 668 5.93 8.39 -49.27
CA PRO F 668 5.87 9.86 -49.10
C PRO F 668 6.97 10.64 -49.80
N PRO F 669 6.79 11.96 -49.98
CA PRO F 669 7.86 12.79 -50.55
C PRO F 669 9.02 13.01 -49.59
N SER F 670 10.17 13.46 -50.12
CA SER F 670 11.37 13.62 -49.29
C SER F 670 11.15 14.52 -48.12
N VAL F 671 10.12 15.37 -48.19
CA VAL F 671 9.82 16.31 -47.15
C VAL F 671 8.45 15.98 -46.58
N LEU F 672 8.47 15.13 -45.56
CA LEU F 672 7.29 14.46 -44.97
C LEU F 672 6.17 15.42 -44.54
N GLU F 673 6.57 16.59 -44.06
CA GLU F 673 5.70 17.74 -43.86
C GLU F 673 4.79 18.11 -45.07
N LEU F 674 5.20 17.81 -46.29
CA LEU F 674 4.42 18.18 -47.46
C LEU F 674 3.30 17.17 -47.79
N GLY F 675 3.44 15.94 -47.34
CA GLY F 675 2.43 14.97 -47.68
C GLY F 675 2.80 13.56 -47.33
N ASN F 676 1.79 12.71 -47.41
CA ASN F 676 1.98 11.29 -47.20
C ASN F 676 2.18 10.58 -48.56
N ALA F 677 1.80 11.23 -49.67
CA ALA F 677 1.92 10.66 -51.01
C ALA F 677 2.87 11.47 -51.89
N THR F 678 3.77 10.78 -52.59
CA THR F 678 4.61 11.41 -53.62
C THR F 678 3.75 11.70 -54.87
N GLY F 679 4.38 12.12 -55.95
CA GLY F 679 3.67 12.36 -57.20
C GLY F 679 2.99 13.71 -57.22
N PHE F 680 1.91 13.82 -57.97
CA PHE F 680 1.14 15.07 -58.11
C PHE F 680 -0.15 15.08 -57.29
N ASP F 681 -0.83 16.23 -57.28
CA ASP F 681 -2.11 16.41 -56.56
C ASP F 681 -2.89 17.68 -57.07
N LEU F 682 -4.20 17.53 -57.30
CA LEU F 682 -5.04 18.62 -57.83
C LEU F 682 -6.47 18.40 -57.50
N PHE F 683 -7.26 19.43 -57.73
CA PHE F 683 -8.69 19.46 -57.48
C PHE F 683 -9.40 19.91 -58.76
N LEU F 684 -10.58 19.30 -59.00
CA LEU F 684 -11.41 19.64 -60.14
C LEU F 684 -12.52 20.59 -59.67
N GLN F 685 -12.13 21.84 -59.45
CA GLN F 685 -13.08 22.93 -59.22
C GLN F 685 -14.12 22.92 -60.36
N ASP F 686 -15.42 22.98 -60.06
CA ASP F 686 -16.40 23.29 -61.12
C ASP F 686 -16.67 24.81 -61.12
N GLN F 687 -16.03 25.50 -62.06
CA GLN F 687 -16.17 26.96 -62.20
C GLN F 687 -17.63 27.35 -62.46
N ALA F 688 -18.13 27.06 -63.67
CA ALA F 688 -19.53 27.34 -64.05
C ALA F 688 -20.54 26.99 -62.97
N GLY F 689 -20.24 25.92 -62.24
CA GLY F 689 -21.12 25.42 -61.20
C GLY F 689 -22.11 24.49 -61.86
N VAL F 690 -21.63 23.70 -62.81
CA VAL F 690 -22.42 22.67 -63.43
C VAL F 690 -22.86 21.56 -62.41
N GLY F 691 -23.79 21.92 -61.53
CA GLY F 691 -24.34 21.00 -60.53
C GLY F 691 -23.35 20.14 -59.74
N HIS F 692 -23.71 18.87 -59.54
CA HIS F 692 -22.84 17.90 -58.89
C HIS F 692 -22.54 16.59 -59.65
N GLU F 693 -23.48 16.09 -60.46
CA GLU F 693 -23.27 14.82 -61.19
C GLU F 693 -22.40 14.94 -62.43
N VAL F 694 -22.42 16.09 -63.09
CA VAL F 694 -21.52 16.38 -64.24
C VAL F 694 -20.08 16.42 -63.75
N LEU F 695 -19.90 16.96 -62.55
CA LEU F 695 -18.59 16.96 -61.88
C LEU F 695 -18.19 15.53 -61.54
N LEU F 696 -19.12 14.74 -61.00
CA LEU F 696 -18.91 13.32 -60.75
C LEU F 696 -18.48 12.56 -62.02
N GLN F 697 -18.87 13.06 -63.20
CA GLN F 697 -18.51 12.46 -64.49
C GLN F 697 -17.03 12.62 -64.71
N ALA F 698 -16.61 13.88 -64.79
CA ALA F 698 -15.24 14.24 -65.14
C ALA F 698 -14.20 13.53 -64.28
N ARG F 699 -14.50 13.34 -62.99
CA ARG F 699 -13.63 12.59 -62.10
C ARG F 699 -13.45 11.13 -62.56
N ASN F 700 -14.43 10.60 -63.29
CA ASN F 700 -14.36 9.24 -63.81
C ASN F 700 -13.85 9.15 -65.23
N LYS F 701 -14.17 10.14 -66.06
CA LYS F 701 -13.55 10.25 -67.37
C LYS F 701 -12.03 10.44 -67.20
N PHE F 702 -11.67 11.40 -66.34
CA PHE F 702 -10.28 11.69 -65.96
C PHE F 702 -9.52 10.41 -65.64
N LEU F 703 -10.09 9.59 -64.75
CA LEU F 703 -9.44 8.34 -64.31
C LEU F 703 -9.21 7.30 -65.41
N MET F 704 -10.16 7.20 -66.34
CA MET F 704 -10.06 6.31 -67.51
C MET F 704 -8.94 6.87 -68.37
N LEU F 705 -9.08 8.13 -68.76
CA LEU F 705 -8.05 8.80 -69.56
C LEU F 705 -6.67 8.68 -68.92
N ALA F 706 -6.65 8.78 -67.60
CA ALA F 706 -5.45 8.60 -66.78
C ALA F 706 -4.91 7.16 -66.78
N ALA F 707 -5.83 6.20 -66.64
CA ALA F 707 -5.49 4.78 -66.69
C ALA F 707 -4.91 4.43 -68.07
N GLN F 708 -5.39 5.14 -69.08
CA GLN F 708 -4.88 4.99 -70.43
C GLN F 708 -3.54 5.68 -70.61
N ASN F 709 -3.43 6.95 -70.21
CA ASN F 709 -2.24 7.78 -70.46
C ASN F 709 -0.96 7.12 -69.94
N PRO F 710 0.06 6.90 -70.81
CA PRO F 710 1.33 6.22 -70.40
C PRO F 710 2.25 6.99 -69.42
N ALA F 711 2.08 8.31 -69.33
CA ALA F 711 2.85 9.14 -68.38
C ALA F 711 2.41 9.00 -66.93
N LEU F 712 1.09 8.94 -66.73
CA LEU F 712 0.50 8.83 -65.40
C LEU F 712 0.71 7.40 -64.86
N GLN F 713 0.41 7.22 -63.57
CA GLN F 713 0.58 5.95 -62.85
C GLN F 713 -0.16 6.08 -61.51
N ARG F 714 -0.80 5.02 -61.08
CA ARG F 714 -1.34 4.96 -59.75
C ARG F 714 -2.33 6.09 -59.44
N VAL F 715 -3.00 6.61 -60.46
CA VAL F 715 -3.91 7.74 -60.30
C VAL F 715 -5.21 7.32 -59.66
N ARG F 716 -5.55 7.93 -58.53
CA ARG F 716 -6.78 7.64 -57.78
C ARG F 716 -7.48 8.92 -57.37
N PRO F 717 -8.76 8.83 -56.98
CA PRO F 717 -9.48 9.97 -56.41
C PRO F 717 -9.47 10.01 -54.90
N ASN F 718 -10.06 11.08 -54.37
CA ASN F 718 -10.19 11.29 -52.93
C ASN F 718 -11.60 11.01 -52.43
N GLY F 719 -12.59 11.56 -53.14
CA GLY F 719 -14.01 11.25 -52.91
C GLY F 719 -14.35 9.81 -53.30
N MET F 720 -15.29 9.20 -52.56
CA MET F 720 -15.67 7.76 -52.68
C MET F 720 -17.00 7.50 -53.42
N SER F 721 -17.32 8.34 -54.42
CA SER F 721 -18.55 8.21 -55.24
C SER F 721 -19.77 8.54 -54.40
N ASP F 722 -20.86 7.78 -54.55
CA ASP F 722 -22.03 7.91 -53.68
C ASP F 722 -22.29 6.58 -52.92
N GLU F 723 -22.70 6.70 -51.66
CA GLU F 723 -22.87 5.54 -50.76
C GLU F 723 -24.35 5.16 -50.74
N PRO F 724 -24.68 3.87 -50.49
CA PRO F 724 -26.09 3.48 -50.29
C PRO F 724 -26.67 4.06 -48.99
N GLN F 725 -27.82 4.73 -49.07
CA GLN F 725 -28.38 5.48 -47.93
C GLN F 725 -29.86 5.18 -47.79
N TYR F 726 -30.32 4.97 -46.55
CA TYR F 726 -31.73 4.73 -46.27
C TYR F 726 -32.52 6.07 -46.33
N LYS F 727 -33.71 6.15 -45.73
CA LYS F 727 -34.53 7.37 -45.75
C LYS F 727 -35.74 7.19 -44.86
N LEU F 728 -35.49 7.11 -43.55
CA LEU F 728 -36.56 6.86 -42.57
C LEU F 728 -37.58 8.01 -42.54
N GLU F 729 -38.86 7.72 -42.82
CA GLU F 729 -39.89 8.77 -43.05
C GLU F 729 -41.16 8.67 -42.18
N ILE F 730 -41.06 9.18 -40.95
CA ILE F 730 -42.23 9.32 -40.07
C ILE F 730 -43.23 10.38 -40.53
N ASP F 731 -44.42 10.36 -39.92
CA ASP F 731 -45.48 11.39 -40.09
C ASP F 731 -46.74 11.16 -39.23
N ASP F 732 -47.39 12.26 -38.86
CA ASP F 732 -48.63 12.24 -38.06
C ASP F 732 -49.90 11.72 -38.75
N GLU F 733 -49.79 11.29 -40.02
CA GLU F 733 -50.87 10.59 -40.72
C GLU F 733 -51.52 9.47 -39.87
N LYS F 734 -50.67 8.56 -39.37
CA LYS F 734 -51.10 7.42 -38.54
C LYS F 734 -50.61 7.60 -37.09
N ALA F 735 -49.75 8.61 -36.86
CA ALA F 735 -49.12 8.84 -35.55
C ALA F 735 -50.01 9.69 -34.65
N SER F 736 -50.35 10.91 -35.07
CA SER F 736 -51.28 11.74 -34.30
C SER F 736 -52.66 11.08 -34.17
N ALA F 737 -52.98 10.12 -35.06
CA ALA F 737 -54.12 9.21 -34.87
C ALA F 737 -53.84 8.11 -33.84
N LEU F 738 -53.00 7.15 -34.19
CA LEU F 738 -52.62 6.05 -33.29
C LEU F 738 -51.16 6.20 -32.85
N GLY F 739 -50.89 7.10 -31.90
CA GLY F 739 -49.49 7.35 -31.43
C GLY F 739 -49.23 8.54 -30.50
N VAL F 740 -48.74 9.64 -31.07
CA VAL F 740 -48.44 10.87 -30.32
C VAL F 740 -48.74 12.14 -31.11
N SER F 741 -49.22 13.17 -30.41
CA SER F 741 -49.46 14.50 -31.00
C SER F 741 -48.13 15.21 -31.24
N LEU F 742 -48.11 16.08 -32.26
CA LEU F 742 -46.92 16.86 -32.67
C LEU F 742 -45.73 15.95 -33.07
N ALA F 743 -45.00 15.47 -32.06
CA ALA F 743 -43.86 14.55 -32.22
C ALA F 743 -43.37 14.17 -30.84
N ASP F 744 -42.55 13.11 -30.79
CA ASP F 744 -42.11 12.49 -29.52
C ASP F 744 -41.22 11.28 -29.82
N ILE F 745 -41.74 10.44 -30.74
CA ILE F 745 -41.01 9.33 -31.42
C ILE F 745 -39.55 9.64 -31.86
N ASN F 746 -39.22 10.93 -31.98
CA ASN F 746 -37.85 11.45 -32.22
C ASN F 746 -36.76 10.92 -31.28
N SER F 747 -37.09 10.89 -29.99
CA SER F 747 -36.18 10.47 -28.92
C SER F 747 -35.90 8.95 -28.89
N THR F 748 -36.37 8.20 -29.89
CA THR F 748 -36.18 6.74 -29.99
C THR F 748 -35.17 6.46 -31.09
N VAL F 749 -35.40 7.03 -32.26
CA VAL F 749 -34.49 6.86 -33.38
C VAL F 749 -33.07 7.33 -33.03
N SER F 750 -32.96 8.55 -32.47
CA SER F 750 -31.66 9.15 -32.11
C SER F 750 -30.99 8.56 -30.84
N ILE F 751 -31.55 7.48 -30.31
CA ILE F 751 -31.04 6.75 -29.14
C ILE F 751 -30.75 5.28 -29.45
N ALA F 752 -31.52 4.66 -30.35
CA ALA F 752 -31.39 3.24 -30.64
C ALA F 752 -30.50 2.91 -31.83
N TRP F 753 -30.58 3.68 -32.91
CA TRP F 753 -29.83 3.38 -34.17
C TRP F 753 -28.42 3.98 -34.16
N GLY F 754 -28.29 5.08 -33.43
CA GLY F 754 -27.02 5.65 -33.05
C GLY F 754 -27.00 5.74 -31.55
N SER F 755 -25.80 5.90 -31.01
CA SER F 755 -25.58 5.93 -29.56
C SER F 755 -26.27 7.12 -28.86
N SER F 756 -25.94 7.35 -27.59
CA SER F 756 -26.41 8.54 -26.88
C SER F 756 -25.62 8.78 -25.59
N TYR F 757 -24.75 9.79 -25.63
CA TYR F 757 -24.10 10.30 -24.42
C TYR F 757 -25.20 10.84 -23.45
N VAL F 758 -25.50 10.01 -22.43
CA VAL F 758 -26.42 10.39 -21.33
C VAL F 758 -25.69 11.21 -20.24
N ASN F 759 -24.51 10.74 -19.82
CA ASN F 759 -23.71 11.38 -18.76
C ASN F 759 -22.46 10.55 -18.52
N ASP F 760 -21.65 10.96 -17.54
CA ASP F 760 -20.36 10.38 -17.30
C ASP F 760 -20.39 9.44 -16.10
N PHE F 761 -19.38 8.56 -16.03
CA PHE F 761 -19.16 7.74 -14.88
C PHE F 761 -17.66 7.65 -14.57
N ILE F 762 -17.33 7.49 -13.28
CA ILE F 762 -15.95 7.32 -12.83
C ILE F 762 -15.52 5.88 -13.11
N ASP F 763 -14.25 5.67 -13.35
CA ASP F 763 -13.73 4.33 -13.72
C ASP F 763 -12.23 4.29 -13.42
N ARG F 764 -11.86 3.62 -12.35
CA ARG F 764 -10.45 3.46 -11.98
C ARG F 764 -9.79 4.85 -11.72
N GLY F 765 -10.59 5.81 -11.24
CA GLY F 765 -10.20 7.23 -11.14
C GLY F 765 -10.59 8.16 -12.28
N ARG F 766 -10.63 7.65 -13.52
CA ARG F 766 -10.76 8.46 -14.73
C ARG F 766 -12.20 8.59 -15.22
N VAL F 767 -12.62 9.83 -15.51
CA VAL F 767 -13.98 10.17 -15.98
C VAL F 767 -14.16 9.70 -17.42
N LYS F 768 -15.01 8.70 -17.64
CA LYS F 768 -15.33 8.18 -19.00
C LYS F 768 -16.80 8.45 -19.27
N ARG F 769 -17.34 7.91 -20.36
CA ARG F 769 -18.71 8.23 -20.79
C ARG F 769 -19.69 7.04 -20.72
N VAL F 770 -20.97 7.36 -20.55
CA VAL F 770 -22.06 6.37 -20.56
C VAL F 770 -22.86 6.51 -21.86
N TYR F 771 -22.74 5.51 -22.72
CA TYR F 771 -23.46 5.45 -23.99
C TYR F 771 -24.61 4.43 -23.93
N LEU F 772 -25.73 4.82 -24.56
CA LEU F 772 -26.99 4.07 -24.57
C LEU F 772 -27.38 3.84 -26.02
N GLN F 773 -27.42 2.59 -26.41
CA GLN F 773 -27.68 2.21 -27.78
C GLN F 773 -28.40 0.86 -27.79
N GLY F 774 -29.18 0.62 -28.82
CA GLY F 774 -29.86 -0.67 -28.99
C GLY F 774 -28.92 -1.80 -29.35
N ARG F 775 -29.36 -3.04 -29.10
CA ARG F 775 -28.55 -4.25 -29.31
C ARG F 775 -28.02 -4.34 -30.74
N PRO F 776 -26.88 -5.02 -30.96
CA PRO F 776 -26.39 -5.26 -32.33
C PRO F 776 -27.45 -5.92 -33.25
N ASP F 777 -28.01 -7.03 -32.80
CA ASP F 777 -29.09 -7.75 -33.52
C ASP F 777 -30.48 -7.12 -33.29
N ALA F 778 -30.63 -5.87 -33.72
CA ALA F 778 -31.88 -5.08 -33.58
C ALA F 778 -31.88 -3.72 -34.30
N ARG F 779 -30.90 -3.51 -35.18
CA ARG F 779 -30.75 -2.28 -35.96
C ARG F 779 -29.79 -2.45 -37.16
N MET F 780 -29.75 -3.65 -37.72
CA MET F 780 -28.83 -4.02 -38.81
C MET F 780 -29.43 -3.75 -40.16
N ASN F 781 -30.69 -4.15 -40.33
CA ASN F 781 -31.41 -4.01 -41.60
C ASN F 781 -32.76 -3.32 -41.44
N PRO F 782 -33.44 -2.98 -42.57
CA PRO F 782 -34.76 -2.33 -42.48
C PRO F 782 -35.85 -3.12 -41.71
N ASP F 783 -35.80 -4.45 -41.76
CA ASP F 783 -36.66 -5.27 -40.90
C ASP F 783 -36.37 -5.00 -39.41
N ASP F 784 -35.10 -5.01 -39.03
CA ASP F 784 -34.66 -4.86 -37.63
C ASP F 784 -35.17 -3.56 -37.00
N LEU F 785 -35.35 -2.52 -37.81
CA LEU F 785 -35.88 -1.25 -37.30
C LEU F 785 -37.37 -1.33 -36.99
N SER F 786 -38.13 -2.11 -37.76
CA SER F 786 -39.58 -2.29 -37.52
C SER F 786 -39.82 -3.28 -36.36
N LYS F 787 -39.16 -3.02 -35.23
CA LYS F 787 -39.23 -3.80 -33.99
C LYS F 787 -39.27 -2.89 -32.74
N TRP F 788 -39.29 -1.57 -32.94
CA TRP F 788 -39.04 -0.60 -31.87
C TRP F 788 -40.33 0.12 -31.48
N TYR F 789 -40.77 -0.16 -30.26
CA TYR F 789 -42.05 0.37 -29.78
C TYR F 789 -41.89 1.75 -29.15
N VAL F 790 -43.03 2.46 -29.06
CA VAL F 790 -43.09 3.84 -28.55
C VAL F 790 -44.34 4.06 -27.68
N ARG F 791 -44.20 4.93 -26.68
CA ARG F 791 -45.27 5.26 -25.72
C ARG F 791 -46.47 5.89 -26.43
N ASN F 792 -47.65 5.60 -25.89
CA ASN F 792 -48.91 6.17 -26.38
C ASN F 792 -49.57 7.01 -25.29
N ASP F 793 -50.21 8.10 -25.70
CA ASP F 793 -50.90 9.04 -24.80
C ASP F 793 -51.95 8.32 -23.94
N LYS F 794 -52.81 7.52 -24.59
CA LYS F 794 -53.76 6.64 -23.89
C LYS F 794 -53.11 5.47 -23.10
N GLY F 795 -51.78 5.42 -23.02
CA GLY F 795 -51.05 4.33 -22.34
C GLY F 795 -50.56 3.20 -23.22
N GLU F 796 -51.17 3.04 -24.41
CA GLU F 796 -50.88 1.95 -25.41
C GLU F 796 -49.40 1.91 -25.85
N MET F 797 -49.11 1.13 -26.89
CA MET F 797 -47.76 1.03 -27.43
C MET F 797 -47.72 0.63 -28.91
N VAL F 798 -47.45 1.62 -29.77
CA VAL F 798 -47.33 1.41 -31.22
C VAL F 798 -45.92 0.98 -31.65
N PRO F 799 -45.80 -0.08 -32.50
CA PRO F 799 -44.50 -0.42 -33.10
C PRO F 799 -43.94 0.64 -34.08
N PHE F 800 -42.81 0.30 -34.70
CA PHE F 800 -42.15 1.19 -35.66
C PHE F 800 -42.44 0.81 -37.13
N ASN F 801 -43.62 0.24 -37.38
CA ASN F 801 -44.09 -0.02 -38.75
C ASN F 801 -45.58 0.38 -38.95
N ALA F 802 -46.09 1.24 -38.07
CA ALA F 802 -47.38 1.91 -38.24
C ALA F 802 -47.23 3.31 -38.85
N PHE F 803 -46.00 3.86 -38.84
CA PHE F 803 -45.69 5.18 -39.45
C PHE F 803 -44.25 5.25 -39.97
N ALA F 804 -43.73 4.13 -40.47
CA ALA F 804 -42.32 4.01 -40.89
C ALA F 804 -42.10 4.34 -42.38
N THR F 805 -42.04 3.31 -43.24
CA THR F 805 -41.51 3.42 -44.61
C THR F 805 -40.06 3.86 -44.58
N GLY F 806 -39.23 3.13 -45.30
CA GLY F 806 -37.88 3.58 -45.55
C GLY F 806 -37.42 2.92 -46.83
N LYS F 807 -36.71 3.69 -47.65
CA LYS F 807 -36.26 3.23 -48.96
C LYS F 807 -34.85 3.72 -49.23
N TRP F 808 -34.12 2.93 -50.02
CA TRP F 808 -32.75 3.24 -50.39
C TRP F 808 -32.76 4.46 -51.33
N GLU F 809 -31.99 5.50 -50.99
CA GLU F 809 -31.92 6.74 -51.77
C GLU F 809 -30.47 7.26 -51.88
N TYR F 810 -29.54 6.31 -51.98
CA TYR F 810 -28.09 6.56 -52.03
C TYR F 810 -27.61 8.02 -52.32
N GLY F 811 -26.96 8.62 -51.30
CA GLY F 811 -26.43 9.99 -51.31
C GLY F 811 -24.90 10.00 -51.34
N SER F 812 -24.30 11.17 -51.08
CA SER F 812 -22.83 11.32 -51.12
C SER F 812 -22.16 11.18 -49.73
N PRO F 813 -21.09 10.35 -49.63
CA PRO F 813 -20.37 10.07 -48.36
C PRO F 813 -19.42 11.19 -47.89
N LYS F 814 -18.77 11.84 -48.85
CA LYS F 814 -17.80 12.90 -48.58
C LYS F 814 -17.79 13.88 -49.75
N LEU F 815 -18.44 15.02 -49.59
CA LEU F 815 -18.39 16.09 -50.59
C LEU F 815 -17.30 17.04 -50.23
N GLU F 816 -16.53 17.44 -51.23
CA GLU F 816 -15.32 18.24 -51.06
C GLU F 816 -15.53 19.65 -51.59
N ARG F 817 -14.60 20.56 -51.26
CA ARG F 817 -14.55 21.92 -51.81
C ARG F 817 -13.13 22.42 -51.89
N TYR F 818 -12.87 23.36 -52.79
CA TYR F 818 -11.56 23.93 -52.95
C TYR F 818 -11.70 25.35 -53.52
N ASN F 819 -11.65 26.34 -52.64
CA ASN F 819 -11.73 27.78 -52.95
C ASN F 819 -13.16 28.21 -53.18
N GLY F 820 -14.02 27.79 -52.27
CA GLY F 820 -15.41 28.20 -52.27
C GLY F 820 -16.27 27.61 -53.37
N VAL F 821 -15.81 26.56 -54.06
CA VAL F 821 -16.58 25.92 -55.13
C VAL F 821 -16.53 24.39 -55.07
N PRO F 822 -17.68 23.69 -55.20
CA PRO F 822 -17.62 22.24 -54.94
C PRO F 822 -16.69 21.53 -55.89
N ALA F 823 -15.78 20.72 -55.37
CA ALA F 823 -14.71 20.15 -56.17
C ALA F 823 -14.38 18.74 -55.71
N MET F 824 -13.42 18.12 -56.38
CA MET F 824 -13.03 16.75 -56.14
C MET F 824 -11.54 16.61 -56.38
N GLU F 825 -10.84 15.90 -55.50
CA GLU F 825 -9.39 15.81 -55.53
C GLU F 825 -8.99 14.45 -56.06
N ILE F 826 -7.90 14.42 -56.82
CA ILE F 826 -7.27 13.17 -57.18
C ILE F 826 -5.76 13.30 -57.06
N LEU F 827 -5.08 12.19 -56.82
CA LEU F 827 -3.66 12.14 -56.75
C LEU F 827 -3.17 11.27 -57.90
N GLY F 828 -1.88 11.30 -58.17
CA GLY F 828 -1.26 10.32 -59.04
C GLY F 828 0.24 10.40 -58.92
N GLU F 829 0.94 9.46 -59.54
CA GLU F 829 2.41 9.47 -59.62
C GLU F 829 2.86 9.53 -61.09
N PRO F 830 4.03 10.16 -61.36
CA PRO F 830 4.49 10.03 -62.73
C PRO F 830 4.96 8.59 -63.01
N ALA F 831 4.93 8.23 -64.29
CA ALA F 831 5.33 6.91 -64.75
C ALA F 831 6.79 6.64 -64.40
N PRO F 832 7.16 5.36 -64.21
CA PRO F 832 8.58 5.04 -63.91
C PRO F 832 9.52 5.66 -64.94
N GLY F 833 10.57 6.32 -64.46
CA GLY F 833 11.56 7.00 -65.31
C GLY F 833 11.10 8.32 -65.89
N LEU F 834 9.86 8.71 -65.62
CA LEU F 834 9.36 10.04 -65.92
C LEU F 834 9.30 10.90 -64.66
N SER F 835 9.09 12.20 -64.87
CA SER F 835 9.15 13.18 -63.80
C SER F 835 7.80 13.71 -63.41
N SER F 836 7.77 14.16 -62.17
CA SER F 836 6.71 14.98 -61.62
C SER F 836 6.19 15.96 -62.68
N GLY F 837 7.11 16.71 -63.27
CA GLY F 837 6.83 17.65 -64.36
C GLY F 837 6.20 17.02 -65.59
N ASP F 838 6.77 15.89 -66.03
CA ASP F 838 6.23 15.13 -67.14
C ASP F 838 4.74 14.77 -66.88
N ALA F 839 4.49 14.06 -65.78
CA ALA F 839 3.10 13.76 -65.38
C ALA F 839 2.20 15.02 -65.33
N MET F 840 2.72 16.13 -64.83
CA MET F 840 1.97 17.37 -64.77
C MET F 840 1.68 17.94 -66.16
N ALA F 841 2.58 17.67 -67.12
CA ALA F 841 2.35 18.03 -68.53
C ALA F 841 1.20 17.18 -69.08
N ALA F 842 1.35 15.87 -68.93
CA ALA F 842 0.34 14.89 -69.32
C ALA F 842 -1.04 15.25 -68.77
N VAL F 843 -1.10 15.40 -67.46
CA VAL F 843 -2.34 15.78 -66.80
C VAL F 843 -2.95 17.05 -67.39
N GLU F 844 -2.14 18.07 -67.72
CA GLU F 844 -2.66 19.33 -68.33
C GLU F 844 -2.86 19.20 -69.86
N GLU F 845 -3.60 18.15 -70.20
CA GLU F 845 -3.92 17.69 -71.58
C GLU F 845 -5.14 16.78 -71.38
N ILE F 846 -4.96 15.71 -70.59
CA ILE F 846 -6.08 14.83 -70.20
C ILE F 846 -7.17 15.62 -69.48
N VAL F 847 -6.82 16.79 -68.97
CA VAL F 847 -7.76 17.74 -68.39
C VAL F 847 -8.59 18.45 -69.47
N LYS F 848 -7.97 18.75 -70.61
CA LYS F 848 -8.67 19.38 -71.75
C LYS F 848 -9.64 18.42 -72.48
N GLN F 849 -10.32 17.54 -71.76
CA GLN F 849 -11.31 16.63 -72.35
C GLN F 849 -12.50 16.51 -71.38
N LEU F 850 -12.83 17.61 -70.72
CA LEU F 850 -13.86 17.66 -69.69
C LEU F 850 -14.77 18.86 -70.04
N PRO F 851 -16.07 18.83 -69.62
CA PRO F 851 -17.06 19.91 -69.90
C PRO F 851 -16.55 21.33 -69.71
N LYS F 852 -17.14 22.28 -70.42
CA LYS F 852 -16.80 23.70 -70.23
C LYS F 852 -17.50 24.18 -68.95
N GLY F 853 -16.74 24.07 -67.86
CA GLY F 853 -17.17 24.44 -66.50
C GLY F 853 -16.74 23.46 -65.42
N VAL F 854 -15.62 22.75 -65.64
CA VAL F 854 -15.05 21.78 -64.72
C VAL F 854 -13.55 22.05 -64.74
N GLY F 855 -13.19 23.25 -64.26
CA GLY F 855 -11.80 23.67 -64.12
C GLY F 855 -10.98 22.73 -63.26
N TYR F 856 -9.67 22.91 -63.35
CA TYR F 856 -8.71 22.22 -62.47
C TYR F 856 -7.91 23.23 -61.65
N SER F 857 -7.18 22.69 -60.68
CA SER F 857 -6.40 23.52 -59.75
C SER F 857 -5.33 22.73 -59.00
N TRP F 858 -4.09 23.15 -59.20
CA TRP F 858 -2.94 22.55 -58.49
C TRP F 858 -2.97 22.87 -56.95
N THR F 859 -2.55 21.88 -56.16
CA THR F 859 -2.48 22.03 -54.69
C THR F 859 -1.38 21.20 -54.01
N GLY F 860 -1.14 21.47 -52.73
CA GLY F 860 -0.11 20.73 -52.03
C GLY F 860 1.20 20.71 -52.81
N LEU F 861 1.86 19.55 -52.81
CA LEU F 861 3.09 19.37 -53.57
C LEU F 861 3.06 20.03 -54.92
N SER F 862 1.96 19.81 -55.67
CA SER F 862 1.84 20.39 -57.03
C SER F 862 1.84 21.91 -57.06
N TYR F 863 1.14 22.55 -56.12
CA TYR F 863 1.25 24.01 -55.92
C TYR F 863 2.72 24.44 -55.67
N GLU F 864 3.35 23.85 -54.67
CA GLU F 864 4.78 24.14 -54.40
C GLU F 864 5.66 24.00 -55.65
N GLU F 865 5.40 22.95 -56.43
CA GLU F 865 6.09 22.66 -57.70
C GLU F 865 5.98 23.77 -58.72
N ARG F 866 4.74 24.17 -58.99
CA ARG F 866 4.55 25.28 -59.87
C ARG F 866 5.30 26.51 -59.37
N LEU F 867 5.06 26.91 -58.13
CA LEU F 867 5.68 28.09 -57.54
C LEU F 867 7.21 28.12 -57.76
N SER F 868 7.88 27.00 -57.45
CA SER F 868 9.31 26.84 -57.71
C SER F 868 9.70 27.25 -59.12
N GLY F 869 9.15 26.54 -60.09
CA GLY F 869 9.48 26.72 -61.49
C GLY F 869 9.27 28.13 -61.98
N SER F 870 8.20 28.79 -61.57
CA SER F 870 7.91 30.16 -62.07
C SER F 870 8.77 31.29 -61.46
N GLN F 871 9.59 30.97 -60.46
CA GLN F 871 10.51 31.95 -59.84
C GLN F 871 11.89 31.98 -60.44
N ALA F 872 12.30 30.83 -60.99
CA ALA F 872 13.62 30.66 -61.60
C ALA F 872 14.05 31.81 -62.58
N PRO F 873 13.15 32.28 -63.45
CA PRO F 873 13.47 33.45 -64.29
C PRO F 873 14.00 34.68 -63.54
N ALA F 874 13.22 35.20 -62.59
CA ALA F 874 13.65 36.34 -61.74
C ALA F 874 14.87 35.96 -60.91
N LEU F 875 14.82 34.81 -60.24
CA LEU F 875 16.01 34.23 -59.61
C LEU F 875 17.32 34.39 -60.43
N TYR F 876 17.35 33.83 -61.64
CA TYR F 876 18.60 33.83 -62.45
C TYR F 876 18.93 35.23 -62.92
N ALA F 877 17.88 36.00 -63.21
CA ALA F 877 18.05 37.38 -63.66
C ALA F 877 18.68 38.21 -62.57
N LEU F 878 17.98 38.29 -61.44
CA LEU F 878 18.46 39.07 -60.30
C LEU F 878 19.81 38.62 -59.80
N SER F 879 20.10 37.32 -59.88
CA SER F 879 21.42 36.85 -59.48
C SER F 879 22.49 37.34 -60.43
N LEU F 880 22.23 37.25 -61.73
CA LEU F 880 23.14 37.85 -62.74
C LEU F 880 23.34 39.35 -62.57
N LEU F 881 22.26 40.06 -62.24
CA LEU F 881 22.32 41.51 -62.06
C LEU F 881 23.23 41.86 -60.88
N VAL F 882 22.98 41.22 -59.78
CA VAL F 882 23.76 41.49 -58.59
C VAL F 882 25.23 41.13 -58.85
N VAL F 883 25.51 40.02 -59.53
CA VAL F 883 26.90 39.63 -59.81
C VAL F 883 27.59 40.64 -60.74
N PHE F 884 26.80 41.19 -61.67
CA PHE F 884 27.25 42.23 -62.61
C PHE F 884 27.57 43.55 -61.91
N LEU F 885 26.61 44.04 -61.14
CA LEU F 885 26.79 45.24 -60.35
C LEU F 885 27.95 45.17 -59.37
N CYS F 886 28.01 44.12 -58.56
CA CYS F 886 29.09 43.98 -57.59
C CYS F 886 30.43 44.11 -58.23
N LEU F 887 30.58 43.46 -59.38
CA LEU F 887 31.82 43.46 -60.12
C LEU F 887 32.17 44.83 -60.61
N ALA F 888 31.16 45.52 -61.12
CA ALA F 888 31.31 46.87 -61.67
C ALA F 888 31.93 47.77 -60.62
N ALA F 889 31.27 47.84 -59.46
CA ALA F 889 31.69 48.62 -58.31
C ALA F 889 33.09 48.26 -57.83
N LEU F 890 33.31 46.97 -57.67
CA LEU F 890 34.57 46.47 -57.20
C LEU F 890 35.75 46.83 -58.11
N TYR F 891 35.55 46.79 -59.42
CA TYR F 891 36.65 46.96 -60.38
C TYR F 891 36.60 48.28 -61.13
N GLU F 892 35.62 49.11 -60.80
CA GLU F 892 35.46 50.37 -61.46
C GLU F 892 35.56 50.21 -62.97
N SER F 893 34.71 49.35 -63.54
CA SER F 893 34.65 49.16 -64.99
C SER F 893 33.41 48.42 -65.40
N TRP F 894 33.06 48.55 -66.68
CA TRP F 894 32.02 47.74 -67.28
C TRP F 894 32.66 46.62 -68.14
N SER F 895 33.81 46.88 -68.74
CA SER F 895 34.63 45.82 -69.36
C SER F 895 34.65 44.45 -68.60
N ILE F 896 35.05 44.48 -67.35
CA ILE F 896 35.21 43.25 -66.55
C ILE F 896 33.86 42.56 -66.30
N PRO F 897 32.85 43.29 -65.79
CA PRO F 897 31.57 42.62 -65.62
C PRO F 897 30.90 42.19 -66.92
N PHE F 898 31.28 42.72 -68.07
CA PHE F 898 30.71 42.19 -69.33
C PHE F 898 31.47 40.90 -69.71
N SER F 899 32.80 40.88 -69.61
CA SER F 899 33.60 39.67 -69.86
C SER F 899 33.07 38.45 -69.10
N VAL F 900 32.89 38.59 -67.81
CA VAL F 900 32.30 37.53 -66.97
C VAL F 900 30.88 37.02 -67.35
N MET F 901 29.91 37.89 -67.68
CA MET F 901 28.56 37.39 -68.00
C MET F 901 28.68 36.47 -69.20
N LEU F 902 29.41 36.91 -70.22
CA LEU F 902 29.71 36.09 -71.38
C LEU F 902 30.20 34.67 -71.00
N VAL F 903 31.01 34.57 -69.96
CA VAL F 903 31.48 33.30 -69.44
C VAL F 903 30.36 32.36 -68.88
N VAL F 904 29.24 32.92 -68.45
CA VAL F 904 28.21 32.15 -67.69
C VAL F 904 27.63 30.95 -68.46
N PRO F 905 27.21 31.17 -69.73
CA PRO F 905 26.72 30.05 -70.55
C PRO F 905 27.71 28.91 -70.68
N LEU F 906 29.00 29.21 -70.66
CA LEU F 906 30.05 28.16 -70.66
C LEU F 906 29.91 27.31 -69.43
N GLY F 907 29.49 27.93 -68.33
CA GLY F 907 29.22 27.21 -67.09
C GLY F 907 27.97 26.35 -67.17
N VAL F 908 26.85 26.95 -67.60
CA VAL F 908 25.54 26.30 -67.54
C VAL F 908 25.49 25.00 -68.38
N ILE F 909 25.93 25.05 -69.64
CA ILE F 909 25.91 23.84 -70.54
C ILE F 909 26.40 22.57 -69.89
N GLY F 910 27.60 22.60 -69.32
CA GLY F 910 28.12 21.44 -68.58
C GLY F 910 27.28 21.02 -67.38
N ALA F 911 26.58 21.97 -66.77
CA ALA F 911 25.59 21.66 -65.72
C ALA F 911 24.32 21.06 -66.33
N LEU F 912 23.82 21.68 -67.40
CA LEU F 912 22.78 21.07 -68.22
C LEU F 912 23.15 19.70 -68.77
N LEU F 913 24.37 19.58 -69.30
CA LEU F 913 24.87 18.30 -69.78
C LEU F 913 24.79 17.26 -68.66
N ALA F 914 25.77 17.17 -67.77
CA ALA F 914 25.73 16.24 -66.66
C ALA F 914 24.32 15.83 -66.17
N THR F 915 23.49 16.82 -65.87
CA THR F 915 22.13 16.59 -65.35
C THR F 915 21.37 15.75 -66.36
N SER F 916 21.48 16.11 -67.63
CA SER F 916 20.82 15.41 -68.74
C SER F 916 21.37 14.05 -69.10
N MET F 917 22.67 13.85 -68.96
CA MET F 917 23.27 12.54 -69.24
C MET F 917 23.17 11.59 -68.04
N ARG F 918 22.49 12.00 -66.98
CA ARG F 918 22.28 11.12 -65.81
C ARG F 918 20.80 10.93 -65.47
N GLY F 919 19.89 11.53 -66.24
CA GLY F 919 18.45 11.38 -66.01
C GLY F 919 17.89 12.09 -64.79
N LEU F 920 18.69 12.95 -64.19
CA LEU F 920 18.26 13.87 -63.17
C LEU F 920 17.50 14.99 -63.85
N SER F 921 16.63 15.64 -63.08
CA SER F 921 15.72 16.67 -63.59
C SER F 921 16.09 18.06 -63.09
N ASN F 922 15.40 19.03 -63.66
CA ASN F 922 15.48 20.44 -63.29
C ASN F 922 14.54 20.65 -62.13
N ASP F 923 15.04 20.38 -60.94
CA ASP F 923 14.35 20.56 -59.65
C ASP F 923 15.00 21.69 -58.81
N VAL F 924 14.51 21.93 -57.59
CA VAL F 924 15.13 22.96 -56.73
C VAL F 924 16.62 22.76 -56.60
N PHE F 925 17.07 21.55 -56.32
CA PHE F 925 18.51 21.35 -56.12
C PHE F 925 19.33 21.72 -57.35
N PHE F 926 18.76 21.41 -58.52
CA PHE F 926 19.29 21.82 -59.80
C PHE F 926 19.42 23.35 -59.94
N GLN F 927 18.39 24.09 -59.54
CA GLN F 927 18.41 25.56 -59.52
C GLN F 927 19.53 26.10 -58.61
N VAL F 928 19.58 25.60 -57.38
CA VAL F 928 20.67 25.98 -56.52
C VAL F 928 21.99 25.62 -57.23
N GLY F 929 22.05 24.46 -57.84
CA GLY F 929 23.19 24.06 -58.67
C GLY F 929 23.58 25.06 -59.75
N LEU F 930 22.59 25.67 -60.40
CA LEU F 930 22.86 26.57 -61.50
C LEU F 930 23.45 27.86 -61.01
N LEU F 931 22.86 28.40 -59.93
CA LEU F 931 23.40 29.58 -59.27
C LEU F 931 24.85 29.33 -58.89
N THR F 932 25.11 28.18 -58.24
CA THR F 932 26.49 27.88 -57.82
C THR F 932 27.44 27.84 -59.02
N THR F 933 26.96 27.30 -60.14
CA THR F 933 27.72 27.28 -61.39
C THR F 933 28.03 28.69 -61.93
N ILE F 934 27.02 29.59 -61.94
CA ILE F 934 27.24 30.95 -62.42
C ILE F 934 28.35 31.57 -61.56
N GLY F 935 28.39 31.21 -60.30
CA GLY F 935 29.43 31.69 -59.41
C GLY F 935 30.78 31.09 -59.73
N LEU F 936 30.82 29.77 -59.91
CA LEU F 936 32.05 29.08 -60.29
C LEU F 936 32.61 29.70 -61.57
N SER F 937 31.74 30.07 -62.50
CA SER F 937 32.18 30.64 -63.76
C SER F 937 32.88 31.97 -63.51
N ALA F 938 32.18 32.84 -62.80
CA ALA F 938 32.65 34.17 -62.46
C ALA F 938 33.95 34.07 -61.72
N LYS F 939 34.09 33.06 -60.87
CA LYS F 939 35.31 32.86 -60.08
C LYS F 939 36.52 32.69 -61.00
N ASN F 940 36.55 31.60 -61.77
CA ASN F 940 37.64 31.32 -62.72
C ASN F 940 37.88 32.49 -63.66
N ALA F 941 36.79 33.13 -64.08
CA ALA F 941 36.86 34.26 -65.00
C ALA F 941 37.69 35.40 -64.43
N ILE F 942 37.38 35.81 -63.20
CA ILE F 942 38.04 36.99 -62.61
C ILE F 942 39.50 36.72 -62.25
N LEU F 943 39.79 35.45 -62.04
CA LEU F 943 41.16 35.01 -61.79
C LEU F 943 42.11 35.19 -63.00
N ILE F 944 41.54 35.32 -64.19
CA ILE F 944 42.28 35.72 -65.41
C ILE F 944 42.17 37.25 -65.65
N VAL F 945 40.94 37.74 -65.70
CA VAL F 945 40.61 39.10 -66.13
C VAL F 945 41.16 40.19 -65.23
N GLU F 946 41.07 40.00 -63.92
CA GLU F 946 41.46 41.06 -62.98
C GLU F 946 42.98 41.19 -62.94
N PHE F 947 43.66 40.05 -63.03
CA PHE F 947 45.13 40.04 -63.09
C PHE F 947 45.61 40.57 -64.43
N ALA F 948 44.92 40.20 -65.51
CA ALA F 948 45.17 40.78 -66.84
C ALA F 948 45.14 42.32 -66.81
N LYS F 949 44.00 42.87 -66.41
CA LYS F 949 43.82 44.31 -66.22
C LYS F 949 44.96 44.96 -65.46
N GLU F 950 45.49 44.28 -64.43
CA GLU F 950 46.65 44.80 -63.69
C GLU F 950 47.91 44.84 -64.56
N LEU F 951 48.26 43.74 -65.19
CA LEU F 951 49.33 43.72 -66.17
C LEU F 951 49.14 44.77 -67.30
N HIS F 952 47.91 45.00 -67.75
CA HIS F 952 47.64 46.07 -68.71
C HIS F 952 48.04 47.38 -68.08
N GLU F 953 47.45 47.71 -66.95
CA GLU F 953 47.68 48.99 -66.25
C GLU F 953 49.10 49.27 -65.84
N GLN F 954 49.92 48.23 -65.77
CA GLN F 954 51.34 48.38 -65.50
C GLN F 954 52.18 48.20 -66.75
N GLY F 955 51.65 48.58 -67.93
CA GLY F 955 52.45 48.59 -69.18
C GLY F 955 52.07 47.66 -70.30
N LYS F 956 52.10 46.33 -70.06
CA LYS F 956 51.79 45.34 -71.10
C LYS F 956 50.55 45.72 -71.91
N GLY F 957 50.62 45.54 -73.22
CA GLY F 957 49.44 45.68 -74.07
C GLY F 957 48.40 44.61 -73.76
N ILE F 958 47.13 45.02 -73.69
CA ILE F 958 45.90 44.17 -73.73
C ILE F 958 46.09 42.67 -74.05
N VAL F 959 46.54 42.39 -75.27
CA VAL F 959 46.73 41.02 -75.70
C VAL F 959 47.85 40.35 -74.89
N GLU F 960 48.96 41.05 -74.75
CA GLU F 960 50.12 40.53 -74.01
C GLU F 960 49.78 40.34 -72.53
N ALA F 961 48.91 41.20 -72.00
CA ALA F 961 48.44 41.09 -70.64
C ALA F 961 47.59 39.84 -70.43
N ALA F 962 46.56 39.68 -71.27
CA ALA F 962 45.69 38.49 -71.24
C ALA F 962 46.44 37.13 -71.42
N ILE F 963 47.48 37.10 -72.27
CA ILE F 963 48.28 35.88 -72.45
C ILE F 963 49.10 35.61 -71.21
N GLU F 964 49.79 36.63 -70.71
CA GLU F 964 50.65 36.50 -69.53
C GLU F 964 49.81 36.09 -68.32
N ALA F 965 48.66 36.73 -68.15
CA ALA F 965 47.68 36.36 -67.13
C ALA F 965 47.30 34.87 -67.19
N CYS F 966 46.81 34.42 -68.34
CA CYS F 966 46.44 33.03 -68.56
C CYS F 966 47.54 32.09 -68.12
N ARG F 967 48.74 32.34 -68.60
CA ARG F 967 49.95 31.58 -68.23
C ARG F 967 50.13 31.47 -66.71
N MET F 968 50.30 32.62 -66.04
CA MET F 968 50.53 32.64 -64.60
C MET F 968 49.38 32.10 -63.73
N ARG F 969 48.15 32.07 -64.26
CA ARG F 969 46.98 31.66 -63.48
C ARG F 969 46.42 30.27 -63.79
N LEU F 970 46.77 29.69 -64.94
CA LEU F 970 46.30 28.32 -65.28
C LEU F 970 46.44 27.38 -64.08
N ARG F 971 47.54 27.50 -63.33
CA ARG F 971 47.81 26.63 -62.19
C ARG F 971 46.77 26.75 -61.09
N PRO F 972 46.63 27.95 -60.42
CA PRO F 972 45.54 28.07 -59.44
C PRO F 972 44.13 27.84 -60.01
N ILE F 973 43.90 28.16 -61.28
CA ILE F 973 42.60 27.88 -61.89
C ILE F 973 42.27 26.39 -61.90
N VAL F 974 43.27 25.55 -62.18
CA VAL F 974 43.08 24.08 -62.21
C VAL F 974 43.07 23.53 -60.78
N MET F 975 44.05 23.95 -59.99
CA MET F 975 44.16 23.53 -58.59
C MET F 975 42.84 23.70 -57.80
N THR F 976 42.27 24.91 -57.85
CA THR F 976 40.98 25.23 -57.19
C THR F 976 39.80 24.55 -57.85
N SER F 977 39.74 24.58 -59.17
CA SER F 977 38.62 23.96 -59.91
C SER F 977 38.48 22.44 -59.62
N LEU F 978 39.60 21.71 -59.61
CA LEU F 978 39.61 20.28 -59.26
C LEU F 978 39.18 20.06 -57.83
N ALA F 979 39.80 20.81 -56.91
CA ALA F 979 39.38 20.83 -55.52
C ALA F 979 37.86 20.85 -55.39
N PHE F 980 37.20 21.75 -56.15
CA PHE F 980 35.74 21.77 -56.17
C PHE F 980 35.17 20.43 -56.61
N ILE F 981 35.50 20.02 -57.83
CA ILE F 981 34.98 18.79 -58.48
C ILE F 981 35.12 17.58 -57.55
N LEU F 982 36.37 17.30 -57.17
CA LEU F 982 36.65 16.24 -56.23
C LEU F 982 35.85 16.44 -54.94
N GLY F 983 35.79 17.67 -54.45
CA GLY F 983 34.96 18.00 -53.27
C GLY F 983 33.53 17.47 -53.31
N VAL F 984 32.87 17.59 -54.46
CA VAL F 984 31.46 17.20 -54.61
C VAL F 984 31.22 15.73 -55.01
N VAL F 985 32.23 15.09 -55.62
CA VAL F 985 32.16 13.66 -55.98
C VAL F 985 31.42 12.86 -54.89
N PRO F 986 31.83 12.97 -53.61
CA PRO F 986 31.12 12.32 -52.52
C PRO F 986 29.58 12.42 -52.59
N LEU F 987 29.07 13.61 -52.85
CA LEU F 987 27.63 13.79 -52.99
C LEU F 987 27.16 13.03 -54.18
N ALA F 988 27.92 13.12 -55.26
CA ALA F 988 27.53 12.54 -56.54
C ALA F 988 27.47 10.98 -56.51
N ILE F 989 28.35 10.35 -55.74
CA ILE F 989 28.39 8.90 -55.66
C ILE F 989 27.78 8.32 -54.37
N SER F 990 27.01 9.09 -53.61
CA SER F 990 26.60 8.61 -52.26
C SER F 990 25.44 7.61 -52.31
N THR F 991 25.23 6.95 -51.17
CA THR F 991 24.24 5.89 -51.01
C THR F 991 23.64 5.85 -49.57
N GLY F 992 22.42 5.34 -49.45
CA GLY F 992 21.68 5.35 -48.17
C GLY F 992 20.70 6.51 -48.08
N ALA F 993 20.39 6.91 -46.85
CA ALA F 993 19.41 7.98 -46.62
C ALA F 993 19.92 9.36 -47.14
N GLY F 994 19.29 9.88 -48.18
CA GLY F 994 19.60 11.23 -48.71
C GLY F 994 20.40 11.29 -50.00
N SER F 995 20.57 10.16 -50.65
CA SER F 995 21.28 10.05 -51.92
C SER F 995 20.58 10.79 -53.04
N GLY F 996 19.28 10.60 -53.18
CA GLY F 996 18.48 11.34 -54.15
C GLY F 996 18.83 12.82 -54.14
N SER F 997 18.74 13.41 -52.94
CA SER F 997 19.02 14.83 -52.74
C SER F 997 20.51 15.10 -53.03
N GLN F 998 21.41 14.41 -52.34
CA GLN F 998 22.85 14.51 -52.61
C GLN F 998 23.23 14.39 -54.10
N HIS F 999 22.75 13.35 -54.79
CA HIS F 999 22.97 13.21 -56.24
C HIS F 999 22.53 14.45 -57.07
N ALA F 1000 21.32 14.93 -56.81
CA ALA F 1000 20.71 16.06 -57.55
C ALA F 1000 21.47 17.37 -57.37
N ILE F 1001 21.80 17.68 -56.12
CA ILE F 1001 22.66 18.85 -55.85
C ILE F 1001 24.01 18.63 -56.53
N GLY F 1002 24.66 17.50 -56.27
CA GLY F 1002 26.06 17.27 -56.69
C GLY F 1002 26.36 17.10 -58.17
N THR F 1003 25.43 16.54 -58.93
CA THR F 1003 25.76 16.12 -60.28
C THR F 1003 26.02 17.35 -61.14
N GLY F 1004 25.01 18.21 -61.26
CA GLY F 1004 25.07 19.43 -62.08
C GLY F 1004 26.30 20.32 -61.85
N VAL F 1005 26.63 20.54 -60.58
CA VAL F 1005 27.81 21.33 -60.24
C VAL F 1005 29.17 20.70 -60.65
N ILE F 1006 29.25 19.38 -60.73
CA ILE F 1006 30.40 18.72 -61.41
C ILE F 1006 30.43 19.15 -62.87
N GLY F 1007 29.25 19.21 -63.47
CA GLY F 1007 29.13 19.53 -64.89
C GLY F 1007 29.76 20.85 -65.25
N GLY F 1008 29.11 21.89 -64.76
CA GLY F 1008 29.53 23.28 -64.95
C GLY F 1008 30.92 23.58 -64.47
N MET F 1009 31.35 23.04 -63.34
CA MET F 1009 32.73 23.27 -62.94
C MET F 1009 33.72 22.77 -64.03
N VAL F 1010 33.45 21.59 -64.55
CA VAL F 1010 34.24 21.06 -65.65
C VAL F 1010 34.29 21.97 -66.89
N THR F 1011 33.14 22.28 -67.49
CA THR F 1011 33.11 23.16 -68.67
C THR F 1011 33.48 24.61 -68.38
N ALA F 1012 33.25 25.06 -67.15
CA ALA F 1012 33.75 26.36 -66.70
C ALA F 1012 35.26 26.38 -66.42
N THR F 1013 35.96 25.26 -66.67
CA THR F 1013 37.41 25.22 -66.62
C THR F 1013 38.01 24.90 -67.98
N VAL F 1014 37.40 24.00 -68.78
CA VAL F 1014 37.99 23.65 -70.11
C VAL F 1014 37.60 24.64 -71.20
N LEU F 1015 36.34 25.09 -71.21
CA LEU F 1015 35.94 26.19 -72.10
C LEU F 1015 36.43 27.55 -71.58
N ALA F 1016 36.35 27.78 -70.27
CA ALA F 1016 36.50 29.15 -69.71
C ALA F 1016 37.89 29.71 -69.87
N ILE F 1017 38.89 28.94 -69.47
CA ILE F 1017 40.32 29.31 -69.67
C ILE F 1017 40.68 29.68 -71.12
N PHE F 1018 39.89 29.25 -72.09
CA PHE F 1018 40.10 29.62 -73.49
C PHE F 1018 39.30 30.82 -73.92
N TRP F 1019 38.06 30.98 -73.44
CA TRP F 1019 37.16 32.06 -73.91
C TRP F 1019 37.18 33.37 -73.10
N VAL F 1020 37.51 33.30 -71.80
CA VAL F 1020 37.59 34.51 -70.92
C VAL F 1020 38.60 35.55 -71.44
N PRO F 1021 39.82 35.10 -71.85
CA PRO F 1021 40.80 36.02 -72.48
C PRO F 1021 40.29 36.56 -73.79
N LEU F 1022 39.58 35.70 -74.55
CA LEU F 1022 38.97 36.11 -75.78
C LEU F 1022 37.97 37.17 -75.48
N PHE F 1023 37.08 36.94 -74.52
CA PHE F 1023 36.08 37.97 -74.12
C PHE F 1023 36.68 39.27 -73.60
N TYR F 1024 37.70 39.12 -72.74
CA TYR F 1024 38.40 40.26 -72.18
C TYR F 1024 38.84 41.20 -73.29
N VAL F 1025 39.70 40.70 -74.16
CA VAL F 1025 40.27 41.54 -75.22
C VAL F 1025 39.18 42.07 -76.17
N ALA F 1026 38.32 41.19 -76.64
CA ALA F 1026 37.16 41.56 -77.45
C ALA F 1026 36.38 42.75 -76.91
N VAL F 1027 36.04 42.75 -75.61
CA VAL F 1027 35.22 43.86 -75.05
C VAL F 1027 36.03 45.11 -74.72
N SER F 1028 37.28 44.92 -74.27
CA SER F 1028 38.19 46.06 -74.01
C SER F 1028 38.35 46.99 -75.20
N THR F 1029 38.57 46.38 -76.38
CA THR F 1029 38.81 47.10 -77.64
C THR F 1029 37.53 47.67 -78.29
N LEU F 1030 36.36 47.42 -77.71
CA LEU F 1030 35.10 47.89 -78.27
C LEU F 1030 34.65 49.14 -77.50
N PHE F 1031 34.54 49.01 -76.17
CA PHE F 1031 34.15 50.13 -75.28
C PHE F 1031 35.18 51.29 -75.34
N LYS F 1032 36.40 51.02 -75.80
CA LYS F 1032 37.39 52.09 -76.09
C LYS F 1032 38.37 51.68 -77.20
N ASP F 1033 38.03 52.09 -78.43
CA ASP F 1033 38.70 51.65 -79.68
C ASP F 1033 39.95 52.50 -79.98
C1 AV0 G . 25.30 -41.13 44.96
O1 AV0 G . 25.03 -41.65 46.22
C2 AV0 G . 25.96 -39.77 45.14
O2 AV0 G . 25.00 -38.87 45.68
C3 AV0 G . 26.39 -39.20 43.82
O3 AV0 G . 27.02 -37.96 44.12
C4 AV0 G . 27.27 -40.23 43.14
O4 AV0 G . 27.68 -39.80 41.84
C5 AV0 G . 26.51 -41.52 43.03
O5 AV0 G . 26.18 -42.01 44.31
C6 AV0 G . 27.30 -42.61 42.40
O6 AV0 G . 27.58 -42.20 41.10
CAA AV0 G . 23.66 -51.48 52.56
CAB AV0 G . 19.67 -50.21 54.36
OAI AV0 G . 30.94 -40.42 37.82
OAJ AV0 G . 15.70 -38.70 51.99
OAL AV0 G . 19.12 -40.42 50.27
OAN AV0 G . 20.06 -36.97 46.36
OAP AV0 G . 22.59 -38.40 45.85
OAQ AV0 G . 29.15 -39.15 37.80
OAR AV0 G . 16.52 -36.27 52.62
OAS AV0 G . 28.21 -36.74 39.15
OAT AV0 G . 17.99 -33.95 51.82
OAU AV0 G . 27.65 -37.02 41.86
OAV AV0 G . 19.50 -34.17 49.46
CAW AV0 G . 23.48 -50.16 51.87
CAX AV0 G . 18.43 -49.34 54.31
CAY AV0 G . 24.79 -49.70 51.24
CAZ AV0 G . 18.14 -48.84 52.88
CBA AV0 G . 24.82 -48.21 50.89
CBB AV0 G . 19.20 -47.87 52.36
CBC AV0 G . 26.24 -47.70 50.96
CBD AV0 G . 19.94 -48.42 51.13
CBE AV0 G . 26.34 -46.29 50.40
CBF AV0 G . 21.24 -47.68 50.93
CBG AV0 G . 27.30 -46.25 49.19
CBH AV0 G . 21.03 -46.24 50.44
CBI AV0 G . 27.25 -44.92 48.46
CBJ AV0 G . 21.73 -45.96 49.11
CBK AV0 G . 25.90 -44.68 47.81
CBL AV0 G . 22.59 -44.70 49.17
CBM AV0 G . 30.99 -40.74 39.22
CBN AV0 G . 16.26 -38.53 50.67
CBP AV0 G . 20.10 -39.46 50.73
CBQ AV0 G . 25.25 -43.40 48.36
CBR AV0 G . 22.86 -44.12 47.78
CBS AV0 G . 24.17 -42.76 46.20
CBT AV0 G . 23.42 -41.69 48.33
OBV AV0 G . 22.69 -40.89 47.38
OBX AV0 G . 21.19 -39.99 48.75
OBY AV0 G . 30.10 -39.71 41.27
OBZ AV0 G . 17.44 -37.12 49.21
OCB AV0 G . 19.76 -36.71 49.19
CCC AV0 G . 29.84 -40.03 39.89
CCD AV0 G . 17.26 -37.38 50.60
CCF AV0 G . 20.82 -38.87 49.53
CCH AV0 G . 20.88 -37.59 47.37
CCJ AV0 G . 22.23 -39.66 47.88
CCL AV0 G . 21.59 -38.82 46.78
CCM AV0 G . 23.91 -43.01 47.68
CCN AV0 G . 29.53 -38.76 39.11
CCO AV0 G . 16.88 -36.09 51.26
CCQ AV0 G . 20.05 -37.95 48.58
CCR AV0 G . 28.97 -39.09 41.91
CCS AV0 G . 18.47 -36.19 48.87
CCT AV0 G . 28.41 -38.00 39.79
CCU AV0 G . 18.10 -35.19 51.13
CCV AV0 G . 28.74 -37.75 41.25
CCW AV0 G . 18.30 -34.91 49.65
C1 AV0 H . -26.63 47.50 -38.15
O1 AV0 H . -26.55 48.80 -38.64
C2 AV0 H . -27.46 47.56 -36.89
O2 AV0 H . -26.84 48.43 -35.95
C3 AV0 H . -27.54 46.15 -36.39
O3 AV0 H . -28.23 46.08 -35.14
C4 AV0 H . -28.27 45.39 -37.46
O4 AV0 H . -28.58 44.07 -37.00
C5 AV0 H . -27.42 45.38 -38.72
O5 AV0 H . -27.27 46.72 -39.14
C6 AV0 H . -28.04 44.59 -39.85
O6 AV0 H . -27.00 43.98 -40.66
CAA AV0 H . -24.28 56.31 -47.24
CAB AV0 H . -19.89 58.62 -45.45
OAI AV0 H . -31.47 41.64 -40.23
OAJ AV0 H . -17.97 56.00 -33.76
OAL AV0 H . -21.30 54.62 -36.24
OAN AV0 H . -22.31 49.87 -33.21
OAP AV0 H . -24.03 49.09 -35.43
OAQ AV0 H . -30.25 40.14 -38.11
OAR AV0 H . -19.62 56.57 -31.62
OAS AV0 H . -29.03 40.50 -35.35
OAT AV0 H . -21.25 55.54 -29.67
OAU AV0 H . -28.90 43.29 -34.46
OAV AV0 H . -22.45 52.95 -30.17
CAW AV0 H . -24.38 55.54 -45.95
CAX AV0 H . -20.00 57.80 -44.18
CAY AV0 H . -25.74 54.85 -45.92
CAZ AV0 H . -20.23 56.34 -44.49
CBA AV0 H . -25.95 54.19 -44.57
CBB AV0 H . -21.27 55.78 -43.55
CBC AV0 H . -27.36 53.67 -44.42
CBD AV0 H . -21.37 54.26 -43.67
CBE AV0 H . -27.56 53.14 -43.01
CBF AV0 H . -21.75 53.66 -42.32
CBG AV0 H . -28.43 51.89 -43.02
CBH AV0 H . -23.04 54.25 -41.78
CBI AV0 H . -28.53 51.27 -41.64
CBJ AV0 H . -23.57 53.39 -40.64
CBK AV0 H . -27.25 50.52 -41.27
CBL AV0 H . -24.28 52.20 -41.25
CBM AV0 H . -31.94 42.40 -39.12
CBN AV0 H . -18.64 54.75 -33.89
CBP AV0 H . -22.38 54.50 -35.27
CBQ AV0 H . -26.72 51.06 -39.94
CBR AV0 H . -24.15 50.89 -40.46
CBS AV0 H . -25.39 49.02 -39.41
CBT AV0 H . -25.14 51.08 -38.12
OBV AV0 H . -23.85 50.75 -37.61
OBX AV0 H . -22.86 52.44 -36.36
OBY AV0 H . -30.98 43.71 -37.36
OBZ AV0 H . -19.92 53.10 -32.80
OCB AV0 H . -22.23 52.72 -32.80
CCC AV0 H . -30.76 42.52 -38.15
CCD AV0 H . -19.81 54.52 -32.95
CCF AV0 H . -22.89 53.08 -35.09
CCH AV0 H . -22.99 50.82 -34.04
CCJ AV0 H . -23.72 51.31 -36.33
CCL AV0 H . -23.17 50.23 -35.42
CCM AV0 H . -25.32 50.53 -39.53
CCN AV0 H . -30.49 41.28 -37.27
CCO AV0 H . -19.79 55.16 -31.58
CCQ AV0 H . -22.21 52.13 -34.10
CCR AV0 H . -29.92 43.96 -36.43
CCS AV0 H . -21.03 52.59 -32.06
CCT AV0 H . -29.35 41.59 -36.24
CCU AV0 H . -21.12 54.84 -30.92
CCV AV0 H . -29.80 42.82 -35.46
CCW AV0 H . -21.20 53.32 -30.73
#